data_3IXW
#
_entry.id   3IXW
#
_cell.length_a   1
_cell.length_b   1
_cell.length_c   1
_cell.angle_alpha   90
_cell.angle_beta   90
_cell.angle_gamma   90
#
_entity_poly.entity_id   1
_entity_poly.type   'polypeptide(L)'
_entity_poly.pdbx_seq_one_letter_code
;TVADKQARLMPLFKHLTALTREKLPLDQRDERLKGVGILPRGTLFSCFHARHLAEATELYVALYGAKDFNDFIHLCEQAR
QIVNEGMFVYAVSVAVLHREDCKGITVPPIQEVFPDRFVPAETINRANKEASNHPDQQSIVVEAEETGNILDPEYKLSYF
REDIGINAHHWHWHIVYPATWNPTVMGKEKDRKGELFFYMHQQMCARYDSERLSNGLQRMIPFHNFDEPLEGYAPHLTSL
VSGLQYASRPEGYSIHDLSDVDVQDMVRWRERILDAINMHYIVDKDNNKIPLDIEHGTDILGDIIESSDESKNVEYYGSL
HNWGHVMMANITDPDHRFQENPGVMSDTSTSLRDPIFYRWHRFIDNIFQEHKKSFHPYTKEELSFPGVEVVGVSINSKTA
NVITTLIKESLLELSHGINFGTDQSVKVKYHHLDHEPFTYNIVVENNSGAEKHSTVRIFLAPKYDELNNKLEPDEQRRLF
IELDKFFYTLTPGKNTIVRNHQDSSVTISKVRTFDQLGAGEGVSEDSTEYCSCGWPEHMLIPRGSHKGMEFELFVMLTDH
DEDTVAGLSENAVCSDAVSYCGARDDRYPDKKAMGFPFDRKIEARTAAEFLTPNMGLTDIKIKFHG
;
_entity_poly.pdbx_strand_id   A,C,D,E,F,G,H,I,J,K,L,M
#
# COMPACT_ATOMS: atom_id res chain seq x y z
N THR A 1 -91.74 38.89 -25.17
CA THR A 1 -91.66 39.64 -26.41
C THR A 1 -90.19 39.62 -26.78
N VAL A 2 -89.89 40.03 -28.01
CA VAL A 2 -88.54 39.96 -28.52
C VAL A 2 -87.59 40.90 -27.78
N ALA A 3 -88.07 41.97 -27.13
CA ALA A 3 -87.20 42.71 -26.21
C ALA A 3 -86.76 41.80 -25.05
N ASP A 4 -87.68 41.33 -24.20
CA ASP A 4 -87.34 40.48 -23.07
C ASP A 4 -86.67 39.15 -23.46
N LYS A 5 -86.94 38.70 -24.68
CA LYS A 5 -86.18 37.64 -25.32
C LYS A 5 -84.69 37.91 -25.26
N GLN A 6 -84.28 39.05 -25.84
CA GLN A 6 -82.93 39.57 -25.67
C GLN A 6 -82.55 39.73 -24.21
N ALA A 7 -83.43 40.34 -23.40
CA ALA A 7 -83.17 40.59 -22.00
C ALA A 7 -83.12 39.38 -21.07
N ARG A 8 -83.30 38.16 -21.59
CA ARG A 8 -82.97 36.97 -20.82
C ARG A 8 -81.64 36.34 -21.21
N LEU A 9 -81.41 36.10 -22.51
CA LEU A 9 -80.22 35.38 -22.94
C LEU A 9 -78.93 36.11 -22.61
N MET A 10 -78.83 37.35 -23.08
CA MET A 10 -77.62 38.14 -22.89
C MET A 10 -77.34 38.42 -21.41
N PRO A 11 -78.29 38.71 -20.51
CA PRO A 11 -78.08 38.65 -19.07
C PRO A 11 -77.48 37.37 -18.54
N LEU A 12 -77.83 36.20 -19.08
CA LEU A 12 -77.15 34.96 -18.72
C LEU A 12 -75.70 34.94 -19.23
N PHE A 13 -75.49 35.48 -20.44
CA PHE A 13 -74.15 35.67 -20.99
C PHE A 13 -73.38 36.86 -20.42
N LYS A 14 -73.98 37.62 -19.51
CA LYS A 14 -73.20 38.53 -18.68
C LYS A 14 -72.43 37.78 -17.59
N HIS A 15 -71.23 37.33 -17.98
CA HIS A 15 -70.28 36.48 -17.26
C HIS A 15 -70.66 34.99 -17.36
N LEU A 16 -70.71 34.52 -18.61
CA LEU A 16 -71.24 33.19 -18.96
C LEU A 16 -70.71 31.95 -18.24
N THR A 17 -69.47 31.51 -18.51
CA THR A 17 -68.93 30.20 -18.15
C THR A 17 -69.37 29.56 -16.82
N ALA A 18 -69.32 30.34 -15.74
CA ALA A 18 -69.67 29.91 -14.40
C ALA A 18 -71.07 29.34 -14.13
N LEU A 19 -71.98 29.56 -15.10
CA LEU A 19 -73.30 28.99 -15.16
C LEU A 19 -73.16 27.48 -15.31
N THR A 20 -72.03 26.95 -15.81
CA THR A 20 -71.80 25.52 -16.01
C THR A 20 -71.81 24.57 -14.83
N ARG A 21 -71.41 24.97 -13.62
CA ARG A 21 -71.55 24.06 -12.49
C ARG A 21 -72.73 24.71 -11.82
N GLU A 22 -73.95 24.18 -11.89
CA GLU A 22 -74.95 24.94 -11.17
C GLU A 22 -75.28 24.30 -9.85
N LYS A 23 -76.24 25.02 -9.31
CA LYS A 23 -77.45 24.37 -8.91
C LYS A 23 -78.18 23.87 -10.17
N LEU A 24 -77.63 23.04 -11.14
CA LEU A 24 -78.10 21.65 -11.29
C LEU A 24 -77.57 21.23 -9.95
N PRO A 25 -78.56 21.02 -9.03
CA PRO A 25 -78.49 19.87 -8.17
C PRO A 25 -78.46 18.91 -9.35
N LEU A 26 -79.35 18.94 -10.40
CA LEU A 26 -79.44 17.62 -10.98
C LEU A 26 -80.22 17.73 -12.29
N ASP A 27 -79.55 17.26 -13.32
CA ASP A 27 -80.03 17.16 -14.70
C ASP A 27 -81.42 16.54 -14.84
N GLN A 28 -81.67 15.57 -13.94
CA GLN A 28 -82.83 14.68 -13.96
C GLN A 28 -84.18 15.32 -14.25
N ARG A 29 -84.32 16.54 -13.74
CA ARG A 29 -85.47 17.37 -14.02
C ARG A 29 -85.88 17.41 -15.51
N ASP A 30 -84.93 17.29 -16.46
CA ASP A 30 -85.22 17.21 -17.88
C ASP A 30 -84.81 15.86 -18.48
N GLU A 31 -85.53 14.80 -18.04
CA GLU A 31 -85.47 13.44 -18.60
C GLU A 31 -85.27 13.42 -20.11
N ARG A 32 -85.83 14.43 -20.77
CA ARG A 32 -85.56 14.72 -22.17
C ARG A 32 -84.11 14.59 -22.66
N LEU A 33 -83.02 14.56 -21.85
CA LEU A 33 -81.66 14.32 -22.35
C LEU A 33 -80.91 13.04 -21.94
N LYS A 34 -81.60 11.96 -21.53
CA LYS A 34 -81.03 10.63 -21.21
C LYS A 34 -79.55 10.17 -21.25
N GLY A 35 -78.70 10.44 -22.26
CA GLY A 35 -77.50 9.60 -22.48
C GLY A 35 -76.13 10.27 -22.41
N VAL A 36 -76.25 11.55 -22.07
CA VAL A 36 -75.14 12.48 -22.13
C VAL A 36 -74.82 13.06 -20.76
N GLY A 37 -73.54 12.85 -20.48
CA GLY A 37 -72.84 13.47 -19.37
C GLY A 37 -71.38 13.02 -19.30
N ILE A 38 -70.74 12.65 -20.43
CA ILE A 38 -69.37 12.14 -20.37
C ILE A 38 -68.28 13.09 -20.87
N LEU A 39 -68.61 14.36 -21.06
CA LEU A 39 -67.60 15.40 -21.08
C LEU A 39 -67.87 16.28 -19.85
N PRO A 40 -67.31 15.95 -18.68
CA PRO A 40 -67.58 16.61 -17.40
C PRO A 40 -66.87 17.94 -17.24
N ARG A 41 -67.64 19.02 -17.32
CA ARG A 41 -67.15 20.41 -17.33
C ARG A 41 -65.83 20.72 -18.07
N GLY A 42 -64.84 21.46 -17.54
CA GLY A 42 -63.62 21.74 -18.27
C GLY A 42 -62.63 20.58 -18.39
N THR A 43 -63.07 19.41 -18.84
CA THR A 43 -62.20 18.39 -19.39
C THR A 43 -62.27 18.73 -20.88
N LEU A 44 -61.23 19.40 -21.37
CA LEU A 44 -61.47 20.47 -22.32
C LEU A 44 -62.02 20.12 -23.68
N PHE A 45 -62.93 19.27 -24.86
CA PHE A 45 -63.70 19.07 -26.07
C PHE A 45 -62.89 19.22 -27.36
N SER A 46 -62.66 18.15 -28.11
CA SER A 46 -62.07 18.29 -29.44
C SER A 46 -63.30 18.31 -30.33
N CYS A 47 -63.54 19.43 -31.05
CA CYS A 47 -64.73 19.51 -31.89
C CYS A 47 -64.71 18.43 -32.96
N PHE A 48 -63.53 17.91 -33.30
CA PHE A 48 -63.49 16.88 -34.31
C PHE A 48 -63.32 15.43 -33.82
N HIS A 49 -63.16 15.20 -32.51
CA HIS A 49 -63.20 13.84 -31.99
C HIS A 49 -64.60 13.19 -32.10
N ALA A 50 -64.74 12.12 -32.90
CA ALA A 50 -66.02 11.61 -33.39
C ALA A 50 -67.18 11.47 -32.43
N ARG A 51 -66.85 10.96 -31.23
CA ARG A 51 -67.89 10.73 -30.23
C ARG A 51 -68.60 11.99 -29.80
N HIS A 52 -67.91 13.14 -29.76
CA HIS A 52 -68.51 14.36 -29.22
C HIS A 52 -69.52 15.07 -30.09
N LEU A 53 -69.39 14.87 -31.41
CA LEU A 53 -70.42 15.24 -32.37
C LEU A 53 -71.64 14.33 -32.30
N ALA A 54 -71.39 13.01 -32.16
CA ALA A 54 -72.47 12.06 -31.90
C ALA A 54 -73.22 12.38 -30.62
N GLU A 55 -72.48 12.59 -29.51
CA GLU A 55 -73.02 13.05 -28.24
C GLU A 55 -73.81 14.33 -28.47
N ALA A 56 -73.22 15.28 -29.19
CA ALA A 56 -73.92 16.50 -29.55
C ALA A 56 -75.15 16.27 -30.43
N THR A 57 -75.23 15.21 -31.24
CA THR A 57 -76.39 15.00 -32.09
C THR A 57 -77.57 14.47 -31.30
N GLU A 58 -77.32 13.78 -30.18
CA GLU A 58 -78.29 13.63 -29.08
C GLU A 58 -78.83 15.00 -28.65
N LEU A 59 -77.91 15.92 -28.39
CA LEU A 59 -78.28 17.28 -28.03
C LEU A 59 -78.94 18.05 -29.13
N TYR A 60 -78.56 17.86 -30.40
CA TYR A 60 -79.25 18.55 -31.48
C TYR A 60 -80.67 18.02 -31.56
N VAL A 61 -80.91 16.70 -31.51
CA VAL A 61 -82.30 16.25 -31.62
C VAL A 61 -83.20 16.60 -30.42
N ALA A 62 -82.62 16.50 -29.22
CA ALA A 62 -83.30 16.94 -28.02
C ALA A 62 -83.70 18.41 -28.09
N LEU A 63 -82.77 19.37 -28.18
CA LEU A 63 -83.09 20.77 -27.93
C LEU A 63 -84.05 21.41 -28.94
N TYR A 64 -83.87 20.91 -30.16
CA TYR A 64 -84.74 21.27 -31.26
C TYR A 64 -86.20 20.90 -31.04
N GLY A 65 -86.46 19.78 -30.37
CA GLY A 65 -87.82 19.40 -30.00
C GLY A 65 -88.38 20.30 -28.90
N ALA A 66 -88.68 21.55 -29.23
CA ALA A 66 -89.19 22.45 -28.22
C ALA A 66 -90.71 22.51 -28.14
N LYS A 67 -91.22 23.37 -27.25
CA LYS A 67 -92.61 23.79 -27.35
C LYS A 67 -92.68 25.17 -27.97
N ASP A 68 -92.34 26.24 -27.23
CA ASP A 68 -92.54 27.60 -27.71
C ASP A 68 -91.34 28.42 -27.24
N PHE A 69 -91.43 29.74 -27.44
CA PHE A 69 -90.38 30.64 -27.02
C PHE A 69 -90.03 30.57 -25.54
N ASN A 70 -91.00 30.23 -24.67
CA ASN A 70 -90.76 30.01 -23.26
C ASN A 70 -90.10 28.69 -22.96
N ASP A 71 -90.69 27.56 -23.36
CA ASP A 71 -90.10 26.26 -23.03
C ASP A 71 -88.67 26.12 -23.55
N PHE A 72 -88.40 26.75 -24.71
CA PHE A 72 -87.04 26.87 -25.23
C PHE A 72 -86.05 27.43 -24.19
N ILE A 73 -86.45 28.54 -23.57
CA ILE A 73 -85.63 29.21 -22.58
C ILE A 73 -85.46 28.34 -21.37
N HIS A 74 -86.52 27.65 -20.91
CA HIS A 74 -86.35 26.80 -19.74
C HIS A 74 -85.31 25.70 -19.93
N LEU A 75 -85.43 24.99 -21.05
CA LEU A 75 -84.44 23.97 -21.40
C LEU A 75 -83.02 24.54 -21.34
N CYS A 76 -82.89 25.76 -21.90
CA CYS A 76 -81.62 26.47 -21.91
C CYS A 76 -81.18 26.95 -20.53
N GLU A 77 -82.05 27.18 -19.56
CA GLU A 77 -81.62 27.45 -18.19
C GLU A 77 -81.02 26.22 -17.54
N GLN A 78 -81.75 25.13 -17.78
CA GLN A 78 -81.50 23.89 -17.10
C GLN A 78 -80.36 23.07 -17.68
N ALA A 79 -80.36 22.56 -18.92
CA ALA A 79 -79.28 21.69 -19.41
C ALA A 79 -77.90 22.30 -19.24
N ARG A 80 -77.86 23.64 -19.31
CA ARG A 80 -76.64 24.41 -19.08
C ARG A 80 -75.99 24.14 -17.73
N GLN A 81 -76.75 23.80 -16.67
CA GLN A 81 -76.16 23.62 -15.33
C GLN A 81 -75.08 22.55 -15.19
N ILE A 82 -74.90 21.57 -16.08
CA ILE A 82 -74.31 20.32 -15.59
C ILE A 82 -73.28 19.64 -16.49
N VAL A 83 -73.66 19.54 -17.76
CA VAL A 83 -72.81 19.08 -18.84
C VAL A 83 -71.89 20.19 -19.33
N ASN A 84 -70.89 20.05 -20.21
CA ASN A 84 -70.16 21.22 -20.75
C ASN A 84 -71.02 22.41 -21.20
N GLU A 85 -70.73 23.65 -20.73
CA GLU A 85 -71.49 24.83 -21.15
C GLU A 85 -71.47 25.01 -22.65
N GLY A 86 -70.26 24.77 -23.11
CA GLY A 86 -69.90 25.00 -24.51
C GLY A 86 -70.87 24.35 -25.52
N MET A 87 -71.25 23.12 -25.19
CA MET A 87 -72.19 22.33 -25.97
C MET A 87 -73.58 22.90 -25.82
N PHE A 88 -73.93 23.23 -24.58
CA PHE A 88 -75.21 23.85 -24.27
C PHE A 88 -75.44 25.15 -25.03
N VAL A 89 -74.52 26.13 -25.03
CA VAL A 89 -74.63 27.31 -25.88
C VAL A 89 -74.67 26.97 -27.37
N TYR A 90 -73.80 26.06 -27.82
CA TYR A 90 -73.66 25.78 -29.25
C TYR A 90 -75.01 25.36 -29.80
N ALA A 91 -75.58 24.37 -29.10
CA ALA A 91 -76.91 23.90 -29.42
C ALA A 91 -77.99 24.96 -29.21
N VAL A 92 -78.05 25.67 -28.07
CA VAL A 92 -79.13 26.64 -27.84
C VAL A 92 -79.09 27.86 -28.73
N SER A 93 -77.90 28.23 -29.24
CA SER A 93 -77.78 29.20 -30.30
C SER A 93 -78.43 28.66 -31.56
N VAL A 94 -78.05 27.46 -32.02
CA VAL A 94 -78.56 26.94 -33.29
C VAL A 94 -80.08 26.78 -33.20
N ALA A 95 -80.60 26.35 -32.05
CA ALA A 95 -82.03 26.41 -31.80
C ALA A 95 -82.63 27.83 -31.73
N VAL A 96 -82.02 28.82 -31.06
CA VAL A 96 -82.57 30.17 -30.99
C VAL A 96 -82.13 31.03 -32.18
N LEU A 97 -81.59 30.30 -33.16
CA LEU A 97 -81.67 30.67 -34.55
C LEU A 97 -82.88 30.12 -35.30
N HIS A 98 -83.33 28.88 -35.05
CA HIS A 98 -84.17 28.18 -36.03
C HIS A 98 -85.50 27.57 -35.60
N ARG A 99 -85.99 27.66 -34.35
CA ARG A 99 -87.29 27.07 -34.02
C ARG A 99 -88.36 28.12 -33.76
N GLU A 100 -89.25 28.16 -34.75
CA GLU A 100 -89.43 29.37 -35.53
C GLU A 100 -90.40 30.34 -34.87
N ASP A 101 -89.91 30.87 -33.74
CA ASP A 101 -90.63 31.81 -32.89
C ASP A 101 -89.69 32.89 -32.36
N CYS A 102 -88.63 33.12 -33.15
CA CYS A 102 -87.47 33.87 -32.69
C CYS A 102 -87.14 35.22 -33.31
N LYS A 103 -87.53 35.55 -34.57
CA LYS A 103 -87.05 36.74 -35.29
C LYS A 103 -86.96 38.05 -34.49
N GLY A 104 -85.67 38.39 -34.40
CA GLY A 104 -85.18 39.62 -33.75
C GLY A 104 -84.20 39.37 -32.61
N ILE A 105 -83.61 38.19 -32.48
CA ILE A 105 -82.80 37.87 -31.30
C ILE A 105 -81.36 37.73 -31.74
N THR A 106 -80.43 38.38 -31.01
CA THR A 106 -79.06 38.45 -31.49
C THR A 106 -78.27 37.49 -30.65
N VAL A 107 -77.34 36.81 -31.31
CA VAL A 107 -76.44 35.90 -30.63
C VAL A 107 -75.40 36.74 -29.90
N PRO A 108 -75.15 36.53 -28.59
CA PRO A 108 -74.09 37.20 -27.84
C PRO A 108 -72.74 37.09 -28.54
N PRO A 109 -72.07 38.21 -28.84
CA PRO A 109 -70.85 38.26 -29.64
C PRO A 109 -69.68 37.48 -29.09
N ILE A 110 -69.27 36.44 -29.83
CA ILE A 110 -68.21 35.53 -29.40
C ILE A 110 -66.86 36.16 -29.05
N GLN A 111 -66.58 37.33 -29.65
CA GLN A 111 -65.30 38.00 -29.47
C GLN A 111 -65.28 38.60 -28.08
N GLU A 112 -66.50 39.01 -27.70
CA GLU A 112 -66.75 39.69 -26.44
C GLU A 112 -67.16 38.76 -25.32
N VAL A 113 -67.86 37.63 -25.57
CA VAL A 113 -68.02 36.61 -24.54
C VAL A 113 -66.84 35.67 -24.34
N PHE A 114 -66.06 35.39 -25.39
CA PHE A 114 -64.84 34.62 -25.23
C PHE A 114 -63.71 35.37 -25.92
N PRO A 115 -63.11 36.42 -25.33
CA PRO A 115 -62.00 37.18 -25.91
C PRO A 115 -60.65 36.49 -26.03
N ASP A 116 -60.50 35.46 -25.19
CA ASP A 116 -59.26 34.70 -25.00
C ASP A 116 -58.80 34.09 -26.30
N ARG A 117 -59.74 33.59 -27.10
CA ARG A 117 -59.43 33.05 -28.42
C ARG A 117 -58.97 34.04 -29.49
N PHE A 118 -59.02 35.34 -29.17
CA PHE A 118 -58.72 36.41 -30.10
C PHE A 118 -57.46 37.22 -29.78
N VAL A 119 -57.19 37.49 -28.50
CA VAL A 119 -56.15 38.44 -28.09
C VAL A 119 -54.86 37.88 -27.47
N PRO A 120 -53.74 38.65 -27.56
CA PRO A 120 -52.39 38.32 -27.04
C PRO A 120 -51.93 38.63 -25.60
N ALA A 121 -51.22 37.59 -25.13
CA ALA A 121 -50.65 37.45 -23.80
C ALA A 121 -50.25 38.65 -22.94
N GLU A 122 -49.45 39.60 -23.43
CA GLU A 122 -49.04 40.75 -22.62
C GLU A 122 -50.22 41.67 -22.33
N THR A 123 -51.12 41.81 -23.30
CA THR A 123 -52.18 42.78 -23.19
C THR A 123 -53.39 42.17 -22.48
N ILE A 124 -53.46 40.82 -22.45
CA ILE A 124 -54.27 40.14 -21.46
C ILE A 124 -53.69 40.40 -20.05
N ASN A 125 -52.38 40.29 -19.93
CA ASN A 125 -51.64 40.39 -18.68
C ASN A 125 -51.70 41.75 -17.99
N ARG A 126 -51.16 42.83 -18.58
CA ARG A 126 -51.08 44.16 -17.97
C ARG A 126 -52.43 44.70 -17.46
N ALA A 127 -53.44 44.24 -18.15
CA ALA A 127 -54.79 44.74 -17.93
C ALA A 127 -55.62 43.93 -16.95
N ASN A 128 -55.92 42.67 -17.30
CA ASN A 128 -57.18 42.07 -16.88
C ASN A 128 -56.91 40.95 -15.90
N LYS A 129 -55.79 40.28 -16.19
CA LYS A 129 -55.09 39.49 -15.20
C LYS A 129 -54.65 40.40 -14.06
N GLU A 130 -53.93 41.49 -14.31
CA GLU A 130 -53.70 42.49 -13.29
C GLU A 130 -54.95 43.15 -12.71
N ALA A 131 -56.07 43.19 -13.45
CA ALA A 131 -57.34 43.62 -12.87
C ALA A 131 -57.77 42.66 -11.78
N SER A 132 -57.86 41.34 -12.02
CA SER A 132 -58.10 40.36 -10.96
C SER A 132 -57.02 40.38 -9.87
N ASN A 133 -55.78 40.61 -10.31
CA ASN A 133 -54.64 40.55 -9.42
C ASN A 133 -54.62 41.70 -8.44
N HIS A 134 -54.87 42.96 -8.83
CA HIS A 134 -55.08 43.97 -7.78
C HIS A 134 -55.92 45.13 -8.38
N PRO A 135 -57.25 45.21 -8.15
CA PRO A 135 -58.20 46.12 -8.83
C PRO A 135 -58.38 47.64 -8.63
N ASP A 136 -59.22 48.26 -9.49
CA ASP A 136 -59.79 49.60 -9.31
C ASP A 136 -60.89 49.92 -10.33
N GLN A 137 -61.87 50.77 -9.93
CA GLN A 137 -63.08 51.09 -10.68
C GLN A 137 -62.90 51.80 -12.03
N GLN A 138 -61.75 52.41 -12.31
CA GLN A 138 -61.56 53.11 -13.57
C GLN A 138 -61.42 52.14 -14.74
N SER A 139 -61.77 52.55 -15.97
CA SER A 139 -61.52 51.66 -17.10
C SER A 139 -60.02 51.41 -17.26
N ILE A 140 -59.68 50.34 -17.94
CA ILE A 140 -58.29 49.99 -18.21
C ILE A 140 -58.23 49.79 -19.71
N VAL A 141 -57.33 50.47 -20.41
CA VAL A 141 -57.30 50.43 -21.87
C VAL A 141 -55.83 50.25 -22.18
N VAL A 142 -55.47 49.21 -22.93
CA VAL A 142 -54.05 48.89 -23.11
C VAL A 142 -53.73 48.26 -24.45
N GLU A 143 -52.46 48.36 -24.86
CA GLU A 143 -52.07 48.15 -26.24
C GLU A 143 -51.63 46.75 -26.66
N ALA A 144 -52.44 46.04 -27.44
CA ALA A 144 -52.17 44.75 -28.08
C ALA A 144 -50.80 44.35 -28.50
N GLU A 145 -50.12 45.40 -28.93
CA GLU A 145 -49.01 45.32 -29.84
C GLU A 145 -47.94 44.35 -29.39
N GLU A 146 -47.62 44.36 -28.08
CA GLU A 146 -46.45 43.65 -27.55
C GLU A 146 -45.10 44.14 -28.10
N THR A 147 -43.98 43.53 -27.71
CA THR A 147 -42.64 43.90 -28.14
C THR A 147 -41.81 42.63 -28.03
N GLY A 148 -41.14 42.23 -29.12
CA GLY A 148 -40.43 40.95 -29.18
C GLY A 148 -39.62 40.76 -30.46
N ASN A 149 -38.78 39.72 -30.46
CA ASN A 149 -37.86 39.50 -31.57
C ASN A 149 -38.44 38.72 -32.75
N ILE A 150 -38.51 39.50 -33.83
CA ILE A 150 -39.15 39.08 -35.06
C ILE A 150 -38.09 38.43 -35.95
N LEU A 151 -37.83 37.16 -35.65
CA LEU A 151 -37.05 36.30 -36.52
C LEU A 151 -37.88 35.90 -37.74
N ASP A 152 -39.15 35.60 -37.44
CA ASP A 152 -40.13 35.07 -38.38
C ASP A 152 -40.75 36.02 -39.40
N PRO A 153 -40.70 35.68 -40.71
CA PRO A 153 -41.43 36.37 -41.76
C PRO A 153 -42.94 36.35 -41.57
N GLU A 154 -43.53 35.23 -41.13
CA GLU A 154 -44.98 35.02 -41.19
C GLU A 154 -45.78 35.93 -40.27
N TYR A 155 -45.20 36.34 -39.13
CA TYR A 155 -45.80 37.28 -38.19
C TYR A 155 -46.32 38.57 -38.84
N LYS A 156 -45.76 38.98 -39.98
CA LYS A 156 -46.31 40.04 -40.81
C LYS A 156 -47.81 39.79 -41.06
N LEU A 157 -48.17 38.62 -41.60
CA LEU A 157 -49.55 38.37 -42.06
C LEU A 157 -50.60 38.24 -40.95
N SER A 158 -50.12 38.41 -39.73
CA SER A 158 -50.92 38.45 -38.53
C SER A 158 -51.75 39.72 -38.40
N TYR A 159 -51.67 40.67 -39.34
CA TYR A 159 -52.71 41.68 -39.51
C TYR A 159 -54.07 41.08 -39.90
N PHE A 160 -54.00 40.07 -40.78
CA PHE A 160 -55.15 39.50 -41.47
C PHE A 160 -55.69 38.30 -40.71
N ARG A 161 -54.83 37.31 -40.50
CA ARG A 161 -55.20 35.99 -40.00
C ARG A 161 -55.91 36.01 -38.65
N GLU A 162 -55.35 36.87 -37.80
CA GLU A 162 -55.64 36.90 -36.38
C GLU A 162 -56.70 37.91 -35.99
N ASP A 163 -57.37 38.47 -37.01
CA ASP A 163 -58.27 39.59 -36.84
C ASP A 163 -59.62 39.21 -36.25
N ILE A 164 -60.22 40.17 -35.56
CA ILE A 164 -61.41 39.95 -34.75
C ILE A 164 -62.60 39.45 -35.59
N GLY A 165 -62.81 40.24 -36.66
CA GLY A 165 -63.93 40.07 -37.56
C GLY A 165 -63.72 38.87 -38.47
N ILE A 166 -62.46 38.69 -38.88
CA ILE A 166 -62.03 37.48 -39.55
C ILE A 166 -62.49 36.29 -38.72
N ASN A 167 -62.01 36.13 -37.50
CA ASN A 167 -62.23 34.90 -36.74
C ASN A 167 -63.66 34.64 -36.26
N ALA A 168 -64.34 35.76 -36.00
CA ALA A 168 -65.77 35.76 -35.72
C ALA A 168 -66.57 35.28 -36.92
N HIS A 169 -66.33 35.84 -38.13
CA HIS A 169 -67.01 35.41 -39.37
C HIS A 169 -66.96 33.90 -39.51
N HIS A 170 -65.76 33.40 -39.22
CA HIS A 170 -65.46 32.00 -39.34
C HIS A 170 -66.36 31.14 -38.46
N TRP A 171 -66.50 31.43 -37.15
CA TRP A 171 -67.49 30.72 -36.33
C TRP A 171 -68.89 30.92 -36.90
N HIS A 172 -69.31 32.17 -37.06
CA HIS A 172 -70.59 32.52 -37.63
C HIS A 172 -71.05 31.85 -38.91
N TRP A 173 -70.14 31.58 -39.85
CA TRP A 173 -70.50 30.88 -41.08
C TRP A 173 -70.99 29.47 -40.78
N HIS A 174 -70.29 28.77 -39.89
CA HIS A 174 -70.68 27.41 -39.49
C HIS A 174 -71.63 27.36 -38.32
N ILE A 175 -71.94 28.51 -37.70
CA ILE A 175 -73.11 28.54 -36.87
C ILE A 175 -74.36 28.70 -37.74
N VAL A 176 -74.27 29.44 -38.85
CA VAL A 176 -75.38 29.50 -39.80
C VAL A 176 -75.50 28.24 -40.66
N TYR A 177 -74.39 27.55 -40.98
CA TYR A 177 -74.41 26.23 -41.62
C TYR A 177 -73.72 25.14 -40.78
N PRO A 178 -74.36 24.51 -39.78
CA PRO A 178 -73.79 23.38 -39.04
C PRO A 178 -73.74 22.06 -39.82
N ALA A 179 -72.62 21.35 -39.70
CA ALA A 179 -72.43 20.06 -40.36
C ALA A 179 -73.49 19.04 -40.01
N THR A 180 -73.91 19.08 -38.75
CA THR A 180 -75.01 18.31 -38.22
C THR A 180 -76.40 18.88 -38.48
N TRP A 181 -76.60 19.90 -39.34
CA TRP A 181 -77.93 20.23 -39.79
C TRP A 181 -78.56 19.07 -40.56
N ASN A 182 -79.27 18.23 -39.82
CA ASN A 182 -80.28 17.37 -40.42
C ASN A 182 -81.43 18.22 -40.96
N PRO A 183 -81.82 18.15 -42.25
CA PRO A 183 -82.99 18.84 -42.78
C PRO A 183 -84.34 18.34 -42.28
N THR A 184 -84.57 17.03 -42.21
CA THR A 184 -85.91 16.47 -42.03
C THR A 184 -86.43 16.71 -40.62
N VAL A 185 -85.63 16.28 -39.63
CA VAL A 185 -85.98 16.44 -38.22
C VAL A 185 -86.02 17.91 -37.81
N MET A 186 -85.34 18.77 -38.58
CA MET A 186 -85.45 20.21 -38.42
C MET A 186 -86.27 20.90 -39.53
N GLY A 187 -87.14 20.16 -40.22
CA GLY A 187 -88.21 20.73 -41.02
C GLY A 187 -87.85 21.26 -42.40
N LYS A 188 -86.69 21.90 -42.54
CA LYS A 188 -86.25 22.57 -43.76
C LYS A 188 -84.73 22.51 -43.95
N GLU A 189 -84.31 22.85 -45.17
CA GLU A 189 -82.93 22.66 -45.60
C GLU A 189 -82.11 23.94 -45.70
N LYS A 190 -80.84 23.73 -46.09
CA LYS A 190 -79.87 24.80 -46.09
C LYS A 190 -79.21 24.95 -47.44
N ASP A 191 -79.71 25.99 -48.11
CA ASP A 191 -79.33 26.28 -49.48
C ASP A 191 -77.85 26.41 -49.78
N ARG A 192 -77.55 25.42 -50.63
CA ARG A 192 -76.26 25.25 -51.28
C ARG A 192 -75.04 25.07 -50.40
N LYS A 193 -75.24 24.45 -49.23
CA LYS A 193 -74.24 24.48 -48.17
C LYS A 193 -72.89 23.90 -48.53
N GLY A 194 -72.81 22.84 -49.36
CA GLY A 194 -71.55 22.24 -49.74
C GLY A 194 -70.75 23.15 -50.65
N GLU A 195 -71.38 23.56 -51.76
CA GLU A 195 -70.74 24.47 -52.69
C GLU A 195 -70.32 25.77 -52.03
N LEU A 196 -71.24 26.34 -51.25
CA LEU A 196 -70.94 27.59 -50.57
C LEU A 196 -69.77 27.39 -49.63
N PHE A 197 -69.68 26.17 -49.08
CA PHE A 197 -68.55 25.73 -48.26
C PHE A 197 -67.23 25.57 -49.01
N PHE A 198 -67.20 25.15 -50.27
CA PHE A 198 -66.00 25.31 -51.10
C PHE A 198 -65.60 26.78 -51.10
N TYR A 199 -66.57 27.55 -51.61
CA TYR A 199 -66.36 28.90 -52.07
C TYR A 199 -65.84 29.83 -50.99
N MET A 200 -66.62 30.04 -49.91
CA MET A 200 -66.24 30.91 -48.81
C MET A 200 -64.81 30.62 -48.34
N HIS A 201 -64.44 29.33 -48.39
CA HIS A 201 -63.13 28.93 -47.92
C HIS A 201 -62.03 29.24 -48.94
N GLN A 202 -62.32 29.05 -50.25
CA GLN A 202 -61.43 29.52 -51.32
C GLN A 202 -61.30 31.02 -51.21
N GLN A 203 -62.40 31.81 -51.19
CA GLN A 203 -62.32 33.26 -51.07
C GLN A 203 -61.50 33.71 -49.88
N MET A 204 -61.65 33.10 -48.69
CA MET A 204 -60.71 33.36 -47.60
C MET A 204 -59.23 33.18 -47.97
N CYS A 205 -58.92 31.98 -48.46
CA CYS A 205 -57.55 31.64 -48.82
C CYS A 205 -57.02 32.32 -50.06
N ALA A 206 -57.88 32.93 -50.88
CA ALA A 206 -57.48 33.73 -52.04
C ALA A 206 -57.15 35.17 -51.63
N ARG A 207 -57.96 35.70 -50.71
CA ARG A 207 -57.61 36.95 -50.05
C ARG A 207 -56.25 36.83 -49.34
N TYR A 208 -56.09 35.76 -48.57
CA TYR A 208 -54.80 35.36 -48.04
C TYR A 208 -53.73 35.20 -49.11
N ASP A 209 -53.94 34.38 -50.16
CA ASP A 209 -52.93 34.26 -51.21
C ASP A 209 -52.49 35.56 -51.87
N SER A 210 -53.38 36.54 -51.88
CA SER A 210 -52.98 37.89 -52.23
C SER A 210 -52.08 38.47 -51.13
N GLU A 211 -52.56 38.46 -49.88
CA GLU A 211 -51.82 38.94 -48.71
C GLU A 211 -50.42 38.32 -48.70
N ARG A 212 -50.21 37.06 -49.13
CA ARG A 212 -48.85 36.55 -49.29
C ARG A 212 -48.00 37.26 -50.33
N LEU A 213 -48.52 37.41 -51.54
CA LEU A 213 -47.88 38.18 -52.60
C LEU A 213 -47.74 39.68 -52.34
N SER A 214 -48.61 40.27 -51.53
CA SER A 214 -48.54 41.70 -51.25
C SER A 214 -47.23 42.03 -50.53
N ASN A 215 -46.97 41.13 -49.58
CA ASN A 215 -45.78 41.04 -48.77
C ASN A 215 -44.51 40.67 -49.55
N GLY A 216 -44.67 40.17 -50.78
CA GLY A 216 -43.53 39.68 -51.53
C GLY A 216 -43.15 38.28 -51.09
N LEU A 217 -44.17 37.50 -50.74
CA LEU A 217 -44.00 36.07 -50.56
C LEU A 217 -44.78 35.36 -51.64
N GLN A 218 -44.68 34.03 -51.68
CA GLN A 218 -45.45 33.20 -52.58
C GLN A 218 -46.82 32.81 -52.02
N ARG A 219 -47.78 32.46 -52.89
CA ARG A 219 -49.03 31.80 -52.51
C ARG A 219 -48.81 30.61 -51.59
N MET A 220 -49.81 30.28 -50.77
CA MET A 220 -49.62 29.28 -49.73
C MET A 220 -49.69 27.87 -50.30
N ILE A 221 -48.66 27.10 -49.95
CA ILE A 221 -48.52 25.70 -50.34
C ILE A 221 -49.51 24.70 -49.74
N PRO A 222 -50.25 23.91 -50.56
CA PRO A 222 -51.20 22.88 -50.12
C PRO A 222 -50.70 21.62 -49.42
N PHE A 223 -51.51 21.04 -48.51
CA PHE A 223 -51.13 19.84 -47.78
C PHE A 223 -51.50 18.67 -48.67
N HIS A 224 -50.71 18.55 -49.75
CA HIS A 224 -50.96 17.53 -50.73
C HIS A 224 -50.47 16.18 -50.24
N ASN A 225 -49.40 16.11 -49.45
CA ASN A 225 -48.89 14.84 -48.97
C ASN A 225 -49.10 14.89 -47.46
N PHE A 226 -49.22 13.72 -46.84
CA PHE A 226 -49.45 13.61 -45.41
C PHE A 226 -48.17 13.45 -44.61
N ASP A 227 -47.12 12.90 -45.25
CA ASP A 227 -45.82 12.71 -44.62
C ASP A 227 -45.22 14.04 -44.18
N GLU A 228 -45.28 15.02 -45.10
CA GLU A 228 -44.62 16.32 -44.96
C GLU A 228 -44.99 17.13 -43.72
N PRO A 229 -44.00 17.52 -42.90
CA PRO A 229 -44.17 18.29 -41.66
C PRO A 229 -45.06 19.53 -41.67
N LEU A 230 -45.64 19.81 -40.50
CA LEU A 230 -46.42 21.02 -40.28
C LEU A 230 -45.57 22.08 -39.60
N GLU A 231 -45.83 23.30 -40.05
CA GLU A 231 -45.16 24.51 -39.58
C GLU A 231 -45.41 24.76 -38.10
N GLY A 232 -44.49 25.55 -37.55
CA GLY A 232 -44.49 25.88 -36.14
C GLY A 232 -45.20 27.19 -35.89
N TYR A 233 -45.94 27.23 -34.78
CA TYR A 233 -46.73 28.38 -34.42
C TYR A 233 -47.14 28.39 -32.94
N ALA A 234 -47.06 29.60 -32.40
CA ALA A 234 -47.56 29.92 -31.07
C ALA A 234 -48.65 31.00 -31.11
N PRO A 235 -49.94 30.67 -30.91
CA PRO A 235 -51.06 31.61 -30.97
C PRO A 235 -50.99 32.76 -29.97
N HIS A 236 -50.35 32.47 -28.83
CA HIS A 236 -50.25 33.35 -27.67
C HIS A 236 -51.59 33.57 -26.98
N LEU A 237 -52.36 32.49 -26.81
CA LEU A 237 -53.73 32.54 -26.32
C LEU A 237 -53.89 31.61 -25.12
N THR A 238 -54.07 32.11 -23.90
CA THR A 238 -54.45 31.24 -22.77
C THR A 238 -55.95 31.27 -22.61
N SER A 239 -56.62 30.17 -22.29
CA SER A 239 -58.06 30.11 -22.26
C SER A 239 -58.70 30.58 -20.96
N LEU A 240 -59.67 31.51 -21.00
CA LEU A 240 -60.33 32.01 -19.80
C LEU A 240 -61.14 31.00 -19.00
N VAL A 241 -61.37 29.81 -19.56
CA VAL A 241 -62.13 28.76 -18.88
C VAL A 241 -61.39 28.09 -17.72
N SER A 242 -60.08 28.29 -17.59
CA SER A 242 -59.26 27.63 -16.59
C SER A 242 -57.94 28.40 -16.51
N GLY A 243 -56.81 27.73 -16.24
CA GLY A 243 -55.51 28.36 -16.34
C GLY A 243 -54.79 28.01 -17.64
N LEU A 244 -55.12 26.85 -18.22
CA LEU A 244 -54.36 26.26 -19.32
C LEU A 244 -54.38 27.01 -20.66
N GLN A 245 -53.72 26.46 -21.69
CA GLN A 245 -53.68 27.13 -22.97
C GLN A 245 -53.56 26.12 -24.09
N TYR A 246 -53.90 26.65 -25.26
CA TYR A 246 -53.71 25.95 -26.52
C TYR A 246 -52.22 25.67 -26.63
N ALA A 247 -51.85 24.41 -26.41
CA ALA A 247 -50.49 23.95 -26.64
C ALA A 247 -50.06 24.27 -28.06
N SER A 248 -48.85 24.80 -28.23
CA SER A 248 -48.54 25.44 -29.51
C SER A 248 -47.55 24.59 -30.29
N ARG A 249 -47.62 24.47 -31.62
CA ARG A 249 -46.86 23.45 -32.34
C ARG A 249 -45.44 23.90 -32.70
N PRO A 250 -44.32 23.31 -32.28
CA PRO A 250 -43.06 23.49 -32.99
C PRO A 250 -43.14 22.87 -34.38
N GLU A 251 -42.33 23.36 -35.31
CA GLU A 251 -42.29 22.79 -36.65
C GLU A 251 -41.77 21.36 -36.66
N GLY A 252 -41.79 20.81 -37.86
CA GLY A 252 -41.11 19.54 -38.12
C GLY A 252 -41.90 18.37 -37.56
N TYR A 253 -43.23 18.53 -37.51
CA TYR A 253 -44.08 17.44 -37.10
C TYR A 253 -44.82 16.81 -38.23
N SER A 254 -44.59 15.51 -38.33
CA SER A 254 -45.43 14.68 -39.17
C SER A 254 -46.77 14.39 -38.49
N ILE A 255 -47.70 14.11 -39.38
CA ILE A 255 -49.10 13.92 -39.02
C ILE A 255 -49.24 12.56 -38.35
N HIS A 256 -50.16 12.42 -37.40
CA HIS A 256 -50.20 11.20 -36.61
C HIS A 256 -51.59 10.66 -36.54
N ASP A 257 -51.67 9.33 -36.53
CA ASP A 257 -52.93 8.59 -36.42
C ASP A 257 -53.68 8.93 -35.13
N LEU A 258 -54.97 8.59 -35.13
CA LEU A 258 -55.84 8.94 -34.02
C LEU A 258 -56.45 7.68 -33.41
N SER A 259 -56.91 7.72 -32.14
CA SER A 259 -57.78 6.65 -31.62
C SER A 259 -59.07 6.46 -32.41
N ASP A 260 -59.45 7.46 -33.22
CA ASP A 260 -60.57 7.31 -34.13
C ASP A 260 -60.13 6.79 -35.50
N VAL A 261 -59.42 7.60 -36.27
CA VAL A 261 -59.09 7.27 -37.66
C VAL A 261 -57.57 7.16 -37.88
N ASP A 262 -57.13 6.19 -38.68
CA ASP A 262 -55.74 6.15 -39.15
C ASP A 262 -55.50 7.12 -40.31
N VAL A 263 -54.26 7.65 -40.40
CA VAL A 263 -53.88 8.61 -41.44
C VAL A 263 -54.06 8.08 -42.87
N GLN A 264 -53.95 6.76 -42.93
CA GLN A 264 -54.24 6.03 -44.14
C GLN A 264 -55.74 5.97 -44.45
N ASP A 265 -56.72 5.87 -43.55
CA ASP A 265 -58.13 5.85 -43.98
C ASP A 265 -58.56 7.24 -44.42
N MET A 266 -57.83 8.25 -43.90
CA MET A 266 -57.83 9.60 -44.48
C MET A 266 -57.38 9.55 -45.94
N VAL A 267 -56.21 8.92 -46.15
CA VAL A 267 -55.70 8.64 -47.48
C VAL A 267 -56.68 7.83 -48.31
N ARG A 268 -57.39 6.84 -47.76
CA ARG A 268 -58.35 6.05 -48.52
C ARG A 268 -59.47 6.94 -49.03
N TRP A 269 -60.12 7.67 -48.13
CA TRP A 269 -61.23 8.56 -48.46
C TRP A 269 -60.86 9.44 -49.63
N ARG A 270 -59.73 10.15 -49.52
CA ARG A 270 -59.22 10.97 -50.60
C ARG A 270 -59.21 10.23 -51.95
N GLU A 271 -58.83 8.95 -51.96
CA GLU A 271 -58.73 8.26 -53.25
C GLU A 271 -60.12 7.91 -53.75
N ARG A 272 -60.88 7.28 -52.85
CA ARG A 272 -62.30 6.96 -53.04
C ARG A 272 -63.12 8.14 -53.55
N ILE A 273 -62.71 9.38 -53.25
CA ILE A 273 -63.36 10.56 -53.81
C ILE A 273 -62.86 10.83 -55.24
N LEU A 274 -61.54 10.85 -55.40
CA LEU A 274 -60.97 11.43 -56.62
C LEU A 274 -61.17 10.52 -57.82
N ASP A 275 -61.17 9.22 -57.49
CA ASP A 275 -61.68 8.15 -58.34
C ASP A 275 -63.09 8.45 -58.86
N ALA A 276 -64.02 8.77 -57.95
CA ALA A 276 -65.41 9.11 -58.27
C ALA A 276 -65.60 10.42 -59.03
N ILE A 277 -64.66 11.37 -58.93
CA ILE A 277 -64.62 12.48 -59.86
C ILE A 277 -64.34 11.96 -61.27
N ASN A 278 -63.32 11.13 -61.44
CA ASN A 278 -62.95 10.56 -62.74
C ASN A 278 -64.11 9.74 -63.31
N MET A 279 -64.74 8.96 -62.43
CA MET A 279 -65.95 8.20 -62.76
C MET A 279 -67.17 9.10 -62.89
N HIS A 280 -67.15 10.31 -62.32
CA HIS A 280 -68.23 11.29 -62.38
C HIS A 280 -69.51 10.95 -61.64
N TYR A 281 -69.44 10.16 -60.56
CA TYR A 281 -70.61 9.85 -59.75
C TYR A 281 -70.32 9.56 -58.28
N ILE A 282 -71.41 9.50 -57.48
CA ILE A 282 -71.37 9.13 -56.08
C ILE A 282 -72.41 8.08 -55.63
N VAL A 283 -71.93 7.25 -54.73
CA VAL A 283 -72.76 6.22 -54.11
C VAL A 283 -73.20 6.73 -52.75
N ASP A 284 -74.51 6.93 -52.63
CA ASP A 284 -75.11 7.33 -51.37
C ASP A 284 -75.17 6.15 -50.41
N LYS A 285 -75.57 6.35 -49.15
CA LYS A 285 -75.75 5.25 -48.19
C LYS A 285 -76.72 4.11 -48.51
N ASP A 286 -77.36 4.17 -49.69
CA ASP A 286 -78.16 3.10 -50.25
C ASP A 286 -77.43 2.35 -51.38
N ASN A 287 -76.25 2.79 -51.83
CA ASN A 287 -75.44 2.23 -52.94
C ASN A 287 -75.78 2.72 -54.36
N ASN A 288 -76.81 3.57 -54.49
CA ASN A 288 -77.27 4.04 -55.79
C ASN A 288 -76.47 5.21 -56.32
N LYS A 289 -76.09 5.12 -57.58
CA LYS A 289 -75.20 6.10 -58.19
C LYS A 289 -75.96 7.36 -58.59
N ILE A 290 -75.81 8.50 -57.90
CA ILE A 290 -76.38 9.75 -58.40
C ILE A 290 -75.33 10.59 -59.14
N PRO A 291 -75.58 11.37 -60.20
CA PRO A 291 -74.56 12.02 -61.01
C PRO A 291 -73.76 13.16 -60.39
N LEU A 292 -72.45 13.16 -60.66
CA LEU A 292 -71.66 14.37 -60.44
C LEU A 292 -71.77 15.26 -61.67
N ASP A 293 -72.99 15.80 -61.69
CA ASP A 293 -73.47 16.74 -62.69
C ASP A 293 -72.68 18.04 -62.64
N ILE A 294 -72.87 18.90 -63.65
CA ILE A 294 -72.17 20.17 -63.71
C ILE A 294 -72.59 21.05 -62.54
N GLU A 295 -73.90 21.35 -62.46
CA GLU A 295 -74.41 22.25 -61.43
C GLU A 295 -74.23 21.65 -60.05
N HIS A 296 -74.97 20.55 -59.82
CA HIS A 296 -75.20 20.00 -58.49
C HIS A 296 -73.93 19.50 -57.82
N GLY A 297 -73.04 18.98 -58.67
CA GLY A 297 -71.81 18.32 -58.28
C GLY A 297 -71.03 18.97 -57.14
N THR A 298 -71.05 20.30 -57.08
CA THR A 298 -70.19 20.99 -56.11
C THR A 298 -70.83 21.12 -54.75
N ASP A 299 -72.17 21.16 -54.71
CA ASP A 299 -72.89 21.14 -53.47
C ASP A 299 -72.76 19.73 -52.91
N ILE A 300 -72.91 18.76 -53.80
CA ILE A 300 -72.83 17.36 -53.40
C ILE A 300 -71.41 16.82 -53.18
N LEU A 301 -70.36 17.47 -53.68
CA LEU A 301 -68.99 17.15 -53.28
C LEU A 301 -68.66 17.86 -51.98
N GLY A 302 -69.19 19.07 -51.80
CA GLY A 302 -68.94 19.88 -50.60
C GLY A 302 -69.59 19.33 -49.33
N ASP A 303 -70.85 18.89 -49.42
CA ASP A 303 -71.53 18.30 -48.26
C ASP A 303 -70.84 17.04 -47.77
N ILE A 304 -70.49 16.19 -48.75
CA ILE A 304 -69.75 14.95 -48.63
C ILE A 304 -68.35 15.03 -48.04
N ILE A 305 -67.52 15.94 -48.56
CA ILE A 305 -66.17 16.09 -48.06
C ILE A 305 -66.12 16.64 -46.62
N GLU A 306 -67.08 17.48 -46.20
CA GLU A 306 -67.08 18.17 -44.91
C GLU A 306 -66.98 17.29 -43.66
N SER A 307 -67.77 16.29 -43.26
CA SER A 307 -68.92 15.78 -43.99
C SER A 307 -70.13 16.44 -43.34
N SER A 308 -71.30 16.51 -43.98
CA SER A 308 -72.48 16.92 -43.24
C SER A 308 -73.29 15.69 -42.84
N ASP A 309 -74.41 15.83 -42.09
CA ASP A 309 -75.46 14.82 -42.12
C ASP A 309 -75.99 14.62 -43.53
N GLU A 310 -76.08 15.72 -44.30
CA GLU A 310 -76.31 15.66 -45.73
C GLU A 310 -75.27 14.92 -46.57
N SER A 311 -74.17 14.43 -45.97
CA SER A 311 -73.18 13.65 -46.69
C SER A 311 -73.77 12.31 -47.01
N LYS A 312 -74.04 12.27 -48.32
CA LYS A 312 -74.69 11.14 -48.96
C LYS A 312 -74.00 9.84 -48.65
N ASN A 313 -72.66 9.81 -48.58
CA ASN A 313 -72.02 8.76 -47.83
C ASN A 313 -70.95 9.31 -46.90
N VAL A 314 -71.03 8.72 -45.70
CA VAL A 314 -70.21 9.08 -44.57
C VAL A 314 -69.04 8.12 -44.38
N GLU A 315 -69.22 6.79 -44.39
CA GLU A 315 -68.12 5.85 -44.12
C GLU A 315 -67.10 5.78 -45.28
N TYR A 316 -67.76 5.90 -46.43
CA TYR A 316 -67.10 5.80 -47.70
C TYR A 316 -66.33 7.06 -48.01
N TYR A 317 -66.86 8.29 -47.87
CA TYR A 317 -66.11 9.49 -48.18
C TYR A 317 -65.49 10.14 -46.96
N GLY A 318 -65.82 9.63 -45.76
CA GLY A 318 -65.29 10.16 -44.51
C GLY A 318 -65.99 11.44 -44.12
N SER A 319 -65.20 12.26 -43.41
CA SER A 319 -65.45 13.68 -43.23
C SER A 319 -64.10 14.39 -43.46
N LEU A 320 -63.47 14.19 -44.62
CA LEU A 320 -62.02 14.33 -44.79
C LEU A 320 -61.50 15.69 -44.35
N HIS A 321 -62.36 16.68 -44.63
CA HIS A 321 -62.17 18.06 -44.20
C HIS A 321 -62.00 18.22 -42.70
N ASN A 322 -63.03 17.81 -41.93
CA ASN A 322 -63.05 17.89 -40.47
C ASN A 322 -61.95 17.03 -39.88
N TRP A 323 -61.87 15.79 -40.39
CA TRP A 323 -60.94 14.83 -39.87
C TRP A 323 -59.51 15.33 -39.94
N GLY A 324 -59.05 15.88 -41.08
CA GLY A 324 -57.74 16.51 -41.18
C GLY A 324 -57.48 17.56 -40.09
N HIS A 325 -58.56 18.27 -39.73
CA HIS A 325 -58.50 19.21 -38.63
C HIS A 325 -58.13 18.54 -37.32
N VAL A 326 -58.68 17.38 -36.93
CA VAL A 326 -58.30 16.75 -35.65
C VAL A 326 -56.81 16.49 -35.67
N MET A 327 -56.37 15.65 -36.62
CA MET A 327 -54.97 15.30 -36.78
C MET A 327 -54.02 16.49 -36.93
N MET A 328 -54.37 17.59 -37.61
CA MET A 328 -53.46 18.73 -37.73
C MET A 328 -53.32 19.58 -36.47
N ALA A 329 -54.26 19.39 -35.53
CA ALA A 329 -54.39 20.22 -34.34
C ALA A 329 -54.01 19.49 -33.05
N ASN A 330 -54.26 18.17 -33.05
CA ASN A 330 -53.67 17.32 -32.03
C ASN A 330 -52.32 16.74 -32.42
N ILE A 331 -51.61 17.49 -33.26
CA ILE A 331 -50.25 17.24 -33.74
C ILE A 331 -49.18 17.18 -32.63
N THR A 332 -49.59 17.56 -31.43
CA THR A 332 -48.76 17.45 -30.25
C THR A 332 -48.97 16.07 -29.63
N ASP A 333 -50.20 15.55 -29.76
CA ASP A 333 -50.74 14.56 -28.86
C ASP A 333 -52.04 13.93 -29.39
N PRO A 334 -52.03 13.05 -30.39
CA PRO A 334 -53.22 12.33 -30.82
C PRO A 334 -53.71 11.27 -29.81
N ASP A 335 -52.80 10.44 -29.29
CA ASP A 335 -53.06 9.45 -28.25
C ASP A 335 -53.73 10.06 -27.03
N HIS A 336 -53.38 11.32 -26.72
CA HIS A 336 -54.06 12.17 -25.75
C HIS A 336 -53.90 11.85 -24.27
N ARG A 337 -52.96 10.93 -24.05
CA ARG A 337 -52.34 10.65 -22.76
C ARG A 337 -51.97 11.85 -21.90
N PHE A 338 -51.52 12.94 -22.52
CA PHE A 338 -51.04 14.14 -21.84
C PHE A 338 -52.11 15.14 -21.40
N GLN A 339 -53.19 15.18 -22.19
CA GLN A 339 -54.33 16.07 -21.99
C GLN A 339 -54.07 17.56 -22.30
N GLU A 340 -53.04 17.85 -23.13
CA GLU A 340 -52.76 19.20 -23.63
C GLU A 340 -53.90 19.75 -24.46
N ASN A 341 -54.28 21.01 -24.18
CA ASN A 341 -55.31 21.71 -24.93
C ASN A 341 -54.81 21.85 -26.37
N PRO A 342 -55.48 21.27 -27.38
CA PRO A 342 -55.00 21.22 -28.77
C PRO A 342 -54.69 22.53 -29.49
N GLY A 343 -54.04 22.38 -30.64
CA GLY A 343 -53.82 23.48 -31.56
C GLY A 343 -55.12 24.06 -32.11
N VAL A 344 -55.06 25.37 -32.29
CA VAL A 344 -56.17 26.24 -32.68
C VAL A 344 -57.04 25.86 -33.87
N MET A 345 -56.69 24.81 -34.61
CA MET A 345 -57.45 24.29 -35.74
C MET A 345 -58.69 23.50 -35.29
N SER A 346 -58.77 23.17 -33.99
CA SER A 346 -59.87 22.39 -33.38
C SER A 346 -61.23 23.07 -33.24
N ASP A 347 -61.16 24.39 -33.36
CA ASP A 347 -62.30 25.28 -33.25
C ASP A 347 -62.29 26.13 -34.52
N THR A 348 -63.46 26.65 -34.86
CA THR A 348 -63.59 27.48 -36.03
C THR A 348 -63.24 28.93 -35.74
N SER A 349 -63.35 29.45 -34.51
CA SER A 349 -62.99 30.84 -34.19
C SER A 349 -61.47 31.13 -34.12
N THR A 350 -60.68 30.14 -33.70
CA THR A 350 -59.23 30.28 -33.60
C THR A 350 -58.46 30.01 -34.88
N SER A 351 -58.88 28.90 -35.52
CA SER A 351 -58.38 28.41 -36.79
C SER A 351 -57.52 29.25 -37.75
N LEU A 352 -57.75 30.55 -37.99
CA LEU A 352 -57.11 31.21 -39.13
C LEU A 352 -55.76 31.84 -38.89
N ARG A 353 -55.34 31.87 -37.62
CA ARG A 353 -54.05 32.38 -37.24
C ARG A 353 -52.85 31.51 -37.64
N ASP A 354 -53.05 30.22 -37.36
CA ASP A 354 -52.10 29.13 -37.56
C ASP A 354 -51.91 28.89 -39.06
N PRO A 355 -50.67 29.10 -39.57
CA PRO A 355 -50.33 29.05 -40.99
C PRO A 355 -50.69 27.78 -41.74
N ILE A 356 -50.66 26.63 -41.06
CA ILE A 356 -51.02 25.35 -41.66
C ILE A 356 -52.47 25.32 -42.12
N PHE A 357 -53.33 26.15 -41.51
CA PHE A 357 -54.75 26.25 -41.86
C PHE A 357 -55.02 26.26 -43.36
N TYR A 358 -54.23 27.10 -44.03
CA TYR A 358 -54.35 27.31 -45.46
C TYR A 358 -53.76 26.16 -46.24
N ARG A 359 -52.77 25.44 -45.67
CA ARG A 359 -52.16 24.28 -46.33
C ARG A 359 -53.25 23.22 -46.55
N TRP A 360 -54.07 22.93 -45.53
CA TRP A 360 -55.22 22.04 -45.72
C TRP A 360 -56.31 22.64 -46.61
N HIS A 361 -56.44 23.97 -46.69
CA HIS A 361 -57.57 24.55 -47.39
C HIS A 361 -57.37 24.76 -48.86
N ARG A 362 -56.10 24.79 -49.26
CA ARG A 362 -55.80 24.62 -50.67
C ARG A 362 -55.97 23.16 -51.03
N PHE A 363 -55.68 22.25 -50.10
CA PHE A 363 -55.77 20.82 -50.36
C PHE A 363 -57.20 20.47 -50.72
N ILE A 364 -58.15 20.75 -49.83
CA ILE A 364 -59.56 20.53 -50.13
C ILE A 364 -60.00 21.29 -51.38
N ASP A 365 -59.53 22.52 -51.53
CA ASP A 365 -59.74 23.31 -52.74
C ASP A 365 -59.23 22.58 -53.96
N ASN A 366 -58.09 21.88 -53.87
CA ASN A 366 -57.50 21.12 -54.96
C ASN A 366 -58.44 20.01 -55.39
N ILE A 367 -59.15 19.37 -54.44
CA ILE A 367 -60.16 18.39 -54.80
C ILE A 367 -61.29 19.08 -55.56
N PHE A 368 -61.83 20.17 -55.01
CA PHE A 368 -62.92 20.89 -55.68
C PHE A 368 -62.55 21.40 -57.07
N GLN A 369 -61.30 21.83 -57.18
CA GLN A 369 -60.66 22.22 -58.42
C GLN A 369 -60.61 21.01 -59.35
N GLU A 370 -60.36 19.77 -58.94
CA GLU A 370 -60.48 18.66 -59.88
C GLU A 370 -61.89 18.51 -60.44
N HIS A 371 -62.90 18.73 -59.57
CA HIS A 371 -64.27 18.50 -60.04
C HIS A 371 -64.71 19.55 -61.05
N LYS A 372 -64.39 20.81 -60.73
CA LYS A 372 -64.50 21.91 -61.67
C LYS A 372 -63.60 21.68 -62.89
N LYS A 373 -62.38 21.15 -62.74
CA LYS A 373 -61.45 20.83 -63.82
C LYS A 373 -61.92 19.80 -64.82
N SER A 374 -62.64 18.74 -64.41
CA SER A 374 -63.21 17.82 -65.39
C SER A 374 -64.38 18.45 -66.13
N PHE A 375 -65.05 19.45 -65.54
CA PHE A 375 -65.96 20.28 -66.32
C PHE A 375 -65.17 21.14 -67.29
N HIS A 376 -65.81 21.52 -68.40
CA HIS A 376 -65.14 22.17 -69.51
C HIS A 376 -65.05 23.68 -69.39
N PRO A 377 -64.01 24.35 -69.92
CA PRO A 377 -63.88 25.81 -70.02
C PRO A 377 -65.10 26.53 -70.61
N TYR A 378 -65.15 27.85 -70.51
CA TYR A 378 -66.30 28.59 -70.99
C TYR A 378 -66.23 29.03 -72.43
N THR A 379 -67.27 28.71 -73.20
CA THR A 379 -67.40 29.21 -74.56
C THR A 379 -67.47 30.72 -74.52
N LYS A 380 -66.95 31.38 -75.56
CA LYS A 380 -67.10 32.81 -75.74
C LYS A 380 -68.58 33.21 -75.79
N GLU A 381 -69.38 32.36 -76.42
CA GLU A 381 -70.84 32.40 -76.44
C GLU A 381 -71.36 32.60 -75.02
N GLU A 382 -71.06 31.59 -74.17
CA GLU A 382 -71.42 31.56 -72.77
C GLU A 382 -70.93 32.78 -71.99
N LEU A 383 -69.71 33.22 -72.28
CA LEU A 383 -69.16 34.41 -71.63
C LEU A 383 -69.75 35.75 -72.08
N SER A 384 -70.51 35.75 -73.18
CA SER A 384 -70.99 36.97 -73.78
C SER A 384 -72.44 37.39 -73.53
N PHE A 385 -72.48 38.46 -72.77
CA PHE A 385 -73.65 39.30 -72.63
C PHE A 385 -73.73 40.09 -73.93
N PRO A 386 -74.68 39.77 -74.81
CA PRO A 386 -74.75 40.29 -76.17
C PRO A 386 -74.98 41.80 -76.19
N GLY A 387 -74.22 42.58 -76.95
CA GLY A 387 -74.59 43.95 -77.25
C GLY A 387 -74.03 44.99 -76.29
N VAL A 388 -73.86 44.72 -75.00
CA VAL A 388 -73.40 45.71 -74.03
C VAL A 388 -71.88 45.80 -74.08
N GLU A 389 -71.28 46.98 -74.32
CA GLU A 389 -69.82 47.07 -74.34
C GLU A 389 -69.25 47.85 -73.16
N VAL A 390 -68.49 47.18 -72.30
CA VAL A 390 -67.70 47.79 -71.23
C VAL A 390 -66.59 48.66 -71.81
N VAL A 391 -66.89 49.95 -71.97
CA VAL A 391 -65.93 50.91 -72.51
C VAL A 391 -64.83 51.22 -71.48
N GLY A 392 -64.99 50.77 -70.23
CA GLY A 392 -63.88 50.80 -69.28
C GLY A 392 -64.36 51.01 -67.86
N VAL A 393 -63.40 50.93 -66.92
CA VAL A 393 -63.62 51.20 -65.51
C VAL A 393 -62.41 52.05 -65.09
N SER A 394 -62.38 52.64 -63.88
CA SER A 394 -61.24 53.29 -63.23
C SER A 394 -61.60 53.46 -61.75
N ILE A 395 -60.69 53.50 -60.77
CA ILE A 395 -61.11 53.68 -59.39
C ILE A 395 -60.64 55.03 -58.89
N ASN A 396 -61.49 55.84 -58.27
CA ASN A 396 -61.04 57.11 -57.72
C ASN A 396 -61.06 57.08 -56.19
N SER A 397 -59.89 56.94 -55.58
CA SER A 397 -59.74 57.01 -54.14
C SER A 397 -59.44 58.46 -53.77
N LYS A 398 -58.32 58.83 -53.12
CA LYS A 398 -57.81 60.18 -53.16
C LYS A 398 -57.30 60.59 -54.55
N THR A 399 -56.79 59.61 -55.30
CA THR A 399 -56.30 59.81 -56.66
C THR A 399 -56.91 58.71 -57.55
N ALA A 400 -56.68 58.69 -58.86
CA ALA A 400 -57.08 57.57 -59.69
C ALA A 400 -56.18 56.33 -59.52
N ASN A 401 -56.78 55.16 -59.68
CA ASN A 401 -56.13 53.85 -59.71
C ASN A 401 -55.09 53.47 -58.67
N VAL A 402 -55.21 54.08 -57.51
CA VAL A 402 -54.53 53.62 -56.30
C VAL A 402 -55.62 53.39 -55.28
N ILE A 403 -55.56 52.45 -54.33
CA ILE A 403 -56.34 52.56 -53.12
C ILE A 403 -55.29 52.63 -52.03
N THR A 404 -55.56 53.28 -50.92
CA THR A 404 -54.55 53.42 -49.90
C THR A 404 -55.03 52.90 -48.56
N THR A 405 -54.27 51.93 -48.06
CA THR A 405 -54.66 51.11 -46.93
C THR A 405 -54.07 51.75 -45.69
N LEU A 406 -54.60 51.51 -44.50
CA LEU A 406 -54.14 52.21 -43.32
C LEU A 406 -53.98 51.21 -42.20
N ILE A 407 -53.46 51.70 -41.08
CA ILE A 407 -53.60 51.03 -39.80
C ILE A 407 -54.68 51.75 -38.99
N LYS A 408 -55.57 51.04 -38.31
CA LYS A 408 -56.49 51.64 -37.37
C LYS A 408 -56.43 50.86 -36.07
N GLU A 409 -55.99 51.58 -35.03
CA GLU A 409 -56.05 51.12 -33.66
C GLU A 409 -57.50 51.02 -33.23
N SER A 410 -57.83 50.06 -32.36
CA SER A 410 -59.23 49.81 -32.04
C SER A 410 -59.35 49.10 -30.71
N LEU A 411 -60.58 48.79 -30.29
CA LEU A 411 -60.86 48.26 -28.96
C LEU A 411 -61.74 47.02 -29.01
N LEU A 412 -61.75 46.27 -27.91
CA LEU A 412 -62.55 45.07 -27.72
C LEU A 412 -62.73 45.01 -26.21
N GLU A 413 -63.99 44.90 -25.78
CA GLU A 413 -64.32 45.10 -24.38
C GLU A 413 -64.26 43.82 -23.57
N LEU A 414 -63.15 43.58 -22.86
CA LEU A 414 -62.94 42.31 -22.21
C LEU A 414 -63.89 41.99 -21.08
N SER A 415 -64.33 43.01 -20.33
CA SER A 415 -65.41 43.00 -19.33
C SER A 415 -66.58 42.06 -19.46
N HIS A 416 -67.08 41.99 -20.71
CA HIS A 416 -68.20 41.13 -21.01
C HIS A 416 -67.78 39.69 -20.81
N GLY A 417 -66.61 39.35 -21.37
CA GLY A 417 -66.04 38.02 -21.32
C GLY A 417 -65.47 37.68 -19.97
N ILE A 418 -64.55 38.47 -19.41
CA ILE A 418 -63.96 38.06 -18.14
C ILE A 418 -64.50 38.91 -17.00
N ASN A 419 -64.18 38.54 -15.75
CA ASN A 419 -64.69 39.29 -14.60
C ASN A 419 -63.87 40.54 -14.29
N PHE A 420 -64.43 41.70 -14.65
CA PHE A 420 -63.85 42.97 -14.22
C PHE A 420 -63.82 43.09 -12.69
N GLY A 421 -64.87 42.59 -12.06
CA GLY A 421 -65.03 42.62 -10.61
C GLY A 421 -65.41 44.00 -10.10
N THR A 422 -64.53 44.96 -10.40
CA THR A 422 -64.71 46.37 -10.07
C THR A 422 -65.02 47.27 -11.25
N ASP A 423 -64.02 47.50 -12.12
CA ASP A 423 -64.01 48.61 -13.06
C ASP A 423 -65.12 48.64 -14.09
N GLN A 424 -65.20 49.74 -14.85
CA GLN A 424 -66.13 49.77 -15.96
C GLN A 424 -65.82 48.78 -17.08
N SER A 425 -64.59 48.82 -17.58
CA SER A 425 -64.31 48.28 -18.89
C SER A 425 -62.82 47.97 -18.89
N VAL A 426 -62.47 46.82 -19.44
CA VAL A 426 -61.08 46.46 -19.60
C VAL A 426 -60.95 46.34 -21.10
N LYS A 427 -60.07 47.13 -21.70
CA LYS A 427 -60.13 47.27 -23.15
C LYS A 427 -58.79 46.79 -23.66
N VAL A 428 -58.83 46.00 -24.72
CA VAL A 428 -57.64 45.70 -25.50
C VAL A 428 -57.59 46.51 -26.81
N LYS A 429 -56.69 47.49 -26.79
CA LYS A 429 -56.37 48.29 -27.95
C LYS A 429 -55.59 47.42 -28.92
N TYR A 430 -56.18 47.06 -30.07
CA TYR A 430 -55.43 46.34 -31.09
C TYR A 430 -55.17 47.22 -32.31
N HIS A 431 -54.43 46.79 -33.32
CA HIS A 431 -54.13 47.57 -34.50
C HIS A 431 -54.48 46.74 -35.72
N HIS A 432 -55.31 47.25 -36.64
CA HIS A 432 -55.73 46.45 -37.78
C HIS A 432 -55.53 47.18 -39.12
N LEU A 433 -55.43 46.43 -40.22
CA LEU A 433 -55.26 46.98 -41.57
C LEU A 433 -56.60 47.58 -41.99
N ASP A 434 -56.66 48.59 -42.86
CA ASP A 434 -57.92 49.12 -43.36
C ASP A 434 -57.67 49.57 -44.80
N HIS A 435 -58.48 50.46 -45.37
CA HIS A 435 -58.32 50.89 -46.73
C HIS A 435 -59.06 52.21 -46.90
N GLU A 436 -58.66 53.05 -47.84
CA GLU A 436 -59.46 54.19 -48.27
C GLU A 436 -60.75 53.72 -48.95
N PRO A 437 -61.87 54.46 -48.87
CA PRO A 437 -63.05 54.29 -49.70
C PRO A 437 -62.74 54.55 -51.17
N PHE A 438 -63.55 54.10 -52.12
CA PHE A 438 -63.23 54.30 -53.53
C PHE A 438 -64.48 54.02 -54.32
N THR A 439 -64.45 54.37 -55.60
CA THR A 439 -65.58 54.06 -56.43
C THR A 439 -65.15 53.34 -57.69
N TYR A 440 -66.10 52.64 -58.31
CA TYR A 440 -65.93 52.17 -59.68
C TYR A 440 -66.59 53.24 -60.52
N ASN A 441 -65.99 53.71 -61.61
CA ASN A 441 -66.72 54.45 -62.62
C ASN A 441 -66.61 53.48 -63.78
N ILE A 442 -67.72 52.96 -64.31
CA ILE A 442 -67.71 51.96 -65.37
C ILE A 442 -68.55 52.48 -66.53
N VAL A 443 -67.95 52.56 -67.71
CA VAL A 443 -68.58 53.09 -68.93
C VAL A 443 -68.97 51.94 -69.86
N VAL A 444 -70.13 52.06 -70.53
CA VAL A 444 -70.76 51.03 -71.34
C VAL A 444 -71.35 51.57 -72.65
N GLU A 445 -71.27 50.87 -73.79
CA GLU A 445 -72.05 51.17 -74.99
C GLU A 445 -73.13 50.09 -75.14
N ASN A 446 -74.34 50.39 -74.68
CA ASN A 446 -75.49 49.51 -74.88
C ASN A 446 -76.10 49.71 -76.25
N ASN A 447 -75.48 49.01 -77.21
CA ASN A 447 -75.82 49.07 -78.63
C ASN A 447 -77.29 48.79 -78.94
N SER A 448 -77.87 47.89 -78.14
CA SER A 448 -79.25 47.50 -78.31
C SER A 448 -80.21 48.63 -77.98
N GLY A 449 -81.20 48.87 -78.86
CA GLY A 449 -82.23 49.87 -78.60
C GLY A 449 -83.01 49.64 -77.29
N ALA A 450 -83.00 48.43 -76.73
CA ALA A 450 -83.59 48.18 -75.43
C ALA A 450 -82.59 48.36 -74.30
N GLU A 451 -83.10 48.94 -73.22
CA GLU A 451 -82.49 48.92 -71.89
C GLU A 451 -82.04 47.54 -71.46
N LYS A 452 -80.80 47.40 -71.00
CA LYS A 452 -80.31 46.12 -70.48
C LYS A 452 -80.22 46.02 -68.96
N HIS A 453 -80.70 44.91 -68.40
CA HIS A 453 -80.55 44.66 -66.97
C HIS A 453 -79.35 43.75 -66.79
N SER A 454 -78.33 44.12 -66.01
CA SER A 454 -77.14 43.29 -65.85
C SER A 454 -76.91 42.75 -64.45
N THR A 455 -76.06 41.74 -64.30
CA THR A 455 -75.42 41.41 -63.04
C THR A 455 -73.92 41.56 -63.29
N VAL A 456 -73.34 42.48 -62.52
CA VAL A 456 -71.94 42.92 -62.60
C VAL A 456 -71.07 42.29 -61.51
N ARG A 457 -70.21 41.34 -61.90
CA ARG A 457 -69.39 40.57 -60.99
C ARG A 457 -68.04 41.28 -61.02
N ILE A 458 -67.48 41.89 -59.97
CA ILE A 458 -66.23 42.65 -60.08
C ILE A 458 -65.17 41.90 -59.27
N PHE A 459 -63.91 41.80 -59.73
CA PHE A 459 -62.88 40.98 -59.10
C PHE A 459 -61.59 41.76 -58.87
N LEU A 460 -60.78 41.25 -57.94
CA LEU A 460 -59.44 41.71 -57.63
C LEU A 460 -58.52 40.51 -57.57
N ALA A 461 -57.46 40.57 -58.38
CA ALA A 461 -56.39 39.58 -58.36
C ALA A 461 -55.05 40.31 -58.30
N PRO A 462 -53.87 39.67 -58.25
CA PRO A 462 -52.58 40.31 -58.54
C PRO A 462 -52.04 40.21 -59.97
N LYS A 463 -51.46 41.33 -60.40
CA LYS A 463 -50.96 41.49 -61.74
C LYS A 463 -49.52 40.97 -61.88
N TYR A 464 -48.75 41.16 -60.81
CA TYR A 464 -47.41 40.57 -60.66
C TYR A 464 -47.40 39.12 -60.22
N ASP A 465 -46.36 38.35 -60.54
CA ASP A 465 -46.10 37.12 -59.82
C ASP A 465 -45.01 37.46 -58.81
N GLU A 466 -44.41 36.42 -58.25
CA GLU A 466 -43.22 36.59 -57.44
C GLU A 466 -41.99 36.33 -58.29
N LEU A 467 -42.30 35.88 -59.53
CA LEU A 467 -41.37 35.42 -60.52
C LEU A 467 -41.01 36.57 -61.45
N ASN A 468 -42.06 37.17 -62.04
CA ASN A 468 -42.02 38.39 -62.83
C ASN A 468 -43.48 38.84 -63.07
N ASN A 469 -43.87 39.86 -63.82
CA ASN A 469 -45.27 40.20 -64.11
C ASN A 469 -45.95 39.23 -65.09
N LYS A 470 -46.70 38.20 -64.66
CA LYS A 470 -47.28 37.23 -65.60
C LYS A 470 -48.77 36.87 -65.45
N LEU A 471 -49.60 37.45 -66.32
CA LEU A 471 -51.06 37.38 -66.27
C LEU A 471 -51.76 36.08 -66.69
N GLU A 472 -51.18 34.97 -66.22
CA GLU A 472 -51.74 33.63 -66.37
C GLU A 472 -52.99 33.48 -65.52
N PRO A 473 -54.15 33.58 -66.17
CA PRO A 473 -55.45 33.69 -65.53
C PRO A 473 -55.87 32.40 -64.86
N ASP A 474 -55.46 31.23 -65.34
CA ASP A 474 -55.76 29.99 -64.66
C ASP A 474 -55.04 29.92 -63.32
N GLU A 475 -53.75 30.27 -63.30
CA GLU A 475 -53.00 30.55 -62.08
C GLU A 475 -53.66 31.62 -61.24
N GLN A 476 -54.13 32.71 -61.85
CA GLN A 476 -54.77 33.78 -61.12
C GLN A 476 -56.12 33.41 -60.54
N ARG A 477 -56.83 32.40 -61.03
CA ARG A 477 -58.12 32.00 -60.46
C ARG A 477 -58.10 31.58 -59.00
N ARG A 478 -56.92 31.17 -58.53
CA ARG A 478 -56.75 30.87 -57.12
C ARG A 478 -56.71 32.14 -56.27
N LEU A 479 -56.30 33.26 -56.88
CA LEU A 479 -56.07 34.53 -56.21
C LEU A 479 -57.28 35.45 -56.35
N PHE A 480 -57.91 35.35 -57.53
CA PHE A 480 -59.11 36.11 -57.89
C PHE A 480 -60.16 36.20 -56.80
N ILE A 481 -60.47 37.42 -56.37
CA ILE A 481 -61.48 37.65 -55.33
C ILE A 481 -62.58 38.56 -55.84
N GLU A 482 -63.81 38.14 -55.59
CA GLU A 482 -64.97 38.90 -56.01
C GLU A 482 -65.12 40.06 -55.04
N LEU A 483 -64.99 41.27 -55.56
CA LEU A 483 -65.12 42.49 -54.79
C LEU A 483 -66.56 42.98 -54.70
N ASP A 484 -67.45 42.63 -55.63
CA ASP A 484 -68.78 43.18 -55.69
C ASP A 484 -69.59 42.36 -56.69
N LYS A 485 -70.92 42.40 -56.58
CA LYS A 485 -71.81 41.76 -57.52
C LYS A 485 -73.18 42.43 -57.44
N PHE A 486 -73.59 43.17 -58.46
CA PHE A 486 -74.89 43.85 -58.43
C PHE A 486 -75.75 43.78 -59.69
N PHE A 487 -76.98 44.29 -59.61
CA PHE A 487 -77.90 44.45 -60.71
C PHE A 487 -77.99 45.93 -61.01
N TYR A 488 -77.86 46.32 -62.28
CA TYR A 488 -78.14 47.67 -62.70
C TYR A 488 -78.96 47.56 -63.99
N THR A 489 -79.58 48.68 -64.39
CA THR A 489 -80.33 48.76 -65.62
C THR A 489 -79.66 49.87 -66.42
N LEU A 490 -79.51 49.54 -67.70
CA LEU A 490 -78.68 50.27 -68.63
C LEU A 490 -79.49 50.68 -69.84
N THR A 491 -79.70 51.98 -69.98
CA THR A 491 -80.40 52.53 -71.14
C THR A 491 -79.57 52.35 -72.40
N PRO A 492 -80.05 52.59 -73.63
CA PRO A 492 -79.22 52.59 -74.83
C PRO A 492 -78.07 53.59 -74.74
N GLY A 493 -77.01 53.29 -75.49
CA GLY A 493 -75.87 54.18 -75.65
C GLY A 493 -74.87 54.14 -74.50
N LYS A 494 -74.16 55.27 -74.35
CA LYS A 494 -73.15 55.46 -73.32
C LYS A 494 -73.75 55.44 -71.93
N ASN A 495 -73.34 54.47 -71.11
CA ASN A 495 -73.82 54.39 -69.74
C ASN A 495 -72.59 54.45 -68.86
N THR A 496 -72.82 55.11 -67.72
CA THR A 496 -71.88 55.06 -66.62
C THR A 496 -72.60 54.50 -65.40
N ILE A 497 -71.91 53.65 -64.66
CA ILE A 497 -72.39 53.17 -63.39
C ILE A 497 -71.32 53.69 -62.43
N VAL A 498 -71.66 54.14 -61.23
CA VAL A 498 -70.68 54.57 -60.24
C VAL A 498 -71.01 53.78 -58.98
N ARG A 499 -70.07 53.15 -58.30
CA ARG A 499 -70.40 52.23 -57.23
C ARG A 499 -69.39 52.41 -56.12
N ASN A 500 -69.86 52.79 -54.94
CA ASN A 500 -68.99 53.16 -53.82
C ASN A 500 -68.63 51.98 -52.97
N HIS A 501 -67.40 51.95 -52.46
CA HIS A 501 -66.89 50.87 -51.63
C HIS A 501 -67.82 50.10 -50.68
N GLN A 502 -68.73 50.80 -49.97
CA GLN A 502 -69.42 50.29 -48.79
C GLN A 502 -70.34 49.11 -49.03
N ASP A 503 -70.96 49.32 -50.21
CA ASP A 503 -72.05 48.51 -50.73
C ASP A 503 -71.53 47.28 -51.49
N SER A 504 -70.29 46.88 -51.18
CA SER A 504 -69.74 45.61 -51.56
C SER A 504 -70.63 44.46 -51.09
N SER A 505 -70.99 43.54 -51.98
CA SER A 505 -71.80 42.42 -51.57
C SER A 505 -71.16 41.31 -50.73
N VAL A 506 -69.97 41.47 -50.15
CA VAL A 506 -69.27 40.43 -49.38
C VAL A 506 -69.17 40.69 -47.86
N THR A 507 -69.42 41.96 -47.57
CA THR A 507 -69.06 42.60 -46.31
C THR A 507 -70.11 42.72 -45.23
N ILE A 508 -69.63 42.73 -43.99
CA ILE A 508 -70.38 43.40 -42.95
C ILE A 508 -70.06 44.89 -43.04
N SER A 509 -71.12 45.69 -42.87
CA SER A 509 -70.91 47.09 -42.58
C SER A 509 -70.91 47.27 -41.06
N LYS A 510 -72.09 47.40 -40.44
CA LYS A 510 -72.13 47.60 -39.00
C LYS A 510 -72.06 46.26 -38.29
N VAL A 511 -71.08 46.16 -37.38
CA VAL A 511 -71.04 45.15 -36.34
C VAL A 511 -71.97 45.56 -35.19
N ARG A 512 -72.38 44.71 -34.24
CA ARG A 512 -73.19 45.17 -33.12
C ARG A 512 -72.61 44.55 -31.86
N THR A 513 -71.98 45.38 -31.02
CA THR A 513 -71.44 45.01 -29.72
C THR A 513 -72.56 44.75 -28.72
N PHE A 514 -72.25 43.93 -27.71
CA PHE A 514 -73.15 43.62 -26.60
C PHE A 514 -73.87 44.84 -26.01
N ASP A 515 -73.20 45.99 -26.00
CA ASP A 515 -73.77 47.21 -25.43
C ASP A 515 -74.87 47.81 -26.28
N GLN A 516 -74.75 47.65 -27.61
CA GLN A 516 -75.82 47.99 -28.54
C GLN A 516 -77.03 47.14 -28.21
N LEU A 517 -76.80 45.84 -28.07
CA LEU A 517 -77.86 44.88 -27.77
C LEU A 517 -78.59 45.10 -26.44
N GLY A 518 -77.89 45.60 -25.42
CA GLY A 518 -78.55 46.22 -24.26
C GLY A 518 -79.58 47.31 -24.59
N ALA A 519 -79.46 48.03 -25.72
CA ALA A 519 -80.52 48.91 -26.18
C ALA A 519 -81.48 48.21 -27.16
N GLY A 520 -81.22 48.14 -28.48
CA GLY A 520 -82.16 47.55 -29.42
C GLY A 520 -82.60 48.53 -30.50
N GLU A 521 -81.75 48.53 -31.54
CA GLU A 521 -81.91 49.34 -32.73
C GLU A 521 -82.96 48.77 -33.69
N GLY A 522 -82.84 48.98 -35.02
CA GLY A 522 -83.81 48.45 -35.96
C GLY A 522 -83.21 48.37 -37.34
N VAL A 523 -82.10 47.62 -37.47
CA VAL A 523 -81.45 47.44 -38.76
C VAL A 523 -82.06 46.23 -39.47
N SER A 524 -82.40 45.22 -38.67
CA SER A 524 -83.79 44.80 -38.46
C SER A 524 -83.60 43.83 -37.29
N GLU A 525 -83.96 42.55 -37.39
CA GLU A 525 -83.82 41.63 -36.30
C GLU A 525 -83.83 40.27 -36.97
N ASP A 526 -82.67 39.75 -37.35
CA ASP A 526 -82.53 38.40 -37.87
C ASP A 526 -81.44 37.81 -36.96
N SER A 527 -80.31 37.11 -37.19
CA SER A 527 -79.66 36.50 -36.01
C SER A 527 -78.14 36.34 -35.84
N THR A 528 -77.47 35.20 -35.99
CA THR A 528 -76.01 35.20 -35.89
C THR A 528 -75.27 35.83 -37.06
N GLU A 529 -75.99 36.08 -38.15
CA GLU A 529 -75.52 36.90 -39.24
C GLU A 529 -75.61 38.42 -39.07
N TYR A 530 -76.79 39.05 -39.05
CA TYR A 530 -77.07 40.46 -38.70
C TYR A 530 -76.00 41.56 -38.59
N CYS A 531 -74.89 41.30 -37.90
CA CYS A 531 -73.85 42.29 -37.62
C CYS A 531 -72.59 41.56 -37.21
N SER A 532 -72.30 40.47 -37.93
CA SER A 532 -71.56 39.34 -37.38
C SER A 532 -71.10 38.39 -38.48
N CYS A 533 -71.93 38.10 -39.48
CA CYS A 533 -71.44 37.38 -40.65
C CYS A 533 -70.94 38.37 -41.68
N GLY A 534 -70.62 37.90 -42.89
CA GLY A 534 -70.09 38.85 -43.87
C GLY A 534 -68.58 38.93 -43.79
N TRP A 535 -67.76 39.16 -44.80
CA TRP A 535 -66.34 39.38 -44.52
C TRP A 535 -66.15 40.73 -43.86
N PRO A 536 -65.27 40.97 -42.89
CA PRO A 536 -64.97 42.32 -42.38
C PRO A 536 -64.50 43.35 -43.41
N GLU A 537 -64.88 44.76 -43.03
CA GLU A 537 -64.73 45.87 -43.96
C GLU A 537 -63.27 46.22 -44.16
N HIS A 538 -62.55 46.50 -43.08
CA HIS A 538 -61.12 46.72 -43.17
C HIS A 538 -60.23 45.73 -43.94
N MET A 539 -60.68 44.50 -44.23
CA MET A 539 -59.92 43.51 -45.01
C MET A 539 -60.55 43.30 -46.40
N LEU A 540 -61.36 44.28 -46.82
CA LEU A 540 -61.97 44.24 -48.15
C LEU A 540 -61.01 44.29 -49.32
N ILE A 541 -59.88 44.99 -49.19
CA ILE A 541 -58.87 45.08 -50.23
C ILE A 541 -57.54 44.81 -49.51
N PRO A 542 -56.74 43.80 -49.90
CA PRO A 542 -55.47 43.43 -49.27
C PRO A 542 -54.41 44.54 -49.11
N ARG A 543 -53.43 44.34 -48.24
CA ARG A 543 -52.41 45.35 -47.90
C ARG A 543 -51.57 45.96 -49.03
N GLY A 544 -51.25 45.15 -50.05
CA GLY A 544 -50.31 45.58 -51.08
C GLY A 544 -48.92 45.75 -50.47
N SER A 545 -48.34 46.91 -50.71
CA SER A 545 -47.02 47.26 -50.22
C SER A 545 -46.86 48.75 -50.07
N HIS A 546 -45.80 49.22 -49.41
CA HIS A 546 -45.59 50.66 -49.27
C HIS A 546 -45.31 51.37 -50.61
N LYS A 547 -44.68 50.65 -51.54
CA LYS A 547 -44.38 51.14 -52.89
C LYS A 547 -45.62 51.50 -53.69
N GLY A 548 -46.71 50.78 -53.39
CA GLY A 548 -47.85 50.69 -54.28
C GLY A 548 -47.75 49.42 -55.11
N MET A 549 -48.39 48.32 -54.71
CA MET A 549 -48.33 47.09 -55.49
C MET A 549 -49.50 47.11 -56.48
N GLU A 550 -49.44 46.27 -57.53
CA GLU A 550 -50.18 46.45 -58.76
C GLU A 550 -50.96 45.17 -58.96
N PHE A 551 -52.25 45.32 -59.13
CA PHE A 551 -53.23 44.27 -58.96
C PHE A 551 -54.16 44.31 -60.17
N GLU A 552 -55.26 43.55 -60.15
CA GLU A 552 -56.13 43.46 -61.31
C GLU A 552 -57.57 43.55 -60.86
N LEU A 553 -58.29 44.56 -61.34
CA LEU A 553 -59.72 44.69 -61.10
C LEU A 553 -60.50 44.20 -62.31
N PHE A 554 -61.01 42.98 -62.30
CA PHE A 554 -61.61 42.37 -63.48
C PHE A 554 -63.13 42.28 -63.32
N VAL A 555 -63.90 42.89 -64.23
CA VAL A 555 -65.34 42.99 -64.12
C VAL A 555 -65.97 42.10 -65.19
N MET A 556 -67.13 41.54 -64.88
CA MET A 556 -67.94 40.87 -65.88
C MET A 556 -69.34 41.47 -65.79
N LEU A 557 -70.05 41.58 -66.89
CA LEU A 557 -71.47 41.82 -66.90
C LEU A 557 -72.13 40.65 -67.59
N THR A 558 -72.88 39.89 -66.77
CA THR A 558 -73.77 38.85 -67.26
C THR A 558 -75.22 39.30 -67.16
N ASP A 559 -76.28 38.62 -67.64
CA ASP A 559 -77.62 39.21 -67.68
C ASP A 559 -78.34 39.01 -66.35
N HIS A 560 -79.14 40.01 -65.94
CA HIS A 560 -79.90 39.88 -64.71
C HIS A 560 -81.20 39.11 -64.79
N ASP A 561 -81.93 39.18 -65.91
CA ASP A 561 -83.13 38.36 -66.09
C ASP A 561 -82.76 36.89 -66.27
N GLU A 562 -81.58 36.64 -66.86
CA GLU A 562 -81.00 35.29 -66.84
C GLU A 562 -80.63 34.93 -65.41
N ASP A 563 -79.74 35.68 -64.78
CA ASP A 563 -79.20 35.37 -63.47
C ASP A 563 -80.19 35.37 -62.31
N THR A 564 -81.25 36.19 -62.27
CA THR A 564 -81.98 36.25 -61.01
C THR A 564 -82.78 34.97 -60.94
N VAL A 565 -82.57 34.26 -59.83
CA VAL A 565 -83.56 33.26 -59.43
C VAL A 565 -84.92 33.93 -59.28
N ALA A 566 -86.03 33.31 -59.70
CA ALA A 566 -87.35 33.82 -59.37
C ALA A 566 -87.88 32.98 -58.22
N GLY A 567 -88.64 33.61 -57.32
CA GLY A 567 -89.19 32.92 -56.18
C GLY A 567 -89.74 33.97 -55.29
N LEU A 568 -90.33 33.62 -54.14
CA LEU A 568 -90.95 34.61 -53.26
C LEU A 568 -90.45 34.42 -51.84
N SER A 569 -89.69 35.45 -51.43
CA SER A 569 -88.95 35.53 -50.16
C SER A 569 -89.16 36.84 -49.37
N GLU A 570 -88.30 37.90 -49.29
CA GLU A 570 -88.45 38.98 -48.30
C GLU A 570 -88.10 40.40 -48.79
N ASN A 571 -88.19 41.45 -47.96
CA ASN A 571 -87.66 42.79 -48.28
C ASN A 571 -86.14 42.92 -48.44
N ALA A 572 -85.59 44.14 -48.51
CA ALA A 572 -84.14 44.33 -48.39
C ALA A 572 -83.71 44.20 -46.94
N VAL A 573 -82.77 43.31 -46.66
CA VAL A 573 -82.55 42.82 -45.30
C VAL A 573 -81.10 42.39 -45.06
N CYS A 574 -80.82 41.24 -44.41
CA CYS A 574 -79.51 40.66 -44.27
C CYS A 574 -79.10 39.98 -45.56
N SER A 575 -78.96 40.83 -46.58
CA SER A 575 -78.41 40.41 -47.85
C SER A 575 -77.08 41.10 -48.02
N ASP A 576 -76.59 41.91 -47.07
CA ASP A 576 -75.42 42.78 -47.22
C ASP A 576 -74.26 41.94 -47.71
N ALA A 577 -73.88 40.90 -46.96
CA ALA A 577 -72.93 39.92 -47.47
C ALA A 577 -73.49 38.84 -48.40
N VAL A 578 -74.37 39.11 -49.40
CA VAL A 578 -74.86 38.06 -50.30
C VAL A 578 -73.82 37.19 -50.98
N SER A 579 -72.66 37.71 -51.39
CA SER A 579 -71.59 36.90 -51.95
C SER A 579 -70.95 35.78 -51.13
N TYR A 580 -70.21 36.07 -50.03
CA TYR A 580 -69.45 35.08 -49.28
C TYR A 580 -70.25 34.20 -48.33
N CYS A 581 -71.50 34.59 -48.23
CA CYS A 581 -72.37 34.17 -47.16
C CYS A 581 -73.75 33.98 -47.77
N GLY A 582 -74.50 35.05 -48.07
CA GLY A 582 -75.86 34.90 -48.57
C GLY A 582 -76.87 35.88 -48.00
N ALA A 583 -78.08 35.35 -47.82
CA ALA A 583 -79.26 36.12 -47.46
C ALA A 583 -80.18 35.15 -46.73
N ARG A 584 -81.18 35.57 -45.95
CA ARG A 584 -81.91 34.59 -45.13
C ARG A 584 -83.27 34.14 -45.63
N ASP A 585 -83.37 32.81 -45.46
CA ASP A 585 -84.30 31.90 -46.11
C ASP A 585 -84.63 32.10 -47.57
N ASP A 586 -83.53 32.35 -48.30
CA ASP A 586 -83.57 32.57 -49.73
C ASP A 586 -82.36 31.81 -50.30
N ARG A 587 -82.10 31.87 -51.62
CA ARG A 587 -81.02 31.11 -52.25
C ARG A 587 -79.85 32.05 -52.56
N TYR A 588 -78.76 31.56 -53.16
CA TYR A 588 -77.74 32.44 -53.69
C TYR A 588 -78.29 33.06 -54.98
N PRO A 589 -78.63 34.37 -55.01
CA PRO A 589 -79.42 35.05 -56.04
C PRO A 589 -79.06 34.95 -57.53
N ASP A 590 -77.88 34.38 -57.76
CA ASP A 590 -77.22 34.35 -59.04
C ASP A 590 -77.12 32.88 -59.40
N LYS A 591 -77.59 32.64 -60.61
CA LYS A 591 -77.51 31.36 -61.29
C LYS A 591 -76.15 30.69 -61.26
N LYS A 592 -75.13 31.46 -61.62
CA LYS A 592 -73.83 30.86 -61.89
C LYS A 592 -73.06 30.47 -60.63
N ALA A 593 -72.17 29.50 -60.84
CA ALA A 593 -71.31 29.03 -59.77
C ALA A 593 -70.52 30.18 -59.20
N MET A 594 -70.48 30.19 -57.88
CA MET A 594 -69.71 31.18 -57.14
C MET A 594 -68.25 31.03 -57.54
N GLY A 595 -67.75 32.07 -58.21
CA GLY A 595 -66.43 32.05 -58.80
C GLY A 595 -66.44 32.65 -60.20
N PHE A 596 -67.56 32.41 -60.89
CA PHE A 596 -67.85 32.86 -62.26
C PHE A 596 -67.50 34.31 -62.63
N PRO A 597 -66.66 34.50 -63.67
CA PRO A 597 -66.17 33.48 -64.61
C PRO A 597 -65.22 32.38 -64.14
N PHE A 598 -64.48 32.65 -63.06
CA PHE A 598 -63.19 32.02 -62.79
C PHE A 598 -63.19 30.70 -62.01
N ASP A 599 -64.29 29.96 -62.21
CA ASP A 599 -64.47 28.63 -61.62
C ASP A 599 -63.73 27.54 -62.40
N ARG A 600 -63.81 27.64 -63.72
CA ARG A 600 -63.21 26.65 -64.59
C ARG A 600 -61.87 26.90 -65.25
N LYS A 601 -61.45 25.94 -66.09
CA LYS A 601 -60.18 26.00 -66.78
C LYS A 601 -60.10 27.15 -67.78
N ILE A 602 -58.95 27.82 -67.81
CA ILE A 602 -58.69 28.80 -68.85
C ILE A 602 -57.46 28.26 -69.58
N GLU A 603 -57.66 28.02 -70.88
CA GLU A 603 -56.63 27.57 -71.82
C GLU A 603 -55.76 28.71 -72.36
N ALA A 604 -56.21 29.94 -72.06
CA ALA A 604 -55.60 31.18 -72.51
C ALA A 604 -54.49 31.66 -71.58
N ARG A 605 -53.48 32.33 -72.12
CA ARG A 605 -52.28 32.63 -71.36
C ARG A 605 -52.30 34.05 -70.78
N THR A 606 -53.19 34.94 -71.22
CA THR A 606 -53.43 36.18 -70.49
C THR A 606 -54.91 36.40 -70.20
N ALA A 607 -55.12 36.99 -69.03
CA ALA A 607 -56.40 37.61 -68.70
C ALA A 607 -56.94 38.58 -69.76
N ALA A 608 -56.06 39.12 -70.61
CA ALA A 608 -56.48 39.87 -71.78
C ALA A 608 -57.10 38.99 -72.86
N GLU A 609 -56.63 37.77 -73.13
CA GLU A 609 -57.21 36.89 -74.15
C GLU A 609 -58.64 36.50 -73.81
N PHE A 610 -58.85 36.35 -72.49
CA PHE A 610 -60.13 36.01 -71.91
C PHE A 610 -61.16 37.15 -71.99
N LEU A 611 -60.75 38.35 -72.43
CA LEU A 611 -61.66 39.49 -72.52
C LEU A 611 -62.77 39.29 -73.56
N THR A 612 -64.00 39.21 -73.06
CA THR A 612 -65.17 39.52 -73.88
C THR A 612 -65.49 41.02 -73.76
N PRO A 613 -66.24 41.68 -74.66
CA PRO A 613 -66.64 43.10 -74.55
C PRO A 613 -67.53 43.49 -73.36
N ASN A 614 -67.90 42.45 -72.58
CA ASN A 614 -68.55 42.61 -71.30
C ASN A 614 -67.66 42.16 -70.13
N MET A 615 -66.34 42.24 -70.31
CA MET A 615 -65.35 42.02 -69.27
C MET A 615 -64.35 43.16 -69.26
N GLY A 616 -63.62 43.41 -68.17
CA GLY A 616 -62.71 44.53 -68.16
C GLY A 616 -61.78 44.50 -66.96
N LEU A 617 -60.48 44.52 -67.27
CA LEU A 617 -59.43 44.58 -66.28
C LEU A 617 -59.10 46.06 -66.09
N THR A 618 -59.03 46.56 -64.87
CA THR A 618 -58.61 47.92 -64.61
C THR A 618 -57.46 47.80 -63.62
N ASP A 619 -56.22 47.98 -64.07
CA ASP A 619 -55.05 47.70 -63.27
C ASP A 619 -54.88 48.78 -62.20
N ILE A 620 -54.90 48.30 -60.96
CA ILE A 620 -54.91 49.20 -59.83
C ILE A 620 -53.77 48.88 -58.86
N LYS A 621 -53.44 49.96 -58.16
CA LYS A 621 -52.45 49.95 -57.11
C LYS A 621 -53.14 49.92 -55.76
N ILE A 622 -52.42 49.35 -54.79
CA ILE A 622 -52.76 49.42 -53.37
C ILE A 622 -51.48 49.88 -52.68
N LYS A 623 -51.55 50.84 -51.76
CA LYS A 623 -50.35 51.21 -51.03
C LYS A 623 -50.61 51.26 -49.54
N PHE A 624 -49.77 50.59 -48.76
CA PHE A 624 -49.89 50.65 -47.32
C PHE A 624 -49.38 51.97 -46.77
N HIS A 625 -50.27 52.74 -46.17
CA HIS A 625 -49.83 53.88 -45.38
C HIS A 625 -49.13 53.38 -44.12
N GLY A 626 -47.80 53.47 -44.18
CA GLY A 626 -46.95 53.28 -43.02
C GLY A 626 -47.24 54.30 -41.92
N THR B 1 -30.46 45.15 14.17
CA THR B 1 -30.17 43.95 14.93
C THR B 1 -30.75 42.82 14.10
N VAL B 2 -30.39 41.59 14.46
CA VAL B 2 -30.78 40.42 13.69
C VAL B 2 -32.28 40.19 13.73
N ALA B 3 -33.03 40.67 14.74
CA ALA B 3 -34.48 40.68 14.65
C ALA B 3 -34.93 41.56 13.48
N ASP B 4 -34.68 42.88 13.51
CA ASP B 4 -35.10 43.78 12.43
C ASP B 4 -34.49 43.46 11.07
N LYS B 5 -33.33 42.79 11.08
CA LYS B 5 -32.77 42.15 9.91
C LYS B 5 -33.79 41.26 9.22
N GLN B 6 -34.29 40.27 9.97
CA GLN B 6 -35.43 39.47 9.55
C GLN B 6 -36.64 40.33 9.18
N ALA B 7 -36.99 41.29 10.05
CA ALA B 7 -38.14 42.16 9.86
C ALA B 7 -38.06 43.15 8.71
N ARG B 8 -36.97 43.20 7.96
CA ARG B 8 -36.96 43.92 6.70
C ARG B 8 -37.10 43.02 5.47
N LEU B 9 -36.30 41.95 5.38
CA LEU B 9 -36.29 41.12 4.17
C LEU B 9 -37.62 40.44 3.92
N MET B 10 -38.08 39.67 4.92
CA MET B 10 -39.31 38.90 4.78
C MET B 10 -40.52 39.80 4.58
N PRO B 11 -40.72 40.96 5.23
CA PRO B 11 -41.69 41.97 4.80
C PRO B 11 -41.64 42.36 3.33
N LEU B 12 -40.45 42.48 2.73
CA LEU B 12 -40.36 42.70 1.28
C LEU B 12 -40.84 41.47 0.50
N PHE B 13 -40.53 40.27 1.01
CA PHE B 13 -41.02 39.02 0.45
C PHE B 13 -42.47 38.69 0.83
N LYS B 14 -43.13 39.53 1.63
CA LYS B 14 -44.57 39.46 1.72
C LYS B 14 -45.26 40.07 0.50
N HIS B 15 -45.42 39.18 -0.50
CA HIS B 15 -45.92 39.42 -1.87
C HIS B 15 -44.83 39.96 -2.79
N LEU B 16 -43.76 39.16 -2.91
CA LEU B 16 -42.52 39.56 -3.58
C LEU B 16 -42.56 40.14 -4.99
N THR B 17 -42.84 39.35 -6.03
CA THR B 17 -42.63 39.66 -7.45
C THR B 17 -42.85 41.11 -7.91
N ALA B 18 -43.98 41.69 -7.51
CA ALA B 18 -44.37 43.05 -7.88
C ALA B 18 -43.44 44.21 -7.52
N LEU B 19 -42.46 43.94 -6.65
CA LEU B 19 -41.38 44.82 -6.30
C LEU B 19 -40.52 45.03 -7.54
N THR B 20 -40.49 44.04 -8.48
CA THR B 20 -39.70 43.98 -9.70
C THR B 20 -39.92 45.23 -10.52
N ARG B 21 -41.15 45.80 -10.58
CA ARG B 21 -41.25 46.98 -11.40
C ARG B 21 -41.37 48.21 -10.53
N GLU B 22 -40.38 49.14 -10.68
CA GLU B 22 -40.37 50.37 -9.92
C GLU B 22 -39.63 51.45 -10.65
N LYS B 23 -39.59 52.61 -9.96
CA LYS B 23 -39.04 53.88 -10.36
C LYS B 23 -37.56 53.86 -10.12
N LEU B 24 -36.77 54.26 -11.13
CA LEU B 24 -35.35 54.42 -11.07
C LEU B 24 -35.10 55.04 -12.43
N PRO B 25 -35.18 56.34 -12.57
CA PRO B 25 -35.26 57.03 -13.86
C PRO B 25 -34.07 56.76 -14.78
N LEU B 26 -32.89 56.72 -14.15
CA LEU B 26 -31.62 56.53 -14.83
C LEU B 26 -30.75 55.64 -13.97
N ASP B 27 -30.31 54.57 -14.63
CA ASP B 27 -29.41 53.53 -14.13
C ASP B 27 -28.16 54.07 -13.43
N GLN B 28 -27.69 55.20 -13.96
CA GLN B 28 -26.41 55.82 -13.63
C GLN B 28 -26.05 55.90 -12.16
N ARG B 29 -27.10 56.06 -11.33
CA ARG B 29 -27.00 55.90 -9.89
C ARG B 29 -26.06 54.81 -9.41
N ASP B 30 -26.14 53.63 -10.02
CA ASP B 30 -25.32 52.50 -9.63
C ASP B 30 -24.35 52.20 -10.76
N GLU B 31 -23.39 53.11 -10.90
CA GLU B 31 -22.18 52.94 -11.70
C GLU B 31 -21.64 51.51 -11.65
N ARG B 32 -21.73 50.94 -10.43
CA ARG B 32 -21.64 49.50 -10.22
C ARG B 32 -22.36 48.61 -11.22
N LEU B 33 -23.70 48.69 -11.36
CA LEU B 33 -24.46 47.80 -12.24
C LEU B 33 -24.64 48.23 -13.70
N LYS B 34 -23.82 49.21 -14.13
CA LYS B 34 -23.67 49.67 -15.50
C LYS B 34 -24.25 48.93 -16.72
N GLY B 35 -23.80 47.69 -16.94
CA GLY B 35 -23.97 47.05 -18.22
C GLY B 35 -25.06 46.00 -18.22
N VAL B 36 -25.84 45.91 -17.15
CA VAL B 36 -26.86 44.88 -17.07
C VAL B 36 -28.18 45.53 -17.51
N GLY B 37 -29.24 44.72 -17.67
CA GLY B 37 -30.56 45.26 -18.02
C GLY B 37 -31.16 44.67 -19.28
N ILE B 38 -30.40 43.83 -20.00
CA ILE B 38 -30.84 43.26 -21.28
C ILE B 38 -31.79 42.06 -21.21
N LEU B 39 -32.27 41.75 -20.01
CA LEU B 39 -33.37 40.83 -19.78
C LEU B 39 -34.40 41.66 -19.01
N PRO B 40 -35.32 42.37 -19.68
CA PRO B 40 -36.31 43.25 -19.06
C PRO B 40 -37.51 42.53 -18.45
N ARG B 41 -37.63 42.58 -17.12
CA ARG B 41 -38.66 41.91 -16.32
C ARG B 41 -39.12 40.50 -16.74
N GLY B 42 -40.40 40.13 -16.83
CA GLY B 42 -40.80 38.78 -17.23
C GLY B 42 -40.62 38.43 -18.70
N THR B 43 -39.44 38.66 -19.28
CA THR B 43 -39.01 38.00 -20.49
C THR B 43 -38.25 36.81 -19.93
N LEU B 44 -38.90 35.65 -19.94
CA LEU B 44 -38.78 34.77 -18.79
C LEU B 44 -37.43 34.15 -18.51
N PHE B 45 -35.73 34.00 -18.43
CA PHE B 45 -34.44 33.57 -17.91
C PHE B 45 -34.18 32.07 -18.06
N SER B 46 -33.24 31.65 -18.91
CA SER B 46 -32.83 30.25 -18.91
C SER B 46 -31.61 30.27 -18.02
N CYS B 47 -31.66 29.55 -16.88
CA CYS B 47 -30.53 29.58 -15.95
C CYS B 47 -29.28 29.04 -16.63
N PHE B 48 -29.43 28.24 -17.68
CA PHE B 48 -28.25 27.71 -18.34
C PHE B 48 -27.84 28.39 -19.66
N HIS B 49 -28.60 29.37 -20.16
CA HIS B 49 -28.14 30.16 -21.30
C HIS B 49 -26.95 31.07 -20.97
N ALA B 50 -25.78 30.83 -21.58
CA ALA B 50 -24.47 31.32 -21.14
C ALA B 50 -24.34 32.77 -20.72
N ARG B 51 -24.98 33.65 -21.51
CA ARG B 51 -24.90 35.08 -21.26
C ARG B 51 -25.48 35.47 -19.91
N HIS B 52 -26.52 34.80 -19.43
CA HIS B 52 -27.20 35.22 -18.20
C HIS B 52 -26.50 34.95 -16.89
N LEU B 53 -25.64 33.92 -16.90
CA LEU B 53 -24.68 33.68 -15.83
C LEU B 53 -23.55 34.69 -15.83
N ALA B 54 -23.02 35.01 -17.04
CA ALA B 54 -22.07 36.09 -17.20
C ALA B 54 -22.63 37.43 -16.72
N GLU B 55 -23.83 37.78 -17.18
CA GLU B 55 -24.57 38.95 -16.71
C GLU B 55 -24.69 38.89 -15.19
N ALA B 56 -25.11 37.73 -14.68
CA ALA B 56 -25.18 37.53 -13.25
C ALA B 56 -23.84 37.62 -12.55
N THR B 57 -22.69 37.35 -13.19
CA THR B 57 -21.41 37.43 -12.51
C THR B 57 -20.93 38.86 -12.36
N GLU B 58 -21.40 39.76 -13.25
CA GLU B 58 -21.44 41.21 -12.98
C GLU B 58 -22.17 41.48 -11.66
N LEU B 59 -23.37 40.89 -11.53
CA LEU B 59 -24.14 41.02 -10.31
C LEU B 59 -23.52 40.35 -9.11
N TYR B 60 -22.84 39.20 -9.26
CA TYR B 60 -22.18 38.59 -8.13
C TYR B 60 -21.04 39.50 -7.68
N VAL B 61 -20.20 40.03 -8.58
CA VAL B 61 -19.12 40.88 -8.09
C VAL B 61 -19.55 42.22 -7.50
N ALA B 62 -20.59 42.81 -8.09
CA ALA B 62 -21.27 43.92 -7.47
C ALA B 62 -21.84 43.54 -6.11
N LEU B 63 -22.74 42.55 -6.02
CA LEU B 63 -23.47 42.32 -4.76
C LEU B 63 -22.57 41.98 -3.58
N TYR B 64 -21.48 41.25 -3.83
CA TYR B 64 -20.50 41.03 -2.78
C TYR B 64 -19.78 42.24 -2.19
N GLY B 65 -19.53 43.27 -3.01
CA GLY B 65 -18.78 44.44 -2.58
C GLY B 65 -19.60 45.41 -1.74
N ALA B 66 -20.00 44.96 -0.55
CA ALA B 66 -20.84 45.80 0.29
C ALA B 66 -20.08 46.73 1.22
N LYS B 67 -20.82 47.48 2.05
CA LYS B 67 -20.23 48.09 3.22
C LYS B 67 -20.58 47.27 4.46
N ASP B 68 -21.81 47.36 4.96
CA ASP B 68 -22.17 46.74 6.22
C ASP B 68 -23.58 46.18 6.08
N PHE B 69 -24.15 45.72 7.20
CA PHE B 69 -25.49 45.18 7.22
C PHE B 69 -26.56 46.15 6.69
N ASN B 70 -26.36 47.46 6.86
CA ASN B 70 -27.25 48.46 6.29
C ASN B 70 -27.06 48.67 4.81
N ASP B 71 -25.86 49.02 4.34
CA ASP B 71 -25.67 49.27 2.92
C ASP B 71 -26.06 48.08 2.05
N PHE B 72 -25.85 46.88 2.57
CA PHE B 72 -26.35 45.65 1.95
C PHE B 72 -27.84 45.71 1.62
N ILE B 73 -28.62 46.12 2.63
CA ILE B 73 -30.07 46.22 2.50
C ILE B 73 -30.42 47.29 1.50
N HIS B 74 -29.74 48.44 1.51
CA HIS B 74 -30.09 49.48 0.54
C HIS B 74 -29.93 49.03 -0.90
N LEU B 75 -28.76 48.42 -1.21
CA LEU B 75 -28.53 47.86 -2.53
C LEU B 75 -29.69 46.93 -2.94
N CYS B 76 -30.08 46.09 -1.97
CA CYS B 76 -31.18 45.16 -2.15
C CYS B 76 -32.55 45.82 -2.29
N GLU B 77 -32.79 47.00 -1.70
CA GLU B 77 -34.01 47.73 -2.02
C GLU B 77 -33.97 48.15 -3.49
N GLN B 78 -32.85 48.77 -3.84
CA GLN B 78 -32.72 49.48 -5.09
C GLN B 78 -32.59 48.62 -6.33
N ALA B 79 -31.55 47.78 -6.50
CA ALA B 79 -31.37 47.02 -7.73
C ALA B 79 -32.58 46.17 -8.11
N ARG B 80 -33.30 45.74 -7.07
CA ARG B 80 -34.54 45.00 -7.24
C ARG B 80 -35.59 45.73 -8.07
N GLN B 81 -35.63 47.07 -8.06
CA GLN B 81 -36.68 47.81 -8.78
C GLN B 81 -36.78 47.57 -10.29
N ILE B 82 -35.74 47.00 -10.90
CA ILE B 82 -35.76 46.71 -12.32
C ILE B 82 -35.54 45.22 -12.67
N VAL B 83 -34.84 44.45 -11.85
CA VAL B 83 -34.29 43.19 -12.32
C VAL B 83 -35.24 41.99 -12.32
N ASN B 84 -34.83 40.95 -13.05
CA ASN B 84 -35.52 39.66 -13.00
C ASN B 84 -35.41 39.07 -11.61
N GLU B 85 -36.45 39.33 -10.82
CA GLU B 85 -36.53 39.00 -9.42
C GLU B 85 -36.04 37.59 -9.08
N GLY B 86 -36.25 36.60 -9.97
CA GLY B 86 -35.71 35.25 -9.75
C GLY B 86 -34.20 35.22 -9.52
N MET B 87 -33.50 36.04 -10.30
CA MET B 87 -32.06 36.19 -10.25
C MET B 87 -31.70 36.97 -8.99
N PHE B 88 -32.45 38.04 -8.73
CA PHE B 88 -32.28 38.85 -7.54
C PHE B 88 -32.41 38.04 -6.27
N VAL B 89 -33.45 37.24 -6.03
CA VAL B 89 -33.52 36.33 -4.90
C VAL B 89 -32.40 35.30 -4.88
N TYR B 90 -31.97 34.81 -6.04
CA TYR B 90 -30.84 33.88 -6.13
C TYR B 90 -29.55 34.55 -5.63
N ALA B 91 -29.41 35.84 -5.94
CA ALA B 91 -28.26 36.63 -5.53
C ALA B 91 -28.32 37.00 -4.07
N VAL B 92 -29.46 37.48 -3.58
CA VAL B 92 -29.59 37.81 -2.17
C VAL B 92 -29.53 36.55 -1.32
N SER B 93 -29.97 35.38 -1.78
CA SER B 93 -29.81 34.15 -1.01
C SER B 93 -28.38 33.64 -1.11
N VAL B 94 -27.58 33.78 -2.18
CA VAL B 94 -26.16 33.43 -2.08
C VAL B 94 -25.45 34.40 -1.15
N ALA B 95 -25.85 35.67 -1.14
CA ALA B 95 -25.37 36.62 -0.16
C ALA B 95 -25.77 36.37 1.28
N VAL B 96 -27.07 36.24 1.59
CA VAL B 96 -27.56 36.23 2.96
C VAL B 96 -27.56 34.84 3.58
N LEU B 97 -26.84 33.97 2.86
CA LEU B 97 -26.14 32.84 3.43
C LEU B 97 -24.69 33.11 3.85
N HIS B 98 -23.91 33.90 3.10
CA HIS B 98 -22.45 33.85 3.23
C HIS B 98 -21.64 35.11 3.47
N ARG B 99 -22.19 36.33 3.61
CA ARG B 99 -21.34 37.49 3.86
C ARG B 99 -21.50 38.03 5.28
N GLU B 100 -20.36 38.04 5.98
CA GLU B 100 -20.28 37.59 7.37
C GLU B 100 -20.98 38.41 8.47
N ASP B 101 -21.77 39.42 8.13
CA ASP B 101 -22.54 40.24 9.07
C ASP B 101 -24.01 39.83 9.36
N CYS B 102 -24.42 38.59 9.07
CA CYS B 102 -25.84 38.30 8.92
C CYS B 102 -26.46 37.10 9.64
N LYS B 103 -25.81 36.36 10.53
CA LYS B 103 -26.28 35.04 11.00
C LYS B 103 -27.55 35.02 11.85
N GLY B 104 -28.28 33.90 11.75
CA GLY B 104 -29.65 33.86 12.25
C GLY B 104 -30.57 34.65 11.35
N ILE B 105 -30.16 35.04 10.14
CA ILE B 105 -31.10 35.53 9.15
C ILE B 105 -31.60 34.26 8.47
N THR B 106 -32.87 34.23 8.05
CA THR B 106 -33.37 33.06 7.37
C THR B 106 -33.79 33.51 6.00
N VAL B 107 -33.52 32.65 5.02
CA VAL B 107 -33.93 32.89 3.66
C VAL B 107 -35.43 32.62 3.58
N PRO B 108 -36.25 33.54 3.04
CA PRO B 108 -37.68 33.31 2.80
C PRO B 108 -37.94 32.02 2.03
N PRO B 109 -38.76 31.09 2.57
CA PRO B 109 -38.95 29.76 2.02
C PRO B 109 -39.51 29.72 0.60
N ILE B 110 -38.71 29.20 -0.33
CA ILE B 110 -39.06 29.14 -1.75
C ILE B 110 -40.37 28.46 -2.11
N GLN B 111 -40.81 27.53 -1.27
CA GLN B 111 -42.00 26.74 -1.54
C GLN B 111 -43.20 27.64 -1.31
N GLU B 112 -43.00 28.52 -0.33
CA GLU B 112 -44.01 29.44 0.14
C GLU B 112 -43.95 30.81 -0.53
N VAL B 113 -42.79 31.32 -0.96
CA VAL B 113 -42.76 32.49 -1.85
C VAL B 113 -43.02 32.21 -3.33
N PHE B 114 -42.65 31.01 -3.81
CA PHE B 114 -43.00 30.60 -5.16
C PHE B 114 -43.61 29.20 -5.14
N PRO B 115 -44.89 29.04 -4.76
CA PRO B 115 -45.58 27.74 -4.74
C PRO B 115 -45.84 27.11 -6.10
N ASP B 116 -45.81 27.95 -7.15
CA ASP B 116 -46.19 27.62 -8.50
C ASP B 116 -45.35 26.49 -9.05
N ARG B 117 -44.04 26.54 -8.78
CA ARG B 117 -43.17 25.46 -9.19
C ARG B 117 -43.26 24.13 -8.42
N PHE B 118 -44.16 24.08 -7.42
CA PHE B 118 -44.32 22.90 -6.57
C PHE B 118 -45.65 22.19 -6.76
N VAL B 119 -46.75 22.94 -6.94
CA VAL B 119 -48.10 22.38 -6.99
C VAL B 119 -48.79 22.42 -8.36
N PRO B 120 -49.92 21.72 -8.56
CA PRO B 120 -50.78 21.89 -9.73
C PRO B 120 -51.40 23.26 -9.96
N ALA B 121 -51.16 23.75 -11.17
CA ALA B 121 -51.78 24.93 -11.75
C ALA B 121 -53.25 25.13 -11.40
N GLU B 122 -53.97 23.99 -11.46
CA GLU B 122 -55.37 23.89 -11.01
C GLU B 122 -55.58 24.28 -9.54
N THR B 123 -54.82 23.75 -8.57
CA THR B 123 -55.03 24.12 -7.17
C THR B 123 -54.51 25.51 -6.83
N ILE B 124 -53.71 26.13 -7.70
CA ILE B 124 -53.38 27.55 -7.54
C ILE B 124 -54.63 28.33 -7.94
N ASN B 125 -55.07 27.99 -9.17
CA ASN B 125 -56.24 28.57 -9.82
C ASN B 125 -57.49 28.43 -8.97
N ARG B 126 -57.66 27.31 -8.27
CA ARG B 126 -58.82 27.04 -7.42
C ARG B 126 -58.85 27.88 -6.15
N ALA B 127 -57.75 27.89 -5.38
CA ALA B 127 -57.66 28.71 -4.17
C ALA B 127 -57.89 30.19 -4.47
N ASN B 128 -57.17 30.65 -5.51
CA ASN B 128 -57.41 31.94 -6.15
C ASN B 128 -58.89 32.16 -6.45
N LYS B 129 -59.49 31.25 -7.23
CA LYS B 129 -60.87 31.39 -7.62
C LYS B 129 -61.81 31.32 -6.43
N GLU B 130 -61.50 30.61 -5.34
CA GLU B 130 -62.37 30.56 -4.18
C GLU B 130 -62.37 31.89 -3.41
N ALA B 131 -61.23 32.60 -3.35
CA ALA B 131 -61.19 33.98 -2.88
C ALA B 131 -62.00 34.93 -3.76
N SER B 132 -62.04 34.71 -5.08
CA SER B 132 -63.01 35.42 -5.91
C SER B 132 -64.44 34.89 -5.75
N ASN B 133 -64.62 33.64 -5.31
CA ASN B 133 -65.96 33.09 -5.15
C ASN B 133 -66.68 33.47 -3.86
N HIS B 134 -65.92 33.68 -2.79
CA HIS B 134 -66.49 34.10 -1.52
C HIS B 134 -65.59 35.22 -1.01
N PRO B 135 -65.79 36.51 -1.26
CA PRO B 135 -64.95 37.58 -0.69
C PRO B 135 -65.13 37.73 0.82
N ASP B 136 -64.44 36.85 1.54
CA ASP B 136 -64.52 36.78 2.98
C ASP B 136 -63.14 36.46 3.53
N GLN B 137 -62.98 36.63 4.84
CA GLN B 137 -61.72 36.38 5.53
C GLN B 137 -61.49 34.89 5.82
N GLN B 138 -62.47 34.00 5.58
CA GLN B 138 -62.28 32.56 5.65
C GLN B 138 -61.17 31.98 4.80
N SER B 139 -60.40 31.10 5.45
CA SER B 139 -59.35 30.33 4.81
C SER B 139 -59.94 29.40 3.75
N ILE B 140 -59.12 28.97 2.80
CA ILE B 140 -59.53 28.06 1.76
C ILE B 140 -58.52 26.92 1.82
N VAL B 141 -58.98 25.69 1.66
CA VAL B 141 -58.09 24.54 1.63
C VAL B 141 -58.52 23.75 0.41
N VAL B 142 -57.57 23.38 -0.45
CA VAL B 142 -57.89 22.70 -1.70
C VAL B 142 -57.10 21.40 -1.68
N GLU B 143 -57.73 20.31 -2.07
CA GLU B 143 -57.07 19.02 -2.15
C GLU B 143 -56.36 18.86 -3.50
N ALA B 144 -55.04 18.89 -3.39
CA ALA B 144 -54.15 18.86 -4.55
C ALA B 144 -54.29 17.63 -5.42
N GLU B 145 -54.71 16.52 -4.79
CA GLU B 145 -54.80 15.19 -5.39
C GLU B 145 -55.21 15.07 -6.86
N GLU B 146 -56.22 15.82 -7.31
CA GLU B 146 -56.80 15.73 -8.65
C GLU B 146 -57.48 14.39 -8.98
N THR B 147 -58.01 14.21 -10.20
CA THR B 147 -58.69 13.00 -10.63
C THR B 147 -58.51 12.95 -12.14
N GLY B 148 -58.01 11.81 -12.62
CA GLY B 148 -57.71 11.63 -14.03
C GLY B 148 -57.34 10.17 -14.32
N ASN B 149 -57.50 9.77 -15.59
CA ASN B 149 -57.21 8.41 -16.03
C ASN B 149 -55.72 8.10 -16.11
N ILE B 150 -55.24 7.37 -15.09
CA ILE B 150 -53.84 6.99 -15.00
C ILE B 150 -53.46 5.93 -16.04
N LEU B 151 -53.08 6.38 -17.25
CA LEU B 151 -52.49 5.48 -18.23
C LEU B 151 -51.04 5.14 -17.92
N ASP B 152 -50.32 6.14 -17.39
CA ASP B 152 -48.88 6.12 -17.22
C ASP B 152 -48.40 5.39 -15.96
N PRO B 153 -47.43 4.47 -16.05
CA PRO B 153 -46.76 3.89 -14.90
C PRO B 153 -46.02 4.93 -14.05
N GLU B 154 -45.35 5.91 -14.65
CA GLU B 154 -44.39 6.75 -13.95
C GLU B 154 -45.02 7.68 -12.91
N TYR B 155 -46.27 8.11 -13.14
CA TYR B 155 -47.06 8.92 -12.20
C TYR B 155 -47.08 8.39 -10.77
N LYS B 156 -46.91 7.07 -10.60
CA LYS B 156 -46.67 6.46 -9.29
C LYS B 156 -45.56 7.20 -8.54
N LEU B 157 -44.37 7.32 -9.15
CA LEU B 157 -43.18 7.85 -8.45
C LEU B 157 -43.21 9.33 -8.11
N SER B 158 -44.33 9.95 -8.47
CA SER B 158 -44.65 11.32 -8.17
C SER B 158 -44.97 11.56 -6.71
N TYR B 159 -44.96 10.52 -5.85
CA TYR B 159 -44.84 10.72 -4.41
C TYR B 159 -43.52 11.38 -4.01
N PHE B 160 -42.45 10.94 -4.68
CA PHE B 160 -41.07 11.24 -4.33
C PHE B 160 -40.57 12.45 -5.07
N ARG B 161 -40.62 12.39 -6.41
CA ARG B 161 -39.99 13.35 -7.30
C ARG B 161 -40.45 14.79 -7.10
N GLU B 162 -41.76 14.88 -6.90
CA GLU B 162 -42.49 16.14 -6.95
C GLU B 162 -42.70 16.78 -5.59
N ASP B 163 -42.01 16.23 -4.59
CA ASP B 163 -42.25 16.56 -3.19
C ASP B 163 -41.65 17.91 -2.80
N ILE B 164 -42.28 18.53 -1.80
CA ILE B 164 -41.98 19.90 -1.41
C ILE B 164 -40.53 20.09 -0.94
N GLY B 165 -40.20 19.18 -0.01
CA GLY B 165 -38.92 19.18 0.68
C GLY B 165 -37.81 18.68 -0.23
N ILE B 166 -38.17 17.69 -1.05
CA ILE B 166 -37.31 17.25 -2.15
C ILE B 166 -36.89 18.47 -2.95
N ASN B 167 -37.84 19.18 -3.58
CA ASN B 167 -37.49 20.22 -4.53
C ASN B 167 -36.85 21.49 -3.96
N ALA B 168 -37.26 21.79 -2.73
CA ALA B 168 -36.64 22.83 -1.92
C ALA B 168 -35.18 22.50 -1.62
N HIS B 169 -34.87 21.28 -1.11
CA HIS B 169 -33.50 20.85 -0.83
C HIS B 169 -32.60 21.12 -2.03
N HIS B 170 -33.17 20.78 -3.17
CA HIS B 170 -32.47 20.90 -4.43
C HIS B 170 -32.04 22.33 -4.72
N TRP B 171 -32.93 23.33 -4.65
CA TRP B 171 -32.50 24.73 -4.75
C TRP B 171 -31.47 25.06 -3.67
N HIS B 172 -31.85 24.83 -2.41
CA HIS B 172 -30.97 25.05 -1.26
C HIS B 172 -29.56 24.50 -1.30
N TRP B 173 -29.32 23.33 -1.88
CA TRP B 173 -27.98 22.78 -2.01
C TRP B 173 -27.11 23.68 -2.88
N HIS B 174 -27.65 24.16 -4.01
CA HIS B 174 -26.93 25.05 -4.89
C HIS B 174 -27.10 26.53 -4.58
N ILE B 175 -27.95 26.86 -3.60
CA ILE B 175 -27.83 28.18 -3.02
C ILE B 175 -26.69 28.18 -2.00
N VAL B 176 -26.46 27.08 -1.28
CA VAL B 176 -25.30 26.97 -0.41
C VAL B 176 -24.00 26.72 -1.17
N TYR B 177 -24.02 26.02 -2.32
CA TYR B 177 -22.89 25.91 -3.24
C TYR B 177 -23.17 26.45 -4.65
N PRO B 178 -23.08 27.76 -4.94
CA PRO B 178 -23.23 28.30 -6.30
C PRO B 178 -22.04 28.04 -7.21
N ALA B 179 -22.35 27.67 -8.47
CA ALA B 179 -21.32 27.40 -9.48
C ALA B 179 -20.38 28.57 -9.70
N THR B 180 -20.95 29.77 -9.64
CA THR B 180 -20.23 31.02 -9.68
C THR B 180 -19.62 31.47 -8.36
N TRP B 181 -19.54 30.65 -7.31
CA TRP B 181 -18.71 30.99 -6.16
C TRP B 181 -17.25 31.08 -6.57
N ASN B 182 -16.84 32.29 -6.94
CA ASN B 182 -15.43 32.65 -6.90
C ASN B 182 -14.93 32.66 -5.45
N PRO B 183 -13.88 31.93 -5.06
CA PRO B 183 -13.28 32.01 -3.73
C PRO B 183 -12.57 33.31 -3.39
N THR B 184 -11.75 33.85 -4.30
CA THR B 184 -10.80 34.92 -3.98
C THR B 184 -11.51 36.24 -3.73
N VAL B 185 -12.33 36.65 -4.70
CA VAL B 185 -13.10 37.90 -4.61
C VAL B 185 -14.15 37.83 -3.51
N MET B 186 -14.53 36.61 -3.11
CA MET B 186 -15.37 36.40 -1.94
C MET B 186 -14.63 35.85 -0.71
N GLY B 187 -13.31 36.02 -0.66
CA GLY B 187 -12.52 35.88 0.57
C GLY B 187 -12.17 34.46 1.01
N LYS B 188 -13.08 33.50 0.83
CA LYS B 188 -12.95 32.13 1.32
C LYS B 188 -13.64 31.12 0.38
N GLU B 189 -13.31 29.85 0.62
CA GLU B 189 -13.71 28.77 -0.28
C GLU B 189 -14.81 27.86 0.24
N LYS B 190 -15.16 26.88 -0.59
CA LYS B 190 -16.30 26.03 -0.33
C LYS B 190 -15.92 24.57 -0.38
N ASP B 191 -15.80 24.06 0.85
CA ASP B 191 -15.33 22.72 1.09
C ASP B 191 -16.03 21.59 0.36
N ARG B 192 -15.13 21.03 -0.45
CA ARG B 192 -15.35 19.84 -1.24
C ARG B 192 -16.47 19.85 -2.26
N LYS B 193 -16.74 21.03 -2.83
CA LYS B 193 -17.97 21.25 -3.58
C LYS B 193 -18.16 20.35 -4.78
N GLY B 194 -17.11 19.96 -5.51
CA GLY B 194 -17.23 19.11 -6.67
C GLY B 194 -17.62 17.69 -6.27
N GLU B 195 -16.82 17.10 -5.38
CA GLU B 195 -17.11 15.75 -4.89
C GLU B 195 -18.48 15.66 -4.24
N LEU B 196 -18.76 16.64 -3.38
CA LEU B 196 -20.04 16.66 -2.68
C LEU B 196 -21.16 16.74 -3.71
N PHE B 197 -20.88 17.45 -4.81
CA PHE B 197 -21.75 17.55 -5.97
C PHE B 197 -21.94 16.25 -6.76
N PHE B 198 -20.94 15.38 -6.88
CA PHE B 198 -21.20 14.01 -7.34
C PHE B 198 -22.24 13.37 -6.41
N TYR B 199 -21.81 13.33 -5.16
CA TYR B 199 -22.39 12.48 -4.14
C TYR B 199 -23.87 12.77 -3.91
N MET B 200 -24.22 13.98 -3.46
CA MET B 200 -25.59 14.37 -3.19
C MET B 200 -26.51 13.99 -4.35
N HIS B 201 -25.97 14.08 -5.58
CA HIS B 201 -26.76 13.80 -6.76
C HIS B 201 -26.91 12.28 -6.98
N GLN B 202 -25.85 11.50 -6.74
CA GLN B 202 -25.94 10.04 -6.71
C GLN B 202 -26.91 9.63 -5.63
N GLN B 203 -26.75 10.07 -4.37
CA GLN B 203 -27.68 9.73 -3.30
C GLN B 203 -29.12 10.04 -3.64
N MET B 204 -29.43 11.21 -4.23
CA MET B 204 -30.78 11.42 -4.78
C MET B 204 -31.26 10.33 -5.74
N CYS B 205 -30.47 10.10 -6.78
CA CYS B 205 -30.82 9.12 -7.79
C CYS B 205 -30.72 7.67 -7.36
N ALA B 206 -30.07 7.38 -6.23
CA ALA B 206 -30.04 6.04 -5.64
C ALA B 206 -31.26 5.78 -4.78
N ARG B 207 -31.68 6.80 -4.04
CA ARG B 207 -32.98 6.77 -3.39
C ARG B 207 -34.11 6.55 -4.40
N TYR B 208 -34.08 7.35 -5.47
CA TYR B 208 -34.90 7.11 -6.65
C TYR B 208 -34.73 5.71 -7.22
N ASP B 209 -33.53 5.25 -7.56
CA ASP B 209 -33.37 3.89 -8.07
C ASP B 209 -33.93 2.77 -7.21
N SER B 210 -33.97 3.01 -5.91
CA SER B 210 -34.73 2.15 -5.03
C SER B 210 -36.23 2.32 -5.29
N GLU B 211 -36.74 3.56 -5.23
CA GLU B 211 -38.13 3.89 -5.49
C GLU B 211 -38.57 3.26 -6.82
N ARG B 212 -37.72 3.15 -7.85
CA ARG B 212 -38.09 2.38 -9.05
C ARG B 212 -38.32 0.89 -8.81
N LEU B 213 -37.36 0.22 -8.17
CA LEU B 213 -37.50 -1.18 -7.77
C LEU B 213 -38.56 -1.46 -6.72
N SER B 214 -38.92 -0.50 -5.88
CA SER B 214 -39.92 -0.71 -4.85
C SER B 214 -41.27 -1.01 -5.50
N ASN B 215 -41.50 -0.19 -6.52
CA ASN B 215 -42.62 -0.24 -7.44
C ASN B 215 -42.63 -1.46 -8.35
N GLY B 216 -41.51 -2.18 -8.43
CA GLY B 216 -41.40 -3.29 -9.37
C GLY B 216 -41.11 -2.78 -10.77
N LEU B 217 -40.32 -1.72 -10.84
CA LEU B 217 -39.74 -1.28 -12.09
C LEU B 217 -38.23 -1.47 -11.99
N GLN B 218 -37.52 -1.19 -13.09
CA GLN B 218 -36.07 -1.21 -13.13
C GLN B 218 -35.45 0.13 -12.72
N ARG B 219 -34.18 0.11 -12.27
CA ARG B 219 -33.36 1.30 -12.10
C ARG B 219 -33.38 2.20 -13.34
N MET B 220 -33.16 3.50 -13.14
CA MET B 220 -33.34 4.47 -14.21
C MET B 220 -32.17 4.45 -15.18
N ILE B 221 -32.52 4.32 -16.46
CA ILE B 221 -31.58 4.32 -17.57
C ILE B 221 -30.84 5.64 -17.87
N PRO B 222 -29.49 5.65 -17.90
CA PRO B 222 -28.66 6.82 -18.22
C PRO B 222 -28.66 7.41 -19.63
N PHE B 223 -28.46 8.73 -19.76
CA PHE B 223 -28.45 9.40 -21.05
C PHE B 223 -27.04 9.24 -21.60
N HIS B 224 -26.74 8.00 -21.98
CA HIS B 224 -25.43 7.67 -22.47
C HIS B 224 -25.25 8.12 -23.90
N ASN B 225 -26.29 8.13 -24.72
CA ASN B 225 -26.17 8.54 -26.11
C ASN B 225 -27.01 9.80 -26.21
N PHE B 226 -26.67 10.68 -27.16
CA PHE B 226 -27.36 11.94 -27.36
C PHE B 226 -28.49 11.85 -28.38
N ASP B 227 -28.36 10.90 -29.33
CA ASP B 227 -29.37 10.67 -30.36
C ASP B 227 -30.72 10.32 -29.74
N GLU B 228 -30.67 9.37 -28.79
CA GLU B 228 -31.83 8.74 -28.18
C GLU B 228 -32.85 9.69 -27.53
N PRO B 229 -34.13 9.64 -27.95
CA PRO B 229 -35.21 10.48 -27.46
C PRO B 229 -35.42 10.65 -25.97
N LEU B 230 -35.97 11.81 -25.60
CA LEU B 230 -36.34 12.10 -24.23
C LEU B 230 -37.82 11.84 -24.02
N GLU B 231 -38.10 11.32 -22.84
CA GLU B 231 -39.42 10.96 -22.35
C GLU B 231 -40.34 12.17 -22.27
N GLY B 232 -41.63 11.84 -22.29
CA GLY B 232 -42.68 12.83 -22.28
C GLY B 232 -43.17 13.09 -20.87
N TYR B 233 -43.47 14.35 -20.60
CA TYR B 233 -43.90 14.78 -19.28
C TYR B 233 -44.58 16.14 -19.29
N ALA B 234 -45.64 16.19 -18.48
CA ALA B 234 -46.35 17.42 -18.16
C ALA B 234 -46.34 17.72 -16.65
N PRO B 235 -45.56 18.72 -16.18
CA PRO B 235 -45.42 19.06 -14.76
C PRO B 235 -46.71 19.48 -14.08
N HIS B 236 -47.62 20.05 -14.88
CA HIS B 236 -48.88 20.65 -14.45
C HIS B 236 -48.69 21.90 -13.60
N LEU B 237 -47.77 22.77 -14.02
CA LEU B 237 -47.33 23.93 -13.25
C LEU B 237 -47.46 25.19 -14.09
N THR B 238 -48.40 26.11 -13.80
CA THR B 238 -48.39 27.42 -14.45
C THR B 238 -47.67 28.41 -13.56
N SER B 239 -46.89 29.34 -14.09
CA SER B 239 -46.07 30.22 -13.27
C SER B 239 -46.79 31.47 -12.75
N LEU B 240 -46.74 31.74 -11.43
CA LEU B 240 -47.40 32.91 -10.85
C LEU B 240 -46.88 34.27 -11.30
N VAL B 241 -45.73 34.30 -12.01
CA VAL B 241 -45.15 35.54 -12.50
C VAL B 241 -45.90 36.19 -13.66
N SER B 242 -46.82 35.47 -14.30
CA SER B 242 -47.53 35.94 -15.49
C SER B 242 -48.73 35.03 -15.68
N GLY B 243 -49.15 34.76 -16.92
CA GLY B 243 -50.17 33.75 -17.19
C GLY B 243 -49.57 32.43 -17.67
N LEU B 244 -48.38 32.49 -18.28
CA LEU B 244 -47.79 31.37 -19.01
C LEU B 244 -47.38 30.15 -18.17
N GLN B 245 -46.80 29.13 -18.82
CA GLN B 245 -46.40 27.95 -18.10
C GLN B 245 -45.22 27.28 -18.77
N TYR B 246 -44.61 26.44 -17.95
CA TYR B 246 -43.54 25.56 -18.40
C TYR B 246 -44.14 24.68 -19.48
N ALA B 247 -43.78 24.98 -20.73
CA ALA B 247 -44.14 24.15 -21.87
C ALA B 247 -43.69 22.71 -21.63
N SER B 248 -44.54 21.73 -21.89
CA SER B 248 -44.29 20.41 -21.36
C SER B 248 -43.88 19.45 -22.47
N ARG B 249 -42.96 18.51 -22.29
CA ARG B 249 -42.32 17.84 -23.41
C ARG B 249 -43.10 16.61 -23.83
N PRO B 250 -43.62 16.48 -25.06
CA PRO B 250 -44.00 15.17 -25.59
C PRO B 250 -42.76 14.31 -25.83
N GLU B 251 -42.97 13.00 -25.75
CA GLU B 251 -41.89 12.06 -25.92
C GLU B 251 -41.53 11.87 -27.38
N GLY B 252 -40.38 11.23 -27.59
CA GLY B 252 -39.89 10.94 -28.93
C GLY B 252 -39.10 12.11 -29.47
N TYR B 253 -38.41 12.79 -28.54
CA TYR B 253 -37.72 14.02 -28.88
C TYR B 253 -36.21 13.89 -28.81
N SER B 254 -35.63 14.04 -30.00
CA SER B 254 -34.20 14.18 -30.17
C SER B 254 -33.67 15.50 -29.58
N ILE B 255 -32.45 15.39 -29.04
CA ILE B 255 -31.75 16.52 -28.45
C ILE B 255 -31.34 17.52 -29.54
N HIS B 256 -31.26 18.82 -29.25
CA HIS B 256 -31.05 19.78 -30.31
C HIS B 256 -30.00 20.79 -29.93
N ASP B 257 -29.23 21.20 -30.92
CA ASP B 257 -28.20 22.23 -30.77
C ASP B 257 -28.75 23.56 -30.28
N LEU B 258 -27.86 24.40 -29.77
CA LEU B 258 -28.25 25.66 -29.18
C LEU B 258 -27.59 26.83 -29.91
N SER B 259 -28.13 28.05 -29.82
CA SER B 259 -27.38 29.25 -30.23
C SER B 259 -26.06 29.45 -29.47
N ASP B 260 -25.90 28.77 -28.33
CA ASP B 260 -24.65 28.76 -27.61
C ASP B 260 -23.77 27.60 -28.05
N VAL B 261 -24.12 26.37 -27.70
CA VAL B 261 -23.27 25.20 -27.93
C VAL B 261 -23.92 24.19 -28.88
N ASP B 262 -23.11 23.61 -29.75
CA ASP B 262 -23.54 22.48 -30.57
C ASP B 262 -23.53 21.19 -29.75
N VAL B 263 -24.39 20.22 -30.11
CA VAL B 263 -24.42 18.92 -29.44
C VAL B 263 -23.08 18.20 -29.56
N GLN B 264 -22.44 18.52 -30.68
CA GLN B 264 -21.07 18.16 -30.95
C GLN B 264 -20.09 18.70 -29.91
N ASP B 265 -19.97 20.00 -29.55
CA ASP B 265 -18.98 20.46 -28.57
C ASP B 265 -19.24 19.88 -27.20
N MET B 266 -20.52 19.54 -26.93
CA MET B 266 -20.90 18.69 -25.80
C MET B 266 -20.24 17.31 -25.88
N VAL B 267 -20.36 16.65 -27.05
CA VAL B 267 -19.75 15.34 -27.29
C VAL B 267 -18.23 15.42 -27.16
N ARG B 268 -17.68 16.52 -27.69
CA ARG B 268 -16.26 16.81 -27.55
C ARG B 268 -15.83 16.80 -26.09
N TRP B 269 -16.41 17.70 -25.28
CA TRP B 269 -16.12 17.78 -23.86
C TRP B 269 -16.09 16.42 -23.19
N ARG B 270 -17.07 15.56 -23.48
CA ARG B 270 -17.11 14.25 -22.85
C ARG B 270 -15.87 13.43 -23.15
N GLU B 271 -15.48 13.29 -24.43
CA GLU B 271 -14.24 12.61 -24.79
C GLU B 271 -12.99 13.24 -24.23
N ARG B 272 -12.97 14.57 -24.20
CA ARG B 272 -11.90 15.37 -23.61
C ARG B 272 -11.74 15.12 -22.10
N ILE B 273 -12.85 14.80 -21.42
CA ILE B 273 -12.81 14.38 -20.02
C ILE B 273 -12.36 12.93 -19.88
N LEU B 274 -13.03 12.05 -20.65
CA LEU B 274 -12.94 10.60 -20.45
C LEU B 274 -11.52 10.12 -20.69
N ASP B 275 -10.92 10.71 -21.72
CA ASP B 275 -9.51 10.51 -22.01
C ASP B 275 -8.61 10.98 -20.88
N ALA B 276 -8.89 12.14 -20.26
CA ALA B 276 -8.12 12.62 -19.12
C ALA B 276 -8.24 11.76 -17.87
N ILE B 277 -9.34 11.01 -17.71
CA ILE B 277 -9.40 9.95 -16.71
C ILE B 277 -8.38 8.86 -17.04
N ASN B 278 -8.39 8.36 -18.28
CA ASN B 278 -7.48 7.31 -18.71
C ASN B 278 -6.03 7.76 -18.57
N MET B 279 -5.78 9.02 -18.95
CA MET B 279 -4.48 9.67 -18.78
C MET B 279 -4.23 10.04 -17.32
N HIS B 280 -5.26 10.14 -16.48
CA HIS B 280 -5.17 10.44 -15.06
C HIS B 280 -4.72 11.85 -14.69
N TYR B 281 -5.00 12.86 -15.54
CA TYR B 281 -4.67 14.24 -15.22
C TYR B 281 -5.58 15.28 -15.88
N ILE B 282 -5.43 16.53 -15.42
CA ILE B 282 -6.11 17.70 -15.97
C ILE B 282 -5.23 18.92 -16.25
N VAL B 283 -5.59 19.57 -17.35
CA VAL B 283 -4.94 20.80 -17.76
C VAL B 283 -5.81 21.97 -17.33
N ASP B 284 -5.28 22.76 -16.42
CA ASP B 284 -5.95 23.97 -15.97
C ASP B 284 -5.84 25.07 -17.02
N LYS B 285 -6.51 26.21 -16.85
CA LYS B 285 -6.39 27.35 -17.76
C LYS B 285 -5.02 27.97 -18.03
N ASP B 286 -3.97 27.42 -17.41
CA ASP B 286 -2.58 27.74 -17.66
C ASP B 286 -1.87 26.66 -18.49
N ASN B 287 -2.49 25.51 -18.77
CA ASN B 287 -1.95 24.35 -19.50
C ASN B 287 -1.16 23.31 -18.67
N ASN B 288 -0.98 23.59 -17.37
CA ASN B 288 -0.17 22.72 -16.50
C ASN B 288 -0.94 21.54 -15.96
N LYS B 289 -0.33 20.36 -16.04
CA LYS B 289 -0.99 19.12 -15.70
C LYS B 289 -1.04 18.91 -14.19
N ILE B 290 -2.17 19.04 -13.50
CA ILE B 290 -2.25 18.64 -12.10
C ILE B 290 -2.85 17.25 -11.93
N PRO B 291 -2.47 16.37 -10.99
CA PRO B 291 -2.92 14.97 -10.95
C PRO B 291 -4.37 14.67 -10.64
N LEU B 292 -4.94 13.71 -11.37
CA LEU B 292 -6.18 13.09 -10.94
C LEU B 292 -5.86 11.96 -9.96
N ASP B 293 -5.47 12.51 -8.80
CA ASP B 293 -5.12 11.77 -7.60
C ASP B 293 -6.32 11.00 -7.06
N ILE B 294 -6.09 10.09 -6.10
CA ILE B 294 -7.14 9.30 -5.52
C ILE B 294 -8.10 10.22 -4.77
N GLU B 295 -7.58 10.95 -3.77
CA GLU B 295 -8.42 11.83 -2.95
C GLU B 295 -9.02 12.96 -3.79
N HIS B 296 -8.14 13.83 -4.26
CA HIS B 296 -8.50 15.10 -4.88
C HIS B 296 -9.41 14.99 -6.07
N GLY B 297 -9.11 13.95 -6.85
CA GLY B 297 -9.68 13.71 -8.16
C GLY B 297 -11.16 13.98 -8.29
N THR B 298 -11.94 13.70 -7.24
CA THR B 298 -13.38 13.76 -7.37
C THR B 298 -13.93 15.15 -7.11
N ASP B 299 -13.22 15.93 -6.29
CA ASP B 299 -13.58 17.31 -6.09
C ASP B 299 -13.20 18.05 -7.37
N ILE B 300 -12.03 17.71 -7.90
CA ILE B 300 -11.55 18.36 -9.11
C ILE B 300 -12.15 17.85 -10.42
N LEU B 301 -12.80 16.68 -10.44
CA LEU B 301 -13.63 16.29 -11.58
C LEU B 301 -15.02 16.90 -11.44
N GLY B 302 -15.51 17.01 -10.20
CA GLY B 302 -16.83 17.57 -9.93
C GLY B 302 -16.95 19.06 -10.19
N ASP B 303 -15.96 19.85 -9.77
CA ASP B 303 -15.95 21.29 -10.04
C ASP B 303 -15.95 21.61 -11.52
N ILE B 304 -15.06 20.89 -12.22
CA ILE B 304 -14.86 20.89 -13.66
C ILE B 304 -16.05 20.50 -14.53
N ILE B 305 -16.69 19.38 -14.22
CA ILE B 305 -17.84 18.95 -14.99
C ILE B 305 -19.06 19.86 -14.84
N GLU B 306 -19.24 20.53 -13.68
CA GLU B 306 -20.43 21.31 -13.37
C GLU B 306 -20.77 22.45 -14.33
N SER B 307 -20.02 23.50 -14.71
CA SER B 307 -18.64 23.74 -14.29
C SER B 307 -18.74 24.76 -13.17
N SER B 308 -17.74 24.94 -12.31
CA SER B 308 -17.77 26.09 -11.41
C SER B 308 -16.88 27.19 -11.97
N ASP B 309 -16.80 28.37 -11.32
CA ASP B 309 -15.63 29.24 -11.48
C ASP B 309 -14.36 28.51 -11.07
N GLU B 310 -14.45 27.68 -10.03
CA GLU B 310 -13.40 26.73 -9.69
C GLU B 310 -13.05 25.68 -10.75
N SER B 311 -13.75 25.64 -11.90
CA SER B 311 -13.43 24.71 -12.97
C SER B 311 -12.15 25.18 -13.61
N LYS B 312 -11.17 24.36 -13.26
CA LYS B 312 -9.78 24.54 -13.65
C LYS B 312 -9.63 24.74 -15.13
N ASN B 313 -10.40 24.02 -15.96
CA ASN B 313 -10.64 24.50 -17.30
C ASN B 313 -12.11 24.45 -17.66
N VAL B 314 -12.48 25.58 -18.29
CA VAL B 314 -13.84 25.87 -18.69
C VAL B 314 -14.06 25.59 -20.17
N GLU B 315 -13.22 26.05 -21.10
CA GLU B 315 -13.47 25.87 -22.55
C GLU B 315 -13.28 24.41 -23.00
N TYR B 316 -12.27 23.89 -22.32
CA TYR B 316 -11.80 22.55 -22.57
C TYR B 316 -12.74 21.52 -21.98
N TYR B 317 -13.21 21.61 -20.73
CA TYR B 317 -14.11 20.60 -20.18
C TYR B 317 -15.58 21.01 -20.26
N GLY B 318 -15.85 22.25 -20.67
CA GLY B 318 -17.21 22.77 -20.78
C GLY B 318 -17.78 23.12 -19.43
N SER B 319 -19.10 22.98 -19.38
CA SER B 319 -19.87 22.88 -18.14
C SER B 319 -20.86 21.73 -18.36
N LEU B 320 -20.40 20.53 -18.69
CA LEU B 320 -21.17 19.51 -19.41
C LEU B 320 -22.49 19.18 -18.72
N HIS B 321 -22.39 19.20 -17.38
CA HIS B 321 -23.53 19.04 -16.49
C HIS B 321 -24.64 20.05 -16.73
N ASN B 322 -24.31 21.35 -16.56
CA ASN B 322 -25.26 22.46 -16.74
C ASN B 322 -25.75 22.51 -18.18
N TRP B 323 -24.79 22.40 -19.10
CA TRP B 323 -25.09 22.52 -20.52
C TRP B 323 -26.12 21.51 -20.96
N GLY B 324 -25.98 20.22 -20.60
CA GLY B 324 -27.00 19.22 -20.86
C GLY B 324 -28.39 19.61 -20.38
N HIS B 325 -28.41 20.31 -19.26
CA HIS B 325 -29.65 20.87 -18.74
C HIS B 325 -30.29 21.84 -19.70
N VAL B 326 -29.58 22.79 -20.36
CA VAL B 326 -30.22 23.72 -21.30
C VAL B 326 -30.91 22.90 -22.39
N MET B 327 -30.10 22.15 -23.15
CA MET B 327 -30.58 21.31 -24.23
C MET B 327 -31.67 20.33 -23.84
N MET B 328 -31.67 19.71 -22.65
CA MET B 328 -32.73 18.77 -22.28
C MET B 328 -34.06 19.42 -21.91
N ALA B 329 -34.02 20.73 -21.66
CA ALA B 329 -35.14 21.51 -21.14
C ALA B 329 -35.74 22.47 -22.16
N ASN B 330 -34.87 22.97 -23.04
CA ASN B 330 -35.35 23.65 -24.23
C ASN B 330 -35.53 22.72 -25.43
N ILE B 331 -35.84 21.46 -25.11
CA ILE B 331 -36.15 20.37 -26.03
C ILE B 331 -37.39 20.62 -26.92
N THR B 332 -38.12 21.67 -26.57
CA THR B 332 -39.25 22.13 -27.36
C THR B 332 -38.75 23.10 -28.44
N ASP B 333 -37.69 23.85 -28.08
CA ASP B 333 -37.40 25.12 -28.70
C ASP B 333 -36.01 25.65 -28.33
N PRO B 334 -34.90 25.12 -28.86
CA PRO B 334 -33.56 25.68 -28.63
C PRO B 334 -33.32 27.01 -29.34
N ASP B 335 -33.70 27.13 -30.62
CA ASP B 335 -33.68 28.36 -31.42
C ASP B 335 -34.39 29.52 -30.71
N HIS B 336 -35.46 29.19 -29.99
CA HIS B 336 -36.11 30.08 -29.04
C HIS B 336 -36.92 31.26 -29.59
N ARG B 337 -37.07 31.21 -30.90
CA ARG B 337 -37.99 32.05 -31.66
C ARG B 337 -39.40 32.16 -31.05
N PHE B 338 -39.87 31.04 -30.49
CA PHE B 338 -41.23 30.90 -29.99
C PHE B 338 -41.40 31.44 -28.59
N GLN B 339 -40.34 31.51 -27.79
CA GLN B 339 -40.41 32.08 -26.44
C GLN B 339 -41.26 31.27 -25.45
N GLU B 340 -41.50 29.97 -25.74
CA GLU B 340 -42.10 29.06 -24.77
C GLU B 340 -41.26 28.93 -23.50
N ASN B 341 -41.92 29.02 -22.34
CA ASN B 341 -41.27 28.86 -21.05
C ASN B 341 -40.74 27.42 -20.99
N PRO B 342 -39.41 27.19 -20.87
CA PRO B 342 -38.81 25.87 -20.96
C PRO B 342 -39.25 24.78 -19.99
N GLY B 343 -38.83 23.55 -20.29
CA GLY B 343 -38.99 22.42 -19.39
C GLY B 343 -38.26 22.60 -18.07
N VAL B 344 -38.91 22.07 -17.05
CA VAL B 344 -38.54 22.17 -15.64
C VAL B 344 -37.11 21.87 -15.20
N MET B 345 -36.26 21.39 -16.11
CA MET B 345 -34.85 21.09 -15.88
C MET B 345 -34.00 22.38 -15.83
N SER B 346 -34.57 23.52 -16.27
CA SER B 346 -33.91 24.83 -16.33
C SER B 346 -33.62 25.55 -15.01
N ASP B 347 -34.31 25.05 -13.99
CA ASP B 347 -34.24 25.56 -12.64
C ASP B 347 -33.94 24.34 -11.76
N THR B 348 -33.37 24.63 -10.59
CA THR B 348 -33.03 23.58 -9.67
C THR B 348 -34.23 23.20 -8.80
N SER B 349 -35.21 24.07 -8.53
CA SER B 349 -36.38 23.72 -7.71
C SER B 349 -37.43 22.82 -8.40
N THR B 350 -37.58 22.96 -9.72
CA THR B 350 -38.52 22.15 -10.48
C THR B 350 -38.00 20.79 -10.94
N SER B 351 -36.76 20.84 -11.45
CA SER B 351 -35.99 19.71 -11.91
C SER B 351 -36.33 18.26 -11.60
N LEU B 352 -36.79 17.85 -10.41
CA LEU B 352 -36.80 16.43 -10.06
C LEU B 352 -38.05 15.65 -10.43
N ARG B 353 -39.08 16.37 -10.86
CA ARG B 353 -40.32 15.77 -11.30
C ARG B 353 -40.25 15.01 -12.62
N ASP B 354 -39.60 15.70 -13.57
CA ASP B 354 -39.39 15.28 -14.96
C ASP B 354 -38.44 14.09 -15.00
N PRO B 355 -38.93 12.92 -15.48
CA PRO B 355 -38.22 11.64 -15.48
C PRO B 355 -36.84 11.63 -16.12
N ILE B 356 -36.64 12.44 -17.17
CA ILE B 356 -35.35 12.53 -17.86
C ILE B 356 -34.24 13.04 -16.94
N PHE B 357 -34.61 13.78 -15.88
CA PHE B 357 -33.66 14.30 -14.90
C PHE B 357 -32.59 13.31 -14.47
N TYR B 358 -33.08 12.10 -14.16
CA TYR B 358 -32.26 11.02 -13.67
C TYR B 358 -31.45 10.39 -14.80
N ARG B 359 -31.96 10.44 -16.05
CA ARG B 359 -31.24 9.90 -17.20
C ARG B 359 -29.91 10.65 -17.35
N TRP B 360 -29.92 11.99 -17.27
CA TRP B 360 -28.67 12.75 -17.25
C TRP B 360 -27.86 12.54 -15.98
N HIS B 361 -28.48 12.20 -14.85
CA HIS B 361 -27.73 12.16 -13.59
C HIS B 361 -27.06 10.86 -13.29
N ARG B 362 -27.53 9.80 -13.95
CA ARG B 362 -26.73 8.60 -14.02
C ARG B 362 -25.60 8.80 -15.01
N PHE B 363 -25.83 9.62 -16.05
CA PHE B 363 -24.82 9.85 -17.08
C PHE B 363 -23.61 10.50 -16.44
N ILE B 364 -23.80 11.66 -15.80
CA ILE B 364 -22.70 12.31 -15.09
C ILE B 364 -22.10 11.40 -14.01
N ASP B 365 -22.97 10.67 -13.30
CA ASP B 365 -22.55 9.66 -12.34
C ASP B 365 -21.66 8.61 -13.01
N ASN B 366 -21.96 8.21 -14.26
CA ASN B 366 -21.18 7.24 -15.02
C ASN B 366 -19.78 7.76 -15.27
N ILE B 367 -19.62 9.07 -15.49
CA ILE B 367 -18.28 9.66 -15.61
C ILE B 367 -17.57 9.54 -14.25
N PHE B 368 -18.21 9.97 -13.17
CA PHE B 368 -17.61 9.90 -11.83
C PHE B 368 -17.23 8.47 -11.43
N GLN B 369 -18.11 7.55 -11.82
CA GLN B 369 -17.91 6.12 -11.68
C GLN B 369 -16.70 5.70 -12.49
N GLU B 370 -16.39 6.21 -13.68
CA GLU B 370 -15.12 5.87 -14.32
C GLU B 370 -13.92 6.29 -13.50
N HIS B 371 -14.00 7.48 -12.88
CA HIS B 371 -12.84 7.99 -12.17
C HIS B 371 -12.56 7.19 -10.91
N LYS B 372 -13.63 6.90 -10.16
CA LYS B 372 -13.60 5.94 -9.06
C LYS B 372 -13.22 4.54 -9.57
N LYS B 373 -13.69 4.10 -10.74
CA LYS B 373 -13.36 2.80 -11.36
C LYS B 373 -11.90 2.59 -11.73
N SER B 374 -11.17 3.61 -12.19
CA SER B 374 -9.74 3.44 -12.41
C SER B 374 -8.97 3.38 -11.09
N PHE B 375 -9.53 3.95 -10.01
CA PHE B 375 -9.01 3.66 -8.68
C PHE B 375 -9.33 2.22 -8.30
N HIS B 376 -8.49 1.65 -7.44
CA HIS B 376 -8.55 0.22 -7.14
C HIS B 376 -9.51 -0.14 -6.01
N PRO B 377 -10.14 -1.34 -6.02
CA PRO B 377 -10.96 -1.89 -4.93
C PRO B 377 -10.32 -1.83 -3.55
N TYR B 378 -11.10 -2.09 -2.50
CA TYR B 378 -10.57 -1.98 -1.15
C TYR B 378 -9.97 -3.25 -0.59
N THR B 379 -8.73 -3.15 -0.10
CA THR B 379 -8.10 -4.26 0.60
C THR B 379 -8.93 -4.59 1.83
N LYS B 380 -8.94 -5.86 2.22
CA LYS B 380 -9.54 -6.31 3.47
C LYS B 380 -8.92 -5.61 4.66
N GLU B 381 -7.60 -5.39 4.57
CA GLU B 381 -6.81 -4.56 5.49
C GLU B 381 -7.50 -3.23 5.70
N GLU B 382 -7.64 -2.49 4.60
CA GLU B 382 -8.29 -1.19 4.54
C GLU B 382 -9.72 -1.20 5.07
N LEU B 383 -10.47 -2.26 4.74
CA LEU B 383 -11.83 -2.41 5.23
C LEU B 383 -11.97 -2.77 6.72
N SER B 384 -10.86 -3.17 7.34
CA SER B 384 -10.92 -3.68 8.70
C SER B 384 -10.49 -2.76 9.84
N PHE B 385 -11.54 -2.44 10.58
CA PHE B 385 -11.44 -1.89 11.91
C PHE B 385 -11.04 -3.06 12.80
N PRO B 386 -9.79 -3.09 13.27
CA PRO B 386 -9.21 -4.24 13.95
C PRO B 386 -9.90 -4.53 15.28
N GLY B 387 -10.29 -5.76 15.58
CA GLY B 387 -10.66 -6.15 16.92
C GLY B 387 -12.15 -6.02 17.24
N VAL B 388 -12.89 -5.06 16.70
CA VAL B 388 -14.29 -4.86 17.04
C VAL B 388 -15.16 -5.80 16.22
N GLU B 389 -16.00 -6.65 16.82
CA GLU B 389 -16.85 -7.54 16.03
C GLU B 389 -18.33 -7.18 16.10
N VAL B 390 -18.91 -6.78 14.98
CA VAL B 390 -20.34 -6.58 14.79
C VAL B 390 -21.09 -7.91 14.92
N VAL B 391 -21.54 -8.20 16.13
CA VAL B 391 -22.28 -9.43 16.41
C VAL B 391 -23.69 -9.37 15.81
N GLY B 392 -24.13 -8.20 15.34
CA GLY B 392 -25.34 -8.12 14.54
C GLY B 392 -26.08 -6.81 14.73
N VAL B 393 -27.14 -6.62 13.96
CA VAL B 393 -28.05 -5.47 14.04
C VAL B 393 -29.45 -6.09 13.91
N SER B 394 -30.54 -5.34 14.16
CA SER B 394 -31.94 -5.69 13.87
C SER B 394 -32.74 -4.39 13.96
N ILE B 395 -33.87 -4.17 13.28
CA ILE B 395 -34.60 -2.92 13.44
C ILE B 395 -35.92 -3.17 14.13
N ASN B 396 -36.28 -2.42 15.17
CA ASN B 396 -37.59 -2.60 15.80
C ASN B 396 -38.49 -1.42 15.53
N SER B 397 -39.45 -1.59 14.62
CA SER B 397 -40.46 -0.59 14.33
C SER B 397 -41.66 -0.86 15.23
N LYS B 398 -42.88 -1.12 14.73
CA LYS B 398 -43.90 -1.82 15.50
C LYS B 398 -43.55 -3.29 15.76
N THR B 399 -42.82 -3.90 14.81
CA THR B 399 -42.37 -5.28 14.91
C THR B 399 -40.88 -5.31 14.57
N ALA B 400 -40.18 -6.45 14.64
CA ALA B 400 -38.81 -6.55 14.14
C ALA B 400 -38.73 -6.61 12.61
N ASN B 401 -37.64 -6.06 12.08
CA ASN B 401 -37.25 -6.10 10.66
C ASN B 401 -38.26 -5.81 9.56
N VAL B 402 -39.26 -5.01 9.91
CA VAL B 402 -40.12 -4.35 8.94
C VAL B 402 -40.01 -2.86 9.23
N ILE B 403 -40.12 -1.92 8.30
CA ILE B 403 -40.49 -0.56 8.64
C ILE B 403 -41.78 -0.35 7.88
N THR B 404 -42.69 0.48 8.36
CA THR B 404 -43.95 0.62 7.69
C THR B 404 -44.23 2.08 7.34
N THR B 405 -44.40 2.28 6.04
CA THR B 405 -44.44 3.60 5.43
C THR B 405 -45.89 4.04 5.36
N LEU B 406 -46.20 5.32 5.29
CA LEU B 406 -47.57 5.76 5.37
C LEU B 406 -47.79 6.80 4.29
N ILE B 407 -49.04 7.23 4.17
CA ILE B 407 -49.38 8.48 3.51
C ILE B 407 -49.68 9.53 4.58
N LYS B 408 -49.21 10.77 4.43
CA LYS B 408 -49.62 11.86 5.30
C LYS B 408 -50.02 13.04 4.42
N GLU B 409 -51.31 13.37 4.54
CA GLU B 409 -51.85 14.58 3.98
C GLU B 409 -51.27 15.79 4.69
N SER B 410 -51.08 16.91 4.00
CA SER B 410 -50.37 18.03 4.57
C SER B 410 -50.72 19.33 3.85
N LEU B 411 -50.14 20.44 4.27
CA LEU B 411 -50.50 21.76 3.78
C LEU B 411 -49.28 22.57 3.34
N LEU B 412 -49.54 23.63 2.57
CA LEU B 412 -48.55 24.57 2.09
C LEU B 412 -49.34 25.84 1.87
N GLU B 413 -48.86 26.94 2.46
CA GLU B 413 -49.65 28.15 2.56
C GLU B 413 -49.46 29.09 1.37
N LEU B 414 -50.38 29.05 0.41
CA LEU B 414 -50.24 29.76 -0.84
C LEU B 414 -50.19 31.28 -0.68
N SER B 415 -50.98 31.84 0.24
CA SER B 415 -51.00 33.23 0.71
C SER B 415 -49.73 34.07 0.69
N HIS B 416 -48.66 33.42 1.14
CA HIS B 416 -47.36 34.07 1.19
C HIS B 416 -46.91 34.37 -0.23
N GLY B 417 -47.02 33.35 -1.09
CA GLY B 417 -46.62 33.43 -2.48
C GLY B 417 -47.60 34.22 -3.33
N ILE B 418 -48.89 33.90 -3.35
CA ILE B 418 -49.78 34.64 -4.23
C ILE B 418 -50.65 35.60 -3.44
N ASN B 419 -51.39 36.48 -4.14
CA ASN B 419 -52.24 37.44 -3.45
C ASN B 419 -53.58 36.87 -3.01
N PHE B 420 -53.70 36.60 -1.70
CA PHE B 420 -54.99 36.26 -1.12
C PHE B 420 -56.02 37.37 -1.32
N GLY B 421 -55.55 38.61 -1.19
CA GLY B 421 -56.37 39.80 -1.33
C GLY B 421 -57.25 40.04 -0.11
N THR B 422 -58.09 39.03 0.18
CA THR B 422 -58.97 39.01 1.34
C THR B 422 -58.57 38.04 2.44
N ASP B 423 -58.71 36.74 2.17
CA ASP B 423 -58.77 35.71 3.19
C ASP B 423 -57.53 35.55 4.06
N GLN B 424 -57.62 34.71 5.09
CA GLN B 424 -56.43 34.40 5.87
C GLN B 424 -55.38 33.63 5.10
N SER B 425 -55.77 32.51 4.48
CA SER B 425 -54.81 31.49 4.11
C SER B 425 -55.46 30.71 2.99
N VAL B 426 -54.69 30.40 1.97
CA VAL B 426 -55.15 29.57 0.89
C VAL B 426 -54.23 28.37 0.98
N LYS B 427 -54.78 27.19 1.18
CA LYS B 427 -53.94 26.08 1.57
C LYS B 427 -54.11 25.04 0.49
N VAL B 428 -52.98 24.46 0.07
CA VAL B 428 -53.00 23.25 -0.73
C VAL B 428 -52.67 22.00 0.09
N LYS B 429 -53.73 21.22 0.32
CA LYS B 429 -53.64 19.92 0.96
C LYS B 429 -52.98 18.96 -0.02
N TYR B 430 -51.75 18.53 0.24
CA TYR B 430 -51.13 17.49 -0.58
C TYR B 430 -51.02 16.18 0.16
N HIS B 431 -50.56 15.09 -0.44
CA HIS B 431 -50.44 13.79 0.20
C HIS B 431 -49.02 13.29 -0.04
N HIS B 432 -48.28 12.93 1.01
CA HIS B 432 -46.90 12.51 0.84
C HIS B 432 -46.59 11.17 1.52
N LEU B 433 -45.54 10.46 1.07
CA LEU B 433 -45.10 9.19 1.63
C LEU B 433 -44.43 9.47 2.97
N ASP B 434 -44.43 8.56 3.95
CA ASP B 434 -43.72 8.77 5.19
C ASP B 434 -43.23 7.40 5.66
N HIS B 435 -42.91 7.20 6.93
CA HIS B 435 -42.40 5.94 7.40
C HIS B 435 -42.63 5.88 8.91
N GLU B 436 -42.73 4.70 9.49
CA GLU B 436 -42.66 4.52 10.94
C GLU B 436 -41.26 4.88 11.45
N PRO B 437 -41.12 5.39 12.69
CA PRO B 437 -39.84 5.48 13.40
C PRO B 437 -39.25 4.11 13.68
N PHE B 438 -37.96 3.97 13.97
CA PHE B 438 -37.39 2.64 14.19
C PHE B 438 -36.04 2.84 14.84
N THR B 439 -35.46 1.75 15.32
CA THR B 439 -34.15 1.84 15.89
C THR B 439 -33.22 0.82 15.29
N TYR B 440 -31.91 1.08 15.41
CA TYR B 440 -30.90 0.07 15.18
C TYR B 440 -30.60 -0.48 16.56
N ASN B 441 -30.54 -1.78 16.76
CA ASN B 441 -29.91 -2.35 17.94
C ASN B 441 -28.71 -3.04 17.32
N ILE B 442 -27.48 -2.65 17.66
CA ILE B 442 -26.28 -3.20 17.05
C ILE B 442 -25.39 -3.74 18.16
N VAL B 443 -25.04 -5.03 18.08
CA VAL B 443 -24.24 -5.74 19.07
C VAL B 443 -22.80 -5.91 18.55
N VAL B 444 -21.81 -5.79 19.46
CA VAL B 444 -20.38 -5.76 19.17
C VAL B 444 -19.55 -6.57 20.17
N GLU B 445 -18.50 -7.31 19.77
CA GLU B 445 -17.50 -7.84 20.68
C GLU B 445 -16.20 -7.06 20.50
N ASN B 446 -16.03 -6.08 21.39
CA ASN B 446 -14.82 -5.30 21.40
C ASN B 446 -13.75 -6.07 22.16
N ASN B 447 -13.06 -6.95 21.44
CA ASN B 447 -11.99 -7.75 22.02
C ASN B 447 -11.00 -6.84 22.73
N SER B 448 -10.79 -5.67 22.05
CA SER B 448 -10.08 -4.56 22.65
C SER B 448 -10.43 -4.12 24.04
N GLY B 449 -9.64 -4.71 24.95
CA GLY B 449 -9.44 -4.26 26.31
C GLY B 449 -9.06 -2.79 26.47
N ALA B 450 -8.86 -2.04 25.39
CA ALA B 450 -9.11 -0.61 25.40
C ALA B 450 -10.38 -0.31 24.60
N GLU B 451 -11.22 0.53 25.22
CA GLU B 451 -12.36 1.20 24.60
C GLU B 451 -12.10 1.65 23.17
N LYS B 452 -12.99 1.30 22.24
CA LYS B 452 -12.88 1.76 20.87
C LYS B 452 -13.80 2.92 20.47
N HIS B 453 -13.28 3.93 19.78
CA HIS B 453 -14.10 5.01 19.25
C HIS B 453 -14.37 4.69 17.79
N SER B 454 -15.62 4.60 17.34
CA SER B 454 -15.91 4.26 15.95
C SER B 454 -16.61 5.34 15.16
N THR B 455 -16.61 5.25 13.82
CA THR B 455 -17.56 5.93 12.98
C THR B 455 -18.33 4.83 12.24
N VAL B 456 -19.64 4.82 12.48
CA VAL B 456 -20.60 3.83 12.01
C VAL B 456 -21.41 4.33 10.80
N ARG B 457 -21.11 3.79 9.62
CA ARG B 457 -21.70 4.23 8.37
C ARG B 457 -22.84 3.23 8.12
N ILE B 458 -24.13 3.54 8.09
CA ILE B 458 -25.18 2.52 7.95
C ILE B 458 -25.85 2.74 6.60
N PHE B 459 -26.20 1.68 5.85
CA PHE B 459 -26.72 1.79 4.49
C PHE B 459 -28.01 1.00 4.29
N LEU B 460 -28.74 1.38 3.24
CA LEU B 460 -29.93 0.72 2.77
C LEU B 460 -29.81 0.55 1.24
N ALA B 461 -29.93 -0.70 0.81
CA ALA B 461 -29.99 -1.03 -0.61
C ALA B 461 -31.19 -1.96 -0.84
N PRO B 462 -31.52 -2.43 -2.05
CA PRO B 462 -32.39 -3.58 -2.27
C PRO B 462 -31.77 -4.97 -2.43
N LYS B 463 -32.44 -5.93 -1.82
CA LYS B 463 -31.99 -7.31 -1.77
C LYS B 463 -32.41 -8.10 -3.00
N TYR B 464 -33.61 -7.78 -3.50
CA TYR B 464 -34.10 -8.27 -4.78
C TYR B 464 -33.58 -7.55 -6.01
N ASP B 465 -33.58 -8.20 -7.17
CA ASP B 465 -33.46 -7.48 -8.44
C ASP B 465 -34.84 -7.47 -9.10
N GLU B 466 -34.84 -7.00 -10.35
CA GLU B 466 -35.98 -7.14 -11.24
C GLU B 466 -35.93 -8.46 -12.03
N LEU B 467 -34.77 -9.12 -11.92
CA LEU B 467 -34.57 -10.49 -12.34
C LEU B 467 -35.23 -11.43 -11.33
N ASN B 468 -34.55 -11.56 -10.19
CA ASN B 468 -34.91 -12.39 -9.05
C ASN B 468 -33.96 -11.92 -7.92
N ASN B 469 -33.78 -12.58 -6.78
CA ASN B 469 -32.94 -12.09 -5.67
C ASN B 469 -31.42 -12.16 -5.90
N LYS B 470 -30.71 -11.13 -6.38
CA LYS B 470 -29.27 -11.24 -6.63
C LYS B 470 -28.33 -10.16 -6.06
N LEU B 471 -27.66 -10.51 -4.95
CA LEU B 471 -26.84 -9.60 -4.15
C LEU B 471 -25.47 -9.16 -4.68
N GLU B 472 -25.46 -8.83 -5.97
CA GLU B 472 -24.31 -8.28 -6.66
C GLU B 472 -24.06 -6.84 -6.19
N PRO B 473 -23.07 -6.70 -5.30
CA PRO B 473 -22.81 -5.48 -4.56
C PRO B 473 -22.27 -4.37 -5.43
N ASP B 474 -21.55 -4.66 -6.51
CA ASP B 474 -21.10 -3.62 -7.41
C ASP B 474 -22.30 -3.00 -8.14
N GLU B 475 -23.22 -3.83 -8.63
CA GLU B 475 -24.55 -3.40 -9.08
C GLU B 475 -25.30 -2.66 -7.98
N GLN B 476 -25.27 -3.16 -6.74
CA GLN B 476 -25.96 -2.51 -5.64
C GLN B 476 -25.37 -1.18 -5.23
N ARG B 477 -24.10 -0.87 -5.52
CA ARG B 477 -23.51 0.42 -5.16
C ARG B 477 -24.20 1.64 -5.76
N ARG B 478 -24.91 1.43 -6.86
CA ARG B 478 -25.71 2.49 -7.45
C ARG B 478 -26.96 2.78 -6.62
N LEU B 479 -27.44 1.77 -5.88
CA LEU B 479 -28.69 1.81 -5.14
C LEU B 479 -28.43 2.15 -3.67
N PHE B 480 -27.31 1.64 -3.16
CA PHE B 480 -26.83 1.86 -1.79
C PHE B 480 -26.98 3.28 -1.29
N ILE B 481 -27.75 3.46 -0.21
CA ILE B 481 -27.96 4.76 0.38
C ILE B 481 -27.54 4.77 1.83
N GLU B 482 -26.78 5.79 2.21
CA GLU B 482 -26.30 5.94 3.56
C GLU B 482 -27.47 6.46 4.40
N LEU B 483 -27.89 5.65 5.37
CA LEU B 483 -28.97 6.00 6.26
C LEU B 483 -28.50 6.76 7.48
N ASP B 484 -27.24 6.65 7.90
CA ASP B 484 -26.77 7.23 9.13
C ASP B 484 -25.26 7.15 9.15
N LYS B 485 -24.61 8.00 9.96
CA LYS B 485 -23.16 7.97 10.14
C LYS B 485 -22.83 8.64 11.47
N PHE B 486 -22.38 7.90 12.47
CA PHE B 486 -22.07 8.49 13.77
C PHE B 486 -20.76 8.04 14.45
N PHE B 487 -20.42 8.68 15.56
CA PHE B 487 -19.30 8.32 16.43
C PHE B 487 -19.90 7.74 17.70
N TYR B 488 -19.41 6.60 18.14
CA TYR B 488 -19.74 6.06 19.44
C TYR B 488 -18.43 5.58 20.07
N THR B 489 -18.47 5.34 21.38
CA THR B 489 -17.34 4.80 22.10
C THR B 489 -17.83 3.50 22.71
N LEU B 490 -16.94 2.52 22.58
CA LEU B 490 -17.24 1.12 22.81
C LEU B 490 -16.27 0.54 23.84
N THR B 491 -16.80 0.21 25.01
CA THR B 491 -16.00 -0.42 26.05
C THR B 491 -15.57 -1.83 25.64
N PRO B 492 -14.68 -2.55 26.31
CA PRO B 492 -14.40 -3.96 26.03
C PRO B 492 -15.65 -4.82 26.12
N GLY B 493 -15.61 -5.94 25.38
CA GLY B 493 -16.65 -6.96 25.43
C GLY B 493 -17.89 -6.65 24.61
N LYS B 494 -19.01 -7.26 25.04
CA LYS B 494 -20.30 -7.10 24.41
C LYS B 494 -20.82 -5.68 24.52
N ASN B 495 -21.02 -5.02 23.38
CA ASN B 495 -21.54 -3.68 23.35
C ASN B 495 -22.81 -3.72 22.52
N THR B 496 -23.74 -2.90 22.97
CA THR B 496 -24.92 -2.59 22.19
C THR B 496 -24.96 -1.08 21.97
N ILE B 497 -25.34 -0.69 20.76
CA ILE B 497 -25.58 0.71 20.45
C ILE B 497 -27.05 0.67 20.06
N VAL B 498 -27.86 1.67 20.41
CA VAL B 498 -29.26 1.74 19.98
C VAL B 498 -29.42 3.12 19.35
N ARG B 499 -30.01 3.26 18.17
CA ARG B 499 -29.96 4.52 17.47
C ARG B 499 -31.31 4.74 16.81
N ASN B 500 -31.98 5.82 17.19
CA ASN B 500 -33.37 6.08 16.77
C ASN B 500 -33.44 6.84 15.48
N HIS B 501 -34.42 6.53 14.63
CA HIS B 501 -34.61 7.15 13.34
C HIS B 501 -34.26 8.63 13.13
N GLN B 502 -34.58 9.52 14.09
CA GLN B 502 -34.64 10.97 13.91
C GLN B 502 -33.32 11.63 13.57
N ASP B 503 -32.36 11.03 14.30
CA ASP B 503 -30.99 11.48 14.40
C ASP B 503 -30.12 10.93 13.27
N SER B 504 -30.78 10.56 12.16
CA SER B 504 -30.13 10.30 10.89
C SER B 504 -29.30 11.48 10.45
N SER B 505 -28.03 11.26 10.08
CA SER B 505 -27.21 12.36 9.62
C SER B 505 -27.47 12.92 8.23
N VAL B 506 -28.58 12.63 7.54
CA VAL B 506 -28.86 13.10 6.17
C VAL B 506 -30.00 14.14 6.06
N THR B 507 -30.74 14.21 7.17
CA THR B 507 -32.09 14.76 7.19
C THR B 507 -32.23 16.16 7.75
N ILE B 508 -33.29 16.84 7.32
CA ILE B 508 -33.85 17.90 8.15
C ILE B 508 -34.85 17.27 9.12
N SER B 509 -34.88 17.87 10.32
CA SER B 509 -36.06 17.74 11.16
C SER B 509 -37.12 18.82 10.89
N LYS B 510 -37.23 20.03 11.47
CA LYS B 510 -38.35 20.94 11.17
C LYS B 510 -38.06 22.24 10.42
N VAL B 511 -38.97 22.57 9.50
CA VAL B 511 -39.02 23.85 8.79
C VAL B 511 -40.09 24.78 9.40
N ARG B 512 -40.54 25.91 8.79
CA ARG B 512 -41.29 26.96 9.48
C ARG B 512 -42.19 27.68 8.46
N THR B 513 -43.27 28.40 8.79
CA THR B 513 -44.01 29.27 7.86
C THR B 513 -43.70 30.74 8.18
N PHE B 514 -44.11 31.80 7.41
CA PHE B 514 -43.81 33.15 7.90
C PHE B 514 -44.24 33.43 9.35
N ASP B 515 -45.39 32.81 9.57
CA ASP B 515 -46.15 32.96 10.79
C ASP B 515 -45.69 32.01 11.88
N GLN B 516 -44.79 31.07 11.55
CA GLN B 516 -43.93 30.47 12.56
C GLN B 516 -42.82 31.50 12.76
N LEU B 517 -42.12 31.98 11.73
CA LEU B 517 -40.95 32.86 11.81
C LEU B 517 -41.06 34.20 12.55
N GLY B 518 -42.28 34.74 12.58
CA GLY B 518 -42.72 35.84 13.43
C GLY B 518 -42.57 35.53 14.92
N ALA B 519 -42.32 34.23 15.26
CA ALA B 519 -41.63 33.80 16.51
C ALA B 519 -40.08 33.62 16.61
N GLY B 520 -40.19 31.86 14.69
CA GLY B 520 -39.29 32.50 15.71
C GLY B 520 -39.11 31.92 17.15
N GLU B 521 -37.95 32.08 17.81
CA GLU B 521 -37.58 31.20 18.92
C GLU B 521 -36.43 31.73 19.79
N GLY B 522 -35.86 30.87 20.65
CA GLY B 522 -35.02 31.31 21.75
C GLY B 522 -33.57 31.60 21.44
N VAL B 523 -32.78 30.61 21.02
CA VAL B 523 -31.33 30.69 21.21
C VAL B 523 -30.51 29.94 20.16
N SER B 524 -29.29 30.43 19.89
CA SER B 524 -28.69 29.92 18.70
C SER B 524 -27.39 29.28 19.00
N GLU B 525 -26.89 28.65 17.92
CA GLU B 525 -25.78 27.79 17.71
C GLU B 525 -24.48 28.54 17.51
N ASP B 526 -23.36 27.80 17.80
CA ASP B 526 -21.97 28.22 17.76
C ASP B 526 -21.54 28.68 16.39
N SER B 527 -21.39 27.74 15.41
CA SER B 527 -21.07 28.05 14.04
C SER B 527 -22.23 28.59 13.30
N THR B 528 -23.30 27.78 13.13
CA THR B 528 -24.39 28.21 12.31
C THR B 528 -25.65 27.61 12.82
N GLU B 529 -26.73 28.39 12.60
CA GLU B 529 -28.10 28.19 12.98
C GLU B 529 -28.75 27.24 12.02
N TYR B 530 -29.82 26.58 12.50
CA TYR B 530 -30.58 25.62 11.73
C TYR B 530 -31.11 26.33 10.53
N CYS B 531 -30.72 25.83 9.34
CA CYS B 531 -31.16 26.48 8.15
C CYS B 531 -32.19 25.56 7.56
N SER B 532 -32.85 26.04 6.49
CA SER B 532 -33.95 25.40 5.80
C SER B 532 -33.54 24.25 4.95
N CYS B 533 -32.33 23.68 5.09
CA CYS B 533 -32.06 22.60 4.12
C CYS B 533 -31.79 21.23 4.76
N GLY B 534 -32.05 20.10 4.07
CA GLY B 534 -31.70 18.75 4.52
C GLY B 534 -32.43 17.71 3.67
N TRP B 535 -32.50 16.41 3.96
CA TRP B 535 -33.43 15.54 3.24
C TRP B 535 -34.80 15.62 3.92
N PRO B 536 -35.94 15.58 3.20
CA PRO B 536 -37.25 15.40 3.81
C PRO B 536 -37.31 14.09 4.57
N GLU B 537 -37.64 14.25 5.86
CA GLU B 537 -37.76 13.15 6.82
C GLU B 537 -38.65 12.06 6.25
N HIS B 538 -39.86 12.40 5.85
CA HIS B 538 -40.72 11.43 5.19
C HIS B 538 -40.19 10.59 4.01
N MET B 539 -39.08 10.96 3.36
CA MET B 539 -38.47 10.19 2.28
C MET B 539 -37.14 9.54 2.72
N LEU B 540 -36.98 9.43 4.05
CA LEU B 540 -35.79 8.79 4.61
C LEU B 540 -35.63 7.31 4.27
N ILE B 541 -36.73 6.56 4.13
CA ILE B 541 -36.71 5.14 3.78
C ILE B 541 -37.74 5.01 2.66
N PRO B 542 -37.38 4.52 1.45
CA PRO B 542 -38.27 4.36 0.30
C PRO B 542 -39.56 3.57 0.50
N ARG B 543 -40.55 3.73 -0.39
CA ARG B 543 -41.87 3.12 -0.26
C ARG B 543 -41.98 1.60 -0.10
N GLY B 544 -41.08 0.84 -0.73
CA GLY B 544 -41.21 -0.61 -0.79
C GLY B 544 -42.46 -0.99 -1.59
N SER B 545 -43.28 -1.82 -0.97
CA SER B 545 -44.50 -2.31 -1.57
C SER B 545 -45.51 -2.70 -0.53
N HIS B 546 -46.77 -2.93 -0.91
CA HIS B 546 -47.77 -3.34 0.08
C HIS B 546 -47.50 -4.71 0.69
N LYS B 547 -46.87 -5.61 -0.08
CA LYS B 547 -46.48 -6.95 0.36
C LYS B 547 -45.49 -6.94 1.52
N GLY B 548 -44.67 -5.89 1.55
CA GLY B 548 -43.44 -5.88 2.31
C GLY B 548 -42.28 -6.23 1.40
N MET B 549 -41.56 -5.25 0.84
CA MET B 549 -40.42 -5.55 -0.01
C MET B 549 -39.18 -5.63 0.87
N GLU B 550 -38.10 -6.25 0.35
CA GLU B 550 -37.03 -6.82 1.16
C GLU B 550 -35.76 -6.17 0.64
N PHE B 551 -35.02 -5.58 1.56
CA PHE B 551 -33.98 -4.61 1.29
C PHE B 551 -32.75 -5.01 2.08
N GLU B 552 -31.73 -4.15 2.14
CA GLU B 552 -30.48 -4.50 2.79
C GLU B 552 -30.01 -3.34 3.64
N LEU B 553 -29.87 -3.57 4.95
CA LEU B 553 -29.30 -2.58 5.86
C LEU B 553 -27.85 -2.94 6.15
N PHE B 554 -26.89 -2.29 5.49
CA PHE B 554 -25.49 -2.69 5.57
C PHE B 554 -24.70 -1.67 6.38
N VAL B 555 -24.05 -2.07 7.47
CA VAL B 555 -23.37 -1.19 8.40
C VAL B 555 -21.86 -1.39 8.25
N MET B 556 -21.09 -0.33 8.45
CA MET B 556 -19.66 -0.45 8.59
C MET B 556 -19.28 0.28 9.86
N LEU B 557 -18.26 -0.21 10.57
CA LEU B 557 -17.60 0.56 11.61
C LEU B 557 -16.15 0.73 11.19
N THR B 558 -15.82 2.00 10.91
CA THR B 558 -14.45 2.43 10.70
C THR B 558 -13.95 3.22 11.92
N ASP B 559 -12.69 3.65 12.08
CA ASP B 559 -12.24 4.25 13.34
C ASP B 559 -12.57 5.73 13.39
N HIS B 560 -12.94 6.23 14.57
CA HIS B 560 -13.23 7.64 14.71
C HIS B 560 -12.04 8.55 14.91
N ASP B 561 -10.98 8.11 15.57
CA ASP B 561 -9.79 8.94 15.66
C ASP B 561 -9.23 9.09 14.25
N GLU B 562 -9.05 7.96 13.54
CA GLU B 562 -8.68 7.95 12.13
C GLU B 562 -9.59 8.86 11.31
N ASP B 563 -10.91 8.63 11.36
CA ASP B 563 -11.86 9.44 10.59
C ASP B 563 -12.02 10.89 10.98
N THR B 564 -11.78 11.27 12.23
CA THR B 564 -12.09 12.61 12.71
C THR B 564 -11.31 13.69 11.97
N VAL B 565 -11.98 14.23 10.96
CA VAL B 565 -11.55 15.44 10.28
C VAL B 565 -12.21 16.63 10.96
N ALA B 566 -13.48 16.55 11.34
CA ALA B 566 -14.02 17.55 12.25
C ALA B 566 -13.83 17.00 13.64
N GLY B 567 -13.88 17.86 14.66
CA GLY B 567 -13.59 17.46 16.03
C GLY B 567 -14.69 16.57 16.59
N LEU B 568 -15.70 17.22 17.15
CA LEU B 568 -16.87 16.52 17.66
C LEU B 568 -18.09 17.05 16.92
N SER B 569 -19.29 16.55 17.22
CA SER B 569 -20.33 16.94 16.33
C SER B 569 -21.55 17.35 17.07
N GLU B 570 -22.06 16.49 17.97
CA GLU B 570 -23.30 16.80 18.62
C GLU B 570 -23.10 17.90 19.64
N ASN B 571 -23.32 19.16 19.21
CA ASN B 571 -23.27 20.36 20.00
C ASN B 571 -24.04 21.37 19.18
N ALA B 572 -24.23 22.60 19.69
CA ALA B 572 -24.92 23.59 18.89
C ALA B 572 -24.10 23.85 17.66
N VAL B 573 -24.62 23.39 16.49
CA VAL B 573 -24.09 23.59 15.16
C VAL B 573 -25.01 22.90 14.16
N CYS B 574 -25.12 23.48 12.93
CA CYS B 574 -25.95 23.13 11.78
C CYS B 574 -25.38 21.92 11.09
N SER B 575 -25.45 20.82 11.84
CA SER B 575 -24.83 19.60 11.41
C SER B 575 -25.82 18.51 11.12
N ASP B 576 -27.14 18.76 11.26
CA ASP B 576 -28.14 17.70 11.31
C ASP B 576 -28.00 16.82 10.08
N ALA B 577 -28.08 17.43 8.90
CA ALA B 577 -27.75 16.74 7.66
C ALA B 577 -26.27 16.69 7.29
N VAL B 578 -25.32 16.38 8.19
CA VAL B 578 -23.90 16.25 7.82
C VAL B 578 -23.57 15.37 6.64
N SER B 579 -24.25 14.25 6.41
CA SER B 579 -24.04 13.43 5.25
C SER B 579 -24.27 14.00 3.84
N TYR B 580 -25.51 14.33 3.43
CA TYR B 580 -25.84 14.74 2.07
C TYR B 580 -25.50 16.18 1.69
N CYS B 581 -25.07 16.88 2.73
CA CYS B 581 -25.01 18.32 2.72
C CYS B 581 -23.77 18.70 3.51
N GLY B 582 -23.77 18.61 4.85
CA GLY B 582 -22.61 19.05 5.62
C GLY B 582 -22.95 19.82 6.90
N ALA B 583 -22.10 20.79 7.17
CA ALA B 583 -22.09 21.56 8.42
C ALA B 583 -21.50 22.91 8.08
N ARG B 584 -21.65 23.98 8.87
CA ARG B 584 -21.22 25.29 8.39
C ARG B 584 -19.89 25.82 8.93
N ASP B 585 -19.22 26.39 7.92
CA ASP B 585 -17.79 26.67 7.85
C ASP B 585 -16.78 25.67 8.41
N ASP B 586 -17.11 24.42 8.11
CA ASP B 586 -16.32 23.30 8.55
C ASP B 586 -16.22 22.35 7.36
N ARG B 587 -15.59 21.19 7.50
CA ARG B 587 -15.36 20.29 6.37
C ARG B 587 -16.33 19.09 6.45
N TYR B 588 -16.29 18.15 5.50
CA TYR B 588 -17.02 16.90 5.68
C TYR B 588 -16.24 16.07 6.72
N PRO B 589 -16.78 15.87 7.95
CA PRO B 589 -16.10 15.35 9.14
C PRO B 589 -15.34 14.03 9.11
N ASP B 590 -15.53 13.32 8.01
CA ASP B 590 -15.10 11.96 7.81
C ASP B 590 -14.11 12.03 6.66
N LYS B 591 -12.97 11.43 6.96
CA LYS B 591 -11.87 11.23 6.03
C LYS B 591 -12.27 10.62 4.68
N LYS B 592 -13.07 9.55 4.75
CA LYS B 592 -13.27 8.76 3.55
C LYS B 592 -14.26 9.38 2.56
N ALA B 593 -14.09 8.97 1.31
CA ALA B 593 -14.95 9.41 0.24
C ALA B 593 -16.40 9.09 0.58
N MET B 594 -17.24 10.07 0.33
CA MET B 594 -18.67 9.92 0.53
C MET B 594 -19.15 8.81 -0.40
N GLY B 595 -19.59 7.73 0.24
CA GLY B 595 -19.95 6.51 -0.46
C GLY B 595 -19.43 5.27 0.26
N PHE B 596 -18.23 5.46 0.85
CA PHE B 596 -17.48 4.46 1.62
C PHE B 596 -18.25 3.57 2.62
N PRO B 597 -18.18 2.24 2.44
CA PRO B 597 -17.30 1.51 1.52
C PRO B 597 -17.51 1.62 0.00
N PHE B 598 -18.73 1.94 -0.42
CA PHE B 598 -19.26 1.56 -1.73
C PHE B 598 -19.02 2.52 -2.90
N ASP B 599 -17.87 3.22 -2.79
CA ASP B 599 -17.39 4.14 -3.83
C ASP B 599 -16.71 3.40 -4.98
N ARG B 600 -15.91 2.41 -4.63
CA ARG B 600 -15.15 1.66 -5.61
C ARG B 600 -15.62 0.31 -6.10
N LYS B 601 -14.81 -0.31 -6.95
CA LYS B 601 -15.12 -1.61 -7.54
C LYS B 601 -15.19 -2.73 -6.52
N ILE B 602 -16.18 -3.61 -6.67
CA ILE B 602 -16.23 -4.82 -5.89
C ILE B 602 -16.16 -5.95 -6.91
N GLU B 603 -15.13 -6.78 -6.76
CA GLU B 603 -14.90 -7.97 -7.58
C GLU B 603 -15.75 -9.18 -7.21
N ALA B 604 -16.31 -9.07 -6.00
CA ALA B 604 -17.03 -10.10 -5.30
C ALA B 604 -18.50 -10.17 -5.69
N ARG B 605 -19.12 -11.35 -5.61
CA ARG B 605 -20.45 -11.54 -6.16
C ARG B 605 -21.58 -11.42 -5.17
N THR B 606 -21.33 -11.55 -3.86
CA THR B 606 -22.33 -11.20 -2.89
C THR B 606 -21.78 -10.16 -1.91
N ALA B 607 -22.71 -9.29 -1.52
CA ALA B 607 -22.51 -8.43 -0.36
C ALA B 607 -22.09 -9.19 0.91
N ALA B 608 -22.36 -10.51 0.95
CA ALA B 608 -21.81 -11.36 2.00
C ALA B 608 -20.32 -11.58 1.86
N GLU B 609 -19.73 -11.74 0.66
CA GLU B 609 -18.29 -11.94 0.49
C GLU B 609 -17.48 -10.74 0.98
N PHE B 610 -18.10 -9.58 0.76
CA PHE B 610 -17.55 -8.29 1.16
C PHE B 610 -17.58 -8.07 2.68
N LEU B 611 -18.20 -8.96 3.45
CA LEU B 611 -18.27 -8.82 4.90
C LEU B 611 -16.91 -8.91 5.58
N THR B 612 -16.48 -7.80 6.18
CA THR B 612 -15.50 -7.83 7.25
C THR B 612 -16.23 -7.95 8.60
N PRO B 613 -15.63 -8.40 9.72
CA PRO B 613 -16.27 -8.46 11.04
C PRO B 613 -16.73 -7.14 11.68
N ASN B 614 -16.43 -6.05 10.96
CA ASN B 614 -16.95 -4.73 11.25
C ASN B 614 -17.91 -4.22 10.16
N MET B 615 -18.58 -5.15 9.47
CA MET B 615 -19.64 -4.87 8.52
C MET B 615 -20.84 -5.75 8.81
N GLY B 616 -22.05 -5.41 8.40
CA GLY B 616 -23.21 -6.23 8.73
C GLY B 616 -24.43 -5.85 7.95
N LEU B 617 -24.98 -6.84 7.24
CA LEU B 617 -26.21 -6.71 6.49
C LEU B 617 -27.32 -7.15 7.43
N THR B 618 -28.40 -6.39 7.56
CA THR B 618 -29.55 -6.81 8.34
C THR B 618 -30.73 -6.69 7.37
N ASP B 619 -31.24 -7.81 6.86
CA ASP B 619 -32.24 -7.78 5.81
C ASP B 619 -33.58 -7.35 6.37
N ILE B 620 -34.08 -6.26 5.79
CA ILE B 620 -35.28 -5.63 6.31
C ILE B 620 -36.31 -5.46 5.22
N LYS B 621 -37.54 -5.41 5.74
CA LYS B 621 -38.73 -5.18 4.95
C LYS B 621 -39.17 -3.74 5.12
N ILE B 622 -39.85 -3.25 4.08
CA ILE B 622 -40.57 -1.99 4.09
C ILE B 622 -41.97 -2.32 3.57
N LYS B 623 -43.03 -1.84 4.21
CA LYS B 623 -44.36 -2.07 3.66
C LYS B 623 -45.16 -0.79 3.59
N PHE B 624 -45.73 -0.50 2.42
CA PHE B 624 -46.59 0.66 2.29
C PHE B 624 -47.95 0.42 2.93
N HIS B 625 -48.26 1.19 3.97
CA HIS B 625 -49.62 1.23 4.46
C HIS B 625 -50.50 1.93 3.44
N GLY B 626 -51.26 1.08 2.73
CA GLY B 626 -52.34 1.53 1.87
C GLY B 626 -53.43 2.27 2.65
N THR C 1 13.68 43.15 -74.69
CA THR C 1 13.32 44.32 -73.91
C THR C 1 11.89 44.05 -73.47
N VAL C 2 11.40 44.86 -72.54
CA VAL C 2 10.08 44.64 -71.96
C VAL C 2 8.97 44.84 -72.97
N ALA C 3 9.16 45.61 -74.07
CA ALA C 3 8.18 45.59 -75.15
C ALA C 3 8.11 44.18 -75.76
N ASP C 4 9.17 43.68 -76.39
CA ASP C 4 9.11 42.40 -77.09
C ASP C 4 8.84 41.22 -76.15
N LYS C 5 9.14 41.39 -74.87
CA LYS C 5 8.73 40.46 -73.84
C LYS C 5 7.21 40.32 -73.82
N GLN C 6 6.48 41.44 -73.75
CA GLN C 6 5.05 41.45 -73.97
C GLN C 6 4.70 40.86 -75.34
N ALA C 7 5.45 41.26 -76.37
CA ALA C 7 5.22 40.79 -77.73
C ALA C 7 5.57 39.33 -78.01
N ARG C 8 6.05 38.58 -77.03
CA ARG C 8 6.12 37.13 -77.17
C ARG C 8 5.01 36.39 -76.45
N LEU C 9 4.76 36.70 -75.16
CA LEU C 9 3.79 35.94 -74.38
C LEU C 9 2.38 36.05 -74.92
N MET C 10 1.90 37.29 -75.03
CA MET C 10 0.53 37.54 -75.48
C MET C 10 0.29 37.04 -76.90
N PRO C 11 1.18 37.16 -77.91
CA PRO C 11 1.10 36.41 -79.15
C PRO C 11 0.91 34.91 -79.02
N LEU C 12 1.54 34.25 -78.05
CA LEU C 12 1.27 32.85 -77.77
C LEU C 12 -0.15 32.65 -77.22
N PHE C 13 -0.60 33.59 -76.36
CA PHE C 13 -1.97 33.61 -75.86
C PHE C 13 -3.00 34.15 -76.84
N LYS C 14 -2.58 34.57 -78.04
CA LYS C 14 -3.53 34.76 -79.12
C LYS C 14 -3.97 33.42 -79.73
N HIS C 15 -5.01 32.88 -79.08
CA HIS C 15 -5.64 31.56 -79.30
C HIS C 15 -4.87 30.45 -78.57
N LEU C 16 -4.77 30.61 -77.25
CA LEU C 16 -3.92 29.79 -76.39
C LEU C 16 -4.03 28.26 -76.45
N THR C 17 -5.11 27.65 -75.93
CA THR C 17 -5.22 26.21 -75.64
C THR C 17 -4.54 25.22 -76.58
N ALA C 18 -4.73 25.39 -77.89
CA ALA C 18 -4.19 24.53 -78.92
C ALA C 18 -2.67 24.33 -79.00
N LEU C 19 -1.92 25.20 -78.29
CA LEU C 19 -0.50 25.11 -78.07
C LEU C 19 -0.22 23.85 -77.26
N THR C 20 -1.20 23.40 -76.42
CA THR C 20 -1.14 22.26 -75.51
C THR C 20 -0.71 21.03 -76.24
N ARG C 21 -1.13 20.79 -77.51
CA ARG C 21 -0.66 19.57 -78.10
C ARG C 21 0.40 19.87 -79.13
N GLU C 22 1.61 19.32 -78.92
CA GLU C 22 2.72 19.51 -79.82
C GLU C 22 3.69 18.37 -79.76
N LYS C 23 4.75 18.52 -80.58
CA LYS C 23 5.84 17.62 -80.83
C LYS C 23 6.88 17.77 -79.75
N LEU C 24 7.30 16.65 -79.16
CA LEU C 24 8.36 16.57 -78.18
C LEU C 24 8.48 15.07 -78.05
N PRO C 25 9.27 14.42 -78.87
CA PRO C 25 9.25 12.97 -79.05
C PRO C 25 9.53 12.18 -77.77
N LEU C 26 10.48 12.72 -76.99
CA LEU C 26 10.95 12.12 -75.75
C LEU C 26 11.18 13.22 -74.74
N ASP C 27 10.50 13.03 -73.61
CA ASP C 27 10.54 13.88 -72.42
C ASP C 27 11.95 14.24 -71.95
N GLN C 28 12.85 13.26 -72.16
CA GLN C 28 14.22 13.25 -71.63
C GLN C 28 15.00 14.55 -71.74
N ARG C 29 14.71 15.29 -72.83
CA ARG C 29 15.16 16.67 -73.00
C ARG C 29 15.18 17.51 -71.73
N ASP C 30 14.11 17.43 -70.93
CA ASP C 30 13.99 18.20 -69.72
C ASP C 30 14.04 17.25 -68.53
N GLU C 31 15.25 16.71 -68.32
CA GLU C 31 15.63 15.99 -67.10
C GLU C 31 15.01 16.60 -65.84
N ARG C 32 14.98 17.94 -65.85
CA ARG C 32 14.13 18.71 -64.96
C ARG C 32 12.71 18.20 -64.74
N LEU C 33 11.86 18.10 -65.76
CA LEU C 33 10.46 17.70 -65.62
C LEU C 33 10.15 16.19 -65.67
N LYS C 34 11.20 15.38 -65.54
CA LYS C 34 11.16 13.92 -65.39
C LYS C 34 9.86 13.14 -65.10
N GLY C 35 9.17 13.53 -64.03
CA GLY C 35 8.09 12.71 -63.51
C GLY C 35 6.70 13.17 -63.96
N VAL C 36 6.59 14.19 -64.82
CA VAL C 36 5.33 14.86 -65.12
C VAL C 36 5.02 15.06 -66.61
N GLY C 37 3.91 14.40 -66.89
CA GLY C 37 3.26 14.36 -68.19
C GLY C 37 2.21 13.28 -68.08
N ILE C 38 1.47 13.34 -66.96
CA ILE C 38 0.71 12.19 -66.49
C ILE C 38 -0.81 12.32 -66.45
N LEU C 39 -1.29 13.56 -66.46
CA LEU C 39 -2.68 13.88 -66.74
C LEU C 39 -2.75 14.17 -68.24
N PRO C 40 -3.42 13.36 -69.06
CA PRO C 40 -3.50 13.56 -70.51
C PRO C 40 -4.25 14.81 -70.94
N ARG C 41 -3.59 15.97 -70.95
CA ARG C 41 -4.08 17.21 -71.56
C ARG C 41 -5.51 17.63 -71.17
N GLY C 42 -6.52 17.10 -71.86
CA GLY C 42 -7.90 17.39 -71.55
C GLY C 42 -8.52 16.32 -70.65
N THR C 43 -7.80 15.78 -69.67
CA THR C 43 -8.42 15.15 -68.51
C THR C 43 -8.46 16.16 -67.35
N LEU C 44 -9.61 16.81 -67.17
CA LEU C 44 -9.69 18.16 -66.57
C LEU C 44 -9.47 18.55 -65.10
N PHE C 45 -8.35 18.17 -64.42
CA PHE C 45 -7.65 18.76 -63.29
C PHE C 45 -8.55 19.23 -62.16
N SER C 46 -8.52 18.59 -60.99
CA SER C 46 -9.22 19.12 -59.83
C SER C 46 -8.11 19.88 -59.12
N CYS C 47 -8.24 21.21 -58.99
CA CYS C 47 -7.18 22.00 -58.35
C CYS C 47 -6.97 21.54 -56.92
N PHE C 48 -7.98 20.92 -56.31
CA PHE C 48 -7.79 20.47 -54.94
C PHE C 48 -7.52 18.97 -54.74
N HIS C 49 -7.51 18.15 -55.79
CA HIS C 49 -7.05 16.77 -55.65
C HIS C 49 -5.55 16.66 -55.37
N ALA C 50 -5.17 16.14 -54.19
CA ALA C 50 -3.83 16.29 -53.61
C ALA C 50 -2.61 16.06 -54.48
N ARG C 51 -2.70 15.02 -55.31
CA ARG C 51 -1.58 14.66 -56.17
C ARG C 51 -1.23 15.76 -57.16
N HIS C 52 -2.19 16.52 -57.66
CA HIS C 52 -1.93 17.50 -58.71
C HIS C 52 -1.23 18.77 -58.32
N LEU C 53 -1.38 19.14 -57.05
CA LEU C 53 -0.57 20.17 -56.41
C LEU C 53 0.86 19.70 -56.15
N ALA C 54 1.01 18.45 -55.68
CA ALA C 54 2.32 17.82 -55.56
C ALA C 54 3.04 17.74 -56.91
N GLU C 55 2.35 17.23 -57.93
CA GLU C 55 2.82 17.22 -59.31
C GLU C 55 3.20 18.63 -59.72
N ALA C 56 2.32 19.59 -59.46
CA ALA C 56 2.62 20.98 -59.72
C ALA C 56 3.79 21.52 -58.91
N THR C 57 4.12 21.00 -57.73
CA THR C 57 5.24 21.53 -56.95
C THR C 57 6.57 21.06 -57.49
N GLU C 58 6.59 19.91 -58.19
CA GLU C 58 7.65 19.57 -59.16
C GLU C 58 7.80 20.69 -60.18
N LEU C 59 6.68 21.10 -60.77
CA LEU C 59 6.68 22.20 -61.71
C LEU C 59 7.02 23.53 -61.11
N TYR C 60 6.62 23.84 -59.87
CA TYR C 60 7.02 25.08 -59.25
C TYR C 60 8.52 25.07 -59.05
N VAL C 61 9.12 24.00 -58.52
CA VAL C 61 10.57 24.05 -58.31
C VAL C 61 11.41 24.07 -59.58
N ALA C 62 10.94 23.33 -60.60
CA ALA C 62 11.47 23.47 -61.94
C ALA C 62 11.31 24.90 -62.47
N LEU C 63 10.09 25.44 -62.57
CA LEU C 63 9.87 26.70 -63.27
C LEU C 63 10.62 27.88 -62.65
N TYR C 64 10.75 27.89 -61.32
CA TYR C 64 11.58 28.90 -60.68
C TYR C 64 13.07 28.91 -61.00
N GLY C 65 13.62 27.75 -61.36
CA GLY C 65 15.00 27.62 -61.84
C GLY C 65 15.16 28.18 -63.25
N ALA C 66 15.03 29.51 -63.32
CA ALA C 66 14.88 30.21 -64.57
C ALA C 66 15.81 31.41 -64.69
N LYS C 67 15.94 32.00 -65.89
CA LYS C 67 17.04 32.94 -66.11
C LYS C 67 16.68 34.35 -66.57
N ASP C 68 16.17 34.55 -67.78
CA ASP C 68 15.80 35.89 -68.16
C ASP C 68 14.41 35.95 -68.75
N PHE C 69 13.97 37.16 -69.15
CA PHE C 69 12.85 37.31 -70.08
C PHE C 69 12.99 36.36 -71.28
N ASN C 70 14.27 36.04 -71.50
CA ASN C 70 14.68 35.03 -72.47
C ASN C 70 14.43 33.62 -72.02
N ASP C 71 14.95 33.18 -70.87
CA ASP C 71 14.76 31.80 -70.44
C ASP C 71 13.28 31.42 -70.31
N PHE C 72 12.47 32.40 -69.92
CA PHE C 72 11.01 32.24 -69.94
C PHE C 72 10.48 31.76 -71.29
N ILE C 73 10.92 32.44 -72.35
CA ILE C 73 10.52 32.13 -73.71
C ILE C 73 11.01 30.75 -74.10
N HIS C 74 12.25 30.39 -73.74
CA HIS C 74 12.73 29.07 -74.13
C HIS C 74 11.89 27.93 -73.55
N LEU C 75 11.61 28.02 -72.24
CA LEU C 75 10.74 27.06 -71.58
C LEU C 75 9.43 26.92 -72.33
N CYS C 76 8.88 28.09 -72.71
CA CYS C 76 7.64 28.16 -73.46
C CYS C 76 7.75 27.63 -74.88
N GLU C 77 8.90 27.68 -75.55
CA GLU C 77 9.06 26.98 -76.81
C GLU C 77 8.93 25.47 -76.56
N GLN C 78 9.73 25.04 -75.59
CA GLN C 78 9.98 23.63 -75.37
C GLN C 78 8.84 22.84 -74.76
N ALA C 79 8.38 23.13 -73.52
CA ALA C 79 7.34 22.31 -72.88
C ALA C 79 6.08 22.17 -73.72
N ARG C 80 5.81 23.21 -74.51
CA ARG C 80 4.71 23.20 -75.46
C ARG C 80 4.73 22.05 -76.45
N GLN C 81 5.88 21.55 -76.57
CA GLN C 81 5.94 20.28 -77.17
C GLN C 81 5.14 19.17 -76.38
N ILE C 82 4.37 19.39 -75.28
CA ILE C 82 3.63 18.36 -74.52
C ILE C 82 2.54 18.80 -73.52
N VAL C 83 2.27 20.08 -73.17
CA VAL C 83 1.66 20.50 -71.88
C VAL C 83 0.25 20.17 -71.30
N ASN C 84 -0.12 20.83 -70.16
CA ASN C 84 -1.48 20.88 -69.63
C ASN C 84 -1.73 22.32 -69.19
N GLU C 85 -2.60 22.98 -69.96
CA GLU C 85 -2.41 24.41 -70.13
C GLU C 85 -2.94 25.25 -68.99
N GLY C 86 -4.05 24.87 -68.35
CA GLY C 86 -4.56 25.58 -67.18
C GLY C 86 -3.52 25.74 -66.05
N MET C 87 -2.78 24.66 -65.83
CA MET C 87 -1.72 24.59 -64.84
C MET C 87 -0.54 25.40 -65.33
N PHE C 88 -0.20 25.23 -66.60
CA PHE C 88 0.87 25.99 -67.24
C PHE C 88 0.67 27.49 -67.14
N VAL C 89 -0.49 28.06 -67.51
CA VAL C 89 -0.77 29.48 -67.28
C VAL C 89 -0.73 29.86 -65.80
N TYR C 90 -1.18 28.98 -64.90
CA TYR C 90 -1.12 29.23 -63.47
C TYR C 90 0.33 29.36 -63.00
N ALA C 91 1.21 28.54 -63.61
CA ALA C 91 2.62 28.54 -63.29
C ALA C 91 3.34 29.73 -63.90
N VAL C 92 3.09 30.02 -65.18
CA VAL C 92 3.70 31.18 -65.81
C VAL C 92 3.18 32.47 -65.19
N SER C 93 1.93 32.55 -64.72
CA SER C 93 1.45 33.73 -64.03
C SER C 93 2.00 33.79 -62.61
N VAL C 94 2.25 32.72 -61.83
CA VAL C 94 2.95 32.88 -60.57
C VAL C 94 4.40 33.31 -60.82
N ALA C 95 5.01 32.83 -61.90
CA ALA C 95 6.31 33.30 -62.32
C ALA C 95 6.35 34.74 -62.82
N VAL C 96 5.53 35.14 -63.79
CA VAL C 96 5.68 36.41 -64.49
C VAL C 96 4.93 37.55 -63.79
N LEU C 97 4.56 37.20 -62.55
CA LEU C 97 4.43 38.15 -61.47
C LEU C 97 5.69 38.37 -60.63
N HIS C 98 6.48 37.32 -60.33
CA HIS C 98 7.43 37.39 -59.21
C HIS C 98 8.90 37.06 -59.41
N ARG C 99 9.43 36.72 -60.60
CA ARG C 99 10.86 36.44 -60.72
C ARG C 99 11.61 37.51 -61.49
N GLU C 100 12.58 38.09 -60.78
CA GLU C 100 12.80 39.54 -60.79
C GLU C 100 13.27 40.26 -62.06
N ASP C 101 13.34 39.57 -63.21
CA ASP C 101 13.71 40.13 -64.51
C ASP C 101 12.59 40.62 -65.43
N CYS C 102 11.38 40.89 -64.94
CA CYS C 102 10.21 40.93 -65.81
C CYS C 102 9.23 42.10 -65.72
N LYS C 103 9.45 43.18 -64.97
CA LYS C 103 8.40 44.18 -64.65
C LYS C 103 7.85 45.01 -65.79
N GLY C 104 6.58 45.42 -65.66
CA GLY C 104 5.84 45.95 -66.79
C GLY C 104 5.48 44.85 -67.77
N ILE C 105 5.60 43.57 -67.40
CA ILE C 105 4.99 42.51 -68.19
C ILE C 105 3.57 42.42 -67.64
N THR C 106 2.60 42.11 -68.50
CA THR C 106 1.24 42.00 -68.01
C THR C 106 0.82 40.58 -68.29
N VAL C 107 0.07 40.03 -67.34
CA VAL C 107 -0.49 38.70 -67.48
C VAL C 107 -1.68 38.81 -68.44
N PRO C 108 -1.76 37.97 -69.50
CA PRO C 108 -2.92 37.91 -70.40
C PRO C 108 -4.23 37.75 -69.63
N PRO C 109 -5.21 38.65 -69.83
CA PRO C 109 -6.44 38.71 -69.04
C PRO C 109 -7.31 37.46 -69.11
N ILE C 110 -7.46 36.79 -67.97
CA ILE C 110 -8.19 35.52 -67.88
C ILE C 110 -9.64 35.53 -68.38
N GLN C 111 -10.26 36.70 -68.34
CA GLN C 111 -11.67 36.83 -68.72
C GLN C 111 -11.75 36.72 -70.22
N GLU C 112 -10.69 37.26 -70.83
CA GLU C 112 -10.55 37.35 -72.27
C GLU C 112 -9.82 36.18 -72.88
N VAL C 113 -8.85 35.53 -72.22
CA VAL C 113 -8.33 34.24 -72.69
C VAL C 113 -9.19 33.02 -72.37
N PHE C 114 -9.94 33.05 -71.26
CA PHE C 114 -10.90 32.00 -70.96
C PHE C 114 -12.25 32.62 -70.59
N PRO C 115 -13.06 33.09 -71.56
CA PRO C 115 -14.38 33.66 -71.30
C PRO C 115 -15.44 32.69 -70.81
N ASP C 116 -15.20 31.40 -71.06
CA ASP C 116 -16.13 30.31 -70.83
C ASP C 116 -16.55 30.24 -69.38
N ARG C 117 -15.57 30.41 -68.48
CA ARG C 117 -15.89 30.43 -67.06
C ARG C 117 -16.60 31.67 -66.51
N PHE C 118 -16.87 32.65 -67.38
CA PHE C 118 -17.50 33.91 -66.99
C PHE C 118 -18.91 34.09 -67.54
N VAL C 119 -19.17 33.66 -68.78
CA VAL C 119 -20.43 33.92 -69.45
C VAL C 119 -21.32 32.68 -69.69
N PRO C 120 -22.60 32.83 -70.08
CA PRO C 120 -23.43 31.74 -70.57
C PRO C 120 -22.97 30.99 -71.83
N ALA C 121 -22.89 29.68 -71.65
CA ALA C 121 -22.67 28.70 -72.72
C ALA C 121 -23.37 29.02 -74.03
N GLU C 122 -24.64 29.45 -73.88
CA GLU C 122 -25.46 29.97 -74.98
C GLU C 122 -24.83 31.16 -75.72
N THR C 123 -24.37 32.22 -75.05
CA THR C 123 -23.79 33.36 -75.75
C THR C 123 -22.39 33.09 -76.28
N ILE C 124 -21.73 32.01 -75.84
CA ILE C 124 -20.50 31.56 -76.48
C ILE C 124 -20.91 30.92 -77.82
N ASN C 125 -21.84 29.96 -77.66
CA ASN C 125 -22.41 29.19 -78.74
C ASN C 125 -23.03 30.08 -79.83
N ARG C 126 -23.68 31.18 -79.43
CA ARG C 126 -24.33 32.12 -80.35
C ARG C 126 -23.33 32.93 -81.16
N ALA C 127 -22.35 33.58 -80.52
CA ALA C 127 -21.34 34.35 -81.22
C ALA C 127 -20.57 33.49 -82.23
N ASN C 128 -20.13 32.33 -81.72
CA ASN C 128 -19.62 31.23 -82.54
C ASN C 128 -20.53 30.92 -83.71
N LYS C 129 -21.80 30.62 -83.45
CA LYS C 129 -22.74 30.26 -84.49
C LYS C 129 -22.99 31.42 -85.45
N GLU C 130 -22.90 32.69 -85.03
CA GLU C 130 -23.11 33.81 -85.95
C GLU C 130 -21.94 33.98 -86.91
N ALA C 131 -20.69 33.69 -86.49
CA ALA C 131 -19.57 33.56 -87.40
C ALA C 131 -19.74 32.40 -88.39
N SER C 132 -20.36 31.28 -87.99
CA SER C 132 -20.78 30.29 -88.96
C SER C 132 -22.01 30.71 -89.76
N ASN C 133 -22.83 31.64 -89.25
CA ASN C 133 -24.02 32.07 -89.98
C ASN C 133 -23.79 33.11 -91.05
N HIS C 134 -22.80 33.98 -90.84
CA HIS C 134 -22.45 34.99 -91.83
C HIS C 134 -20.93 34.96 -91.94
N PRO C 135 -20.25 34.21 -92.82
CA PRO C 135 -18.79 34.26 -92.95
C PRO C 135 -18.28 35.59 -93.52
N ASP C 136 -18.21 36.57 -92.63
CA ASP C 136 -17.83 37.92 -92.98
C ASP C 136 -16.96 38.49 -91.86
N GLN C 137 -16.30 39.60 -92.15
CA GLN C 137 -15.43 40.28 -91.20
C GLN C 137 -16.20 41.14 -90.19
N GLN C 138 -17.52 41.32 -90.35
CA GLN C 138 -18.37 41.97 -89.34
C GLN C 138 -18.32 41.37 -87.95
N SER C 139 -18.22 42.29 -86.99
CA SER C 139 -18.28 41.97 -85.57
C SER C 139 -19.65 41.40 -85.21
N ILE C 140 -19.74 40.68 -84.11
CA ILE C 140 -20.98 40.12 -83.63
C ILE C 140 -21.09 40.59 -82.19
N VAL C 141 -22.28 40.96 -81.75
CA VAL C 141 -22.51 41.36 -80.37
C VAL C 141 -23.73 40.58 -79.94
N VAL C 142 -23.66 39.90 -78.79
CA VAL C 142 -24.76 39.07 -78.34
C VAL C 142 -25.13 39.57 -76.95
N GLU C 143 -26.42 39.68 -76.69
CA GLU C 143 -26.89 40.11 -75.38
C GLU C 143 -27.00 38.92 -74.44
N ALA C 144 -26.09 38.93 -73.46
CA ALA C 144 -25.94 37.85 -72.51
C ALA C 144 -27.16 37.57 -71.67
N GLU C 145 -27.98 38.61 -71.46
CA GLU C 145 -29.15 38.61 -70.59
C GLU C 145 -29.99 37.34 -70.48
N GLU C 146 -30.29 36.66 -71.61
CA GLU C 146 -31.17 35.50 -71.68
C GLU C 146 -32.64 35.77 -71.32
N THR C 147 -33.52 34.77 -71.33
CA THR C 147 -34.93 34.89 -71.01
C THR C 147 -35.36 33.53 -70.50
N GLY C 148 -35.94 33.50 -69.30
CA GLY C 148 -36.31 32.28 -68.62
C GLY C 148 -37.15 32.57 -67.39
N ASN C 149 -37.73 31.53 -66.80
CA ASN C 149 -38.71 31.70 -65.74
C ASN C 149 -38.05 31.84 -64.37
N ILE C 150 -38.07 33.03 -63.79
CA ILE C 150 -37.51 33.26 -62.47
C ILE C 150 -38.33 32.62 -61.34
N LEU C 151 -38.14 31.31 -61.13
CA LEU C 151 -38.65 30.64 -59.91
C LEU C 151 -37.86 31.03 -58.67
N ASP C 152 -36.55 31.15 -58.90
CA ASP C 152 -35.53 31.23 -57.87
C ASP C 152 -35.28 32.64 -57.34
N PRO C 153 -35.33 32.89 -56.02
CA PRO C 153 -34.91 34.15 -55.43
C PRO C 153 -33.44 34.47 -55.68
N GLU C 154 -32.52 33.49 -55.62
CA GLU C 154 -31.09 33.75 -55.58
C GLU C 154 -30.51 34.34 -56.85
N TYR C 155 -31.10 34.03 -58.01
CA TYR C 155 -30.74 34.58 -59.32
C TYR C 155 -30.63 36.11 -59.34
N LYS C 156 -31.38 36.79 -58.46
CA LYS C 156 -31.19 38.23 -58.21
C LYS C 156 -29.71 38.54 -57.98
N LEU C 157 -29.06 37.89 -57.01
CA LEU C 157 -27.71 38.27 -56.58
C LEU C 157 -26.59 37.97 -57.57
N SER C 158 -27.02 37.44 -58.72
CA SER C 158 -26.18 37.16 -59.86
C SER C 158 -25.74 38.42 -60.59
N TYR C 159 -26.14 39.63 -60.17
CA TYR C 159 -25.44 40.85 -60.52
C TYR C 159 -24.00 40.90 -60.01
N PHE C 160 -23.85 40.41 -58.77
CA PHE C 160 -22.63 40.55 -57.98
C PHE C 160 -21.72 39.35 -58.16
N ARG C 161 -22.25 38.16 -57.85
CA ARG C 161 -21.49 36.93 -57.75
C ARG C 161 -20.74 36.54 -59.01
N GLU C 162 -21.45 36.75 -60.11
CA GLU C 162 -21.08 36.23 -61.41
C GLU C 162 -20.31 37.22 -62.28
N ASP C 163 -19.90 38.33 -61.65
CA ASP C 163 -19.35 39.47 -62.36
C ASP C 163 -17.91 39.25 -62.81
N ILE C 164 -17.56 39.95 -63.89
CA ILE C 164 -16.30 39.73 -64.59
C ILE C 164 -15.08 40.01 -63.71
N GLY C 165 -15.17 41.22 -63.12
CA GLY C 165 -14.11 41.78 -62.30
C GLY C 165 -14.04 41.11 -60.94
N ILE C 166 -15.22 40.78 -60.42
CA ILE C 166 -15.34 39.92 -59.25
C ILE C 166 -14.51 38.67 -59.49
N ASN C 167 -14.85 37.85 -60.49
CA ASN C 167 -14.23 36.55 -60.63
C ASN C 167 -12.76 36.52 -61.05
N ALA C 168 -12.40 37.55 -61.83
CA ALA C 168 -11.02 37.82 -62.17
C ALA C 168 -10.20 38.17 -60.93
N HIS C 169 -10.67 39.11 -60.08
CA HIS C 169 -9.98 39.48 -58.83
C HIS C 169 -9.62 38.24 -58.03
N HIS C 170 -10.59 37.35 -57.99
CA HIS C 170 -10.51 36.13 -57.25
C HIS C 170 -9.34 35.26 -57.71
N TRP C 171 -9.20 34.96 -59.02
CA TRP C 171 -7.99 34.28 -59.51
C TRP C 171 -6.74 35.09 -59.18
N HIS C 172 -6.72 36.35 -59.62
CA HIS C 172 -5.62 37.26 -59.34
C HIS C 172 -5.09 37.39 -57.93
N TRP C 173 -5.94 37.32 -56.90
CA TRP C 173 -5.49 37.36 -55.52
C TRP C 173 -4.60 36.17 -55.20
N HIS C 174 -5.01 34.98 -55.65
CA HIS C 174 -4.23 33.76 -55.43
C HIS C 174 -3.22 33.46 -56.52
N ILE C 175 -3.21 34.25 -57.60
CA ILE C 175 -2.03 34.24 -58.44
C ILE C 175 -0.95 35.11 -57.81
N VAL C 176 -1.32 36.21 -57.14
CA VAL C 176 -0.34 36.99 -56.39
C VAL C 176 0.06 36.34 -55.06
N TYR C 177 -0.83 35.59 -54.39
CA TYR C 177 -0.47 34.73 -53.26
C TYR C 177 -0.76 33.25 -53.47
N PRO C 178 0.09 32.44 -54.13
CA PRO C 178 -0.09 31.00 -54.25
C PRO C 178 0.18 30.21 -52.97
N ALA C 179 -0.68 29.23 -52.69
CA ALA C 179 -0.55 28.37 -51.52
C ALA C 179 0.79 27.64 -51.46
N THR C 180 1.26 27.24 -52.62
CA THR C 180 2.56 26.66 -52.83
C THR C 180 3.72 27.66 -52.94
N TRP C 181 3.57 28.95 -52.63
CA TRP C 181 4.72 29.81 -52.46
C TRP C 181 5.59 29.34 -51.31
N ASN C 182 6.55 28.49 -51.64
CA ASN C 182 7.72 28.31 -50.80
C ASN C 182 8.55 29.61 -50.77
N PRO C 183 8.86 30.21 -49.61
CA PRO C 183 9.74 31.37 -49.51
C PRO C 183 11.21 31.11 -49.82
N THR C 184 11.80 30.03 -49.33
CA THR C 184 13.26 29.84 -49.33
C THR C 184 13.78 29.56 -50.73
N VAL C 185 13.21 28.55 -51.37
CA VAL C 185 13.59 28.15 -52.72
C VAL C 185 13.24 29.24 -53.75
N MET C 186 12.31 30.13 -53.38
CA MET C 186 12.01 31.31 -54.17
C MET C 186 12.52 32.62 -53.55
N GLY C 187 13.52 32.54 -52.66
CA GLY C 187 14.34 33.68 -52.26
C GLY C 187 13.75 34.64 -51.23
N LYS C 188 12.43 34.91 -51.31
CA LYS C 188 11.74 35.90 -50.50
C LYS C 188 10.29 35.51 -50.19
N GLU C 189 9.71 36.21 -49.23
CA GLU C 189 8.42 35.86 -48.67
C GLU C 189 7.26 36.75 -49.08
N LYS C 190 6.08 36.39 -48.57
CA LYS C 190 4.85 37.04 -48.98
C LYS C 190 4.09 37.57 -47.79
N ASP C 191 4.22 38.90 -47.68
CA ASP C 191 3.68 39.64 -46.56
C ASP C 191 2.21 39.47 -46.25
N ARG C 192 2.14 38.91 -45.03
CA ARG C 192 0.92 38.68 -44.29
C ARG C 192 -0.15 37.80 -44.92
N LYS C 193 0.31 36.81 -45.70
CA LYS C 193 -0.59 36.09 -46.61
C LYS C 193 -1.74 35.38 -45.92
N GLY C 194 -1.57 34.82 -44.72
CA GLY C 194 -2.64 34.11 -44.03
C GLY C 194 -3.72 35.07 -43.57
N GLU C 195 -3.30 36.08 -42.80
CA GLU C 195 -4.25 37.10 -42.32
C GLU C 195 -4.97 37.78 -43.46
N LEU C 196 -4.20 38.19 -44.47
CA LEU C 196 -4.79 38.87 -45.61
C LEU C 196 -5.78 37.95 -46.28
N PHE C 197 -5.49 36.65 -46.23
CA PHE C 197 -6.39 35.59 -46.70
C PHE C 197 -7.66 35.41 -45.88
N PHE C 198 -7.66 35.61 -44.56
CA PHE C 198 -8.91 35.76 -43.81
C PHE C 198 -9.71 36.91 -44.43
N TYR C 199 -9.03 38.06 -44.37
CA TYR C 199 -9.64 39.35 -44.55
C TYR C 199 -10.33 39.52 -45.89
N MET C 200 -9.57 39.45 -46.99
CA MET C 200 -10.10 39.59 -48.34
C MET C 200 -11.35 38.73 -48.54
N HIS C 201 -11.34 37.55 -47.91
CA HIS C 201 -12.46 36.63 -48.05
C HIS C 201 -13.66 37.04 -47.21
N GLN C 202 -13.43 37.54 -45.98
CA GLN C 202 -14.48 38.16 -45.18
C GLN C 202 -15.02 39.36 -45.91
N GLN C 203 -14.20 40.32 -46.35
CA GLN C 203 -14.66 41.48 -47.11
C GLN C 203 -15.50 41.12 -48.31
N MET C 204 -15.10 40.12 -49.12
CA MET C 204 -16.01 39.59 -50.15
C MET C 204 -17.39 39.18 -49.63
N CYS C 205 -17.39 38.29 -48.64
CA CYS C 205 -18.62 37.77 -48.09
C CYS C 205 -19.41 38.75 -47.24
N ALA C 206 -18.80 39.88 -46.83
CA ALA C 206 -19.50 40.95 -46.12
C ALA C 206 -20.19 41.90 -47.10
N ARG C 207 -19.49 42.17 -48.21
CA ARG C 207 -20.15 42.85 -49.34
C ARG C 207 -21.36 42.06 -49.82
N TYR C 208 -21.16 40.76 -50.03
CA TYR C 208 -22.25 39.82 -50.25
C TYR C 208 -23.29 39.86 -49.14
N ASP C 209 -22.95 39.69 -47.86
CA ASP C 209 -23.95 39.76 -46.80
C ASP C 209 -24.78 41.03 -46.74
N SER C 210 -24.21 42.13 -47.23
CA SER C 210 -24.99 43.31 -47.49
C SER C 210 -25.93 43.07 -48.67
N GLU C 211 -25.39 42.65 -49.83
CA GLU C 211 -26.16 42.34 -51.02
C GLU C 211 -27.32 41.40 -50.67
N ARG C 212 -27.19 40.46 -49.72
CA ARG C 212 -28.36 39.70 -49.26
C ARG C 212 -29.45 40.54 -48.58
N LEU C 213 -29.08 41.36 -47.60
CA LEU C 213 -29.98 42.29 -46.95
C LEU C 213 -30.52 43.40 -47.84
N SER C 214 -29.79 43.80 -48.88
CA SER C 214 -30.25 44.87 -49.76
C SER C 214 -31.54 44.46 -50.45
N ASN C 215 -31.46 43.21 -50.90
CA ASN C 215 -32.54 42.45 -51.50
C ASN C 215 -33.69 42.12 -50.56
N GLY C 216 -33.50 42.28 -49.25
CA GLY C 216 -34.49 41.86 -48.27
C GLY C 216 -34.44 40.37 -48.03
N LEU C 217 -33.22 39.84 -48.07
CA LEU C 217 -32.96 38.50 -47.60
C LEU C 217 -32.08 38.59 -46.36
N GLN C 218 -31.80 37.44 -45.74
CA GLN C 218 -30.90 37.35 -44.61
C GLN C 218 -29.44 37.15 -45.04
N ARG C 219 -28.48 37.50 -44.17
CA ARG C 219 -27.07 37.14 -44.30
C ARG C 219 -26.89 35.65 -44.57
N MET C 220 -25.78 35.29 -45.23
CA MET C 220 -25.61 33.92 -45.71
C MET C 220 -25.18 33.00 -44.59
N ILE C 221 -25.94 31.90 -44.49
CA ILE C 221 -25.70 30.84 -43.50
C ILE C 221 -24.42 29.99 -43.67
N PRO C 222 -23.56 29.89 -42.64
CA PRO C 222 -22.33 29.10 -42.64
C PRO C 222 -22.41 27.57 -42.68
N PHE C 223 -21.41 26.90 -43.29
CA PHE C 223 -21.38 25.45 -43.38
C PHE C 223 -20.76 24.95 -42.09
N HIS C 224 -21.55 25.09 -41.03
CA HIS C 224 -21.09 24.73 -39.71
C HIS C 224 -21.15 23.23 -39.52
N ASN C 225 -22.10 22.52 -40.13
CA ASN C 225 -22.20 21.08 -39.97
C ASN C 225 -21.91 20.52 -41.34
N PHE C 226 -21.43 19.28 -41.39
CA PHE C 226 -21.07 18.62 -42.63
C PHE C 226 -22.21 17.77 -43.20
N ASP C 227 -23.10 17.29 -42.32
CA ASP C 227 -24.25 16.49 -42.70
C ASP C 227 -25.16 17.26 -43.67
N GLU C 228 -25.45 18.51 -43.27
CA GLU C 228 -26.43 19.37 -43.92
C GLU C 228 -26.22 19.62 -45.42
N PRO C 229 -27.21 19.32 -46.26
CA PRO C 229 -27.17 19.47 -47.72
C PRO C 229 -26.68 20.77 -48.32
N LEU C 230 -26.13 20.66 -49.52
CA LEU C 230 -25.70 21.81 -50.30
C LEU C 230 -26.77 22.18 -51.32
N GLU C 231 -26.90 23.50 -51.48
CA GLU C 231 -27.84 24.13 -52.39
C GLU C 231 -27.57 23.77 -53.84
N GLY C 232 -28.63 23.93 -54.62
CA GLY C 232 -28.64 23.59 -56.02
C GLY C 232 -28.30 24.79 -56.88
N TYR C 233 -27.54 24.54 -57.94
CA TYR C 233 -27.08 25.60 -58.83
C TYR C 233 -26.59 25.07 -60.17
N ALA C 234 -26.96 25.84 -61.19
CA ALA C 234 -26.48 25.66 -62.55
C ALA C 234 -25.75 26.91 -63.06
N PRO C 235 -24.42 26.90 -63.19
CA PRO C 235 -23.61 28.05 -63.61
C PRO C 235 -23.91 28.56 -65.01
N HIS C 236 -24.38 27.63 -65.86
CA HIS C 236 -24.65 27.85 -67.28
C HIS C 236 -23.38 28.11 -68.09
N LEU C 237 -22.33 27.32 -67.82
CA LEU C 237 -21.00 27.54 -68.36
C LEU C 237 -20.50 26.26 -69.03
N THR C 238 -20.37 26.20 -70.37
CA THR C 238 -19.70 25.08 -71.01
C THR C 238 -18.25 25.45 -71.28
N SER C 239 -17.28 24.54 -71.11
CA SER C 239 -15.89 24.90 -71.20
C SER C 239 -15.32 24.90 -72.62
N LEU C 240 -14.65 25.98 -73.06
CA LEU C 240 -14.08 26.08 -74.41
C LEU C 240 -12.97 25.08 -74.72
N VAL C 241 -12.45 24.38 -73.72
CA VAL C 241 -11.39 23.40 -73.91
C VAL C 241 -11.82 22.11 -74.60
N SER C 242 -13.12 21.86 -74.72
CA SER C 242 -13.65 20.62 -75.26
C SER C 242 -15.13 20.87 -75.59
N GLY C 243 -16.00 19.86 -75.47
CA GLY C 243 -17.43 20.08 -75.56
C GLY C 243 -18.11 20.15 -74.20
N LEU C 244 -17.51 19.51 -73.18
CA LEU C 244 -18.15 19.28 -71.89
C LEU C 244 -18.43 20.51 -71.03
N GLN C 245 -18.97 20.31 -69.82
CA GLN C 245 -19.29 21.43 -68.97
C GLN C 245 -19.20 21.04 -67.52
N TYR C 246 -19.10 22.10 -66.72
CA TYR C 246 -19.17 22.01 -65.27
C TYR C 246 -20.53 21.40 -64.95
N ALA C 247 -20.52 20.12 -64.58
CA ALA C 247 -21.70 19.44 -64.07
C ALA C 247 -22.31 20.21 -62.92
N SER C 248 -23.62 20.42 -62.92
CA SER C 248 -24.18 21.43 -62.04
C SER C 248 -24.95 20.78 -60.90
N ARG C 249 -24.91 21.31 -59.68
CA ARG C 249 -25.35 20.58 -58.51
C ARG C 249 -26.86 20.67 -58.29
N PRO C 250 -27.65 19.61 -58.18
CA PRO C 250 -28.92 19.72 -57.46
C PRO C 250 -28.70 19.87 -55.96
N GLU C 251 -29.67 20.50 -55.31
CA GLU C 251 -29.74 20.62 -53.87
C GLU C 251 -30.06 19.27 -53.27
N GLY C 252 -29.99 19.24 -51.94
CA GLY C 252 -30.30 18.04 -51.19
C GLY C 252 -29.14 17.07 -51.22
N TYR C 253 -27.93 17.61 -51.44
CA TYR C 253 -26.75 16.78 -51.54
C TYR C 253 -25.92 16.87 -50.28
N SER C 254 -25.72 15.73 -49.63
CA SER C 254 -24.79 15.66 -48.52
C SER C 254 -23.37 15.48 -49.04
N ILE C 255 -22.45 15.89 -48.16
CA ILE C 255 -21.05 15.98 -48.48
C ILE C 255 -20.44 14.58 -48.45
N HIS C 256 -19.52 14.27 -49.37
CA HIS C 256 -19.08 12.90 -49.50
C HIS C 256 -17.58 12.80 -49.40
N ASP C 257 -17.13 11.68 -48.84
CA ASP C 257 -15.72 11.36 -48.71
C ASP C 257 -15.01 11.29 -50.05
N LEU C 258 -13.68 11.37 -49.99
CA LEU C 258 -12.86 11.42 -51.20
C LEU C 258 -11.88 10.24 -51.23
N SER C 259 -11.37 9.85 -52.40
CA SER C 259 -10.21 8.96 -52.46
C SER C 259 -8.96 9.51 -51.75
N ASP C 260 -8.94 10.82 -51.49
CA ASP C 260 -7.88 11.42 -50.70
C ASP C 260 -8.26 11.45 -49.21
N VAL C 261 -9.22 12.29 -48.82
CA VAL C 261 -9.55 12.52 -47.42
C VAL C 261 -10.97 12.08 -47.07
N ASP C 262 -11.17 11.48 -45.90
CA ASP C 262 -12.51 11.33 -45.36
C ASP C 262 -13.12 12.64 -44.82
N VAL C 263 -14.45 12.78 -44.88
CA VAL C 263 -15.14 13.97 -44.33
C VAL C 263 -14.87 14.16 -42.84
N GLN C 264 -14.64 12.98 -42.27
CA GLN C 264 -14.08 12.78 -40.95
C GLN C 264 -12.68 13.36 -40.73
N ASP C 265 -11.62 13.15 -41.52
CA ASP C 265 -10.30 13.78 -41.27
C ASP C 265 -10.40 15.29 -41.34
N MET C 266 -11.33 15.76 -42.19
CA MET C 266 -11.78 17.15 -42.18
C MET C 266 -12.30 17.56 -40.81
N VAL C 267 -13.19 16.73 -40.24
CA VAL C 267 -13.78 17.01 -38.93
C VAL C 267 -12.69 17.00 -37.86
N ARG C 268 -11.75 16.07 -38.02
CA ARG C 268 -10.66 15.87 -37.08
C ARG C 268 -9.83 17.14 -37.04
N TRP C 269 -9.35 17.58 -38.22
CA TRP C 269 -8.60 18.81 -38.37
C TRP C 269 -9.28 19.99 -37.68
N ARG C 270 -10.59 20.14 -37.82
CA ARG C 270 -11.30 21.27 -37.23
C ARG C 270 -11.16 21.29 -35.71
N GLU C 271 -11.47 20.20 -35.01
CA GLU C 271 -11.28 20.16 -33.56
C GLU C 271 -9.82 20.32 -33.18
N ARG C 272 -8.90 19.74 -33.96
CA ARG C 272 -7.46 19.92 -33.80
C ARG C 272 -7.03 21.40 -33.87
N ILE C 273 -7.73 22.20 -34.67
CA ILE C 273 -7.51 23.65 -34.73
C ILE C 273 -8.18 24.34 -33.53
N LEU C 274 -9.48 24.03 -33.33
CA LEU C 274 -10.33 24.80 -32.44
C LEU C 274 -9.82 24.71 -31.00
N ASP C 275 -9.39 23.50 -30.66
CA ASP C 275 -8.72 23.26 -29.40
C ASP C 275 -7.42 24.05 -29.27
N ALA C 276 -6.61 24.17 -30.32
CA ALA C 276 -5.39 24.97 -30.30
C ALA C 276 -5.64 26.48 -30.15
N ILE C 277 -6.80 26.97 -30.57
CA ILE C 277 -7.23 28.32 -30.21
C ILE C 277 -7.43 28.41 -28.70
N ASN C 278 -8.20 27.49 -28.11
CA ASN C 278 -8.48 27.47 -26.68
C ASN C 278 -7.18 27.35 -25.88
N MET C 279 -6.29 26.48 -26.36
CA MET C 279 -4.95 26.31 -25.82
C MET C 279 -4.04 27.48 -26.19
N HIS C 280 -4.35 28.25 -27.22
CA HIS C 280 -3.61 29.42 -27.67
C HIS C 280 -2.23 29.17 -28.26
N TYR C 281 -2.01 28.00 -28.88
CA TYR C 281 -0.74 27.71 -29.54
C TYR C 281 -0.83 26.73 -30.71
N ILE C 282 0.27 26.63 -31.46
CA ILE C 282 0.44 25.69 -32.56
C ILE C 282 1.76 24.89 -32.57
N VAL C 283 1.60 23.64 -32.98
CA VAL C 283 2.72 22.74 -33.13
C VAL C 283 3.10 22.69 -34.60
N ASP C 284 4.30 23.18 -34.88
CA ASP C 284 4.84 23.13 -36.23
C ASP C 284 5.30 21.71 -36.56
N LYS C 285 5.72 21.44 -37.81
CA LYS C 285 6.27 20.14 -38.19
C LYS C 285 7.49 19.57 -37.47
N ASP C 286 8.00 20.33 -36.49
CA ASP C 286 9.03 19.90 -35.56
C ASP C 286 8.47 19.54 -34.17
N ASN C 287 7.18 19.79 -33.88
CA ASN C 287 6.50 19.57 -32.59
C ASN C 287 6.57 20.70 -31.56
N ASN C 288 7.31 21.78 -31.89
CA ASN C 288 7.54 22.88 -30.95
C ASN C 288 6.41 23.89 -30.95
N LYS C 289 5.99 24.26 -29.75
CA LYS C 289 4.82 25.12 -29.58
C LYS C 289 5.15 26.58 -29.83
N ILE C 290 4.74 27.20 -30.94
CA ILE C 290 4.89 28.66 -31.09
C ILE C 290 3.60 29.40 -30.72
N PRO C 291 3.56 30.60 -30.13
CA PRO C 291 2.33 31.22 -29.63
C PRO C 291 1.29 31.70 -30.63
N LEU C 292 0.02 31.42 -30.33
CA LEU C 292 -1.07 32.07 -31.06
C LEU C 292 -1.34 33.44 -30.49
N ASP C 293 -0.38 34.24 -30.94
CA ASP C 293 -0.21 35.63 -30.56
C ASP C 293 -1.30 36.49 -31.20
N ILE C 294 -1.35 37.75 -30.76
CA ILE C 294 -2.23 38.76 -31.32
C ILE C 294 -1.60 39.25 -32.61
N GLU C 295 -0.28 39.50 -32.66
CA GLU C 295 0.35 39.81 -33.93
C GLU C 295 0.45 38.61 -34.87
N HIS C 296 1.40 37.72 -34.59
CA HIS C 296 1.87 36.71 -35.54
C HIS C 296 0.85 35.65 -35.85
N GLY C 297 0.08 35.31 -34.79
CA GLY C 297 -0.89 34.23 -34.77
C GLY C 297 -1.74 34.07 -36.02
N THR C 298 -2.09 35.19 -36.67
CA THR C 298 -3.04 35.10 -37.78
C THR C 298 -2.37 34.78 -39.10
N ASP C 299 -1.10 35.20 -39.24
CA ASP C 299 -0.32 34.83 -40.40
C ASP C 299 -0.01 33.35 -40.26
N ILE C 300 0.35 32.95 -39.04
CA ILE C 300 0.69 31.55 -38.78
C ILE C 300 -0.49 30.60 -38.63
N LEU C 301 -1.72 31.08 -38.41
CA LEU C 301 -2.91 30.25 -38.54
C LEU C 301 -3.35 30.18 -40.00
N GLY C 302 -3.39 31.37 -40.62
CA GLY C 302 -4.06 31.58 -41.89
C GLY C 302 -3.41 30.83 -43.03
N ASP C 303 -2.07 30.81 -42.96
CA ASP C 303 -1.28 29.95 -43.83
C ASP C 303 -1.60 28.48 -43.63
N ILE C 304 -1.65 28.04 -42.37
CA ILE C 304 -1.99 26.70 -41.90
C ILE C 304 -3.37 26.20 -42.30
N ILE C 305 -4.43 26.97 -42.13
CA ILE C 305 -5.77 26.55 -42.51
C ILE C 305 -5.94 26.42 -44.03
N GLU C 306 -5.21 27.22 -44.84
CA GLU C 306 -5.36 27.23 -46.29
C GLU C 306 -5.17 25.90 -47.02
N SER C 307 -4.12 25.07 -47.01
CA SER C 307 -2.91 25.27 -46.21
C SER C 307 -1.88 25.87 -47.15
N SER C 308 -0.80 26.49 -46.69
CA SER C 308 0.27 26.82 -47.61
C SER C 308 1.42 25.84 -47.48
N ASP C 309 2.47 25.96 -48.31
CA ASP C 309 3.78 25.39 -47.98
C ASP C 309 4.29 25.97 -46.67
N GLU C 310 4.02 27.25 -46.45
CA GLU C 310 4.16 27.88 -45.15
C GLU C 310 3.36 27.20 -44.03
N SER C 311 2.51 26.17 -44.27
CA SER C 311 1.77 25.49 -43.23
C SER C 311 2.78 24.72 -42.42
N LYS C 312 2.99 25.45 -41.32
CA LYS C 312 3.79 25.01 -40.19
C LYS C 312 3.34 23.64 -39.77
N ASN C 313 2.05 23.28 -39.74
CA ASN C 313 1.72 21.88 -39.87
C ASN C 313 0.62 21.57 -40.87
N VAL C 314 1.02 20.65 -41.75
CA VAL C 314 0.19 20.17 -42.83
C VAL C 314 -0.69 18.99 -42.46
N GLU C 315 -0.16 17.93 -41.84
CA GLU C 315 -0.93 16.70 -41.59
C GLU C 315 -1.97 16.86 -40.46
N TYR C 316 -1.44 17.67 -39.53
CA TYR C 316 -2.14 17.95 -38.31
C TYR C 316 -3.25 18.94 -38.54
N TYR C 317 -3.08 20.07 -39.23
CA TYR C 317 -4.16 21.03 -39.45
C TYR C 317 -4.86 20.87 -40.78
N GLY C 318 -4.31 20.00 -41.65
CA GLY C 318 -4.87 19.74 -42.97
C GLY C 318 -4.54 20.86 -43.93
N SER C 319 -5.48 21.03 -44.87
CA SER C 319 -5.63 22.23 -45.68
C SER C 319 -7.13 22.55 -45.70
N LEU C 320 -7.77 22.71 -44.52
CA LEU C 320 -9.21 22.50 -44.34
C LEU C 320 -10.06 23.32 -45.31
N HIS C 321 -9.52 24.53 -45.54
CA HIS C 321 -10.06 25.46 -46.52
C HIS C 321 -10.17 24.89 -47.94
N ASN C 322 -9.02 24.50 -48.50
CA ASN C 322 -8.92 23.92 -49.85
C ASN C 322 -9.69 22.61 -49.92
N TRP C 323 -9.45 21.78 -48.92
CA TRP C 323 -10.05 20.45 -48.89
C TRP C 323 -11.56 20.50 -48.95
N GLY C 324 -12.22 21.34 -48.16
CA GLY C 324 -13.66 21.57 -48.26
C GLY C 324 -14.13 21.91 -49.67
N HIS C 325 -13.27 22.66 -50.37
CA HIS C 325 -13.52 22.95 -51.78
C HIS C 325 -13.59 21.70 -52.63
N VAL C 326 -12.72 20.69 -52.51
CA VAL C 326 -12.81 19.49 -53.34
C VAL C 326 -14.18 18.86 -53.12
N MET C 327 -14.42 18.43 -51.87
CA MET C 327 -15.68 17.81 -51.48
C MET C 327 -16.93 18.61 -51.80
N MET C 328 -16.94 19.95 -51.71
CA MET C 328 -18.15 20.72 -52.03
C MET C 328 -18.43 20.86 -53.52
N ALA C 329 -17.42 20.55 -54.34
CA ALA C 329 -17.44 20.76 -55.80
C ALA C 329 -17.52 19.47 -56.60
N ASN C 330 -16.91 18.42 -56.03
CA ASN C 330 -17.15 17.07 -56.54
C ASN C 330 -18.32 16.37 -55.84
N ILE C 331 -19.27 17.18 -55.38
CA ILE C 331 -20.53 16.80 -54.74
C ILE C 331 -21.45 15.95 -55.63
N THR C 332 -21.09 15.87 -56.90
CA THR C 332 -21.78 15.01 -57.86
C THR C 332 -21.14 13.62 -57.81
N ASP C 333 -19.83 13.59 -57.55
CA ASP C 333 -18.97 12.50 -57.95
C ASP C 333 -17.59 12.56 -57.29
N PRO C 334 -17.42 12.24 -56.00
CA PRO C 334 -16.10 12.15 -55.38
C PRO C 334 -15.27 10.95 -55.84
N ASP C 335 -15.91 9.77 -55.89
CA ASP C 335 -15.38 8.51 -56.41
C ASP C 335 -14.81 8.68 -57.81
N HIS C 336 -15.44 9.53 -58.62
CA HIS C 336 -14.93 9.97 -59.92
C HIS C 336 -14.87 8.99 -61.08
N ARG C 337 -15.49 7.84 -60.83
CA ARG C 337 -15.90 6.86 -61.83
C ARG C 337 -16.52 7.43 -63.12
N PHE C 338 -17.29 8.50 -62.95
CA PHE C 338 -18.11 9.09 -64.00
C PHE C 338 -17.38 10.08 -64.89
N GLN C 339 -16.34 10.75 -64.37
CA GLN C 339 -15.56 11.76 -65.11
C GLN C 339 -16.26 13.07 -65.45
N GLU C 340 -17.31 13.41 -64.69
CA GLU C 340 -17.99 14.71 -64.82
C GLU C 340 -17.11 15.87 -64.39
N ASN C 341 -17.08 16.91 -65.22
CA ASN C 341 -16.34 18.14 -64.93
C ASN C 341 -16.96 18.76 -63.67
N PRO C 342 -16.22 18.90 -62.56
CA PRO C 342 -16.76 19.32 -61.26
C PRO C 342 -17.47 20.67 -61.17
N GLY C 343 -18.14 20.88 -60.04
CA GLY C 343 -18.72 22.16 -59.68
C GLY C 343 -17.67 23.26 -59.54
N VAL C 344 -18.12 24.44 -59.95
CA VAL C 344 -17.32 25.66 -60.05
C VAL C 344 -16.46 26.12 -58.88
N MET C 345 -16.55 25.45 -57.73
CA MET C 345 -15.76 25.71 -56.53
C MET C 345 -14.33 25.19 -56.67
N SER C 346 -14.06 24.36 -57.70
CA SER C 346 -12.75 23.73 -57.98
C SER C 346 -11.62 24.64 -58.48
N ASP C 347 -12.06 25.80 -58.96
CA ASP C 347 -11.23 26.82 -59.52
C ASP C 347 -11.55 28.11 -58.76
N THR C 348 -10.61 29.03 -58.76
CA THR C 348 -10.79 30.28 -58.09
C THR C 348 -11.53 31.30 -58.98
N SER C 349 -11.48 31.23 -60.31
CA SER C 349 -12.20 32.17 -61.18
C SER C 349 -13.72 31.96 -61.27
N THR C 350 -14.17 30.70 -61.15
CA THR C 350 -15.60 30.37 -61.22
C THR C 350 -16.34 30.49 -59.89
N SER C 351 -15.67 29.94 -58.86
CA SER C 351 -16.11 29.95 -57.48
C SER C 351 -17.21 30.84 -56.94
N LEU C 352 -17.39 32.12 -57.31
CA LEU C 352 -18.25 33.00 -56.53
C LEU C 352 -19.72 33.05 -56.94
N ARG C 353 -20.04 32.41 -58.06
CA ARG C 353 -21.40 32.31 -58.55
C ARG C 353 -22.32 31.41 -57.72
N ASP C 354 -21.74 30.23 -57.42
CA ASP C 354 -22.37 29.13 -56.68
C ASP C 354 -22.58 29.53 -55.23
N PRO C 355 -23.85 29.59 -54.78
CA PRO C 355 -24.27 30.07 -53.48
C PRO C 355 -23.62 29.43 -52.27
N ILE C 356 -23.28 28.14 -52.36
CA ILE C 356 -22.61 27.41 -51.28
C ILE C 356 -21.25 27.99 -50.95
N PHE C 357 -20.62 28.68 -51.92
CA PHE C 357 -19.31 29.31 -51.74
C PHE C 357 -19.16 30.07 -50.42
N TYR C 358 -20.19 30.85 -50.14
CA TYR C 358 -20.24 31.71 -48.98
C TYR C 358 -20.53 30.89 -47.72
N ARG C 359 -21.24 29.75 -47.84
CA ARG C 359 -21.54 28.89 -46.71
C ARG C 359 -20.22 28.38 -46.12
N TRP C 360 -19.28 27.91 -46.95
CA TRP C 360 -17.95 27.56 -46.46
C TRP C 360 -17.13 28.78 -46.00
N HIS C 361 -17.38 29.98 -46.53
CA HIS C 361 -16.51 31.11 -46.24
C HIS C 361 -16.87 31.87 -44.99
N ARG C 362 -18.12 31.73 -44.57
CA ARG C 362 -18.44 32.11 -43.22
C ARG C 362 -17.91 31.07 -42.26
N PHE C 363 -17.86 29.80 -42.68
CA PHE C 363 -17.39 28.73 -41.81
C PHE C 363 -15.95 28.99 -41.42
N ILE C 364 -15.06 29.11 -42.42
CA ILE C 364 -13.67 29.44 -42.14
C ILE C 364 -13.53 30.77 -41.38
N ASP C 365 -14.36 31.76 -41.77
CA ASP C 365 -14.46 33.03 -41.05
C ASP C 365 -14.82 32.80 -39.59
N ASN C 366 -15.70 31.84 -39.29
CA ASN C 366 -16.13 31.51 -37.94
C ASN C 366 -14.95 31.01 -37.12
N ILE C 367 -14.03 30.24 -37.74
CA ILE C 367 -12.80 29.85 -37.06
C ILE C 367 -11.97 31.09 -36.76
N PHE C 368 -11.72 31.94 -37.76
CA PHE C 368 -10.93 33.16 -37.55
C PHE C 368 -11.51 34.09 -36.50
N GLN C 369 -12.85 34.15 -36.53
CA GLN C 369 -13.66 34.85 -35.53
C GLN C 369 -13.43 34.22 -34.17
N GLU C 370 -13.28 32.91 -33.97
CA GLU C 370 -12.92 32.41 -32.65
C GLU C 370 -11.57 32.93 -32.18
N HIS C 371 -10.61 33.02 -33.11
CA HIS C 371 -9.26 33.41 -32.69
C HIS C 371 -9.21 34.88 -32.28
N LYS C 372 -9.84 35.72 -33.10
CA LYS C 372 -10.11 37.11 -32.74
C LYS C 372 -10.99 37.20 -31.50
N LYS C 373 -12.00 36.33 -31.31
CA LYS C 373 -12.88 36.28 -30.14
C LYS C 373 -12.21 35.97 -28.82
N SER C 374 -11.19 35.09 -28.77
CA SER C 374 -10.46 34.89 -27.53
C SER C 374 -9.56 36.09 -27.21
N PHE C 375 -9.17 36.87 -28.23
CA PHE C 375 -8.57 38.18 -27.97
C PHE C 375 -9.64 39.12 -27.41
N HIS C 376 -9.21 40.10 -26.63
CA HIS C 376 -10.12 40.97 -25.89
C HIS C 376 -10.60 42.19 -26.66
N PRO C 377 -11.84 42.69 -26.42
CA PRO C 377 -12.38 43.95 -26.95
C PRO C 377 -11.45 45.15 -26.82
N TYR C 378 -11.77 46.25 -27.50
CA TYR C 378 -10.91 47.41 -27.47
C TYR C 378 -11.20 48.41 -26.38
N THR C 379 -10.16 48.76 -25.61
CA THR C 379 -10.27 49.82 -24.62
C THR C 379 -10.63 51.12 -25.33
N LYS C 380 -11.37 51.99 -24.66
CA LYS C 380 -11.65 53.34 -25.13
C LYS C 380 -10.36 54.11 -25.36
N GLU C 381 -9.38 53.89 -24.47
CA GLU C 381 -8.01 54.35 -24.57
C GLU C 381 -7.46 54.03 -25.97
N GLU C 382 -7.42 52.72 -26.26
CA GLU C 382 -6.97 52.17 -27.52
C GLU C 382 -7.72 52.74 -28.73
N LEU C 383 -9.04 52.90 -28.59
CA LEU C 383 -9.85 53.46 -29.65
C LEU C 383 -9.69 54.98 -29.89
N SER C 384 -9.03 55.66 -28.95
CA SER C 384 -8.96 57.11 -28.99
C SER C 384 -7.67 57.75 -29.48
N PHE C 385 -7.89 58.35 -30.65
CA PHE C 385 -6.99 59.33 -31.21
C PHE C 385 -7.23 60.61 -30.41
N PRO C 386 -6.29 60.98 -29.54
CA PRO C 386 -6.47 62.05 -28.57
C PRO C 386 -6.66 63.41 -29.22
N GLY C 387 -7.66 64.20 -28.83
CA GLY C 387 -7.72 65.60 -29.19
C GLY C 387 -8.48 65.91 -30.47
N VAL C 388 -8.48 65.07 -31.50
CA VAL C 388 -9.14 65.35 -32.78
C VAL C 388 -10.62 65.02 -32.67
N GLU C 389 -11.55 65.96 -32.94
CA GLU C 389 -12.95 65.63 -32.86
C GLU C 389 -13.64 65.62 -34.22
N VAL C 390 -14.13 64.46 -34.66
CA VAL C 390 -14.98 64.28 -35.82
C VAL C 390 -16.33 64.97 -35.62
N VAL C 391 -16.42 66.21 -36.06
CA VAL C 391 -17.64 67.01 -35.94
C VAL C 391 -18.71 66.50 -36.92
N GLY C 392 -18.35 65.61 -37.85
CA GLY C 392 -19.35 64.90 -38.64
C GLY C 392 -18.85 64.59 -40.04
N VAL C 393 -19.68 63.84 -40.79
CA VAL C 393 -19.45 63.50 -42.19
C VAL C 393 -20.83 63.70 -42.85
N SER C 394 -20.93 63.67 -44.19
CA SER C 394 -22.17 63.62 -44.99
C SER C 394 -21.77 63.21 -46.41
N ILE C 395 -22.58 62.55 -47.24
CA ILE C 395 -22.14 62.21 -48.59
C ILE C 395 -22.93 63.02 -49.60
N ASN C 396 -22.30 63.67 -50.58
CA ASN C 396 -23.06 64.38 -51.59
C ASN C 396 -22.92 63.69 -52.94
N SER C 397 -23.96 62.97 -53.35
CA SER C 397 -24.03 62.35 -54.66
C SER C 397 -24.70 63.35 -55.62
N LYS C 398 -25.82 63.05 -56.28
CA LYS C 398 -26.70 64.08 -56.81
C LYS C 398 -27.40 64.90 -55.72
N THR C 399 -27.66 64.25 -54.57
CA THR C 399 -28.28 64.87 -53.42
C THR C 399 -27.45 64.51 -52.19
N ALA C 400 -27.75 65.00 -50.98
CA ALA C 400 -27.11 64.52 -49.76
C ALA C 400 -27.61 63.15 -49.31
N ASN C 401 -26.71 62.38 -48.70
CA ASN C 401 -26.97 61.10 -48.04
C ASN C 401 -27.80 60.02 -48.74
N VAL C 402 -27.77 60.07 -50.06
CA VAL C 402 -28.21 58.95 -50.89
C VAL C 402 -27.02 58.60 -51.78
N ILE C 403 -26.76 57.37 -52.21
CA ILE C 403 -25.95 57.15 -53.40
C ILE C 403 -26.91 56.43 -54.33
N THR C 404 -26.75 56.57 -55.63
CA THR C 404 -27.70 55.96 -56.54
C THR C 404 -27.00 55.06 -57.53
N THR C 405 -27.41 53.80 -57.49
CA THR C 405 -26.73 52.71 -58.18
C THR C 405 -27.39 52.54 -59.54
N LEU C 406 -26.73 51.96 -60.53
CA LEU C 406 -27.31 51.91 -61.86
C LEU C 406 -27.09 50.53 -62.41
N ILE C 407 -27.65 50.30 -63.59
CA ILE C 407 -27.24 49.20 -64.46
C ILE C 407 -26.36 49.76 -65.57
N LYS C 408 -25.25 49.11 -65.93
CA LYS C 408 -24.48 49.47 -67.09
C LYS C 408 -24.23 48.21 -67.91
N GLU C 409 -24.79 48.25 -69.12
CA GLU C 409 -24.49 47.26 -70.15
C GLU C 409 -23.05 47.39 -70.58
N SER C 410 -22.41 46.30 -70.97
CA SER C 410 -20.99 46.33 -71.23
C SER C 410 -20.57 45.16 -72.11
N LEU C 411 -19.28 45.07 -72.44
CA LEU C 411 -18.77 44.11 -73.41
C LEU C 411 -17.58 43.32 -72.87
N LEU C 412 -17.28 42.19 -73.53
CA LEU C 412 -16.17 41.33 -73.22
C LEU C 412 -15.87 40.65 -74.55
N GLU C 413 -14.61 40.72 -74.98
CA GLU C 413 -14.26 40.36 -76.34
C GLU C 413 -13.90 38.88 -76.49
N LEU C 414 -14.85 38.06 -76.94
CA LEU C 414 -14.70 36.62 -76.98
C LEU C 414 -13.56 36.15 -77.90
N SER C 415 -13.39 36.80 -79.05
CA SER C 415 -12.28 36.67 -80.01
C SER C 415 -10.90 36.26 -79.55
N HIS C 416 -10.50 36.87 -78.44
CA HIS C 416 -9.19 36.59 -77.86
C HIS C 416 -9.18 35.15 -77.37
N GLY C 417 -10.25 34.79 -76.64
CA GLY C 417 -10.40 33.47 -76.07
C GLY C 417 -10.77 32.42 -77.08
N ILE C 418 -11.83 32.59 -77.88
CA ILE C 418 -12.20 31.52 -78.80
C ILE C 418 -11.84 31.89 -80.23
N ASN C 419 -11.95 30.93 -81.16
CA ASN C 419 -11.61 31.21 -82.54
C ASN C 419 -12.72 31.90 -83.32
N PHE C 420 -12.53 33.21 -83.56
CA PHE C 420 -13.41 33.94 -84.46
C PHE C 420 -13.38 33.36 -85.88
N GLY C 421 -12.17 32.95 -86.30
CA GLY C 421 -11.94 32.38 -87.62
C GLY C 421 -11.93 33.44 -88.71
N THR C 422 -13.07 34.14 -88.80
CA THR C 422 -13.26 35.24 -89.73
C THR C 422 -13.30 36.63 -89.09
N ASP C 423 -14.37 36.92 -88.35
CA ASP C 423 -14.77 38.28 -88.01
C ASP C 423 -13.79 39.08 -87.17
N GLN C 424 -14.06 40.37 -86.97
CA GLN C 424 -13.25 41.14 -86.05
C GLN C 424 -13.36 40.71 -84.60
N SER C 425 -14.58 40.61 -84.09
CA SER C 425 -14.79 40.65 -82.65
C SER C 425 -16.12 39.98 -82.42
N VAL C 426 -16.17 39.13 -81.40
CA VAL C 426 -17.41 38.51 -81.01
C VAL C 426 -17.61 39.04 -79.61
N LYS C 427 -18.71 39.72 -79.35
CA LYS C 427 -18.79 40.48 -78.13
C LYS C 427 -19.97 39.93 -77.37
N VAL C 428 -19.79 39.73 -76.08
CA VAL C 428 -20.90 39.49 -75.16
C VAL C 428 -21.26 40.74 -74.35
N LYS C 429 -22.40 41.32 -74.74
CA LYS C 429 -23.01 42.42 -74.04
C LYS C 429 -23.58 41.89 -72.72
N TYR C 430 -23.00 42.25 -71.58
CA TYR C 430 -23.57 41.88 -70.29
C TYR C 430 -24.15 43.10 -69.58
N HIS C 431 -24.81 42.96 -68.44
CA HIS C 431 -25.39 44.08 -67.71
C HIS C 431 -24.91 43.99 -66.26
N HIS C 432 -24.32 45.07 -65.73
CA HIS C 432 -23.77 45.02 -64.37
C HIS C 432 -24.26 46.16 -63.49
N LEU C 433 -24.23 45.99 -62.17
CA LEU C 433 -24.62 47.00 -61.19
C LEU C 433 -23.55 48.07 -61.16
N ASP C 434 -23.84 49.34 -60.84
CA ASP C 434 -22.81 50.37 -60.70
C ASP C 434 -23.28 51.32 -59.61
N HIS C 435 -22.78 52.55 -59.54
CA HIS C 435 -23.16 53.47 -58.49
C HIS C 435 -22.83 54.87 -58.98
N GLU C 436 -23.51 55.89 -58.48
CA GLU C 436 -23.10 57.28 -58.65
C GLU C 436 -21.77 57.54 -57.92
N PRO C 437 -20.92 58.46 -58.40
CA PRO C 437 -19.79 59.01 -57.65
C PRO C 437 -20.25 59.79 -56.44
N PHE C 438 -19.42 60.06 -55.44
CA PHE C 438 -19.88 60.75 -54.26
C PHE C 438 -18.66 61.22 -53.49
N THR C 439 -18.87 62.07 -52.50
CA THR C 439 -17.77 62.50 -51.70
C THR C 439 -18.06 62.32 -50.22
N TYR C 440 -17.00 62.26 -49.42
CA TYR C 440 -17.11 62.42 -47.99
C TYR C 440 -16.84 63.89 -47.74
N ASN C 441 -17.62 64.59 -46.94
CA ASN C 441 -17.20 65.88 -46.41
C ASN C 441 -17.12 65.53 -44.93
N ILE C 442 -15.94 65.62 -44.30
CA ILE C 442 -15.74 65.24 -42.91
C ILE C 442 -15.17 66.44 -42.17
N VAL C 443 -15.84 66.86 -41.09
CA VAL C 443 -15.47 68.02 -40.28
C VAL C 443 -14.84 67.56 -38.96
N VAL C 444 -13.81 68.29 -38.50
CA VAL C 444 -12.97 67.94 -37.36
C VAL C 444 -12.65 69.15 -36.46
N GLU C 445 -12.61 69.03 -35.13
CA GLU C 445 -12.02 70.03 -34.24
C GLU C 445 -10.70 69.49 -33.70
N ASN C 446 -9.58 69.89 -34.32
CA ASN C 446 -8.26 69.54 -33.84
C ASN C 446 -7.82 70.50 -32.73
N ASN C 447 -8.29 70.14 -31.53
CA ASN C 447 -8.08 70.93 -30.30
C ASN C 447 -6.61 71.23 -29.99
N SER C 448 -5.74 70.28 -30.35
CA SER C 448 -4.32 70.41 -30.12
C SER C 448 -3.71 71.49 -30.98
N GLY C 449 -2.90 72.37 -30.37
CA GLY C 449 -2.16 73.39 -31.11
C GLY C 449 -1.26 72.84 -32.22
N ALA C 450 -0.89 71.56 -32.19
CA ALA C 450 -0.17 70.94 -33.29
C ALA C 450 -1.11 70.32 -34.31
N GLU C 451 -0.70 70.48 -35.58
CA GLU C 451 -1.19 69.70 -36.70
C GLU C 451 -1.19 68.20 -36.46
N LYS C 452 -2.32 67.53 -36.72
CA LYS C 452 -2.39 66.09 -36.59
C LYS C 452 -2.34 65.29 -37.90
N HIS C 453 -1.54 64.23 -37.94
CA HIS C 453 -1.51 63.35 -39.10
C HIS C 453 -2.39 62.15 -38.78
N SER C 454 -3.41 61.84 -39.57
CA SER C 454 -4.31 60.73 -39.27
C SER C 454 -4.28 59.59 -40.28
N THR C 455 -4.81 58.42 -39.91
CA THR C 455 -5.23 57.40 -40.85
C THR C 455 -6.73 57.22 -40.59
N VAL C 456 -7.50 57.50 -41.64
CA VAL C 456 -8.97 57.52 -41.67
C VAL C 456 -9.55 56.26 -42.32
N ARG C 457 -10.12 55.38 -41.49
CA ARG C 457 -10.63 54.08 -41.91
C ARG C 457 -12.13 54.32 -42.12
N ILE C 458 -12.77 54.22 -43.28
CA ILE C 458 -14.18 54.55 -43.44
C ILE C 458 -14.94 53.28 -43.76
N PHE C 459 -16.14 53.04 -43.22
CA PHE C 459 -16.84 51.77 -43.36
C PHE C 459 -18.29 51.97 -43.82
N LEU C 460 -18.85 50.90 -44.37
CA LEU C 460 -20.24 50.78 -44.76
C LEU C 460 -20.79 49.46 -44.23
N ALA C 461 -21.87 49.57 -43.45
CA ALA C 461 -22.61 48.42 -42.97
C ALA C 461 -24.10 48.64 -43.27
N PRO C 462 -25.04 47.73 -42.95
CA PRO C 462 -26.47 48.05 -42.88
C PRO C 462 -27.07 48.44 -41.53
N LYS C 463 -27.96 49.42 -41.60
CA LYS C 463 -28.59 50.00 -40.43
C LYS C 463 -29.82 49.22 -40.00
N TYR C 464 -30.56 48.69 -40.99
CA TYR C 464 -31.64 47.75 -40.77
C TYR C 464 -31.21 46.31 -40.51
N ASP C 465 -32.04 45.51 -39.84
CA ASP C 465 -31.89 44.06 -39.91
C ASP C 465 -32.98 43.58 -40.87
N GLU C 466 -33.21 42.28 -40.85
CA GLU C 466 -34.35 41.67 -41.52
C GLU C 466 -35.48 41.44 -40.51
N LEU C 467 -35.11 41.65 -39.25
CA LEU C 467 -35.96 41.49 -38.09
C LEU C 467 -36.68 42.80 -37.75
N ASN C 468 -35.87 43.86 -37.60
CA ASN C 468 -36.31 45.25 -37.40
C ASN C 468 -35.10 46.17 -37.54
N ASN C 469 -35.07 47.48 -37.29
CA ASN C 469 -33.86 48.32 -37.35
C ASN C 469 -32.98 48.14 -36.11
N LYS C 470 -31.94 47.29 -36.08
CA LYS C 470 -31.17 47.04 -34.86
C LYS C 470 -29.64 47.08 -34.93
N LEU C 471 -29.07 48.19 -34.45
CA LEU C 471 -27.64 48.52 -34.57
C LEU C 471 -26.63 47.80 -33.67
N GLU C 472 -26.84 46.48 -33.56
CA GLU C 472 -25.95 45.58 -32.87
C GLU C 472 -24.65 45.41 -33.65
N PRO C 473 -23.61 46.12 -33.18
CA PRO C 473 -22.36 46.30 -33.90
C PRO C 473 -21.55 45.02 -33.96
N ASP C 474 -21.64 44.12 -32.97
CA ASP C 474 -20.95 42.84 -33.06
C ASP C 474 -21.53 42.00 -34.18
N GLU C 475 -22.86 41.91 -34.28
CA GLU C 475 -23.57 41.40 -35.44
C GLU C 475 -23.19 42.14 -36.71
N GLN C 476 -23.09 43.47 -36.67
CA GLN C 476 -22.72 44.25 -37.83
C GLN C 476 -21.29 44.05 -38.29
N ARG C 477 -20.35 43.60 -37.44
CA ARG C 477 -18.97 43.37 -37.87
C ARG C 477 -18.78 42.37 -38.99
N ARG C 478 -19.76 41.47 -39.14
CA ARG C 478 -19.75 40.54 -40.25
C ARG C 478 -20.08 41.25 -41.57
N LEU C 479 -20.83 42.35 -41.51
CA LEU C 479 -21.35 43.07 -42.65
C LEU C 479 -20.47 44.26 -43.01
N PHE C 480 -19.91 44.88 -41.96
CA PHE C 480 -19.00 46.01 -42.05
C PHE C 480 -17.95 45.91 -43.12
N ILE C 481 -17.96 46.84 -44.07
CA ILE C 481 -17.00 46.87 -45.16
C ILE C 481 -16.24 48.17 -45.18
N GLU C 482 -14.92 48.07 -45.31
CA GLU C 482 -14.05 49.22 -45.34
C GLU C 482 -14.17 49.84 -46.73
N LEU C 483 -14.66 51.05 -46.80
CA LEU C 483 -14.83 51.78 -48.03
C LEU C 483 -13.59 52.57 -48.41
N ASP C 484 -12.71 52.93 -47.48
CA ASP C 484 -11.59 53.80 -47.77
C ASP C 484 -10.66 53.78 -46.57
N LYS C 485 -9.38 54.13 -46.78
CA LYS C 485 -8.40 54.25 -45.70
C LYS C 485 -7.29 55.17 -46.15
N PHE C 486 -7.17 56.37 -45.60
CA PHE C 486 -6.12 57.31 -46.02
C PHE C 486 -5.37 58.04 -44.90
N PHE C 487 -4.32 58.78 -45.29
CA PHE C 487 -3.55 59.66 -44.42
C PHE C 487 -3.90 61.09 -44.82
N TYR C 488 -4.22 61.94 -43.85
CA TYR C 488 -4.37 63.36 -44.09
C TYR C 488 -3.64 64.07 -42.94
N THR C 489 -3.39 65.36 -43.13
CA THR C 489 -2.78 66.19 -42.11
C THR C 489 -3.79 67.29 -41.83
N LEU C 490 -3.92 67.54 -40.53
CA LEU C 490 -4.99 68.33 -39.96
C LEU C 490 -4.42 69.44 -39.11
N THR C 491 -4.60 70.67 -39.59
CA THR C 491 -4.15 71.85 -38.84
C THR C 491 -4.99 72.03 -37.57
N PRO C 492 -4.67 72.90 -36.60
CA PRO C 492 -5.56 73.20 -35.47
C PRO C 492 -6.93 73.68 -35.93
N GLY C 493 -7.91 73.46 -35.06
CA GLY C 493 -9.26 73.98 -35.23
C GLY C 493 -10.12 73.15 -36.17
N LYS C 494 -11.12 73.85 -36.75
CA LYS C 494 -12.06 73.27 -37.70
C LYS C 494 -11.38 72.80 -38.98
N ASN C 495 -11.46 71.51 -39.26
CA ASN C 495 -10.88 70.97 -40.46
C ASN C 495 -12.01 70.28 -41.21
N THR C 496 -11.90 70.40 -42.53
CA THR C 496 -12.71 69.62 -43.44
C THR C 496 -11.78 68.80 -44.33
N ILE C 497 -12.16 67.57 -44.57
CA ILE C 497 -11.47 66.73 -45.53
C ILE C 497 -12.57 66.44 -46.54
N VAL C 498 -12.29 66.39 -47.84
CA VAL C 498 -13.30 66.05 -48.85
C VAL C 498 -12.66 64.92 -49.66
N ARG C 499 -13.34 63.81 -49.92
CA ARG C 499 -12.69 62.65 -50.49
C ARG C 499 -13.64 62.03 -51.50
N ASN C 500 -13.20 61.95 -52.75
CA ASN C 500 -14.07 61.54 -53.86
C ASN C 500 -14.02 60.05 -54.08
N HIS C 501 -15.15 59.46 -54.44
CA HIS C 501 -15.29 58.03 -54.67
C HIS C 501 -14.12 57.22 -55.24
N GLN C 502 -13.39 57.75 -56.24
CA GLN C 502 -12.50 57.00 -57.13
C GLN C 502 -11.31 56.36 -56.44
N ASP C 503 -10.85 57.23 -55.53
CA ASP C 503 -9.62 57.07 -54.77
C ASP C 503 -9.83 56.22 -53.51
N SER C 504 -10.87 55.40 -53.54
CA SER C 504 -11.06 54.32 -52.59
C SER C 504 -9.86 53.39 -52.57
N SER C 505 -9.30 53.15 -51.38
CA SER C 505 -8.15 52.27 -51.29
C SER C 505 -8.41 50.77 -51.50
N VAL C 506 -9.56 50.31 -51.97
CA VAL C 506 -9.90 48.89 -52.10
C VAL C 506 -9.96 48.39 -53.56
N THR C 507 -10.08 49.40 -54.42
CA THR C 507 -10.56 49.24 -55.78
C THR C 507 -9.51 49.14 -56.87
N ILE C 508 -9.91 48.50 -57.97
CA ILE C 508 -9.30 48.84 -59.24
C ILE C 508 -9.98 50.07 -59.86
N SER C 509 -9.16 50.95 -60.44
CA SER C 509 -9.70 51.97 -61.32
C SER C 509 -9.67 51.48 -62.77
N LYS C 510 -8.48 51.51 -63.38
CA LYS C 510 -8.37 51.16 -64.78
C LYS C 510 -7.97 49.72 -65.07
N VAL C 511 -9.00 48.94 -65.37
CA VAL C 511 -8.86 47.65 -66.03
C VAL C 511 -8.12 47.74 -67.39
N ARG C 512 -7.55 46.64 -67.89
CA ARG C 512 -6.78 46.70 -69.13
C ARG C 512 -7.12 45.48 -69.99
N THR C 513 -7.72 45.74 -71.14
CA THR C 513 -7.95 44.70 -72.15
C THR C 513 -6.65 44.34 -72.86
N PHE C 514 -6.61 43.11 -73.37
CA PHE C 514 -5.54 42.61 -74.24
C PHE C 514 -5.12 43.59 -75.36
N ASP C 515 -6.08 44.37 -75.85
CA ASP C 515 -5.84 45.32 -76.93
C ASP C 515 -5.02 46.51 -76.51
N GLN C 516 -5.16 46.91 -75.23
CA GLN C 516 -4.28 47.90 -74.62
C GLN C 516 -2.86 47.36 -74.66
N LEU C 517 -2.71 46.13 -74.17
CA LEU C 517 -1.44 45.45 -74.07
C LEU C 517 -0.73 45.24 -75.42
N GLY C 518 -1.48 44.98 -76.49
CA GLY C 518 -1.01 45.19 -77.85
C GLY C 518 -0.25 46.50 -78.07
N ALA C 519 -0.65 47.64 -77.47
CA ALA C 519 0.14 48.86 -77.55
C ALA C 519 1.04 49.06 -76.33
N GLY C 520 0.47 49.33 -75.15
CA GLY C 520 1.24 49.66 -73.97
C GLY C 520 1.10 51.13 -73.65
N GLU C 521 0.98 51.44 -72.36
CA GLU C 521 0.66 52.79 -71.93
C GLU C 521 1.70 53.17 -70.88
N GLY C 522 1.63 54.36 -70.29
CA GLY C 522 2.51 54.71 -69.20
C GLY C 522 1.72 54.69 -67.90
N VAL C 523 1.53 53.54 -67.23
CA VAL C 523 0.65 53.50 -66.07
C VAL C 523 1.41 53.11 -64.82
N SER C 524 2.01 51.94 -64.80
CA SER C 524 3.46 51.87 -64.89
C SER C 524 3.64 50.49 -65.52
N GLU C 525 4.34 49.54 -64.88
CA GLU C 525 4.54 48.23 -65.45
C GLU C 525 4.89 47.37 -64.24
N ASP C 526 3.91 46.76 -63.60
CA ASP C 526 4.11 45.80 -62.52
C ASP C 526 3.30 44.60 -63.01
N SER C 527 2.40 43.77 -62.43
CA SER C 527 2.02 42.56 -63.17
C SER C 527 0.63 41.92 -63.16
N THR C 528 0.19 40.80 -62.56
CA THR C 528 -1.25 40.48 -62.49
C THR C 528 -2.15 41.33 -61.61
N GLU C 529 -1.64 42.08 -60.64
CA GLU C 529 -2.43 43.12 -60.02
C GLU C 529 -2.76 44.28 -60.95
N TYR C 530 -1.81 45.17 -61.23
CA TYR C 530 -1.85 46.25 -62.22
C TYR C 530 -3.17 46.85 -62.75
N CYS C 531 -4.07 46.01 -63.25
CA CYS C 531 -5.31 46.44 -63.90
C CYS C 531 -6.35 45.32 -63.88
N SER C 532 -6.29 44.50 -62.82
CA SER C 532 -6.95 43.21 -62.78
C SER C 532 -7.26 42.72 -61.35
N CYS C 533 -6.41 43.07 -60.38
CA CYS C 533 -6.68 42.87 -58.96
C CYS C 533 -7.29 44.12 -58.36
N GLY C 534 -7.48 44.21 -57.02
CA GLY C 534 -8.32 45.30 -56.53
C GLY C 534 -9.77 44.90 -56.53
N TRP C 535 -10.70 45.31 -55.67
CA TRP C 535 -12.10 44.97 -55.92
C TRP C 535 -12.62 45.78 -57.10
N PRO C 536 -13.47 45.31 -58.02
CA PRO C 536 -14.09 46.14 -59.04
C PRO C 536 -14.91 47.35 -58.54
N GLU C 537 -14.90 48.46 -59.54
CA GLU C 537 -15.42 49.78 -59.18
C GLU C 537 -16.93 49.75 -59.07
N HIS C 538 -17.62 49.30 -60.11
CA HIS C 538 -19.05 49.13 -60.04
C HIS C 538 -19.68 48.39 -58.85
N MET C 539 -18.91 47.60 -58.08
CA MET C 539 -19.40 46.88 -56.89
C MET C 539 -18.86 47.51 -55.58
N LEU C 540 -18.38 48.75 -55.68
CA LEU C 540 -17.88 49.47 -54.52
C LEU C 540 -18.92 49.76 -53.42
N ILE C 541 -20.17 49.97 -53.79
CA ILE C 541 -21.25 50.22 -52.84
C ILE C 541 -22.37 49.29 -53.27
N PRO C 542 -22.91 48.40 -52.43
CA PRO C 542 -23.97 47.44 -52.74
C PRO C 542 -25.27 48.02 -53.30
N ARG C 543 -26.09 47.17 -53.94
CA ARG C 543 -27.32 47.59 -54.62
C ARG C 543 -28.38 48.36 -53.81
N GLY C 544 -28.54 48.05 -52.53
CA GLY C 544 -29.63 48.59 -51.73
C GLY C 544 -30.96 48.09 -52.27
N SER C 545 -31.86 49.02 -52.54
CA SER C 545 -33.19 48.72 -53.03
C SER C 545 -33.76 49.89 -53.81
N HIS C 546 -34.86 49.69 -54.55
CA HIS C 546 -35.45 50.80 -55.29
C HIS C 546 -36.01 51.92 -54.39
N LYS C 547 -36.48 51.54 -53.19
CA LYS C 547 -36.99 52.46 -52.19
C LYS C 547 -35.96 53.48 -51.70
N GLY C 548 -34.70 53.04 -51.72
CA GLY C 548 -33.64 53.67 -50.97
C GLY C 548 -33.43 52.94 -49.65
N MET C 549 -32.49 51.99 -49.58
CA MET C 549 -32.24 51.28 -48.33
C MET C 549 -31.21 52.07 -47.53
N GLU C 550 -31.09 51.80 -46.21
CA GLU C 550 -30.53 52.71 -45.24
C GLU C 550 -29.43 51.91 -44.55
N PHE C 551 -28.24 52.48 -44.55
CA PHE C 551 -27.01 51.79 -44.29
C PHE C 551 -26.21 52.62 -43.29
N GLU C 552 -24.95 52.28 -43.05
CA GLU C 552 -24.16 52.95 -42.04
C GLU C 552 -22.77 53.23 -42.57
N LEU C 553 -22.40 54.51 -42.63
CA LEU C 553 -21.05 54.91 -43.00
C LEU C 553 -20.26 55.26 -41.75
N PHE C 554 -19.41 54.35 -41.25
CA PHE C 554 -18.76 54.52 -39.97
C PHE C 554 -17.27 54.81 -40.18
N VAL C 555 -16.77 55.93 -39.68
CA VAL C 555 -15.41 56.40 -39.91
C VAL C 555 -14.62 56.26 -38.60
N MET C 556 -13.33 55.99 -38.71
CA MET C 556 -12.44 56.10 -37.58
C MET C 556 -11.26 56.95 -38.02
N LEU C 557 -10.70 57.73 -37.12
CA LEU C 557 -9.39 58.34 -37.32
C LEU C 557 -8.47 57.83 -36.22
N THR C 558 -7.50 57.04 -36.67
CA THR C 558 -6.39 56.61 -35.83
C THR C 558 -5.11 57.38 -36.21
N ASP C 559 -3.94 57.29 -35.56
CA ASP C 559 -2.82 58.19 -35.86
C ASP C 559 -1.99 57.65 -37.02
N HIS C 560 -1.47 58.54 -37.88
CA HIS C 560 -0.63 58.10 -38.97
C HIS C 560 0.83 57.85 -38.64
N ASP C 561 1.43 58.60 -37.72
CA ASP C 561 2.79 58.32 -37.28
C ASP C 561 2.83 57.05 -36.44
N GLU C 562 1.74 56.76 -35.72
CA GLU C 562 1.57 55.44 -35.11
C GLU C 562 1.41 54.39 -36.21
N ASP C 563 0.38 54.52 -37.05
CA ASP C 563 0.04 53.53 -38.07
C ASP C 563 1.06 53.29 -39.16
N THR C 564 1.85 54.26 -39.62
CA THR C 564 2.62 53.97 -40.82
C THR C 564 3.76 53.08 -40.38
N VAL C 565 3.84 51.94 -41.05
CA VAL C 565 5.08 51.18 -41.03
C VAL C 565 6.21 52.07 -41.56
N ALA C 566 7.41 52.05 -40.98
CA ALA C 566 8.56 52.70 -41.59
C ALA C 566 9.38 51.62 -42.28
N GLY C 567 9.99 51.98 -43.41
CA GLY C 567 10.78 51.06 -44.17
C GLY C 567 11.08 51.72 -45.48
N LEU C 568 11.82 51.08 -46.38
CA LEU C 568 12.18 51.71 -47.64
C LEU C 568 11.87 50.78 -48.81
N SER C 569 10.86 51.26 -49.58
CA SER C 569 10.22 50.56 -50.69
C SER C 569 10.10 51.39 -52.00
N GLU C 570 8.99 52.02 -52.47
CA GLU C 570 8.90 52.54 -53.84
C GLU C 570 8.13 53.87 -54.00
N ASN C 571 7.96 54.43 -55.22
CA ASN C 571 7.06 55.56 -55.49
C ASN C 571 5.57 55.30 -55.29
N ALA C 572 4.68 56.21 -55.74
CA ALA C 572 3.25 55.93 -55.83
C ALA C 572 2.98 55.05 -57.05
N VAL C 573 2.34 53.90 -56.84
CA VAL C 573 2.37 52.82 -57.83
C VAL C 573 1.12 51.93 -57.75
N CYS C 574 1.22 50.60 -57.82
CA CYS C 574 0.13 49.66 -57.60
C CYS C 574 -0.15 49.55 -56.10
N SER C 575 -0.60 50.66 -55.57
CA SER C 575 -1.07 50.72 -54.21
C SER C 575 -2.56 51.01 -54.27
N ASP C 576 -3.20 51.14 -55.45
CA ASP C 576 -4.57 51.61 -55.61
C ASP C 576 -5.48 50.79 -54.72
N ALA C 577 -5.49 49.46 -54.91
CA ALA C 577 -6.16 48.59 -53.97
C ALA C 577 -5.38 48.23 -52.69
N VAL C 578 -4.69 49.14 -51.98
CA VAL C 578 -3.99 48.79 -50.74
C VAL C 578 -4.78 48.05 -49.68
N SER C 579 -6.06 48.34 -49.46
CA SER C 579 -6.89 47.60 -48.54
C SER C 579 -7.13 46.10 -48.73
N TYR C 580 -7.83 45.66 -49.79
CA TYR C 580 -8.23 44.25 -49.97
C TYR C 580 -7.16 43.31 -50.49
N CYS C 581 -6.05 43.95 -50.83
CA CYS C 581 -5.03 43.37 -51.65
C CYS C 581 -3.70 43.87 -51.12
N GLY C 582 -3.30 45.13 -51.38
CA GLY C 582 -2.00 45.59 -50.94
C GLY C 582 -1.26 46.47 -51.95
N ALA C 583 0.06 46.28 -51.96
CA ALA C 583 1.00 47.11 -52.70
C ALA C 583 2.19 46.22 -53.00
N ARG C 584 3.09 46.51 -53.94
CA ARG C 584 4.12 45.52 -54.29
C ARG C 584 5.52 45.74 -53.73
N ASP C 585 5.99 44.56 -53.30
CA ASP C 585 7.09 44.33 -52.38
C ASP C 585 7.25 45.24 -51.18
N ASP C 586 6.09 45.47 -50.57
CA ASP C 586 5.96 46.30 -49.39
C ASP C 586 4.97 45.56 -48.47
N ARG C 587 4.63 46.12 -47.29
CA ARG C 587 3.76 45.45 -46.32
C ARG C 587 2.35 46.06 -46.38
N TYR C 588 1.40 45.59 -45.56
CA TYR C 588 0.14 46.29 -45.40
C TYR C 588 0.41 47.54 -44.57
N PRO C 589 0.36 48.76 -45.14
CA PRO C 589 0.86 50.03 -44.56
C PRO C 589 0.44 50.49 -43.17
N ASP C 590 -0.54 49.77 -42.63
CA ASP C 590 -1.25 50.13 -41.43
C ASP C 590 -0.96 49.01 -40.46
N LYS C 591 -0.53 49.47 -39.29
CA LYS C 591 -0.28 48.65 -38.12
C LYS C 591 -1.41 47.69 -37.74
N LYS C 592 -2.63 48.22 -37.71
CA LYS C 592 -3.70 47.45 -37.11
C LYS C 592 -4.26 46.35 -38.01
N ALA C 593 -4.85 45.37 -37.35
CA ALA C 593 -5.46 44.25 -38.02
C ALA C 593 -6.51 44.76 -39.00
N MET C 594 -6.46 44.18 -40.19
CA MET C 594 -7.42 44.48 -41.23
C MET C 594 -8.81 44.11 -40.72
N GLY C 595 -9.62 45.15 -40.54
CA GLY C 595 -10.92 45.02 -39.92
C GLY C 595 -11.18 46.16 -38.94
N PHE C 596 -10.08 46.57 -38.27
CA PHE C 596 -10.02 47.64 -37.28
C PHE C 596 -10.79 48.94 -37.55
N PRO C 597 -11.71 49.33 -36.66
CA PRO C 597 -11.96 48.73 -35.33
C PRO C 597 -12.54 47.31 -35.21
N PHE C 598 -13.25 46.87 -36.23
CA PHE C 598 -14.29 45.84 -36.12
C PHE C 598 -13.86 44.38 -36.23
N ASP C 599 -12.61 44.13 -35.81
CA ASP C 599 -12.03 42.80 -35.76
C ASP C 599 -12.48 42.01 -34.53
N ARG C 600 -12.53 42.70 -33.39
CA ARG C 600 -12.87 42.06 -32.14
C ARG C 600 -14.28 42.19 -31.57
N LYS C 601 -14.46 41.63 -30.36
CA LYS C 601 -15.74 41.63 -29.69
C LYS C 601 -16.22 43.03 -29.30
N ILE C 602 -17.51 43.29 -29.49
CA ILE C 602 -18.11 44.50 -28.98
C ILE C 602 -19.18 44.03 -28.00
N GLU C 603 -19.02 44.44 -26.74
CA GLU C 603 -19.98 44.15 -25.69
C GLU C 603 -21.23 45.04 -25.69
N ALA C 604 -21.08 46.16 -26.42
CA ALA C 604 -22.04 47.23 -26.51
C ALA C 604 -23.19 46.95 -27.49
N ARG C 605 -24.38 47.48 -27.22
CA ARG C 605 -25.55 47.14 -28.01
C ARG C 605 -25.80 48.05 -29.19
N THR C 606 -25.24 49.25 -29.22
CA THR C 606 -25.31 50.05 -30.44
C THR C 606 -23.94 50.54 -30.89
N ALA C 607 -23.82 50.58 -32.21
CA ALA C 607 -22.75 51.31 -32.86
C ALA C 607 -22.58 52.76 -32.37
N ALA C 608 -23.65 53.34 -31.79
CA ALA C 608 -23.52 54.61 -31.10
C ALA C 608 -22.76 54.51 -29.78
N GLU C 609 -22.89 53.46 -28.98
CA GLU C 609 -22.15 53.32 -27.72
C GLU C 609 -20.65 53.24 -27.93
N PHE C 610 -20.32 52.59 -29.06
CA PHE C 610 -18.96 52.41 -29.52
C PHE C 610 -18.30 53.70 -30.02
N LEU C 611 -19.06 54.80 -30.13
CA LEU C 611 -18.52 56.06 -30.60
C LEU C 611 -17.47 56.66 -29.66
N THR C 612 -16.23 56.74 -30.16
CA THR C 612 -15.26 57.69 -29.63
C THR C 612 -15.36 59.00 -30.43
N PRO C 613 -14.90 60.18 -29.96
CA PRO C 613 -14.90 61.44 -30.71
C PRO C 613 -14.09 61.50 -32.01
N ASN C 614 -13.38 60.38 -32.27
CA ASN C 614 -12.72 60.13 -33.54
C ASN C 614 -13.36 58.98 -34.32
N MET C 615 -14.66 58.76 -34.10
CA MET C 615 -15.47 57.83 -34.88
C MET C 615 -16.75 58.51 -35.32
N GLY C 616 -17.44 58.05 -36.36
CA GLY C 616 -18.63 58.74 -36.81
C GLY C 616 -19.43 57.92 -37.80
N LEU C 617 -20.70 57.70 -37.45
CA LEU C 617 -21.66 57.02 -38.30
C LEU C 617 -22.37 58.11 -39.09
N THR C 618 -22.49 57.98 -40.40
CA THR C 618 -23.27 58.91 -41.21
C THR C 618 -24.27 58.04 -41.96
N ASP C 619 -25.54 58.05 -41.56
CA ASP C 619 -26.52 57.12 -42.08
C ASP C 619 -26.91 57.51 -43.49
N ILE C 620 -26.68 56.58 -44.41
CA ILE C 620 -26.84 56.85 -45.81
C ILE C 620 -27.76 55.83 -46.46
N LYS C 621 -28.35 56.35 -47.54
CA LYS C 621 -29.22 55.59 -48.40
C LYS C 621 -28.46 55.17 -49.66
N ILE C 622 -28.92 54.06 -50.23
CA ILE C 622 -28.52 53.58 -51.54
C ILE C 622 -29.82 53.31 -52.29
N LYS C 623 -29.97 53.74 -53.54
CA LYS C 623 -31.17 53.39 -54.27
C LYS C 623 -30.84 52.85 -55.65
N PHE C 624 -31.40 51.69 -55.99
CA PHE C 624 -31.19 51.15 -57.32
C PHE C 624 -32.03 51.89 -58.36
N HIS C 625 -31.34 52.54 -59.30
CA HIS C 625 -32.03 53.03 -60.47
C HIS C 625 -32.47 51.85 -61.33
N GLY C 626 -33.78 51.58 -61.23
CA GLY C 626 -34.46 50.67 -62.13
C GLY C 626 -34.39 51.13 -63.59
N THR D 1 -43.31 14.94 -108.43
CA THR D 1 -43.25 13.49 -108.56
C THR D 1 -42.46 13.03 -107.34
N VAL D 2 -42.46 11.73 -107.08
CA VAL D 2 -41.85 11.18 -105.90
C VAL D 2 -40.34 11.36 -105.89
N ALA D 3 -39.67 11.51 -107.05
CA ALA D 3 -38.27 11.94 -107.03
C ALA D 3 -38.15 13.33 -106.40
N ASP D 4 -38.73 14.37 -107.01
CA ASP D 4 -38.64 15.74 -106.48
C ASP D 4 -39.24 15.91 -105.09
N LYS D 5 -40.19 15.03 -104.74
CA LYS D 5 -40.67 14.86 -103.38
C LYS D 5 -39.50 14.66 -102.42
N GLN D 6 -38.72 13.61 -102.67
CA GLN D 6 -37.45 13.42 -101.99
C GLN D 6 -36.52 14.62 -102.10
N ALA D 7 -36.37 15.16 -103.32
CA ALA D 7 -35.49 16.29 -103.59
C ALA D 7 -35.90 17.63 -103.02
N ARG D 8 -37.03 17.72 -102.31
CA ARG D 8 -37.31 18.90 -101.51
C ARG D 8 -37.04 18.71 -100.02
N LEU D 9 -37.56 17.63 -99.42
CA LEU D 9 -37.45 17.45 -97.98
C LEU D 9 -36.01 17.32 -97.50
N MET D 10 -35.31 16.33 -98.07
CA MET D 10 -33.93 16.06 -97.67
C MET D 10 -33.00 17.24 -97.94
N PRO D 11 -33.06 18.00 -99.05
CA PRO D 11 -32.40 19.30 -99.16
C PRO D 11 -32.67 20.28 -98.04
N LEU D 12 -33.89 20.34 -97.49
CA LEU D 12 -34.15 21.15 -96.29
C LEU D 12 -33.44 20.57 -95.07
N PHE D 13 -33.40 19.23 -94.96
CA PHE D 13 -32.65 18.54 -93.93
C PHE D 13 -31.13 18.47 -94.18
N LYS D 14 -30.65 19.00 -95.30
CA LYS D 14 -29.23 19.26 -95.43
C LYS D 14 -28.83 20.51 -94.63
N HIS D 15 -28.51 20.24 -93.35
CA HIS D 15 -28.20 21.18 -92.27
C HIS D 15 -29.46 21.77 -91.64
N LEU D 16 -30.30 20.87 -91.12
CA LEU D 16 -31.65 21.18 -90.65
C LEU D 16 -31.87 22.32 -89.65
N THR D 17 -31.48 22.17 -88.38
CA THR D 17 -31.87 23.02 -87.24
C THR D 17 -32.06 24.53 -87.49
N ALA D 18 -31.08 25.14 -88.16
CA ALA D 18 -31.07 26.57 -88.46
C ALA D 18 -32.24 27.17 -89.25
N LEU D 19 -33.06 26.28 -89.87
CA LEU D 19 -34.29 26.60 -90.53
C LEU D 19 -35.27 27.12 -89.47
N THR D 20 -35.13 26.66 -88.19
CA THR D 20 -35.95 26.97 -87.04
C THR D 20 -36.12 28.44 -86.88
N ARG D 21 -35.09 29.29 -87.14
CA ARG D 21 -35.36 30.69 -86.94
C ARG D 21 -35.49 31.38 -88.27
N GLU D 22 -36.68 31.99 -88.52
CA GLU D 22 -36.95 32.70 -89.75
C GLU D 22 -37.98 33.77 -89.54
N LYS D 23 -38.27 34.44 -90.68
CA LYS D 23 -39.15 35.55 -90.86
C LYS D 23 -40.56 35.05 -91.01
N LEU D 24 -41.49 35.64 -90.24
CA LEU D 24 -42.91 35.39 -90.30
C LEU D 24 -43.40 36.45 -89.35
N PRO D 25 -43.66 37.65 -89.82
CA PRO D 25 -43.86 38.83 -88.99
C PRO D 25 -45.01 38.71 -87.98
N LEU D 26 -46.10 38.08 -88.47
CA LEU D 26 -47.33 37.89 -87.73
C LEU D 26 -47.87 36.51 -88.05
N ASP D 27 -48.07 35.78 -86.96
CA ASP D 27 -48.64 34.44 -86.91
C ASP D 27 -49.93 34.25 -87.71
N GLN D 28 -50.71 35.34 -87.72
CA GLN D 28 -52.08 35.39 -88.24
C GLN D 28 -52.32 34.72 -89.57
N ARG D 29 -51.29 34.75 -90.43
CA ARG D 29 -51.23 33.95 -91.64
C ARG D 29 -51.83 32.55 -91.54
N ASP D 30 -51.50 31.83 -90.46
CA ASP D 30 -51.97 30.49 -90.25
C ASP D 30 -52.92 30.48 -89.07
N GLU D 31 -54.10 31.07 -89.32
CA GLU D 31 -55.28 30.96 -88.46
C GLU D 31 -55.43 29.57 -87.85
N ARG D 32 -55.11 28.57 -88.67
CA ARG D 32 -54.82 27.22 -88.22
C ARG D 32 -53.97 27.09 -86.96
N LEU D 33 -52.72 27.56 -86.92
CA LEU D 33 -51.82 27.40 -85.79
C LEU D 33 -51.87 28.46 -84.68
N LYS D 34 -52.94 29.27 -84.71
CA LYS D 34 -53.31 30.25 -83.68
C LYS D 34 -52.66 30.30 -82.28
N GLY D 35 -52.78 29.22 -81.51
CA GLY D 35 -52.57 29.29 -80.09
C GLY D 35 -51.25 28.67 -79.67
N VAL D 36 -50.40 28.40 -80.66
CA VAL D 36 -49.13 27.75 -80.45
C VAL D 36 -48.03 28.59 -81.08
N GLY D 37 -47.15 28.87 -80.13
CA GLY D 37 -45.80 29.36 -80.39
C GLY D 37 -45.13 29.63 -79.05
N ILE D 38 -45.54 28.89 -78.01
CA ILE D 38 -45.22 29.25 -76.63
C ILE D 38 -44.27 28.35 -75.85
N LEU D 39 -43.38 27.78 -76.67
CA LEU D 39 -42.09 27.21 -76.29
C LEU D 39 -41.17 27.78 -77.38
N PRO D 40 -40.46 28.88 -77.13
CA PRO D 40 -39.71 29.63 -78.15
C PRO D 40 -38.32 29.12 -78.51
N ARG D 41 -38.18 28.52 -79.70
CA ARG D 41 -36.95 27.86 -80.15
C ARG D 41 -36.18 26.97 -79.17
N GLY D 42 -34.86 27.02 -78.98
CA GLY D 42 -34.17 26.14 -78.05
C GLY D 42 -34.37 26.45 -76.56
N THR D 43 -35.60 26.60 -76.09
CA THR D 43 -35.94 26.47 -74.69
C THR D 43 -36.34 25.00 -74.62
N LEU D 44 -35.42 24.18 -74.12
CA LEU D 44 -35.22 22.88 -74.75
C LEU D 44 -36.35 21.87 -74.65
N PHE D 45 -37.94 21.26 -74.58
CA PHE D 45 -39.04 20.32 -74.79
C PHE D 45 -38.92 19.04 -73.97
N SER D 46 -39.79 18.81 -72.99
CA SER D 46 -39.83 17.51 -72.33
C SER D 46 -40.94 16.81 -73.09
N CYS D 47 -40.62 15.70 -73.78
CA CYS D 47 -41.65 15.02 -74.56
C CYS D 47 -42.77 14.53 -73.67
N PHE D 48 -42.50 14.35 -72.37
CA PHE D 48 -43.56 13.89 -71.49
C PHE D 48 -44.22 14.95 -70.60
N HIS D 49 -43.78 16.21 -70.62
CA HIS D 49 -44.51 17.27 -69.94
C HIS D 49 -45.87 17.59 -70.60
N ALA D 50 -46.98 17.35 -69.89
CA ALA D 50 -48.33 17.23 -70.45
C ALA D 50 -48.79 18.27 -71.47
N ARG D 51 -48.45 19.53 -71.18
CA ARG D 51 -48.88 20.62 -72.04
C ARG D 51 -48.31 20.51 -73.44
N HIS D 52 -47.10 19.99 -73.63
CA HIS D 52 -46.46 19.98 -74.94
C HIS D 52 -46.96 18.99 -75.95
N LEU D 53 -47.53 17.89 -75.44
CA LEU D 53 -48.31 16.95 -76.24
C LEU D 53 -49.67 17.53 -76.64
N ALA D 54 -50.34 18.20 -75.70
CA ALA D 54 -51.55 18.94 -75.99
C ALA D 54 -51.32 20.03 -77.04
N GLU D 55 -50.28 20.85 -76.85
CA GLU D 55 -49.82 21.83 -77.82
C GLU D 55 -49.57 21.14 -79.15
N ALA D 56 -48.83 20.02 -79.11
CA ALA D 56 -48.60 19.23 -80.30
C ALA D 56 -49.88 18.65 -80.91
N THR D 57 -50.95 18.40 -80.16
CA THR D 57 -52.15 17.82 -80.74
C THR D 57 -52.97 18.87 -81.50
N GLU D 58 -52.81 20.16 -81.14
CA GLU D 58 -53.12 21.28 -82.03
C GLU D 58 -52.38 21.12 -83.35
N LEU D 59 -51.08 20.88 -83.27
CA LEU D 59 -50.26 20.64 -84.45
C LEU D 59 -50.61 19.37 -85.18
N TYR D 60 -50.97 18.28 -84.50
CA TYR D 60 -51.37 17.08 -85.21
C TYR D 60 -52.66 17.37 -85.96
N VAL D 61 -53.67 18.00 -85.36
CA VAL D 61 -54.90 18.23 -86.13
C VAL D 61 -54.78 19.22 -87.28
N ALA D 62 -53.97 20.27 -87.06
CA ALA D 62 -53.54 21.12 -88.14
C ALA D 62 -52.79 20.34 -89.23
N LEU D 63 -51.67 19.68 -88.90
CA LEU D 63 -50.81 19.11 -89.95
C LEU D 63 -51.50 18.05 -90.81
N TYR D 64 -52.38 17.26 -90.20
CA TYR D 64 -53.20 16.36 -91.01
C TYR D 64 -54.15 16.94 -92.03
N GLY D 65 -54.70 18.12 -91.76
CA GLY D 65 -55.70 18.73 -92.63
C GLY D 65 -55.09 19.40 -93.85
N ALA D 66 -54.50 18.60 -94.74
CA ALA D 66 -53.83 19.17 -95.89
C ALA D 66 -54.73 19.34 -97.12
N LYS D 67 -54.13 19.80 -98.22
CA LYS D 67 -54.78 19.66 -99.51
C LYS D 67 -54.14 18.50 -100.27
N ASP D 68 -52.93 18.67 -100.81
CA ASP D 68 -52.33 17.66 -101.67
C ASP D 68 -50.84 17.62 -101.35
N PHE D 69 -50.09 16.87 -102.17
CA PHE D 69 -48.66 16.76 -102.01
C PHE D 69 -47.92 18.10 -102.03
N ASN D 70 -48.42 19.10 -102.75
CA ASN D 70 -47.86 20.44 -102.75
C ASN D 70 -48.21 21.23 -101.51
N ASP D 71 -49.50 21.42 -101.19
CA ASP D 71 -49.85 22.22 -100.03
C ASP D 71 -49.24 21.69 -98.73
N PHE D 72 -49.11 20.36 -98.65
CA PHE D 72 -48.35 19.73 -97.57
C PHE D 72 -46.96 20.32 -97.37
N ILE D 73 -46.22 20.43 -98.49
CA ILE D 73 -44.87 20.94 -98.48
C ILE D 73 -44.88 22.40 -98.09
N HIS D 74 -45.83 23.20 -98.59
CA HIS D 74 -45.83 24.61 -98.20
C HIS D 74 -45.98 24.83 -96.70
N LEU D 75 -46.97 24.13 -96.11
CA LEU D 75 -47.15 24.18 -94.67
C LEU D 75 -45.84 23.87 -93.94
N CYS D 76 -45.17 22.83 -94.44
CA CYS D 76 -43.89 22.39 -93.91
C CYS D 76 -42.75 23.38 -94.15
N GLU D 77 -42.77 24.19 -95.20
CA GLU D 77 -41.80 25.28 -95.31
C GLU D 77 -42.05 26.28 -94.19
N GLN D 78 -43.32 26.68 -94.11
CA GLN D 78 -43.73 27.80 -93.31
C GLN D 78 -43.73 27.58 -91.80
N ALA D 79 -44.53 26.67 -91.23
CA ALA D 79 -44.62 26.51 -89.77
C ALA D 79 -43.27 26.28 -89.11
N ARG D 80 -42.37 25.62 -89.89
CA ARG D 80 -41.00 25.40 -89.46
C ARG D 80 -40.24 26.66 -89.09
N GLN D 81 -40.53 27.82 -89.70
CA GLN D 81 -39.77 29.04 -89.44
C GLN D 81 -39.73 29.54 -87.99
N ILE D 82 -40.64 29.06 -87.15
CA ILE D 82 -40.66 29.44 -85.74
C ILE D 82 -40.52 28.27 -84.75
N VAL D 83 -40.93 27.05 -85.11
CA VAL D 83 -41.18 26.03 -84.09
C VAL D 83 -39.96 25.26 -83.60
N ASN D 84 -40.15 24.58 -82.45
CA ASN D 84 -39.15 23.64 -81.97
C ASN D 84 -39.01 22.49 -82.93
N GLU D 85 -38.01 22.63 -83.80
CA GLU D 85 -37.73 21.73 -84.91
C GLU D 85 -37.83 20.26 -84.54
N GLY D 86 -37.44 19.86 -83.33
CA GLY D 86 -37.60 18.47 -82.89
C GLY D 86 -39.03 17.94 -83.01
N MET D 87 -39.98 18.81 -82.64
CA MET D 87 -41.40 18.54 -82.70
C MET D 87 -41.85 18.55 -84.15
N PHE D 88 -41.37 19.55 -84.90
CA PHE D 88 -41.65 19.67 -86.31
C PHE D 88 -41.23 18.44 -87.10
N VAL D 89 -39.99 17.93 -86.99
CA VAL D 89 -39.60 16.65 -87.60
C VAL D 89 -40.44 15.48 -87.11
N TYR D 90 -40.82 15.46 -85.83
CA TYR D 90 -41.68 14.40 -85.28
C TYR D 90 -43.04 14.41 -85.97
N ALA D 91 -43.53 15.63 -86.27
CA ALA D 91 -44.81 15.82 -86.92
C ALA D 91 -44.74 15.50 -88.40
N VAL D 92 -43.72 16.00 -89.11
CA VAL D 92 -43.57 15.68 -90.51
C VAL D 92 -43.25 14.21 -90.71
N SER D 93 -42.55 13.53 -89.79
CA SER D 93 -42.35 12.10 -89.91
C SER D 93 -43.60 11.33 -89.53
N VAL D 94 -44.49 11.72 -88.60
CA VAL D 94 -45.77 11.00 -88.47
C VAL D 94 -46.63 11.23 -89.71
N ALA D 95 -46.55 12.41 -90.30
CA ALA D 95 -47.19 12.68 -91.58
C ALA D 95 -46.61 11.93 -92.77
N VAL D 96 -45.31 12.01 -93.04
CA VAL D 96 -44.73 11.53 -94.29
C VAL D 96 -44.33 10.05 -94.22
N LEU D 97 -44.86 9.45 -93.15
CA LEU D 97 -45.20 8.05 -93.12
C LEU D 97 -46.63 7.72 -93.55
N HIS D 98 -47.64 8.52 -93.20
CA HIS D 98 -49.02 8.03 -93.22
C HIS D 98 -50.12 8.80 -93.97
N ARG D 99 -49.88 9.92 -94.66
CA ARG D 99 -50.97 10.58 -95.37
C ARG D 99 -50.85 10.46 -96.88
N GLU D 100 -51.90 9.85 -97.45
CA GLU D 100 -51.75 8.83 -98.50
C GLU D 100 -51.20 9.21 -99.89
N ASP D 101 -50.71 10.45 -100.07
CA ASP D 101 -50.11 10.94 -101.31
C ASP D 101 -48.57 10.84 -101.46
N CYS D 102 -47.94 9.99 -100.63
CA CYS D 102 -46.52 10.09 -100.33
C CYS D 102 -45.56 8.94 -100.62
N LYS D 103 -45.98 7.73 -101.03
CA LYS D 103 -45.17 6.50 -101.06
C LYS D 103 -43.78 6.60 -101.70
N GLY D 104 -42.72 6.07 -101.08
CA GLY D 104 -41.37 6.37 -101.57
C GLY D 104 -40.72 7.63 -101.08
N ILE D 105 -41.25 8.20 -100.00
CA ILE D 105 -40.57 9.33 -99.41
C ILE D 105 -39.90 8.73 -98.18
N THR D 106 -38.58 8.87 -98.12
CA THR D 106 -37.89 8.30 -96.99
C THR D 106 -37.70 9.44 -96.05
N VAL D 107 -37.91 9.09 -94.80
CA VAL D 107 -37.69 10.01 -93.70
C VAL D 107 -36.18 10.21 -93.58
N PRO D 108 -35.65 11.45 -93.55
CA PRO D 108 -34.25 11.74 -93.30
C PRO D 108 -33.72 11.04 -92.04
N PRO D 109 -32.66 10.21 -92.15
CA PRO D 109 -32.17 9.37 -91.07
C PRO D 109 -31.74 10.10 -89.81
N ILE D 110 -32.45 9.86 -88.71
CA ILE D 110 -32.21 10.54 -87.44
C ILE D 110 -30.79 10.47 -86.87
N GLN D 111 -30.08 9.40 -87.23
CA GLN D 111 -28.75 9.16 -86.69
C GLN D 111 -27.81 10.15 -87.34
N GLU D 112 -28.14 10.40 -88.61
CA GLU D 112 -27.37 11.25 -89.49
C GLU D 112 -27.82 12.70 -89.49
N VAL D 113 -29.10 13.03 -89.29
CA VAL D 113 -29.49 14.42 -89.03
C VAL D 113 -29.29 14.90 -87.59
N PHE D 114 -29.38 14.00 -86.60
CA PHE D 114 -29.05 14.34 -85.22
C PHE D 114 -28.10 13.28 -84.64
N PRO D 115 -26.79 13.31 -84.96
CA PRO D 115 -25.81 12.37 -84.44
C PRO D 115 -25.49 12.51 -82.96
N ASP D 116 -25.81 13.69 -82.40
CA ASP D 116 -25.46 14.10 -81.05
C ASP D 116 -26.04 13.16 -80.03
N ARG D 117 -27.29 12.74 -80.23
CA ARG D 117 -27.89 11.77 -79.33
C ARG D 117 -27.41 10.31 -79.42
N PHE D 118 -26.45 10.05 -80.34
CA PHE D 118 -25.93 8.72 -80.57
C PHE D 118 -24.48 8.53 -80.15
N VAL D 119 -23.63 9.54 -80.36
CA VAL D 119 -22.19 9.42 -80.13
C VAL D 119 -21.64 10.26 -78.97
N PRO D 120 -20.39 10.05 -78.53
CA PRO D 120 -19.69 10.93 -77.60
C PRO D 120 -19.46 12.38 -78.05
N ALA D 121 -19.91 13.27 -77.16
CA ALA D 121 -19.65 14.70 -77.21
C ALA D 121 -18.26 15.09 -77.69
N GLU D 122 -17.27 14.34 -77.14
CA GLU D 122 -15.87 14.40 -77.57
C GLU D 122 -15.65 14.13 -79.06
N THR D 123 -16.18 13.06 -79.66
CA THR D 123 -15.95 12.81 -81.07
C THR D 123 -16.78 13.71 -81.99
N ILE D 124 -17.78 14.42 -81.46
CA ILE D 124 -18.44 15.48 -82.21
C ILE D 124 -17.47 16.66 -82.26
N ASN D 125 -17.05 17.03 -81.05
CA ASN D 125 -16.12 18.11 -80.76
C ASN D 125 -14.81 17.95 -81.53
N ARG D 126 -14.31 16.71 -81.66
CA ARG D 126 -13.06 16.41 -82.34
C ARG D 126 -13.15 16.57 -83.86
N ALA D 127 -14.15 15.96 -84.50
CA ALA D 127 -14.35 16.09 -85.93
C ALA D 127 -14.52 17.55 -86.35
N ASN D 128 -15.42 18.22 -85.60
CA ASN D 128 -15.56 19.67 -85.62
C ASN D 128 -14.21 20.38 -85.51
N LYS D 129 -13.46 20.10 -84.44
CA LYS D 129 -12.19 20.76 -84.21
C LYS D 129 -11.18 20.41 -85.29
N GLU D 130 -11.21 19.24 -85.93
CA GLU D 130 -10.28 18.91 -86.98
C GLU D 130 -10.56 19.69 -88.27
N ALA D 131 -11.83 19.98 -88.59
CA ALA D 131 -12.17 20.95 -89.62
C ALA D 131 -11.70 22.37 -89.30
N SER D 132 -11.72 22.78 -88.02
CA SER D 132 -11.02 24.00 -87.65
C SER D 132 -9.50 23.85 -87.61
N ASN D 133 -8.97 22.63 -87.47
CA ASN D 133 -7.53 22.44 -87.43
C ASN D 133 -6.84 22.38 -88.78
N HIS D 134 -7.53 21.88 -89.79
CA HIS D 134 -7.00 21.82 -91.13
C HIS D 134 -8.10 22.32 -92.06
N PRO D 135 -8.26 23.59 -92.43
CA PRO D 135 -9.30 24.04 -93.37
C PRO D 135 -9.05 23.54 -94.79
N ASP D 136 -9.43 22.28 -95.00
CA ASP D 136 -9.21 21.61 -96.26
C ASP D 136 -10.43 20.73 -96.54
N GLN D 137 -10.53 20.25 -97.79
CA GLN D 137 -11.61 19.40 -98.22
C GLN D 137 -11.44 17.93 -97.81
N GLN D 138 -10.29 17.54 -97.23
CA GLN D 138 -10.11 16.22 -96.65
C GLN D 138 -11.10 15.82 -95.58
N SER D 139 -11.57 14.57 -95.72
CA SER D 139 -12.44 13.93 -94.75
C SER D 139 -11.71 13.76 -93.42
N ILE D 140 -12.47 13.58 -92.35
CA ILE D 140 -11.92 13.38 -91.03
C ILE D 140 -12.61 12.12 -90.53
N VAL D 141 -11.86 11.25 -89.85
CA VAL D 141 -12.43 10.05 -89.26
C VAL D 141 -11.92 10.03 -87.83
N VAL D 142 -12.80 9.85 -86.86
CA VAL D 142 -12.42 9.91 -85.46
C VAL D 142 -12.86 8.57 -84.86
N GLU D 143 -11.99 7.97 -84.04
CA GLU D 143 -12.32 6.73 -83.36
C GLU D 143 -13.06 7.01 -82.06
N ALA D 144 -14.34 6.65 -82.09
CA ALA D 144 -15.27 6.90 -81.01
C ALA D 144 -14.89 6.27 -79.70
N GLU D 145 -14.16 5.16 -79.78
CA GLU D 145 -13.79 4.31 -78.65
C GLU D 145 -13.47 4.96 -77.30
N GLU D 146 -12.72 6.08 -77.28
CA GLU D 146 -12.25 6.74 -76.07
C GLU D 146 -11.27 5.92 -75.21
N THR D 147 -10.78 6.39 -74.07
CA THR D 147 -9.90 5.61 -73.20
C THR D 147 -10.27 6.11 -71.83
N GLY D 148 -10.67 5.24 -70.90
CA GLY D 148 -11.23 5.73 -69.66
C GLY D 148 -10.90 4.77 -68.54
N ASN D 149 -10.79 5.30 -67.34
CA ASN D 149 -10.65 4.41 -66.21
C ASN D 149 -12.01 3.91 -65.78
N ILE D 150 -12.39 2.82 -66.44
CA ILE D 150 -13.71 2.23 -66.33
C ILE D 150 -13.95 1.67 -64.92
N LEU D 151 -14.47 2.45 -63.95
CA LEU D 151 -14.85 1.89 -62.65
C LEU D 151 -16.12 1.04 -62.62
N ASP D 152 -17.02 1.33 -63.56
CA ASP D 152 -18.32 0.67 -63.64
C ASP D 152 -18.36 -0.65 -64.44
N PRO D 153 -19.01 -1.73 -63.97
CA PRO D 153 -19.26 -2.95 -64.75
C PRO D 153 -20.26 -2.84 -65.90
N GLU D 154 -21.28 -1.99 -65.77
CA GLU D 154 -22.35 -1.83 -66.74
C GLU D 154 -21.90 -1.32 -68.11
N TYR D 155 -20.82 -0.53 -68.16
CA TYR D 155 -20.20 -0.06 -69.39
C TYR D 155 -19.93 -1.14 -70.43
N LYS D 156 -19.74 -2.39 -69.99
CA LYS D 156 -19.72 -3.56 -70.87
C LYS D 156 -20.92 -3.54 -71.81
N LEU D 157 -22.15 -3.48 -71.28
CA LEU D 157 -23.37 -3.66 -72.07
C LEU D 157 -23.69 -2.52 -73.04
N SER D 158 -22.80 -1.54 -73.05
CA SER D 158 -22.81 -0.41 -73.95
C SER D 158 -22.44 -0.78 -75.38
N TYR D 159 -22.12 -2.05 -75.69
CA TYR D 159 -22.19 -2.55 -77.05
C TYR D 159 -23.60 -2.52 -77.64
N PHE D 160 -24.56 -2.88 -76.79
CA PHE D 160 -25.95 -3.13 -77.18
C PHE D 160 -26.79 -1.89 -77.03
N ARG D 161 -26.83 -1.33 -75.82
CA ARG D 161 -27.75 -0.29 -75.43
C ARG D 161 -27.66 0.99 -76.27
N GLU D 162 -26.39 1.32 -76.55
CA GLU D 162 -26.01 2.60 -77.11
C GLU D 162 -25.87 2.61 -78.62
N ASP D 163 -26.32 1.51 -79.24
CA ASP D 163 -26.08 1.24 -80.64
C ASP D 163 -26.96 2.05 -81.57
N ILE D 164 -26.43 2.31 -82.77
CA ILE D 164 -27.02 3.23 -83.73
C ILE D 164 -28.44 2.81 -84.16
N GLY D 165 -28.46 1.53 -84.56
CA GLY D 165 -29.63 0.88 -85.12
C GLY D 165 -30.65 0.57 -84.04
N ILE D 166 -30.13 0.19 -82.87
CA ILE D 166 -30.92 0.07 -81.66
C ILE D 166 -31.70 1.37 -81.48
N ASN D 167 -31.01 2.49 -81.27
CA ASN D 167 -31.68 3.73 -80.87
C ASN D 167 -32.57 4.39 -81.92
N ALA D 168 -32.17 4.20 -83.18
CA ALA D 168 -32.97 4.58 -84.33
C ALA D 168 -34.26 3.78 -84.38
N HIS D 169 -34.21 2.44 -84.27
CA HIS D 169 -35.41 1.58 -84.27
C HIS D 169 -36.43 2.10 -83.28
N HIS D 170 -35.89 2.48 -82.14
CA HIS D 170 -36.67 2.96 -81.03
C HIS D 170 -37.48 4.19 -81.40
N TRP D 171 -36.88 5.25 -81.96
CA TRP D 171 -37.66 6.38 -82.47
C TRP D 171 -38.64 5.91 -83.54
N HIS D 172 -38.12 5.25 -84.58
CA HIS D 172 -38.94 4.71 -85.66
C HIS D 172 -40.16 3.89 -85.32
N TRP D 173 -40.14 3.09 -84.25
CA TRP D 173 -41.30 2.32 -83.83
C TRP D 173 -42.45 3.25 -83.42
N HIS D 174 -42.12 4.30 -82.66
CA HIS D 174 -43.12 5.29 -82.23
C HIS D 174 -43.30 6.45 -83.18
N ILE D 175 -42.49 6.52 -84.24
CA ILE D 175 -42.90 7.36 -85.35
C ILE D 175 -43.92 6.61 -86.20
N VAL D 176 -43.79 5.28 -86.34
CA VAL D 176 -44.83 4.50 -87.02
C VAL D 176 -46.08 4.29 -86.17
N TYR D 177 -45.95 4.21 -84.83
CA TYR D 177 -47.10 4.23 -83.91
C TYR D 177 -47.07 5.38 -82.90
N PRO D 178 -47.51 6.62 -83.23
CA PRO D 178 -47.62 7.72 -82.27
C PRO D 178 -48.76 7.60 -81.28
N ALA D 179 -48.48 7.91 -80.01
CA ALA D 179 -49.47 7.86 -78.93
C ALA D 179 -50.69 8.73 -79.22
N THR D 180 -50.44 9.87 -79.83
CA THR D 180 -51.46 10.78 -80.33
C THR D 180 -52.06 10.41 -81.68
N TRP D 181 -51.85 9.22 -82.25
CA TRP D 181 -52.64 8.79 -83.39
C TRP D 181 -54.11 8.67 -82.99
N ASN D 182 -54.84 9.76 -83.19
CA ASN D 182 -56.29 9.68 -83.32
C ASN D 182 -56.65 8.92 -84.60
N PRO D 183 -57.46 7.85 -84.57
CA PRO D 183 -57.95 7.16 -85.77
C PRO D 183 -58.94 7.95 -86.62
N THR D 184 -59.94 8.60 -86.02
CA THR D 184 -61.09 9.13 -86.74
C THR D 184 -60.72 10.33 -87.59
N VAL D 185 -60.11 11.33 -86.94
CA VAL D 185 -59.68 12.56 -87.61
C VAL D 185 -58.57 12.28 -88.62
N MET D 186 -57.86 11.15 -88.45
CA MET D 186 -56.90 10.68 -89.43
C MET D 186 -57.39 9.46 -90.25
N GLY D 187 -58.70 9.24 -90.31
CA GLY D 187 -59.32 8.37 -91.30
C GLY D 187 -59.28 6.86 -91.04
N LYS D 188 -58.16 6.37 -90.49
CA LYS D 188 -57.91 4.94 -90.31
C LYS D 188 -57.06 4.66 -89.05
N GLU D 189 -57.04 3.39 -88.67
CA GLU D 189 -56.45 2.97 -87.41
C GLU D 189 -55.12 2.24 -87.52
N LYS D 190 -54.59 1.87 -86.34
CA LYS D 190 -53.26 1.32 -86.24
C LYS D 190 -53.27 -0.01 -85.53
N ASP D 191 -53.16 -1.02 -86.40
CA ASP D 191 -53.24 -2.40 -85.98
C ASP D 191 -52.34 -2.87 -84.86
N ARG D 192 -53.13 -3.22 -83.85
CA ARG D 192 -52.69 -3.83 -82.61
C ARG D 192 -51.68 -3.07 -81.76
N LYS D 193 -51.77 -1.74 -81.79
CA LYS D 193 -50.70 -0.89 -81.28
C LYS D 193 -50.38 -1.08 -79.80
N GLY D 194 -51.35 -1.37 -78.94
CA GLY D 194 -51.10 -1.56 -77.52
C GLY D 194 -50.33 -2.84 -77.27
N GLU D 195 -50.90 -3.95 -77.75
CA GLU D 195 -50.24 -5.25 -77.60
C GLU D 195 -48.84 -5.26 -78.20
N LEU D 196 -48.75 -4.73 -79.43
CA LEU D 196 -47.47 -4.70 -80.11
C LEU D 196 -46.49 -3.86 -79.30
N PHE D 197 -47.03 -2.86 -78.61
CA PHE D 197 -46.29 -2.02 -77.65
C PHE D 197 -45.85 -2.73 -76.38
N PHE D 198 -46.60 -3.69 -75.83
CA PHE D 198 -46.04 -4.60 -74.82
C PHE D 198 -44.81 -5.29 -75.40
N TYR D 199 -45.11 -5.99 -76.49
CA TYR D 199 -44.26 -7.00 -77.06
C TYR D 199 -42.89 -6.49 -77.44
N MET D 200 -42.83 -5.55 -78.41
CA MET D 200 -41.57 -4.97 -78.88
C MET D 200 -40.68 -4.55 -77.72
N HIS D 201 -41.32 -4.07 -76.65
CA HIS D 201 -40.58 -3.58 -75.50
C HIS D 201 -40.07 -4.73 -74.63
N GLN D 202 -40.87 -5.79 -74.44
CA GLN D 202 -40.42 -7.04 -73.81
C GLN D 202 -39.29 -7.61 -74.64
N GLN D 203 -39.46 -7.84 -75.96
CA GLN D 203 -38.39 -8.37 -76.80
C GLN D 203 -37.11 -7.58 -76.71
N MET D 204 -37.14 -6.23 -76.73
CA MET D 204 -35.95 -5.45 -76.39
C MET D 204 -35.29 -5.83 -75.07
N CYS D 205 -36.07 -5.78 -74.00
CA CYS D 205 -35.57 -6.06 -72.67
C CYS D 205 -35.26 -7.53 -72.40
N ALA D 206 -35.72 -8.45 -73.25
CA ALA D 206 -35.37 -9.87 -73.17
C ALA D 206 -34.05 -10.16 -73.87
N ARG D 207 -33.86 -9.50 -75.01
CA ARG D 207 -32.54 -9.48 -75.63
C ARG D 207 -31.48 -8.92 -74.68
N TYR D 208 -31.80 -7.77 -74.09
CA TYR D 208 -31.03 -7.23 -72.98
C TYR D 208 -30.88 -8.22 -71.83
N ASP D 209 -31.95 -8.79 -71.25
CA ASP D 209 -31.81 -9.76 -70.19
C ASP D 209 -30.92 -10.96 -70.48
N SER D 210 -30.83 -11.32 -71.76
CA SER D 210 -29.81 -12.25 -72.18
C SER D 210 -28.43 -11.61 -72.09
N GLU D 211 -28.25 -10.44 -72.73
CA GLU D 211 -27.01 -9.68 -72.70
C GLU D 211 -26.52 -9.51 -71.26
N ARG D 212 -27.40 -9.36 -70.25
CA ARG D 212 -26.95 -9.39 -68.85
C ARG D 212 -26.33 -10.72 -68.40
N LEU D 213 -27.03 -11.82 -68.64
CA LEU D 213 -26.52 -13.16 -68.37
C LEU D 213 -25.33 -13.60 -69.22
N SER D 214 -25.17 -13.06 -70.42
CA SER D 214 -24.07 -13.43 -71.29
C SER D 214 -22.74 -13.05 -70.64
N ASN D 215 -22.81 -11.82 -70.12
CA ASN D 215 -21.78 -11.17 -69.32
C ASN D 215 -21.54 -11.81 -67.96
N GLY D 216 -22.44 -12.69 -67.51
CA GLY D 216 -22.34 -13.24 -66.17
C GLY D 216 -22.86 -12.27 -65.13
N LEU D 217 -23.89 -11.53 -65.52
CA LEU D 217 -24.66 -10.75 -64.57
C LEU D 217 -26.06 -11.35 -64.51
N GLN D 218 -26.90 -10.80 -63.61
CA GLN D 218 -28.29 -11.18 -63.51
C GLN D 218 -29.20 -10.39 -64.44
N ARG D 219 -30.38 -10.92 -64.78
CA ARG D 219 -31.47 -10.19 -65.43
C ARG D 219 -31.77 -8.86 -64.73
N MET D 220 -32.30 -7.90 -65.48
CA MET D 220 -32.45 -6.55 -64.97
C MET D 220 -33.66 -6.43 -64.04
N ILE D 221 -33.38 -5.87 -62.86
CA ILE D 221 -34.38 -5.64 -61.82
C ILE D 221 -35.44 -4.57 -62.11
N PRO D 222 -36.75 -4.89 -62.03
CA PRO D 222 -37.87 -3.96 -62.24
C PRO D 222 -38.12 -2.83 -61.24
N PHE D 223 -38.67 -1.69 -61.71
CA PHE D 223 -38.95 -0.55 -60.85
C PHE D 223 -40.31 -0.81 -60.23
N HIS D 224 -40.31 -1.78 -59.32
CA HIS D 224 -41.52 -2.19 -58.67
C HIS D 224 -41.93 -1.20 -57.59
N ASN D 225 -40.99 -0.57 -56.90
CA ASN D 225 -41.31 0.38 -55.86
C ASN D 225 -40.83 1.71 -56.37
N PHE D 226 -41.45 2.80 -55.89
CA PHE D 226 -41.12 4.15 -56.32
C PHE D 226 -40.10 4.82 -55.41
N ASP D 227 -40.04 4.40 -54.14
CA ASP D 227 -39.10 4.92 -53.16
C ASP D 227 -37.66 4.70 -53.62
N GLU D 228 -37.40 3.45 -54.04
CA GLU D 228 -36.07 2.95 -54.35
C GLU D 228 -35.28 3.73 -55.40
N PRO D 229 -34.07 4.21 -55.06
CA PRO D 229 -33.20 5.00 -55.93
C PRO D 229 -32.92 4.53 -57.35
N LEU D 230 -32.66 5.50 -58.22
CA LEU D 230 -32.26 5.24 -59.59
C LEU D 230 -30.75 5.31 -59.73
N GLU D 231 -30.27 4.40 -60.57
CA GLU D 231 -28.86 4.23 -60.90
C GLU D 231 -28.27 5.46 -61.57
N GLY D 232 -26.94 5.53 -61.46
CA GLY D 232 -26.18 6.64 -61.96
C GLY D 232 -25.66 6.37 -63.35
N TYR D 233 -25.67 7.40 -64.18
CA TYR D 233 -25.27 7.30 -65.56
C TYR D 233 -24.96 8.65 -66.20
N ALA D 234 -23.88 8.60 -66.99
CA ALA D 234 -23.48 9.69 -67.87
C ALA D 234 -23.46 9.28 -69.34
N PRO D 235 -24.42 9.72 -70.17
CA PRO D 235 -24.53 9.35 -71.58
C PRO D 235 -23.35 9.74 -72.45
N HIS D 236 -22.68 10.83 -72.03
CA HIS D 236 -21.58 11.47 -72.75
C HIS D 236 -22.01 12.11 -74.06
N LEU D 237 -23.15 12.81 -74.02
CA LEU D 237 -23.81 13.34 -75.22
C LEU D 237 -24.06 14.84 -75.04
N THR D 238 -23.37 15.74 -75.75
CA THR D 238 -23.75 17.14 -75.77
C THR D 238 -24.64 17.41 -76.97
N SER D 239 -25.67 18.25 -76.88
CA SER D 239 -26.61 18.42 -77.96
C SER D 239 -26.20 19.44 -79.02
N LEU D 240 -26.21 19.09 -80.32
CA LEU D 240 -25.82 19.99 -81.39
C LEU D 240 -26.72 21.23 -81.58
N VAL D 241 -27.86 21.26 -80.91
CA VAL D 241 -28.78 22.39 -81.00
C VAL D 241 -28.31 23.67 -80.29
N SER D 242 -27.30 23.56 -79.43
CA SER D 242 -26.83 24.68 -78.63
C SER D 242 -25.44 24.31 -78.10
N GLY D 243 -25.07 24.74 -76.90
CA GLY D 243 -23.86 24.25 -76.25
C GLY D 243 -24.14 23.18 -75.20
N LEU D 244 -25.35 23.19 -74.63
CA LEU D 244 -25.68 22.41 -73.45
C LEU D 244 -25.72 20.89 -73.62
N GLN D 245 -26.06 20.14 -72.56
CA GLN D 245 -26.09 18.71 -72.64
C GLN D 245 -27.11 18.13 -71.69
N TYR D 246 -27.44 16.88 -72.03
CA TYR D 246 -28.27 16.04 -71.17
C TYR D 246 -27.56 15.93 -69.85
N ALA D 247 -28.06 16.65 -68.85
CA ALA D 247 -27.60 16.53 -67.47
C ALA D 247 -27.66 15.08 -67.03
N SER D 248 -26.61 14.58 -66.39
CA SER D 248 -26.47 13.14 -66.25
C SER D 248 -26.71 12.72 -64.81
N ARG D 249 -27.37 11.58 -64.55
CA ARG D 249 -27.88 11.29 -63.22
C ARG D 249 -26.83 10.69 -62.30
N PRO D 250 -26.56 11.20 -61.09
CA PRO D 250 -25.93 10.42 -60.04
C PRO D 250 -26.87 9.34 -59.47
N GLU D 251 -26.25 8.27 -59.02
CA GLU D 251 -26.95 7.18 -58.36
C GLU D 251 -27.49 7.61 -57.01
N GLY D 252 -28.40 6.81 -56.48
CA GLY D 252 -28.85 6.97 -55.11
C GLY D 252 -29.89 8.06 -54.97
N TYR D 253 -30.67 8.29 -56.02
CA TYR D 253 -31.72 9.29 -55.94
C TYR D 253 -33.12 8.77 -56.17
N SER D 254 -33.99 9.21 -55.26
CA SER D 254 -35.41 8.89 -55.29
C SER D 254 -36.18 9.76 -56.28
N ILE D 255 -37.32 9.18 -56.63
CA ILE D 255 -38.19 9.71 -57.67
C ILE D 255 -38.97 10.89 -57.10
N HIS D 256 -39.27 11.90 -57.92
CA HIS D 256 -39.79 13.13 -57.36
C HIS D 256 -41.01 13.57 -58.12
N ASP D 257 -41.95 14.16 -57.39
CA ASP D 257 -43.18 14.70 -57.94
C ASP D 257 -42.94 15.77 -58.99
N LEU D 258 -43.98 16.03 -59.78
CA LEU D 258 -43.88 16.96 -60.91
C LEU D 258 -44.87 18.11 -60.74
N SER D 259 -44.64 19.26 -61.40
CA SER D 259 -45.70 20.26 -61.54
C SER D 259 -46.97 19.76 -62.23
N ASP D 260 -46.86 18.63 -62.95
CA ASP D 260 -48.02 17.98 -63.52
C ASP D 260 -48.61 16.95 -62.57
N VAL D 261 -47.92 15.82 -62.34
CA VAL D 261 -48.46 14.70 -61.58
C VAL D 261 -47.66 14.43 -60.31
N ASP D 262 -48.33 14.04 -59.21
CA ASP D 262 -47.62 13.51 -58.05
C ASP D 262 -47.19 12.05 -58.25
N VAL D 263 -46.07 11.65 -57.61
CA VAL D 263 -45.59 10.26 -57.67
C VAL D 263 -46.66 9.25 -57.25
N GLN D 264 -47.51 9.74 -56.37
CA GLN D 264 -48.63 8.98 -55.90
C GLN D 264 -49.83 9.00 -56.84
N ASP D 265 -50.11 9.97 -57.72
CA ASP D 265 -51.19 9.80 -58.69
C ASP D 265 -50.83 8.74 -59.72
N MET D 266 -49.51 8.60 -59.90
CA MET D 266 -48.90 7.45 -60.55
C MET D 266 -49.20 6.14 -59.83
N VAL D 267 -48.93 6.12 -58.52
CA VAL D 267 -49.29 5.02 -57.64
C VAL D 267 -50.78 4.68 -57.74
N ARG D 268 -51.62 5.72 -57.76
CA ARG D 268 -53.05 5.56 -57.86
C ARG D 268 -53.44 4.84 -59.14
N TRP D 269 -52.94 5.33 -60.28
CA TRP D 269 -53.21 4.69 -61.57
C TRP D 269 -52.89 3.21 -61.54
N ARG D 270 -51.75 2.84 -60.95
CA ARG D 270 -51.34 1.45 -60.94
C ARG D 270 -52.34 0.57 -60.21
N GLU D 271 -52.75 0.87 -58.97
CA GLU D 271 -53.77 0.06 -58.31
C GLU D 271 -55.09 0.09 -59.06
N ARG D 272 -55.45 1.26 -59.62
CA ARG D 272 -56.62 1.40 -60.49
C ARG D 272 -56.58 0.47 -61.71
N ILE D 273 -55.38 0.18 -62.23
CA ILE D 273 -55.21 -0.81 -63.29
C ILE D 273 -55.25 -2.23 -62.74
N LEU D 274 -54.45 -2.47 -61.69
CA LEU D 274 -54.17 -3.83 -61.21
C LEU D 274 -55.43 -4.50 -60.72
N ASP D 275 -56.24 -3.69 -60.03
CA ASP D 275 -57.56 -4.11 -59.61
C ASP D 275 -58.47 -4.43 -60.80
N ALA D 276 -58.44 -3.66 -61.89
CA ALA D 276 -59.21 -3.94 -63.09
C ALA D 276 -58.79 -5.21 -63.82
N ILE D 277 -57.53 -5.63 -63.68
CA ILE D 277 -57.12 -6.97 -64.10
C ILE D 277 -57.85 -8.01 -63.26
N ASN D 278 -57.81 -7.89 -61.93
CA ASN D 278 -58.46 -8.84 -61.02
C ASN D 278 -59.96 -8.89 -61.29
N MET D 279 -60.55 -7.71 -61.51
CA MET D 279 -61.94 -7.57 -61.90
C MET D 279 -62.17 -7.97 -63.34
N HIS D 280 -61.14 -7.99 -64.18
CA HIS D 280 -61.19 -8.38 -65.59
C HIS D 280 -61.96 -7.45 -66.53
N TYR D 281 -62.01 -6.14 -66.24
CA TYR D 281 -62.65 -5.18 -67.13
C TYR D 281 -62.09 -3.77 -67.05
N ILE D 282 -62.51 -2.94 -68.02
CA ILE D 282 -62.19 -1.52 -68.09
C ILE D 282 -63.38 -0.57 -68.35
N VAL D 283 -63.27 0.57 -67.68
CA VAL D 283 -64.25 1.64 -67.83
C VAL D 283 -63.66 2.67 -68.77
N ASP D 284 -64.32 2.80 -69.92
CA ASP D 284 -63.94 3.82 -70.89
C ASP D 284 -64.40 5.19 -70.43
N LYS D 285 -64.03 6.27 -71.15
CA LYS D 285 -64.50 7.62 -70.83
C LYS D 285 -66.01 7.92 -70.81
N ASP D 286 -66.82 6.90 -71.08
CA ASP D 286 -68.27 6.93 -70.93
C ASP D 286 -68.74 6.19 -69.66
N ASN D 287 -67.87 5.48 -68.93
CA ASN D 287 -68.17 4.66 -67.73
C ASN D 287 -68.59 3.21 -67.96
N ASN D 288 -68.74 2.81 -69.24
CA ASN D 288 -69.22 1.48 -69.59
C ASN D 288 -68.14 0.43 -69.58
N LYS D 289 -68.44 -0.70 -68.95
CA LYS D 289 -67.46 -1.75 -68.73
C LYS D 289 -67.26 -2.60 -69.97
N ILE D 290 -66.13 -2.49 -70.71
CA ILE D 290 -65.85 -3.43 -71.79
C ILE D 290 -64.91 -4.55 -71.32
N PRO D 291 -64.98 -5.82 -71.76
CA PRO D 291 -64.20 -6.92 -71.18
C PRO D 291 -62.69 -6.93 -71.39
N LEU D 292 -61.96 -7.28 -70.33
CA LEU D 292 -60.57 -7.69 -70.50
C LEU D 292 -60.52 -9.16 -70.86
N ASP D 293 -60.94 -9.31 -72.12
CA ASP D 293 -61.01 -10.58 -72.83
C ASP D 293 -59.62 -11.17 -73.02
N ILE D 294 -59.56 -12.43 -73.45
CA ILE D 294 -58.29 -13.11 -73.69
C ILE D 294 -57.53 -12.40 -74.80
N GLU D 295 -58.11 -12.35 -75.99
CA GLU D 295 -57.45 -11.77 -77.16
C GLU D 295 -57.20 -10.29 -76.95
N HIS D 296 -58.31 -9.54 -76.91
CA HIS D 296 -58.31 -8.08 -77.04
C HIS D 296 -57.57 -7.38 -75.92
N GLY D 297 -57.69 -7.99 -74.73
CA GLY D 297 -57.20 -7.46 -73.48
C GLY D 297 -55.82 -6.80 -73.52
N THR D 298 -54.92 -7.32 -74.36
CA THR D 298 -53.55 -6.84 -74.32
C THR D 298 -53.34 -5.61 -75.19
N ASP D 299 -54.14 -5.49 -76.25
CA ASP D 299 -54.12 -4.29 -77.07
C ASP D 299 -54.77 -3.19 -76.24
N ILE D 300 -55.87 -3.55 -75.57
CA ILE D 300 -56.58 -2.59 -74.75
C ILE D 300 -55.97 -2.29 -73.39
N LEU D 301 -55.06 -3.11 -72.87
CA LEU D 301 -54.24 -2.72 -71.71
C LEU D 301 -53.05 -1.89 -72.17
N GLY D 302 -52.51 -2.22 -73.35
CA GLY D 302 -51.36 -1.53 -73.90
C GLY D 302 -51.63 -0.09 -74.36
N ASP D 303 -52.76 0.14 -75.04
CA ASP D 303 -53.15 1.48 -75.45
C ASP D 303 -53.35 2.43 -74.26
N ILE D 304 -54.07 1.88 -73.28
CA ILE D 304 -54.38 2.46 -71.98
C ILE D 304 -53.21 2.83 -71.09
N ILE D 305 -52.28 1.90 -70.89
CA ILE D 305 -51.12 2.17 -70.06
C ILE D 305 -50.17 3.20 -70.66
N GLU D 306 -50.06 3.31 -72.01
CA GLU D 306 -49.10 4.16 -72.69
C GLU D 306 -49.14 5.64 -72.36
N SER D 307 -50.15 6.52 -72.45
CA SER D 307 -51.51 6.18 -72.88
C SER D 307 -51.58 6.58 -74.34
N SER D 308 -52.52 6.09 -75.14
CA SER D 308 -52.71 6.68 -76.45
C SER D 308 -53.90 7.65 -76.42
N ASP D 309 -54.22 8.35 -77.51
CA ASP D 309 -55.58 8.86 -77.71
C ASP D 309 -56.60 7.72 -77.69
N GLU D 310 -56.22 6.56 -78.24
CA GLU D 310 -56.96 5.33 -78.08
C GLU D 310 -57.13 4.81 -76.65
N SER D 311 -56.52 5.46 -75.64
CA SER D 311 -56.67 5.06 -74.26
C SER D 311 -58.07 5.42 -73.83
N LYS D 312 -58.79 4.30 -73.73
CA LYS D 312 -60.19 4.27 -73.39
C LYS D 312 -60.51 5.06 -72.15
N ASN D 313 -59.64 5.01 -71.13
CA ASN D 313 -59.64 6.09 -70.17
C ASN D 313 -58.24 6.59 -69.89
N VAL D 314 -58.24 7.92 -69.85
CA VAL D 314 -57.04 8.72 -69.69
C VAL D 314 -56.87 9.21 -68.27
N GLU D 315 -57.88 9.76 -67.60
CA GLU D 315 -57.73 10.31 -66.25
C GLU D 315 -57.56 9.21 -65.20
N TYR D 316 -58.33 8.18 -65.50
CA TYR D 316 -58.46 7.02 -64.65
C TYR D 316 -57.20 6.18 -64.75
N TYR D 317 -56.73 5.76 -65.92
CA TYR D 317 -55.52 4.94 -66.01
C TYR D 317 -54.24 5.75 -66.19
N GLY D 318 -54.35 7.06 -66.43
CA GLY D 318 -53.18 7.92 -66.61
C GLY D 318 -52.59 7.76 -67.99
N SER D 319 -51.27 7.92 -68.02
CA SER D 319 -50.40 7.47 -69.10
C SER D 319 -49.16 6.84 -68.45
N LEU D 320 -49.34 5.84 -67.58
CA LEU D 320 -48.39 5.49 -66.53
C LEU D 320 -46.98 5.25 -67.05
N HIS D 321 -46.98 4.64 -68.24
CA HIS D 321 -45.78 4.41 -69.02
C HIS D 321 -44.97 5.67 -69.32
N ASN D 322 -45.60 6.62 -70.04
CA ASN D 322 -45.00 7.90 -70.41
C ASN D 322 -44.64 8.71 -69.18
N TRP D 323 -45.62 8.78 -68.27
CA TRP D 323 -45.46 9.59 -67.08
C TRP D 323 -44.25 9.18 -66.26
N GLY D 324 -44.02 7.88 -66.01
CA GLY D 324 -42.80 7.40 -65.36
C GLY D 324 -41.53 7.88 -66.03
N HIS D 325 -41.61 8.00 -67.36
CA HIS D 325 -40.51 8.57 -68.12
C HIS D 325 -40.21 9.99 -67.73
N VAL D 326 -41.18 10.90 -67.54
CA VAL D 326 -40.87 12.29 -67.15
C VAL D 326 -40.10 12.25 -65.84
N MET D 327 -40.74 11.74 -64.79
CA MET D 327 -40.15 11.62 -63.46
C MET D 327 -38.81 10.90 -63.42
N MET D 328 -38.57 9.84 -64.21
CA MET D 328 -37.28 9.14 -64.17
C MET D 328 -36.13 9.88 -64.85
N ALA D 329 -36.49 10.89 -65.66
CA ALA D 329 -35.56 11.61 -66.54
C ALA D 329 -35.30 13.04 -66.08
N ASN D 330 -36.34 13.64 -65.47
CA ASN D 330 -36.14 14.88 -64.73
C ASN D 330 -35.82 14.66 -63.26
N ILE D 331 -35.18 13.51 -62.99
CA ILE D 331 -34.68 13.08 -61.69
C ILE D 331 -33.61 14.00 -61.07
N THR D 332 -33.15 14.94 -61.88
CA THR D 332 -32.24 15.98 -61.43
C THR D 332 -33.05 17.16 -60.90
N ASP D 333 -34.23 17.37 -61.50
CA ASP D 333 -34.89 18.66 -61.51
C ASP D 333 -36.33 18.59 -62.02
N PRO D 334 -37.31 18.07 -61.25
CA PRO D 334 -38.72 18.11 -61.64
C PRO D 334 -39.34 19.50 -61.60
N ASP D 335 -39.08 20.24 -60.51
CA ASP D 335 -39.46 21.63 -60.27
C ASP D 335 -39.01 22.53 -61.44
N HIS D 336 -37.86 22.23 -62.03
CA HIS D 336 -37.37 22.82 -63.27
C HIS D 336 -36.93 24.28 -63.27
N ARG D 337 -36.85 24.82 -62.05
CA ARG D 337 -36.15 26.05 -61.72
C ARG D 337 -34.78 26.25 -62.38
N PHE D 338 -34.05 25.14 -62.52
CA PHE D 338 -32.67 25.13 -62.97
C PHE D 338 -32.47 25.14 -64.47
N GLN D 339 -33.45 24.60 -65.23
CA GLN D 339 -33.39 24.52 -66.70
C GLN D 339 -32.35 23.57 -67.30
N GLU D 340 -31.92 22.56 -66.52
CA GLU D 340 -31.05 21.50 -67.00
C GLU D 340 -31.72 20.62 -68.04
N ASN D 341 -31.01 20.35 -69.15
CA ASN D 341 -31.50 19.45 -70.19
C ASN D 341 -31.65 18.06 -69.58
N PRO D 342 -32.85 17.47 -69.53
CA PRO D 342 -33.12 16.22 -68.82
C PRO D 342 -32.33 14.97 -69.21
N GLY D 343 -32.45 13.94 -68.38
CA GLY D 343 -31.94 12.61 -68.67
C GLY D 343 -32.59 12.00 -69.90
N VAL D 344 -31.74 11.24 -70.60
CA VAL D 344 -32.02 10.62 -71.89
C VAL D 344 -33.29 9.78 -72.07
N MET D 345 -34.07 9.56 -71.01
CA MET D 345 -35.32 8.83 -71.02
C MET D 345 -36.46 9.70 -71.59
N SER D 346 -36.23 11.02 -71.74
CA SER D 346 -37.22 11.99 -72.24
C SER D 346 -37.58 11.94 -73.73
N ASP D 347 -36.70 11.25 -74.46
CA ASP D 347 -36.79 11.06 -75.88
C ASP D 347 -36.71 9.55 -76.11
N THR D 348 -37.23 9.13 -77.25
CA THR D 348 -37.23 7.73 -77.59
C THR D 348 -35.91 7.33 -78.25
N SER D 349 -35.16 8.20 -78.93
CA SER D 349 -33.88 7.85 -79.55
C SER D 349 -32.70 7.66 -78.58
N THR D 350 -32.69 8.40 -77.47
CA THR D 350 -31.64 8.29 -76.47
C THR D 350 -31.84 7.20 -75.43
N SER D 351 -33.07 7.15 -74.95
CA SER D 351 -33.57 6.18 -73.98
C SER D 351 -32.85 4.89 -73.63
N LEU D 352 -32.21 4.13 -74.53
CA LEU D 352 -31.82 2.75 -74.20
C LEU D 352 -30.44 2.57 -73.58
N ARG D 353 -29.67 3.66 -73.57
CA ARG D 353 -28.35 3.67 -72.97
C ARG D 353 -28.32 3.58 -71.44
N ASP D 354 -29.20 4.42 -70.87
CA ASP D 354 -29.41 4.62 -69.44
C ASP D 354 -30.03 3.38 -68.82
N PRO D 355 -29.31 2.72 -67.89
CA PRO D 355 -29.66 1.44 -67.29
C PRO D 355 -31.04 1.35 -66.63
N ILE D 356 -31.51 2.47 -66.07
CA ILE D 356 -32.84 2.51 -65.43
C ILE D 356 -33.97 2.25 -66.43
N PHE D 357 -33.71 2.50 -67.71
CA PHE D 357 -34.69 2.27 -68.79
C PHE D 357 -35.42 0.95 -68.67
N TYR D 358 -34.63 -0.09 -68.43
CA TYR D 358 -35.11 -1.45 -68.34
C TYR D 358 -35.81 -1.69 -67.01
N ARG D 359 -35.44 -0.97 -65.94
CA ARG D 359 -36.08 -1.11 -64.63
C ARG D 359 -37.57 -0.74 -64.78
N TRP D 360 -37.88 0.38 -65.46
CA TRP D 360 -39.28 0.70 -65.76
C TRP D 360 -39.92 -0.27 -66.77
N HIS D 361 -39.15 -0.91 -67.65
CA HIS D 361 -39.75 -1.68 -68.72
C HIS D 361 -40.06 -3.12 -68.36
N ARG D 362 -39.38 -3.61 -67.32
CA ARG D 362 -39.85 -4.81 -66.69
C ARG D 362 -41.08 -4.48 -65.84
N PHE D 363 -41.14 -3.27 -65.29
CA PHE D 363 -42.24 -2.87 -64.43
C PHE D 363 -43.53 -2.92 -65.23
N ILE D 364 -43.60 -2.16 -66.34
CA ILE D 364 -44.77 -2.21 -67.20
C ILE D 364 -45.03 -3.62 -67.74
N ASP D 365 -43.95 -4.34 -68.08
CA ASP D 365 -44.03 -5.74 -68.46
C ASP D 365 -44.67 -6.57 -67.36
N ASN D 366 -44.38 -6.28 -66.08
CA ASN D 366 -44.94 -6.98 -64.93
C ASN D 366 -46.44 -6.79 -64.88
N ILE D 367 -46.95 -5.61 -65.26
CA ILE D 367 -48.38 -5.39 -65.35
C ILE D 367 -48.94 -6.28 -66.48
N PHE D 368 -48.35 -6.23 -67.66
CA PHE D 368 -48.81 -7.05 -68.79
C PHE D 368 -48.78 -8.54 -68.50
N GLN D 369 -47.73 -8.93 -67.78
CA GLN D 369 -47.55 -10.27 -67.25
C GLN D 369 -48.68 -10.58 -66.29
N GLU D 370 -49.20 -9.70 -65.43
CA GLU D 370 -50.38 -10.03 -64.66
C GLU D 370 -51.59 -10.35 -65.53
N HIS D 371 -51.76 -9.59 -66.61
CA HIS D 371 -52.95 -9.78 -67.42
C HIS D 371 -52.92 -11.10 -68.17
N LYS D 372 -51.76 -11.39 -68.76
CA LYS D 372 -51.47 -12.71 -69.30
C LYS D 372 -51.52 -13.78 -68.21
N LYS D 373 -51.03 -13.52 -66.98
CA LYS D 373 -51.08 -14.44 -65.84
C LYS D 373 -52.45 -14.84 -65.35
N SER D 374 -53.45 -13.94 -65.36
CA SER D 374 -54.82 -14.37 -65.03
C SER D 374 -55.43 -15.20 -66.14
N PHE D 375 -54.95 -15.05 -67.38
CA PHE D 375 -55.29 -16.03 -68.41
C PHE D 375 -54.58 -17.35 -68.12
N HIS D 376 -55.17 -18.45 -68.58
CA HIS D 376 -54.73 -19.79 -68.22
C HIS D 376 -53.63 -20.35 -69.11
N PRO D 377 -52.72 -21.20 -68.59
CA PRO D 377 -51.71 -21.95 -69.35
C PRO D 377 -52.24 -22.68 -70.58
N TYR D 378 -51.34 -23.17 -71.44
CA TYR D 378 -51.76 -23.81 -72.66
C TYR D 378 -51.99 -25.30 -72.57
N THR D 379 -53.16 -25.76 -72.99
CA THR D 379 -53.44 -27.18 -73.09
C THR D 379 -52.47 -27.80 -74.08
N LYS D 380 -52.10 -29.06 -73.84
CA LYS D 380 -51.31 -29.85 -74.79
C LYS D 380 -51.99 -29.94 -76.14
N GLU D 381 -53.33 -30.05 -76.10
CA GLU D 381 -54.22 -29.96 -77.25
C GLU D 381 -53.87 -28.73 -78.08
N GLU D 382 -54.03 -27.57 -77.43
CA GLU D 382 -53.74 -26.26 -77.99
C GLU D 382 -52.31 -26.14 -78.52
N LEU D 383 -51.34 -26.70 -77.79
CA LEU D 383 -49.95 -26.69 -78.23
C LEU D 383 -49.61 -27.61 -79.39
N SER D 384 -50.53 -28.52 -79.73
CA SER D 384 -50.25 -29.56 -80.71
C SER D 384 -50.80 -29.39 -82.12
N PHE D 385 -49.80 -29.18 -82.97
CA PHE D 385 -49.94 -29.31 -84.40
C PHE D 385 -49.96 -30.82 -84.66
N PRO D 386 -51.13 -31.38 -84.99
CA PRO D 386 -51.35 -32.82 -85.07
C PRO D 386 -50.50 -33.47 -86.15
N GLY D 387 -49.79 -34.57 -85.87
CA GLY D 387 -49.23 -35.40 -86.92
C GLY D 387 -47.81 -35.05 -87.33
N VAL D 388 -47.37 -33.79 -87.32
CA VAL D 388 -46.05 -33.40 -87.78
C VAL D 388 -45.03 -33.62 -86.66
N GLU D 389 -43.96 -34.40 -86.85
CA GLU D 389 -42.98 -34.58 -85.79
C GLU D 389 -41.64 -33.92 -86.08
N VAL D 390 -41.26 -32.92 -85.28
CA VAL D 390 -39.95 -32.29 -85.28
C VAL D 390 -38.89 -33.30 -84.83
N VAL D 391 -38.27 -33.98 -85.79
CA VAL D 391 -37.24 -34.97 -85.52
C VAL D 391 -35.93 -34.27 -85.09
N GLY D 392 -35.85 -32.94 -85.21
CA GLY D 392 -34.76 -32.21 -84.59
C GLY D 392 -34.37 -30.98 -85.39
N VAL D 393 -33.45 -30.19 -84.82
CA VAL D 393 -32.85 -29.02 -85.46
C VAL D 393 -31.36 -29.13 -85.13
N SER D 394 -30.47 -28.30 -85.74
CA SER D 394 -29.06 -28.10 -85.39
C SER D 394 -28.60 -26.83 -86.10
N ILE D 395 -27.63 -26.04 -85.64
CA ILE D 395 -27.23 -24.84 -86.37
C ILE D 395 -25.84 -25.03 -86.94
N ASN D 396 -25.60 -24.76 -88.22
CA ASN D 396 -24.25 -24.86 -88.75
C ASN D 396 -23.70 -23.48 -89.09
N SER D 397 -22.80 -22.97 -88.24
CA SER D 397 -22.10 -21.72 -88.48
C SER D 397 -20.80 -22.05 -89.22
N LYS D 398 -19.59 -21.74 -88.72
CA LYS D 398 -18.38 -22.42 -89.13
C LYS D 398 -18.32 -23.87 -88.69
N THR D 399 -18.94 -24.17 -87.54
CA THR D 399 -19.03 -25.51 -86.99
C THR D 399 -20.48 -25.77 -86.60
N ALA D 400 -20.86 -26.96 -86.11
CA ALA D 400 -22.20 -27.17 -85.56
C ALA D 400 -22.38 -26.56 -84.17
N ASN D 401 -23.61 -26.14 -83.89
CA ASN D 401 -24.08 -25.66 -82.59
C ASN D 401 -23.27 -24.65 -81.78
N VAL D 402 -22.48 -23.85 -82.50
CA VAL D 402 -21.89 -22.63 -81.96
C VAL D 402 -22.34 -21.52 -82.90
N ILE D 403 -22.56 -20.28 -82.49
CA ILE D 403 -22.52 -19.16 -83.42
C ILE D 403 -21.38 -18.31 -82.89
N THR D 404 -20.68 -17.57 -83.74
CA THR D 404 -19.55 -16.82 -83.27
C THR D 404 -19.67 -15.34 -83.62
N THR D 405 -19.66 -14.55 -82.55
CA THR D 405 -20.01 -13.14 -82.61
C THR D 405 -18.72 -12.35 -82.81
N LEU D 406 -18.76 -11.14 -83.35
CA LEU D 406 -17.53 -10.44 -83.67
C LEU D 406 -17.68 -9.02 -83.19
N ILE D 407 -16.58 -8.27 -83.34
CA ILE D 407 -16.62 -6.81 -83.31
C ILE D 407 -16.51 -6.31 -84.76
N LYS D 408 -17.29 -5.31 -85.16
CA LYS D 408 -17.11 -4.66 -86.44
C LYS D 408 -17.09 -3.16 -86.20
N GLU D 409 -15.92 -2.58 -86.53
CA GLU D 409 -15.75 -1.15 -86.59
C GLU D 409 -16.56 -0.59 -87.74
N SER D 410 -17.07 0.64 -87.62
CA SER D 410 -18.00 1.16 -88.60
C SER D 410 -18.04 2.68 -88.56
N LEU D 411 -18.86 3.29 -89.40
CA LEU D 411 -18.88 4.74 -89.58
C LEU D 411 -20.29 5.31 -89.49
N LEU D 412 -20.37 6.63 -89.30
CA LEU D 412 -21.61 7.38 -89.24
C LEU D 412 -21.19 8.78 -89.66
N GLU D 413 -21.88 9.33 -90.65
CA GLU D 413 -21.42 10.53 -91.33
C GLU D 413 -21.92 11.81 -90.68
N LEU D 414 -21.09 12.44 -89.85
CA LEU D 414 -21.52 13.58 -89.04
C LEU D 414 -21.93 14.79 -89.86
N SER D 415 -21.25 15.07 -90.97
CA SER D 415 -21.54 16.05 -92.01
C SER D 415 -22.98 16.45 -92.32
N HIS D 416 -23.82 15.42 -92.38
CA HIS D 416 -25.22 15.62 -92.66
C HIS D 416 -25.84 16.38 -91.50
N GLY D 417 -25.54 15.93 -90.29
CA GLY D 417 -26.05 16.51 -89.06
C GLY D 417 -25.38 17.81 -88.70
N ILE D 418 -24.05 17.89 -88.60
CA ILE D 418 -23.46 19.15 -88.18
C ILE D 418 -22.80 19.84 -89.36
N ASN D 419 -22.35 21.10 -89.17
CA ASN D 419 -21.73 21.84 -90.26
C ASN D 419 -20.26 21.50 -90.45
N PHE D 420 -19.98 20.73 -91.51
CA PHE D 420 -18.59 20.51 -91.93
C PHE D 420 -17.90 21.82 -92.30
N GLY D 421 -18.67 22.70 -92.95
CA GLY D 421 -18.18 24.00 -93.41
C GLY D 421 -17.30 23.88 -94.64
N THR D 422 -16.21 23.11 -94.48
CA THR D 422 -15.26 22.81 -95.54
C THR D 422 -15.32 21.39 -96.07
N ASP D 423 -14.87 20.42 -95.25
CA ASP D 423 -14.48 19.09 -95.70
C ASP D 423 -15.57 18.25 -96.35
N GLN D 424 -15.19 17.10 -96.90
CA GLN D 424 -16.19 16.18 -97.40
C GLN D 424 -17.08 15.58 -96.32
N SER D 425 -16.46 15.00 -95.28
CA SER D 425 -17.16 14.04 -94.45
C SER D 425 -16.42 14.05 -93.13
N VAL D 426 -17.17 14.04 -92.04
CA VAL D 426 -16.60 13.92 -90.72
C VAL D 426 -17.17 12.62 -90.22
N LYS D 427 -16.32 11.66 -89.90
CA LYS D 427 -16.83 10.31 -89.70
C LYS D 427 -16.48 9.95 -88.28
N VAL D 428 -17.45 9.34 -87.60
CA VAL D 428 -17.20 8.67 -86.33
C VAL D 428 -17.13 7.15 -86.50
N LYS D 429 -15.91 6.65 -86.40
CA LYS D 429 -15.61 5.23 -86.38
C LYS D 429 -16.08 4.67 -85.05
N TYR D 430 -17.13 3.86 -85.03
CA TYR D 430 -17.53 3.19 -83.80
C TYR D 430 -17.25 1.70 -83.87
N HIS D 431 -17.46 0.92 -82.81
CA HIS D 431 -17.21 -0.51 -82.81
C HIS D 431 -18.47 -1.21 -82.29
N HIS D 432 -19.00 -2.18 -83.04
CA HIS D 432 -20.25 -2.83 -82.63
C HIS D 432 -20.15 -4.35 -82.62
N LEU D 433 -21.01 -5.03 -81.85
CA LEU D 433 -21.08 -6.49 -81.76
C LEU D 433 -21.68 -7.01 -83.06
N ASP D 434 -21.39 -8.23 -83.52
CA ASP D 434 -22.03 -8.80 -84.69
C ASP D 434 -22.12 -10.30 -84.46
N HIS D 435 -22.27 -11.12 -85.49
CA HIS D 435 -22.41 -12.55 -85.33
C HIS D 435 -22.06 -13.20 -86.65
N GLU D 436 -21.61 -14.45 -86.65
CA GLU D 436 -21.54 -15.26 -87.85
C GLU D 436 -22.93 -15.55 -88.41
N PRO D 437 -23.10 -15.70 -89.74
CA PRO D 437 -24.30 -16.27 -90.36
C PRO D 437 -24.51 -17.72 -89.96
N PHE D 438 -25.68 -18.31 -90.10
CA PHE D 438 -25.89 -19.68 -89.66
C PHE D 438 -27.19 -20.17 -90.28
N THR D 439 -27.43 -21.47 -90.18
CA THR D 439 -28.67 -21.98 -90.68
C THR D 439 -29.37 -22.83 -89.64
N TYR D 440 -30.68 -23.00 -89.80
CA TYR D 440 -31.42 -24.03 -89.10
C TYR D 440 -31.46 -25.19 -90.07
N ASN D 441 -31.18 -26.42 -89.65
CA ASN D 441 -31.54 -27.58 -90.43
C ASN D 441 -32.57 -28.21 -89.50
N ILE D 442 -33.83 -28.35 -89.93
CA ILE D 442 -34.90 -28.87 -89.08
C ILE D 442 -35.54 -30.06 -89.79
N VAL D 443 -35.55 -31.21 -89.11
CA VAL D 443 -36.07 -32.47 -89.64
C VAL D 443 -37.46 -32.77 -89.04
N VAL D 444 -38.37 -33.32 -89.86
CA VAL D 444 -39.78 -33.53 -89.55
C VAL D 444 -40.29 -34.89 -90.04
N GLU D 445 -41.15 -35.62 -89.30
CA GLU D 445 -41.92 -36.74 -89.82
C GLU D 445 -43.38 -36.33 -89.96
N ASN D 446 -43.77 -35.94 -91.18
CA ASN D 446 -45.16 -35.63 -91.49
C ASN D 446 -45.96 -36.90 -91.77
N ASN D 447 -46.40 -37.50 -90.66
CA ASN D 447 -47.14 -38.77 -90.64
C ASN D 447 -48.37 -38.80 -91.53
N SER D 448 -49.03 -37.64 -91.62
CA SER D 448 -50.24 -37.50 -92.40
C SER D 448 -49.96 -37.61 -93.89
N GLY D 449 -50.77 -38.41 -94.60
CA GLY D 449 -50.66 -38.52 -96.05
C GLY D 449 -50.80 -37.19 -96.79
N ALA D 450 -51.39 -36.16 -96.18
CA ALA D 450 -51.41 -34.83 -96.77
C ALA D 450 -50.21 -33.99 -96.36
N GLU D 451 -49.74 -33.23 -97.35
CA GLU D 451 -48.87 -32.08 -97.15
C GLU D 451 -49.33 -31.12 -96.07
N LYS D 452 -48.46 -30.78 -95.12
CA LYS D 452 -48.79 -29.80 -94.11
C LYS D 452 -48.22 -28.39 -94.30
N HIS D 453 -49.04 -27.36 -94.12
CA HIS D 453 -48.56 -25.98 -94.17
C HIS D 453 -48.34 -25.53 -92.74
N SER D 454 -47.14 -25.09 -92.35
CA SER D 454 -46.87 -24.69 -90.97
C SER D 454 -46.53 -23.22 -90.78
N THR D 455 -46.61 -22.71 -89.55
CA THR D 455 -45.94 -21.50 -89.14
C THR D 455 -44.97 -21.92 -88.02
N VAL D 456 -43.69 -21.70 -88.30
CA VAL D 456 -42.55 -22.08 -87.47
C VAL D 456 -41.99 -20.91 -86.67
N ARG D 457 -42.23 -20.92 -85.36
CA ARG D 457 -41.86 -19.82 -84.46
C ARG D 457 -40.54 -20.28 -83.84
N ILE D 458 -39.37 -19.67 -84.01
CA ILE D 458 -38.11 -20.20 -83.49
C ILE D 458 -37.62 -19.24 -82.41
N PHE D 459 -37.07 -19.72 -81.28
CA PHE D 459 -36.71 -18.89 -80.14
C PHE D 459 -35.29 -19.14 -79.66
N LEU D 460 -34.75 -18.16 -78.94
CA LEU D 460 -33.48 -18.20 -78.26
C LEU D 460 -33.66 -17.69 -76.83
N ALA D 461 -33.27 -18.55 -75.89
CA ALA D 461 -33.24 -18.18 -74.48
C ALA D 461 -31.87 -18.57 -73.90
N PRO D 462 -31.53 -18.34 -72.63
CA PRO D 462 -30.40 -18.99 -71.95
C PRO D 462 -30.67 -20.28 -71.17
N LYS D 463 -29.73 -21.20 -71.30
CA LYS D 463 -29.82 -22.53 -70.71
C LYS D 463 -29.30 -22.55 -69.28
N TYR D 464 -28.26 -21.73 -69.03
CA TYR D 464 -27.76 -21.46 -67.69
C TYR D 464 -28.55 -20.43 -66.89
N ASP D 465 -28.54 -20.46 -65.56
CA ASP D 465 -28.89 -19.26 -64.83
C ASP D 465 -27.58 -18.53 -64.54
N GLU D 466 -27.65 -17.48 -63.75
CA GLU D 466 -26.47 -16.80 -63.21
C GLU D 466 -26.02 -17.43 -61.87
N LEU D 467 -26.77 -18.52 -61.58
CA LEU D 467 -26.74 -19.28 -60.34
C LEU D 467 -26.20 -20.69 -60.62
N ASN D 468 -26.88 -21.57 -61.38
CA ASN D 468 -26.32 -22.80 -61.97
C ASN D 468 -27.23 -23.16 -63.17
N ASN D 469 -27.13 -24.26 -63.92
CA ASN D 469 -27.97 -24.56 -65.08
C ASN D 469 -29.42 -24.94 -64.76
N LYS D 470 -30.44 -24.07 -64.83
CA LYS D 470 -31.82 -24.44 -64.48
C LYS D 470 -32.94 -24.01 -65.44
N LEU D 471 -33.43 -24.97 -66.23
CA LEU D 471 -34.38 -24.77 -67.32
C LEU D 471 -35.86 -24.51 -66.98
N GLU D 472 -36.05 -23.65 -65.97
CA GLU D 472 -37.35 -23.18 -65.56
C GLU D 472 -37.92 -22.22 -66.61
N PRO D 473 -38.84 -22.75 -67.43
CA PRO D 473 -39.34 -22.10 -68.62
C PRO D 473 -40.21 -20.90 -68.31
N ASP D 474 -40.92 -20.86 -67.19
CA ASP D 474 -41.67 -19.68 -66.82
C ASP D 474 -40.75 -18.53 -66.52
N GLU D 475 -39.69 -18.77 -65.74
CA GLU D 475 -38.54 -17.86 -65.61
C GLU D 475 -37.93 -17.52 -66.95
N GLN D 476 -37.73 -18.51 -67.82
CA GLN D 476 -37.14 -18.26 -69.14
C GLN D 476 -38.02 -17.46 -70.07
N ARG D 477 -39.34 -17.39 -69.90
CA ARG D 477 -40.20 -16.59 -70.77
C ARG D 477 -39.90 -15.11 -70.82
N ARG D 478 -39.24 -14.61 -69.76
CA ARG D 478 -38.79 -13.24 -69.75
C ARG D 478 -37.58 -13.03 -70.68
N LEU D 479 -36.82 -14.10 -70.91
CA LEU D 479 -35.56 -14.07 -71.65
C LEU D 479 -35.78 -14.49 -73.11
N PHE D 480 -36.70 -15.45 -73.27
CA PHE D 480 -37.10 -16.00 -74.56
C PHE D 480 -37.28 -14.97 -75.67
N ILE D 481 -36.49 -15.09 -76.74
CA ILE D 481 -36.59 -14.18 -77.87
C ILE D 481 -36.88 -14.94 -79.15
N GLU D 482 -37.83 -14.42 -79.91
CA GLU D 482 -38.24 -15.03 -81.16
C GLU D 482 -37.19 -14.66 -82.19
N LEU D 483 -36.49 -15.66 -82.72
CA LEU D 483 -35.46 -15.48 -83.71
C LEU D 483 -36.03 -15.50 -85.13
N ASP D 484 -37.17 -16.11 -85.38
CA ASP D 484 -37.68 -16.28 -86.73
C ASP D 484 -39.12 -16.74 -86.64
N LYS D 485 -39.90 -16.55 -87.71
CA LYS D 485 -41.27 -17.03 -87.79
C LYS D 485 -41.66 -17.13 -89.26
N PHE D 486 -41.82 -18.34 -89.80
CA PHE D 486 -42.18 -18.48 -91.22
C PHE D 486 -43.27 -19.51 -91.54
N PHE D 487 -43.68 -19.55 -92.82
CA PHE D 487 -44.59 -20.53 -93.38
C PHE D 487 -43.77 -21.43 -94.29
N TYR D 488 -43.93 -22.75 -94.14
CA TYR D 488 -43.36 -23.70 -95.08
C TYR D 488 -44.46 -24.73 -95.36
N THR D 489 -44.26 -25.51 -96.42
CA THR D 489 -45.15 -26.60 -96.77
C THR D 489 -44.31 -27.85 -96.75
N LEU D 490 -44.93 -28.87 -96.16
CA LEU D 490 -44.27 -30.09 -95.75
C LEU D 490 -44.98 -31.28 -96.36
N THR D 491 -44.29 -31.95 -97.27
CA THR D 491 -44.83 -33.17 -97.89
C THR D 491 -44.91 -34.30 -96.87
N PRO D 492 -45.53 -35.46 -97.10
CA PRO D 492 -45.47 -36.61 -96.20
C PRO D 492 -44.04 -37.06 -95.94
N GLY D 493 -43.85 -37.70 -94.79
CA GLY D 493 -42.60 -38.33 -94.43
C GLY D 493 -41.54 -37.36 -93.89
N LYS D 494 -40.27 -37.79 -94.05
CA LYS D 494 -39.11 -37.04 -93.62
C LYS D 494 -38.97 -35.73 -94.38
N ASN D 495 -39.03 -34.62 -93.66
CA ASN D 495 -38.86 -33.31 -94.26
C ASN D 495 -37.70 -32.65 -93.57
N THR D 496 -36.96 -31.90 -94.38
CA THR D 496 -35.97 -30.99 -93.88
C THR D 496 -36.34 -29.58 -94.36
N ILE D 497 -36.16 -28.62 -93.48
CA ILE D 497 -36.29 -27.22 -93.84
C ILE D 497 -34.90 -26.68 -93.54
N VAL D 498 -34.35 -25.77 -94.34
CA VAL D 498 -33.05 -25.16 -94.06
C VAL D 498 -33.29 -23.66 -94.12
N ARG D 499 -32.85 -22.86 -93.16
CA ARG D 499 -33.27 -21.47 -93.10
C ARG D 499 -32.08 -20.64 -92.67
N ASN D 500 -31.67 -19.71 -93.52
CA ASN D 500 -30.43 -18.95 -93.32
C ASN D 500 -30.66 -17.70 -92.52
N HIS D 501 -29.70 -17.34 -91.67
CA HIS D 501 -29.78 -16.17 -90.81
C HIS D 501 -30.50 -14.91 -91.27
N GLN D 502 -30.35 -14.49 -92.54
CA GLN D 502 -30.67 -13.15 -93.04
C GLN D 502 -32.14 -12.77 -92.96
N ASP D 503 -32.85 -13.85 -93.31
CA ASP D 503 -34.27 -13.88 -93.53
C ASP D 503 -35.06 -14.06 -92.24
N SER D 504 -34.41 -13.72 -91.12
CA SER D 504 -35.07 -13.56 -89.84
C SER D 504 -36.21 -12.56 -89.93
N SER D 505 -37.40 -12.93 -89.45
CA SER D 505 -38.52 -11.99 -89.48
C SER D 505 -38.52 -10.81 -88.52
N VAL D 506 -37.42 -10.47 -87.81
CA VAL D 506 -37.37 -9.39 -86.83
C VAL D 506 -36.55 -8.15 -87.24
N THR D 507 -35.75 -8.42 -88.27
CA THR D 507 -34.61 -7.60 -88.65
C THR D 507 -34.78 -6.59 -89.77
N ILE D 508 -33.98 -5.54 -89.68
CA ILE D 508 -33.62 -4.82 -90.89
C ILE D 508 -32.44 -5.59 -91.52
N SER D 509 -32.53 -5.76 -92.83
CA SER D 509 -31.35 -6.10 -93.59
C SER D 509 -30.69 -4.80 -94.04
N LYS D 510 -31.17 -4.19 -95.12
CA LYS D 510 -30.54 -2.99 -95.62
C LYS D 510 -31.19 -1.79 -94.96
N VAL D 511 -30.35 -1.09 -94.19
CA VAL D 511 -30.54 0.32 -93.84
C VAL D 511 -30.26 1.26 -95.04
N ARG D 512 -30.72 2.51 -95.08
CA ARG D 512 -30.41 3.40 -96.20
C ARG D 512 -29.98 4.75 -95.65
N THR D 513 -28.70 5.07 -95.90
CA THR D 513 -28.08 6.35 -95.56
C THR D 513 -28.57 7.46 -96.49
N PHE D 514 -28.52 8.68 -95.97
CA PHE D 514 -28.90 9.90 -96.69
C PHE D 514 -28.36 10.00 -98.13
N ASP D 515 -27.14 9.51 -98.31
CA ASP D 515 -26.48 9.54 -99.60
C ASP D 515 -27.15 8.69 -100.65
N GLN D 516 -27.58 7.50 -100.23
CA GLN D 516 -28.38 6.59 -101.04
C GLN D 516 -29.64 7.29 -101.52
N LEU D 517 -30.31 7.98 -100.58
CA LEU D 517 -31.52 8.73 -100.87
C LEU D 517 -31.31 9.88 -101.87
N GLY D 518 -30.10 10.46 -101.91
CA GLY D 518 -29.70 11.36 -102.98
C GLY D 518 -29.71 10.71 -104.37
N ALA D 519 -29.74 9.38 -104.45
CA ALA D 519 -29.98 8.66 -105.69
C ALA D 519 -31.40 8.09 -105.79
N GLY D 520 -31.75 6.89 -105.29
CA GLY D 520 -33.10 6.35 -105.44
C GLY D 520 -33.12 4.91 -105.95
N GLU D 521 -33.42 3.97 -105.05
CA GLU D 521 -33.33 2.54 -105.34
C GLU D 521 -34.70 1.89 -105.46
N GLY D 522 -34.76 0.54 -105.41
CA GLY D 522 -36.02 -0.15 -105.56
C GLY D 522 -36.11 -1.42 -104.74
N VAL D 523 -36.55 -1.31 -103.48
CA VAL D 523 -36.89 -2.46 -102.66
C VAL D 523 -38.41 -2.53 -102.73
N SER D 524 -38.94 -1.36 -102.35
CA SER D 524 -40.09 -0.83 -103.03
C SER D 524 -39.83 0.65 -102.79
N GLU D 525 -40.84 1.39 -102.33
CA GLU D 525 -40.79 2.82 -102.15
C GLU D 525 -41.79 3.02 -101.01
N ASP D 526 -41.37 2.99 -99.74
CA ASP D 526 -42.25 3.20 -98.57
C ASP D 526 -41.70 4.26 -97.61
N SER D 527 -41.77 4.21 -96.27
CA SER D 527 -41.46 5.40 -95.46
C SER D 527 -40.58 5.36 -94.17
N THR D 528 -40.98 5.70 -92.93
CA THR D 528 -40.14 5.92 -91.76
C THR D 528 -39.61 4.61 -91.24
N GLU D 529 -40.12 3.50 -91.84
CA GLU D 529 -39.56 2.17 -91.76
C GLU D 529 -38.75 1.60 -92.93
N TYR D 530 -38.83 2.12 -94.17
CA TYR D 530 -38.33 1.47 -95.40
C TYR D 530 -36.98 0.71 -95.39
N CYS D 531 -36.13 1.23 -94.52
CA CYS D 531 -34.77 0.76 -94.31
C CYS D 531 -34.35 1.33 -92.95
N SER D 532 -35.33 1.32 -92.04
CA SER D 532 -35.25 2.07 -90.80
C SER D 532 -36.06 1.47 -89.64
N CYS D 533 -37.12 0.67 -89.85
CA CYS D 533 -37.62 -0.11 -88.74
C CYS D 533 -36.99 -1.50 -88.71
N GLY D 534 -37.42 -2.34 -87.77
CA GLY D 534 -36.84 -3.68 -87.73
C GLY D 534 -35.79 -3.78 -86.63
N TRP D 535 -35.50 -4.85 -85.91
CA TRP D 535 -34.35 -4.82 -85.02
C TRP D 535 -33.07 -4.83 -85.85
N PRO D 536 -31.97 -4.15 -85.53
CA PRO D 536 -30.68 -4.31 -86.22
C PRO D 536 -30.10 -5.73 -86.26
N GLU D 537 -29.23 -5.98 -87.48
CA GLU D 537 -28.75 -7.32 -87.82
C GLU D 537 -27.67 -7.77 -86.88
N HIS D 538 -26.61 -6.98 -86.73
CA HIS D 538 -25.58 -7.29 -85.75
C HIS D 538 -25.97 -7.62 -84.30
N MET D 539 -27.20 -7.31 -83.83
CA MET D 539 -27.68 -7.65 -82.48
C MET D 539 -28.76 -8.75 -82.53
N LEU D 540 -28.78 -9.48 -83.65
CA LEU D 540 -29.72 -10.58 -83.81
C LEU D 540 -29.52 -11.74 -82.84
N ILE D 541 -28.30 -12.03 -82.42
CA ILE D 541 -27.99 -13.10 -81.47
C ILE D 541 -27.04 -12.45 -80.45
N PRO D 542 -27.35 -12.42 -79.15
CA PRO D 542 -26.55 -11.80 -78.08
C PRO D 542 -25.09 -12.24 -77.97
N ARG D 543 -24.25 -11.46 -77.30
CA ARG D 543 -22.80 -11.68 -77.20
C ARG D 543 -22.30 -13.03 -76.67
N GLY D 544 -23.02 -13.63 -75.72
CA GLY D 544 -22.54 -14.81 -75.02
C GLY D 544 -21.31 -14.47 -74.20
N SER D 545 -20.25 -15.24 -74.41
CA SER D 545 -18.99 -15.07 -73.70
C SER D 545 -17.84 -15.60 -74.52
N HIS D 546 -16.59 -15.31 -74.14
CA HIS D 546 -15.46 -15.83 -74.88
C HIS D 546 -15.31 -17.36 -74.79
N LYS D 547 -15.75 -17.94 -73.67
CA LYS D 547 -15.76 -19.39 -73.44
C LYS D 547 -16.63 -20.16 -74.44
N GLY D 548 -17.68 -19.48 -74.90
CA GLY D 548 -18.81 -20.14 -75.53
C GLY D 548 -19.92 -20.33 -74.50
N MET D 549 -20.90 -19.43 -74.40
CA MET D 549 -21.99 -19.60 -73.46
C MET D 549 -23.10 -20.40 -74.15
N GLU D 550 -24.03 -20.97 -73.36
CA GLU D 550 -24.86 -22.09 -73.77
C GLU D 550 -26.29 -21.64 -73.55
N PHE D 551 -27.07 -21.74 -74.60
CA PHE D 551 -28.33 -21.05 -74.75
C PHE D 551 -29.36 -22.07 -75.22
N GLU D 552 -30.55 -21.62 -75.60
CA GLU D 552 -31.62 -22.53 -75.96
C GLU D 552 -32.31 -22.04 -77.23
N LEU D 553 -32.29 -22.86 -78.28
CA LEU D 553 -33.00 -22.57 -79.51
C LEU D 553 -34.30 -23.38 -79.54
N PHE D 554 -35.45 -22.78 -79.21
CA PHE D 554 -36.68 -23.52 -79.03
C PHE D 554 -37.64 -23.21 -80.18
N VAL D 555 -38.08 -24.21 -80.94
CA VAL D 555 -38.88 -24.05 -82.13
C VAL D 555 -40.30 -24.55 -81.84
N MET D 556 -41.29 -23.93 -82.45
CA MET D 556 -42.63 -24.47 -82.46
C MET D 556 -43.10 -24.52 -83.91
N LEU D 557 -43.89 -25.50 -84.27
CA LEU D 557 -44.65 -25.48 -85.51
C LEU D 557 -46.12 -25.52 -85.15
N THR D 558 -46.78 -24.40 -85.45
CA THR D 558 -48.22 -24.30 -85.39
C THR D 558 -48.82 -24.28 -86.82
N ASP D 559 -50.12 -24.32 -87.11
CA ASP D 559 -50.62 -24.50 -88.48
C ASP D 559 -50.68 -23.16 -89.21
N HIS D 560 -50.36 -23.16 -90.51
CA HIS D 560 -50.45 -21.92 -91.27
C HIS D 560 -51.84 -21.56 -91.80
N ASP D 561 -52.68 -22.52 -92.15
CA ASP D 561 -54.05 -22.22 -92.54
C ASP D 561 -54.87 -21.77 -91.32
N GLU D 562 -54.52 -22.30 -90.14
CA GLU D 562 -55.04 -21.74 -88.90
C GLU D 562 -54.48 -20.32 -88.70
N ASP D 563 -53.15 -20.21 -88.59
CA ASP D 563 -52.51 -18.94 -88.29
C ASP D 563 -52.68 -17.81 -89.29
N THR D 564 -52.81 -18.04 -90.61
CA THR D 564 -52.75 -16.88 -91.48
C THR D 564 -54.07 -16.18 -91.34
N VAL D 565 -53.99 -14.91 -91.00
CA VAL D 565 -55.13 -14.02 -91.24
C VAL D 565 -55.49 -14.06 -92.73
N ALA D 566 -56.77 -14.07 -93.11
CA ALA D 566 -57.14 -13.88 -94.49
C ALA D 566 -57.59 -12.43 -94.64
N GLY D 567 -57.30 -11.84 -95.81
CA GLY D 567 -57.67 -10.49 -96.07
C GLY D 567 -56.98 -10.09 -97.32
N LEU D 568 -57.14 -8.86 -97.81
CA LEU D 568 -56.53 -8.44 -99.07
C LEU D 568 -55.79 -7.13 -98.89
N SER D 569 -54.45 -7.28 -99.02
CA SER D 569 -53.44 -6.24 -98.78
C SER D 569 -52.39 -6.09 -99.90
N GLU D 570 -51.11 -6.57 -99.90
CA GLU D 570 -50.10 -6.14 -100.88
C GLU D 570 -49.12 -7.23 -101.36
N ASN D 571 -48.15 -6.94 -102.25
CA ASN D 571 -47.05 -7.85 -102.58
C ASN D 571 -46.07 -8.19 -101.45
N ALA D 572 -44.92 -8.83 -101.75
CA ALA D 572 -43.83 -8.93 -100.80
C ALA D 572 -43.08 -7.61 -100.71
N VAL D 573 -42.96 -7.05 -99.49
CA VAL D 573 -42.63 -5.65 -99.34
C VAL D 573 -41.89 -5.36 -98.02
N CYS D 574 -42.23 -4.31 -97.26
CA CYS D 574 -41.73 -4.04 -95.92
C CYS D 574 -42.43 -4.95 -94.92
N SER D 575 -42.16 -6.23 -95.10
CA SER D 575 -42.58 -7.23 -94.15
C SER D 575 -41.35 -7.80 -93.50
N ASP D 576 -40.12 -7.36 -93.83
CA ASP D 576 -38.87 -7.97 -93.42
C ASP D 576 -38.87 -8.14 -91.91
N ALA D 577 -39.03 -7.05 -91.17
CA ALA D 577 -39.29 -7.15 -89.73
C ALA D 577 -40.72 -7.46 -89.31
N VAL D 578 -41.48 -8.40 -89.92
CA VAL D 578 -42.84 -8.71 -89.47
C VAL D 578 -43.03 -9.03 -88.00
N SER D 579 -42.10 -9.72 -87.33
CA SER D 579 -42.18 -9.96 -85.90
C SER D 579 -42.21 -8.79 -84.91
N TYR D 580 -41.13 -7.99 -84.78
CA TYR D 580 -41.02 -6.94 -83.76
C TYR D 580 -41.75 -5.63 -84.04
N CYS D 581 -42.25 -5.61 -85.27
CA CYS D 581 -42.67 -4.38 -85.91
C CYS D 581 -43.91 -4.73 -86.73
N GLY D 582 -43.79 -5.40 -87.89
CA GLY D 582 -44.95 -5.66 -88.71
C GLY D 582 -44.72 -5.49 -90.21
N ALA D 583 -45.77 -4.99 -90.85
CA ALA D 583 -45.87 -4.91 -92.31
C ALA D 583 -46.81 -3.75 -92.60
N ARG D 584 -46.87 -3.14 -93.79
CA ARG D 584 -47.67 -1.92 -93.92
C ARG D 584 -49.03 -2.05 -94.58
N ASP D 585 -49.91 -1.31 -93.90
CA ASP D 585 -51.36 -1.40 -93.91
C ASP D 585 -52.00 -2.77 -93.98
N ASP D 586 -51.42 -3.63 -93.13
CA ASP D 586 -51.84 -5.01 -92.97
C ASP D 586 -51.81 -5.30 -91.46
N ARG D 587 -52.12 -6.53 -91.00
CA ARG D 587 -52.18 -6.85 -89.59
C ARG D 587 -50.93 -7.65 -89.18
N TYR D 588 -50.80 -8.06 -87.92
CA TYR D 588 -49.76 -9.01 -87.55
C TYR D 588 -50.20 -10.38 -88.06
N PRO D 589 -49.56 -10.95 -89.10
CA PRO D 589 -50.01 -12.11 -89.90
C PRO D 589 -50.41 -13.43 -89.23
N ASP D 590 -50.15 -13.48 -87.93
CA ASP D 590 -50.23 -14.67 -87.14
C ASP D 590 -51.29 -14.36 -86.09
N LYS D 591 -52.23 -15.30 -86.04
CA LYS D 591 -53.30 -15.35 -85.06
C LYS D 591 -52.86 -15.17 -83.61
N LYS D 592 -51.82 -15.91 -83.22
CA LYS D 592 -51.52 -16.00 -81.81
C LYS D 592 -50.79 -14.78 -81.25
N ALA D 593 -50.95 -14.61 -79.94
CA ALA D 593 -50.31 -13.52 -79.23
C ALA D 593 -48.81 -13.58 -79.45
N MET D 594 -48.27 -12.41 -79.71
CA MET D 594 -46.84 -12.26 -79.88
C MET D 594 -46.16 -12.66 -78.58
N GLY D 595 -45.42 -13.76 -78.68
CA GLY D 595 -44.81 -14.40 -77.53
C GLY D 595 -44.96 -15.92 -77.60
N PHE D 596 -46.11 -16.33 -78.16
CA PHE D 596 -46.52 -17.73 -78.35
C PHE D 596 -45.48 -18.73 -78.87
N PRO D 597 -45.22 -19.81 -78.12
CA PRO D 597 -45.95 -20.25 -76.92
C PRO D 597 -45.90 -19.43 -75.63
N PHE D 598 -44.83 -18.65 -75.46
CA PHE D 598 -44.33 -18.25 -74.16
C PHE D 598 -44.90 -16.98 -73.52
N ASP D 599 -46.17 -16.72 -73.87
CA ASP D 599 -46.95 -15.60 -73.35
C ASP D 599 -47.50 -15.89 -71.95
N ARG D 600 -48.00 -17.11 -71.78
CA ARG D 600 -48.62 -17.51 -70.53
C ARG D 600 -47.85 -18.33 -69.51
N LYS D 601 -48.56 -18.69 -68.43
CA LYS D 601 -47.98 -19.46 -67.34
C LYS D 601 -47.54 -20.86 -67.75
N ILE D 602 -46.37 -21.29 -67.27
CA ILE D 602 -45.97 -22.67 -67.42
C ILE D 602 -45.85 -23.20 -66.00
N GLU D 603 -46.64 -24.24 -65.72
CA GLU D 603 -46.65 -24.96 -64.46
C GLU D 603 -45.55 -26.01 -64.32
N ALA D 604 -44.88 -26.25 -65.45
CA ALA D 604 -43.85 -27.28 -65.59
C ALA D 604 -42.47 -26.77 -65.17
N ARG D 605 -41.59 -27.60 -64.60
CA ARG D 605 -40.31 -27.07 -64.14
C ARG D 605 -39.15 -27.22 -65.14
N THR D 606 -39.32 -27.90 -66.29
CA THR D 606 -38.38 -27.77 -67.39
C THR D 606 -39.04 -27.51 -68.74
N ALA D 607 -38.31 -26.70 -69.53
CA ALA D 607 -38.59 -26.57 -70.96
C ALA D 607 -38.69 -27.89 -71.73
N ALA D 608 -38.11 -28.97 -71.18
CA ALA D 608 -38.31 -30.31 -71.74
C ALA D 608 -39.71 -30.84 -71.48
N GLU D 609 -40.33 -30.59 -70.32
CA GLU D 609 -41.68 -31.07 -70.01
C GLU D 609 -42.72 -30.46 -70.95
N PHE D 610 -42.44 -29.20 -71.30
CA PHE D 610 -43.26 -28.43 -72.22
C PHE D 610 -43.17 -28.90 -73.67
N LEU D 611 -42.29 -29.85 -73.99
CA LEU D 611 -42.15 -30.36 -75.35
C LEU D 611 -43.39 -31.09 -75.85
N THR D 612 -44.03 -30.52 -76.86
CA THR D 612 -44.88 -31.29 -77.76
C THR D 612 -44.05 -31.80 -78.94
N PRO D 613 -44.42 -32.83 -79.71
CA PRO D 613 -43.69 -33.31 -80.90
C PRO D 613 -43.53 -32.34 -82.07
N ASN D 614 -44.16 -31.16 -81.91
CA ASN D 614 -43.96 -30.02 -82.79
C ASN D 614 -43.25 -28.86 -82.09
N MET D 615 -42.42 -29.18 -81.08
CA MET D 615 -41.54 -28.23 -80.42
C MET D 615 -40.14 -28.81 -80.34
N GLY D 616 -39.09 -28.00 -80.17
CA GLY D 616 -37.75 -28.57 -80.15
C GLY D 616 -36.72 -27.56 -79.69
N LEU D 617 -36.00 -27.96 -78.63
CA LEU D 617 -34.90 -27.19 -78.08
C LEU D 617 -33.64 -27.70 -78.77
N THR D 618 -32.79 -26.83 -79.29
CA THR D 618 -31.51 -27.23 -79.83
C THR D 618 -30.48 -26.39 -79.09
N ASP D 619 -29.74 -26.98 -78.16
CA ASP D 619 -28.86 -26.24 -77.26
C ASP D 619 -27.64 -25.77 -78.03
N ILE D 620 -27.48 -24.45 -78.02
CA ILE D 620 -26.44 -23.83 -78.82
C ILE D 620 -25.56 -22.92 -77.97
N LYS D 621 -24.36 -22.80 -78.53
CA LYS D 621 -23.33 -21.94 -77.98
C LYS D 621 -23.27 -20.66 -78.79
N ILE D 622 -22.80 -19.60 -78.12
CA ILE D 622 -22.43 -18.34 -78.72
C ILE D 622 -21.03 -18.03 -78.17
N LYS D 623 -20.08 -17.62 -79.01
CA LYS D 623 -18.79 -17.23 -78.47
C LYS D 623 -18.34 -15.90 -79.03
N PHE D 624 -17.96 -14.98 -78.14
CA PHE D 624 -17.44 -13.70 -78.59
C PHE D 624 -16.02 -13.83 -79.11
N HIS D 625 -15.83 -13.56 -80.41
CA HIS D 625 -14.49 -13.39 -80.91
C HIS D 625 -13.90 -12.10 -80.36
N GLY D 626 -13.01 -12.31 -79.39
CA GLY D 626 -12.14 -11.27 -78.87
C GLY D 626 -11.22 -10.69 -79.95
N THR E 1 8.17 -39.77 -20.74
CA THR E 1 9.01 -39.49 -21.89
C THR E 1 8.06 -38.87 -22.91
N VAL E 2 8.64 -38.31 -23.97
CA VAL E 2 7.87 -37.57 -24.94
C VAL E 2 6.92 -38.47 -25.72
N ALA E 3 7.15 -39.79 -25.82
CA ALA E 3 6.11 -40.68 -26.33
C ALA E 3 4.89 -40.65 -25.40
N ASP E 4 5.01 -41.08 -24.15
CA ASP E 4 3.87 -41.11 -23.21
C ASP E 4 3.28 -39.73 -22.93
N LYS E 5 4.09 -38.68 -23.11
CA LYS E 5 3.63 -37.30 -23.16
C LYS E 5 2.48 -37.16 -24.16
N GLN E 6 2.77 -37.51 -25.41
CA GLN E 6 1.74 -37.64 -26.44
C GLN E 6 0.62 -38.58 -26.03
N ALA E 7 0.99 -39.77 -25.51
CA ALA E 7 0.03 -40.78 -25.12
C ALA E 7 -0.83 -40.48 -23.90
N ARG E 8 -0.67 -39.32 -23.25
CA ARG E 8 -1.65 -38.87 -22.28
C ARG E 8 -2.61 -37.80 -22.82
N LEU E 9 -2.08 -36.75 -23.46
CA LEU E 9 -2.92 -35.64 -23.88
C LEU E 9 -3.96 -36.04 -24.92
N MET E 10 -3.47 -36.61 -26.03
CA MET E 10 -4.35 -36.99 -27.13
C MET E 10 -5.36 -38.06 -26.72
N PRO E 11 -5.08 -39.10 -25.93
CA PRO E 11 -6.09 -39.92 -25.27
C PRO E 11 -7.17 -39.16 -24.52
N LEU E 12 -6.85 -38.07 -23.83
CA LEU E 12 -7.88 -37.22 -23.23
C LEU E 12 -8.71 -36.50 -24.29
N PHE E 13 -8.06 -36.08 -25.38
CA PHE E 13 -8.73 -35.50 -26.54
C PHE E 13 -9.39 -36.53 -27.46
N LYS E 14 -9.23 -37.78 -27.14
CA LYS E 14 -10.10 -38.75 -27.76
C LYS E 14 -11.50 -38.71 -27.14
N HIS E 15 -12.31 -37.82 -27.74
CA HIS E 15 -13.67 -37.42 -27.35
C HIS E 15 -13.66 -36.37 -26.24
N LEU E 16 -13.00 -35.28 -26.59
CA LEU E 16 -12.68 -34.18 -25.70
C LEU E 16 -13.84 -33.73 -24.82
N THR E 17 -14.78 -32.93 -25.32
CA THR E 17 -15.84 -32.33 -24.51
C THR E 17 -16.76 -33.24 -23.66
N ALA E 18 -16.55 -34.57 -23.51
CA ALA E 18 -17.48 -35.45 -22.81
C ALA E 18 -17.55 -35.40 -21.28
N LEU E 19 -16.41 -35.40 -20.60
CA LEU E 19 -16.36 -35.32 -19.14
C LEU E 19 -16.22 -33.87 -18.63
N THR E 20 -16.49 -32.86 -19.48
CA THR E 20 -16.68 -31.47 -19.06
C THR E 20 -17.39 -31.17 -17.73
N ARG E 21 -18.22 -32.09 -17.27
CA ARG E 21 -18.81 -31.96 -15.97
C ARG E 21 -18.13 -33.05 -15.17
N GLU E 22 -17.10 -32.72 -14.36
CA GLU E 22 -16.60 -33.72 -13.45
C GLU E 22 -16.71 -33.28 -12.03
N LYS E 23 -16.44 -34.30 -11.22
CA LYS E 23 -16.62 -34.37 -9.79
C LYS E 23 -15.52 -33.61 -9.08
N LEU E 24 -15.92 -32.37 -8.82
CA LEU E 24 -15.48 -31.70 -7.63
C LEU E 24 -16.71 -31.27 -6.87
N PRO E 25 -16.78 -31.59 -5.56
CA PRO E 25 -17.79 -31.07 -4.64
C PRO E 25 -17.76 -29.55 -4.64
N LEU E 26 -16.55 -28.98 -4.66
CA LEU E 26 -16.36 -27.57 -4.93
C LEU E 26 -15.00 -27.40 -5.58
N ASP E 27 -15.05 -26.51 -6.58
CA ASP E 27 -13.91 -25.91 -7.28
C ASP E 27 -12.65 -25.65 -6.44
N GLN E 28 -12.94 -25.38 -5.16
CA GLN E 28 -12.03 -25.01 -4.07
C GLN E 28 -10.70 -25.70 -4.04
N ARG E 29 -10.70 -26.97 -4.48
CA ARG E 29 -9.48 -27.72 -4.75
C ARG E 29 -8.34 -26.93 -5.36
N ASP E 30 -8.64 -26.09 -6.36
CA ASP E 30 -7.64 -25.31 -7.05
C ASP E 30 -7.89 -23.84 -6.72
N GLU E 31 -7.59 -23.52 -5.45
CA GLU E 31 -7.45 -22.14 -4.96
C GLU E 31 -6.82 -21.20 -5.99
N ARG E 32 -5.80 -21.82 -6.62
CA ARG E 32 -5.17 -21.35 -7.85
C ARG E 32 -6.06 -20.87 -8.99
N LEU E 33 -7.27 -21.36 -9.22
CA LEU E 33 -8.28 -20.73 -10.07
C LEU E 33 -9.41 -19.92 -9.43
N LYS E 34 -9.56 -19.90 -8.08
CA LYS E 34 -10.54 -19.11 -7.30
C LYS E 34 -11.67 -18.19 -7.82
N GLY E 35 -11.41 -17.38 -8.86
CA GLY E 35 -12.35 -16.36 -9.32
C GLY E 35 -12.92 -16.61 -10.71
N VAL E 36 -12.35 -17.53 -11.50
CA VAL E 36 -12.99 -17.95 -12.76
C VAL E 36 -13.95 -19.13 -12.58
N GLY E 37 -15.18 -18.75 -12.21
CA GLY E 37 -16.27 -19.73 -12.13
C GLY E 37 -17.55 -19.32 -12.85
N ILE E 38 -17.62 -18.02 -13.23
CA ILE E 38 -18.86 -17.36 -13.67
C ILE E 38 -19.22 -17.48 -15.15
N LEU E 39 -18.47 -18.36 -15.78
CA LEU E 39 -18.87 -18.94 -17.05
C LEU E 39 -18.99 -20.43 -16.79
N PRO E 40 -20.16 -20.94 -16.35
CA PRO E 40 -20.37 -22.35 -15.99
C PRO E 40 -20.73 -23.25 -17.16
N ARG E 41 -19.79 -24.10 -17.56
CA ARG E 41 -19.84 -24.97 -18.75
C ARG E 41 -20.38 -24.38 -20.06
N GLY E 42 -21.28 -24.99 -20.85
CA GLY E 42 -21.75 -24.40 -22.09
C GLY E 42 -22.71 -23.23 -21.97
N THR E 43 -22.38 -22.21 -21.17
CA THR E 43 -22.97 -20.89 -21.29
C THR E 43 -21.97 -20.20 -22.21
N LEU E 44 -22.34 -20.11 -23.49
CA LEU E 44 -21.36 -20.34 -24.53
C LEU E 44 -20.21 -19.35 -24.66
N PHE E 45 -19.01 -18.23 -24.18
CA PHE E 45 -17.75 -17.51 -24.24
C PHE E 45 -17.61 -16.59 -25.44
N SER E 46 -17.59 -15.27 -25.26
CA SER E 46 -17.25 -14.37 -26.35
C SER E 46 -15.77 -14.14 -26.12
N CYS E 47 -14.91 -14.55 -27.07
CA CYS E 47 -13.47 -14.38 -26.88
C CYS E 47 -13.12 -12.91 -26.73
N PHE E 48 -13.95 -12.02 -27.23
CA PHE E 48 -13.64 -10.60 -27.09
C PHE E 48 -14.39 -9.83 -25.99
N HIS E 49 -15.32 -10.46 -25.26
CA HIS E 49 -15.91 -9.81 -24.09
C HIS E 49 -14.92 -9.64 -22.93
N ALA E 50 -14.58 -8.40 -22.57
CA ALA E 50 -13.42 -8.04 -21.76
C ALA E 50 -13.10 -8.85 -20.52
N ARG E 51 -14.17 -9.18 -19.77
CA ARG E 51 -14.01 -9.91 -18.53
C ARG E 51 -13.41 -11.29 -18.73
N HIS E 52 -13.70 -11.97 -19.85
CA HIS E 52 -13.26 -13.35 -20.03
C HIS E 52 -11.80 -13.57 -20.36
N LEU E 53 -11.19 -12.55 -20.96
CA LEU E 53 -9.74 -12.48 -21.10
C LEU E 53 -9.04 -12.18 -19.77
N ALA E 54 -9.61 -11.25 -18.99
CA ALA E 54 -9.15 -11.00 -17.63
C ALA E 54 -9.24 -12.26 -16.76
N GLU E 55 -10.41 -12.92 -16.77
CA GLU E 55 -10.62 -14.21 -16.12
C GLU E 55 -9.56 -15.20 -16.61
N ALA E 56 -9.40 -15.27 -17.93
CA ALA E 56 -8.36 -16.10 -18.51
C ALA E 56 -6.95 -15.69 -18.11
N THR E 57 -6.65 -14.44 -17.77
CA THR E 57 -5.30 -14.05 -17.41
C THR E 57 -4.96 -14.47 -15.99
N GLU E 58 -5.98 -14.63 -15.13
CA GLU E 58 -5.88 -15.47 -13.93
C GLU E 58 -5.39 -16.87 -14.28
N LEU E 59 -6.06 -17.48 -15.27
CA LEU E 59 -5.67 -18.79 -15.77
C LEU E 59 -4.33 -18.81 -16.45
N TYR E 60 -3.93 -17.77 -17.19
CA TYR E 60 -2.60 -17.76 -17.78
C TYR E 60 -1.58 -17.70 -16.66
N VAL E 61 -1.72 -16.83 -15.66
CA VAL E 61 -0.67 -16.80 -14.62
C VAL E 61 -0.59 -18.04 -13.74
N ALA E 62 -1.75 -18.62 -13.45
CA ALA E 62 -1.82 -19.94 -12.86
C ALA E 62 -1.15 -20.99 -13.75
N LEU E 63 -1.62 -21.19 -15.00
CA LEU E 63 -1.16 -22.33 -15.80
C LEU E 63 0.34 -22.31 -16.08
N TYR E 64 0.92 -21.13 -16.26
CA TYR E 64 2.37 -21.03 -16.36
C TYR E 64 3.21 -21.46 -15.18
N GLY E 65 2.71 -21.26 -13.96
CA GLY E 65 3.47 -21.55 -12.75
C GLY E 65 3.49 -23.03 -12.40
N ALA E 66 4.14 -23.83 -13.25
CA ALA E 66 4.15 -25.26 -13.03
C ALA E 66 5.31 -25.75 -12.17
N LYS E 67 5.39 -27.08 -11.99
CA LYS E 67 6.62 -27.69 -11.52
C LYS E 67 7.37 -28.31 -12.69
N ASP E 68 6.91 -29.46 -13.21
CA ASP E 68 7.66 -30.19 -14.22
C ASP E 68 6.64 -30.76 -15.20
N PHE E 69 7.13 -31.62 -16.10
CA PHE E 69 6.28 -32.26 -17.09
C PHE E 69 5.13 -33.06 -16.48
N ASN E 70 5.30 -33.62 -15.27
CA ASN E 70 4.25 -34.31 -14.56
C ASN E 70 3.25 -33.37 -13.92
N ASP E 71 3.68 -32.45 -13.05
CA ASP E 71 2.72 -31.57 -12.38
C ASP E 71 1.88 -30.76 -13.37
N PHE E 72 2.48 -30.40 -14.51
CA PHE E 72 1.75 -29.81 -15.61
C PHE E 72 0.51 -30.61 -16.02
N ILE E 73 0.72 -31.92 -16.20
CA ILE E 73 -0.34 -32.83 -16.61
C ILE E 73 -1.38 -32.91 -15.52
N HIS E 74 -0.98 -32.99 -14.25
CA HIS E 74 -1.99 -33.08 -13.20
C HIS E 74 -2.94 -31.89 -13.17
N LEU E 75 -2.36 -30.69 -13.21
CA LEU E 75 -3.17 -29.47 -13.29
C LEU E 75 -4.17 -29.55 -14.44
N CYS E 76 -3.68 -30.03 -15.58
CA CYS E 76 -4.48 -30.22 -16.77
C CYS E 76 -5.53 -31.32 -16.63
N GLU E 77 -5.32 -32.36 -15.83
CA GLU E 77 -6.41 -33.30 -15.54
C GLU E 77 -7.51 -32.56 -14.78
N GLN E 78 -7.06 -31.89 -13.71
CA GLN E 78 -7.93 -31.35 -12.71
C GLN E 78 -8.74 -30.12 -13.11
N ALA E 79 -8.12 -28.97 -13.43
CA ALA E 79 -8.88 -27.75 -13.73
C ALA E 79 -9.91 -27.93 -14.83
N ARG E 80 -9.59 -28.84 -15.75
CA ARG E 80 -10.50 -29.22 -16.83
C ARG E 80 -11.86 -29.72 -16.34
N GLN E 81 -11.96 -30.35 -15.17
CA GLN E 81 -13.23 -30.92 -14.70
C GLN E 81 -14.40 -29.96 -14.56
N ILE E 82 -14.14 -28.65 -14.53
CA ILE E 82 -15.20 -27.65 -14.44
C ILE E 82 -15.24 -26.63 -15.58
N VAL E 83 -14.10 -26.34 -16.24
CA VAL E 83 -14.02 -25.13 -17.05
C VAL E 83 -14.59 -25.22 -18.46
N ASN E 84 -14.80 -24.04 -19.05
CA ASN E 84 -15.15 -23.95 -20.46
C ASN E 84 -14.00 -24.46 -21.31
N GLU E 85 -14.12 -25.75 -21.66
CA GLU E 85 -13.11 -26.51 -22.36
C GLU E 85 -12.45 -25.76 -23.51
N GLY E 86 -13.20 -24.92 -24.25
CA GLY E 86 -12.61 -24.11 -25.31
C GLY E 86 -11.43 -23.24 -24.85
N MET E 87 -11.60 -22.67 -23.66
CA MET E 87 -10.60 -21.83 -23.00
C MET E 87 -9.47 -22.71 -22.51
N PHE E 88 -9.83 -23.84 -21.90
CA PHE E 88 -8.88 -24.82 -21.41
C PHE E 88 -7.96 -25.32 -22.52
N VAL E 89 -8.44 -25.79 -23.68
CA VAL E 89 -7.59 -26.13 -24.81
C VAL E 89 -6.77 -24.96 -25.31
N TYR E 90 -7.33 -23.73 -25.29
CA TYR E 90 -6.58 -22.53 -25.69
C TYR E 90 -5.40 -22.30 -24.75
N ALA E 91 -5.61 -22.59 -23.46
CA ALA E 91 -4.60 -22.44 -22.44
C ALA E 91 -3.55 -23.54 -22.51
N VAL E 92 -3.97 -24.80 -22.62
CA VAL E 92 -3.03 -25.90 -22.75
C VAL E 92 -2.27 -25.82 -24.06
N SER E 93 -2.86 -25.30 -25.16
CA SER E 93 -2.11 -25.11 -26.39
C SER E 93 -1.20 -23.90 -26.30
N VAL E 94 -1.47 -22.79 -25.60
CA VAL E 94 -0.44 -21.76 -25.42
C VAL E 94 0.68 -22.31 -24.53
N ALA E 95 0.35 -23.14 -23.56
CA ALA E 95 1.34 -23.84 -22.78
C ALA E 95 2.15 -24.88 -23.52
N VAL E 96 1.54 -25.85 -24.20
CA VAL E 96 2.24 -27.02 -24.73
C VAL E 96 2.78 -26.77 -26.14
N LEU E 97 2.77 -25.48 -26.46
CA LEU E 97 3.71 -24.87 -27.37
C LEU E 97 4.97 -24.31 -26.71
N HIS E 98 4.89 -23.69 -25.51
CA HIS E 98 5.95 -22.79 -25.06
C HIS E 98 6.61 -22.97 -23.70
N ARG E 99 6.28 -23.96 -22.85
CA ARG E 99 6.96 -24.08 -21.57
C ARG E 99 7.88 -25.28 -21.50
N GLU E 100 9.16 -24.97 -21.27
CA GLU E 100 10.28 -25.58 -21.99
C GLU E 100 10.60 -27.08 -21.80
N ASP E 101 9.75 -27.83 -21.11
CA ASP E 101 9.89 -29.28 -20.90
C ASP E 101 9.16 -30.22 -21.87
N CYS E 102 8.74 -29.77 -23.06
CA CYS E 102 7.70 -30.48 -23.80
C CYS E 102 7.90 -30.79 -25.28
N LYS E 103 9.04 -30.57 -25.95
CA LYS E 103 9.15 -30.59 -27.41
C LYS E 103 8.95 -31.92 -28.12
N GLY E 104 8.45 -31.84 -29.36
CA GLY E 104 7.91 -33.02 -30.03
C GLY E 104 6.58 -33.43 -29.43
N ILE E 105 5.94 -32.58 -28.62
CA ILE E 105 4.54 -32.81 -28.27
C ILE E 105 3.77 -32.16 -29.41
N THR E 106 2.62 -32.71 -29.78
CA THR E 106 1.85 -32.09 -30.85
C THR E 106 0.53 -31.73 -30.24
N VAL E 107 0.02 -30.57 -30.66
CA VAL E 107 -1.28 -30.11 -30.23
C VAL E 107 -2.32 -30.92 -31.01
N PRO E 108 -3.33 -31.53 -30.35
CA PRO E 108 -4.44 -32.21 -31.01
C PRO E 108 -5.12 -31.33 -32.07
N PRO E 109 -5.20 -31.79 -33.33
CA PRO E 109 -5.67 -30.98 -34.46
C PRO E 109 -7.09 -30.46 -34.34
N ILE E 110 -7.22 -29.14 -34.26
CA ILE E 110 -8.51 -28.47 -34.07
C ILE E 110 -9.62 -28.80 -35.07
N GLN E 111 -9.21 -29.19 -36.28
CA GLN E 111 -10.17 -29.45 -37.35
C GLN E 111 -10.85 -30.77 -37.05
N GLU E 112 -10.03 -31.63 -36.44
CA GLU E 112 -10.40 -32.99 -36.11
C GLU E 112 -10.94 -33.14 -34.69
N VAL E 113 -10.52 -32.35 -33.70
CA VAL E 113 -11.23 -32.31 -32.41
C VAL E 113 -12.48 -31.45 -32.37
N PHE E 114 -12.54 -30.38 -33.18
CA PHE E 114 -13.75 -29.59 -33.33
C PHE E 114 -14.06 -29.38 -34.82
N PRO E 115 -14.63 -30.37 -35.53
CA PRO E 115 -14.99 -30.26 -36.94
C PRO E 115 -16.14 -29.32 -37.25
N ASP E 116 -16.95 -29.03 -36.21
CA ASP E 116 -18.20 -28.31 -36.30
C ASP E 116 -17.97 -26.91 -36.86
N ARG E 117 -16.91 -26.24 -36.41
CA ARG E 117 -16.58 -24.95 -36.95
C ARG E 117 -16.00 -24.88 -38.37
N PHE E 118 -15.83 -26.06 -39.01
CA PHE E 118 -15.25 -26.16 -40.33
C PHE E 118 -16.24 -26.60 -41.41
N VAL E 119 -17.14 -27.53 -41.10
CA VAL E 119 -18.03 -28.13 -42.07
C VAL E 119 -19.52 -27.76 -41.94
N PRO E 120 -20.38 -28.06 -42.92
CA PRO E 120 -21.83 -27.99 -42.79
C PRO E 120 -22.48 -28.86 -41.73
N ALA E 121 -23.26 -28.18 -40.89
CA ALA E 121 -24.17 -28.76 -39.91
C ALA E 121 -24.89 -30.01 -40.38
N GLU E 122 -25.35 -29.94 -41.64
CA GLU E 122 -25.93 -31.09 -42.36
C GLU E 122 -25.00 -32.29 -42.47
N THR E 123 -23.75 -32.16 -42.90
CA THR E 123 -22.87 -33.32 -43.02
C THR E 123 -22.34 -33.81 -41.68
N ILE E 124 -22.50 -33.04 -40.60
CA ILE E 124 -22.23 -33.55 -39.25
C ILE E 124 -23.42 -34.46 -38.91
N ASN E 125 -24.60 -33.85 -39.05
CA ASN E 125 -25.89 -34.46 -38.80
C ASN E 125 -26.08 -35.74 -39.60
N ARG E 126 -25.61 -35.77 -40.85
CA ARG E 126 -25.74 -36.94 -41.74
C ARG E 126 -24.85 -38.10 -41.32
N ALA E 127 -23.55 -37.88 -41.10
CA ALA E 127 -22.63 -38.92 -40.66
C ALA E 127 -23.09 -39.55 -39.35
N ASN E 128 -23.40 -38.65 -38.40
CA ASN E 128 -24.12 -38.98 -37.18
C ASN E 128 -25.34 -39.85 -37.44
N LYS E 129 -26.27 -39.37 -38.27
CA LYS E 129 -27.49 -40.09 -38.55
C LYS E 129 -27.21 -41.41 -39.27
N GLU E 130 -26.15 -41.55 -40.07
CA GLU E 130 -25.87 -42.81 -40.73
C GLU E 130 -25.36 -43.87 -39.75
N ALA E 131 -24.61 -43.48 -38.71
CA ALA E 131 -24.31 -44.36 -37.58
C ALA E 131 -25.56 -44.77 -36.81
N SER E 132 -26.55 -43.90 -36.67
CA SER E 132 -27.86 -44.33 -36.19
C SER E 132 -28.66 -45.11 -37.22
N ASN E 133 -28.38 -44.96 -38.52
CA ASN E 133 -29.11 -45.70 -39.54
C ASN E 133 -28.65 -47.11 -39.80
N HIS E 134 -27.36 -47.37 -39.61
CA HIS E 134 -26.81 -48.70 -39.77
C HIS E 134 -25.90 -48.93 -38.58
N PRO E 135 -26.29 -49.48 -37.43
CA PRO E 135 -25.38 -49.75 -36.31
C PRO E 135 -24.37 -50.86 -36.63
N ASP E 136 -23.32 -50.47 -37.36
CA ASP E 136 -22.30 -51.38 -37.83
C ASP E 136 -20.96 -50.67 -37.74
N GLN E 137 -19.88 -51.44 -37.87
CA GLN E 137 -18.52 -50.94 -37.81
C GLN E 137 -18.06 -50.30 -39.13
N GLN E 138 -18.85 -50.39 -40.22
CA GLN E 138 -18.58 -49.68 -41.46
C GLN E 138 -18.44 -48.17 -41.34
N SER E 139 -17.40 -47.67 -42.03
CA SER E 139 -17.14 -46.25 -42.15
C SER E 139 -18.28 -45.58 -42.93
N ILE E 140 -18.40 -44.26 -42.77
CA ILE E 140 -19.40 -43.49 -43.47
C ILE E 140 -18.63 -42.36 -44.12
N VAL E 141 -18.98 -42.00 -45.36
CA VAL E 141 -18.35 -40.90 -46.05
C VAL E 141 -19.51 -40.08 -46.58
N VAL E 142 -19.50 -38.76 -46.35
CA VAL E 142 -20.60 -37.91 -46.75
C VAL E 142 -19.99 -36.83 -47.63
N GLU E 143 -20.65 -36.51 -48.74
CA GLU E 143 -20.18 -35.45 -49.63
C GLU E 143 -20.71 -34.10 -49.16
N ALA E 144 -19.76 -33.31 -48.68
CA ALA E 144 -20.03 -32.02 -48.07
C ALA E 144 -20.70 -31.02 -49.01
N GLU E 145 -20.45 -31.19 -50.31
CA GLU E 145 -20.89 -30.29 -51.37
C GLU E 145 -22.24 -29.60 -51.26
N GLU E 146 -23.29 -30.32 -50.83
CA GLU E 146 -24.68 -29.83 -50.78
C GLU E 146 -25.29 -29.48 -52.14
N THR E 147 -26.56 -29.04 -52.13
CA THR E 147 -27.35 -28.70 -53.29
C THR E 147 -28.40 -27.70 -52.81
N GLY E 148 -28.10 -26.48 -53.24
CA GLY E 148 -28.97 -25.34 -53.04
C GLY E 148 -28.95 -24.41 -54.25
N ASN E 149 -29.93 -23.53 -54.24
CA ASN E 149 -30.06 -22.55 -55.29
C ASN E 149 -29.24 -21.29 -55.03
N ILE E 150 -28.21 -21.18 -55.87
CA ILE E 150 -27.14 -20.24 -55.63
C ILE E 150 -27.52 -18.81 -56.04
N LEU E 151 -28.32 -18.09 -55.26
CA LEU E 151 -28.58 -16.69 -55.58
C LEU E 151 -27.37 -15.77 -55.43
N ASP E 152 -26.32 -16.24 -54.77
CA ASP E 152 -25.24 -15.38 -54.31
C ASP E 152 -23.94 -15.45 -55.11
N PRO E 153 -23.36 -14.30 -55.52
CA PRO E 153 -22.01 -14.22 -56.07
C PRO E 153 -20.91 -14.64 -55.09
N GLU E 154 -21.00 -14.29 -53.79
CA GLU E 154 -19.89 -14.49 -52.87
C GLU E 154 -19.58 -15.95 -52.54
N TYR E 155 -20.61 -16.81 -52.57
CA TYR E 155 -20.47 -18.26 -52.37
C TYR E 155 -19.38 -18.91 -53.22
N LYS E 156 -19.07 -18.32 -54.39
CA LYS E 156 -17.90 -18.71 -55.18
C LYS E 156 -16.66 -18.76 -54.30
N LEU E 157 -16.32 -17.67 -53.60
CA LEU E 157 -15.05 -17.55 -52.88
C LEU E 157 -14.90 -18.44 -51.65
N SER E 158 -15.95 -19.23 -51.41
CA SER E 158 -16.00 -20.23 -50.38
C SER E 158 -15.14 -21.45 -50.67
N TYR E 159 -14.44 -21.51 -51.81
CA TYR E 159 -13.29 -22.40 -51.96
C TYR E 159 -12.15 -22.08 -50.99
N PHE E 160 -11.92 -20.76 -50.82
CA PHE E 160 -10.76 -20.22 -50.15
C PHE E 160 -11.05 -19.97 -48.68
N ARG E 161 -12.07 -19.16 -48.42
CA ARG E 161 -12.38 -18.63 -47.10
C ARG E 161 -12.62 -19.69 -46.03
N GLU E 162 -13.34 -20.72 -46.48
CA GLU E 162 -13.93 -21.72 -45.61
C GLU E 162 -13.10 -22.97 -45.47
N ASP E 163 -11.85 -22.90 -45.96
CA ASP E 163 -11.00 -24.06 -46.10
C ASP E 163 -10.38 -24.50 -44.78
N ILE E 164 -10.08 -25.80 -44.73
CA ILE E 164 -9.67 -26.47 -43.49
C ILE E 164 -8.38 -25.89 -42.92
N GLY E 165 -7.40 -25.83 -43.84
CA GLY E 165 -6.04 -25.43 -43.55
C GLY E 165 -5.95 -23.93 -43.35
N ILE E 166 -6.76 -23.20 -44.16
CA ILE E 166 -6.98 -21.78 -43.95
C ILE E 166 -7.37 -21.57 -42.50
N ASN E 167 -8.50 -22.11 -42.05
CA ASN E 167 -9.04 -21.77 -40.75
C ASN E 167 -8.26 -22.26 -39.52
N ALA E 168 -7.63 -23.42 -39.73
CA ALA E 168 -6.68 -23.97 -38.78
C ALA E 168 -5.46 -23.06 -38.62
N HIS E 169 -4.82 -22.63 -39.73
CA HIS E 169 -3.67 -21.71 -39.68
C HIS E 169 -3.98 -20.51 -38.81
N HIS E 170 -5.20 -20.03 -39.01
CA HIS E 170 -5.68 -18.86 -38.33
C HIS E 170 -5.68 -19.03 -36.82
N TRP E 171 -6.27 -20.10 -36.26
CA TRP E 171 -6.15 -20.37 -34.83
C TRP E 171 -4.68 -20.53 -34.45
N HIS E 172 -3.98 -21.44 -35.11
CA HIS E 172 -2.56 -21.67 -34.89
C HIS E 172 -1.61 -20.48 -34.85
N TRP E 173 -1.82 -19.44 -35.66
CA TRP E 173 -1.00 -18.24 -35.63
C TRP E 173 -1.12 -17.55 -34.28
N HIS E 174 -2.34 -17.43 -33.76
CA HIS E 174 -2.59 -16.81 -32.46
C HIS E 174 -2.54 -17.77 -31.28
N ILE E 175 -2.39 -19.06 -31.55
CA ILE E 175 -1.95 -19.93 -30.49
C ILE E 175 -0.44 -19.81 -30.33
N VAL E 176 0.32 -19.62 -31.42
CA VAL E 176 1.74 -19.35 -31.31
C VAL E 176 2.05 -17.92 -30.85
N TYR E 177 1.21 -16.93 -31.20
CA TYR E 177 1.28 -15.57 -30.64
C TYR E 177 0.02 -15.13 -29.90
N PRO E 178 -0.22 -15.48 -28.63
CA PRO E 178 -1.35 -14.99 -27.85
C PRO E 178 -1.24 -13.52 -27.40
N ALA E 179 -2.35 -12.79 -27.52
CA ALA E 179 -2.41 -11.38 -27.13
C ALA E 179 -2.02 -11.15 -25.67
N THR E 180 -2.42 -12.09 -24.83
CA THR E 180 -2.04 -12.16 -23.44
C THR E 180 -0.68 -12.77 -23.15
N TRP E 181 0.21 -13.00 -24.13
CA TRP E 181 1.59 -13.32 -23.81
C TRP E 181 2.26 -12.16 -23.09
N ASN E 182 2.19 -12.19 -21.76
CA ASN E 182 3.12 -11.46 -20.93
C ASN E 182 4.54 -12.03 -21.12
N PRO E 183 5.57 -11.26 -21.48
CA PRO E 183 6.95 -11.72 -21.54
C PRO E 183 7.61 -12.04 -20.20
N THR E 184 7.44 -11.20 -19.17
CA THR E 184 8.25 -11.25 -17.96
C THR E 184 7.89 -12.46 -17.11
N VAL E 185 6.60 -12.58 -16.78
CA VAL E 185 6.08 -13.68 -15.98
C VAL E 185 6.21 -15.01 -16.71
N MET E 186 6.33 -14.97 -18.05
CA MET E 186 6.66 -16.15 -18.84
C MET E 186 8.09 -16.16 -19.38
N GLY E 187 9.00 -15.41 -18.76
CA GLY E 187 10.44 -15.59 -18.91
C GLY E 187 11.09 -14.99 -20.17
N LYS E 188 10.40 -15.06 -21.32
CA LYS E 188 10.93 -14.65 -22.61
C LYS E 188 9.84 -14.08 -23.54
N GLU E 189 10.29 -13.44 -24.61
CA GLU E 189 9.43 -12.68 -25.48
C GLU E 189 9.14 -13.31 -26.83
N LYS E 190 8.33 -12.59 -27.62
CA LYS E 190 7.82 -13.11 -28.87
C LYS E 190 8.13 -12.18 -30.02
N ASP E 191 9.14 -12.63 -30.75
CA ASP E 191 9.71 -11.88 -31.84
C ASP E 191 8.77 -11.39 -32.92
N ARG E 192 8.79 -10.05 -32.87
CA ARG E 192 8.12 -9.17 -33.82
C ARG E 192 6.62 -9.28 -33.96
N LYS E 193 5.95 -9.64 -32.85
CA LYS E 193 4.56 -10.08 -32.91
C LYS E 193 3.59 -9.06 -33.48
N GLY E 194 3.77 -7.75 -33.24
CA GLY E 194 2.86 -6.74 -33.76
C GLY E 194 2.98 -6.62 -35.27
N GLU E 195 4.21 -6.37 -35.74
CA GLU E 195 4.47 -6.26 -37.17
C GLU E 195 4.04 -7.51 -37.92
N LEU E 196 4.44 -8.66 -37.37
CA LEU E 196 4.11 -9.92 -38.01
C LEU E 196 2.60 -10.08 -38.07
N PHE E 197 1.93 -9.52 -37.05
CA PHE E 197 0.47 -9.43 -36.99
C PHE E 197 -0.16 -8.49 -38.01
N PHE E 198 0.46 -7.38 -38.40
CA PHE E 198 0.03 -6.64 -39.59
C PHE E 198 0.06 -7.60 -40.79
N TYR E 199 1.28 -8.08 -40.99
CA TYR E 199 1.71 -8.72 -42.22
C TYR E 199 0.89 -9.93 -42.57
N MET E 200 0.91 -10.97 -41.73
CA MET E 200 0.18 -12.22 -41.95
C MET E 200 -1.28 -11.93 -42.34
N HIS E 201 -1.84 -10.88 -41.73
CA HIS E 201 -3.22 -10.53 -41.98
C HIS E 201 -3.40 -9.82 -43.32
N GLN E 202 -2.48 -8.92 -43.70
CA GLN E 202 -2.43 -8.36 -45.04
C GLN E 202 -2.24 -9.47 -46.04
N GLN E 203 -1.22 -10.34 -45.92
CA GLN E 203 -1.03 -11.45 -46.84
C GLN E 203 -2.24 -12.32 -47.01
N MET E 204 -2.97 -12.68 -45.93
CA MET E 204 -4.27 -13.32 -46.08
C MET E 204 -5.25 -12.55 -46.99
N CYS E 205 -5.49 -11.29 -46.63
CA CYS E 205 -6.43 -10.47 -47.37
C CYS E 205 -5.95 -10.02 -48.75
N ALA E 206 -4.67 -10.17 -49.06
CA ALA E 206 -4.12 -9.90 -50.39
C ALA E 206 -4.28 -11.12 -51.30
N ARG E 207 -4.06 -12.30 -50.73
CA ARG E 207 -4.45 -13.54 -51.41
C ARG E 207 -5.93 -13.54 -51.75
N TYR E 208 -6.76 -13.22 -50.75
CA TYR E 208 -8.17 -12.93 -50.96
C TYR E 208 -8.41 -11.86 -52.00
N ASP E 209 -7.83 -10.65 -51.88
CA ASP E 209 -8.03 -9.62 -52.90
C ASP E 209 -7.69 -10.03 -54.33
N SER E 210 -6.77 -10.96 -54.48
CA SER E 210 -6.57 -11.61 -55.76
C SER E 210 -7.77 -12.49 -56.08
N GLU E 211 -8.12 -13.42 -55.18
CA GLU E 211 -9.27 -14.32 -55.33
C GLU E 211 -10.52 -13.51 -55.70
N ARG E 212 -10.71 -12.27 -55.22
CA ARG E 212 -11.80 -11.44 -55.74
C ARG E 212 -11.70 -11.06 -57.21
N LEU E 213 -10.55 -10.54 -57.63
CA LEU E 213 -10.27 -10.25 -59.04
C LEU E 213 -10.17 -11.46 -59.95
N SER E 214 -9.83 -12.63 -59.43
CA SER E 214 -9.71 -13.83 -60.26
C SER E 214 -11.07 -14.18 -60.86
N ASN E 215 -12.04 -14.07 -59.94
CA ASN E 215 -13.46 -14.22 -60.15
C ASN E 215 -14.08 -13.12 -61.02
N GLY E 216 -13.37 -12.01 -61.24
CA GLY E 216 -13.92 -10.87 -61.94
C GLY E 216 -14.80 -10.04 -61.02
N LEU E 217 -14.39 -9.97 -59.76
CA LEU E 217 -14.96 -9.01 -58.83
C LEU E 217 -13.87 -8.00 -58.46
N GLN E 218 -14.25 -6.99 -57.67
CA GLN E 218 -13.31 -6.01 -57.15
C GLN E 218 -12.66 -6.46 -55.84
N ARG E 219 -11.48 -5.90 -55.51
CA ARG E 219 -10.88 -6.00 -54.17
C ARG E 219 -11.87 -5.66 -53.07
N MET E 220 -11.64 -6.21 -51.86
CA MET E 220 -12.62 -6.11 -50.79
C MET E 220 -12.56 -4.73 -50.13
N ILE E 221 -13.76 -4.13 -50.04
CA ILE E 221 -13.95 -2.83 -49.41
C ILE E 221 -13.77 -2.75 -47.89
N PRO E 222 -12.89 -1.86 -47.37
CA PRO E 222 -12.65 -1.64 -45.93
C PRO E 222 -13.73 -1.04 -45.05
N PHE E 223 -13.76 -1.41 -43.76
CA PHE E 223 -14.76 -0.91 -42.81
C PHE E 223 -14.22 0.41 -42.30
N HIS E 224 -14.24 1.39 -43.20
CA HIS E 224 -13.71 2.70 -42.90
C HIS E 224 -14.69 3.49 -42.04
N ASN E 225 -15.99 3.32 -42.22
CA ASN E 225 -16.97 4.05 -41.44
C ASN E 225 -17.68 3.01 -40.60
N PHE E 226 -18.22 3.42 -39.45
CA PHE E 226 -18.89 2.53 -38.52
C PHE E 226 -20.40 2.47 -38.75
N ASP E 227 -20.96 3.55 -39.31
CA ASP E 227 -22.39 3.63 -39.61
C ASP E 227 -22.80 2.53 -40.59
N GLU E 228 -22.00 2.40 -41.66
CA GLU E 228 -22.29 1.54 -42.80
C GLU E 228 -22.53 0.06 -42.51
N PRO E 229 -23.69 -0.49 -42.90
CA PRO E 229 -24.10 -1.88 -42.67
C PRO E 229 -23.13 -3.00 -42.99
N LEU E 230 -23.28 -4.09 -42.24
CA LEU E 230 -22.52 -5.31 -42.48
C LEU E 230 -23.34 -6.29 -43.31
N GLU E 231 -22.59 -6.97 -44.19
CA GLU E 231 -23.10 -7.96 -45.12
C GLU E 231 -23.71 -9.15 -44.40
N GLY E 232 -24.56 -9.83 -45.15
CA GLY E 232 -25.31 -10.97 -44.66
C GLY E 232 -24.60 -12.27 -44.98
N TYR E 233 -24.67 -13.20 -44.03
CA TYR E 233 -23.99 -14.47 -44.14
C TYR E 233 -24.53 -15.52 -43.18
N ALA E 234 -24.62 -16.73 -43.73
CA ALA E 234 -24.94 -17.93 -42.98
C ALA E 234 -23.81 -18.98 -43.09
N PRO E 235 -23.00 -19.20 -42.04
CA PRO E 235 -21.87 -20.14 -42.05
C PRO E 235 -22.23 -21.59 -42.32
N HIS E 236 -23.48 -21.94 -41.93
CA HIS E 236 -24.02 -23.30 -41.97
C HIS E 236 -23.33 -24.26 -41.01
N LEU E 237 -23.08 -23.78 -39.78
CA LEU E 237 -22.28 -24.49 -38.79
C LEU E 237 -23.06 -24.62 -37.49
N THR E 238 -23.52 -25.81 -37.09
CA THR E 238 -24.08 -26.00 -35.75
C THR E 238 -22.99 -26.52 -34.83
N SER E 239 -22.92 -26.09 -33.58
CA SER E 239 -21.82 -26.44 -32.70
C SER E 239 -21.97 -27.79 -31.99
N LEU E 240 -20.97 -28.69 -32.02
CA LEU E 240 -21.05 -30.00 -31.37
C LEU E 240 -21.10 -29.98 -29.85
N VAL E 241 -20.93 -28.82 -29.21
CA VAL E 241 -20.96 -28.72 -27.74
C VAL E 241 -22.33 -28.71 -27.06
N SER E 242 -23.34 -28.40 -27.87
CA SER E 242 -24.72 -28.22 -27.44
C SER E 242 -25.62 -28.39 -28.67
N GLY E 243 -26.88 -27.95 -28.66
CA GLY E 243 -27.74 -28.04 -29.84
C GLY E 243 -27.49 -26.91 -30.81
N LEU E 244 -27.13 -25.79 -30.18
CA LEU E 244 -27.22 -24.48 -30.78
C LEU E 244 -26.24 -24.22 -31.91
N GLN E 245 -26.39 -23.04 -32.50
CA GLN E 245 -25.51 -22.69 -33.61
C GLN E 245 -25.20 -21.22 -33.59
N TYR E 246 -24.12 -20.95 -34.33
CA TYR E 246 -23.71 -19.58 -34.61
C TYR E 246 -24.86 -18.91 -35.34
N ALA E 247 -25.57 -18.05 -34.62
CA ALA E 247 -26.61 -17.21 -35.20
C ALA E 247 -26.05 -16.43 -36.38
N SER E 248 -26.76 -16.38 -37.49
CA SER E 248 -26.12 -15.95 -38.72
C SER E 248 -26.63 -14.58 -39.13
N ARG E 249 -25.81 -13.67 -39.65
CA ARG E 249 -26.20 -12.26 -39.74
C ARG E 249 -26.96 -11.99 -41.03
N PRO E 250 -28.18 -11.46 -41.07
CA PRO E 250 -28.66 -10.79 -42.27
C PRO E 250 -27.90 -9.49 -42.56
N GLU E 251 -28.07 -9.09 -43.81
CA GLU E 251 -27.51 -7.85 -44.33
C GLU E 251 -28.25 -6.65 -43.76
N GLY E 252 -27.62 -5.47 -43.83
CA GLY E 252 -28.31 -4.23 -43.45
C GLY E 252 -28.23 -3.94 -41.96
N TYR E 253 -27.13 -4.42 -41.37
CA TYR E 253 -26.93 -4.30 -39.94
C TYR E 253 -25.90 -3.24 -39.60
N SER E 254 -26.35 -2.19 -38.91
CA SER E 254 -25.41 -1.24 -38.34
C SER E 254 -24.80 -1.77 -37.05
N ILE E 255 -23.61 -1.23 -36.79
CA ILE E 255 -22.78 -1.68 -35.69
C ILE E 255 -23.38 -1.16 -34.39
N HIS E 256 -23.27 -1.92 -33.30
CA HIS E 256 -23.98 -1.54 -32.09
C HIS E 256 -23.04 -1.55 -30.92
N ASP E 257 -23.30 -0.62 -30.01
CA ASP E 257 -22.57 -0.50 -28.75
C ASP E 257 -22.64 -1.76 -27.90
N LEU E 258 -21.72 -1.86 -26.95
CA LEU E 258 -21.61 -3.05 -26.11
C LEU E 258 -21.78 -2.68 -24.64
N SER E 259 -22.15 -3.64 -23.77
CA SER E 259 -22.02 -3.42 -22.32
C SER E 259 -20.60 -3.12 -21.86
N ASP E 260 -19.59 -3.42 -22.69
CA ASP E 260 -18.22 -3.04 -22.42
C ASP E 260 -17.90 -1.67 -23.03
N VAL E 261 -17.81 -1.58 -24.36
CA VAL E 261 -17.34 -0.37 -25.03
C VAL E 261 -18.43 0.26 -25.92
N ASP E 262 -18.54 1.60 -25.93
CA ASP E 262 -19.40 2.28 -26.90
C ASP E 262 -18.69 2.44 -28.24
N VAL E 263 -19.45 2.39 -29.35
CA VAL E 263 -18.88 2.46 -30.70
C VAL E 263 -18.02 3.72 -30.92
N GLN E 264 -18.44 4.74 -30.19
CA GLN E 264 -17.72 5.98 -30.07
C GLN E 264 -16.38 5.92 -29.30
N ASP E 265 -16.19 5.21 -28.17
CA ASP E 265 -14.82 5.03 -27.63
C ASP E 265 -13.88 4.24 -28.53
N MET E 266 -14.48 3.37 -29.35
CA MET E 266 -13.81 2.81 -30.52
C MET E 266 -13.36 3.89 -31.50
N VAL E 267 -14.27 4.81 -31.82
CA VAL E 267 -13.98 5.93 -32.70
C VAL E 267 -12.89 6.81 -32.11
N ARG E 268 -12.92 6.97 -30.79
CA ARG E 268 -11.86 7.71 -30.14
C ARG E 268 -10.50 7.07 -30.32
N TRP E 269 -10.34 5.81 -29.92
CA TRP E 269 -9.08 5.08 -30.05
C TRP E 269 -8.47 5.29 -31.43
N ARG E 270 -9.31 5.20 -32.47
CA ARG E 270 -8.82 5.39 -33.83
C ARG E 270 -8.22 6.77 -34.03
N GLU E 271 -8.89 7.82 -33.56
CA GLU E 271 -8.36 9.18 -33.70
C GLU E 271 -7.11 9.37 -32.84
N ARG E 272 -7.13 8.82 -31.63
CA ARG E 272 -6.02 8.79 -30.68
C ARG E 272 -4.77 8.07 -31.23
N ILE E 273 -4.98 7.10 -32.13
CA ILE E 273 -3.89 6.43 -32.84
C ILE E 273 -3.39 7.24 -34.04
N LEU E 274 -4.30 7.56 -34.96
CA LEU E 274 -3.92 8.10 -36.26
C LEU E 274 -3.27 9.48 -36.16
N ASP E 275 -3.65 10.14 -35.06
CA ASP E 275 -2.99 11.34 -34.62
C ASP E 275 -1.54 11.14 -34.20
N ALA E 276 -1.31 10.09 -33.42
CA ALA E 276 0.01 9.69 -32.97
C ALA E 276 0.90 9.23 -34.12
N ILE E 277 0.32 8.79 -35.24
CA ILE E 277 1.09 8.60 -36.46
C ILE E 277 1.58 9.95 -36.97
N ASN E 278 0.68 10.93 -37.11
CA ASN E 278 1.01 12.26 -37.60
C ASN E 278 2.06 12.91 -36.70
N MET E 279 1.86 12.75 -35.39
CA MET E 279 2.81 13.20 -34.38
C MET E 279 4.05 12.31 -34.33
N HIS E 280 3.99 11.08 -34.84
CA HIS E 280 5.10 10.12 -34.90
C HIS E 280 5.59 9.57 -33.57
N TYR E 281 4.72 9.46 -32.56
CA TYR E 281 5.09 8.86 -31.28
C TYR E 281 3.94 8.21 -30.51
N ILE E 282 4.31 7.47 -29.46
CA ILE E 282 3.38 6.84 -28.52
C ILE E 282 3.70 7.03 -27.04
N VAL E 283 2.60 7.19 -26.30
CA VAL E 283 2.65 7.32 -24.86
C VAL E 283 2.32 5.97 -24.25
N ASP E 284 3.32 5.40 -23.58
CA ASP E 284 3.14 4.16 -22.86
C ASP E 284 2.36 4.38 -21.57
N LYS E 285 1.98 3.32 -20.84
CA LYS E 285 1.31 3.46 -19.54
C LYS E 285 1.99 4.23 -18.42
N ASP E 286 3.18 4.78 -18.69
CA ASP E 286 3.89 5.70 -17.82
C ASP E 286 3.81 7.15 -18.30
N ASN E 287 3.25 7.43 -19.50
CA ASN E 287 3.14 8.76 -20.14
C ASN E 287 4.34 9.22 -20.99
N ASN E 288 5.41 8.43 -21.02
CA ASN E 288 6.64 8.80 -21.71
C ASN E 288 6.59 8.49 -23.19
N LYS E 289 7.01 9.46 -23.99
CA LYS E 289 6.89 9.38 -25.44
C LYS E 289 8.01 8.52 -26.04
N ILE E 290 7.75 7.30 -26.51
CA ILE E 290 8.78 6.55 -27.27
C ILE E 290 8.58 6.70 -28.77
N PRO E 291 9.58 6.75 -29.67
CA PRO E 291 9.39 7.06 -31.08
C PRO E 291 8.68 6.06 -31.97
N LEU E 292 7.81 6.56 -32.85
CA LEU E 292 7.35 5.76 -33.97
C LEU E 292 8.36 5.87 -35.11
N ASP E 293 9.45 5.17 -34.77
CA ASP E 293 10.61 5.01 -35.61
C ASP E 293 10.27 4.23 -36.88
N ILE E 294 11.20 4.21 -37.85
CA ILE E 294 10.99 3.51 -39.11
C ILE E 294 10.85 2.02 -38.85
N GLU E 295 11.89 1.40 -38.25
CA GLU E 295 11.89 -0.04 -38.04
C GLU E 295 10.81 -0.43 -37.05
N HIS E 296 11.00 0.02 -35.80
CA HIS E 296 10.28 -0.49 -34.64
C HIS E 296 8.78 -0.23 -34.70
N GLY E 297 8.46 0.93 -35.29
CA GLY E 297 7.12 1.49 -35.36
C GLY E 297 6.00 0.49 -35.66
N THR E 298 6.29 -0.53 -36.49
CA THR E 298 5.21 -1.40 -36.94
C THR E 298 4.95 -2.55 -35.96
N ASP E 299 5.98 -2.94 -35.22
CA ASP E 299 5.82 -3.92 -34.17
C ASP E 299 5.07 -3.22 -33.04
N ILE E 300 5.48 -1.97 -32.77
CA ILE E 300 4.86 -1.21 -31.71
C ILE E 300 3.51 -0.58 -32.04
N LEU E 301 3.12 -0.46 -33.32
CA LEU E 301 1.76 -0.13 -33.69
C LEU E 301 0.89 -1.39 -33.69
N GLY E 302 1.48 -2.52 -34.08
CA GLY E 302 0.78 -3.80 -34.14
C GLY E 302 0.42 -4.39 -32.78
N ASP E 303 1.35 -4.34 -31.82
CA ASP E 303 1.08 -4.82 -30.47
C ASP E 303 -0.05 -4.05 -29.78
N ILE E 304 0.07 -2.72 -29.93
CA ILE E 304 -0.87 -1.71 -29.49
C ILE E 304 -2.29 -1.77 -30.04
N ILE E 305 -2.42 -1.87 -31.35
CA ILE E 305 -3.74 -1.96 -31.98
C ILE E 305 -4.49 -3.25 -31.63
N GLU E 306 -3.78 -4.39 -31.41
CA GLU E 306 -4.38 -5.71 -31.22
C GLU E 306 -5.39 -5.84 -30.08
N SER E 307 -5.23 -5.59 -28.77
CA SER E 307 -4.01 -5.06 -28.16
C SER E 307 -3.31 -6.26 -27.58
N SER E 308 -2.01 -6.22 -27.27
CA SER E 308 -1.43 -7.29 -26.50
C SER E 308 -1.31 -6.87 -25.04
N ASP E 309 -0.84 -7.74 -24.11
CA ASP E 309 -0.24 -7.27 -22.87
C ASP E 309 0.95 -6.36 -23.15
N GLU E 310 1.72 -6.68 -24.20
CA GLU E 310 2.72 -5.78 -24.76
C GLU E 310 2.23 -4.44 -25.28
N SER E 311 0.90 -4.18 -25.29
CA SER E 311 0.37 -2.90 -25.72
C SER E 311 0.71 -1.88 -24.66
N LYS E 312 1.67 -1.09 -25.14
CA LYS E 312 2.29 -0.02 -24.37
C LYS E 312 1.27 0.89 -23.75
N ASN E 313 0.18 1.21 -24.46
CA ASN E 313 -1.00 1.67 -23.77
C ASN E 313 -2.25 0.95 -24.25
N VAL E 314 -3.01 0.60 -23.22
CA VAL E 314 -4.24 -0.17 -23.36
C VAL E 314 -5.47 0.71 -23.31
N GLU E 315 -5.63 1.63 -22.35
CA GLU E 315 -6.86 2.43 -22.22
C GLU E 315 -7.01 3.48 -23.34
N TYR E 316 -5.79 3.96 -23.62
CA TYR E 316 -5.60 5.02 -24.56
C TYR E 316 -5.73 4.50 -25.99
N TYR E 317 -5.10 3.39 -26.40
CA TYR E 317 -5.24 2.91 -27.77
C TYR E 317 -6.29 1.82 -27.93
N GLY E 318 -6.84 1.34 -26.82
CA GLY E 318 -7.86 0.30 -26.82
C GLY E 318 -7.25 -1.06 -27.06
N SER E 319 -8.08 -1.90 -27.68
CA SER E 319 -7.66 -3.11 -28.38
C SER E 319 -8.42 -3.12 -29.72
N LEU E 320 -8.28 -2.07 -30.53
CA LEU E 320 -9.28 -1.68 -31.54
C LEU E 320 -9.63 -2.82 -32.50
N HIS E 321 -8.56 -3.58 -32.79
CA HIS E 321 -8.64 -4.79 -33.58
C HIS E 321 -9.62 -5.84 -33.03
N ASN E 322 -9.34 -6.30 -31.79
CA ASN E 322 -10.17 -7.29 -31.09
C ASN E 322 -11.56 -6.76 -30.86
N TRP E 323 -11.61 -5.52 -30.37
CA TRP E 323 -12.87 -4.90 -30.00
C TRP E 323 -13.83 -4.85 -31.16
N GLY E 324 -13.40 -4.41 -32.36
CA GLY E 324 -14.22 -4.45 -33.57
C GLY E 324 -14.80 -5.83 -33.85
N HIS E 325 -14.01 -6.85 -33.52
CA HIS E 325 -14.48 -8.22 -33.61
C HIS E 325 -15.68 -8.49 -32.72
N VAL E 326 -15.74 -8.04 -31.45
CA VAL E 326 -16.93 -8.30 -30.62
C VAL E 326 -18.15 -7.70 -31.31
N MET E 327 -18.14 -6.38 -31.49
CA MET E 327 -19.22 -5.66 -32.14
C MET E 327 -19.60 -6.17 -33.53
N MET E 328 -18.67 -6.63 -34.38
CA MET E 328 -19.05 -7.12 -35.71
C MET E 328 -19.69 -8.52 -35.71
N ALA E 329 -19.55 -9.22 -34.58
CA ALA E 329 -19.95 -10.63 -34.43
C ALA E 329 -21.16 -10.82 -33.53
N ASN E 330 -21.27 -9.93 -32.55
CA ASN E 330 -22.52 -9.81 -31.79
C ASN E 330 -23.48 -8.78 -32.39
N ILE E 331 -23.37 -8.61 -33.70
CA ILE E 331 -24.21 -7.77 -34.55
C ILE E 331 -25.69 -8.14 -34.57
N THR E 332 -25.99 -9.30 -33.98
CA THR E 332 -27.35 -9.76 -33.78
C THR E 332 -27.88 -9.20 -32.44
N ASP E 333 -26.95 -9.07 -31.48
CA ASP E 333 -27.29 -9.07 -30.07
C ASP E 333 -26.12 -8.62 -29.19
N PRO E 334 -25.75 -7.33 -29.13
CA PRO E 334 -24.73 -6.85 -28.19
C PRO E 334 -25.17 -6.87 -26.73
N ASP E 335 -26.40 -6.36 -26.47
CA ASP E 335 -27.09 -6.36 -25.19
C ASP E 335 -27.12 -7.76 -24.57
N HIS E 336 -27.26 -8.79 -25.42
CA HIS E 336 -27.10 -10.19 -25.05
C HIS E 336 -28.16 -10.85 -24.17
N ARG E 337 -29.25 -10.09 -23.97
CA ARG E 337 -30.53 -10.56 -23.48
C ARG E 337 -31.02 -11.91 -24.04
N PHE E 338 -30.74 -12.12 -25.33
CA PHE E 338 -31.24 -13.24 -26.10
C PHE E 338 -30.43 -14.52 -25.98
N GLN E 339 -29.13 -14.43 -25.70
CA GLN E 339 -28.22 -15.57 -25.58
C GLN E 339 -27.92 -16.36 -26.86
N GLU E 340 -28.07 -15.71 -28.02
CA GLU E 340 -27.69 -16.29 -29.31
C GLU E 340 -26.18 -16.46 -29.44
N ASN E 341 -25.76 -17.65 -29.90
CA ASN E 341 -24.35 -17.94 -30.14
C ASN E 341 -23.88 -17.00 -31.25
N PRO E 342 -22.90 -16.11 -31.00
CA PRO E 342 -22.48 -15.06 -31.93
C PRO E 342 -22.00 -15.47 -33.32
N GLY E 343 -21.88 -14.46 -34.19
CA GLY E 343 -21.25 -14.60 -35.48
C GLY E 343 -19.78 -15.02 -35.39
N VAL E 344 -19.43 -15.83 -36.38
CA VAL E 344 -18.14 -16.51 -36.51
C VAL E 344 -16.85 -15.70 -36.37
N MET E 345 -16.93 -14.37 -36.25
CA MET E 345 -15.81 -13.47 -36.06
C MET E 345 -15.29 -13.51 -34.62
N SER E 346 -16.05 -14.13 -33.70
CA SER E 346 -15.73 -14.24 -32.26
C SER E 346 -14.59 -15.17 -31.86
N ASP E 347 -14.27 -16.04 -32.81
CA ASP E 347 -13.24 -17.05 -32.69
C ASP E 347 -12.31 -16.85 -33.88
N THR E 348 -11.08 -17.32 -33.73
CA THR E 348 -10.10 -17.20 -34.78
C THR E 348 -10.23 -18.35 -35.79
N SER E 349 -10.73 -19.54 -35.44
CA SER E 349 -10.88 -20.65 -36.39
C SER E 349 -12.03 -20.51 -37.40
N THR E 350 -13.13 -19.85 -36.99
CA THR E 350 -14.28 -19.65 -37.86
C THR E 350 -14.20 -18.42 -38.77
N SER E 351 -13.75 -17.32 -38.13
CA SER E 351 -13.52 -16.02 -38.75
C SER E 351 -13.44 -15.80 -40.24
N LEU E 352 -12.83 -16.65 -41.09
CA LEU E 352 -12.50 -16.23 -42.45
C LEU E 352 -13.55 -16.47 -43.52
N ARG E 353 -14.60 -17.21 -43.13
CA ARG E 353 -15.72 -17.47 -44.01
C ARG E 353 -16.62 -16.29 -44.32
N ASP E 354 -16.94 -15.57 -43.23
CA ASP E 354 -17.80 -14.40 -43.17
C ASP E 354 -17.13 -13.23 -43.86
N PRO E 355 -17.75 -12.73 -44.96
CA PRO E 355 -17.21 -11.70 -45.85
C PRO E 355 -16.79 -10.40 -45.19
N ILE E 356 -17.47 -9.99 -44.11
CA ILE E 356 -17.13 -8.77 -43.38
C ILE E 356 -15.74 -8.84 -42.76
N PHE E 357 -15.23 -10.05 -42.51
CA PHE E 357 -13.90 -10.27 -41.95
C PHE E 357 -12.82 -9.39 -42.56
N TYR E 358 -12.84 -9.36 -43.89
CA TYR E 358 -11.87 -8.65 -44.69
C TYR E 358 -12.15 -7.15 -44.66
N ARG E 359 -13.41 -6.73 -44.47
CA ARG E 359 -13.78 -5.32 -44.40
C ARG E 359 -13.05 -4.70 -43.19
N TRP E 360 -13.06 -5.34 -42.02
CA TRP E 360 -12.27 -4.89 -40.89
C TRP E 360 -10.75 -5.04 -41.11
N HIS E 361 -10.31 -5.98 -41.94
CA HIS E 361 -8.88 -6.26 -42.03
C HIS E 361 -8.13 -5.41 -43.02
N ARG E 362 -8.87 -4.84 -43.97
CA ARG E 362 -8.33 -3.75 -44.73
C ARG E 362 -8.33 -2.50 -43.88
N PHE E 363 -9.32 -2.36 -42.96
CA PHE E 363 -9.42 -1.18 -42.12
C PHE E 363 -8.17 -1.07 -41.25
N ILE E 364 -7.88 -2.10 -40.46
CA ILE E 364 -6.67 -2.11 -39.67
C ILE E 364 -5.42 -1.98 -40.53
N ASP E 365 -5.41 -2.66 -41.69
CA ASP E 365 -4.36 -2.52 -42.68
C ASP E 365 -4.21 -1.06 -43.11
N ASN E 366 -5.31 -0.32 -43.26
CA ASN E 366 -5.31 1.09 -43.64
C ASN E 366 -4.59 1.92 -42.61
N ILE E 367 -4.73 1.58 -41.32
CA ILE E 367 -3.97 2.25 -40.27
C ILE E 367 -2.48 1.95 -40.46
N PHE E 368 -2.12 0.66 -40.59
CA PHE E 368 -0.72 0.29 -40.79
C PHE E 368 -0.09 0.92 -42.02
N GLN E 369 -0.90 0.99 -43.07
CA GLN E 369 -0.59 1.67 -44.31
C GLN E 369 -0.37 3.15 -44.03
N GLU E 370 -1.08 3.85 -43.14
CA GLU E 370 -0.70 5.22 -42.83
C GLU E 370 0.70 5.31 -42.22
N HIS E 371 1.02 4.34 -41.34
CA HIS E 371 2.30 4.44 -40.66
C HIS E 371 3.47 4.22 -41.59
N LYS E 372 3.33 3.18 -42.43
CA LYS E 372 4.23 2.96 -43.56
C LYS E 372 4.18 4.14 -44.54
N LYS E 373 3.02 4.75 -44.81
CA LYS E 373 2.86 5.92 -45.69
C LYS E 373 3.56 7.19 -45.25
N SER E 374 3.63 7.50 -43.94
CA SER E 374 4.43 8.63 -43.51
C SER E 374 5.93 8.35 -43.63
N PHE E 375 6.33 7.07 -43.60
CA PHE E 375 7.69 6.73 -44.02
C PHE E 375 7.84 6.94 -45.52
N HIS E 376 9.07 7.21 -45.95
CA HIS E 376 9.33 7.62 -47.32
C HIS E 376 9.57 6.46 -48.30
N PRO E 377 9.20 6.59 -49.59
CA PRO E 377 9.50 5.64 -50.67
C PRO E 377 10.96 5.18 -50.74
N TYR E 378 11.24 4.14 -51.52
CA TYR E 378 12.59 3.61 -51.58
C TYR E 378 13.48 4.22 -52.64
N THR E 379 14.65 4.68 -52.23
CA THR E 379 15.66 5.16 -53.15
C THR E 379 16.05 4.01 -54.08
N LYS E 380 16.40 4.34 -55.33
CA LYS E 380 16.96 3.38 -56.28
C LYS E 380 18.22 2.74 -55.72
N GLU E 381 19.03 3.56 -55.02
CA GLU E 381 20.19 3.15 -54.23
C GLU E 381 19.80 1.96 -53.34
N GLU E 382 18.85 2.23 -52.45
CA GLU E 382 18.30 1.26 -51.51
C GLU E 382 17.76 0.01 -52.19
N LEU E 383 17.08 0.19 -53.32
CA LEU E 383 16.54 -0.94 -54.07
C LEU E 383 17.57 -1.78 -54.83
N SER E 384 18.80 -1.27 -54.94
CA SER E 384 19.81 -1.91 -55.77
C SER E 384 20.89 -2.73 -55.09
N PHE E 385 20.72 -4.01 -55.39
CA PHE E 385 21.74 -5.01 -55.20
C PHE E 385 22.75 -4.78 -56.33
N PRO E 386 23.93 -4.22 -56.02
CA PRO E 386 24.89 -3.77 -57.01
C PRO E 386 25.44 -4.90 -57.86
N GLY E 387 25.47 -4.78 -59.19
CA GLY E 387 26.24 -5.68 -60.02
C GLY E 387 25.50 -6.89 -60.53
N VAL E 388 24.55 -7.48 -59.80
CA VAL E 388 23.85 -8.70 -60.22
C VAL E 388 22.72 -8.34 -61.17
N GLU E 389 22.65 -8.87 -62.39
CA GLU E 389 21.55 -8.54 -63.29
C GLU E 389 20.60 -9.71 -63.54
N VAL E 390 19.36 -9.59 -63.09
CA VAL E 390 18.26 -10.48 -63.40
C VAL E 390 17.93 -10.46 -64.89
N VAL E 391 18.55 -11.36 -65.65
CA VAL E 391 18.35 -11.48 -67.08
C VAL E 391 16.96 -12.06 -67.39
N GLY E 392 16.25 -12.57 -66.38
CA GLY E 392 14.84 -12.91 -66.54
C GLY E 392 14.43 -14.09 -65.69
N VAL E 393 13.13 -14.40 -65.72
CA VAL E 393 12.53 -15.54 -65.06
C VAL E 393 11.54 -16.11 -66.08
N SER E 394 10.95 -17.30 -65.88
CA SER E 394 9.84 -17.89 -66.63
C SER E 394 9.30 -19.04 -65.79
N ILE E 395 8.03 -19.46 -65.83
CA ILE E 395 7.59 -20.59 -65.00
C ILE E 395 7.24 -21.76 -65.91
N ASN E 396 7.74 -22.97 -65.63
CA ASN E 396 7.35 -24.13 -66.44
C ASN E 396 6.48 -25.08 -65.64
N SER E 397 5.18 -25.07 -65.91
CA SER E 397 4.23 -25.99 -65.31
C SER E 397 4.12 -27.20 -66.23
N LYS E 398 2.97 -27.58 -66.78
CA LYS E 398 2.90 -28.40 -67.98
C LYS E 398 3.40 -27.68 -69.23
N THR E 399 3.22 -26.36 -69.27
CA THR E 399 3.67 -25.50 -70.36
C THR E 399 4.41 -24.32 -69.75
N ALA E 400 4.98 -23.38 -70.53
CA ALA E 400 5.51 -22.15 -69.98
C ALA E 400 4.45 -21.14 -69.60
N ASN E 401 4.73 -20.34 -68.58
CA ASN E 401 3.94 -19.20 -68.11
C ASN E 401 2.42 -19.31 -67.94
N VAL E 402 1.98 -20.54 -67.67
CA VAL E 402 0.64 -20.79 -67.16
C VAL E 402 0.85 -21.57 -65.86
N ILE E 403 0.04 -21.48 -64.82
CA ILE E 403 -0.03 -22.53 -63.84
C ILE E 403 -1.47 -23.01 -63.92
N THR E 404 -1.76 -24.26 -63.63
CA THR E 404 -3.11 -24.74 -63.79
C THR E 404 -3.63 -25.34 -62.50
N THR E 405 -4.74 -24.75 -62.05
CA THR E 405 -5.27 -25.00 -60.73
C THR E 405 -6.31 -26.09 -60.85
N LEU E 406 -6.65 -26.82 -59.80
CA LEU E 406 -7.53 -27.96 -59.93
C LEU E 406 -8.54 -27.91 -58.80
N ILE E 407 -9.48 -28.85 -58.85
CA ILE E 407 -10.27 -29.21 -57.69
C ILE E 407 -9.74 -30.54 -57.13
N LYS E 408 -9.60 -30.69 -55.81
CA LYS E 408 -9.28 -31.98 -55.22
C LYS E 408 -10.27 -32.22 -54.09
N GLU E 409 -11.05 -33.28 -54.29
CA GLU E 409 -11.91 -33.84 -53.26
C GLU E 409 -11.05 -34.43 -52.15
N SER E 410 -11.51 -34.38 -50.90
CA SER E 410 -10.68 -34.77 -49.79
C SER E 410 -11.52 -35.13 -48.57
N LEU E 411 -10.88 -35.51 -47.47
CA LEU E 411 -11.56 -36.04 -46.30
C LEU E 411 -11.12 -35.33 -45.01
N LEU E 412 -11.93 -35.50 -43.96
CA LEU E 412 -11.69 -34.97 -42.64
C LEU E 412 -12.44 -35.92 -41.73
N GLU E 413 -11.74 -36.46 -40.73
CA GLU E 413 -12.26 -37.58 -39.96
C GLU E 413 -13.08 -37.15 -38.75
N LEU E 414 -14.41 -37.14 -38.88
CA LEU E 414 -15.28 -36.60 -37.86
C LEU E 414 -15.21 -37.33 -36.53
N SER E 415 -15.08 -38.66 -36.56
CA SER E 415 -14.82 -39.58 -35.44
C SER E 415 -14.04 -39.11 -34.23
N HIS E 416 -12.96 -38.40 -34.53
CA HIS E 416 -12.10 -37.88 -33.48
C HIS E 416 -12.88 -36.85 -32.68
N GLY E 417 -13.54 -35.94 -33.41
CA GLY E 417 -14.32 -34.87 -32.84
C GLY E 417 -15.64 -35.33 -32.26
N ILE E 418 -16.49 -36.02 -33.02
CA ILE E 418 -17.79 -36.38 -32.45
C ILE E 418 -17.83 -37.87 -32.12
N ASN E 419 -18.89 -38.32 -31.43
CA ASN E 419 -18.99 -39.72 -31.06
C ASN E 419 -19.52 -40.60 -32.18
N PHE E 420 -18.62 -41.37 -32.79
CA PHE E 420 -19.02 -42.41 -33.73
C PHE E 420 -19.91 -43.47 -33.06
N GLY E 421 -19.57 -43.78 -31.80
CA GLY E 421 -20.28 -44.77 -31.01
C GLY E 421 -19.95 -46.19 -31.44
N THR E 422 -20.25 -46.47 -32.72
CA THR E 422 -19.97 -47.74 -33.36
C THR E 422 -18.83 -47.72 -34.37
N ASP E 423 -19.06 -47.08 -35.52
CA ASP E 423 -18.27 -47.28 -36.72
C ASP E 423 -16.79 -46.93 -36.63
N GLN E 424 -16.04 -47.25 -37.68
CA GLN E 424 -14.65 -46.82 -37.73
C GLN E 424 -14.48 -45.30 -37.83
N SER E 425 -15.13 -44.69 -38.81
CA SER E 425 -14.72 -43.38 -39.28
C SER E 425 -15.94 -42.77 -39.92
N VAL E 426 -16.16 -41.51 -39.64
CA VAL E 426 -17.24 -40.77 -40.28
C VAL E 426 -16.49 -39.69 -41.03
N LYS E 427 -16.64 -39.66 -42.36
CA LYS E 427 -15.74 -38.84 -43.13
C LYS E 427 -16.59 -37.82 -43.84
N VAL E 428 -16.13 -36.57 -43.84
CA VAL E 428 -16.67 -35.55 -44.72
C VAL E 428 -15.76 -35.29 -45.92
N LYS E 429 -16.25 -35.78 -47.07
CA LYS E 429 -15.64 -35.53 -48.36
C LYS E 429 -15.87 -34.06 -48.73
N TYR E 430 -14.84 -33.24 -48.74
CA TYR E 430 -14.99 -31.86 -49.21
C TYR E 430 -14.28 -31.67 -50.55
N HIS E 431 -14.37 -30.50 -51.19
CA HIS E 431 -13.74 -30.25 -52.47
C HIS E 431 -12.95 -28.94 -52.33
N HIS E 432 -11.65 -28.95 -52.66
CA HIS E 432 -10.84 -27.75 -52.49
C HIS E 432 -10.04 -27.37 -53.73
N LEU E 433 -9.66 -26.11 -53.87
CA LEU E 433 -8.88 -25.59 -54.99
C LEU E 433 -7.45 -26.10 -54.84
N ASP E 434 -6.67 -26.30 -55.90
CA ASP E 434 -5.27 -26.69 -55.79
C ASP E 434 -4.53 -26.04 -56.95
N HIS E 435 -3.35 -26.53 -57.34
CA HIS E 435 -2.58 -25.92 -58.41
C HIS E 435 -1.62 -26.96 -58.92
N GLU E 436 -1.18 -26.87 -60.17
CA GLU E 436 -0.05 -27.62 -60.67
C GLU E 436 1.25 -27.19 -59.98
N PRO E 437 2.24 -28.08 -59.79
CA PRO E 437 3.61 -27.73 -59.43
C PRO E 437 4.28 -26.90 -60.50
N PHE E 438 5.37 -26.19 -60.23
CA PHE E 438 5.98 -25.34 -61.25
C PHE E 438 7.35 -24.96 -60.76
N THR E 439 8.15 -24.39 -61.65
CA THR E 439 9.44 -23.93 -61.23
C THR E 439 9.68 -22.49 -61.64
N TYR E 440 10.61 -21.82 -60.96
CA TYR E 440 11.17 -20.58 -61.44
C TYR E 440 12.43 -20.98 -62.18
N ASN E 441 12.70 -20.48 -63.37
CA ASN E 441 14.03 -20.55 -63.95
C ASN E 441 14.39 -19.08 -63.96
N ILE E 442 15.44 -18.66 -63.26
CA ILE E 442 15.82 -17.26 -63.15
C ILE E 442 17.26 -17.12 -63.60
N VAL E 443 17.51 -16.25 -64.59
CA VAL E 443 18.83 -16.03 -65.19
C VAL E 443 19.41 -14.70 -64.68
N VAL E 444 20.73 -14.67 -64.44
CA VAL E 444 21.46 -13.57 -63.82
C VAL E 444 22.80 -13.27 -64.49
N GLU E 445 23.24 -12.01 -64.67
CA GLU E 445 24.62 -11.68 -65.01
C GLU E 445 25.29 -11.08 -63.78
N ASN E 446 26.05 -11.92 -63.05
CA ASN E 446 26.85 -11.46 -61.93
C ASN E 446 28.18 -10.88 -62.41
N ASN E 447 28.09 -9.60 -62.78
CA ASN E 447 29.20 -8.81 -63.35
C ASN E 447 30.45 -8.80 -62.49
N SER E 448 30.24 -8.82 -61.17
CA SER E 448 31.33 -8.78 -60.22
C SER E 448 32.14 -10.07 -60.24
N GLY E 449 33.47 -9.94 -60.28
CA GLY E 449 34.36 -11.10 -60.20
C GLY E 449 34.16 -11.97 -58.96
N ALA E 450 33.54 -11.46 -57.89
CA ALA E 450 33.18 -12.26 -56.74
C ALA E 450 31.78 -12.85 -56.86
N GLU E 451 31.68 -14.10 -56.40
CA GLU E 451 30.44 -14.76 -56.06
C GLU E 451 29.51 -13.92 -55.20
N LYS E 452 28.25 -13.79 -55.58
CA LYS E 452 27.28 -13.08 -54.77
C LYS E 452 26.30 -13.94 -53.98
N HIS E 453 26.08 -13.63 -52.71
CA HIS E 453 25.08 -14.32 -51.91
C HIS E 453 23.83 -13.46 -51.91
N SER E 454 22.67 -13.96 -52.34
CA SER E 454 21.46 -13.14 -52.40
C SER E 454 20.34 -13.59 -51.48
N THR E 455 19.34 -12.73 -51.22
CA THR E 455 18.05 -13.14 -50.73
C THR E 455 17.05 -12.68 -51.82
N VAL E 456 16.37 -13.68 -52.36
CA VAL E 456 15.43 -13.59 -53.48
C VAL E 456 13.96 -13.60 -53.01
N ARG E 457 13.31 -12.44 -53.07
CA ARG E 457 11.95 -12.25 -52.58
C ARG E 457 11.07 -12.39 -53.83
N ILE E 458 10.18 -13.36 -54.02
CA ILE E 458 9.44 -13.50 -55.27
C ILE E 458 7.97 -13.21 -54.98
N PHE E 459 7.24 -12.51 -55.87
CA PHE E 459 5.88 -12.06 -55.60
C PHE E 459 4.92 -12.42 -56.73
N LEU E 460 3.63 -12.44 -56.38
CA LEU E 460 2.52 -12.62 -57.29
C LEU E 460 1.47 -11.54 -57.00
N ALA E 461 1.13 -10.79 -58.05
CA ALA E 461 0.06 -9.81 -58.01
C ALA E 461 -0.86 -10.03 -59.21
N PRO E 462 -1.95 -9.29 -59.44
CA PRO E 462 -2.64 -9.22 -60.72
C PRO E 462 -2.25 -8.10 -61.70
N LYS E 463 -2.20 -8.48 -62.97
CA LYS E 463 -1.78 -7.60 -64.04
C LYS E 463 -2.94 -6.77 -64.58
N TYR E 464 -4.13 -7.40 -64.61
CA TYR E 464 -5.38 -6.70 -64.90
C TYR E 464 -5.98 -5.93 -63.74
N ASP E 465 -6.77 -4.89 -63.99
CA ASP E 465 -7.70 -4.45 -62.97
C ASP E 465 -9.02 -5.16 -63.29
N GLU E 466 -10.08 -4.81 -62.59
CA GLU E 466 -11.43 -5.27 -62.92
C GLU E 466 -12.06 -4.34 -63.96
N LEU E 467 -11.27 -3.29 -64.25
CA LEU E 467 -11.62 -2.15 -65.07
C LEU E 467 -10.97 -2.33 -66.43
N ASN E 468 -9.63 -2.42 -66.48
CA ASN E 468 -8.88 -2.77 -67.68
C ASN E 468 -7.44 -3.05 -67.22
N ASN E 469 -6.45 -3.37 -68.06
CA ASN E 469 -5.10 -3.71 -67.63
C ASN E 469 -4.27 -2.52 -67.10
N LYS E 470 -4.16 -2.24 -65.79
CA LYS E 470 -3.38 -1.10 -65.29
C LYS E 470 -2.40 -1.32 -64.14
N LEU E 471 -1.10 -1.40 -64.48
CA LEU E 471 -0.01 -1.77 -63.59
C LEU E 471 0.48 -0.74 -62.54
N GLU E 472 -0.50 -0.09 -61.92
CA GLU E 472 -0.29 0.83 -60.82
C GLU E 472 0.16 0.07 -59.57
N PRO E 473 1.47 0.11 -59.31
CA PRO E 473 2.13 -0.72 -58.32
C PRO E 473 1.77 -0.33 -56.90
N ASP E 474 1.47 0.94 -56.62
CA ASP E 474 1.02 1.31 -55.29
C ASP E 474 -0.34 0.71 -54.99
N GLU E 475 -1.28 0.78 -55.93
CA GLU E 475 -2.51 -0.01 -55.92
C GLU E 475 -2.23 -1.50 -55.82
N GLN E 476 -1.26 -2.02 -56.58
CA GLN E 476 -0.94 -3.43 -56.54
C GLN E 476 -0.31 -3.89 -55.24
N ARG E 477 0.30 -3.03 -54.42
CA ARG E 477 0.88 -3.44 -53.14
C ARG E 477 -0.09 -4.07 -52.16
N ARG E 478 -1.37 -3.75 -52.32
CA ARG E 478 -2.41 -4.39 -51.51
C ARG E 478 -2.63 -5.84 -51.93
N LEU E 479 -2.34 -6.16 -53.19
CA LEU E 479 -2.62 -7.45 -53.81
C LEU E 479 -1.38 -8.34 -53.78
N PHE E 480 -0.22 -7.68 -53.96
CA PHE E 480 1.10 -8.31 -53.95
C PHE E 480 1.31 -9.35 -52.87
N ILE E 481 1.58 -10.59 -53.27
CA ILE E 481 1.82 -11.68 -52.33
C ILE E 481 3.18 -12.30 -52.55
N GLU E 482 3.90 -12.49 -51.45
CA GLU E 482 5.22 -13.07 -51.49
C GLU E 482 5.06 -14.57 -51.68
N LEU E 483 5.53 -15.09 -52.80
CA LEU E 483 5.47 -16.49 -53.12
C LEU E 483 6.65 -17.26 -52.58
N ASP E 484 7.80 -16.65 -52.33
CA ASP E 484 9.00 -17.36 -51.97
C ASP E 484 10.03 -16.35 -51.47
N LYS E 485 11.00 -16.81 -50.68
CA LYS E 485 12.09 -15.96 -50.22
C LYS E 485 13.27 -16.85 -49.86
N PHE E 486 14.36 -16.85 -50.62
CA PHE E 486 15.51 -17.71 -50.30
C PHE E 486 16.90 -17.06 -50.41
N PHE E 487 17.93 -17.81 -50.00
CA PHE E 487 19.33 -17.46 -50.12
C PHE E 487 19.92 -18.37 -51.19
N TYR E 488 20.64 -17.81 -52.16
CA TYR E 488 21.42 -18.59 -53.09
C TYR E 488 22.79 -17.90 -53.20
N THR E 489 23.75 -18.62 -53.77
CA THR E 489 25.07 -18.09 -54.03
C THR E 489 25.27 -18.20 -55.53
N LEU E 490 25.82 -17.10 -56.04
CA LEU E 490 25.87 -16.81 -57.46
C LEU E 490 27.32 -16.56 -57.88
N THR E 491 27.86 -17.47 -58.69
CA THR E 491 29.20 -17.31 -59.21
C THR E 491 29.25 -16.15 -60.21
N PRO E 492 30.39 -15.66 -60.71
CA PRO E 492 30.44 -14.68 -61.79
C PRO E 492 29.72 -15.16 -63.05
N GLY E 493 29.26 -14.18 -63.84
CA GLY E 493 28.68 -14.44 -65.14
C GLY E 493 27.22 -14.88 -65.09
N LYS E 494 26.84 -15.60 -66.17
CA LYS E 494 25.50 -16.13 -66.35
C LYS E 494 25.15 -17.16 -65.29
N ASN E 495 24.14 -16.89 -64.48
CA ASN E 495 23.69 -17.82 -63.47
C ASN E 495 22.23 -18.11 -63.76
N THR E 496 21.90 -19.36 -63.48
CA THR E 496 20.52 -19.79 -63.43
C THR E 496 20.24 -20.35 -62.04
N ILE E 497 19.07 -20.03 -61.52
CA ILE E 497 18.60 -20.62 -60.28
C ILE E 497 17.33 -21.33 -60.75
N VAL E 498 16.99 -22.51 -60.24
CA VAL E 498 15.75 -23.20 -60.58
C VAL E 498 15.10 -23.52 -59.24
N ARG E 499 13.82 -23.25 -59.03
CA ARG E 499 13.25 -23.36 -57.71
C ARG E 499 11.86 -23.93 -57.84
N ASN E 500 11.62 -25.08 -57.21
CA ASN E 500 10.39 -25.83 -57.39
C ASN E 500 9.32 -25.43 -56.40
N HIS E 501 8.06 -25.41 -56.82
CA HIS E 501 6.93 -25.02 -55.99
C HIS E 501 6.93 -25.33 -54.49
N GLN E 502 7.38 -26.52 -54.06
CA GLN E 502 7.13 -27.10 -52.74
C GLN E 502 7.71 -26.32 -51.57
N ASP E 503 8.92 -25.88 -51.94
CA ASP E 503 9.89 -25.24 -51.08
C ASP E 503 9.65 -23.74 -50.95
N SER E 504 8.41 -23.32 -51.24
CA SER E 504 7.91 -22.01 -50.91
C SER E 504 8.06 -21.71 -49.43
N SER E 505 8.65 -20.57 -49.07
CA SER E 505 8.78 -20.23 -47.67
C SER E 505 7.54 -19.80 -46.89
N VAL E 506 6.31 -19.97 -47.39
CA VAL E 506 5.08 -19.53 -46.71
C VAL E 506 4.18 -20.66 -46.18
N THR E 507 4.49 -21.83 -46.71
CA THR E 507 3.63 -23.01 -46.70
C THR E 507 3.85 -24.06 -45.63
N ILE E 508 2.81 -24.79 -45.31
CA ILE E 508 3.10 -26.14 -44.84
C ILE E 508 3.23 -27.11 -46.01
N SER E 509 4.13 -28.09 -45.86
CA SER E 509 4.12 -29.22 -46.76
C SER E 509 3.20 -30.31 -46.19
N LYS E 510 3.51 -30.93 -45.06
CA LYS E 510 2.63 -31.97 -44.57
C LYS E 510 1.98 -31.59 -43.25
N VAL E 511 0.65 -31.55 -43.32
CA VAL E 511 -0.19 -31.52 -42.15
C VAL E 511 -0.33 -32.95 -41.62
N ARG E 512 -0.38 -33.12 -40.29
CA ARG E 512 -0.47 -34.45 -39.71
C ARG E 512 -1.80 -34.60 -39.01
N THR E 513 -2.42 -35.72 -39.36
CA THR E 513 -3.63 -36.20 -38.72
C THR E 513 -3.30 -36.90 -37.41
N PHE E 514 -4.34 -36.98 -36.57
CA PHE E 514 -4.26 -37.49 -35.20
C PHE E 514 -3.68 -38.91 -35.18
N ASP E 515 -4.18 -39.65 -36.16
CA ASP E 515 -3.76 -41.00 -36.52
C ASP E 515 -2.28 -41.09 -36.87
N GLN E 516 -1.77 -40.21 -37.75
CA GLN E 516 -0.37 -40.19 -38.13
C GLN E 516 0.54 -39.90 -36.94
N LEU E 517 0.14 -38.99 -36.05
CA LEU E 517 0.87 -38.77 -34.80
C LEU E 517 0.91 -40.05 -33.95
N GLY E 518 -0.22 -40.76 -33.96
CA GLY E 518 -0.43 -42.02 -33.24
C GLY E 518 0.54 -43.16 -33.58
N ALA E 519 1.18 -43.16 -34.75
CA ALA E 519 2.44 -43.87 -34.91
C ALA E 519 3.69 -43.10 -34.45
N GLY E 520 4.37 -42.26 -35.24
CA GLY E 520 5.55 -41.54 -34.77
C GLY E 520 6.60 -41.27 -35.85
N GLU E 521 6.49 -40.09 -36.46
CA GLU E 521 7.36 -39.64 -37.54
C GLU E 521 8.36 -38.57 -37.11
N GLY E 522 9.11 -38.11 -38.10
CA GLY E 522 10.39 -37.49 -37.85
C GLY E 522 10.57 -36.37 -38.84
N VAL E 523 9.67 -35.41 -38.66
CA VAL E 523 9.77 -34.16 -39.39
C VAL E 523 10.65 -33.38 -38.42
N SER E 524 10.25 -33.35 -37.15
CA SER E 524 11.10 -33.55 -35.98
C SER E 524 10.07 -33.56 -34.87
N GLU E 525 10.11 -32.67 -33.88
CA GLU E 525 9.15 -32.66 -32.81
C GLU E 525 9.24 -31.26 -32.25
N ASP E 526 8.35 -30.40 -32.76
CA ASP E 526 8.15 -29.05 -32.27
C ASP E 526 6.66 -28.85 -32.00
N SER E 527 5.93 -27.75 -32.23
CA SER E 527 4.69 -27.59 -31.47
C SER E 527 3.43 -27.11 -32.16
N THR E 528 2.67 -26.03 -31.86
CA THR E 528 1.44 -25.79 -32.63
C THR E 528 1.57 -25.17 -34.00
N GLU E 529 2.78 -24.74 -34.35
CA GLU E 529 3.08 -24.58 -35.75
C GLU E 529 3.19 -25.91 -36.47
N TYR E 530 3.76 -26.94 -35.82
CA TYR E 530 4.24 -28.17 -36.46
C TYR E 530 3.69 -28.62 -37.81
N CYS E 531 2.35 -28.70 -38.06
CA CYS E 531 2.01 -29.15 -39.35
C CYS E 531 0.90 -28.31 -39.80
N SER E 532 0.38 -27.69 -38.77
CA SER E 532 -0.67 -26.80 -38.57
C SER E 532 -0.49 -25.50 -39.27
N CYS E 533 0.43 -24.68 -38.74
CA CYS E 533 0.65 -23.31 -39.20
C CYS E 533 1.25 -23.35 -40.60
N GLY E 534 1.68 -22.23 -41.18
CA GLY E 534 1.94 -22.19 -42.60
C GLY E 534 0.64 -22.13 -43.40
N TRP E 535 0.82 -21.92 -44.69
CA TRP E 535 -0.30 -21.83 -45.58
C TRP E 535 -0.71 -23.22 -46.05
N PRO E 536 -1.99 -23.47 -46.34
CA PRO E 536 -2.40 -24.62 -47.11
C PRO E 536 -1.78 -24.52 -48.50
N GLU E 537 -1.05 -25.58 -48.82
CA GLU E 537 -0.36 -25.75 -50.11
C GLU E 537 -1.31 -25.49 -51.26
N HIS E 538 -2.43 -26.19 -51.30
CA HIS E 538 -3.44 -25.92 -52.31
C HIS E 538 -3.92 -24.48 -52.56
N MET E 539 -3.68 -23.51 -51.65
CA MET E 539 -4.04 -22.11 -51.83
C MET E 539 -2.79 -21.23 -52.04
N LEU E 540 -1.69 -21.88 -52.42
CA LEU E 540 -0.46 -21.16 -52.70
C LEU E 540 -0.52 -20.20 -53.89
N ILE E 541 -1.31 -20.49 -54.92
CA ILE E 541 -1.47 -19.63 -56.07
C ILE E 541 -2.99 -19.54 -56.29
N PRO E 542 -3.62 -18.37 -56.29
CA PRO E 542 -5.06 -18.16 -56.46
C PRO E 542 -5.72 -18.78 -57.69
N ARG E 543 -7.04 -18.95 -57.68
CA ARG E 543 -7.80 -19.62 -58.75
C ARG E 543 -7.66 -19.11 -60.18
N GLY E 544 -7.49 -17.81 -60.36
CA GLY E 544 -7.55 -17.20 -61.69
C GLY E 544 -8.94 -17.36 -62.28
N SER E 545 -8.98 -17.90 -63.49
CA SER E 545 -10.22 -18.11 -64.22
C SER E 545 -10.08 -19.24 -65.21
N HIS E 546 -11.18 -19.73 -65.78
CA HIS E 546 -11.09 -20.80 -66.77
C HIS E 546 -10.37 -20.39 -68.06
N LYS E 547 -10.49 -19.11 -68.42
CA LYS E 547 -9.83 -18.52 -69.59
C LYS E 547 -8.30 -18.59 -69.52
N GLY E 548 -7.81 -18.55 -68.28
CA GLY E 548 -6.41 -18.21 -68.03
C GLY E 548 -6.30 -16.73 -67.67
N MET E 549 -6.30 -16.37 -66.39
CA MET E 549 -6.16 -14.96 -66.02
C MET E 549 -4.67 -14.66 -65.87
N GLU E 550 -4.31 -13.37 -65.89
CA GLU E 550 -2.97 -12.90 -66.21
C GLU E 550 -2.54 -12.05 -65.03
N PHE E 551 -1.40 -12.39 -64.47
CA PHE E 551 -0.97 -11.99 -63.16
C PHE E 551 0.46 -11.49 -63.27
N GLU E 552 1.12 -11.25 -62.14
CA GLU E 552 2.46 -10.67 -62.16
C GLU E 552 3.34 -11.40 -61.17
N LEU E 553 4.43 -12.01 -61.66
CA LEU E 553 5.43 -12.63 -60.81
C LEU E 553 6.63 -11.71 -60.66
N PHE E 554 6.73 -10.97 -59.57
CA PHE E 554 7.75 -9.92 -59.42
C PHE E 554 8.82 -10.37 -58.44
N VAL E 555 10.08 -10.43 -58.84
CA VAL E 555 11.18 -10.94 -58.03
C VAL E 555 12.08 -9.78 -57.63
N MET E 556 12.68 -9.88 -56.46
CA MET E 556 13.74 -8.97 -56.07
C MET E 556 14.91 -9.83 -55.61
N LEU E 557 16.13 -9.39 -55.84
CA LEU E 557 17.30 -9.93 -55.18
C LEU E 557 17.94 -8.81 -54.40
N THR E 558 17.88 -8.98 -53.08
CA THR E 558 18.61 -8.14 -52.12
C THR E 558 19.80 -8.93 -51.55
N ASP E 559 20.75 -8.40 -50.75
CA ASP E 559 21.95 -9.15 -50.38
C ASP E 559 21.70 -10.04 -49.19
N HIS E 560 22.31 -11.23 -49.17
CA HIS E 560 22.15 -12.12 -48.03
C HIS E 560 23.04 -11.86 -46.83
N ASP E 561 24.27 -11.38 -47.03
CA ASP E 561 25.12 -11.00 -45.91
C ASP E 561 24.60 -9.72 -45.26
N GLU E 562 23.97 -8.85 -46.06
CA GLU E 562 23.20 -7.74 -45.50
C GLU E 562 21.98 -8.30 -44.75
N ASP E 563 21.09 -9.00 -45.47
CA ASP E 563 19.84 -9.48 -44.90
C ASP E 563 19.93 -10.48 -43.77
N THR E 564 20.93 -11.36 -43.66
CA THR E 564 20.77 -12.40 -42.66
C THR E 564 21.07 -11.74 -41.33
N VAL E 565 20.10 -11.88 -40.43
CA VAL E 565 20.40 -11.67 -39.02
C VAL E 565 21.54 -12.62 -38.60
N ALA E 566 22.49 -12.19 -37.79
CA ALA E 566 23.45 -13.11 -37.20
C ALA E 566 22.99 -13.37 -35.77
N GLY E 567 23.22 -14.61 -35.30
CA GLY E 567 22.82 -14.98 -33.97
C GLY E 567 22.98 -16.46 -33.89
N LEU E 568 22.69 -17.09 -32.75
CA LEU E 568 22.88 -18.52 -32.60
C LEU E 568 21.63 -19.18 -32.04
N SER E 569 21.03 -19.98 -32.94
CA SER E 569 19.74 -20.65 -32.77
C SER E 569 19.74 -22.16 -33.11
N GLU E 570 19.27 -22.75 -34.25
CA GLU E 570 19.06 -24.20 -34.37
C GLU E 570 19.41 -24.82 -35.74
N ASN E 571 19.23 -26.13 -35.96
CA ASN E 571 19.31 -26.76 -37.28
C ASN E 571 18.25 -26.34 -38.30
N ALA E 572 18.14 -27.04 -39.44
CA ALA E 572 17.00 -26.89 -40.34
C ALA E 572 15.78 -27.61 -39.76
N VAL E 573 14.67 -26.89 -39.59
CA VAL E 573 13.60 -27.35 -38.71
C VAL E 573 12.24 -26.81 -39.13
N CYS E 574 11.37 -26.32 -38.21
CA CYS E 574 10.13 -25.64 -38.51
C CYS E 574 10.41 -24.21 -38.95
N SER E 575 11.08 -24.15 -40.09
CA SER E 575 11.30 -22.90 -40.76
C SER E 575 10.52 -22.93 -42.06
N ASP E 576 9.77 -24.00 -42.40
CA ASP E 576 9.15 -24.22 -43.69
C ASP E 576 8.33 -22.99 -44.05
N ALA E 577 7.36 -22.63 -43.21
CA ALA E 577 6.69 -21.35 -43.37
C ALA E 577 7.43 -20.11 -42.82
N VAL E 578 8.74 -19.90 -43.00
CA VAL E 578 9.41 -18.69 -42.49
C VAL E 578 8.79 -17.36 -42.86
N SER E 579 8.25 -17.17 -44.06
CA SER E 579 7.55 -15.95 -44.42
C SER E 579 6.32 -15.49 -43.64
N TYR E 580 5.19 -16.21 -43.68
CA TYR E 580 3.91 -15.77 -43.07
C TYR E 580 3.78 -15.96 -41.57
N CYS E 581 4.80 -16.63 -41.06
CA CYS E 581 4.76 -17.24 -39.75
C CYS E 581 6.14 -17.07 -39.15
N GLY E 582 7.15 -17.85 -39.58
CA GLY E 582 8.47 -17.76 -38.95
C GLY E 582 9.16 -19.12 -38.73
N ALA E 583 9.87 -19.16 -37.61
CA ALA E 583 10.76 -20.26 -37.26
C ALA E 583 10.83 -20.27 -35.74
N ARG E 584 11.26 -21.33 -35.05
CA ARG E 584 11.11 -21.34 -33.59
C ARG E 584 12.37 -21.04 -32.77
N ASP E 585 12.04 -20.22 -31.77
CA ASP E 585 12.92 -19.38 -30.97
C ASP E 585 14.08 -18.69 -31.65
N ASP E 586 13.71 -18.12 -32.80
CA ASP E 586 14.61 -17.37 -33.65
C ASP E 586 13.83 -16.15 -34.13
N ARG E 587 14.42 -15.27 -34.98
CA ARG E 587 13.76 -14.05 -35.42
C ARG E 587 13.25 -14.21 -36.85
N TYR E 588 12.62 -13.18 -37.45
CA TYR E 588 12.34 -13.23 -38.87
C TYR E 588 13.66 -12.99 -39.62
N PRO E 589 14.25 -14.00 -40.29
CA PRO E 589 15.62 -14.05 -40.80
C PRO E 589 16.18 -12.93 -41.69
N ASP E 590 15.27 -12.06 -42.10
CA ASP E 590 15.49 -11.05 -43.11
C ASP E 590 15.27 -9.74 -42.38
N LYS E 591 16.29 -8.90 -42.57
CA LYS E 591 16.34 -7.53 -42.11
C LYS E 591 15.10 -6.69 -42.45
N LYS E 592 14.68 -6.76 -43.72
CA LYS E 592 13.70 -5.82 -44.19
C LYS E 592 12.27 -6.13 -43.75
N ALA E 593 11.47 -5.07 -43.73
CA ALA E 593 10.08 -5.17 -43.37
C ALA E 593 9.39 -6.18 -44.29
N MET E 594 8.59 -7.02 -43.64
CA MET E 594 7.79 -8.00 -44.35
C MET E 594 6.85 -7.26 -45.28
N GLY E 595 7.10 -7.44 -46.57
CA GLY E 595 6.41 -6.71 -47.62
C GLY E 595 7.37 -6.26 -48.71
N PHE E 596 8.58 -5.93 -48.26
CA PHE E 596 9.71 -5.47 -49.08
C PHE E 596 9.99 -6.18 -50.40
N PRO E 597 9.98 -5.43 -51.53
CA PRO E 597 9.91 -3.96 -51.62
C PRO E 597 8.65 -3.22 -51.21
N PHE E 598 7.50 -3.92 -51.27
CA PHE E 598 6.20 -3.29 -51.45
C PHE E 598 5.43 -2.83 -50.20
N ASP E 599 6.23 -2.46 -49.19
CA ASP E 599 5.72 -1.93 -47.92
C ASP E 599 5.35 -0.45 -48.03
N ARG E 600 6.20 0.31 -48.72
CA ARG E 600 6.01 1.74 -48.85
C ARG E 600 5.41 2.33 -50.11
N LYS E 601 5.35 3.67 -50.14
CA LYS E 601 4.78 4.40 -51.25
C LYS E 601 5.56 4.23 -52.56
N ILE E 602 4.83 4.12 -53.67
CA ILE E 602 5.44 4.23 -54.99
C ILE E 602 4.71 5.38 -55.69
N GLU E 603 5.45 6.41 -56.10
CA GLU E 603 4.91 7.51 -56.91
C GLU E 603 4.78 7.18 -58.41
N ALA E 604 5.44 6.08 -58.78
CA ALA E 604 5.58 5.63 -60.16
C ALA E 604 4.34 4.91 -60.67
N ARG E 605 4.06 5.04 -61.98
CA ARG E 605 2.81 4.58 -62.57
C ARG E 605 2.83 3.13 -62.99
N THR E 606 3.99 2.55 -63.29
CA THR E 606 4.04 1.13 -63.56
C THR E 606 5.08 0.43 -62.72
N ALA E 607 4.70 -0.81 -62.39
CA ALA E 607 5.64 -1.81 -61.91
C ALA E 607 6.90 -1.96 -62.78
N ALA E 608 6.83 -1.58 -64.06
CA ALA E 608 8.01 -1.48 -64.90
C ALA E 608 8.92 -0.31 -64.52
N GLU E 609 8.41 0.87 -64.13
CA GLU E 609 9.26 2.00 -63.74
C GLU E 609 10.09 1.70 -62.50
N PHE E 610 9.45 0.91 -61.62
CA PHE E 610 10.04 0.44 -60.38
C PHE E 610 11.14 -0.60 -60.58
N LEU E 611 11.36 -1.08 -61.80
CA LEU E 611 12.38 -2.08 -62.08
C LEU E 611 13.80 -1.56 -61.83
N THR E 612 14.46 -2.15 -60.84
CA THR E 612 15.92 -2.15 -60.80
C THR E 612 16.44 -3.39 -61.52
N PRO E 613 17.70 -3.50 -61.98
CA PRO E 613 18.28 -4.71 -62.62
C PRO E 613 18.36 -5.97 -61.77
N ASN E 614 17.98 -5.82 -60.49
CA ASN E 614 17.76 -6.93 -59.58
C ASN E 614 16.29 -7.11 -59.20
N MET E 615 15.38 -6.70 -60.10
CA MET E 615 13.95 -6.96 -59.99
C MET E 615 13.42 -7.51 -61.30
N GLY E 616 12.29 -8.21 -61.32
CA GLY E 616 11.83 -8.79 -62.57
C GLY E 616 10.40 -9.29 -62.47
N LEU E 617 9.57 -8.76 -63.38
CA LEU E 617 8.18 -9.17 -63.52
C LEU E 617 8.17 -10.26 -64.57
N THR E 618 7.51 -11.39 -64.32
CA THR E 618 7.35 -12.42 -65.31
C THR E 618 5.84 -12.67 -65.39
N ASP E 619 5.19 -12.20 -66.45
CA ASP E 619 3.73 -12.20 -66.52
C ASP E 619 3.24 -13.61 -66.77
N ILE E 620 2.41 -14.07 -65.83
CA ILE E 620 1.97 -15.45 -65.85
C ILE E 620 0.47 -15.54 -65.79
N LYS E 621 0.04 -16.67 -66.33
CA LYS E 621 -1.35 -17.08 -66.35
C LYS E 621 -1.61 -18.10 -65.27
N ILE E 622 -2.86 -18.13 -64.81
CA ILE E 622 -3.41 -19.16 -63.95
C ILE E 622 -4.70 -19.61 -64.62
N LYS E 623 -4.96 -20.91 -64.75
CA LYS E 623 -6.23 -21.33 -65.30
C LYS E 623 -6.89 -22.39 -64.45
N PHE E 624 -8.16 -22.17 -64.08
CA PHE E 624 -8.88 -23.17 -63.33
C PHE E 624 -9.29 -24.34 -64.21
N HIS E 625 -8.77 -25.52 -63.90
CA HIS E 625 -9.31 -26.72 -64.49
C HIS E 625 -10.70 -26.99 -63.93
N GLY E 626 -11.68 -26.66 -64.77
CA GLY E 626 -13.06 -27.06 -64.56
C GLY E 626 -13.24 -28.56 -64.49
N THR F 1 -58.37 -54.80 -39.69
CA THR F 1 -59.33 -54.38 -38.70
C THR F 1 -58.73 -53.13 -38.09
N VAL F 2 -59.53 -52.40 -37.32
CA VAL F 2 -59.11 -51.13 -36.77
C VAL F 2 -57.99 -51.28 -35.74
N ALA F 3 -57.81 -52.45 -35.11
CA ALA F 3 -56.59 -52.69 -34.33
C ALA F 3 -55.37 -52.64 -35.26
N ASP F 4 -55.30 -53.53 -36.27
CA ASP F 4 -54.22 -53.59 -37.27
C ASP F 4 -54.00 -52.28 -38.02
N LYS F 5 -55.08 -51.54 -38.24
CA LYS F 5 -55.00 -50.21 -38.83
C LYS F 5 -54.09 -49.35 -37.96
N GLN F 6 -54.35 -49.27 -36.64
CA GLN F 6 -53.42 -48.64 -35.71
C GLN F 6 -52.03 -49.27 -35.77
N ALA F 7 -51.96 -50.61 -35.74
CA ALA F 7 -50.71 -51.33 -35.73
C ALA F 7 -49.87 -51.28 -37.02
N ARG F 8 -50.35 -50.59 -38.05
CA ARG F 8 -49.47 -50.28 -39.19
C ARG F 8 -48.95 -48.85 -39.18
N LEU F 9 -49.83 -47.86 -39.00
CA LEU F 9 -49.41 -46.47 -39.11
C LEU F 9 -48.40 -46.07 -38.05
N MET F 10 -48.77 -46.26 -36.79
CA MET F 10 -47.92 -45.87 -35.67
C MET F 10 -46.59 -46.63 -35.67
N PRO F 11 -46.47 -47.94 -35.96
CA PRO F 11 -45.19 -48.57 -36.27
C PRO F 11 -44.35 -47.89 -37.32
N LEU F 12 -44.94 -47.33 -38.39
CA LEU F 12 -44.18 -46.51 -39.34
C LEU F 12 -43.70 -45.21 -38.70
N PHE F 13 -44.55 -44.61 -37.85
CA PHE F 13 -44.19 -43.44 -37.06
C PHE F 13 -43.31 -43.73 -35.83
N LYS F 14 -42.99 -45.00 -35.58
CA LYS F 14 -41.91 -45.30 -34.66
C LYS F 14 -40.54 -45.07 -35.32
N HIS F 15 -40.11 -43.82 -35.18
CA HIS F 15 -38.90 -43.19 -35.76
C HIS F 15 -39.15 -42.74 -37.22
N LEU F 16 -40.15 -41.87 -37.37
CA LEU F 16 -40.68 -41.47 -38.68
C LEU F 16 -39.73 -40.97 -39.77
N THR F 17 -39.17 -39.75 -39.66
CA THR F 17 -38.49 -39.01 -40.72
C THR F 17 -37.68 -39.80 -41.76
N ALA F 18 -36.83 -40.72 -41.28
CA ALA F 18 -35.96 -41.53 -42.12
C ALA F 18 -36.58 -42.42 -43.20
N LEU F 19 -37.91 -42.60 -43.11
CA LEU F 19 -38.74 -43.24 -44.10
C LEU F 19 -38.69 -42.41 -45.37
N THR F 20 -38.49 -41.07 -45.25
CA THR F 20 -38.47 -40.06 -46.30
C THR F 20 -37.53 -40.46 -47.40
N ARG F 21 -36.36 -41.09 -47.10
CA ARG F 21 -35.52 -41.41 -48.24
C ARG F 21 -35.57 -42.90 -48.49
N GLU F 22 -36.04 -43.28 -49.71
CA GLU F 22 -36.12 -44.66 -50.10
C GLU F 22 -36.03 -44.83 -51.59
N LYS F 23 -36.13 -46.11 -51.99
CA LYS F 23 -36.03 -46.65 -53.32
C LYS F 23 -37.34 -46.51 -54.02
N LEU F 24 -37.32 -45.96 -55.25
CA LEU F 24 -38.45 -45.83 -56.13
C LEU F 24 -37.75 -45.33 -57.37
N PRO F 25 -37.27 -46.20 -58.23
CA PRO F 25 -36.33 -45.86 -59.30
C PRO F 25 -36.86 -44.83 -60.28
N LEU F 26 -38.16 -44.97 -60.59
CA LEU F 26 -38.86 -44.13 -61.56
C LEU F 26 -40.25 -43.87 -61.01
N ASP F 27 -40.54 -42.58 -60.94
CA ASP F 27 -41.80 -41.98 -60.51
C ASP F 27 -43.04 -42.58 -61.18
N GLN F 28 -42.83 -42.95 -62.46
CA GLN F 28 -43.86 -43.36 -63.40
C GLN F 28 -44.92 -44.32 -62.88
N ARG F 29 -44.48 -45.18 -61.96
CA ARG F 29 -45.38 -46.00 -61.15
C ARG F 29 -46.68 -45.34 -60.73
N ASP F 30 -46.60 -44.09 -60.26
CA ASP F 30 -47.76 -43.36 -59.79
C ASP F 30 -48.01 -42.22 -60.75
N GLU F 31 -48.47 -42.60 -61.95
CA GLU F 31 -49.05 -41.69 -62.94
C GLU F 31 -49.89 -40.58 -62.31
N ARG F 32 -50.62 -40.99 -61.25
CA ARG F 32 -51.20 -40.07 -60.28
C ARG F 32 -50.32 -38.92 -59.83
N LEU F 33 -49.15 -39.14 -59.20
CA LEU F 33 -48.30 -38.08 -58.67
C LEU F 33 -47.26 -37.46 -59.61
N LYS F 34 -47.43 -37.72 -60.91
CA LYS F 34 -46.69 -37.12 -62.03
C LYS F 34 -45.77 -35.90 -61.86
N GLY F 35 -46.40 -34.82 -61.41
CA GLY F 35 -45.85 -33.49 -61.51
C GLY F 35 -45.16 -33.08 -60.23
N VAL F 36 -45.52 -33.73 -59.11
CA VAL F 36 -44.91 -33.44 -57.83
C VAL F 36 -43.74 -34.39 -57.63
N GLY F 37 -42.66 -33.74 -57.25
CA GLY F 37 -41.50 -34.35 -56.64
C GLY F 37 -40.45 -33.26 -56.55
N ILE F 38 -40.98 -32.06 -56.30
CA ILE F 38 -40.33 -30.82 -56.70
C ILE F 38 -39.82 -29.97 -55.53
N LEU F 39 -39.50 -30.71 -54.47
CA LEU F 39 -38.80 -30.21 -53.29
C LEU F 39 -38.08 -31.48 -52.81
N PRO F 40 -36.75 -31.62 -52.96
CA PRO F 40 -35.99 -32.81 -52.56
C PRO F 40 -35.67 -32.90 -51.07
N ARG F 41 -36.31 -33.84 -50.35
CA ARG F 41 -36.04 -34.12 -48.93
C ARG F 41 -36.02 -32.87 -48.05
N GLY F 42 -35.11 -32.60 -47.10
CA GLY F 42 -35.15 -31.35 -46.34
C GLY F 42 -34.59 -30.15 -47.10
N THR F 43 -35.03 -29.89 -48.32
CA THR F 43 -34.90 -28.57 -48.90
C THR F 43 -36.11 -27.75 -48.46
N LEU F 44 -35.84 -26.60 -47.84
CA LEU F 44 -36.69 -26.14 -46.76
C LEU F 44 -38.10 -25.61 -47.06
N PHE F 45 -39.02 -26.58 -47.04
CA PHE F 45 -40.44 -26.34 -47.06
C PHE F 45 -40.78 -25.35 -45.95
N SER F 46 -41.19 -24.14 -46.30
CA SER F 46 -41.94 -23.36 -45.33
C SER F 46 -43.39 -23.41 -45.79
N CYS F 47 -44.23 -23.87 -44.85
CA CYS F 47 -45.58 -24.28 -45.17
C CYS F 47 -46.49 -23.22 -45.81
N PHE F 48 -46.47 -21.97 -45.37
CA PHE F 48 -47.32 -20.98 -46.02
C PHE F 48 -46.93 -20.58 -47.44
N HIS F 49 -45.75 -20.94 -47.96
CA HIS F 49 -45.27 -20.39 -49.21
C HIS F 49 -46.11 -20.87 -50.40
N ALA F 50 -46.71 -19.98 -51.21
CA ALA F 50 -47.86 -20.37 -52.03
C ALA F 50 -47.80 -21.67 -52.81
N ARG F 51 -46.63 -21.91 -53.42
CA ARG F 51 -46.45 -23.09 -54.25
C ARG F 51 -46.61 -24.38 -53.46
N HIS F 52 -46.21 -24.42 -52.19
CA HIS F 52 -46.20 -25.67 -51.44
C HIS F 52 -47.55 -26.20 -50.96
N LEU F 53 -48.50 -25.27 -50.80
CA LEU F 53 -49.91 -25.61 -50.62
C LEU F 53 -50.55 -26.11 -51.92
N ALA F 54 -50.23 -25.44 -53.03
CA ALA F 54 -50.63 -25.93 -54.35
C ALA F 54 -50.08 -27.32 -54.64
N GLU F 55 -48.77 -27.53 -54.43
CA GLU F 55 -48.12 -28.82 -54.51
C GLU F 55 -48.85 -29.80 -53.61
N ALA F 56 -49.09 -29.39 -52.36
CA ALA F 56 -49.87 -30.20 -51.44
C ALA F 56 -51.30 -30.47 -51.89
N THR F 57 -51.94 -29.61 -52.70
CA THR F 57 -53.32 -29.85 -53.11
C THR F 57 -53.39 -30.90 -54.21
N GLU F 58 -52.30 -31.05 -54.99
CA GLU F 58 -52.03 -32.29 -55.74
C GLU F 58 -52.08 -33.50 -54.82
N LEU F 59 -51.35 -33.42 -53.70
CA LEU F 59 -51.35 -34.46 -52.70
C LEU F 59 -52.67 -34.63 -52.00
N TYR F 60 -53.43 -33.57 -51.72
CA TYR F 60 -54.73 -33.75 -51.11
C TYR F 60 -55.64 -34.47 -52.10
N VAL F 61 -55.69 -34.09 -53.37
CA VAL F 61 -56.59 -34.81 -54.28
C VAL F 61 -56.21 -36.26 -54.58
N ALA F 62 -54.91 -36.50 -54.68
CA ALA F 62 -54.39 -37.85 -54.67
C ALA F 62 -54.77 -38.61 -53.39
N LEU F 63 -54.37 -38.12 -52.20
CA LEU F 63 -54.52 -38.93 -50.99
C LEU F 63 -55.96 -39.29 -50.65
N TYR F 64 -56.89 -38.37 -50.94
CA TYR F 64 -58.31 -38.70 -50.80
C TYR F 64 -58.87 -39.82 -51.66
N GLY F 65 -58.41 -39.81 -52.93
CA GLY F 65 -58.99 -40.61 -53.99
C GLY F 65 -58.41 -42.01 -54.07
N ALA F 66 -58.64 -42.78 -53.00
CA ALA F 66 -58.18 -44.16 -52.92
C ALA F 66 -59.29 -45.14 -53.25
N LYS F 67 -58.94 -46.41 -53.49
CA LYS F 67 -59.95 -47.45 -53.65
C LYS F 67 -60.42 -47.85 -52.25
N ASP F 68 -59.94 -48.93 -51.63
CA ASP F 68 -60.35 -49.31 -50.29
C ASP F 68 -59.23 -49.00 -49.28
N PHE F 69 -59.33 -49.60 -48.09
CA PHE F 69 -58.31 -49.52 -47.05
C PHE F 69 -56.99 -50.24 -47.38
N ASN F 70 -56.97 -51.25 -48.26
CA ASN F 70 -55.69 -51.78 -48.69
C ASN F 70 -54.99 -50.92 -49.72
N ASP F 71 -55.61 -50.62 -50.86
CA ASP F 71 -54.93 -49.83 -51.88
C ASP F 71 -54.46 -48.47 -51.36
N PHE F 72 -55.24 -47.90 -50.43
CA PHE F 72 -54.83 -46.70 -49.70
C PHE F 72 -53.43 -46.84 -49.07
N ILE F 73 -53.23 -47.95 -48.35
CA ILE F 73 -51.99 -48.23 -47.68
C ILE F 73 -50.88 -48.41 -48.69
N HIS F 74 -51.13 -49.12 -49.80
CA HIS F 74 -50.06 -49.30 -50.77
C HIS F 74 -49.53 -47.98 -51.33
N LEU F 75 -50.46 -47.12 -51.75
CA LEU F 75 -50.09 -45.78 -52.22
C LEU F 75 -49.19 -45.08 -51.20
N CYS F 76 -49.62 -45.19 -49.94
CA CYS F 76 -48.89 -44.61 -48.81
C CYS F 76 -47.54 -45.28 -48.54
N GLU F 77 -47.34 -46.56 -48.85
CA GLU F 77 -46.01 -47.14 -48.80
C GLU F 77 -45.14 -46.45 -49.84
N GLN F 78 -45.68 -46.46 -51.06
CA GLN F 78 -44.94 -46.12 -52.25
C GLN F 78 -44.59 -44.65 -52.42
N ALA F 79 -45.56 -43.72 -52.56
CA ALA F 79 -45.25 -42.32 -52.83
C ALA F 79 -44.31 -41.70 -51.81
N ARG F 80 -44.40 -42.22 -50.58
CA ARG F 80 -43.51 -41.82 -49.50
C ARG F 80 -42.03 -42.01 -49.80
N GLN F 81 -41.64 -43.00 -50.63
CA GLN F 81 -40.22 -43.26 -50.89
C GLN F 81 -39.39 -42.12 -51.48
N ILE F 82 -40.08 -40.98 -51.79
CA ILE F 82 -39.49 -39.66 -52.11
C ILE F 82 -40.32 -38.37 -51.84
N VAL F 83 -40.86 -38.12 -50.62
CA VAL F 83 -41.57 -36.84 -50.35
C VAL F 83 -41.19 -36.10 -49.07
N ASN F 84 -41.39 -34.76 -48.98
CA ASN F 84 -41.18 -34.04 -47.71
C ASN F 84 -42.22 -34.45 -46.67
N GLU F 85 -41.72 -35.30 -45.77
CA GLU F 85 -42.50 -36.00 -44.76
C GLU F 85 -43.44 -35.10 -43.98
N GLY F 86 -43.07 -33.85 -43.69
CA GLY F 86 -43.96 -32.91 -43.03
C GLY F 86 -45.32 -32.72 -43.73
N MET F 87 -45.23 -32.67 -45.06
CA MET F 87 -46.38 -32.53 -45.94
C MET F 87 -47.14 -33.84 -45.98
N PHE F 88 -46.39 -34.94 -46.10
CA PHE F 88 -46.95 -36.27 -46.09
C PHE F 88 -47.74 -36.56 -44.82
N VAL F 89 -47.24 -36.34 -43.61
CA VAL F 89 -48.03 -36.44 -42.38
C VAL F 89 -49.22 -35.49 -42.36
N TYR F 90 -49.07 -34.27 -42.90
CA TYR F 90 -50.19 -33.33 -42.99
C TYR F 90 -51.30 -33.87 -43.88
N ALA F 91 -50.90 -34.58 -44.94
CA ALA F 91 -51.83 -35.18 -45.88
C ALA F 91 -52.48 -36.43 -45.32
N VAL F 92 -51.70 -37.33 -44.72
CA VAL F 92 -52.26 -38.53 -44.11
C VAL F 92 -53.10 -38.17 -42.91
N SER F 93 -52.80 -37.11 -42.15
CA SER F 93 -53.68 -36.69 -41.06
C SER F 93 -54.91 -35.97 -41.58
N VAL F 94 -54.93 -35.20 -42.69
CA VAL F 94 -56.22 -34.73 -43.21
C VAL F 94 -57.04 -35.90 -43.74
N ALA F 95 -56.38 -36.90 -44.32
CA ALA F 95 -57.04 -38.14 -44.68
C ALA F 95 -57.54 -38.99 -43.54
N VAL F 96 -56.71 -39.36 -42.56
CA VAL F 96 -57.05 -40.37 -41.56
C VAL F 96 -57.76 -39.76 -40.35
N LEU F 97 -58.18 -38.51 -40.58
CA LEU F 97 -59.35 -37.93 -39.95
C LEU F 97 -60.66 -38.12 -40.72
N HIS F 98 -60.67 -38.04 -42.06
CA HIS F 98 -61.92 -37.78 -42.77
C HIS F 98 -62.37 -38.70 -43.91
N ARG F 99 -61.68 -39.78 -44.31
CA ARG F 99 -62.19 -40.62 -45.38
C ARG F 99 -62.68 -41.97 -44.90
N GLU F 100 -63.96 -42.20 -45.18
CA GLU F 100 -64.89 -42.79 -44.20
C GLU F 100 -64.70 -44.26 -43.75
N ASP F 101 -63.62 -44.92 -44.13
CA ASP F 101 -63.28 -46.29 -43.72
C ASP F 101 -62.38 -46.48 -42.49
N CYS F 102 -62.21 -45.48 -41.61
CA CYS F 102 -61.07 -45.45 -40.71
C CYS F 102 -61.28 -45.18 -39.22
N LYS F 103 -62.49 -45.09 -38.64
CA LYS F 103 -62.71 -44.56 -37.29
C LYS F 103 -62.16 -45.34 -36.12
N GLY F 104 -61.81 -44.62 -35.04
CA GLY F 104 -61.00 -45.19 -33.99
C GLY F 104 -59.55 -45.36 -34.43
N ILE F 105 -59.15 -44.76 -35.55
CA ILE F 105 -57.72 -44.66 -35.86
C ILE F 105 -57.30 -43.39 -35.12
N THR F 106 -56.07 -43.34 -34.62
CA THR F 106 -55.62 -42.14 -33.94
C THR F 106 -54.42 -41.66 -34.71
N VAL F 107 -54.34 -40.33 -34.83
CA VAL F 107 -53.22 -39.68 -35.47
C VAL F 107 -52.05 -39.74 -34.49
N PRO F 108 -50.85 -40.21 -34.90
CA PRO F 108 -49.64 -40.18 -34.08
C PRO F 108 -49.36 -38.79 -33.52
N PRO F 109 -49.25 -38.64 -32.19
CA PRO F 109 -49.14 -37.35 -31.50
C PRO F 109 -47.94 -36.49 -31.91
N ILE F 110 -48.24 -35.34 -32.52
CA ILE F 110 -47.20 -34.44 -33.04
C ILE F 110 -46.14 -33.98 -32.05
N GLN F 111 -46.50 -33.95 -30.76
CA GLN F 111 -45.60 -33.43 -29.74
C GLN F 111 -44.52 -34.48 -29.51
N GLU F 112 -44.97 -35.72 -29.67
CA GLU F 112 -44.17 -36.90 -29.44
C GLU F 112 -43.50 -37.43 -30.70
N VAL F 113 -44.06 -37.29 -31.91
CA VAL F 113 -43.30 -37.55 -33.13
C VAL F 113 -42.38 -36.41 -33.58
N PHE F 114 -42.72 -35.15 -33.28
CA PHE F 114 -41.83 -34.04 -33.54
C PHE F 114 -41.73 -33.16 -32.29
N PRO F 115 -40.95 -33.54 -31.26
CA PRO F 115 -40.75 -32.76 -30.04
C PRO F 115 -39.98 -31.47 -30.21
N ASP F 116 -39.22 -31.38 -31.31
CA ASP F 116 -38.27 -30.31 -31.60
C ASP F 116 -38.96 -28.97 -31.64
N ARG F 117 -40.14 -28.92 -32.27
CA ARG F 117 -40.91 -27.69 -32.28
C ARG F 117 -41.59 -27.26 -30.98
N PHE F 118 -41.43 -28.06 -29.92
CA PHE F 118 -42.07 -27.80 -28.63
C PHE F 118 -41.09 -27.43 -27.53
N VAL F 119 -39.91 -28.06 -27.48
CA VAL F 119 -38.96 -27.90 -26.39
C VAL F 119 -37.66 -27.17 -26.75
N PRO F 120 -36.83 -26.75 -25.77
CA PRO F 120 -35.47 -26.28 -26.01
C PRO F 120 -34.49 -27.25 -26.66
N ALA F 121 -33.90 -26.75 -27.74
CA ALA F 121 -32.78 -27.35 -28.44
C ALA F 121 -31.75 -28.02 -27.55
N GLU F 122 -31.42 -27.31 -26.45
CA GLU F 122 -30.58 -27.81 -25.37
C GLU F 122 -31.09 -29.10 -24.72
N THR F 123 -32.36 -29.20 -24.30
CA THR F 123 -32.85 -30.43 -23.66
C THR F 123 -33.11 -31.56 -24.66
N ILE F 124 -33.13 -31.28 -25.96
CA ILE F 124 -33.17 -32.35 -26.95
C ILE F 124 -31.78 -32.97 -26.97
N ASN F 125 -30.83 -32.05 -27.12
CA ASN F 125 -29.43 -32.34 -27.23
C ASN F 125 -28.87 -32.97 -25.95
N ARG F 126 -29.41 -32.63 -24.77
CA ARG F 126 -28.97 -33.20 -23.50
C ARG F 126 -29.40 -34.66 -23.33
N ALA F 127 -30.67 -34.95 -23.59
CA ALA F 127 -31.18 -36.31 -23.55
C ALA F 127 -30.40 -37.20 -24.51
N ASN F 128 -30.29 -36.70 -25.76
CA ASN F 128 -29.41 -37.25 -26.79
C ASN F 128 -28.01 -37.50 -26.25
N LYS F 129 -27.34 -36.47 -25.74
CA LYS F 129 -25.98 -36.58 -25.25
C LYS F 129 -25.89 -37.50 -24.05
N GLU F 130 -26.92 -37.65 -23.21
CA GLU F 130 -26.84 -38.56 -22.07
C GLU F 130 -26.92 -40.02 -22.51
N ALA F 131 -27.66 -40.34 -23.57
CA ALA F 131 -27.59 -41.65 -24.23
C ALA F 131 -26.21 -41.92 -24.83
N SER F 132 -25.53 -40.90 -25.38
CA SER F 132 -24.12 -41.05 -25.71
C SER F 132 -23.21 -41.06 -24.48
N ASN F 133 -23.63 -40.49 -23.35
CA ASN F 133 -22.79 -40.47 -22.16
C ASN F 133 -22.80 -41.74 -21.33
N HIS F 134 -23.93 -42.44 -21.32
CA HIS F 134 -24.04 -43.70 -20.60
C HIS F 134 -24.74 -44.66 -21.55
N PRO F 135 -24.10 -45.47 -22.40
CA PRO F 135 -24.78 -46.45 -23.25
C PRO F 135 -25.42 -47.60 -22.45
N ASP F 136 -26.60 -47.29 -21.90
CA ASP F 136 -27.32 -48.21 -21.04
C ASP F 136 -28.80 -48.06 -21.34
N GLN F 137 -29.59 -49.02 -20.84
CA GLN F 137 -31.04 -49.04 -21.02
C GLN F 137 -31.77 -48.11 -20.06
N GLN F 138 -31.09 -47.50 -19.07
CA GLN F 138 -31.67 -46.47 -18.22
C GLN F 138 -32.26 -45.27 -18.93
N SER F 139 -33.45 -44.90 -18.46
CA SER F 139 -34.15 -43.71 -18.91
C SER F 139 -33.36 -42.47 -18.53
N ILE F 140 -33.63 -41.36 -19.22
CA ILE F 140 -32.98 -40.09 -18.96
C ILE F 140 -34.13 -39.11 -18.77
N VAL F 141 -34.00 -38.20 -17.81
CA VAL F 141 -35.00 -37.17 -17.60
C VAL F 141 -34.21 -35.87 -17.50
N VAL F 142 -34.61 -34.86 -18.25
CA VAL F 142 -33.87 -33.60 -18.29
C VAL F 142 -34.85 -32.52 -17.89
N GLU F 143 -34.43 -31.59 -17.05
CA GLU F 143 -35.27 -30.47 -16.65
C GLU F 143 -35.15 -29.33 -17.65
N ALA F 144 -36.26 -29.15 -18.36
CA ALA F 144 -36.35 -28.19 -19.45
C ALA F 144 -36.10 -26.75 -19.03
N GLU F 145 -36.41 -26.45 -17.77
CA GLU F 145 -36.36 -25.11 -17.19
C GLU F 145 -35.28 -24.13 -17.65
N GLU F 146 -34.02 -24.59 -17.80
CA GLU F 146 -32.86 -23.75 -18.13
C GLU F 146 -32.50 -22.70 -17.06
N THR F 147 -31.47 -21.87 -17.28
CA THR F 147 -31.03 -20.85 -16.36
C THR F 147 -30.36 -19.78 -17.23
N GLY F 148 -30.84 -18.55 -17.04
CA GLY F 148 -30.44 -17.44 -17.86
C GLY F 148 -30.96 -16.16 -17.25
N ASN F 149 -30.53 -15.06 -17.86
CA ASN F 149 -30.77 -13.74 -17.33
C ASN F 149 -32.08 -13.14 -17.79
N ILE F 150 -33.08 -13.14 -16.91
CA ILE F 150 -34.35 -12.49 -17.20
C ILE F 150 -34.23 -10.97 -17.28
N LEU F 151 -33.79 -10.47 -18.44
CA LEU F 151 -33.94 -9.06 -18.77
C LEU F 151 -35.36 -8.81 -19.26
N ASP F 152 -35.92 -9.77 -19.99
CA ASP F 152 -37.12 -9.58 -20.79
C ASP F 152 -38.42 -9.73 -20.01
N PRO F 153 -39.40 -8.82 -20.13
CA PRO F 153 -40.71 -9.04 -19.53
C PRO F 153 -41.49 -10.19 -20.17
N GLU F 154 -41.44 -10.37 -21.50
CA GLU F 154 -42.35 -11.25 -22.19
C GLU F 154 -42.16 -12.75 -21.89
N TYR F 155 -40.93 -13.15 -21.57
CA TYR F 155 -40.59 -14.51 -21.16
C TYR F 155 -41.48 -15.08 -20.05
N LYS F 156 -42.06 -14.20 -19.21
CA LYS F 156 -43.11 -14.59 -18.27
C LYS F 156 -44.20 -15.38 -18.98
N LEU F 157 -44.80 -14.83 -20.04
CA LEU F 157 -45.99 -15.42 -20.68
C LEU F 157 -45.75 -16.73 -21.44
N SER F 158 -44.49 -17.17 -21.38
CA SER F 158 -44.03 -18.43 -21.92
C SER F 158 -44.49 -19.63 -21.12
N TYR F 159 -45.23 -19.44 -20.01
CA TYR F 159 -46.05 -20.52 -19.45
C TYR F 159 -47.16 -20.99 -20.40
N PHE F 160 -47.77 -20.00 -21.08
CA PHE F 160 -48.98 -20.19 -21.86
C PHE F 160 -48.66 -20.47 -23.31
N ARG F 161 -47.92 -19.55 -23.94
CA ARG F 161 -47.70 -19.52 -25.37
C ARG F 161 -47.05 -20.80 -25.93
N GLU F 162 -46.08 -21.26 -25.15
CA GLU F 162 -45.14 -22.27 -25.56
C GLU F 162 -45.52 -23.69 -25.13
N ASP F 163 -46.76 -23.81 -24.64
CA ASP F 163 -47.23 -25.03 -23.99
C ASP F 163 -47.56 -26.15 -24.98
N ILE F 164 -47.43 -27.37 -24.49
CA ILE F 164 -47.51 -28.57 -25.33
C ILE F 164 -48.87 -28.72 -26.02
N GLY F 165 -49.88 -28.60 -25.14
CA GLY F 165 -51.27 -28.80 -25.50
C GLY F 165 -51.81 -27.62 -26.29
N ILE F 166 -51.35 -26.43 -25.89
CA ILE F 166 -51.57 -25.22 -26.66
C ILE F 166 -51.14 -25.49 -28.10
N ASN F 167 -49.85 -25.78 -28.34
CA ASN F 167 -49.35 -25.83 -29.71
C ASN F 167 -49.83 -26.99 -30.58
N ALA F 168 -50.08 -28.11 -29.89
CA ALA F 168 -50.73 -29.26 -30.48
C ALA F 168 -52.15 -28.93 -30.92
N HIS F 169 -52.99 -28.33 -30.06
CA HIS F 169 -54.36 -27.92 -30.41
C HIS F 169 -54.37 -27.14 -31.71
N HIS F 170 -53.39 -26.25 -31.79
CA HIS F 170 -53.23 -25.37 -32.91
C HIS F 170 -53.05 -26.13 -34.22
N TRP F 171 -52.11 -27.08 -34.32
CA TRP F 171 -52.03 -27.94 -35.51
C TRP F 171 -53.34 -28.69 -35.72
N HIS F 172 -53.77 -29.43 -34.69
CA HIS F 172 -55.03 -30.16 -34.73
C HIS F 172 -56.29 -29.47 -35.21
N TRP F 173 -56.48 -28.19 -34.90
CA TRP F 173 -57.63 -27.43 -35.37
C TRP F 173 -57.63 -27.33 -36.89
N HIS F 174 -56.46 -27.05 -37.48
CA HIS F 174 -56.32 -26.96 -38.92
C HIS F 174 -55.97 -28.27 -39.60
N ILE F 175 -55.73 -29.32 -38.83
CA ILE F 175 -55.78 -30.63 -39.43
C ILE F 175 -57.23 -31.09 -39.54
N VAL F 176 -58.10 -30.72 -38.57
CA VAL F 176 -59.52 -30.98 -38.71
C VAL F 176 -60.23 -30.03 -39.69
N TYR F 177 -59.77 -28.78 -39.82
CA TYR F 177 -60.21 -27.87 -40.87
C TYR F 177 -59.10 -27.37 -41.80
N PRO F 178 -58.65 -28.11 -42.84
CA PRO F 178 -57.67 -27.64 -43.81
C PRO F 178 -58.20 -26.60 -44.80
N ALA F 179 -57.38 -25.57 -45.05
CA ALA F 179 -57.73 -24.50 -45.99
C ALA F 179 -58.05 -25.02 -47.38
N THR F 180 -57.31 -26.04 -47.79
CA THR F 180 -57.54 -26.77 -49.02
C THR F 180 -58.61 -27.84 -48.96
N TRP F 181 -59.45 -27.93 -47.92
CA TRP F 181 -60.64 -28.77 -48.00
C TRP F 181 -61.58 -28.27 -49.10
N ASN F 182 -61.39 -28.81 -50.30
CA ASN F 182 -62.44 -28.82 -51.31
C ASN F 182 -63.61 -29.69 -50.83
N PRO F 183 -64.86 -29.19 -50.75
CA PRO F 183 -66.03 -30.02 -50.43
C PRO F 183 -66.43 -31.04 -51.49
N THR F 184 -66.46 -30.67 -52.78
CA THR F 184 -67.10 -31.47 -53.82
C THR F 184 -66.31 -32.73 -54.12
N VAL F 185 -65.03 -32.55 -54.44
CA VAL F 185 -64.13 -33.65 -54.76
C VAL F 185 -63.89 -34.56 -53.53
N MET F 186 -64.14 -34.02 -52.33
CA MET F 186 -64.14 -34.80 -51.12
C MET F 186 -65.54 -35.05 -50.54
N GLY F 187 -66.59 -34.95 -51.37
CA GLY F 187 -67.91 -35.50 -51.06
C GLY F 187 -68.81 -34.69 -50.13
N LYS F 188 -68.23 -34.07 -49.10
CA LYS F 188 -68.96 -33.36 -48.05
C LYS F 188 -68.19 -32.16 -47.51
N GLU F 189 -68.91 -31.33 -46.75
CA GLU F 189 -68.40 -30.03 -46.32
C GLU F 189 -68.04 -29.94 -44.84
N LYS F 190 -67.56 -28.76 -44.46
CA LYS F 190 -67.02 -28.54 -43.15
C LYS F 190 -67.70 -27.38 -42.46
N ASP F 191 -68.58 -27.79 -41.55
CA ASP F 191 -69.44 -26.89 -40.83
C ASP F 191 -68.79 -25.73 -40.09
N ARG F 192 -69.24 -24.61 -40.68
CA ARG F 192 -68.95 -23.26 -40.21
C ARG F 192 -67.49 -22.82 -40.13
N LYS F 193 -66.66 -23.36 -41.03
CA LYS F 193 -65.22 -23.27 -40.87
C LYS F 193 -64.66 -21.87 -40.82
N GLY F 194 -65.23 -20.89 -41.55
CA GLY F 194 -64.73 -19.53 -41.54
C GLY F 194 -65.00 -18.86 -40.21
N GLU F 195 -66.28 -18.84 -39.82
CA GLU F 195 -66.67 -18.25 -38.54
C GLU F 195 -65.94 -18.89 -37.37
N LEU F 196 -65.91 -20.22 -37.38
CA LEU F 196 -65.26 -20.96 -36.30
C LEU F 196 -63.79 -20.57 -36.27
N PHE F 197 -63.24 -20.29 -37.45
CA PHE F 197 -61.88 -19.78 -37.63
C PHE F 197 -61.66 -18.35 -37.12
N PHE F 198 -62.63 -17.44 -37.18
CA PHE F 198 -62.55 -16.20 -36.41
C PHE F 198 -62.38 -16.55 -34.93
N TYR F 199 -63.41 -17.27 -34.49
CA TYR F 199 -63.71 -17.46 -33.08
C TYR F 199 -62.58 -18.10 -32.31
N MET F 200 -62.22 -19.35 -32.65
CA MET F 200 -61.14 -20.08 -31.99
C MET F 200 -59.90 -19.22 -31.84
N HIS F 201 -59.64 -18.38 -32.84
CA HIS F 201 -58.46 -17.55 -32.83
C HIS F 201 -58.61 -16.34 -31.91
N GLN F 202 -59.81 -15.71 -31.88
CA GLN F 202 -60.14 -14.69 -30.88
C GLN F 202 -60.05 -15.31 -29.51
N GLN F 203 -60.73 -16.42 -29.22
CA GLN F 203 -60.65 -17.07 -27.91
C GLN F 203 -59.24 -17.37 -27.47
N MET F 204 -58.36 -17.89 -28.34
CA MET F 204 -56.93 -17.95 -28.01
C MET F 204 -56.32 -16.62 -27.56
N CYS F 205 -56.46 -15.61 -28.40
CA CYS F 205 -55.89 -14.30 -28.12
C CYS F 205 -56.59 -13.52 -27.02
N ALA F 206 -57.80 -13.92 -26.61
CA ALA F 206 -58.49 -13.33 -25.47
C ALA F 206 -58.05 -13.96 -24.15
N ARG F 207 -57.84 -15.27 -24.19
CA ARG F 207 -57.15 -15.94 -23.08
C ARG F 207 -55.76 -15.34 -22.84
N TYR F 208 -55.00 -15.20 -23.93
CA TYR F 208 -53.77 -14.42 -23.94
C TYR F 208 -53.98 -13.00 -23.43
N ASP F 209 -54.88 -12.20 -24.01
CA ASP F 209 -55.10 -10.85 -23.50
C ASP F 209 -55.41 -10.71 -22.02
N SER F 210 -56.01 -11.76 -21.46
CA SER F 210 -56.10 -11.87 -20.01
C SER F 210 -54.71 -12.11 -19.42
N GLU F 211 -54.01 -13.16 -19.88
CA GLU F 211 -52.66 -13.50 -19.45
C GLU F 211 -51.77 -12.25 -19.50
N ARG F 212 -51.92 -11.33 -20.45
CA ARG F 212 -51.20 -10.06 -20.39
C ARG F 212 -51.53 -9.18 -19.18
N LEU F 213 -52.83 -8.92 -18.95
CA LEU F 213 -53.30 -8.21 -17.78
C LEU F 213 -53.08 -8.91 -16.45
N SER F 214 -53.00 -10.23 -16.42
CA SER F 214 -52.80 -10.96 -15.17
C SER F 214 -51.45 -10.58 -14.56
N ASN F 215 -50.50 -10.56 -15.50
CA ASN F 215 -49.13 -10.14 -15.32
C ASN F 215 -48.96 -8.65 -15.01
N GLY F 216 -50.00 -7.84 -15.22
CA GLY F 216 -49.88 -6.40 -15.08
C GLY F 216 -49.22 -5.78 -16.30
N LEU F 217 -49.54 -6.35 -17.46
CA LEU F 217 -49.22 -5.73 -18.72
C LEU F 217 -50.53 -5.36 -19.41
N GLN F 218 -50.43 -4.69 -20.56
CA GLN F 218 -51.58 -4.36 -21.39
C GLN F 218 -51.94 -5.47 -22.37
N ARG F 219 -53.20 -5.50 -22.83
CA ARG F 219 -53.64 -6.31 -23.98
C ARG F 219 -52.71 -6.15 -25.19
N MET F 220 -52.65 -7.18 -26.04
CA MET F 220 -51.67 -7.21 -27.10
C MET F 220 -52.10 -6.32 -28.27
N ILE F 221 -51.16 -5.45 -28.66
CA ILE F 221 -51.32 -4.53 -29.77
C ILE F 221 -51.40 -5.14 -31.19
N PRO F 222 -52.46 -4.84 -31.97
CA PRO F 222 -52.65 -5.33 -33.36
C PRO F 222 -51.73 -4.81 -34.47
N PHE F 223 -51.47 -5.65 -35.50
CA PHE F 223 -50.61 -5.28 -36.61
C PHE F 223 -51.49 -4.52 -37.58
N HIS F 224 -51.85 -3.31 -37.17
CA HIS F 224 -52.73 -2.49 -37.94
C HIS F 224 -51.98 -1.82 -39.10
N ASN F 225 -50.70 -1.49 -38.94
CA ASN F 225 -49.95 -0.86 -40.00
C ASN F 225 -48.89 -1.88 -40.39
N PHE F 226 -48.42 -1.81 -41.63
CA PHE F 226 -47.42 -2.73 -42.16
C PHE F 226 -46.00 -2.21 -42.00
N ASP F 227 -45.84 -0.88 -41.96
CA ASP F 227 -44.54 -0.23 -41.79
C ASP F 227 -43.89 -0.66 -40.48
N GLU F 228 -44.69 -0.59 -39.41
CA GLU F 228 -44.25 -0.78 -38.03
C GLU F 228 -43.53 -2.09 -37.71
N PRO F 229 -42.30 -2.03 -37.19
CA PRO F 229 -41.46 -3.18 -36.86
C PRO F 229 -42.06 -4.34 -36.06
N LEU F 230 -41.50 -5.53 -36.29
CA LEU F 230 -41.86 -6.71 -35.55
C LEU F 230 -40.86 -6.97 -34.44
N GLU F 231 -41.42 -7.43 -33.32
CA GLU F 231 -40.71 -7.75 -32.09
C GLU F 231 -39.70 -8.87 -32.31
N GLY F 232 -38.73 -8.88 -31.38
CA GLY F 232 -37.63 -9.81 -31.41
C GLY F 232 -37.93 -11.02 -30.56
N TYR F 233 -37.50 -12.19 -31.04
CA TYR F 233 -37.76 -13.45 -30.38
C TYR F 233 -36.84 -14.57 -30.87
N ALA F 234 -36.41 -15.35 -29.87
CA ALA F 234 -35.69 -16.59 -30.09
C ALA F 234 -36.43 -17.80 -29.50
N PRO F 235 -37.04 -18.68 -30.32
CA PRO F 235 -37.82 -19.83 -29.87
C PRO F 235 -37.04 -20.86 -29.06
N HIS F 236 -35.73 -20.92 -29.33
CA HIS F 236 -34.79 -21.89 -28.78
C HIS F 236 -35.07 -23.32 -29.23
N LEU F 237 -35.34 -23.48 -30.52
CA LEU F 237 -35.80 -24.73 -31.10
C LEU F 237 -34.91 -25.13 -32.28
N THR F 238 -34.08 -26.17 -32.17
CA THR F 238 -33.38 -26.69 -33.35
C THR F 238 -34.17 -27.85 -33.92
N SER F 239 -34.26 -28.02 -35.24
CA SER F 239 -35.12 -29.02 -35.83
C SER F 239 -34.50 -30.42 -35.94
N LEU F 240 -35.17 -31.47 -35.45
CA LEU F 240 -34.64 -32.84 -35.51
C LEU F 240 -34.46 -33.42 -36.92
N VAL F 241 -34.98 -32.75 -37.95
CA VAL F 241 -34.86 -33.20 -39.32
C VAL F 241 -33.46 -33.05 -39.93
N SER F 242 -32.57 -32.30 -39.29
CA SER F 242 -31.25 -32.00 -39.81
C SER F 242 -30.42 -31.45 -38.65
N GLY F 243 -29.48 -30.52 -38.90
CA GLY F 243 -28.80 -29.82 -37.82
C GLY F 243 -29.37 -28.43 -37.57
N LEU F 244 -29.99 -27.82 -38.61
CA LEU F 244 -30.36 -26.42 -38.60
C LEU F 244 -31.46 -26.01 -37.63
N GLN F 245 -31.85 -24.72 -37.64
CA GLN F 245 -32.88 -24.26 -36.73
C GLN F 245 -33.64 -23.09 -37.33
N TYR F 246 -34.80 -22.91 -36.71
CA TYR F 246 -35.64 -21.76 -36.99
C TYR F 246 -34.82 -20.52 -36.65
N ALA F 247 -34.36 -19.85 -37.71
CA ALA F 247 -33.68 -18.56 -37.57
C ALA F 247 -34.55 -17.60 -36.78
N SER F 248 -33.99 -16.88 -35.83
CA SER F 248 -34.83 -16.22 -34.84
C SER F 248 -34.81 -14.71 -35.05
N ARG F 249 -35.92 -14.00 -34.87
CA ARG F 249 -36.04 -12.63 -35.34
C ARG F 249 -35.45 -11.62 -34.38
N PRO F 250 -34.53 -10.77 -34.81
CA PRO F 250 -34.26 -9.50 -34.14
C PRO F 250 -35.46 -8.56 -34.22
N GLU F 251 -35.50 -7.75 -33.19
CA GLU F 251 -36.44 -6.64 -33.10
C GLU F 251 -36.08 -5.53 -34.07
N GLY F 252 -37.06 -4.73 -34.47
CA GLY F 252 -36.80 -3.57 -35.30
C GLY F 252 -36.82 -3.93 -36.78
N TYR F 253 -37.69 -4.88 -37.09
CA TYR F 253 -37.80 -5.37 -38.46
C TYR F 253 -39.06 -4.99 -39.17
N SER F 254 -38.85 -4.15 -40.17
CA SER F 254 -39.85 -3.85 -41.17
C SER F 254 -40.21 -5.08 -41.98
N ILE F 255 -41.50 -5.14 -42.30
CA ILE F 255 -42.06 -6.20 -43.14
C ILE F 255 -41.43 -6.13 -44.53
N HIS F 256 -41.46 -7.20 -45.33
CA HIS F 256 -40.80 -7.16 -46.62
C HIS F 256 -41.57 -7.96 -47.65
N ASP F 257 -41.55 -7.45 -48.87
CA ASP F 257 -42.18 -8.09 -50.02
C ASP F 257 -41.64 -9.49 -50.30
N LEU F 258 -42.42 -10.25 -51.07
CA LEU F 258 -42.08 -11.64 -51.34
C LEU F 258 -41.90 -11.87 -52.84
N SER F 259 -41.19 -12.92 -53.27
CA SER F 259 -41.26 -13.36 -54.66
C SER F 259 -42.67 -13.74 -55.14
N ASP F 260 -43.58 -13.98 -54.20
CA ASP F 260 -44.98 -14.20 -54.52
C ASP F 260 -45.77 -12.88 -54.52
N VAL F 261 -45.99 -12.30 -53.35
CA VAL F 261 -46.86 -11.14 -53.20
C VAL F 261 -46.10 -9.90 -52.69
N ASP F 262 -46.43 -8.74 -53.24
CA ASP F 262 -45.95 -7.47 -52.70
C ASP F 262 -46.75 -7.08 -51.46
N VAL F 263 -46.12 -6.32 -50.55
CA VAL F 263 -46.80 -5.82 -49.34
C VAL F 263 -48.01 -4.95 -49.71
N GLN F 264 -47.83 -4.31 -50.86
CA GLN F 264 -48.89 -3.59 -51.55
C GLN F 264 -50.08 -4.47 -51.90
N ASP F 265 -50.02 -5.62 -52.60
CA ASP F 265 -51.23 -6.40 -52.94
C ASP F 265 -51.90 -6.95 -51.69
N MET F 266 -51.11 -7.14 -50.63
CA MET F 266 -51.64 -7.33 -49.28
C MET F 266 -52.49 -6.16 -48.80
N VAL F 267 -51.94 -4.93 -48.94
CA VAL F 267 -52.64 -3.71 -48.57
C VAL F 267 -53.90 -3.54 -49.42
N ARG F 268 -53.79 -3.88 -50.71
CA ARG F 268 -54.93 -3.85 -51.61
C ARG F 268 -56.08 -4.71 -51.14
N TRP F 269 -55.80 -6.03 -50.99
CA TRP F 269 -56.77 -6.98 -50.47
C TRP F 269 -57.53 -6.45 -49.26
N ARG F 270 -56.81 -5.84 -48.31
CA ARG F 270 -57.44 -5.33 -47.12
C ARG F 270 -58.50 -4.28 -47.47
N GLU F 271 -58.19 -3.35 -48.39
CA GLU F 271 -59.13 -2.30 -48.71
C GLU F 271 -60.32 -2.83 -49.49
N ARG F 272 -60.02 -3.79 -50.36
CA ARG F 272 -61.01 -4.55 -51.10
C ARG F 272 -61.95 -5.36 -50.19
N ILE F 273 -61.48 -5.80 -49.01
CA ILE F 273 -62.36 -6.43 -48.03
C ILE F 273 -63.18 -5.37 -47.29
N LEU F 274 -62.47 -4.35 -46.78
CA LEU F 274 -63.04 -3.42 -45.80
C LEU F 274 -64.17 -2.63 -46.42
N ASP F 275 -63.95 -2.25 -47.68
CA ASP F 275 -64.97 -1.63 -48.50
C ASP F 275 -66.17 -2.54 -48.70
N ALA F 276 -65.98 -3.84 -48.96
CA ALA F 276 -67.06 -4.80 -49.10
C ALA F 276 -67.88 -5.01 -47.82
N ILE F 277 -67.28 -4.79 -46.65
CA ILE F 277 -68.05 -4.71 -45.41
C ILE F 277 -68.98 -3.49 -45.46
N ASN F 278 -68.44 -2.31 -45.79
CA ASN F 278 -69.21 -1.08 -45.88
C ASN F 278 -70.33 -1.21 -46.90
N MET F 279 -70.00 -1.82 -48.05
CA MET F 279 -70.95 -2.15 -49.09
C MET F 279 -71.84 -3.33 -48.71
N HIS F 280 -71.43 -4.15 -47.74
CA HIS F 280 -72.19 -5.29 -47.24
C HIS F 280 -72.37 -6.47 -48.20
N TYR F 281 -71.42 -6.69 -49.13
CA TYR F 281 -71.50 -7.83 -50.03
C TYR F 281 -70.14 -8.33 -50.52
N ILE F 282 -70.17 -9.52 -51.17
CA ILE F 282 -69.01 -10.13 -51.81
C ILE F 282 -69.25 -10.66 -53.23
N VAL F 283 -68.20 -10.48 -54.03
CA VAL F 283 -68.17 -10.97 -55.38
C VAL F 283 -67.39 -12.27 -55.41
N ASP F 284 -68.10 -13.33 -55.74
CA ASP F 284 -67.48 -14.64 -55.89
C ASP F 284 -66.70 -14.71 -57.21
N LYS F 285 -65.96 -15.80 -57.47
CA LYS F 285 -65.27 -15.99 -58.74
C LYS F 285 -66.05 -15.99 -60.05
N ASP F 286 -67.37 -15.80 -59.95
CA ASP F 286 -68.26 -15.58 -61.09
C ASP F 286 -68.67 -14.10 -61.24
N ASN F 287 -68.33 -13.21 -60.30
CA ASN F 287 -68.69 -11.78 -60.25
C ASN F 287 -70.04 -11.42 -59.60
N ASN F 288 -70.80 -12.43 -59.18
CA ASN F 288 -72.15 -12.23 -58.64
C ASN F 288 -72.13 -11.88 -57.16
N LYS F 289 -72.89 -10.85 -56.80
CA LYS F 289 -72.88 -10.32 -55.45
C LYS F 289 -73.72 -11.16 -54.51
N ILE F 290 -73.13 -11.94 -53.59
CA ILE F 290 -73.93 -12.60 -52.55
C ILE F 290 -73.91 -11.81 -51.25
N PRO F 291 -74.95 -11.73 -50.39
CA PRO F 291 -74.99 -10.83 -49.24
C PRO F 291 -74.07 -11.12 -48.06
N LEU F 292 -73.41 -10.07 -47.52
CA LEU F 292 -72.70 -10.20 -46.25
C LEU F 292 -73.65 -10.10 -45.07
N ASP F 293 -74.30 -11.26 -45.05
CA ASP F 293 -75.45 -11.58 -44.23
C ASP F 293 -75.09 -11.58 -42.76
N ILE F 294 -76.16 -11.69 -41.97
CA ILE F 294 -76.08 -12.01 -40.57
C ILE F 294 -75.71 -13.48 -40.48
N GLU F 295 -76.43 -14.49 -41.04
CA GLU F 295 -75.96 -15.83 -40.65
C GLU F 295 -74.72 -16.21 -41.45
N HIS F 296 -74.95 -16.38 -42.76
CA HIS F 296 -74.00 -17.06 -43.66
C HIS F 296 -72.68 -16.34 -43.79
N GLY F 297 -72.78 -15.00 -43.74
CA GLY F 297 -71.69 -14.07 -43.97
C GLY F 297 -70.36 -14.45 -43.35
N THR F 298 -70.38 -15.08 -42.17
CA THR F 298 -69.12 -15.32 -41.47
C THR F 298 -68.44 -16.60 -41.90
N ASP F 299 -69.23 -17.58 -42.35
CA ASP F 299 -68.67 -18.78 -42.93
C ASP F 299 -68.10 -18.39 -44.28
N ILE F 300 -68.85 -17.57 -45.02
CA ILE F 300 -68.42 -17.14 -46.32
C ILE F 300 -67.36 -16.03 -46.35
N LEU F 301 -67.14 -15.29 -45.25
CA LEU F 301 -65.98 -14.42 -45.13
C LEU F 301 -64.77 -15.23 -44.67
N GLY F 302 -65.00 -16.23 -43.81
CA GLY F 302 -63.94 -17.08 -43.28
C GLY F 302 -63.31 -18.02 -44.29
N ASP F 303 -64.13 -18.67 -45.14
CA ASP F 303 -63.60 -19.53 -46.20
C ASP F 303 -62.73 -18.78 -47.19
N ILE F 304 -63.26 -17.62 -47.59
CA ILE F 304 -62.65 -16.63 -48.46
C ILE F 304 -61.33 -16.02 -48.00
N ILE F 305 -61.29 -15.53 -46.77
CA ILE F 305 -60.07 -14.95 -46.25
C ILE F 305 -58.92 -15.95 -46.06
N GLU F 306 -59.16 -17.17 -45.57
CA GLU F 306 -58.07 -18.00 -45.06
C GLU F 306 -56.80 -18.05 -45.94
N SER F 307 -56.79 -18.31 -47.26
CA SER F 307 -57.99 -18.55 -48.03
C SER F 307 -58.16 -20.03 -48.04
N SER F 308 -59.41 -20.40 -48.23
CA SER F 308 -59.72 -21.78 -48.43
C SER F 308 -59.91 -21.95 -49.93
N ASP F 309 -60.04 -23.20 -50.39
CA ASP F 309 -60.59 -23.48 -51.71
C ASP F 309 -62.02 -22.98 -51.77
N GLU F 310 -62.72 -23.10 -50.62
CA GLU F 310 -64.05 -22.52 -50.45
C GLU F 310 -64.09 -21.02 -50.66
N SER F 311 -62.94 -20.32 -50.64
CA SER F 311 -62.83 -18.97 -51.16
C SER F 311 -63.42 -18.74 -52.55
N LYS F 312 -64.63 -18.23 -52.33
CA LYS F 312 -65.45 -17.66 -53.35
C LYS F 312 -64.70 -16.53 -53.98
N ASN F 313 -63.90 -15.58 -53.41
CA ASN F 313 -62.87 -15.09 -54.28
C ASN F 313 -61.49 -15.12 -53.62
N VAL F 314 -60.58 -15.59 -54.46
CA VAL F 314 -59.20 -15.80 -54.08
C VAL F 314 -58.29 -14.68 -54.56
N GLU F 315 -58.35 -14.22 -55.82
CA GLU F 315 -57.43 -13.19 -56.32
C GLU F 315 -57.71 -11.80 -55.74
N TYR F 316 -59.03 -11.66 -55.62
CA TYR F 316 -59.62 -10.44 -55.17
C TYR F 316 -59.46 -10.27 -53.67
N TYR F 317 -59.73 -11.25 -52.81
CA TYR F 317 -59.58 -11.07 -51.37
C TYR F 317 -58.25 -11.60 -50.83
N GLY F 318 -57.49 -12.29 -51.69
CA GLY F 318 -56.21 -12.86 -51.31
C GLY F 318 -56.37 -14.14 -50.50
N SER F 319 -55.38 -14.33 -49.64
CA SER F 319 -55.44 -15.23 -48.49
C SER F 319 -54.84 -14.45 -47.31
N LEU F 320 -55.36 -13.27 -46.99
CA LEU F 320 -54.63 -12.21 -46.29
C LEU F 320 -54.02 -12.69 -44.97
N HIS F 321 -54.81 -13.57 -44.33
CA HIS F 321 -54.43 -14.27 -43.12
C HIS F 321 -53.14 -15.08 -43.26
N ASN F 322 -53.15 -16.05 -44.18
CA ASN F 322 -52.00 -16.92 -44.46
C ASN F 322 -50.82 -16.11 -44.97
N TRP F 323 -51.12 -15.23 -45.93
CA TRP F 323 -50.09 -14.45 -46.57
C TRP F 323 -49.30 -13.63 -45.58
N GLY F 324 -49.95 -12.91 -44.66
CA GLY F 324 -49.25 -12.20 -43.57
C GLY F 324 -48.30 -13.08 -42.78
N HIS F 325 -48.70 -14.35 -42.64
CA HIS F 325 -47.83 -15.34 -42.02
C HIS F 325 -46.54 -15.54 -42.78
N VAL F 326 -46.51 -15.64 -44.12
CA VAL F 326 -45.24 -15.83 -44.85
C VAL F 326 -44.32 -14.66 -44.51
N MET F 327 -44.78 -13.45 -44.90
CA MET F 327 -44.03 -12.22 -44.66
C MET F 327 -43.62 -11.99 -43.21
N MET F 328 -44.43 -12.33 -42.19
CA MET F 328 -44.03 -12.11 -40.80
C MET F 328 -42.99 -13.10 -40.27
N ALA F 329 -42.81 -14.20 -41.01
CA ALA F 329 -41.98 -15.33 -40.58
C ALA F 329 -40.70 -15.47 -41.40
N ASN F 330 -40.78 -15.08 -42.67
CA ASN F 330 -39.57 -14.88 -43.46
C ASN F 330 -39.05 -13.45 -43.39
N ILE F 331 -39.30 -12.80 -42.26
CA ILE F 331 -38.84 -11.48 -41.87
C ILE F 331 -37.32 -11.32 -41.79
N THR F 332 -36.63 -12.45 -41.87
CA THR F 332 -35.19 -12.50 -41.94
C THR F 332 -34.76 -12.39 -43.41
N ASP F 333 -35.58 -12.95 -44.29
CA ASP F 333 -35.15 -13.41 -45.59
C ASP F 333 -36.33 -13.76 -46.51
N PRO F 334 -37.08 -12.79 -47.08
CA PRO F 334 -38.12 -13.09 -48.07
C PRO F 334 -37.57 -13.54 -49.42
N ASP F 335 -36.56 -12.83 -49.95
CA ASP F 335 -35.83 -13.15 -51.17
C ASP F 335 -35.29 -14.59 -51.13
N HIS F 336 -34.91 -15.07 -49.94
CA HIS F 336 -34.57 -16.46 -49.67
C HIS F 336 -33.28 -17.02 -50.25
N ARG F 337 -32.48 -16.11 -50.80
CA ARG F 337 -31.07 -16.30 -51.15
C ARG F 337 -30.22 -17.09 -50.14
N PHE F 338 -30.54 -16.85 -48.88
CA PHE F 338 -29.80 -17.37 -47.73
C PHE F 338 -30.28 -18.73 -47.23
N GLN F 339 -31.48 -19.20 -47.54
CA GLN F 339 -31.93 -20.54 -47.13
C GLN F 339 -32.09 -20.77 -45.60
N GLU F 340 -32.17 -19.69 -44.81
CA GLU F 340 -32.46 -19.80 -43.37
C GLU F 340 -33.84 -20.37 -43.11
N ASN F 341 -33.90 -21.34 -42.18
CA ASN F 341 -35.17 -21.94 -41.76
C ASN F 341 -36.00 -20.84 -41.12
N PRO F 342 -37.19 -20.49 -41.65
CA PRO F 342 -37.99 -19.35 -41.21
C PRO F 342 -38.43 -19.28 -39.74
N GLY F 343 -38.93 -18.12 -39.36
CA GLY F 343 -39.58 -17.91 -38.08
C GLY F 343 -40.83 -18.77 -37.91
N VAL F 344 -41.00 -19.19 -36.66
CA VAL F 344 -42.03 -20.13 -36.20
C VAL F 344 -43.49 -19.90 -36.59
N MET F 345 -43.81 -18.78 -37.24
CA MET F 345 -45.14 -18.44 -37.72
C MET F 345 -45.49 -19.23 -39.00
N SER F 346 -44.51 -19.88 -39.62
CA SER F 346 -44.65 -20.66 -40.86
C SER F 346 -45.41 -21.98 -40.80
N ASP F 347 -45.53 -22.45 -39.56
CA ASP F 347 -46.18 -23.69 -39.20
C ASP F 347 -47.21 -23.33 -38.13
N THR F 348 -48.22 -24.19 -38.02
CA THR F 348 -49.26 -23.97 -37.06
C THR F 348 -48.88 -24.52 -35.68
N SER F 349 -48.00 -25.51 -35.54
CA SER F 349 -47.60 -26.04 -34.23
C SER F 349 -46.63 -25.14 -33.43
N THR F 350 -45.77 -24.40 -34.13
CA THR F 350 -44.82 -23.50 -33.48
C THR F 350 -45.35 -22.11 -33.16
N SER F 351 -46.05 -21.57 -34.15
CA SER F 351 -46.73 -20.28 -34.11
C SER F 351 -47.00 -19.51 -32.82
N LEU F 352 -47.38 -20.09 -31.67
CA LEU F 352 -47.94 -19.29 -30.59
C LEU F 352 -46.96 -18.74 -29.58
N ARG F 353 -45.70 -19.19 -29.69
CA ARG F 353 -44.63 -18.71 -28.83
C ARG F 353 -44.18 -17.27 -29.09
N ASP F 354 -44.01 -17.01 -30.39
CA ASP F 354 -43.55 -15.75 -30.96
C ASP F 354 -44.61 -14.68 -30.77
N PRO F 355 -44.27 -13.61 -30.01
CA PRO F 355 -45.17 -12.54 -29.59
C PRO F 355 -45.93 -11.82 -30.70
N ILE F 356 -45.32 -11.69 -31.88
CA ILE F 356 -45.96 -11.04 -33.02
C ILE F 356 -47.21 -11.79 -33.49
N PHE F 357 -47.28 -13.09 -33.19
CA PHE F 357 -48.44 -13.93 -33.55
C PHE F 357 -49.79 -13.28 -33.30
N TYR F 358 -49.88 -12.72 -32.09
CA TYR F 358 -51.08 -12.08 -31.60
C TYR F 358 -51.28 -10.72 -32.25
N ARG F 359 -50.21 -10.03 -32.66
CA ARG F 359 -50.30 -8.74 -33.33
C ARG F 359 -51.08 -8.92 -34.63
N TRP F 360 -50.77 -9.94 -35.44
CA TRP F 360 -51.57 -10.25 -36.62
C TRP F 360 -52.98 -10.77 -36.27
N HIS F 361 -53.18 -11.40 -35.11
CA HIS F 361 -54.45 -12.05 -34.84
C HIS F 361 -55.50 -11.16 -34.23
N ARG F 362 -55.05 -10.06 -33.64
CA ARG F 362 -55.97 -8.99 -33.36
C ARG F 362 -56.28 -8.26 -34.65
N PHE F 363 -55.32 -8.20 -35.59
CA PHE F 363 -55.52 -7.49 -36.85
C PHE F 363 -56.66 -8.13 -37.61
N ILE F 364 -56.55 -9.43 -37.90
CA ILE F 364 -57.64 -10.15 -38.56
C ILE F 364 -58.93 -10.09 -37.75
N ASP F 365 -58.82 -10.20 -36.43
CA ASP F 365 -59.94 -10.01 -35.52
C ASP F 365 -60.58 -8.64 -35.71
N ASN F 366 -59.77 -7.60 -35.93
CA ASN F 366 -60.25 -6.23 -36.16
C ASN F 366 -61.09 -6.16 -37.41
N ILE F 367 -60.75 -6.92 -38.45
CA ILE F 367 -61.60 -7.01 -39.63
C ILE F 367 -62.93 -7.67 -39.25
N PHE F 368 -62.88 -8.83 -38.59
CA PHE F 368 -64.10 -9.53 -38.18
C PHE F 368 -65.00 -8.70 -37.28
N GLN F 369 -64.33 -7.95 -36.40
CA GLN F 369 -64.95 -6.96 -35.53
C GLN F 369 -65.60 -5.88 -36.37
N GLU F 370 -65.07 -5.40 -37.50
CA GLU F 370 -65.83 -4.48 -38.33
C GLU F 370 -67.13 -5.09 -38.85
N HIS F 371 -67.07 -6.37 -39.23
CA HIS F 371 -68.25 -6.97 -39.83
C HIS F 371 -69.37 -7.16 -38.82
N LYS F 372 -68.99 -7.67 -37.64
CA LYS F 372 -69.85 -7.68 -36.47
C LYS F 372 -70.26 -6.27 -36.07
N LYS F 373 -69.37 -5.27 -36.13
CA LYS F 373 -69.65 -3.87 -35.82
C LYS F 373 -70.67 -3.17 -36.69
N SER F 374 -70.73 -3.46 -38.01
CA SER F 374 -71.81 -2.90 -38.82
C SER F 374 -73.15 -3.58 -38.52
N PHE F 375 -73.13 -4.81 -38.00
CA PHE F 375 -74.34 -5.37 -37.41
C PHE F 375 -74.68 -4.63 -36.11
N HIS F 376 -75.96 -4.62 -35.77
CA HIS F 376 -76.44 -3.81 -34.65
C HIS F 376 -76.39 -4.48 -33.29
N PRO F 377 -76.19 -3.73 -32.18
CA PRO F 377 -76.27 -4.21 -30.80
C PRO F 377 -77.51 -5.04 -30.47
N TYR F 378 -77.51 -5.71 -29.32
CA TYR F 378 -78.63 -6.57 -28.97
C TYR F 378 -79.75 -5.90 -28.21
N THR F 379 -80.97 -6.05 -28.70
CA THR F 379 -82.15 -5.59 -28.00
C THR F 379 -82.24 -6.32 -26.67
N LYS F 380 -82.78 -5.65 -25.64
CA LYS F 380 -83.08 -6.27 -24.37
C LYS F 380 -84.04 -7.45 -24.54
N GLU F 381 -85.00 -7.29 -25.47
CA GLU F 381 -85.89 -8.32 -25.95
C GLU F 381 -85.10 -9.57 -26.30
N GLU F 382 -84.20 -9.40 -27.28
CA GLU F 382 -83.30 -10.44 -27.77
C GLU F 382 -82.45 -11.06 -26.68
N LEU F 383 -81.95 -10.24 -25.76
CA LEU F 383 -81.16 -10.73 -24.64
C LEU F 383 -81.94 -11.48 -23.54
N SER F 384 -83.26 -11.38 -23.58
CA SER F 384 -84.09 -11.92 -22.51
C SER F 384 -84.80 -13.24 -22.73
N PHE F 385 -84.27 -14.18 -21.96
CA PHE F 385 -84.90 -15.43 -21.67
C PHE F 385 -86.02 -15.10 -20.68
N PRO F 386 -87.28 -15.12 -21.12
CA PRO F 386 -88.42 -14.64 -20.35
C PRO F 386 -88.65 -15.44 -19.09
N GLY F 387 -88.83 -14.82 -17.93
CA GLY F 387 -89.36 -15.50 -16.75
C GLY F 387 -88.31 -16.10 -15.84
N VAL F 388 -87.17 -16.59 -16.32
CA VAL F 388 -86.17 -17.25 -15.48
C VAL F 388 -85.29 -16.19 -14.82
N GLU F 389 -85.17 -16.15 -13.48
CA GLU F 389 -84.29 -15.15 -12.86
C GLU F 389 -83.05 -15.75 -12.22
N VAL F 390 -81.87 -15.42 -12.73
CA VAL F 390 -80.58 -15.73 -12.15
C VAL F 390 -80.40 -15.01 -10.82
N VAL F 391 -80.76 -15.68 -9.73
CA VAL F 391 -80.66 -15.12 -8.38
C VAL F 391 -79.19 -15.07 -7.95
N GLY F 392 -78.27 -15.68 -8.71
CA GLY F 392 -76.85 -15.46 -8.48
C GLY F 392 -76.02 -16.69 -8.80
N VAL F 393 -74.70 -16.52 -8.73
CA VAL F 393 -73.72 -17.58 -8.90
C VAL F 393 -72.69 -17.34 -7.79
N SER F 394 -71.74 -18.26 -7.52
CA SER F 394 -70.56 -18.11 -6.66
C SER F 394 -69.62 -19.27 -6.98
N ILE F 395 -68.29 -19.20 -6.84
CA ILE F 395 -67.47 -20.36 -7.16
C ILE F 395 -66.85 -20.90 -5.88
N ASN F 396 -66.91 -22.21 -5.61
CA ASN F 396 -66.25 -22.75 -4.43
C ASN F 396 -65.06 -23.60 -4.81
N SER F 397 -63.86 -23.07 -4.64
CA SER F 397 -62.62 -23.81 -4.86
C SER F 397 -62.22 -24.45 -3.53
N LYS F 398 -61.05 -24.19 -2.95
CA LYS F 398 -60.84 -24.38 -1.52
C LYS F 398 -61.63 -23.42 -0.65
N THR F 399 -61.88 -22.21 -1.16
CA THR F 399 -62.65 -21.19 -0.49
C THR F 399 -63.67 -20.64 -1.50
N ALA F 400 -64.58 -19.72 -1.12
CA ALA F 400 -65.43 -19.04 -2.09
C ALA F 400 -64.69 -17.98 -2.92
N ASN F 401 -65.13 -17.80 -4.16
CA ASN F 401 -64.70 -16.75 -5.08
C ASN F 401 -63.22 -16.45 -5.28
N VAL F 402 -62.39 -17.47 -5.05
CA VAL F 402 -61.01 -17.47 -5.50
C VAL F 402 -60.85 -18.72 -6.35
N ILE F 403 -60.02 -18.80 -7.38
CA ILE F 403 -59.55 -20.08 -7.85
C ILE F 403 -58.04 -19.99 -7.65
N THR F 404 -57.35 -21.10 -7.43
CA THR F 404 -55.94 -21.02 -7.16
C THR F 404 -55.14 -21.88 -8.11
N THR F 405 -54.26 -21.21 -8.83
CA THR F 405 -53.55 -21.77 -9.96
C THR F 405 -52.24 -22.34 -9.46
N LEU F 406 -51.61 -23.28 -10.15
CA LEU F 406 -50.43 -23.92 -9.61
C LEU F 406 -49.40 -24.02 -10.72
N ILE F 407 -48.22 -24.50 -10.34
CA ILE F 407 -47.26 -25.03 -11.29
C ILE F 407 -47.31 -26.56 -11.23
N LYS F 408 -47.29 -27.26 -12.36
CA LYS F 408 -47.13 -28.70 -12.37
C LYS F 408 -46.03 -29.06 -13.35
N GLU F 409 -44.97 -29.64 -12.78
CA GLU F 409 -43.91 -30.26 -13.54
C GLU F 409 -44.44 -31.48 -14.27
N SER F 410 -43.91 -31.80 -15.44
CA SER F 410 -44.49 -32.84 -16.26
C SER F 410 -43.48 -33.38 -17.27
N LEU F 411 -43.88 -34.34 -18.09
CA LEU F 411 -42.97 -35.06 -18.98
C LEU F 411 -43.49 -35.10 -20.42
N LEU F 412 -42.60 -35.42 -21.34
CA LEU F 412 -42.88 -35.57 -22.75
C LEU F 412 -41.79 -36.51 -23.23
N GLU F 413 -42.21 -37.59 -23.89
CA GLU F 413 -41.30 -38.70 -24.16
C GLU F 413 -40.56 -38.55 -25.49
N LEU F 414 -39.32 -38.08 -25.44
CA LEU F 414 -38.58 -37.73 -26.65
C LEU F 414 -38.30 -38.94 -27.55
N SER F 415 -38.02 -40.10 -26.98
CA SER F 415 -37.88 -41.42 -27.61
C SER F 415 -38.66 -41.77 -28.87
N HIS F 416 -39.93 -41.37 -28.83
CA HIS F 416 -40.82 -41.62 -29.94
C HIS F 416 -40.34 -40.80 -31.13
N GLY F 417 -40.06 -39.52 -30.87
CA GLY F 417 -39.61 -38.58 -31.88
C GLY F 417 -38.17 -38.79 -32.28
N ILE F 418 -37.21 -38.81 -31.36
CA ILE F 418 -35.83 -38.94 -31.81
C ILE F 418 -35.29 -40.33 -31.50
N ASN F 419 -34.10 -40.65 -32.00
CA ASN F 419 -33.52 -41.98 -31.78
C ASN F 419 -32.84 -42.12 -30.42
N PHE F 420 -33.51 -42.82 -29.50
CA PHE F 420 -32.88 -43.22 -28.24
C PHE F 420 -31.66 -44.10 -28.48
N GLY F 421 -31.78 -44.98 -29.47
CA GLY F 421 -30.73 -45.92 -29.83
C GLY F 421 -30.62 -47.07 -28.85
N THR F 422 -30.37 -46.70 -27.58
CA THR F 422 -30.29 -47.62 -26.47
C THR F 422 -31.45 -47.57 -25.50
N ASP F 423 -31.54 -46.48 -24.73
CA ASP F 423 -32.33 -46.43 -23.49
C ASP F 423 -33.82 -46.63 -23.64
N GLN F 424 -34.52 -46.72 -22.51
CA GLN F 424 -35.98 -46.76 -22.57
C GLN F 424 -36.61 -45.49 -23.08
N SER F 425 -36.28 -44.35 -22.48
CA SER F 425 -37.11 -43.18 -22.56
C SER F 425 -36.19 -42.01 -22.29
N VAL F 426 -36.35 -40.96 -23.07
CA VAL F 426 -35.62 -39.73 -22.85
C VAL F 426 -36.72 -38.74 -22.55
N LYS F 427 -36.70 -38.13 -21.38
CA LYS F 427 -37.88 -37.40 -20.94
C LYS F 427 -37.45 -35.98 -20.76
N VAL F 428 -38.28 -35.06 -21.24
CA VAL F 428 -38.15 -33.65 -20.89
C VAL F 428 -39.19 -33.22 -19.85
N LYS F 429 -38.68 -33.03 -18.63
CA LYS F 429 -39.44 -32.48 -17.52
C LYS F 429 -39.69 -31.01 -17.79
N TYR F 430 -40.94 -30.63 -18.07
CA TYR F 430 -41.26 -29.21 -18.21
C TYR F 430 -42.10 -28.73 -17.03
N HIS F 431 -42.44 -27.44 -16.93
CA HIS F 431 -43.23 -26.91 -15.82
C HIS F 431 -44.36 -26.10 -16.43
N HIS F 432 -45.62 -26.38 -16.06
CA HIS F 432 -46.75 -25.68 -16.67
C HIS F 432 -47.72 -25.10 -15.63
N LEU F 433 -48.50 -24.09 -16.00
CA LEU F 433 -49.49 -23.44 -15.14
C LEU F 433 -50.67 -24.40 -15.00
N ASP F 434 -51.43 -24.39 -13.91
CA ASP F 434 -52.62 -25.21 -13.78
C ASP F 434 -53.63 -24.42 -12.95
N HIS F 435 -54.61 -25.06 -12.33
CA HIS F 435 -55.62 -24.36 -11.56
C HIS F 435 -56.26 -25.36 -10.61
N GLU F 436 -56.81 -24.91 -9.49
CA GLU F 436 -57.69 -25.72 -8.66
C GLU F 436 -58.98 -26.03 -9.40
N PRO F 437 -59.63 -27.19 -9.16
CA PRO F 437 -61.01 -27.48 -9.56
C PRO F 437 -61.98 -26.54 -8.88
N PHE F 438 -63.22 -26.38 -9.35
CA PHE F 438 -64.14 -25.44 -8.73
C PHE F 438 -65.52 -25.74 -9.26
N THR F 439 -66.53 -25.15 -8.65
CA THR F 439 -67.87 -25.33 -9.14
C THR F 439 -68.57 -24.01 -9.34
N TYR F 440 -69.60 -24.02 -10.18
CA TYR F 440 -70.56 -22.93 -10.22
C TYR F 440 -71.68 -23.38 -9.31
N ASN F 441 -72.20 -22.55 -8.42
CA ASN F 441 -73.47 -22.81 -7.79
C ASN F 441 -74.28 -21.64 -8.35
N ILE F 442 -75.35 -21.90 -9.11
CA ILE F 442 -76.13 -20.86 -9.76
C ILE F 442 -77.59 -21.03 -9.33
N VAL F 443 -78.17 -19.97 -8.76
CA VAL F 443 -79.53 -19.95 -8.24
C VAL F 443 -80.45 -19.20 -9.21
N VAL F 444 -81.70 -19.69 -9.36
CA VAL F 444 -82.67 -19.22 -10.34
C VAL F 444 -84.10 -19.12 -9.77
N GLU F 445 -84.92 -18.12 -10.10
CA GLU F 445 -86.35 -18.12 -9.86
C GLU F 445 -87.09 -18.32 -11.18
N ASN F 446 -87.48 -19.58 -11.46
CA ASN F 446 -88.29 -19.89 -12.63
C ASN F 446 -89.77 -19.62 -12.36
N ASN F 447 -90.11 -18.33 -12.54
CA ASN F 447 -91.45 -17.79 -12.29
C ASN F 447 -92.57 -18.53 -13.01
N SER F 448 -92.25 -19.01 -14.21
CA SER F 448 -93.21 -19.71 -15.04
C SER F 448 -93.59 -21.06 -14.45
N GLY F 449 -94.89 -21.35 -14.39
CA GLY F 449 -95.35 -22.66 -13.94
C GLY F 449 -94.79 -23.84 -14.74
N ALA F 450 -94.28 -23.63 -15.96
CA ALA F 450 -93.60 -24.67 -16.69
C ALA F 450 -92.10 -24.69 -16.41
N GLU F 451 -91.59 -25.92 -16.34
CA GLU F 451 -90.17 -26.23 -16.44
C GLU F 451 -89.48 -25.55 -17.63
N LYS F 452 -88.36 -24.88 -17.39
CA LYS F 452 -87.60 -24.28 -18.48
C LYS F 452 -86.32 -25.03 -18.89
N HIS F 453 -86.12 -25.21 -20.20
CA HIS F 453 -84.89 -25.81 -20.70
C HIS F 453 -83.98 -24.67 -21.12
N SER F 454 -82.76 -24.55 -20.59
CA SER F 454 -81.86 -23.45 -20.93
C SER F 454 -80.58 -23.85 -21.65
N THR F 455 -79.90 -22.89 -22.29
CA THR F 455 -78.50 -23.02 -22.64
C THR F 455 -77.79 -21.89 -21.90
N VAL F 456 -76.87 -22.31 -21.02
CA VAL F 456 -76.11 -21.48 -20.09
C VAL F 456 -74.68 -21.22 -20.59
N ARG F 457 -74.43 -19.98 -21.04
CA ARG F 457 -73.16 -19.59 -21.64
C ARG F 457 -72.39 -18.93 -20.49
N ILE F 458 -71.25 -19.40 -19.98
CA ILE F 458 -70.62 -18.78 -18.82
C ILE F 458 -69.29 -18.17 -19.27
N PHE F 459 -68.89 -16.99 -18.80
CA PHE F 459 -67.73 -16.27 -19.30
C PHE F 459 -66.79 -15.82 -18.17
N LEU F 460 -65.54 -15.57 -18.56
CA LEU F 460 -64.50 -15.01 -17.71
C LEU F 460 -63.83 -13.86 -18.47
N ALA F 461 -63.83 -12.69 -17.84
CA ALA F 461 -63.11 -11.52 -18.34
C ALA F 461 -62.29 -10.94 -17.20
N PRO F 462 -61.50 -9.87 -17.35
CA PRO F 462 -60.97 -9.06 -16.24
C PRO F 462 -61.76 -7.84 -15.79
N LYS F 463 -61.80 -7.67 -14.47
CA LYS F 463 -62.57 -6.62 -13.83
C LYS F 463 -61.77 -5.32 -13.73
N TYR F 464 -60.46 -5.47 -13.52
CA TYR F 464 -59.51 -4.36 -13.60
C TYR F 464 -59.09 -3.96 -15.01
N ASP F 465 -58.66 -2.72 -15.22
CA ASP F 465 -57.90 -2.42 -16.41
C ASP F 465 -56.43 -2.34 -15.99
N GLU F 466 -55.62 -1.83 -16.91
CA GLU F 466 -54.26 -1.45 -16.61
C GLU F 466 -54.18 0.06 -16.39
N LEU F 467 -55.36 0.71 -16.32
CA LEU F 467 -55.47 2.05 -15.79
C LEU F 467 -55.99 2.01 -14.36
N ASN F 468 -57.27 1.67 -14.16
CA ASN F 468 -57.86 1.47 -12.82
C ASN F 468 -58.99 0.46 -13.04
N ASN F 469 -59.90 0.17 -12.12
CA ASN F 469 -60.98 -0.78 -12.31
C ASN F 469 -62.09 -0.26 -13.23
N LYS F 470 -62.13 -0.56 -14.55
CA LYS F 470 -63.18 -0.02 -15.42
C LYS F 470 -63.95 -0.99 -16.33
N LEU F 471 -65.17 -1.32 -15.90
CA LEU F 471 -66.02 -2.36 -16.52
C LEU F 471 -66.72 -2.05 -17.86
N GLU F 472 -65.95 -1.43 -18.75
CA GLU F 472 -66.35 -1.15 -20.11
C GLU F 472 -66.42 -2.44 -20.92
N PRO F 473 -67.66 -2.94 -21.10
CA PRO F 473 -67.93 -4.26 -21.63
C PRO F 473 -67.60 -4.37 -23.10
N ASP F 474 -67.69 -3.30 -23.89
CA ASP F 474 -67.26 -3.37 -25.29
C ASP F 474 -65.77 -3.58 -25.38
N GLU F 475 -64.97 -2.84 -24.60
CA GLU F 475 -63.57 -3.13 -24.36
C GLU F 475 -63.36 -4.54 -23.83
N GLN F 476 -64.18 -4.99 -22.88
CA GLN F 476 -64.04 -6.32 -22.32
C GLN F 476 -64.38 -7.43 -23.29
N ARG F 477 -65.16 -7.22 -24.35
CA ARG F 477 -65.47 -8.27 -25.32
C ARG F 477 -64.28 -8.90 -26.01
N ARG F 478 -63.17 -8.15 -26.06
CA ARG F 478 -61.94 -8.70 -26.60
C ARG F 478 -61.31 -9.70 -25.64
N LEU F 479 -61.58 -9.56 -24.34
CA LEU F 479 -60.98 -10.34 -23.27
C LEU F 479 -61.87 -11.50 -22.85
N PHE F 480 -63.18 -11.24 -22.91
CA PHE F 480 -64.24 -12.20 -22.59
C PHE F 480 -64.02 -13.59 -23.14
N ILE F 481 -63.93 -14.59 -22.26
CA ILE F 481 -63.73 -15.96 -22.66
C ILE F 481 -64.85 -16.85 -22.13
N GLU F 482 -65.38 -17.68 -23.01
CA GLU F 482 -66.45 -18.59 -22.67
C GLU F 482 -65.83 -19.74 -21.90
N LEU F 483 -66.22 -19.89 -20.64
CA LEU F 483 -65.74 -20.93 -19.77
C LEU F 483 -66.57 -22.20 -19.89
N ASP F 484 -67.84 -22.14 -20.31
CA ASP F 484 -68.72 -23.29 -20.28
C ASP F 484 -69.97 -22.94 -21.09
N LYS F 485 -70.68 -23.95 -21.58
CA LYS F 485 -71.95 -23.76 -22.27
C LYS F 485 -72.75 -25.06 -22.18
N PHE F 486 -73.85 -25.09 -21.43
CA PHE F 486 -74.64 -26.32 -21.30
C PHE F 486 -76.16 -26.17 -21.40
N PHE F 487 -76.87 -27.30 -21.42
CA PHE F 487 -78.32 -27.39 -21.37
C PHE F 487 -78.68 -27.93 -19.99
N TYR F 488 -79.61 -27.29 -19.30
CA TYR F 488 -80.19 -27.83 -18.09
C TYR F 488 -81.70 -27.63 -18.19
N THR F 489 -82.44 -28.33 -17.33
CA THR F 489 -83.88 -28.19 -17.23
C THR F 489 -84.15 -27.74 -15.81
N LEU F 490 -85.07 -26.78 -15.75
CA LEU F 490 -85.32 -25.98 -14.58
C LEU F 490 -86.80 -26.04 -14.22
N THR F 491 -87.09 -26.67 -13.09
CA THR F 491 -88.45 -26.75 -12.60
C THR F 491 -88.95 -25.37 -12.16
N PRO F 492 -90.23 -25.11 -11.84
CA PRO F 492 -90.67 -23.85 -11.25
C PRO F 492 -89.94 -23.53 -9.95
N GLY F 493 -89.87 -22.23 -9.65
CA GLY F 493 -89.35 -21.73 -8.39
C GLY F 493 -87.83 -21.67 -8.33
N LYS F 494 -87.33 -21.74 -7.08
CA LYS F 494 -85.91 -21.70 -6.77
C LYS F 494 -85.18 -22.90 -7.34
N ASN F 495 -84.23 -22.65 -8.24
CA ASN F 495 -83.44 -23.72 -8.81
C ASN F 495 -81.99 -23.39 -8.52
N THR F 496 -81.26 -24.48 -8.26
CA THR F 496 -79.82 -24.42 -8.22
C THR F 496 -79.27 -25.38 -9.27
N ILE F 497 -78.22 -24.94 -9.94
CA ILE F 497 -77.48 -25.80 -10.85
C ILE F 497 -76.10 -25.80 -10.21
N VAL F 498 -75.37 -26.92 -10.21
CA VAL F 498 -74.01 -26.98 -9.69
C VAL F 498 -73.18 -27.59 -10.81
N ARG F 499 -72.03 -27.03 -11.18
CA ARG F 499 -71.35 -27.47 -12.38
C ARG F 499 -69.87 -27.46 -12.11
N ASN F 500 -69.23 -28.64 -12.22
CA ASN F 500 -67.84 -28.82 -11.82
C ASN F 500 -66.88 -28.53 -12.95
N HIS F 501 -65.73 -27.95 -12.64
CA HIS F 501 -64.71 -27.59 -13.62
C HIS F 501 -64.49 -28.45 -14.86
N GLN F 502 -64.51 -29.78 -14.74
CA GLN F 502 -63.98 -30.73 -15.73
C GLN F 502 -64.68 -30.72 -17.08
N ASP F 503 -65.99 -30.58 -16.84
CA ASP F 503 -67.04 -30.69 -17.84
C ASP F 503 -67.26 -29.37 -18.58
N SER F 504 -66.24 -28.50 -18.55
CA SER F 504 -66.15 -27.34 -19.41
C SER F 504 -66.27 -27.74 -20.88
N SER F 505 -67.14 -27.09 -21.64
CA SER F 505 -67.26 -27.40 -23.05
C SER F 505 -66.16 -26.95 -24.00
N VAL F 506 -64.98 -26.51 -23.55
CA VAL F 506 -63.90 -26.00 -24.40
C VAL F 506 -62.64 -26.91 -24.49
N THR F 507 -62.63 -27.80 -23.50
CA THR F 507 -61.45 -28.54 -23.09
C THR F 507 -61.23 -29.95 -23.62
N ILE F 508 -59.96 -30.31 -23.71
CA ILE F 508 -59.63 -31.72 -23.63
C ILE F 508 -59.57 -32.09 -22.15
N SER F 509 -60.12 -33.27 -21.87
CA SER F 509 -59.83 -33.91 -20.60
C SER F 509 -58.64 -34.85 -20.76
N LYS F 510 -58.86 -36.06 -21.30
CA LYS F 510 -57.77 -37.02 -21.43
C LYS F 510 -57.12 -36.98 -22.80
N VAL F 511 -55.93 -36.36 -22.73
CA VAL F 511 -54.90 -36.51 -23.76
C VAL F 511 -54.45 -37.96 -23.94
N ARG F 512 -53.92 -38.35 -25.11
CA ARG F 512 -53.51 -39.74 -25.33
C ARG F 512 -52.06 -39.80 -25.80
N THR F 513 -51.26 -40.56 -25.06
CA THR F 513 -49.88 -40.77 -25.44
C THR F 513 -49.80 -41.95 -26.42
N PHE F 514 -48.78 -41.88 -27.29
CA PHE F 514 -48.42 -42.92 -28.26
C PHE F 514 -48.34 -44.30 -27.64
N ASP F 515 -47.92 -44.34 -26.38
CA ASP F 515 -47.88 -45.58 -25.62
C ASP F 515 -49.22 -46.24 -25.37
N GLN F 516 -50.21 -45.45 -24.95
CA GLN F 516 -51.55 -46.00 -24.74
C GLN F 516 -52.13 -46.43 -26.10
N LEU F 517 -51.88 -45.67 -27.16
CA LEU F 517 -52.21 -46.07 -28.52
C LEU F 517 -51.60 -47.41 -28.97
N GLY F 518 -50.36 -47.71 -28.56
CA GLY F 518 -49.79 -49.05 -28.70
C GLY F 518 -50.63 -50.18 -28.08
N ALA F 519 -51.52 -49.87 -27.14
CA ALA F 519 -52.45 -50.82 -26.57
C ALA F 519 -53.91 -50.42 -26.82
N GLY F 520 -54.60 -49.69 -25.95
CA GLY F 520 -55.96 -49.25 -26.22
C GLY F 520 -56.79 -48.99 -24.97
N GLU F 521 -57.53 -47.88 -25.04
CA GLU F 521 -58.53 -47.49 -24.05
C GLU F 521 -59.83 -47.22 -24.80
N GLY F 522 -60.95 -47.31 -24.10
CA GLY F 522 -62.23 -47.09 -24.74
C GLY F 522 -62.79 -45.71 -24.43
N VAL F 523 -62.43 -44.65 -25.16
CA VAL F 523 -63.09 -43.37 -24.98
C VAL F 523 -64.11 -43.25 -26.09
N SER F 524 -63.66 -43.38 -27.33
CA SER F 524 -64.31 -44.29 -28.27
C SER F 524 -63.23 -44.42 -29.34
N GLU F 525 -63.47 -44.06 -30.60
CA GLU F 525 -62.47 -44.18 -31.63
C GLU F 525 -62.95 -43.23 -32.71
N ASP F 526 -62.51 -41.97 -32.67
CA ASP F 526 -62.78 -40.99 -33.71
C ASP F 526 -61.37 -40.49 -34.05
N SER F 527 -60.82 -39.27 -34.23
CA SER F 527 -59.47 -39.21 -34.79
C SER F 527 -58.40 -38.18 -34.43
N THR F 528 -57.97 -37.10 -35.09
CA THR F 528 -57.07 -36.11 -34.46
C THR F 528 -57.64 -35.18 -33.42
N GLU F 529 -58.96 -34.99 -33.34
CA GLU F 529 -59.53 -34.37 -32.16
C GLU F 529 -59.41 -35.24 -30.92
N TYR F 530 -60.19 -36.31 -30.78
CA TYR F 530 -60.13 -37.36 -29.76
C TYR F 530 -59.45 -37.15 -28.39
N CYS F 531 -58.19 -36.69 -28.39
CA CYS F 531 -57.39 -36.61 -27.18
C CYS F 531 -56.23 -35.64 -27.40
N SER F 532 -56.50 -34.62 -28.21
CA SER F 532 -55.46 -33.80 -28.81
C SER F 532 -55.94 -32.40 -29.23
N CYS F 533 -57.21 -32.30 -29.65
CA CYS F 533 -57.88 -31.02 -29.87
C CYS F 533 -58.66 -30.63 -28.61
N GLY F 534 -59.47 -29.56 -28.64
CA GLY F 534 -59.97 -29.04 -27.37
C GLY F 534 -58.99 -28.06 -26.76
N TRP F 535 -59.30 -27.00 -26.02
CA TRP F 535 -58.23 -26.27 -25.37
C TRP F 535 -57.65 -27.10 -24.23
N PRO F 536 -56.35 -27.13 -23.91
CA PRO F 536 -55.83 -27.78 -22.71
C PRO F 536 -56.41 -27.31 -21.37
N GLU F 537 -56.39 -28.41 -20.36
CA GLU F 537 -57.10 -28.25 -19.08
C GLU F 537 -56.37 -27.27 -18.19
N HIS F 538 -55.10 -27.50 -17.92
CA HIS F 538 -54.31 -26.54 -17.17
C HIS F 538 -54.33 -25.04 -17.55
N MET F 539 -54.77 -24.66 -18.76
CA MET F 539 -54.89 -23.26 -19.19
C MET F 539 -56.37 -22.82 -19.29
N LEU F 540 -57.23 -23.57 -18.61
CA LEU F 540 -58.65 -23.24 -18.57
C LEU F 540 -59.00 -21.92 -17.89
N ILE F 541 -58.24 -21.50 -16.88
CA ILE F 541 -58.45 -20.25 -16.18
C ILE F 541 -57.06 -19.60 -16.10
N PRO F 542 -56.83 -18.39 -16.62
CA PRO F 542 -55.53 -17.69 -16.63
C PRO F 542 -54.83 -17.52 -15.29
N ARG F 543 -53.51 -17.24 -15.30
CA ARG F 543 -52.68 -17.16 -14.09
C ARG F 543 -53.09 -16.19 -12.98
N GLY F 544 -53.66 -15.04 -13.35
CA GLY F 544 -53.92 -13.98 -12.38
C GLY F 544 -52.60 -13.42 -11.85
N SER F 545 -52.48 -13.39 -10.54
CA SER F 545 -51.32 -12.88 -9.85
C SER F 545 -51.17 -13.50 -8.48
N HIS F 546 -50.03 -13.34 -7.83
CA HIS F 546 -49.86 -13.89 -6.48
C HIS F 546 -50.77 -13.25 -5.42
N LYS F 547 -51.10 -11.96 -5.62
CA LYS F 547 -52.01 -11.21 -4.77
C LYS F 547 -53.42 -11.77 -4.71
N GLY F 548 -53.80 -12.39 -5.83
CA GLY F 548 -55.19 -12.66 -6.13
C GLY F 548 -55.73 -11.57 -7.04
N MET F 549 -55.75 -11.76 -8.37
CA MET F 549 -56.29 -10.75 -9.27
C MET F 549 -57.78 -11.02 -9.45
N GLU F 550 -58.53 -10.02 -9.94
CA GLU F 550 -59.97 -9.92 -9.76
C GLU F 550 -60.53 -9.79 -11.16
N PHE F 551 -61.47 -10.68 -11.47
CA PHE F 551 -61.89 -11.00 -12.81
C PHE F 551 -63.41 -10.99 -12.83
N GLU F 552 -64.02 -11.44 -13.93
CA GLU F 552 -65.46 -11.35 -14.07
C GLU F 552 -66.00 -12.66 -14.63
N LEU F 553 -66.87 -13.33 -13.87
CA LEU F 553 -67.55 -14.53 -14.33
C LEU F 553 -68.96 -14.17 -14.78
N PHE F 554 -69.20 -14.02 -16.08
CA PHE F 554 -70.47 -13.50 -16.57
C PHE F 554 -71.27 -14.62 -17.24
N VAL F 555 -72.48 -14.91 -16.78
CA VAL F 555 -73.29 -16.02 -17.23
C VAL F 555 -74.47 -15.48 -18.03
N MET F 556 -74.92 -16.22 -19.04
CA MET F 556 -76.17 -15.93 -19.70
C MET F 556 -76.97 -17.23 -19.70
N LEU F 557 -78.28 -17.14 -19.60
CA LEU F 557 -79.17 -18.25 -19.92
C LEU F 557 -80.05 -17.81 -21.07
N THR F 558 -79.83 -18.47 -22.20
CA THR F 558 -80.70 -18.37 -23.36
C THR F 558 -81.55 -19.64 -23.50
N ASP F 559 -82.53 -19.81 -24.40
CA ASP F 559 -83.42 -20.99 -24.37
C ASP F 559 -82.79 -22.16 -25.11
N HIS F 560 -83.00 -23.38 -24.60
CA HIS F 560 -82.48 -24.55 -25.29
C HIS F 560 -83.31 -25.08 -26.44
N ASP F 561 -84.64 -24.99 -26.39
CA ASP F 561 -85.47 -25.38 -27.52
C ASP F 561 -85.31 -24.38 -28.66
N GLU F 562 -85.05 -23.11 -28.32
CA GLU F 562 -84.63 -22.14 -29.33
C GLU F 562 -83.24 -22.53 -29.84
N ASP F 563 -82.24 -22.61 -28.98
CA ASP F 563 -80.86 -22.85 -29.37
C ASP F 563 -80.53 -24.19 -29.99
N THR F 564 -81.19 -25.31 -29.67
CA THR F 564 -80.64 -26.55 -30.17
C THR F 564 -81.02 -26.62 -31.64
N VAL F 565 -79.98 -26.79 -32.45
CA VAL F 565 -80.22 -27.27 -33.81
C VAL F 565 -80.96 -28.61 -33.74
N ALA F 566 -81.94 -28.88 -34.60
CA ALA F 566 -82.50 -30.21 -34.72
C ALA F 566 -81.87 -30.88 -35.93
N GLY F 567 -81.66 -32.18 -35.85
CA GLY F 567 -81.06 -32.92 -36.93
C GLY F 567 -80.74 -34.28 -36.40
N LEU F 568 -80.18 -35.18 -37.19
CA LEU F 568 -79.89 -36.54 -36.73
C LEU F 568 -78.46 -36.92 -37.06
N SER F 569 -77.71 -37.06 -35.94
CA SER F 569 -76.27 -37.28 -35.88
C SER F 569 -75.83 -38.45 -34.96
N GLU F 570 -75.30 -38.35 -33.71
CA GLU F 570 -74.65 -39.47 -33.02
C GLU F 570 -74.90 -39.57 -31.50
N ASN F 571 -74.34 -40.55 -30.77
CA ASN F 571 -74.33 -40.58 -29.31
C ASN F 571 -73.55 -39.47 -28.60
N ALA F 572 -73.31 -39.57 -27.28
CA ALA F 572 -72.36 -38.71 -26.59
C ALA F 572 -70.94 -39.18 -26.89
N VAL F 573 -70.09 -38.29 -27.40
CA VAL F 573 -68.87 -38.69 -28.08
C VAL F 573 -67.77 -37.62 -27.99
N CYS F 574 -67.03 -37.30 -29.06
CA CYS F 574 -66.09 -36.20 -29.14
C CYS F 574 -66.84 -34.88 -29.30
N SER F 575 -67.59 -34.58 -28.25
CA SER F 575 -68.24 -33.31 -28.14
C SER F 575 -67.60 -32.57 -26.99
N ASP F 576 -66.59 -33.12 -26.29
CA ASP F 576 -66.03 -32.58 -25.04
C ASP F 576 -65.68 -31.12 -25.26
N ALA F 577 -64.80 -30.84 -26.23
CA ALA F 577 -64.58 -29.46 -26.65
C ALA F 577 -65.62 -28.86 -27.62
N VAL F 578 -66.95 -29.02 -27.46
CA VAL F 578 -67.92 -28.41 -28.38
C VAL F 578 -67.77 -26.92 -28.62
N SER F 579 -67.42 -26.09 -27.64
CA SER F 579 -67.17 -24.68 -27.84
C SER F 579 -66.08 -24.21 -28.81
N TYR F 580 -64.79 -24.41 -28.52
CA TYR F 580 -63.67 -23.88 -29.31
C TYR F 580 -63.36 -24.59 -30.62
N CYS F 581 -64.07 -25.71 -30.76
CA CYS F 581 -63.74 -26.73 -31.71
C CYS F 581 -65.06 -27.27 -32.24
N GLY F 582 -65.80 -28.10 -31.48
CA GLY F 582 -67.02 -28.69 -32.02
C GLY F 582 -67.22 -30.15 -31.63
N ALA F 583 -67.80 -30.87 -32.59
CA ALA F 583 -68.27 -32.24 -32.42
C ALA F 583 -68.20 -32.89 -33.80
N ARG F 584 -68.22 -34.20 -33.98
CA ARG F 584 -67.96 -34.75 -35.31
C ARG F 584 -69.17 -35.23 -36.11
N ASP F 585 -69.03 -34.82 -37.37
CA ASP F 585 -70.06 -34.70 -38.40
C ASP F 585 -71.44 -34.20 -37.99
N ASP F 586 -71.36 -33.13 -37.20
CA ASP F 586 -72.52 -32.44 -36.67
C ASP F 586 -72.20 -30.94 -36.78
N ARG F 587 -73.09 -30.04 -36.33
CA ARG F 587 -72.89 -28.59 -36.47
C ARG F 587 -72.48 -28.00 -35.12
N TYR F 588 -72.25 -26.68 -35.03
CA TYR F 588 -72.09 -26.05 -33.73
C TYR F 588 -73.47 -25.97 -33.08
N PRO F 589 -73.77 -26.76 -32.03
CA PRO F 589 -75.10 -27.03 -31.45
C PRO F 589 -76.05 -25.89 -31.07
N ASP F 590 -75.49 -24.68 -31.10
CA ASP F 590 -76.10 -23.49 -30.58
C ASP F 590 -76.25 -22.59 -31.79
N LYS F 591 -77.49 -22.11 -31.89
CA LYS F 591 -77.92 -21.13 -32.87
C LYS F 591 -77.04 -19.89 -32.97
N LYS F 592 -76.73 -19.30 -31.81
CA LYS F 592 -76.13 -17.99 -31.82
C LYS F 592 -74.65 -17.99 -32.17
N ALA F 593 -74.22 -16.83 -32.66
CA ALA F 593 -72.84 -16.61 -33.02
C ALA F 593 -71.95 -16.89 -31.82
N MET F 594 -70.88 -17.62 -32.10
CA MET F 594 -69.87 -17.92 -31.11
C MET F 594 -69.29 -16.61 -30.60
N GLY F 595 -69.57 -16.33 -29.34
CA GLY F 595 -69.23 -15.05 -28.72
C GLY F 595 -70.37 -14.53 -27.86
N PHE F 596 -71.59 -14.82 -28.33
CA PHE F 596 -72.86 -14.45 -27.72
C PHE F 596 -73.02 -14.63 -26.20
N PRO F 597 -73.34 -13.53 -25.48
CA PRO F 597 -73.73 -12.21 -26.00
C PRO F 597 -72.74 -11.33 -26.75
N PHE F 598 -71.44 -11.54 -26.47
CA PHE F 598 -70.42 -10.51 -26.63
C PHE F 598 -69.74 -10.38 -28.00
N ASP F 599 -70.51 -10.72 -29.03
CA ASP F 599 -70.10 -10.61 -30.42
C ASP F 599 -70.22 -9.18 -30.95
N ARG F 600 -71.32 -8.53 -30.59
CA ARG F 600 -71.60 -7.18 -31.05
C ARG F 600 -71.32 -5.98 -30.19
N LYS F 601 -71.68 -4.79 -30.69
CA LYS F 601 -71.46 -3.54 -30.01
C LYS F 601 -72.25 -3.41 -28.71
N ILE F 602 -71.61 -2.88 -27.68
CA ILE F 602 -72.31 -2.53 -26.47
C ILE F 602 -72.12 -1.03 -26.33
N GLU F 603 -73.26 -0.34 -26.32
CA GLU F 603 -73.33 1.10 -26.09
C GLU F 603 -73.23 1.50 -24.62
N ALA F 604 -73.37 0.50 -23.75
CA ALA F 604 -73.39 0.67 -22.32
C ALA F 604 -72.01 0.76 -21.68
N ARG F 605 -71.86 1.56 -20.60
CA ARG F 605 -70.56 1.81 -19.97
C ARG F 605 -70.19 0.74 -18.94
N THR F 606 -71.13 -0.01 -18.37
CA THR F 606 -70.76 -1.13 -17.52
C THR F 606 -71.45 -2.42 -17.91
N ALA F 607 -70.67 -3.49 -17.73
CA ALA F 607 -71.21 -4.84 -17.72
C ALA F 607 -72.42 -5.04 -16.80
N ALA F 608 -72.59 -4.17 -15.80
CA ALA F 608 -73.81 -4.12 -15.01
C ALA F 608 -75.00 -3.57 -15.77
N GLU F 609 -74.87 -2.55 -16.64
CA GLU F 609 -75.99 -2.00 -17.41
C GLU F 609 -76.57 -3.03 -18.38
N PHE F 610 -75.65 -3.85 -18.89
CA PHE F 610 -75.96 -4.94 -19.80
C PHE F 610 -76.69 -6.10 -19.13
N LEU F 611 -76.85 -6.09 -17.81
CA LEU F 611 -77.53 -7.16 -17.09
C LEU F 611 -79.02 -7.28 -17.45
N THR F 612 -79.38 -8.39 -18.08
CA THR F 612 -80.75 -8.87 -18.04
C THR F 612 -80.92 -9.82 -16.85
N PRO F 613 -82.12 -10.12 -16.31
CA PRO F 613 -82.33 -11.07 -15.22
C PRO F 613 -81.95 -12.54 -15.46
N ASN F 614 -81.52 -12.79 -16.71
CA ASN F 614 -80.91 -14.05 -17.10
C ASN F 614 -79.42 -13.89 -17.46
N MET F 615 -78.77 -12.89 -16.86
CA MET F 615 -77.32 -12.69 -16.94
C MET F 615 -76.76 -12.48 -15.54
N GLY F 616 -75.46 -12.71 -15.29
CA GLY F 616 -74.95 -12.56 -13.95
C GLY F 616 -73.44 -12.57 -13.91
N LEU F 617 -72.89 -11.49 -13.34
CA LEU F 617 -71.46 -11.35 -13.12
C LEU F 617 -71.19 -11.86 -11.72
N THR F 618 -70.20 -12.72 -11.53
CA THR F 618 -69.80 -13.16 -10.20
C THR F 618 -68.31 -12.86 -10.13
N ASP F 619 -67.93 -11.81 -9.39
CA ASP F 619 -66.55 -11.33 -9.40
C ASP F 619 -65.66 -12.28 -8.62
N ILE F 620 -64.66 -12.79 -9.33
CA ILE F 620 -63.82 -13.83 -8.79
C ILE F 620 -62.36 -13.44 -8.89
N LYS F 621 -61.65 -14.07 -7.95
CA LYS F 621 -60.21 -13.95 -7.84
C LYS F 621 -59.56 -15.20 -8.43
N ILE F 622 -58.33 -15.00 -8.90
CA ILE F 622 -57.42 -16.06 -9.30
C ILE F 622 -56.10 -15.76 -8.57
N LYS F 623 -55.46 -16.74 -7.94
CA LYS F 623 -54.17 -16.48 -7.34
C LYS F 623 -53.15 -17.53 -7.72
N PHE F 624 -52.00 -17.08 -8.21
CA PHE F 624 -50.93 -18.01 -8.53
C PHE F 624 -50.25 -18.53 -7.28
N HIS F 625 -50.35 -19.84 -7.05
CA HIS F 625 -49.51 -20.46 -6.04
C HIS F 625 -48.06 -20.48 -6.53
N GLY F 626 -47.31 -19.54 -5.95
CA GLY F 626 -45.86 -19.52 -6.07
C GLY F 626 -45.21 -20.79 -5.52
N THR G 1 43.28 53.87 68.44
CA THR G 1 43.05 53.31 69.77
C THR G 1 42.25 52.04 69.52
N VAL G 2 42.13 51.20 70.54
CA VAL G 2 41.49 49.91 70.40
C VAL G 2 40.00 50.03 70.10
N ALA G 3 39.32 51.15 70.43
CA ALA G 3 37.98 51.37 69.92
C ALA G 3 38.01 51.48 68.39
N ASP G 4 38.68 52.49 67.81
CA ASP G 4 38.74 52.66 66.36
C ASP G 4 39.39 51.50 65.62
N LYS G 5 40.22 50.74 66.32
CA LYS G 5 40.72 49.46 65.85
C LYS G 5 39.56 48.55 65.45
N GLN G 6 38.65 48.32 66.42
CA GLN G 6 37.40 47.64 66.15
C GLN G 6 36.60 48.35 65.07
N ALA G 7 36.50 49.68 65.15
CA ALA G 7 35.73 50.47 64.20
C ALA G 7 36.29 50.58 62.79
N ARG G 8 37.43 49.96 62.50
CA ARG G 8 37.85 49.80 61.12
C ARG G 8 37.60 48.41 60.55
N LEU G 9 38.01 47.36 61.27
CA LEU G 9 37.91 46.00 60.74
C LEU G 9 36.48 45.57 60.49
N MET G 10 35.65 45.62 61.55
CA MET G 10 34.27 45.19 61.46
C MET G 10 33.46 46.00 60.46
N PRO G 11 33.57 47.33 60.32
CA PRO G 11 33.06 48.07 59.16
C PRO G 11 33.44 47.52 57.81
N LEU G 12 34.67 47.03 57.61
CA LEU G 12 35.03 46.35 56.37
C LEU G 12 34.29 45.02 56.24
N PHE G 13 34.12 44.31 57.35
CA PHE G 13 33.32 43.08 57.40
C PHE G 13 31.81 43.31 57.44
N LYS G 14 31.36 44.58 57.44
CA LYS G 14 29.97 44.85 57.12
C LYS G 14 29.71 44.76 55.62
N HIS G 15 29.40 43.51 55.23
CA HIS G 15 29.20 43.00 53.86
C HIS G 15 30.54 42.67 53.17
N LEU G 16 31.29 41.77 53.81
CA LEU G 16 32.67 41.47 53.44
C LEU G 16 33.02 41.11 51.99
N THR G 17 32.65 39.92 51.49
CA THR G 17 33.14 39.32 50.25
C THR G 17 33.48 40.23 49.07
N ALA G 18 32.56 41.15 48.75
CA ALA G 18 32.69 42.07 47.63
C ALA G 18 33.90 43.03 47.60
N LEU G 19 34.60 43.13 48.74
CA LEU G 19 35.86 43.81 48.89
C LEU G 19 36.90 43.09 48.05
N THR G 20 36.74 41.76 47.82
CA THR G 20 37.62 40.86 47.11
C THR G 20 37.94 41.40 45.75
N ARG G 21 37.00 42.05 45.04
CA ARG G 21 37.41 42.54 43.73
C ARG G 21 37.58 44.03 43.77
N GLU G 22 38.67 44.73 43.40
CA GLU G 22 38.64 46.21 43.29
C GLU G 22 39.69 46.82 42.35
N LYS G 23 40.57 47.79 42.68
CA LYS G 23 41.55 48.35 41.73
C LYS G 23 43.01 48.29 42.20
N LEU G 24 43.95 47.58 41.56
CA LEU G 24 45.33 47.47 41.95
C LEU G 24 45.95 47.12 40.62
N PRO G 25 46.33 48.09 39.81
CA PRO G 25 46.66 47.90 38.40
C PRO G 25 47.81 46.92 38.16
N LEU G 26 48.82 47.02 39.05
CA LEU G 26 50.04 46.24 38.99
C LEU G 26 50.43 45.86 40.41
N ASP G 27 50.58 44.56 40.55
CA ASP G 27 51.00 43.86 41.76
C ASP G 27 52.24 44.44 42.43
N GLN G 28 53.13 44.93 41.55
CA GLN G 28 54.50 45.37 41.88
C GLN G 28 54.65 46.22 43.14
N ARG G 29 53.60 47.03 43.40
CA ARG G 29 53.44 47.73 44.67
C ARG G 29 53.89 46.96 45.91
N ASP G 30 53.51 45.68 46.00
CA ASP G 30 53.84 44.84 47.14
C ASP G 30 54.81 43.77 46.68
N GLU G 31 56.04 44.24 46.39
CA GLU G 31 57.22 43.39 46.20
C GLU G 31 57.23 42.18 47.14
N ARG G 32 56.80 42.47 48.38
CA ARG G 32 56.37 41.43 49.32
C ARG G 32 55.54 40.29 48.76
N LEU G 33 54.34 40.52 48.21
CA LEU G 33 53.45 39.46 47.72
C LEU G 33 53.64 38.99 46.28
N LYS G 34 54.79 39.35 45.69
CA LYS G 34 55.28 38.89 44.39
C LYS G 34 54.66 37.71 43.62
N GLY G 35 54.70 36.52 44.22
CA GLY G 35 54.52 35.29 43.46
C GLY G 35 53.15 34.67 43.68
N VAL G 36 52.25 35.45 44.29
CA VAL G 36 50.93 34.99 44.64
C VAL G 36 49.90 35.98 44.12
N GLY G 37 49.06 35.31 43.34
CA GLY G 37 47.73 35.76 42.99
C GLY G 37 47.11 34.69 42.11
N ILE G 38 47.55 33.44 42.33
CA ILE G 38 47.45 32.37 41.35
C ILE G 38 46.26 31.41 41.45
N LEU G 39 45.27 31.86 42.22
CA LEU G 39 43.94 31.31 42.30
C LEU G 39 43.08 32.57 42.20
N PRO G 40 42.46 32.88 41.05
CA PRO G 40 41.75 34.15 40.84
C PRO G 40 40.36 34.19 41.47
N ARG G 41 40.13 35.03 42.51
CA ARG G 41 38.83 35.17 43.19
C ARG G 41 38.00 33.90 43.44
N GLY G 42 36.69 33.80 43.16
CA GLY G 42 35.93 32.58 43.42
C GLY G 42 36.19 31.42 42.48
N THR G 43 37.45 31.04 42.25
CA THR G 43 37.79 29.72 41.74
C THR G 43 38.04 28.96 43.04
N LEU G 44 37.05 28.17 43.43
CA LEU G 44 36.71 28.11 44.85
C LEU G 44 37.73 27.52 45.80
N PHE G 45 39.26 27.13 46.46
CA PHE G 45 40.24 26.83 47.48
C PHE G 45 40.01 25.52 48.21
N SER G 46 40.86 24.51 48.04
CA SER G 46 40.78 23.31 48.88
C SER G 46 41.80 23.63 49.96
N CYS G 47 41.36 23.73 51.23
CA CYS G 47 42.29 24.06 52.30
C CYS G 47 43.38 23.00 52.41
N PHE G 48 43.12 21.78 51.94
CA PHE G 48 44.14 20.76 52.03
C PHE G 48 44.93 20.46 50.76
N HIS G 49 44.62 21.08 49.62
CA HIS G 49 45.47 20.96 48.43
C HIS G 49 46.83 21.64 48.60
N ALA G 50 47.93 20.87 48.58
CA ALA G 50 49.24 21.26 49.09
C ALA G 50 49.80 22.64 48.71
N ARG G 51 49.59 22.98 47.43
CA ARG G 51 50.11 24.24 46.92
C ARG G 51 49.51 25.45 47.62
N HIS G 52 48.25 25.40 48.04
CA HIS G 52 47.58 26.57 48.59
C HIS G 52 47.96 26.99 50.00
N LEU G 53 48.42 26.00 50.78
CA LEU G 53 49.09 26.24 52.05
C LEU G 53 50.49 26.83 51.87
N ALA G 54 51.24 26.28 50.90
CA ALA G 54 52.52 26.86 50.51
C ALA G 54 52.38 28.30 50.03
N GLU G 55 51.44 28.55 49.11
CA GLU G 55 51.06 29.88 48.66
C GLU G 55 50.71 30.74 49.87
N ALA G 56 49.87 30.20 50.75
CA ALA G 56 49.53 30.89 51.99
C ALA G 56 50.72 31.11 52.92
N THR G 57 51.78 30.31 52.88
CA THR G 57 52.91 30.50 53.78
C THR G 57 53.81 31.64 53.31
N GLU G 58 53.79 31.92 51.99
CA GLU G 58 54.19 33.23 51.45
C GLU G 58 53.43 34.35 52.14
N LEU G 59 52.10 34.20 52.19
CA LEU G 59 51.25 35.16 52.87
C LEU G 59 51.44 35.19 54.36
N TYR G 60 51.71 34.08 55.03
CA TYR G 60 51.97 34.13 56.46
C TYR G 60 53.26 34.88 56.68
N VAL G 61 54.35 34.62 55.95
CA VAL G 61 55.57 35.36 56.24
C VAL G 61 55.54 36.85 55.90
N ALA G 62 54.84 37.18 54.80
CA ALA G 62 54.48 38.54 54.51
C ALA G 62 53.64 39.15 55.63
N LEU G 63 52.45 38.60 55.94
CA LEU G 63 51.52 39.28 56.84
C LEU G 63 52.09 39.52 58.25
N TYR G 64 52.89 38.59 58.74
CA TYR G 64 53.60 38.84 60.00
C TYR G 64 54.59 40.00 60.07
N GLY G 65 55.19 40.35 58.93
CA GLY G 65 56.09 41.50 58.85
C GLY G 65 55.36 42.83 58.60
N ALA G 66 54.67 43.35 59.62
CA ALA G 66 54.01 44.65 59.53
C ALA G 66 54.83 45.83 60.07
N LYS G 67 54.22 46.99 60.38
CA LYS G 67 54.91 48.17 60.89
C LYS G 67 54.23 48.82 62.12
N ASP G 68 53.19 49.66 61.99
CA ASP G 68 52.42 50.07 63.17
C ASP G 68 50.93 49.76 62.93
N PHE G 69 50.08 50.10 63.90
CA PHE G 69 48.68 49.81 63.74
C PHE G 69 48.05 50.51 62.54
N ASN G 70 48.67 51.62 62.13
CA ASN G 70 48.28 52.38 60.95
C ASN G 70 48.76 51.77 59.65
N ASP G 71 50.07 51.53 59.45
CA ASP G 71 50.53 50.90 58.20
C ASP G 71 49.87 49.55 57.94
N PHE G 72 49.56 48.84 59.02
CA PHE G 72 48.75 47.61 58.94
C PHE G 72 47.43 47.83 58.18
N ILE G 73 46.72 48.89 58.57
CA ILE G 73 45.44 49.21 57.98
C ILE G 73 45.63 49.60 56.53
N HIS G 74 46.67 50.38 56.19
CA HIS G 74 46.85 50.75 54.80
C HIS G 74 47.04 49.56 53.87
N LEU G 75 47.93 48.64 54.28
CA LEU G 75 48.12 47.40 53.53
C LEU G 75 46.80 46.70 53.29
N CYS G 76 46.00 46.65 54.36
CA CYS G 76 44.67 46.05 54.32
C CYS G 76 43.67 46.81 53.47
N GLU G 77 43.78 48.13 53.30
CA GLU G 77 42.96 48.82 52.32
C GLU G 77 43.34 48.33 50.93
N GLN G 78 44.64 48.39 50.69
CA GLN G 78 45.20 48.23 49.36
C GLN G 78 45.18 46.83 48.79
N ALA G 79 45.87 45.83 49.38
CA ALA G 79 45.94 44.50 48.79
C ALA G 79 44.57 43.87 48.50
N ARG G 80 43.62 44.26 49.37
CA ARG G 80 42.24 43.86 49.24
C ARG G 80 41.64 44.17 47.87
N GLN G 81 42.08 45.27 47.24
CA GLN G 81 41.60 45.74 45.94
C GLN G 81 41.64 44.75 44.76
N ILE G 82 42.18 43.60 45.02
CA ILE G 82 42.02 42.29 44.34
C ILE G 82 42.21 40.93 45.12
N VAL G 83 42.05 40.76 46.46
CA VAL G 83 42.39 39.46 47.12
C VAL G 83 41.40 38.46 47.76
N ASN G 84 41.73 37.17 47.49
CA ASN G 84 41.07 35.93 47.93
C ASN G 84 40.60 35.81 49.39
N GLU G 85 39.27 35.89 49.59
CA GLU G 85 38.88 36.47 50.87
C GLU G 85 38.84 35.45 52.00
N GLY G 86 38.43 34.20 51.74
CA GLY G 86 38.46 33.16 52.77
C GLY G 86 39.83 32.97 53.44
N MET G 87 40.87 33.03 52.60
CA MET G 87 42.26 32.91 53.00
C MET G 87 42.66 34.17 53.72
N PHE G 88 42.29 35.32 53.15
CA PHE G 88 42.55 36.62 53.74
C PHE G 88 41.98 36.74 55.14
N VAL G 89 40.70 36.45 55.41
CA VAL G 89 40.18 36.40 56.78
C VAL G 89 40.89 35.39 57.66
N TYR G 90 41.29 34.23 57.11
CA TYR G 90 42.05 33.24 57.87
C TYR G 90 43.40 33.80 58.31
N ALA G 91 44.00 34.62 57.44
CA ALA G 91 45.28 35.25 57.71
C ALA G 91 45.15 36.41 58.68
N VAL G 92 44.17 37.30 58.47
CA VAL G 92 43.95 38.40 59.40
C VAL G 92 43.49 37.89 60.74
N SER G 93 42.74 36.78 60.84
CA SER G 93 42.39 36.21 62.13
C SER G 93 43.56 35.49 62.76
N VAL G 94 44.50 34.81 62.07
CA VAL G 94 45.70 34.32 62.76
C VAL G 94 46.56 35.50 63.23
N ALA G 95 46.59 36.58 62.46
CA ALA G 95 47.23 37.81 62.89
C ALA G 95 46.56 38.53 64.06
N VAL G 96 45.26 38.84 63.98
CA VAL G 96 44.60 39.74 64.93
C VAL G 96 44.06 38.99 66.15
N LEU G 97 44.55 37.76 66.23
CA LEU G 97 44.75 37.06 67.48
C LEU G 97 46.12 37.24 68.12
N HIS G 98 47.22 37.28 67.35
CA HIS G 98 48.55 37.02 67.92
C HIS G 98 49.70 38.00 67.71
N ARG G 99 49.57 39.16 67.04
CA ARG G 99 50.70 40.06 66.89
C ARG G 99 50.54 41.33 67.70
N GLU G 100 51.50 41.53 68.61
CA GLU G 100 51.24 41.98 69.97
C GLU G 100 50.70 43.40 70.24
N ASP G 101 50.34 44.15 69.19
CA ASP G 101 49.76 45.49 69.28
C ASP G 101 48.22 45.62 69.28
N CYS G 102 47.46 44.56 69.57
CA CYS G 102 46.06 44.51 69.16
C CYS G 102 44.99 44.10 70.18
N LYS G 103 45.23 43.89 71.47
CA LYS G 103 44.28 43.22 72.37
C LYS G 103 42.97 43.94 72.69
N GLY G 104 41.93 43.15 72.96
CA GLY G 104 40.58 43.66 72.97
C GLY G 104 40.10 43.95 71.56
N ILE G 105 40.79 43.46 70.52
CA ILE G 105 40.21 43.46 69.19
C ILE G 105 39.42 42.16 69.13
N THR G 106 38.29 42.14 68.44
CA THR G 106 37.53 40.91 68.35
C THR G 106 37.47 40.56 66.89
N VAL G 107 37.57 39.25 66.62
CA VAL G 107 37.47 38.73 65.28
C VAL G 107 35.98 38.76 64.90
N PRO G 108 35.59 39.32 63.75
CA PRO G 108 34.23 39.29 63.24
C PRO G 108 33.67 37.87 63.21
N PRO G 109 32.52 37.61 63.86
CA PRO G 109 31.97 36.27 64.06
C PRO G 109 31.63 35.52 62.78
N ILE G 110 32.34 34.41 62.54
CA ILE G 110 32.20 33.62 61.32
C ILE G 110 30.79 33.12 60.98
N GLN G 111 29.96 32.96 62.01
CA GLN G 111 28.63 32.41 61.83
C GLN G 111 27.77 33.48 61.19
N GLU G 112 28.11 34.71 61.59
CA GLU G 112 27.41 35.91 61.18
C GLU G 112 28.01 36.58 59.96
N VAL G 113 29.32 36.52 59.69
CA VAL G 113 29.86 36.92 58.40
C VAL G 113 29.74 35.88 57.28
N PHE G 114 29.75 34.59 57.61
CA PHE G 114 29.48 33.54 56.64
C PHE G 114 28.44 32.57 57.20
N PRO G 115 27.14 32.90 57.19
CA PRO G 115 26.08 32.03 57.67
C PRO G 115 25.80 30.80 56.82
N ASP G 116 26.25 30.85 55.56
CA ASP G 116 25.98 29.87 54.52
C ASP G 116 26.47 28.49 54.93
N ARG G 117 27.66 28.44 55.52
CA ARG G 117 28.19 27.17 56.01
C ARG G 117 27.55 26.59 57.28
N PHE G 118 26.56 27.30 57.84
CA PHE G 118 25.90 26.90 59.08
C PHE G 118 24.44 26.48 58.89
N VAL G 119 23.70 27.18 58.02
CA VAL G 119 22.26 26.97 57.87
C VAL G 119 21.82 26.34 56.54
N PRO G 120 20.56 25.89 56.39
CA PRO G 120 19.97 25.51 55.10
C PRO G 120 19.89 26.58 54.03
N ALA G 121 20.45 26.21 52.88
CA ALA G 121 20.34 26.94 51.62
C ALA G 121 18.98 27.57 51.36
N GLU G 122 17.93 26.78 51.67
CA GLU G 122 16.54 27.23 51.67
C GLU G 122 16.27 28.43 52.58
N THR G 123 16.66 28.43 53.85
CA THR G 123 16.39 29.57 54.72
C THR G 123 17.29 30.77 54.44
N ILE G 124 18.36 30.61 53.66
CA ILE G 124 19.11 31.75 53.16
C ILE G 124 18.27 32.37 52.05
N ASN G 125 17.91 31.48 51.12
CA ASN G 125 17.11 31.78 49.94
C ASN G 125 15.77 32.42 50.31
N ARG G 126 15.14 31.96 51.40
CA ARG G 126 13.85 32.47 51.87
C ARG G 126 13.93 33.88 52.45
N ALA G 127 14.85 34.13 53.39
CA ALA G 127 15.04 35.45 53.96
C ALA G 127 15.34 36.50 52.90
N ASN G 128 16.32 36.12 52.05
CA ASN G 128 16.62 36.81 50.80
C ASN G 128 15.35 37.09 49.99
N LYS G 129 14.60 36.04 49.65
CA LYS G 129 13.40 36.19 48.84
C LYS G 129 12.33 37.01 49.55
N GLU G 130 12.25 37.02 50.89
CA GLU G 130 11.25 37.83 51.57
C GLU G 130 11.58 39.31 51.51
N ALA G 131 12.87 39.70 51.53
CA ALA G 131 13.30 41.06 51.22
C ALA G 131 12.97 41.45 49.77
N SER G 132 13.06 40.52 48.82
CA SER G 132 12.50 40.78 47.50
C SER G 132 10.98 40.73 47.46
N ASN G 133 10.33 40.03 48.41
CA ASN G 133 8.87 39.96 48.42
C ASN G 133 8.15 41.15 49.03
N HIS G 134 8.78 41.78 50.01
CA HIS G 134 8.20 42.96 50.64
C HIS G 134 9.33 43.97 50.74
N PRO G 135 9.62 44.89 49.82
CA PRO G 135 10.68 45.89 49.97
C PRO G 135 10.35 46.92 51.06
N ASP G 136 10.60 46.51 52.30
CA ASP G 136 10.29 47.31 53.46
C ASP G 136 11.40 47.11 54.48
N GLN G 137 11.42 47.98 55.50
CA GLN G 137 12.42 47.93 56.57
C GLN G 137 12.10 46.88 57.64
N GLN G 138 10.93 46.23 57.59
CA GLN G 138 10.61 45.10 58.46
C GLN G 138 11.59 43.93 58.41
N SER G 139 11.92 43.46 59.62
CA SER G 139 12.73 42.28 59.82
C SER G 139 12.01 41.05 59.27
N ILE G 140 12.78 40.00 58.99
CA ILE G 140 12.24 38.75 58.50
C ILE G 140 12.80 37.69 59.44
N VAL G 141 11.99 36.71 59.80
CA VAL G 141 12.43 35.61 60.64
C VAL G 141 11.95 34.36 59.92
N VAL G 142 12.83 33.38 59.72
CA VAL G 142 12.48 32.18 58.98
C VAL G 142 12.79 31.01 59.90
N GLU G 143 11.89 30.04 59.95
CA GLU G 143 12.10 28.85 60.76
C GLU G 143 12.89 27.82 59.98
N ALA G 144 14.12 27.63 60.45
CA ALA G 144 15.10 26.77 59.80
C ALA G 144 14.68 25.32 59.70
N GLU G 145 13.83 24.89 60.64
CA GLU G 145 13.40 23.50 60.82
C GLU G 145 13.18 22.64 59.58
N GLU G 146 12.55 23.17 58.52
CA GLU G 146 12.18 22.42 57.32
C GLU G 146 11.14 21.31 57.54
N THR G 147 10.76 20.56 56.50
CA THR G 147 9.78 19.48 56.57
C THR G 147 10.15 18.53 55.43
N GLY G 148 10.31 17.25 55.77
CA GLY G 148 10.77 16.25 54.81
C GLY G 148 10.74 14.84 55.37
N ASN G 149 11.01 13.85 54.49
CA ASN G 149 10.94 12.45 54.86
C ASN G 149 12.25 11.92 55.45
N ILE G 150 12.10 11.72 56.76
CA ILE G 150 13.12 11.11 57.58
C ILE G 150 13.14 9.58 57.39
N LEU G 151 13.81 9.17 56.31
CA LEU G 151 14.21 7.78 56.16
C LEU G 151 15.34 7.46 57.13
N ASP G 152 16.23 8.46 57.25
CA ASP G 152 17.56 8.31 57.83
C ASP G 152 17.58 8.38 59.35
N PRO G 153 18.22 7.41 60.02
CA PRO G 153 18.50 7.50 61.45
C PRO G 153 19.42 8.66 61.83
N GLU G 154 20.46 8.95 61.03
CA GLU G 154 21.52 9.86 61.45
C GLU G 154 21.10 11.32 61.62
N TYR G 155 20.10 11.76 60.84
CA TYR G 155 19.52 13.10 60.93
C TYR G 155 19.12 13.51 62.35
N LYS G 156 18.81 12.54 63.22
CA LYS G 156 18.64 12.77 64.66
C LYS G 156 19.83 13.58 65.21
N LEU G 157 21.06 13.09 65.02
CA LEU G 157 22.25 13.68 65.67
C LEU G 157 22.67 15.05 65.17
N SER G 158 21.87 15.54 64.22
CA SER G 158 21.99 16.87 63.66
C SER G 158 21.56 17.97 64.62
N TYR G 159 21.10 17.65 65.83
CA TYR G 159 21.09 18.62 66.92
C TYR G 159 22.47 19.13 67.31
N PHE G 160 23.42 18.17 67.32
CA PHE G 160 24.76 18.35 67.87
C PHE G 160 25.73 18.78 66.80
N ARG G 161 25.85 17.96 65.75
CA ARG G 161 26.88 18.08 64.73
C ARG G 161 26.90 19.43 64.00
N GLU G 162 25.68 19.87 63.72
CA GLU G 162 25.43 20.97 62.82
C GLU G 162 25.25 22.31 63.51
N ASP G 163 25.57 22.33 64.81
CA ASP G 163 25.26 23.45 65.68
C ASP G 163 26.21 24.63 65.48
N ILE G 164 25.69 25.82 65.77
CA ILE G 164 26.36 27.08 65.47
C ILE G 164 27.71 27.21 66.18
N GLY G 165 27.59 26.96 67.50
CA GLY G 165 28.69 27.11 68.44
C GLY G 165 29.69 25.98 68.31
N ILE G 166 29.15 24.80 68.05
CA ILE G 166 29.95 23.64 67.66
C ILE G 166 30.86 24.06 66.52
N ASN G 167 30.29 24.44 65.36
CA ASN G 167 31.10 24.65 64.17
C ASN G 167 32.04 25.85 64.15
N ALA G 168 31.58 26.88 64.87
CA ALA G 168 32.39 28.05 65.17
C ALA G 168 33.60 27.69 66.02
N HIS G 169 33.42 26.96 67.15
CA HIS G 169 34.51 26.52 68.02
C HIS G 169 35.60 25.86 67.19
N HIS G 170 35.13 25.04 66.27
CA HIS G 170 35.99 24.26 65.41
C HIS G 170 36.91 25.14 64.57
N TRP G 171 36.41 26.15 63.86
CA TRP G 171 37.28 27.12 63.18
C TRP G 171 38.19 27.81 64.19
N HIS G 172 37.59 28.43 65.21
CA HIS G 172 38.32 29.10 66.28
C HIS G 172 39.46 28.38 66.95
N TRP G 173 39.38 27.06 67.16
CA TRP G 173 40.46 26.30 67.75
C TRP G 173 41.70 26.33 66.86
N HIS G 174 41.50 26.17 65.54
CA HIS G 174 42.60 26.22 64.58
C HIS G 174 42.89 27.59 64.03
N ILE G 175 42.07 28.59 64.38
CA ILE G 175 42.54 29.94 64.21
C ILE G 175 43.46 30.32 65.36
N VAL G 176 43.20 29.82 66.58
CA VAL G 176 44.13 30.02 67.68
C VAL G 176 45.37 29.13 67.60
N TYR G 177 45.27 27.92 67.03
CA TYR G 177 46.42 27.08 66.69
C TYR G 177 46.54 26.73 65.20
N PRO G 178 47.09 27.59 64.32
CA PRO G 178 47.33 27.26 62.91
C PRO G 178 48.48 26.28 62.67
N ALA G 179 48.24 25.32 61.76
CA ALA G 179 49.25 24.33 61.40
C ALA G 179 50.55 24.94 60.90
N THR G 180 50.41 26.03 60.17
CA THR G 180 51.50 26.86 59.70
C THR G 180 52.04 27.86 60.72
N TRP G 181 51.68 27.81 62.01
CA TRP G 181 52.41 28.58 63.00
C TRP G 181 53.87 28.15 63.07
N ASN G 182 54.70 28.80 62.28
CA ASN G 182 56.14 28.84 62.55
C ASN G 182 56.40 29.60 63.86
N PRO G 183 57.07 29.04 64.86
CA PRO G 183 57.48 29.76 66.08
C PRO G 183 58.53 30.85 65.89
N THR G 184 59.60 30.59 65.13
CA THR G 184 60.79 31.44 65.12
C THR G 184 60.52 32.76 64.43
N VAL G 185 60.03 32.69 63.20
CA VAL G 185 59.71 33.86 62.39
C VAL G 185 58.56 34.66 62.99
N MET G 186 57.75 34.00 63.83
CA MET G 186 56.73 34.68 64.62
C MET G 186 57.07 34.80 66.11
N GLY G 187 58.36 34.72 66.46
CA GLY G 187 58.85 35.17 67.76
C GLY G 187 58.66 34.23 68.95
N LYS G 188 57.51 33.55 69.02
CA LYS G 188 57.11 32.72 70.15
C LYS G 188 56.27 31.51 69.73
N GLU G 189 56.12 30.58 70.66
CA GLU G 189 55.51 29.29 70.38
C GLU G 189 54.12 29.09 70.94
N LYS G 190 53.58 27.90 70.66
CA LYS G 190 52.20 27.59 70.95
C LYS G 190 52.09 26.33 71.79
N ASP G 191 51.86 26.63 73.07
CA ASP G 191 51.81 25.61 74.10
C ASP G 191 50.88 24.42 73.89
N ARG G 192 51.67 23.34 73.80
CA ARG G 192 51.17 21.98 73.72
C ARG G 192 50.27 21.61 72.55
N LYS G 193 50.49 22.27 71.41
CA LYS G 193 49.53 22.25 70.32
C LYS G 193 49.21 20.87 69.76
N GLY G 194 50.18 19.94 69.69
CA GLY G 194 49.93 18.61 69.17
C GLY G 194 49.04 17.80 70.10
N GLU G 195 49.47 17.69 71.36
CA GLU G 195 48.69 16.96 72.35
C GLU G 195 47.29 17.54 72.51
N LEU G 196 47.23 18.86 72.61
CA LEU G 196 45.94 19.52 72.77
C LEU G 196 45.07 19.22 71.56
N PHE G 197 45.73 19.08 70.41
CA PHE G 197 45.10 18.66 69.15
C PHE G 197 44.61 17.21 69.14
N PHE G 198 45.26 16.26 69.79
CA PHE G 198 44.64 14.96 70.05
C PHE G 198 43.34 15.19 70.81
N TYR G 199 43.54 15.81 71.97
CA TYR G 199 42.57 15.85 73.05
C TYR G 199 41.26 16.48 72.64
N MET G 200 41.27 17.77 72.27
CA MET G 200 40.08 18.50 71.85
C MET G 200 39.26 17.69 70.85
N HIS G 201 39.97 16.96 69.98
CA HIS G 201 39.30 16.19 68.94
C HIS G 201 38.70 14.91 69.49
N GLN G 202 39.39 14.21 70.42
CA GLN G 202 38.81 13.10 71.16
C GLN G 202 37.63 13.60 71.94
N GLN G 203 37.74 14.64 72.77
CA GLN G 203 36.60 15.17 73.52
C GLN G 203 35.41 15.50 72.67
N MET G 204 35.59 16.14 71.49
CA MET G 204 34.49 16.25 70.53
C MET G 204 33.81 14.92 70.18
N CYS G 205 34.62 13.98 69.71
CA CYS G 205 34.12 12.69 69.29
C CYS G 205 33.66 11.77 70.41
N ALA G 206 34.01 12.07 71.66
CA ALA G 206 33.52 11.35 72.84
C ALA G 206 32.16 11.87 73.29
N ARG G 207 32.01 13.20 73.23
CA ARG G 207 30.69 13.80 73.38
C ARG G 207 29.71 13.25 72.33
N TYR G 208 30.16 13.26 71.07
CA TYR G 208 29.48 12.55 70.00
C TYR G 208 29.24 11.08 70.31
N ASP G 209 30.27 10.28 70.64
CA ASP G 209 30.04 8.88 70.99
C ASP G 209 29.03 8.61 72.08
N SER G 210 28.88 9.56 73.00
CA SER G 210 27.76 9.53 73.91
C SER G 210 26.46 9.79 73.16
N GLU G 211 26.38 10.91 72.42
CA GLU G 211 25.23 11.29 71.61
C GLU G 211 24.80 10.11 70.73
N ARG G 212 25.70 9.26 70.22
CA ARG G 212 25.28 8.03 69.55
C ARG G 212 24.53 7.02 70.44
N LEU G 213 25.11 6.69 71.59
CA LEU G 213 24.46 5.84 72.59
C LEU G 213 23.23 6.44 73.24
N SER G 214 23.11 7.75 73.32
CA SER G 214 21.95 8.38 73.95
C SER G 214 20.68 8.03 73.17
N ASN G 215 20.88 8.13 71.87
CA ASN G 215 19.95 7.77 70.82
C ASN G 215 19.66 6.27 70.71
N GLY G 216 20.47 5.43 71.36
CA GLY G 216 20.35 3.99 71.21
C GLY G 216 20.99 3.52 69.91
N LEU G 217 22.09 4.18 69.55
CA LEU G 217 22.94 3.68 68.50
C LEU G 217 24.28 3.31 69.13
N GLN G 218 25.19 2.74 68.32
CA GLN G 218 26.54 2.43 68.73
C GLN G 218 27.51 3.60 68.58
N ARG G 219 28.61 3.61 69.33
CA ARG G 219 29.77 4.49 69.09
C ARG G 219 30.21 4.49 67.64
N MET G 220 30.82 5.58 67.19
CA MET G 220 31.12 5.76 65.78
C MET G 220 32.35 4.97 65.37
N ILE G 221 32.15 4.19 64.30
CA ILE G 221 33.19 3.36 63.69
C ILE G 221 34.35 4.09 62.99
N PRO G 222 35.62 3.81 63.37
CA PRO G 222 36.83 4.39 62.76
C PRO G 222 37.22 4.04 61.33
N PHE G 223 37.86 4.97 60.61
CA PHE G 223 38.28 4.75 59.23
C PHE G 223 39.61 4.03 59.30
N HIS G 224 39.54 2.78 59.72
CA HIS G 224 40.72 1.97 59.91
C HIS G 224 41.24 1.46 58.58
N ASN G 225 40.38 1.19 57.60
CA ASN G 225 40.83 0.70 56.31
C ASN G 225 40.47 1.79 55.33
N PHE G 226 41.20 1.86 54.21
CA PHE G 226 41.01 2.88 53.19
C PHE G 226 40.07 2.43 52.08
N ASP G 227 40.01 1.10 51.85
CA ASP G 227 39.14 0.52 50.83
C ASP G 227 37.68 0.85 51.10
N GLU G 228 37.28 0.65 52.37
CA GLU G 228 35.90 0.73 52.82
C GLU G 228 35.17 2.06 52.55
N PRO G 229 34.02 2.02 51.85
CA PRO G 229 33.22 3.18 51.48
C PRO G 229 32.87 4.22 52.54
N LEU G 230 32.70 5.45 52.06
CA LEU G 230 32.25 6.55 52.90
C LEU G 230 30.75 6.75 52.75
N GLU G 231 30.15 7.09 53.90
CA GLU G 231 28.74 7.33 54.05
C GLU G 231 28.27 8.52 53.22
N GLY G 232 26.95 8.50 52.98
CA GLY G 232 26.31 9.49 52.16
C GLY G 232 25.73 10.60 53.02
N TYR G 233 25.83 11.83 52.49
CA TYR G 233 25.39 13.01 53.20
C TYR G 233 25.20 14.22 52.29
N ALA G 234 24.12 14.92 52.59
CA ALA G 234 23.81 16.22 51.99
C ALA G 234 23.72 17.33 53.05
N PRO G 235 24.71 18.25 53.16
CA PRO G 235 24.75 19.31 54.15
C PRO G 235 23.58 20.29 54.10
N HIS G 236 23.05 20.46 52.88
CA HIS G 236 22.00 21.42 52.54
C HIS G 236 22.48 22.86 52.64
N LEU G 237 23.69 23.12 52.13
CA LEU G 237 24.37 24.41 52.28
C LEU G 237 24.77 24.94 50.91
N THR G 238 24.17 26.02 50.40
CA THR G 238 24.69 26.67 49.20
C THR G 238 25.57 27.84 49.62
N SER G 239 26.68 28.12 48.94
CA SER G 239 27.62 29.13 49.40
C SER G 239 27.29 30.55 48.97
N LEU G 240 27.25 31.53 49.89
CA LEU G 240 26.93 32.92 49.55
C LEU G 240 27.94 33.63 48.65
N VAL G 241 29.10 33.02 48.42
CA VAL G 241 30.13 33.61 47.56
C VAL G 241 29.81 33.59 46.07
N SER G 242 28.81 32.82 45.65
CA SER G 242 28.47 32.65 44.25
C SER G 242 27.07 32.04 44.19
N GLY G 243 26.76 31.19 43.20
CA GLY G 243 25.52 30.44 43.20
C GLY G 243 25.71 29.00 43.68
N LEU G 244 26.92 28.46 43.52
CA LEU G 244 27.20 27.04 43.70
C LEU G 244 27.08 26.48 45.11
N GLN G 245 27.36 25.18 45.29
CA GLN G 245 27.24 24.59 46.60
C GLN G 245 28.22 23.45 46.77
N TYR G 246 28.40 23.14 48.05
CA TYR G 246 29.16 21.97 48.46
C TYR G 246 28.47 20.76 47.86
N ALA G 247 29.06 20.22 46.82
CA ALA G 247 28.62 18.95 46.23
C ALA G 247 28.54 17.88 47.30
N SER G 248 27.45 17.11 47.32
CA SER G 248 27.18 16.32 48.51
C SER G 248 27.40 14.84 48.24
N ARG G 249 27.93 14.04 49.16
CA ARG G 249 28.47 12.75 48.83
C ARG G 249 27.40 11.67 48.88
N PRO G 250 27.17 10.90 47.82
CA PRO G 250 26.54 9.59 47.96
C PRO G 250 27.41 8.59 48.71
N GLU G 251 26.65 7.65 49.25
CA GLU G 251 27.19 6.49 49.95
C GLU G 251 27.90 5.57 48.98
N GLY G 252 28.68 4.63 49.51
CA GLY G 252 29.25 3.58 48.67
C GLY G 252 30.41 4.12 47.84
N TYR G 253 31.11 5.08 48.45
CA TYR G 253 32.24 5.71 47.79
C TYR G 253 33.58 5.28 48.35
N SER G 254 34.32 4.56 47.51
CA SER G 254 35.74 4.32 47.73
C SER G 254 36.54 5.61 47.66
N ILE G 255 37.57 5.63 48.54
CA ILE G 255 38.52 6.72 48.62
C ILE G 255 39.30 6.84 47.30
N HIS G 256 39.92 7.98 46.96
CA HIS G 256 40.58 8.07 45.68
C HIS G 256 41.83 8.90 45.78
N ASP G 257 42.84 8.49 45.00
CA ASP G 257 44.12 9.19 44.91
C ASP G 257 43.97 10.64 44.45
N LEU G 258 45.02 11.42 44.69
CA LEU G 258 44.98 12.85 44.40
C LEU G 258 46.08 13.22 43.41
N SER G 259 45.97 14.34 42.69
CA SER G 259 47.13 14.90 41.98
C SER G 259 48.31 15.24 42.88
N ASP G 260 48.07 15.34 44.18
CA ASP G 260 49.15 15.51 45.15
C ASP G 260 49.66 14.17 45.66
N VAL G 261 48.85 13.46 46.47
CA VAL G 261 49.30 12.24 47.15
C VAL G 261 48.50 11.02 46.71
N ASP G 262 49.18 9.89 46.55
CA ASP G 262 48.53 8.62 46.35
C ASP G 262 47.99 8.06 47.68
N VAL G 263 46.91 7.26 47.63
CA VAL G 263 46.35 6.63 48.83
C VAL G 263 47.39 5.72 49.51
N GLN G 264 48.26 5.20 48.64
CA GLN G 264 49.46 4.50 49.02
C GLN G 264 50.40 5.34 49.88
N ASP G 265 50.88 6.55 49.52
CA ASP G 265 51.82 7.29 50.38
C ASP G 265 51.19 7.68 51.71
N MET G 266 49.86 7.82 51.69
CA MET G 266 49.06 7.87 52.92
C MET G 266 49.24 6.60 53.77
N VAL G 267 49.09 5.42 53.14
CA VAL G 267 49.24 4.15 53.82
C VAL G 267 50.66 3.96 54.35
N ARG G 268 51.63 4.33 53.50
CA ARG G 268 53.04 4.42 53.88
C ARG G 268 53.26 5.20 55.15
N TRP G 269 52.88 6.50 55.15
CA TRP G 269 53.01 7.34 56.34
C TRP G 269 52.51 6.67 57.61
N ARG G 270 51.35 6.02 57.55
CA ARG G 270 50.80 5.39 58.71
C ARG G 270 51.72 4.30 59.27
N GLU G 271 52.28 3.44 58.42
CA GLU G 271 53.15 2.38 58.90
C GLU G 271 54.46 2.94 59.44
N ARG G 272 54.95 3.97 58.76
CA ARG G 272 56.11 4.76 59.16
C ARG G 272 55.91 5.44 60.52
N ILE G 273 54.67 5.79 60.89
CA ILE G 273 54.37 6.27 62.24
C ILE G 273 54.29 5.11 63.23
N LEU G 274 53.49 4.10 62.87
CA LEU G 274 53.07 3.06 63.81
C LEU G 274 54.27 2.27 64.29
N ASP G 275 55.17 2.01 63.34
CA ASP G 275 56.45 1.40 63.64
C ASP G 275 57.28 2.27 64.57
N ALA G 276 57.32 3.60 64.40
CA ALA G 276 58.03 4.50 65.29
C ALA G 276 57.46 4.56 66.71
N ILE G 277 56.17 4.27 66.88
CA ILE G 277 55.62 4.04 68.21
C ILE G 277 56.26 2.78 68.81
N ASN G 278 56.26 1.67 68.07
CA ASN G 278 56.82 0.40 68.54
C ASN G 278 58.31 0.57 68.86
N MET G 279 59.01 1.29 67.98
CA MET G 279 60.40 1.65 68.18
C MET G 279 60.56 2.74 69.24
N HIS G 280 59.52 3.50 69.55
CA HIS G 280 59.50 4.56 70.56
C HIS G 280 60.34 5.80 70.27
N TYR G 281 60.52 6.15 68.98
CA TYR G 281 61.25 7.37 68.62
C TYR G 281 60.84 7.99 67.29
N ILE G 282 61.33 9.21 67.05
CA ILE G 282 61.15 9.95 65.80
C ILE G 282 62.42 10.59 65.22
N VAL G 283 62.45 10.53 63.90
CA VAL G 283 63.52 11.14 63.13
C VAL G 283 63.03 12.48 62.60
N ASP G 284 63.67 13.53 63.09
CA ASP G 284 63.38 14.87 62.62
C ASP G 284 63.99 15.10 61.25
N LYS G 285 63.72 16.25 60.59
CA LYS G 285 64.33 16.59 59.31
C LYS G 285 65.86 16.67 59.20
N ASP G 286 66.56 16.40 60.30
CA ASP G 286 68.00 16.23 60.34
C ASP G 286 68.43 14.76 60.45
N ASN G 287 67.50 13.80 60.63
CA ASN G 287 67.74 12.35 60.81
C ASN G 287 68.00 11.87 62.25
N ASN G 288 68.08 12.80 63.20
CA ASN G 288 68.43 12.47 64.58
C ASN G 288 67.24 11.99 65.39
N LYS G 289 67.44 10.91 66.13
CA LYS G 289 66.35 10.24 66.84
C LYS G 289 66.04 10.95 68.15
N ILE G 290 64.92 11.68 68.28
CA ILE G 290 64.52 12.20 69.59
C ILE G 290 63.49 11.30 70.26
N PRO G 291 63.40 11.09 71.58
CA PRO G 291 62.53 10.09 72.20
C PRO G 291 61.02 10.31 72.16
N LEU G 292 60.28 9.24 71.90
CA LEU G 292 58.86 9.24 72.19
C LEU G 292 58.65 8.86 73.66
N ASP G 293 59.03 9.90 74.42
CA ASP G 293 58.95 9.93 75.86
C ASP G 293 57.51 9.86 76.34
N ILE G 294 57.31 9.66 77.64
CA ILE G 294 55.97 9.57 78.21
C ILE G 294 55.26 10.91 78.04
N GLU G 295 55.83 11.98 78.62
CA GLU G 295 55.19 13.29 78.59
C GLU G 295 55.11 13.81 77.17
N HIS G 296 56.29 14.09 76.60
CA HIS G 296 56.44 14.89 75.39
C HIS G 296 55.80 14.26 74.17
N GLY G 297 55.88 12.92 74.16
CA GLY G 297 55.46 12.07 73.05
C GLY G 297 54.16 12.46 72.36
N THR G 298 53.19 12.99 73.12
CA THR G 298 51.88 13.23 72.53
C THR G 298 51.78 14.58 71.85
N ASP G 299 52.57 15.54 72.32
CA ASP G 299 52.66 16.83 71.66
C ASP G 299 53.44 16.59 70.36
N ILE G 300 54.51 15.79 70.48
CA ILE G 300 55.34 15.50 69.32
C ILE G 300 54.78 14.47 68.35
N LEU G 301 53.80 13.65 68.73
CA LEU G 301 53.05 12.83 67.78
C LEU G 301 51.94 13.66 67.15
N GLY G 302 51.34 14.57 67.92
CA GLY G 302 50.25 15.42 67.46
C GLY G 302 50.67 16.48 66.45
N ASP G 303 51.80 17.15 66.68
CA ASP G 303 52.32 18.14 65.73
C ASP G 303 52.64 17.52 64.37
N ILE G 304 53.33 16.38 64.45
CA ILE G 304 53.72 15.50 63.37
C ILE G 304 52.61 14.92 62.51
N ILE G 305 51.60 14.33 63.14
CA ILE G 305 50.49 13.77 62.40
C ILE G 305 49.63 14.81 61.67
N GLU G 306 49.51 16.05 62.21
CA GLU G 306 48.63 17.08 61.68
C GLU G 306 48.82 17.49 60.22
N SER G 307 49.92 17.96 59.61
CA SER G 307 51.22 18.12 60.24
C SER G 307 51.32 19.60 60.58
N SER G 308 52.18 20.05 61.48
CA SER G 308 52.40 21.47 61.60
C SER G 308 53.68 21.86 60.86
N ASP G 309 54.05 23.15 60.79
CA ASP G 309 55.45 23.52 60.57
C ASP G 309 56.35 22.94 61.67
N GLU G 310 55.84 22.90 62.89
CA GLU G 310 56.46 22.14 63.98
C GLU G 310 56.59 20.63 63.77
N SER G 311 56.07 20.07 62.67
CA SER G 311 56.21 18.66 62.38
C SER G 311 57.66 18.41 62.01
N LYS G 312 58.25 17.77 63.01
CA LYS G 312 59.66 17.41 63.03
C LYS G 312 60.07 16.68 61.78
N ASN G 313 59.24 15.78 61.26
CA ASN G 313 59.36 15.44 59.86
C ASN G 313 58.02 15.46 59.15
N VAL G 314 58.14 16.06 57.97
CA VAL G 314 57.02 16.31 57.08
C VAL G 314 56.93 15.28 55.96
N GLU G 315 58.00 14.94 55.23
CA GLU G 315 57.92 14.01 54.10
C GLU G 315 57.67 12.56 54.53
N TYR G 316 58.33 12.34 55.67
CA TYR G 316 58.37 11.04 56.28
C TYR G 316 57.06 10.76 57.00
N TYR G 317 56.48 11.64 57.82
CA TYR G 317 55.23 11.34 58.50
C TYR G 317 54.01 11.90 57.79
N GLY G 318 54.23 12.70 56.74
CA GLY G 318 53.15 13.30 55.98
C GLY G 318 52.55 14.49 56.70
N SER G 319 51.25 14.66 56.41
CA SER G 319 50.32 15.44 57.22
C SER G 319 49.05 14.60 57.34
N LEU G 320 49.14 13.36 57.83
CA LEU G 320 48.18 12.29 57.54
C LEU G 320 46.74 12.68 57.86
N HIS G 321 46.66 13.46 58.95
CA HIS G 321 45.41 14.07 59.41
C HIS G 321 44.74 14.95 58.36
N ASN G 322 45.45 16.00 57.93
CA ASN G 322 44.97 16.96 56.92
C ASN G 322 44.73 16.26 55.60
N TRP G 323 45.72 15.45 55.21
CA TRP G 323 45.67 14.78 53.92
C TRP G 323 44.44 13.93 53.78
N GLY G 324 44.10 13.08 54.77
CA GLY G 324 42.85 12.33 54.76
C GLY G 324 41.62 13.19 54.53
N HIS G 325 41.68 14.42 55.06
CA HIS G 325 40.62 15.39 54.81
C HIS G 325 40.49 15.72 53.35
N VAL G 326 41.55 15.95 52.54
CA VAL G 326 41.39 16.26 51.12
C VAL G 326 40.64 15.12 50.47
N MET G 327 41.25 13.93 50.49
CA MET G 327 40.67 12.72 49.91
C MET G 327 39.27 12.38 50.39
N MET G 328 38.91 12.59 51.67
CA MET G 328 37.55 12.26 52.12
C MET G 328 36.47 13.26 51.68
N ALA G 329 36.92 14.43 51.22
CA ALA G 329 36.05 15.56 50.90
C ALA G 329 35.94 15.84 49.40
N ASN G 330 37.04 15.56 48.71
CA ASN G 330 36.99 15.50 47.24
C ASN G 330 36.68 14.09 46.71
N ILE G 331 35.95 13.35 47.53
CA ILE G 331 35.42 12.01 47.25
C ILE G 331 34.46 11.93 46.05
N THR G 332 34.08 13.11 45.55
CA THR G 332 33.29 13.23 44.34
C THR G 332 34.24 13.28 43.14
N ASP G 333 35.41 13.87 43.35
CA ASP G 333 36.20 14.47 42.29
C ASP G 333 37.62 14.83 42.74
N PRO G 334 38.56 13.88 42.92
CA PRO G 334 39.95 14.20 43.22
C PRO G 334 40.72 14.79 42.04
N ASP G 335 40.53 14.20 40.85
CA ASP G 335 41.04 14.64 39.55
C ASP G 335 40.72 16.12 39.30
N HIS G 336 39.53 16.55 39.72
CA HIS G 336 39.11 17.95 39.78
C HIS G 336 38.87 18.72 38.48
N ARG G 337 38.86 17.92 37.42
CA ARG G 337 38.24 18.27 36.14
C ARG G 337 36.96 19.10 36.21
N PHE G 338 36.00 18.67 37.06
CA PHE G 338 34.63 19.19 37.05
C PHE G 338 34.45 20.56 37.67
N GLN G 339 35.35 20.81 38.64
CA GLN G 339 35.28 21.97 39.51
C GLN G 339 34.12 21.97 40.52
N GLU G 340 33.56 20.80 40.92
CA GLU G 340 32.57 20.76 41.99
C GLU G 340 33.13 21.24 43.33
N ASN G 341 32.37 22.12 44.01
CA ASN G 341 32.75 22.61 45.34
C ASN G 341 32.76 21.40 46.28
N PRO G 342 33.89 21.05 46.90
CA PRO G 342 34.05 19.82 47.68
C PRO G 342 33.13 19.61 48.89
N GLY G 343 33.16 18.38 49.41
CA GLY G 343 32.52 18.04 50.66
C GLY G 343 33.07 18.81 51.85
N VAL G 344 32.14 19.11 52.75
CA VAL G 344 32.32 19.94 53.94
C VAL G 344 33.50 19.67 54.87
N MET G 345 34.26 18.60 54.65
CA MET G 345 35.44 18.23 55.42
C MET G 345 36.65 19.11 55.04
N SER G 346 36.56 19.87 53.93
CA SER G 346 37.62 20.74 53.41
C SER G 346 37.95 22.02 54.19
N ASP G 347 36.99 22.36 55.05
CA ASP G 347 37.03 23.52 55.89
C ASP G 347 36.79 23.02 57.32
N THR G 348 37.25 23.80 58.28
CA THR G 348 37.09 23.45 59.66
C THR G 348 35.73 23.90 60.20
N SER G 349 35.06 24.93 59.67
CA SER G 349 33.74 25.35 60.15
C SER G 349 32.56 24.44 59.74
N THR G 350 32.65 23.80 58.57
CA THR G 350 31.61 22.90 58.09
C THR G 350 31.71 21.47 58.57
N SER G 351 32.95 20.98 58.52
CA SER G 351 33.37 19.66 58.97
C SER G 351 32.52 18.76 59.86
N LEU G 352 31.79 19.21 60.89
CA LEU G 352 31.27 18.29 61.89
C LEU G 352 29.89 17.71 61.62
N ARG G 353 29.23 18.23 60.59
CA ARG G 353 27.93 17.74 60.17
C ARG G 353 27.93 16.36 59.53
N ASP G 354 28.90 16.22 58.61
CA ASP G 354 29.15 15.04 57.79
C ASP G 354 29.66 13.89 58.65
N PRO G 355 28.89 12.79 58.71
CA PRO G 355 29.12 11.64 59.58
C PRO G 355 30.49 10.99 59.49
N ILE G 356 31.09 10.99 58.30
CA ILE G 356 32.42 10.42 58.08
C ILE G 356 33.50 11.13 58.90
N PHE G 357 33.25 12.40 59.26
CA PHE G 357 34.17 13.20 60.06
C PHE G 357 34.77 12.46 61.24
N TYR G 358 33.88 11.78 61.97
CA TYR G 358 34.22 11.04 63.16
C TYR G 358 34.92 9.74 62.81
N ARG G 359 34.64 9.15 61.64
CA ARG G 359 35.29 7.91 61.22
C ARG G 359 36.80 8.17 61.11
N TRP G 360 37.23 9.27 60.49
CA TRP G 360 38.64 9.65 60.48
C TRP G 360 39.16 10.06 61.86
N HIS G 361 38.31 10.57 62.76
CA HIS G 361 38.81 11.13 64.01
C HIS G 361 38.97 10.13 65.12
N ARG G 362 38.27 9.00 65.00
CA ARG G 362 38.62 7.86 65.80
C ARG G 362 39.88 7.24 65.24
N PHE G 363 40.08 7.31 63.92
CA PHE G 363 41.24 6.71 63.28
C PHE G 363 42.50 7.35 63.83
N ILE G 364 42.63 8.68 63.69
CA ILE G 364 43.76 9.39 64.26
C ILE G 364 43.87 9.18 65.77
N ASP G 365 42.72 9.20 66.46
CA ASP G 365 42.64 8.86 67.87
C ASP G 365 43.22 7.48 68.14
N ASN G 366 42.99 6.50 67.26
CA ASN G 366 43.50 5.14 67.39
C ASN G 366 45.01 5.14 67.35
N ILE G 367 45.63 6.01 66.54
CA ILE G 367 47.08 6.15 66.54
C ILE G 367 47.52 6.70 67.90
N PHE G 368 46.90 7.80 68.36
CA PHE G 368 47.27 8.40 69.65
C PHE G 368 47.08 7.44 70.82
N GLN G 369 46.01 6.65 70.72
CA GLN G 369 45.70 5.56 71.63
C GLN G 369 46.82 4.53 71.56
N GLU G 370 47.44 4.18 70.44
CA GLU G 370 48.60 3.29 70.49
C GLU G 370 49.74 3.88 71.29
N HIS G 371 49.97 5.19 71.15
CA HIS G 371 51.12 5.78 71.81
C HIS G 371 50.95 5.81 73.32
N LYS G 372 49.75 6.24 73.74
CA LYS G 372 49.31 6.10 75.12
C LYS G 372 49.27 4.64 75.56
N LYS G 373 48.84 3.70 74.71
CA LYS G 373 48.82 2.25 74.97
C LYS G 373 50.15 1.59 75.24
N SER G 374 51.24 1.98 74.55
CA SER G 374 52.55 1.45 74.90
C SER G 374 53.05 2.02 76.23
N PHE G 375 52.58 3.20 76.63
CA PHE G 375 52.78 3.65 78.00
C PHE G 375 51.96 2.78 78.95
N HIS G 376 52.42 2.67 80.19
CA HIS G 376 51.85 1.73 81.14
C HIS G 376 50.68 2.28 81.95
N PRO G 377 49.70 1.45 82.36
CA PRO G 377 48.60 1.80 83.27
C PRO G 377 49.02 2.53 84.55
N TYR G 378 48.06 3.10 85.29
CA TYR G 378 48.40 3.85 86.47
C TYR G 378 48.47 3.07 87.76
N THR G 379 49.58 3.19 88.47
CA THR G 379 49.71 2.60 89.80
C THR G 379 48.65 3.21 90.70
N LYS G 380 48.16 2.42 91.67
CA LYS G 380 47.27 2.92 92.71
C LYS G 380 47.93 4.05 93.50
N GLU G 381 49.24 3.92 93.72
CA GLU G 381 50.12 4.94 94.27
C GLU G 381 49.89 6.26 93.54
N GLU G 382 50.16 6.23 92.22
CA GLU G 382 50.00 7.35 91.32
C GLU G 382 48.58 7.92 91.32
N LEU G 383 47.58 7.05 91.37
CA LEU G 383 46.19 7.47 91.42
C LEU G 383 45.73 8.07 92.75
N SER G 384 46.54 7.92 93.80
CA SER G 384 46.14 8.30 95.14
C SER G 384 46.67 9.60 95.71
N PHE G 385 45.70 10.50 95.81
CA PHE G 385 45.78 11.68 96.63
C PHE G 385 45.64 11.21 98.07
N PRO G 386 46.74 11.21 98.83
CA PRO G 386 46.80 10.59 100.15
C PRO G 386 45.88 11.26 101.15
N GLY G 387 45.07 10.53 101.91
CA GLY G 387 44.40 11.07 103.08
C GLY G 387 43.02 11.65 102.82
N VAL G 388 42.72 12.24 101.67
CA VAL G 388 41.42 12.88 101.40
C VAL G 388 40.42 11.81 100.97
N GLU G 389 39.27 11.65 101.63
CA GLU G 389 38.29 10.65 101.20
C GLU G 389 37.02 11.26 100.62
N VAL G 390 36.78 11.05 99.34
CA VAL G 390 35.52 11.37 98.65
C VAL G 390 34.37 10.53 99.21
N VAL G 391 33.68 11.08 100.19
CA VAL G 391 32.54 10.42 100.84
C VAL G 391 31.34 10.41 99.89
N GLY G 392 31.39 11.13 98.78
CA GLY G 392 30.38 10.96 97.73
C GLY G 392 30.11 12.26 96.99
N VAL G 393 29.29 12.16 95.95
CA VAL G 393 28.80 13.29 95.15
C VAL G 393 27.31 13.00 94.94
N SER G 394 26.51 13.95 94.42
CA SER G 394 25.12 13.78 93.94
C SER G 394 24.79 15.01 93.11
N ILE G 395 23.91 15.00 92.11
CA ILE G 395 23.63 16.22 91.37
C ILE G 395 22.20 16.69 91.65
N ASN G 396 21.97 17.95 91.99
CA ASN G 396 20.60 18.42 92.20
C ASN G 396 20.19 19.38 91.09
N SER G 397 19.37 18.89 90.16
CA SER G 397 18.80 19.72 89.10
C SER G 397 17.46 20.24 89.61
N LYS G 398 16.31 20.00 88.98
CA LYS G 398 15.02 20.08 89.64
C LYS G 398 14.82 19.01 90.70
N THR G 399 15.43 17.84 90.48
CA THR G 399 15.38 16.71 91.41
C THR G 399 16.82 16.21 91.61
N ALA G 400 17.08 15.21 92.45
CA ALA G 400 18.39 14.57 92.52
C ALA G 400 18.67 13.63 91.35
N ASN G 401 19.94 13.54 90.96
CA ASN G 401 20.48 12.61 89.98
C ASN G 401 19.79 12.40 88.63
N VAL G 402 19.08 13.43 88.21
CA VAL G 402 18.63 13.54 86.82
C VAL G 402 19.17 14.87 86.32
N ILE G 403 19.52 15.09 85.05
CA ILE G 403 19.58 16.44 84.52
C ILE G 403 18.54 16.41 83.41
N THR G 404 17.91 17.52 83.09
CA THR G 404 16.87 17.50 82.10
C THR G 404 17.14 18.49 80.98
N THR G 405 17.23 17.93 79.78
CA THR G 405 17.72 18.62 78.61
C THR G 405 16.52 19.21 77.88
N LEU G 406 16.67 20.25 77.07
CA LEU G 406 15.51 20.90 76.49
C LEU G 406 15.81 21.15 75.02
N ILE G 407 14.80 21.66 74.33
CA ILE G 407 14.98 22.32 73.05
C ILE G 407 14.90 23.83 73.27
N LYS G 408 15.77 24.64 72.66
CA LYS G 408 15.63 26.08 72.67
C LYS G 408 15.77 26.58 71.24
N GLU G 409 14.66 27.17 70.78
CA GLU G 409 14.63 27.90 69.54
C GLU G 409 15.48 29.15 69.67
N SER G 410 16.12 29.60 68.58
CA SER G 410 17.08 30.68 68.68
C SER G 410 17.28 31.36 67.33
N LEU G 411 18.13 32.37 67.27
CA LEU G 411 18.30 33.20 66.09
C LEU G 411 19.76 33.35 65.68
N LEU G 412 19.97 33.80 64.44
CA LEU G 412 21.28 34.06 63.88
C LEU G 412 21.00 35.10 62.80
N GLU G 413 21.73 36.21 62.87
CA GLU G 413 21.38 37.38 62.09
C GLU G 413 22.03 37.40 60.71
N LEU G 414 21.29 36.98 59.68
CA LEU G 414 21.83 36.79 58.34
C LEU G 414 22.37 38.08 57.71
N SER G 415 21.68 39.20 57.92
CA SER G 415 22.06 40.58 57.57
C SER G 415 23.52 40.99 57.51
N HIS G 416 24.25 40.52 58.53
CA HIS G 416 25.66 40.82 58.63
C HIS G 416 26.38 40.14 57.47
N GLY G 417 26.06 38.86 57.27
CA GLY G 417 26.65 38.04 56.23
C GLY G 417 26.13 38.36 54.85
N ILE G 418 24.82 38.35 54.62
CA ILE G 418 24.36 38.59 53.24
C ILE G 418 23.75 39.97 53.12
N ASN G 419 23.44 40.41 51.89
CA ASN G 419 22.88 41.73 51.69
C ASN G 419 21.38 41.79 51.93
N PHE G 420 20.99 42.36 53.07
CA PHE G 420 19.58 42.68 53.33
C PHE G 420 19.03 43.64 52.29
N GLY G 421 19.86 44.61 51.89
CA GLY G 421 19.51 45.63 50.92
C GLY G 421 18.60 46.69 51.52
N THR G 422 17.44 46.23 52.01
CA THR G 422 16.44 47.06 52.67
C THR G 422 16.34 46.84 54.17
N ASP G 423 15.81 45.69 54.59
CA ASP G 423 15.28 45.48 55.93
C ASP G 423 16.26 45.61 57.08
N GLN G 424 15.75 45.58 58.31
CA GLN G 424 16.64 45.55 59.46
C GLN G 424 17.49 44.28 59.56
N SER G 425 16.84 43.12 59.52
CA SER G 425 17.45 41.92 60.04
C SER G 425 16.74 40.78 59.35
N VAL G 426 17.51 39.79 58.92
CA VAL G 426 16.94 38.60 58.34
C VAL G 426 17.40 37.52 59.30
N LYS G 427 16.46 36.81 59.92
CA LYS G 427 16.83 35.99 61.05
C LYS G 427 16.48 34.57 60.67
N VAL G 428 17.39 33.66 60.97
CA VAL G 428 17.09 32.23 60.94
C VAL G 428 16.87 31.66 62.35
N LYS G 429 15.59 31.39 62.62
CA LYS G 429 15.16 30.72 63.82
C LYS G 429 15.59 29.25 63.73
N TYR G 430 16.56 28.83 64.55
CA TYR G 430 16.92 27.42 64.59
C TYR G 430 16.48 26.79 65.91
N HIS G 431 16.64 25.48 66.12
CA HIS G 431 16.23 24.81 67.35
C HIS G 431 17.42 24.00 67.84
N HIS G 432 17.84 24.18 69.10
CA HIS G 432 19.01 23.48 69.60
C HIS G 432 18.77 22.75 70.92
N LEU G 433 19.57 21.73 71.24
CA LEU G 433 19.48 20.96 72.47
C LEU G 433 20.01 21.85 73.61
N ASP G 434 19.57 21.69 74.85
CA ASP G 434 20.13 22.44 75.97
C ASP G 434 20.07 21.52 77.19
N HIS G 435 20.12 22.05 78.42
CA HIS G 435 20.12 21.23 79.60
C HIS G 435 19.68 22.10 80.77
N GLU G 436 19.10 21.53 81.82
CA GLU G 436 18.91 22.22 83.08
C GLU G 436 20.26 22.53 83.74
N PRO G 437 20.40 23.61 84.51
CA PRO G 437 21.51 23.87 85.42
C PRO G 437 21.57 22.81 86.52
N PHE G 438 22.68 22.64 87.23
CA PHE G 438 22.75 21.60 88.24
C PHE G 438 23.97 21.87 89.09
N THR G 439 24.09 21.17 90.20
CA THR G 439 25.27 21.33 91.02
C THR G 439 25.90 19.99 91.34
N TYR G 440 27.17 20.01 91.69
CA TYR G 440 27.82 18.90 92.35
C TYR G 440 27.72 19.19 93.82
N ASN G 441 27.32 18.27 94.67
CA ASN G 441 27.55 18.39 96.10
C ASN G 441 28.52 17.25 96.32
N ILE G 442 29.75 17.51 96.77
CA ILE G 442 30.78 16.49 96.93
C ILE G 442 31.27 16.54 98.37
N VAL G 443 31.19 15.41 99.07
CA VAL G 443 31.57 15.26 100.48
C VAL G 443 32.93 14.55 100.59
N VAL G 444 33.76 14.99 101.56
CA VAL G 444 35.15 14.57 101.73
C VAL G 444 35.51 14.34 103.21
N GLU G 445 36.30 13.32 103.59
CA GLU G 445 36.94 13.24 104.89
C GLU G 445 38.43 13.51 104.74
N ASN G 446 38.84 14.76 105.01
CA ASN G 446 40.25 15.13 105.01
C ASN G 446 40.90 14.76 106.34
N ASN G 447 41.30 13.49 106.39
CA ASN G 447 41.89 12.85 107.58
C ASN G 447 43.11 13.58 108.14
N SER G 448 43.88 14.18 107.23
CA SER G 448 45.08 14.90 107.59
C SER G 448 44.77 16.17 108.37
N GLY G 449 45.47 16.39 109.49
CA GLY G 449 45.33 17.63 110.24
C GLY G 449 45.59 18.90 109.45
N ALA G 450 46.29 18.83 108.30
CA ALA G 450 46.44 19.97 107.42
C ALA G 450 45.35 20.04 106.37
N GLU G 451 44.93 21.28 106.12
CA GLU G 451 44.18 21.67 104.94
C GLU G 451 44.76 21.15 103.63
N LYS G 452 43.95 20.52 102.80
CA LYS G 452 44.40 20.06 101.50
C LYS G 452 43.97 20.91 100.29
N HIS G 453 44.89 21.21 99.39
CA HIS G 453 44.56 21.91 98.16
C HIS G 453 44.41 20.88 97.07
N SER G 454 43.27 20.78 96.38
CA SER G 454 43.07 19.76 95.35
C SER G 454 42.90 20.29 93.93
N THR G 455 43.05 19.44 92.92
CA THR G 455 42.51 19.66 91.60
C THR G 455 41.54 18.50 91.35
N VAL G 456 40.28 18.89 91.15
CA VAL G 456 39.11 18.02 90.99
C VAL G 456 38.70 17.88 89.52
N ARG G 457 38.96 16.71 88.94
CA ARG G 457 38.73 16.44 87.53
C ARG G 457 37.38 15.73 87.50
N ILE G 458 36.28 16.21 86.92
CA ILE G 458 34.98 15.52 87.01
C ILE G 458 34.61 15.03 85.62
N PHE G 459 34.03 13.83 85.46
CA PHE G 459 33.79 13.23 84.16
C PHE G 459 32.35 12.74 84.01
N LEU G 460 31.93 12.58 82.76
CA LEU G 460 30.68 12.00 82.35
C LEU G 460 30.94 10.96 81.25
N ALA G 461 30.48 9.74 81.51
CA ALA G 461 30.52 8.67 80.52
C ALA G 461 29.13 8.03 80.46
N PRO G 462 28.84 7.02 79.63
CA PRO G 462 27.66 6.15 79.78
C PRO G 462 27.81 4.84 80.56
N LYS G 463 26.77 4.56 81.34
CA LYS G 463 26.74 3.42 82.23
C LYS G 463 26.25 2.16 81.52
N TYR G 464 25.31 2.36 80.59
CA TYR G 464 24.86 1.32 79.66
C TYR G 464 25.78 1.07 78.47
N ASP G 465 25.75 -0.12 77.88
CA ASP G 465 26.27 -0.29 76.54
C ASP G 465 25.07 -0.32 75.60
N GLU G 466 25.38 -0.69 74.36
CA GLU G 466 24.36 -1.04 73.39
C GLU G 466 24.19 -2.56 73.32
N LEU G 467 24.85 -3.26 74.25
CA LEU G 467 24.55 -4.66 74.52
C LEU G 467 23.68 -4.77 75.77
N ASN G 468 24.25 -4.51 76.95
CA ASN G 468 23.51 -4.47 78.22
C ASN G 468 24.30 -3.50 79.11
N ASN G 469 24.07 -3.35 80.41
CA ASN G 469 24.82 -2.43 81.26
C ASN G 469 26.24 -2.93 81.58
N LYS G 470 27.32 -2.52 80.88
CA LYS G 470 28.66 -3.03 81.17
C LYS G 470 29.81 -2.04 81.37
N LEU G 471 30.16 -1.80 82.63
CA LEU G 471 31.12 -0.77 83.06
C LEU G 471 32.61 -0.99 82.82
N GLU G 472 32.91 -1.48 81.62
CA GLU G 472 34.26 -1.67 81.13
C GLU G 472 34.90 -0.31 80.84
N PRO G 473 35.76 0.13 81.79
CA PRO G 473 36.30 1.48 81.83
C PRO G 473 37.29 1.74 80.72
N ASP G 474 38.03 0.74 80.23
CA ASP G 474 38.91 0.95 79.09
C ASP G 474 38.10 1.25 77.84
N GLU G 475 37.04 0.49 77.58
CA GLU G 475 36.01 0.83 76.61
C GLU G 475 35.39 2.19 76.88
N GLN G 476 35.08 2.52 78.14
CA GLN G 476 34.50 3.79 78.48
C GLN G 476 35.43 4.97 78.30
N ARG G 477 36.76 4.81 78.30
CA ARG G 477 37.69 5.92 78.10
C ARG G 477 37.53 6.68 76.78
N ARG G 478 36.95 6.00 75.78
CA ARG G 478 36.64 6.65 74.52
C ARG G 478 35.45 7.60 74.67
N LEU G 479 34.57 7.33 75.63
CA LEU G 479 33.31 8.04 75.83
C LEU G 479 33.45 9.11 76.91
N PHE G 480 34.27 8.78 77.92
CA PHE G 480 34.59 9.66 79.04
C PHE G 480 34.85 11.10 78.69
N ILE G 481 34.03 12.01 79.20
CA ILE G 481 34.19 13.43 78.95
C ILE G 481 34.38 14.20 80.24
N GLU G 482 35.37 15.09 80.24
CA GLU G 482 35.68 15.89 81.40
C GLU G 482 34.65 17.01 81.46
N LEU G 483 33.86 17.02 82.51
CA LEU G 483 32.83 18.02 82.73
C LEU G 483 33.35 19.24 83.45
N ASP G 484 34.43 19.15 84.23
CA ASP G 484 34.88 20.24 85.07
C ASP G 484 36.27 19.90 85.58
N LYS G 485 37.04 20.91 85.98
CA LYS G 485 38.36 20.72 86.57
C LYS G 485 38.71 21.94 87.39
N PHE G 486 38.74 21.86 88.72
CA PHE G 486 39.04 23.03 89.56
C PHE G 486 40.02 22.80 90.72
N PHE G 487 40.40 23.89 91.39
CA PHE G 487 41.19 23.91 92.61
C PHE G 487 40.27 24.30 93.75
N TYR G 488 40.28 23.54 94.84
CA TYR G 488 39.61 23.96 96.06
C TYR G 488 40.59 23.68 97.21
N THR G 489 40.29 24.26 98.37
CA THR G 489 41.06 24.04 99.57
C THR G 489 40.09 23.45 100.58
N LEU G 490 40.62 22.43 101.25
CA LEU G 490 39.84 21.52 102.07
C LEU G 490 40.41 21.47 103.47
N THR G 491 39.64 21.98 104.43
CA THR G 491 40.04 21.94 105.83
C THR G 491 40.02 20.51 106.36
N PRO G 492 40.52 20.15 107.54
CA PRO G 492 40.36 18.82 108.12
C PRO G 492 38.89 18.43 108.25
N GLY G 493 38.66 17.12 108.25
CA GLY G 493 37.36 16.54 108.51
C GLY G 493 36.42 16.55 107.31
N LYS G 494 35.11 16.53 107.63
CA LYS G 494 34.04 16.54 106.65
C LYS G 494 34.01 17.82 105.84
N ASN G 495 34.20 17.71 104.54
CA ASN G 495 34.16 18.87 103.67
C ASN G 495 33.08 18.59 102.64
N THR G 496 32.42 19.68 102.29
CA THR G 496 31.54 19.70 101.14
C THR G 496 32.03 20.77 100.18
N ILE G 497 31.97 20.46 98.90
CA ILE G 497 32.25 21.43 97.86
C ILE G 497 30.92 21.46 97.11
N VAL G 498 30.45 22.61 96.63
CA VAL G 498 29.22 22.68 95.84
C VAL G 498 29.63 23.44 94.57
N ARG G 499 29.29 22.98 93.37
CA ARG G 499 29.84 23.57 92.17
C ARG G 499 28.75 23.60 91.12
N ASN G 500 28.43 24.81 90.65
CA ASN G 500 27.28 25.03 89.78
C ASN G 500 27.65 24.91 88.32
N HIS G 501 26.75 24.36 87.51
CA HIS G 501 26.96 24.14 86.09
C HIS G 501 27.80 25.11 85.26
N GLN G 502 27.67 26.44 85.48
CA GLN G 502 28.11 27.49 84.57
C GLN G 502 29.61 27.56 84.36
N ASP G 503 30.20 27.33 85.54
CA ASP G 503 31.62 27.48 85.82
C ASP G 503 32.40 26.21 85.44
N SER G 504 31.81 25.42 84.55
CA SER G 504 32.52 24.34 83.87
C SER G 504 33.75 24.85 83.15
N SER G 505 34.91 24.22 83.37
CA SER G 505 36.10 24.66 82.68
C SER G 505 36.25 24.35 81.19
N VAL G 506 35.21 23.94 80.46
CA VAL G 506 35.29 23.57 79.03
C VAL G 506 34.59 24.54 78.05
N THR G 507 33.74 25.34 78.70
CA THR G 507 32.69 26.10 78.05
C THR G 507 32.94 27.56 77.71
N ILE G 508 32.26 28.00 76.65
CA ILE G 508 31.94 29.40 76.56
C ILE G 508 30.69 29.65 77.41
N SER G 509 30.73 30.75 78.14
CA SER G 509 29.50 31.28 78.71
C SER G 509 28.90 32.30 77.75
N LYS G 510 29.43 33.52 77.72
CA LYS G 510 28.86 34.55 76.88
C LYS G 510 29.51 34.59 75.51
N VAL G 511 28.73 34.14 74.52
CA VAL G 511 28.97 34.44 73.11
C VAL G 511 28.81 35.93 72.78
N ARG G 512 29.34 36.44 71.66
CA ARG G 512 29.21 37.86 71.35
C ARG G 512 28.85 38.05 69.89
N THR G 513 27.65 38.59 69.64
CA THR G 513 27.25 39.01 68.30
C THR G 513 28.00 40.27 67.88
N PHE G 514 28.15 40.41 66.55
CA PHE G 514 28.66 41.60 65.90
C PHE G 514 28.08 42.91 66.43
N ASP G 515 26.82 42.88 66.84
CA ASP G 515 26.13 44.07 67.34
C ASP G 515 26.69 44.58 68.64
N GLN G 516 27.05 43.65 69.51
CA GLN G 516 27.75 43.92 70.76
C GLN G 516 29.06 44.65 70.44
N LEU G 517 29.81 44.06 69.52
CA LEU G 517 31.07 44.60 69.06
C LEU G 517 30.98 46.00 68.44
N GLY G 518 29.92 46.28 67.67
CA GLY G 518 29.57 47.64 67.28
C GLY G 518 29.51 48.64 68.44
N ALA G 519 29.21 48.18 69.67
CA ALA G 519 29.36 49.00 70.87
C ALA G 519 30.64 48.68 71.66
N GLY G 520 30.71 47.55 72.37
CA GLY G 520 31.86 47.22 73.20
C GLY G 520 31.50 47.14 74.67
N GLU G 521 32.04 46.12 75.35
CA GLU G 521 31.82 45.93 76.77
C GLU G 521 33.16 45.88 77.51
N GLY G 522 33.30 45.12 78.59
CA GLY G 522 34.54 44.99 79.33
C GLY G 522 34.40 43.68 80.06
N VAL G 523 34.81 42.61 79.37
CA VAL G 523 34.73 41.26 79.89
C VAL G 523 36.16 40.73 79.87
N SER G 524 36.85 41.10 78.80
CA SER G 524 37.96 42.05 78.88
C SER G 524 38.19 42.33 77.40
N GLU G 525 39.37 42.08 76.83
CA GLU G 525 39.61 42.34 75.43
C GLU G 525 40.81 41.45 75.10
N ASP G 526 40.57 40.23 74.66
CA ASP G 526 41.60 39.32 74.17
C ASP G 526 41.07 38.94 72.79
N SER G 527 40.94 37.76 72.13
CA SER G 527 40.62 37.83 70.69
C SER G 527 39.73 36.84 69.95
N THR G 528 40.07 35.82 69.13
CA THR G 528 39.06 34.86 68.65
C THR G 528 38.57 33.81 69.62
N GLU G 529 39.27 33.56 70.73
CA GLU G 529 38.66 32.84 71.83
C GLU G 529 37.55 33.61 72.54
N TYR G 530 37.86 34.62 73.35
CA TYR G 530 36.95 35.57 74.04
C TYR G 530 35.46 35.29 74.24
N CYS G 531 34.73 34.93 73.18
CA CYS G 531 33.29 34.76 73.20
C CYS G 531 32.84 33.88 72.04
N SER G 532 33.71 32.94 71.67
CA SER G 532 33.65 32.24 70.40
C SER G 532 34.36 30.88 70.41
N CYS G 533 35.39 30.72 71.24
CA CYS G 533 35.99 29.41 71.50
C CYS G 533 35.46 28.81 72.80
N GLY G 534 36.00 27.70 73.34
CA GLY G 534 35.29 27.06 74.44
C GLY G 534 34.26 26.08 73.89
N TRP G 535 33.88 24.94 74.47
CA TRP G 535 32.76 24.20 73.91
C TRP G 535 31.46 24.96 74.19
N PRO G 536 30.45 25.03 73.32
CA PRO G 536 29.14 25.61 73.66
C PRO G 536 28.41 24.99 74.85
N GLU G 537 27.53 25.99 75.53
CA GLU G 537 26.91 25.69 76.82
C GLU G 537 25.80 24.67 76.66
N HIS G 538 24.84 24.95 75.80
CA HIS G 538 23.80 23.97 75.50
C HIS G 538 24.19 22.51 75.15
N MET G 539 25.45 22.21 74.78
CA MET G 539 25.92 20.86 74.50
C MET G 539 26.87 20.35 75.59
N LEU G 540 26.81 21.00 76.76
CA LEU G 540 27.61 20.58 77.90
C LEU G 540 27.32 19.18 78.44
N ILE G 541 26.07 18.73 78.37
CA ILE G 541 25.68 17.40 78.83
C ILE G 541 24.83 16.83 77.69
N PRO G 542 25.17 15.68 77.08
CA PRO G 542 24.45 15.05 75.97
C PRO G 542 22.95 14.80 76.15
N ARG G 543 22.21 14.59 75.05
CA ARG G 543 20.75 14.45 75.07
C ARG G 543 20.12 13.36 75.95
N GLY G 544 20.80 12.22 76.11
CA GLY G 544 20.22 11.07 76.76
C GLY G 544 19.04 10.55 75.95
N SER G 545 17.91 10.40 76.62
CA SER G 545 16.69 9.90 76.02
C SER G 545 15.46 10.40 76.75
N HIS G 546 14.27 10.24 76.18
CA HIS G 546 13.07 10.68 76.88
C HIS G 546 12.77 9.89 78.16
N LYS G 547 13.17 8.62 78.19
CA LYS G 547 13.03 7.73 79.35
C LYS G 547 13.79 8.23 80.59
N GLY G 548 14.91 8.92 80.31
CA GLY G 548 15.95 9.13 81.28
C GLY G 548 17.05 8.10 81.09
N MET G 549 18.12 8.41 80.36
CA MET G 549 19.21 7.46 80.18
C MET G 549 20.21 7.66 81.31
N GLU G 550 21.10 6.67 81.54
CA GLU G 550 21.79 6.48 82.79
C GLU G 550 23.26 6.45 82.43
N PHE G 551 24.01 7.30 83.09
CA PHE G 551 25.34 7.71 82.68
C PHE G 551 26.25 7.62 83.90
N GLU G 552 27.46 8.13 83.81
CA GLU G 552 28.44 7.99 84.89
C GLU G 552 29.14 9.32 85.12
N LEU G 553 29.01 9.87 86.32
CA LEU G 553 29.73 11.06 86.72
C LEU G 553 30.94 10.67 87.57
N PHE G 554 32.14 10.62 87.00
CA PHE G 554 33.30 10.08 87.70
C PHE G 554 34.26 11.21 88.06
N VAL G 555 34.58 11.39 89.33
CA VAL G 555 35.38 12.50 89.83
C VAL G 555 36.74 11.96 90.28
N MET G 556 37.78 12.77 90.13
CA MET G 556 39.06 12.48 90.73
C MET G 556 39.48 13.72 91.50
N LEU G 557 40.17 13.56 92.62
CA LEU G 557 40.90 14.64 93.26
C LEU G 557 42.36 14.25 93.27
N THR G 558 43.13 15.02 92.49
CA THR G 558 44.58 14.97 92.51
C THR G 558 45.14 16.21 93.24
N ASP G 559 46.44 16.41 93.53
CA ASP G 559 46.86 17.52 94.38
C ASP G 559 47.06 18.80 93.56
N HIS G 560 46.72 19.95 94.14
CA HIS G 560 46.92 21.21 93.43
C HIS G 560 48.32 21.80 93.50
N ASP G 561 49.05 21.63 94.59
CA ASP G 561 50.44 22.07 94.64
C ASP G 561 51.32 21.19 93.76
N GLU G 562 50.95 19.90 93.62
CA GLU G 562 51.55 19.05 92.61
C GLU G 562 51.15 19.56 91.22
N ASP G 563 49.84 19.62 90.91
CA ASP G 563 49.32 19.96 89.59
C ASP G 563 49.60 21.37 89.09
N THR G 564 49.67 22.42 89.93
CA THR G 564 49.71 23.73 89.31
C THR G 564 51.11 23.90 88.77
N VAL G 565 51.16 24.21 87.47
CA VAL G 565 52.37 24.79 86.92
C VAL G 565 52.71 26.08 87.69
N ALA G 566 53.96 26.37 88.01
CA ALA G 566 54.33 27.67 88.53
C ALA G 566 54.92 28.47 87.38
N GLY G 567 54.67 29.79 87.38
CA GLY G 567 55.17 30.64 86.35
C GLY G 567 54.49 31.95 86.52
N LEU G 568 54.77 32.96 85.69
CA LEU G 568 54.17 34.29 85.86
C LEU G 568 53.58 34.77 84.55
N SER G 569 52.23 34.84 84.60
CA SER G 569 51.34 35.15 83.48
C SER G 569 50.28 36.25 83.77
N GLU G 570 48.97 36.06 84.06
CA GLU G 570 47.98 37.15 84.04
C GLU G 570 46.89 37.10 85.13
N ASN G 571 45.93 38.04 85.19
CA ASN G 571 44.73 37.94 86.04
C ASN G 571 43.75 36.82 85.71
N ALA G 572 42.55 36.82 86.29
CA ALA G 572 41.46 35.94 85.83
C ALA G 572 40.85 36.51 84.55
N VAL G 573 40.81 35.71 83.49
CA VAL G 573 40.63 36.24 82.14
C VAL G 573 39.96 35.23 81.20
N CYS G 574 40.41 35.05 79.95
CA CYS G 574 39.97 34.01 79.03
C CYS G 574 40.59 32.67 79.42
N SER G 575 40.19 32.25 80.61
CA SER G 575 40.54 30.93 81.08
C SER G 575 39.27 30.13 81.17
N ASP G 576 38.08 30.65 80.80
CA ASP G 576 36.78 30.04 81.01
C ASP G 576 36.80 28.63 80.47
N ALA G 577 37.08 28.48 79.16
CA ALA G 577 37.35 27.17 78.62
C ALA G 577 38.76 26.59 78.84
N VAL G 578 39.41 26.67 80.02
CA VAL G 578 40.74 26.08 80.22
C VAL G 578 40.92 24.64 79.81
N SER G 579 39.94 23.75 80.01
CA SER G 579 40.03 22.38 79.56
C SER G 579 40.20 22.06 78.07
N TYR G 580 39.22 22.30 77.21
CA TYR G 580 39.23 21.90 75.81
C TYR G 580 40.08 22.74 74.86
N CYS G 581 40.56 23.82 75.47
CA CYS G 581 41.09 24.95 74.75
C CYS G 581 42.27 25.46 75.56
N GLY G 582 42.05 26.17 76.67
CA GLY G 582 43.17 26.74 77.41
C GLY G 582 42.93 28.16 77.94
N ALA G 583 44.00 28.92 77.91
CA ALA G 583 44.09 30.25 78.53
C ALA G 583 45.14 31.01 77.74
N ARG G 584 45.24 32.34 77.77
CA ARG G 584 46.15 33.02 76.85
C ARG G 584 47.49 33.50 77.40
N ASP G 585 48.45 33.21 76.53
CA ASP G 585 49.88 33.14 76.76
C ASP G 585 50.37 32.52 78.06
N ASP G 586 49.73 31.40 78.35
CA ASP G 586 50.01 30.59 79.53
C ASP G 586 49.97 29.14 79.07
N ARG G 587 50.17 28.15 79.96
CA ARG G 587 50.22 26.73 79.58
C ARG G 587 48.91 26.05 79.97
N TYR G 588 48.76 24.74 79.72
CA TYR G 588 47.64 24.00 80.28
C TYR G 588 47.92 23.79 81.77
N PRO G 589 47.21 24.47 82.70
CA PRO G 589 47.51 24.61 84.13
C PRO G 589 47.80 23.40 85.01
N ASP G 590 47.55 22.23 84.42
CA ASP G 590 47.53 20.97 85.10
C ASP G 590 48.63 20.16 84.45
N LYS G 591 49.47 19.64 85.34
CA LYS G 591 50.54 18.72 85.02
C LYS G 591 50.16 17.55 84.13
N LYS G 592 49.07 16.88 84.50
CA LYS G 592 48.78 15.60 83.88
C LYS G 592 48.20 15.71 82.48
N ALA G 593 48.39 14.62 81.74
CA ALA G 593 47.88 14.52 80.39
C ALA G 593 46.38 14.74 80.39
N MET G 594 45.96 15.54 79.44
CA MET G 594 44.55 15.80 79.23
C MET G 594 43.86 14.49 78.91
N GLY G 595 43.00 14.08 79.85
CA GLY G 595 42.36 12.77 79.81
C GLY G 595 42.34 12.12 81.18
N PHE G 596 43.43 12.39 81.92
CA PHE G 596 43.69 11.89 83.28
C PHE G 596 42.55 11.92 84.30
N PRO G 597 42.19 10.76 84.87
CA PRO G 597 42.90 9.47 84.77
C PRO G 597 42.95 8.71 83.43
N PHE G 598 41.98 8.96 82.57
CA PHE G 598 41.54 8.01 81.55
C PHE G 598 42.26 8.04 80.19
N ASP G 599 43.53 8.42 80.26
CA ASP G 599 44.43 8.45 79.10
C ASP G 599 44.99 7.07 78.76
N ARG G 600 45.36 6.34 79.80
CA ARG G 600 45.96 5.03 79.62
C ARG G 600 45.13 3.76 79.78
N LYS G 601 45.82 2.62 79.67
CA LYS G 601 45.18 1.32 79.77
C LYS G 601 44.59 1.03 81.15
N ILE G 602 43.42 0.40 81.17
CA ILE G 602 42.87 -0.13 82.40
C ILE G 602 42.68 -1.63 82.17
N GLU G 603 43.39 -2.41 82.99
CA GLU G 603 43.23 -3.87 83.02
C GLU G 603 41.98 -4.37 83.75
N ALA G 604 41.40 -3.47 84.53
CA ALA G 604 40.24 -3.73 85.38
C ALA G 604 38.92 -3.79 84.64
N ARG G 605 37.99 -4.64 85.10
CA ARG G 605 36.71 -4.83 84.42
C ARG G 605 35.61 -3.85 84.78
N THR G 606 35.67 -3.20 85.93
CA THR G 606 34.72 -2.14 86.22
C THR G 606 35.40 -0.86 86.66
N ALA G 607 34.77 0.23 86.24
CA ALA G 607 35.03 1.54 86.81
C ALA G 607 34.99 1.58 88.33
N ALA G 608 34.29 0.62 88.97
CA ALA G 608 34.36 0.45 90.41
C ALA G 608 35.71 -0.11 90.87
N GLU G 609 36.37 -1.04 90.17
CA GLU G 609 37.68 -1.57 90.58
C GLU G 609 38.75 -0.49 90.59
N PHE G 610 38.60 0.42 89.63
CA PHE G 610 39.47 1.55 89.46
C PHE G 610 39.31 2.62 90.55
N LEU G 611 38.33 2.49 91.44
CA LEU G 611 38.11 3.45 92.50
C LEU G 611 39.26 3.51 93.51
N THR G 612 39.92 4.65 93.55
CA THR G 612 40.68 5.07 94.73
C THR G 612 39.78 5.89 95.65
N PRO G 613 40.04 6.07 96.96
CA PRO G 613 39.23 6.92 97.86
C PRO G 613 39.14 8.42 97.54
N ASN G 614 39.89 8.81 96.49
CA ASN G 614 39.80 10.11 95.89
C ASN G 614 39.22 10.07 94.47
N MET G 615 38.39 9.06 94.19
CA MET G 615 37.62 8.95 92.96
C MET G 615 36.17 8.65 93.29
N GLY G 616 35.21 8.91 92.40
CA GLY G 616 33.82 8.67 92.75
C GLY G 616 32.91 8.77 91.55
N LEU G 617 32.18 7.67 91.33
CA LEU G 617 31.17 7.57 90.28
C LEU G 617 29.86 7.97 90.93
N THR G 618 29.09 8.88 90.32
CA THR G 618 27.76 9.21 90.81
C THR G 618 26.83 8.98 89.62
N ASP G 619 26.06 7.90 89.63
CA ASP G 619 25.28 7.49 88.47
C ASP G 619 24.09 8.41 88.29
N ILE G 620 24.07 9.04 87.12
CA ILE G 620 23.09 10.07 86.85
C ILE G 620 22.33 9.77 85.56
N LYS G 621 21.14 10.35 85.60
CA LYS G 621 20.21 10.31 84.48
C LYS G 621 20.25 11.63 83.74
N ILE G 622 19.92 11.54 82.45
CA ILE G 622 19.66 12.68 81.58
C ILE G 622 18.32 12.39 80.91
N LYS G 623 17.41 13.35 80.85
CA LYS G 623 16.17 13.10 80.13
C LYS G 623 15.84 14.22 79.18
N PHE G 624 15.58 13.89 77.91
CA PHE G 624 15.18 14.90 76.96
C PHE G 624 13.75 15.33 77.18
N HIS G 625 13.57 16.61 77.52
CA HIS G 625 12.23 17.19 77.48
C HIS G 625 11.78 17.32 76.02
N GLY G 626 10.90 16.39 75.66
CA GLY G 626 10.16 16.45 74.42
C GLY G 626 9.28 17.70 74.33
N THR H 1 -8.35 40.56 21.18
CA THR H 1 -7.86 40.41 19.83
C THR H 1 -6.47 39.82 20.00
N VAL H 2 -5.88 39.36 18.90
CA VAL H 2 -4.61 38.68 18.94
C VAL H 2 -3.47 39.60 19.37
N ALA H 3 -3.57 40.93 19.20
CA ALA H 3 -2.62 41.82 19.84
C ALA H 3 -2.70 41.68 21.37
N ASP H 4 -3.83 42.01 22.03
CA ASP H 4 -3.92 41.86 23.49
C ASP H 4 -3.81 40.44 24.01
N LYS H 5 -4.09 39.43 23.18
CA LYS H 5 -3.75 38.05 23.49
C LYS H 5 -2.24 37.96 23.78
N GLN H 6 -1.38 38.50 22.90
CA GLN H 6 0.04 38.67 23.20
C GLN H 6 0.28 39.54 24.42
N ALA H 7 -0.40 40.70 24.49
CA ALA H 7 -0.23 41.66 25.56
C ALA H 7 -0.75 41.24 26.94
N ARG H 8 -1.31 40.04 27.08
CA ARG H 8 -1.55 39.48 28.40
C ARG H 8 -0.53 38.44 28.83
N LEU H 9 -0.25 37.45 27.97
CA LEU H 9 0.62 36.35 28.36
C LEU H 9 2.04 36.79 28.66
N MET H 10 2.67 37.46 27.68
CA MET H 10 4.05 37.89 27.82
C MET H 10 4.22 38.89 28.96
N PRO H 11 3.36 39.88 29.23
CA PRO H 11 3.35 40.62 30.50
C PRO H 11 3.37 39.78 31.76
N LEU H 12 2.65 38.64 31.80
CA LEU H 12 2.77 37.72 32.94
C LEU H 12 4.16 37.07 32.98
N PHE H 13 4.70 36.74 31.81
CA PHE H 13 6.07 36.23 31.68
C PHE H 13 7.16 37.30 31.78
N LYS H 14 6.76 38.54 32.07
CA LYS H 14 7.64 39.46 32.78
C LYS H 14 7.67 39.04 34.26
N HIS H 15 8.54 38.03 34.48
CA HIS H 15 8.90 37.33 35.72
C HIS H 15 7.90 36.27 36.21
N LEU H 16 7.98 35.05 35.68
CA LEU H 16 7.00 33.98 35.91
C LEU H 16 6.93 33.26 37.27
N THR H 17 7.91 32.41 37.62
CA THR H 17 7.87 31.48 38.76
C THR H 17 7.06 31.85 40.00
N ALA H 18 7.27 33.09 40.49
CA ALA H 18 6.62 33.61 41.69
C ALA H 18 5.10 33.67 41.73
N LEU H 19 4.46 33.50 40.56
CA LEU H 19 3.04 33.34 40.39
C LEU H 19 2.62 32.05 41.08
N THR H 20 3.53 31.03 41.16
CA THR H 20 3.35 29.71 41.72
C THR H 20 2.78 29.78 43.10
N ARG H 21 3.17 30.77 43.94
CA ARG H 21 2.55 30.74 45.25
C ARG H 21 1.54 31.84 45.38
N GLU H 22 0.26 31.45 45.62
CA GLU H 22 -0.83 32.40 45.78
C GLU H 22 -1.91 31.85 46.64
N LYS H 23 -3.15 32.40 46.70
CA LYS H 23 -4.26 31.94 47.56
C LYS H 23 -5.22 30.91 46.90
N LEU H 24 -5.56 29.68 47.39
CA LEU H 24 -6.40 28.72 46.64
C LEU H 24 -7.30 27.80 47.50
N PRO H 25 -8.52 27.35 47.05
CA PRO H 25 -9.47 26.47 47.78
C PRO H 25 -9.63 24.93 47.63
N LEU H 26 -10.77 24.29 47.30
CA LEU H 26 -11.01 22.86 47.60
C LEU H 26 -11.42 21.92 46.45
N ASP H 27 -11.13 20.61 46.59
CA ASP H 27 -10.91 19.74 45.44
C ASP H 27 -12.17 19.45 44.61
N GLN H 28 -13.29 19.36 45.36
CA GLN H 28 -14.59 18.89 44.87
C GLN H 28 -15.03 19.43 43.53
N ARG H 29 -14.63 20.68 43.25
CA ARG H 29 -14.74 21.29 41.93
C ARG H 29 -14.50 20.34 40.76
N ASP H 30 -13.44 19.54 40.84
CA ASP H 30 -13.08 18.61 39.78
C ASP H 30 -13.30 17.19 40.28
N GLU H 31 -14.59 16.86 40.42
CA GLU H 31 -15.07 15.49 40.61
C GLU H 31 -14.27 14.47 39.82
N ARG H 32 -13.96 14.88 38.57
CA ARG H 32 -13.00 14.25 37.68
C ARG H 32 -11.70 13.81 38.33
N LEU H 33 -11.07 14.72 39.08
CA LEU H 33 -9.78 14.59 39.73
C LEU H 33 -9.72 13.89 41.11
N LYS H 34 -10.84 13.69 41.76
CA LYS H 34 -11.15 13.09 43.07
C LYS H 34 -10.06 12.54 44.01
N GLY H 35 -7.95 15.92 42.86
CA GLY H 35 -7.08 14.94 43.49
C GLY H 35 -5.61 15.27 43.30
N VAL H 36 -5.33 16.50 42.90
CA VAL H 36 -3.99 16.93 42.62
C VAL H 36 -3.81 18.23 43.41
N GLY H 37 -2.66 18.11 44.06
CA GLY H 37 -1.92 19.21 44.68
C GLY H 37 -0.77 18.63 45.47
N ILE H 38 -0.27 17.51 44.94
CA ILE H 38 0.41 16.47 45.74
C ILE H 38 1.93 16.36 45.61
N LEU H 39 2.44 17.32 44.85
CA LEU H 39 3.83 17.72 44.81
C LEU H 39 3.75 19.23 45.08
N PRO H 40 3.97 19.69 46.33
CA PRO H 40 3.84 21.08 46.73
C PRO H 40 5.01 21.99 46.34
N ARG H 41 4.74 22.97 45.45
CA ARG H 41 5.71 23.92 44.90
C ARG H 41 7.12 23.41 44.57
N GLY H 42 8.25 24.06 44.92
CA GLY H 42 9.57 23.55 44.58
C GLY H 42 10.06 22.34 45.38
N THR H 43 9.26 21.28 45.48
CA THR H 43 9.74 19.95 45.81
C THR H 43 9.98 19.36 44.42
N LEU H 44 11.24 19.35 44.02
CA LEU H 44 11.56 19.69 42.64
C LEU H 44 11.07 18.76 41.55
N PHE H 45 10.06 17.63 40.75
CA PHE H 45 9.43 16.96 39.62
C PHE H 45 10.38 16.14 38.77
N SER H 46 10.28 14.80 38.77
CA SER H 46 11.03 14.00 37.82
C SER H 46 10.02 13.80 36.71
N CYS H 47 10.31 14.30 35.50
CA CYS H 47 9.36 14.17 34.40
C CYS H 47 9.09 12.71 34.09
N PHE H 48 10.02 11.82 34.45
CA PHE H 48 9.80 10.41 34.18
C PHE H 48 9.34 9.54 35.35
N HIS H 49 9.24 10.07 36.57
CA HIS H 49 8.62 9.33 37.67
C HIS H 49 7.11 9.10 37.48
N ALA H 50 6.67 7.85 37.32
CA ALA H 50 5.37 7.47 36.78
C ALA H 50 4.13 8.20 37.26
N ARG H 51 4.09 8.43 38.58
CA ARG H 51 2.94 9.07 39.19
C ARG H 51 2.72 10.48 38.66
N HIS H 52 3.76 11.23 38.33
CA HIS H 52 3.61 12.63 37.97
C HIS H 52 3.06 12.94 36.58
N LEU H 53 3.27 11.98 35.68
CA LEU H 53 2.58 11.95 34.39
C LEU H 53 1.10 11.57 34.52
N ALA H 54 0.82 10.57 35.37
CA ALA H 54 -0.56 10.24 35.73
C ALA H 54 -1.28 11.42 36.37
N GLU H 55 -0.66 12.05 37.38
CA GLU H 55 -1.14 13.29 38.00
C GLU H 55 -1.36 14.33 36.92
N ALA H 56 -0.37 14.51 36.05
CA ALA H 56 -0.51 15.42 34.92
C ALA H 56 -1.60 15.02 33.94
N THR H 57 -1.96 13.74 33.77
CA THR H 57 -2.98 13.35 32.80
C THR H 57 -4.38 13.69 33.30
N GLU H 58 -4.48 13.80 34.63
CA GLU H 58 -5.62 14.45 35.28
C GLU H 58 -5.68 15.92 34.87
N LEU H 59 -4.53 16.62 34.90
CA LEU H 59 -4.40 17.97 34.39
C LEU H 59 -4.59 18.07 32.90
N TYR H 60 -4.15 17.11 32.09
CA TYR H 60 -4.39 17.18 30.66
C TYR H 60 -5.89 17.07 30.43
N VAL H 61 -6.61 16.13 31.05
CA VAL H 61 -8.04 16.05 30.76
C VAL H 61 -8.88 17.23 31.26
N ALA H 62 -8.50 17.75 32.43
CA ALA H 62 -9.01 19.02 32.89
C ALA H 62 -8.68 20.15 31.91
N LEU H 63 -7.40 20.43 31.62
CA LEU H 63 -7.05 21.63 30.87
C LEU H 63 -7.65 21.68 29.47
N TYR H 64 -7.77 20.54 28.82
CA TYR H 64 -8.49 20.49 27.55
C TYR H 64 -9.96 20.85 27.54
N GLY H 65 -10.68 20.55 28.61
CA GLY H 65 -12.12 20.77 28.68
C GLY H 65 -12.48 22.22 28.95
N ALA H 66 -12.19 23.10 27.99
CA ALA H 66 -12.44 24.52 28.20
C ALA H 66 -13.82 24.97 27.75
N LYS H 67 -14.07 26.29 27.87
CA LYS H 67 -15.17 26.90 27.15
C LYS H 67 -14.64 27.62 25.92
N ASP H 68 -13.99 28.79 26.07
CA ASP H 68 -13.60 29.62 24.92
C ASP H 68 -12.24 30.27 25.22
N PHE H 69 -11.79 31.23 24.39
CA PHE H 69 -10.53 31.92 24.62
C PHE H 69 -10.46 32.60 25.99
N ASN H 70 -11.60 33.06 26.55
CA ASN H 70 -11.62 33.65 27.87
C ASN H 70 -11.55 32.63 29.00
N ASP H 71 -12.48 31.67 29.06
CA ASP H 71 -12.46 30.71 30.16
C ASP H 71 -11.14 29.95 30.27
N PHE H 72 -10.51 29.70 29.11
CA PHE H 72 -9.16 29.17 29.06
C PHE H 72 -8.16 29.96 29.92
N ILE H 73 -8.19 31.28 29.72
CA ILE H 73 -7.30 32.18 30.44
C ILE H 73 -7.62 32.16 31.91
N HIS H 74 -8.91 32.16 32.30
CA HIS H 74 -9.21 32.13 33.71
C HIS H 74 -8.66 30.92 34.45
N LEU H 75 -8.89 29.73 33.86
CA LEU H 75 -8.33 28.51 34.40
C LEU H 75 -6.81 28.65 34.61
N CYS H 76 -6.17 29.22 33.60
CA CYS H 76 -4.74 29.47 33.62
C CYS H 76 -4.31 30.53 34.63
N GLU H 77 -5.15 31.52 34.98
CA GLU H 77 -4.82 32.39 36.10
C GLU H 77 -4.81 31.57 37.38
N GLN H 78 -5.91 30.83 37.55
CA GLN H 78 -6.23 30.19 38.81
C GLN H 78 -5.39 28.97 39.16
N ALA H 79 -5.41 27.87 38.40
CA ALA H 79 -4.70 26.66 38.78
C ALA H 79 -3.21 26.88 39.04
N ARG H 80 -2.67 27.87 38.32
CA ARG H 80 -1.28 28.30 38.51
C ARG H 80 -0.96 28.72 39.94
N GLN H 81 -1.90 29.26 40.71
CA GLN H 81 -1.60 29.76 42.05
C GLN H 81 -1.02 28.75 43.05
N ILE H 82 -1.14 27.45 42.76
CA ILE H 82 -0.58 26.41 43.62
C ILE H 82 0.44 25.50 42.94
N VAL H 83 0.36 25.28 41.63
CA VAL H 83 1.04 24.14 41.03
C VAL H 83 2.52 24.30 40.72
N ASN H 84 3.19 23.16 40.48
CA ASN H 84 4.55 23.18 39.99
C ASN H 84 4.59 23.78 38.61
N GLU H 85 4.90 25.08 38.59
CA GLU H 85 4.87 25.93 37.41
C GLU H 85 5.50 25.29 36.18
N GLY H 86 6.56 24.48 36.33
CA GLY H 86 7.14 23.77 35.20
C GLY H 86 6.14 22.91 34.42
N MET H 87 5.28 22.24 35.18
CA MET H 87 4.21 21.39 34.66
C MET H 87 3.13 22.27 34.06
N PHE H 88 2.78 23.33 34.78
CA PHE H 88 1.80 24.29 34.32
C PHE H 88 2.18 24.92 32.99
N VAL H 89 3.40 25.45 32.78
CA VAL H 89 3.84 25.90 31.46
C VAL H 89 3.85 24.79 30.42
N TYR H 90 4.20 23.56 30.80
CA TYR H 90 4.17 22.41 29.90
C TYR H 90 2.73 22.15 29.42
N ALA H 91 1.78 22.34 30.32
CA ALA H 91 0.37 22.13 30.04
C ALA H 91 -0.21 23.27 29.21
N VAL H 92 0.07 24.52 29.58
CA VAL H 92 -0.40 25.66 28.80
C VAL H 92 0.27 25.69 27.44
N SER H 93 1.52 25.25 27.28
CA SER H 93 2.13 25.17 25.97
C SER H 93 1.61 23.98 25.18
N VAL H 94 1.23 22.81 25.72
CA VAL H 94 0.55 21.81 24.90
C VAL H 94 -0.84 22.31 24.50
N ALA H 95 -1.50 23.06 25.38
CA ALA H 95 -2.74 23.74 25.04
C ALA H 95 -2.61 24.85 24.00
N VAL H 96 -1.75 25.86 24.21
CA VAL H 96 -1.75 27.07 23.41
C VAL H 96 -0.87 26.96 22.16
N LEU H 97 -0.54 25.68 21.91
CA LEU H 97 -0.30 25.18 20.58
C LEU H 97 -1.53 24.60 19.87
N HIS H 98 -2.44 23.90 20.55
CA HIS H 98 -3.37 23.00 19.86
C HIS H 98 -4.87 23.10 20.09
N ARG H 99 -5.43 24.00 20.89
CA ARG H 99 -6.88 24.05 21.05
C ARG H 99 -7.50 25.28 20.40
N GLU H 100 -8.40 24.99 19.45
CA GLU H 100 -8.45 25.68 18.17
C GLU H 100 -8.85 27.17 18.11
N ASP H 101 -9.00 27.85 19.24
CA ASP H 101 -9.30 29.28 19.34
C ASP H 101 -8.13 30.28 19.47
N CYS H 102 -6.90 29.89 19.13
CA CYS H 102 -5.73 30.62 19.63
C CYS H 102 -4.62 31.04 18.66
N LYS H 103 -4.71 30.91 17.33
CA LYS H 103 -3.55 31.04 16.42
C LYS H 103 -2.91 32.41 16.30
N GLY H 104 -1.60 32.42 16.01
CA GLY H 104 -0.80 33.62 16.16
C GLY H 104 -0.57 33.94 17.63
N ILE H 105 -0.84 33.01 18.55
CA ILE H 105 -0.38 33.18 19.92
C ILE H 105 1.03 32.59 19.88
N THR H 106 1.96 33.14 20.66
CA THR H 106 3.30 32.58 20.67
C THR H 106 3.55 32.13 22.07
N VAL H 107 4.24 30.99 22.19
CA VAL H 107 4.64 30.45 23.48
C VAL H 107 5.82 31.29 23.96
N PRO H 108 5.81 31.83 25.19
CA PRO H 108 6.94 32.52 25.79
C PRO H 108 8.23 31.70 25.72
N PRO H 109 9.30 32.24 25.11
CA PRO H 109 10.54 31.51 24.82
C PRO H 109 11.26 30.94 26.04
N ILE H 110 11.33 29.61 26.09
CA ILE H 110 11.91 28.89 27.24
C ILE H 110 13.34 29.27 27.62
N GLN H 111 14.11 29.75 26.63
CA GLN H 111 15.52 30.06 26.85
C GLN H 111 15.59 31.34 27.67
N GLU H 112 14.59 32.17 27.38
CA GLU H 112 14.46 33.49 27.96
C GLU H 112 13.59 33.52 29.21
N VAL H 113 12.57 32.68 29.37
CA VAL H 113 11.89 32.52 30.66
C VAL H 113 12.60 31.61 31.66
N PHE H 114 13.35 30.61 31.19
CA PHE H 114 14.18 29.80 32.06
C PHE H 114 15.59 29.69 31.48
N PRO H 115 16.46 30.71 31.62
CA PRO H 115 17.83 30.69 31.12
C PRO H 115 18.78 29.74 31.85
N ASP H 116 18.38 29.36 33.08
CA ASP H 116 19.18 28.60 34.02
C ASP H 116 19.58 27.26 33.42
N ARG H 117 18.64 26.60 32.75
CA ARG H 117 18.97 25.35 32.08
C ARG H 117 19.82 25.42 30.81
N PHE H 118 20.20 26.63 30.41
CA PHE H 118 20.97 26.85 29.19
C PHE H 118 22.39 27.35 29.43
N VAL H 119 22.60 28.22 30.43
CA VAL H 119 23.88 28.86 30.66
C VAL H 119 24.61 28.44 31.94
N PRO H 120 25.89 28.79 32.12
CA PRO H 120 26.61 28.65 33.40
C PRO H 120 26.04 29.42 34.59
N ALA H 121 25.81 28.66 35.65
CA ALA H 121 25.48 29.14 36.99
C ALA H 121 26.22 30.40 37.41
N GLU H 122 27.53 30.41 37.10
CA GLU H 122 28.39 31.59 37.24
C GLU H 122 27.91 32.83 36.50
N THR H 123 27.59 32.77 35.21
CA THR H 123 27.13 33.96 34.48
C THR H 123 25.70 34.36 34.83
N ILE H 124 24.93 33.50 35.50
CA ILE H 124 23.65 33.92 36.07
C ILE H 124 23.98 34.77 37.30
N ASN H 125 24.80 34.14 38.16
CA ASN H 125 25.28 34.69 39.41
C ASN H 125 25.98 36.02 39.21
N ARG H 126 26.76 36.16 38.13
CA ARG H 126 27.51 37.38 37.81
C ARG H 126 26.61 38.55 37.39
N ALA H 127 25.72 38.33 36.41
CA ALA H 127 24.80 39.36 35.97
C ALA H 127 23.93 39.89 37.13
N ASN H 128 23.37 38.91 37.85
CA ASN H 128 22.73 39.13 39.14
C ASN H 128 23.60 39.98 40.07
N LYS H 129 24.82 39.53 40.35
CA LYS H 129 25.71 40.23 41.25
C LYS H 129 26.09 41.61 40.71
N GLU H 130 26.16 41.84 39.40
CA GLU H 130 26.49 43.16 38.88
C GLU H 130 25.34 44.15 39.07
N ALA H 131 24.08 43.72 39.00
CA ALA H 131 22.93 44.52 39.44
C ALA H 131 22.97 44.84 40.93
N SER H 132 23.45 43.91 41.78
CA SER H 132 23.76 44.27 43.15
C SER H 132 25.03 45.11 43.29
N ASN H 133 25.95 45.05 42.33
CA ASN H 133 27.18 45.84 42.42
C ASN H 133 27.06 47.29 41.98
N HIS H 134 26.18 47.57 41.03
CA HIS H 134 25.95 48.93 40.59
C HIS H 134 24.45 49.09 40.50
N PRO H 135 23.68 49.56 41.50
CA PRO H 135 22.23 49.77 41.38
C PRO H 135 21.89 50.92 40.44
N ASP H 136 21.93 50.62 39.15
CA ASP H 136 21.70 51.59 38.11
C ASP H 136 20.92 50.92 36.99
N GLN H 137 20.38 51.73 36.07
CA GLN H 137 19.60 51.26 34.94
C GLN H 137 20.47 50.74 33.79
N GLN H 138 21.81 50.89 33.84
CA GLN H 138 22.72 50.28 32.89
C GLN H 138 22.61 48.76 32.73
N SER H 139 22.61 48.36 31.47
CA SER H 139 22.64 46.96 31.08
C SER H 139 23.95 46.31 31.54
N ILE H 140 23.95 44.99 31.65
CA ILE H 140 25.12 44.22 32.04
C ILE H 140 25.27 43.18 30.96
N VAL H 141 26.51 42.91 30.55
CA VAL H 141 26.78 41.88 29.56
C VAL H 141 27.91 41.05 30.17
N VAL H 142 27.76 39.74 30.21
CA VAL H 142 28.75 38.88 30.84
C VAL H 142 29.18 37.88 29.78
N GLU H 143 30.48 37.62 29.69
CA GLU H 143 31.01 36.66 28.73
C GLU H 143 30.98 35.26 29.34
N ALA H 144 30.08 34.46 28.76
CA ALA H 144 29.79 33.12 29.24
C ALA H 144 30.99 32.18 29.22
N GLU H 145 31.91 32.45 28.29
CA GLU H 145 33.08 31.61 28.00
C GLU H 145 33.78 30.87 29.15
N GLU H 146 33.97 31.53 30.31
CA GLU H 146 34.72 31.00 31.45
C GLU H 146 36.22 30.72 31.18
N THR H 147 36.97 30.22 32.16
CA THR H 147 38.40 29.92 32.04
C THR H 147 38.66 28.80 33.04
N GLY H 148 39.28 27.72 32.53
CA GLY H 148 39.55 26.54 33.32
C GLY H 148 40.44 25.56 32.55
N ASN H 149 41.09 24.65 33.29
CA ASN H 149 41.96 23.63 32.71
C ASN H 149 41.17 22.53 32.02
N ILE H 150 41.24 22.56 30.69
CA ILE H 150 40.60 21.55 29.85
C ILE H 150 41.38 20.23 29.87
N LEU H 151 41.13 19.36 30.86
CA LEU H 151 41.62 17.98 30.81
C LEU H 151 40.89 17.14 29.78
N ASP H 152 39.56 17.37 29.76
CA ASP H 152 38.60 16.56 29.02
C ASP H 152 38.55 16.82 27.52
N PRO H 153 38.59 15.77 26.69
CA PRO H 153 38.31 15.87 25.27
C PRO H 153 36.88 16.32 24.96
N GLU H 154 35.87 15.85 25.69
CA GLU H 154 34.48 16.01 25.29
C GLU H 154 33.96 17.44 25.32
N TYR H 155 34.51 18.28 26.22
CA TYR H 155 34.21 19.71 26.32
C TYR H 155 34.29 20.46 24.97
N LYS H 156 35.10 19.97 24.03
CA LYS H 156 35.09 20.44 22.65
C LYS H 156 33.66 20.48 22.11
N LEU H 157 32.94 19.34 22.15
CA LEU H 157 31.64 19.21 21.47
C LEU H 157 30.48 20.00 22.09
N SER H 158 30.85 20.74 23.15
CA SER H 158 29.98 21.66 23.84
C SER H 158 29.69 22.92 23.04
N TYR H 159 30.24 23.09 21.83
CA TYR H 159 29.68 24.02 20.86
C TYR H 159 28.26 23.67 20.42
N PHE H 160 28.05 22.35 20.24
CA PHE H 160 26.85 21.79 19.62
C PHE H 160 25.82 21.43 20.66
N ARG H 161 26.21 20.58 21.60
CA ARG H 161 25.31 19.93 22.55
C ARG H 161 24.50 20.91 23.41
N GLU H 162 25.24 21.94 23.83
CA GLU H 162 24.81 22.85 24.87
C GLU H 162 24.17 24.12 24.33
N ASP H 163 23.88 24.13 23.04
CA ASP H 163 23.47 25.31 22.31
C ASP H 163 22.02 25.68 22.56
N ILE H 164 21.74 26.98 22.45
CA ILE H 164 20.46 27.56 22.84
C ILE H 164 19.29 26.98 22.03
N GLY H 165 19.52 27.02 20.72
CA GLY H 165 18.53 26.64 19.72
C GLY H 165 18.38 25.13 19.65
N ILE H 166 19.53 24.45 19.83
CA ILE H 166 19.54 23.00 20.03
C ILE H 166 18.57 22.67 21.15
N ASN H 167 18.81 23.15 22.37
CA ASN H 167 18.05 22.69 23.51
C ASN H 167 16.58 23.12 23.59
N ALA H 168 16.34 24.30 23.03
CA ALA H 168 15.00 24.81 22.79
C ALA H 168 14.23 23.93 21.82
N HIS H 169 14.80 23.60 20.64
CA HIS H 169 14.16 22.72 19.65
C HIS H 169 13.67 21.45 20.32
N HIS H 170 14.53 20.94 21.18
CA HIS H 170 14.30 19.71 21.88
C HIS H 170 13.04 19.77 22.74
N TRP H 171 12.86 20.78 23.60
CA TRP H 171 11.59 20.95 24.31
C TRP H 171 10.44 21.12 23.32
N HIS H 172 10.56 22.10 22.43
CA HIS H 172 9.57 22.36 21.39
C HIS H 172 9.07 21.19 20.54
N TRP H 173 9.91 20.22 20.20
CA TRP H 173 9.47 19.05 19.47
C TRP H 173 8.45 18.24 20.26
N HIS H 174 8.72 18.04 21.56
CA HIS H 174 7.80 17.33 22.43
C HIS H 174 6.76 18.20 23.11
N ILE H 175 6.84 19.52 22.93
CA ILE H 175 5.67 20.31 23.22
C ILE H 175 4.70 20.23 22.04
N VAL H 176 5.20 20.15 20.80
CA VAL H 176 4.31 19.91 19.67
C VAL H 176 3.83 18.46 19.56
N TYR H 177 4.63 17.47 19.99
CA TYR H 177 4.19 16.08 20.15
C TYR H 177 4.29 15.54 21.59
N PRO H 178 3.35 15.79 22.51
CA PRO H 178 3.37 15.21 23.86
C PRO H 178 3.00 13.72 23.91
N ALA H 179 3.76 12.96 24.72
CA ALA H 179 3.53 11.53 24.89
C ALA H 179 2.11 11.20 25.36
N THR H 180 1.59 12.08 26.22
CA THR H 180 0.23 12.05 26.69
C THR H 180 -0.81 12.67 25.75
N TRP H 181 -0.49 13.00 24.50
CA TRP H 181 -1.54 13.34 23.54
C TRP H 181 -2.46 12.14 23.32
N ASN H 182 -3.54 12.10 24.09
CA ASN H 182 -4.71 11.30 23.75
C ASN H 182 -5.41 11.93 22.54
N PRO H 183 -5.58 11.30 21.38
CA PRO H 183 -6.28 11.86 20.21
C PRO H 183 -7.78 12.13 20.35
N THR H 184 -8.36 11.47 21.33
CA THR H 184 -9.79 11.23 21.33
C THR H 184 -10.46 12.30 22.17
N VAL H 185 -10.02 12.42 23.44
CA VAL H 185 -10.45 13.47 24.35
C VAL H 185 -9.96 14.81 23.82
N MET H 186 -8.82 14.82 23.14
CA MET H 186 -8.38 16.01 22.44
C MET H 186 -8.97 16.18 21.04
N GLY H 187 -9.88 15.31 20.63
CA GLY H 187 -10.70 15.51 19.44
C GLY H 187 -9.96 15.42 18.10
N LYS H 188 -8.63 15.30 18.07
CA LYS H 188 -7.83 15.05 16.88
C LYS H 188 -6.43 14.54 17.19
N GLU H 189 -5.65 14.21 16.17
CA GLU H 189 -4.46 13.39 16.35
C GLU H 189 -3.17 13.90 15.72
N LYS H 190 -2.10 13.13 15.89
CA LYS H 190 -0.76 13.62 15.64
C LYS H 190 0.05 12.82 14.65
N ASP H 191 0.01 13.37 13.43
CA ASP H 191 0.64 12.73 12.28
C ASP H 191 2.08 12.29 12.42
N ARG H 192 2.09 10.96 12.32
CA ARG H 192 3.29 10.14 12.30
C ARG H 192 4.23 10.22 13.48
N LYS H 193 3.67 10.47 14.67
CA LYS H 193 4.48 10.86 15.81
C LYS H 193 5.54 9.86 16.24
N GLY H 194 5.31 8.55 16.13
CA GLY H 194 6.28 7.56 16.52
C GLY H 194 7.47 7.55 15.59
N GLU H 195 7.18 7.37 14.29
CA GLU H 195 8.24 7.37 13.28
C GLU H 195 9.04 8.67 13.30
N LEU H 196 8.31 9.79 13.35
CA LEU H 196 8.96 11.08 13.35
C LEU H 196 9.86 11.19 14.58
N PHE H 197 9.41 10.54 15.66
CA PHE H 197 10.17 10.40 16.90
C PHE H 197 11.42 9.52 16.80
N PHE H 198 11.44 8.46 15.99
CA PHE H 198 12.71 7.81 15.63
C PHE H 198 13.63 8.85 15.01
N TYR H 199 13.09 9.38 13.91
CA TYR H 199 13.86 10.12 12.92
C TYR H 199 14.55 11.34 13.49
N MET H 200 13.78 12.31 14.00
CA MET H 200 14.33 13.54 14.57
C MET H 200 15.46 13.24 15.54
N HIS H 201 15.33 12.13 16.27
CA HIS H 201 16.32 11.77 17.27
C HIS H 201 17.57 11.14 16.63
N GLN H 202 17.40 10.31 15.59
CA GLN H 202 18.51 9.84 14.76
C GLN H 202 19.18 11.04 14.13
N GLN H 203 18.48 11.92 13.41
CA GLN H 203 19.08 13.09 12.80
C GLN H 203 19.86 13.94 13.79
N MET H 204 19.34 14.20 15.00
CA MET H 204 20.18 14.81 16.04
C MET H 204 21.51 14.08 16.31
N CYS H 205 21.41 12.79 16.61
CA CYS H 205 22.57 12.00 16.92
C CYS H 205 23.47 11.66 15.74
N ALA H 206 23.01 11.87 14.50
CA ALA H 206 23.83 11.73 13.30
C ALA H 206 24.61 13.00 13.01
N ARG H 207 23.96 14.14 13.23
CA ARG H 207 24.68 15.42 13.25
C ARG H 207 25.80 15.40 14.28
N TYR H 208 25.44 14.98 15.50
CA TYR H 208 26.41 14.67 16.54
C TYR H 208 27.46 13.67 16.08
N ASP H 209 27.09 12.47 15.59
CA ASP H 209 28.09 11.52 15.11
C ASP H 209 29.07 12.03 14.07
N SER H 210 28.63 13.01 13.28
CA SER H 210 29.55 13.75 12.46
C SER H 210 30.45 14.62 13.33
N GLU H 211 29.86 15.47 14.20
CA GLU H 211 30.59 16.34 15.11
C GLU H 211 31.64 15.52 15.89
N ARG H 212 31.40 14.25 16.24
CA ARG H 212 32.47 13.42 16.80
C ARG H 212 33.65 13.16 15.87
N LEU H 213 33.38 12.70 14.64
CA LEU H 213 34.39 12.53 13.61
C LEU H 213 35.04 13.81 13.11
N SER H 214 34.37 14.95 13.19
CA SER H 214 34.94 16.21 12.72
C SER H 214 36.18 16.56 13.54
N ASN H 215 35.96 16.35 14.84
CA ASN H 215 36.93 16.47 15.91
C ASN H 215 38.04 15.42 15.86
N GLY H 216 37.87 14.36 15.08
CA GLY H 216 38.81 13.25 15.08
C GLY H 216 38.58 12.33 16.26
N LEU H 217 37.31 12.18 16.61
CA LEU H 217 36.90 11.14 17.54
C LEU H 217 36.04 10.14 16.77
N GLN H 218 35.63 9.06 17.46
CA GLN H 218 34.73 8.08 16.91
C GLN H 218 33.26 8.44 17.13
N ARG H 219 32.35 7.90 16.30
CA ARG H 219 30.91 7.91 16.54
C ARG H 219 30.55 7.45 17.95
N MET H 220 29.41 7.93 18.47
CA MET H 220 29.07 7.72 19.86
C MET H 220 28.55 6.31 20.09
N ILE H 221 29.17 5.65 21.09
CA ILE H 221 28.81 4.31 21.52
C ILE H 221 27.44 4.12 22.21
N PRO H 222 26.57 3.22 21.71
CA PRO H 222 25.26 2.91 22.28
C PRO H 222 25.15 2.21 23.64
N PHE H 223 24.08 2.49 24.41
CA PHE H 223 23.89 1.89 25.72
C PHE H 223 23.22 0.54 25.48
N HIS H 224 24.02 -0.36 24.93
CA HIS H 224 23.53 -1.67 24.57
C HIS H 224 23.41 -2.56 25.80
N ASN H 225 24.27 -2.41 26.80
CA ASN H 225 24.21 -3.23 27.99
C ASN H 225 23.85 -2.27 29.12
N PHE H 226 23.22 -2.79 30.17
CA PHE H 226 22.79 -2.00 31.31
C PHE H 226 23.82 -1.96 32.43
N ASP H 227 24.64 -3.01 32.51
CA ASP H 227 25.69 -3.11 33.52
C ASP H 227 26.69 -1.96 33.40
N GLU H 228 27.12 -1.72 32.16
CA GLU H 228 28.19 -0.80 31.81
C GLU H 228 28.01 0.66 32.28
N PRO H 229 28.97 1.19 33.05
CA PRO H 229 28.94 2.54 33.61
C PRO H 229 28.61 3.72 32.70
N LEU H 230 28.03 4.75 33.32
CA LEU H 230 27.74 6.01 32.64
C LEU H 230 28.84 7.02 32.92
N GLU H 231 29.12 7.78 31.86
CA GLU H 231 30.13 8.83 31.83
C GLU H 231 29.83 9.94 32.82
N GLY H 232 30.90 10.66 33.15
CA GLY H 232 30.86 11.73 34.12
C GLY H 232 30.66 13.07 33.44
N TYR H 233 29.87 13.92 34.09
CA TYR H 233 29.54 15.22 33.54
C TYR H 233 28.98 16.17 34.59
N ALA H 234 29.45 17.42 34.45
CA ALA H 234 28.94 18.56 35.20
C ALA H 234 28.36 19.64 34.28
N PRO H 235 27.02 19.81 34.21
CA PRO H 235 26.36 20.78 33.33
C PRO H 235 26.73 22.24 33.57
N HIS H 236 27.08 22.52 34.83
CA HIS H 236 27.36 23.85 35.35
C HIS H 236 26.13 24.76 35.38
N LEU H 237 25.00 24.19 35.83
CA LEU H 237 23.69 24.85 35.76
C LEU H 237 23.05 24.87 37.14
N THR H 238 22.93 26.02 37.81
CA THR H 238 22.11 26.08 39.04
C THR H 238 20.73 26.57 38.69
N SER H 239 19.66 26.05 39.30
CA SER H 239 18.30 26.37 38.89
C SER H 239 17.74 27.66 39.50
N LEU H 240 17.20 28.60 38.70
CA LEU H 240 16.65 29.84 39.20
C LEU H 240 15.42 29.71 40.10
N VAL H 241 14.83 28.52 40.18
CA VAL H 241 13.66 28.29 41.02
C VAL H 241 13.94 28.26 42.53
N SER H 242 15.20 28.17 42.93
CA SER H 242 15.58 28.05 44.33
C SER H 242 17.07 28.37 44.42
N GLY H 243 17.83 27.73 45.33
CA GLY H 243 19.28 27.84 45.34
C GLY H 243 19.96 26.64 44.69
N LEU H 244 19.29 25.48 44.70
CA LEU H 244 19.90 24.20 44.36
C LEU H 244 20.32 24.01 42.90
N GLN H 245 20.84 22.83 42.56
CA GLN H 245 21.29 22.59 41.21
C GLN H 245 21.16 21.12 40.85
N TYR H 246 21.18 20.94 39.53
CA TYR H 246 21.25 19.62 38.93
C TYR H 246 22.52 18.97 39.44
N ALA H 247 22.36 18.04 40.38
CA ALA H 247 23.46 17.21 40.86
C ALA H 247 24.15 16.52 39.69
N SER H 248 25.48 16.55 39.66
CA SER H 248 26.16 16.23 38.41
C SER H 248 26.86 14.88 38.52
N ARG H 249 26.88 14.07 37.46
CA ARG H 249 27.27 12.67 37.58
C ARG H 249 28.77 12.43 37.54
N PRO H 250 29.38 11.84 38.57
CA PRO H 250 30.69 11.21 38.45
C PRO H 250 30.58 9.98 37.55
N GLU H 251 31.64 9.78 36.79
CA GLU H 251 31.83 8.61 35.95
C GLU H 251 31.87 7.31 36.72
N GLY H 252 31.70 6.19 36.02
CA GLY H 252 31.92 4.88 36.62
C GLY H 252 30.77 4.44 37.51
N TYR H 253 29.54 4.81 37.11
CA TYR H 253 28.38 4.35 37.84
C TYR H 253 27.43 3.56 36.98
N SER H 254 27.09 2.40 37.55
CA SER H 254 26.08 1.52 37.00
C SER H 254 24.67 2.02 37.26
N ILE H 255 23.81 1.52 36.37
CA ILE H 255 22.41 1.86 36.36
C ILE H 255 21.72 1.24 37.55
N HIS H 256 20.72 1.92 38.12
CA HIS H 256 20.14 1.45 39.36
C HIS H 256 18.64 1.40 39.24
N ASP H 257 18.06 0.39 39.90
CA ASP H 257 16.61 0.19 39.98
C ASP H 257 15.90 1.38 40.61
N LEU H 258 14.58 1.44 40.37
CA LEU H 258 13.77 2.56 40.82
C LEU H 258 12.67 2.09 41.76
N SER H 259 12.11 2.97 42.61
CA SER H 259 10.85 2.65 43.29
C SER H 259 9.68 2.35 42.34
N ASP H 260 9.77 2.84 41.10
CA ASP H 260 8.81 2.48 40.06
C ASP H 260 9.10 1.13 39.43
N VAL H 261 10.02 1.02 38.47
CA VAL H 261 10.10 -0.21 37.70
C VAL H 261 11.39 -0.90 38.10
N ASP H 262 11.41 -2.20 38.41
CA ASP H 262 12.70 -2.86 38.61
C ASP H 262 13.40 -3.00 37.26
N VAL H 263 14.73 -3.16 37.21
CA VAL H 263 15.42 -3.26 35.91
C VAL H 263 15.01 -4.48 35.08
N GLN H 264 14.52 -5.52 35.74
CA GLN H 264 14.18 -6.77 35.08
C GLN H 264 12.80 -6.69 34.42
N ASP H 265 11.78 -5.97 34.96
CA ASP H 265 10.56 -5.69 34.20
C ASP H 265 10.88 -4.82 33.00
N MET H 266 11.74 -3.80 33.16
CA MET H 266 12.28 -3.05 32.03
C MET H 266 12.80 -3.91 30.88
N VAL H 267 13.73 -4.81 31.23
CA VAL H 267 14.33 -5.76 30.32
C VAL H 267 13.30 -6.70 29.71
N ARG H 268 12.44 -7.30 30.55
CA ARG H 268 11.34 -8.11 30.06
C ARG H 268 10.53 -7.39 29.01
N TRP H 269 9.97 -6.21 29.32
CA TRP H 269 9.31 -5.32 28.36
C TRP H 269 9.97 -5.33 27.00
N ARG H 270 11.30 -5.19 26.99
CA ARG H 270 12.07 -5.31 25.77
C ARG H 270 12.05 -6.71 25.13
N GLU H 271 12.37 -7.87 25.73
CA GLU H 271 12.18 -9.15 25.05
C GLU H 271 10.74 -9.33 24.58
N ARG H 272 9.77 -8.88 25.36
CA ARG H 272 8.35 -8.86 24.98
C ARG H 272 8.09 -8.07 23.68
N ILE H 273 8.93 -7.02 23.47
CA ILE H 273 9.00 -6.25 22.21
C ILE H 273 9.66 -7.08 21.13
N LEU H 274 10.92 -7.44 21.40
CA LEU H 274 11.84 -7.91 20.37
C LEU H 274 11.29 -9.15 19.71
N ASP H 275 10.74 -10.04 20.54
CA ASP H 275 10.12 -11.20 19.97
C ASP H 275 8.90 -10.90 19.12
N ALA H 276 7.95 -10.06 19.56
CA ALA H 276 6.80 -9.67 18.75
C ALA H 276 7.16 -9.16 17.35
N ILE H 277 8.30 -8.46 17.29
CA ILE H 277 8.94 -8.09 16.03
C ILE H 277 9.30 -9.32 15.18
N ASN H 278 9.98 -10.32 15.75
CA ASN H 278 10.26 -11.60 15.11
C ASN H 278 8.96 -12.28 14.69
N MET H 279 7.97 -12.31 15.60
CA MET H 279 6.64 -12.78 15.27
C MET H 279 5.98 -11.96 14.16
N HIS H 280 6.43 -10.71 13.99
CA HIS H 280 6.03 -9.75 12.96
C HIS H 280 4.71 -9.03 13.17
N TYR H 281 4.52 -8.80 14.45
CA TYR H 281 3.35 -8.11 14.96
C TYR H 281 3.64 -7.40 16.28
N ILE H 282 2.54 -6.88 16.77
CA ILE H 282 2.27 -6.35 18.10
C ILE H 282 0.87 -6.66 18.66
N VAL H 283 0.87 -6.89 19.97
CA VAL H 283 -0.34 -7.13 20.72
C VAL H 283 -0.72 -5.84 21.41
N ASP H 284 -1.85 -5.28 21.00
CA ASP H 284 -2.42 -4.11 21.67
C ASP H 284 -2.95 -4.51 23.03
N LYS H 285 -3.42 -3.57 23.87
CA LYS H 285 -4.11 -3.86 25.13
C LYS H 285 -5.33 -4.80 25.18
N ASP H 286 -5.46 -5.67 24.19
CA ASP H 286 -6.50 -6.68 24.01
C ASP H 286 -6.00 -8.03 23.55
N ASN H 287 -4.69 -8.14 23.26
CA ASN H 287 -4.02 -9.35 22.79
C ASN H 287 -4.21 -9.62 21.29
N ASN H 288 -4.86 -8.72 20.55
CA ASN H 288 -5.08 -8.83 19.11
C ASN H 288 -3.86 -8.36 18.34
N LYS H 289 -3.39 -9.20 17.43
CA LYS H 289 -2.13 -9.00 16.73
C LYS H 289 -2.30 -8.07 15.53
N ILE H 290 -1.82 -6.83 15.57
CA ILE H 290 -1.80 -6.01 14.35
C ILE H 290 -0.44 -6.04 13.66
N PRO H 291 -0.26 -6.00 12.33
CA PRO H 291 1.03 -6.21 11.68
C PRO H 291 2.13 -5.15 11.85
N LEU H 292 3.36 -5.63 12.05
CA LEU H 292 4.51 -4.76 11.86
C LEU H 292 4.90 -4.75 10.39
N ASP H 293 3.98 -4.04 9.71
CA ASP H 293 4.02 -3.79 8.29
C ASP H 293 5.22 -2.93 7.92
N ILE H 294 5.50 -2.81 6.62
CA ILE H 294 6.63 -2.03 6.14
C ILE H 294 6.43 -0.56 6.50
N GLU H 295 5.33 0.04 6.01
CA GLU H 295 5.08 1.46 6.22
C GLU H 295 4.85 1.75 7.70
N HIS H 296 3.73 1.21 8.20
CA HIS H 296 3.16 1.61 9.48
C HIS H 296 4.04 1.31 10.67
N GLY H 297 4.77 0.19 10.53
CA GLY H 297 5.61 -0.39 11.57
C GLY H 297 6.43 0.58 12.39
N THR H 298 6.90 1.66 11.76
CA THR H 298 7.84 2.54 12.47
C THR H 298 7.12 3.60 13.30
N ASP H 299 5.92 3.98 12.87
CA ASP H 299 5.09 4.86 13.67
C ASP H 299 4.62 4.06 14.87
N ILE H 300 4.21 2.81 14.60
CA ILE H 300 3.72 1.95 15.64
C ILE H 300 4.77 1.30 16.54
N LEU H 301 6.05 1.27 16.13
CA LEU H 301 7.14 0.92 17.05
C LEU H 301 7.56 2.15 17.85
N GLY H 302 7.51 3.33 17.21
CA GLY H 302 7.89 4.58 17.85
C GLY H 302 6.95 5.06 18.94
N ASP H 303 5.63 4.97 18.70
CA ASP H 303 4.63 5.34 19.71
C ASP H 303 4.73 4.49 20.98
N ILE H 304 4.85 3.18 20.71
CA ILE H 304 5.05 2.10 21.67
C ILE H 304 6.30 2.17 22.54
N ILE H 305 7.46 2.37 21.92
CA ILE H 305 8.70 2.46 22.68
C ILE H 305 8.78 3.71 23.57
N GLU H 306 8.16 4.84 23.18
CA GLU H 306 8.27 6.11 23.88
C GLU H 306 7.88 6.13 25.35
N SER H 307 6.73 5.79 25.93
CA SER H 307 5.56 5.25 25.23
C SER H 307 4.63 6.43 25.05
N SER H 308 3.66 6.40 24.14
CA SER H 308 2.64 7.43 24.15
C SER H 308 1.38 6.90 24.85
N ASP H 309 0.32 7.72 25.02
CA ASP H 309 -1.03 7.17 25.18
C ASP H 309 -1.41 6.33 23.97
N GLU H 310 -0.99 6.76 22.78
CA GLU H 310 -1.06 5.93 21.59
C GLU H 310 -0.28 4.62 21.61
N SER H 311 0.47 4.31 22.68
CA SER H 311 1.19 3.06 22.81
C SER H 311 0.17 1.97 23.03
N LYS H 312 0.06 1.25 21.92
CA LYS H 312 -0.88 0.15 21.77
C LYS H 312 -0.79 -0.85 22.90
N ASN H 313 0.43 -1.15 23.38
CA ASN H 313 0.54 -1.69 24.72
C ASN H 313 1.61 -0.97 25.54
N VAL H 314 1.13 -0.62 26.72
CA VAL H 314 1.94 0.05 27.72
C VAL H 314 2.58 -0.90 28.70
N GLU H 315 1.86 -1.87 29.27
CA GLU H 315 2.42 -2.69 30.35
C GLU H 315 3.40 -3.77 29.88
N TYR H 316 3.20 -4.13 28.63
CA TYR H 316 3.92 -5.11 27.86
C TYR H 316 5.14 -4.49 27.22
N TYR H 317 5.10 -3.33 26.54
CA TYR H 317 6.28 -2.76 25.92
C TYR H 317 6.95 -1.69 26.79
N GLY H 318 6.30 -1.31 27.89
CA GLY H 318 6.84 -0.30 28.80
C GLY H 318 6.63 1.10 28.25
N SER H 319 7.58 1.95 28.65
CA SER H 319 7.87 3.22 28.00
C SER H 319 9.40 3.31 27.88
N LEU H 320 10.05 2.32 27.25
CA LEU H 320 11.45 1.98 27.49
C LEU H 320 12.39 3.17 27.33
N HIS H 321 12.01 3.98 26.33
CA HIS H 321 12.65 5.25 26.04
C HIS H 321 12.68 6.22 27.22
N ASN H 322 11.49 6.60 27.72
CA ASN H 322 11.32 7.51 28.85
C ASN H 322 11.93 6.92 30.10
N TRP H 323 11.61 5.64 30.34
CA TRP H 323 12.03 4.96 31.54
C TRP H 323 13.54 4.97 31.69
N GLY H 324 14.31 4.63 30.64
CA GLY H 324 15.76 4.74 30.64
C GLY H 324 16.26 6.12 31.06
N HIS H 325 15.50 7.14 30.66
CA HIS H 325 15.78 8.49 31.09
C HIS H 325 15.70 8.66 32.59
N VAL H 326 14.71 8.12 33.32
CA VAL H 326 14.66 8.28 34.78
C VAL H 326 15.95 7.70 35.38
N MET H 327 16.14 6.39 35.17
CA MET H 327 17.32 5.69 35.66
C MET H 327 18.65 6.29 35.24
N MET H 328 18.83 6.83 34.03
CA MET H 328 20.11 7.42 33.64
C MET H 328 20.41 8.79 34.26
N ALA H 329 19.36 9.41 34.82
CA ALA H 329 19.40 10.78 35.32
C ALA H 329 19.33 10.87 36.84
N ASN H 330 18.61 9.91 37.42
CA ASN H 330 18.70 9.71 38.87
C ASN H 330 19.77 8.69 39.26
N ILE H 331 20.80 8.62 38.43
CA ILE H 331 22.01 7.82 38.60
C ILE H 331 22.83 8.15 39.85
N THR H 332 22.46 9.25 40.50
CA THR H 332 23.03 9.65 41.76
C THR H 332 22.25 8.97 42.90
N ASP H 333 20.94 8.80 42.67
CA ASP H 333 19.96 8.69 43.73
C ASP H 333 18.60 8.22 43.22
N PRO H 334 18.40 6.93 42.86
CA PRO H 334 17.07 6.42 42.50
C PRO H 334 16.11 6.31 43.69
N ASP H 335 16.50 5.75 44.83
CA ASP H 335 15.69 5.68 46.06
C ASP H 335 15.03 7.01 46.45
N HIS H 336 15.91 8.02 46.41
CA HIS H 336 15.59 9.43 46.56
C HIS H 336 15.50 10.00 47.97
N ARG H 337 16.07 9.20 48.88
CA ARG H 337 16.47 9.61 50.22
C ARG H 337 17.13 10.99 50.34
N PHE H 338 18.02 11.29 49.38
CA PHE H 338 18.83 12.52 49.40
C PHE H 338 18.11 13.79 48.99
N GLN H 339 17.19 13.67 48.02
CA GLN H 339 16.46 14.80 47.44
C GLN H 339 17.31 15.69 46.51
N GLU H 340 18.40 15.13 45.95
CA GLU H 340 19.23 15.82 44.97
C GLU H 340 18.48 16.06 43.66
N ASN H 341 18.58 17.28 43.13
CA ASN H 341 17.98 17.63 41.85
C ASN H 341 18.67 16.78 40.78
N PRO H 342 17.96 15.91 40.04
CA PRO H 342 18.55 14.95 39.11
C PRO H 342 19.41 15.47 37.96
N GLY H 343 20.10 14.53 37.32
CA GLY H 343 20.83 14.80 36.08
C GLY H 343 19.92 15.25 34.95
N VAL H 344 20.50 16.14 34.16
CA VAL H 344 19.85 16.86 33.06
C VAL H 344 19.06 16.08 32.01
N MET H 345 19.06 14.75 32.06
CA MET H 345 18.31 13.87 31.17
C MET H 345 16.82 13.83 31.55
N SER H 346 16.46 14.34 32.74
CA SER H 346 15.09 14.36 33.27
C SER H 346 14.08 15.29 32.62
N ASP H 347 14.65 16.23 31.88
CA ASP H 347 13.93 17.26 31.16
C ASP H 347 14.41 17.18 29.71
N THR H 348 13.57 17.67 28.81
CA THR H 348 13.91 17.67 27.42
C THR H 348 14.75 18.89 27.02
N SER H 349 14.69 20.02 27.71
CA SER H 349 15.51 21.20 27.38
C SER H 349 17.00 21.09 27.78
N THR H 350 17.30 20.38 28.85
CA THR H 350 18.68 20.20 29.32
C THR H 350 19.43 19.05 28.67
N SER H 351 18.71 17.93 28.59
CA SER H 351 19.14 16.68 27.96
C SER H 351 20.35 16.57 27.05
N LEU H 352 20.68 17.50 26.13
CA LEU H 352 21.63 17.19 25.07
C LEU H 352 23.09 17.49 25.38
N ARG H 353 23.33 18.15 26.51
CA ARG H 353 24.67 18.45 26.96
C ARG H 353 25.48 17.26 27.45
N ASP H 354 24.78 16.47 28.28
CA ASP H 354 25.27 15.27 28.95
C ASP H 354 25.53 14.16 27.93
N PRO H 355 26.80 13.74 27.80
CA PRO H 355 27.28 12.79 26.79
C PRO H 355 26.55 11.45 26.71
N ILE H 356 26.07 10.95 27.85
CA ILE H 356 25.33 9.69 27.90
C ILE H 356 24.03 9.75 27.10
N PHE H 357 23.49 10.96 26.89
CA PHE H 357 22.26 11.17 26.11
C PHE H 357 22.20 10.38 24.82
N TYR H 358 23.33 10.45 24.10
CA TYR H 358 23.47 9.81 22.81
C TYR H 358 23.67 8.31 22.95
N ARG H 359 24.25 7.85 24.08
CA ARG H 359 24.45 6.42 24.32
C ARG H 359 23.07 5.74 24.34
N TRP H 360 22.08 6.30 25.05
CA TRP H 360 20.72 5.78 24.99
C TRP H 360 20.06 5.99 23.62
N HIS H 361 20.45 7.01 22.85
CA HIS H 361 19.70 7.33 21.64
C HIS H 361 20.15 6.58 20.42
N ARG H 362 21.38 6.07 20.46
CA ARG H 362 21.75 5.05 19.52
C ARG H 362 21.10 3.74 19.91
N PHE H 363 20.90 3.51 21.23
CA PHE H 363 20.31 2.27 21.71
C PHE H 363 18.92 2.13 21.14
N ILE H 364 18.04 3.10 21.42
CA ILE H 364 16.70 3.08 20.84
C ILE H 364 16.72 3.06 19.32
N ASP H 365 17.65 3.82 18.73
CA ASP H 365 17.90 3.78 17.29
C ASP H 365 18.24 2.37 16.83
N ASN H 366 19.00 1.61 17.61
CA ASN H 366 19.39 0.24 17.30
C ASN H 366 18.17 -0.65 17.23
N ILE H 367 17.16 -0.41 18.08
CA ILE H 367 15.90 -1.14 17.99
C ILE H 367 15.21 -0.77 16.66
N PHE H 368 15.06 0.53 16.38
CA PHE H 368 14.42 0.96 15.14
C PHE H 368 15.12 0.45 13.88
N GLN H 369 16.45 0.43 13.98
CA GLN H 369 17.33 -0.15 12.97
C GLN H 369 17.04 -1.63 12.85
N GLU H 370 16.74 -2.43 13.89
CA GLU H 370 16.32 -3.81 13.66
C GLU H 370 15.04 -3.90 12.83
N HIS H 371 14.10 -2.99 13.11
CA HIS H 371 12.82 -3.10 12.42
C HIS H 371 12.93 -2.77 10.94
N LYS H 372 13.65 -1.68 10.66
CA LYS H 372 14.08 -1.36 9.31
C LYS H 372 14.97 -2.45 8.73
N LYS H 373 15.87 -3.08 9.50
CA LYS H 373 16.74 -4.18 9.08
C LYS H 373 16.03 -5.45 8.65
N SER H 374 14.92 -5.86 9.29
CA SER H 374 14.18 -7.01 8.79
C SER H 374 13.42 -6.67 7.50
N PHE H 375 13.12 -5.38 7.27
CA PHE H 375 12.69 -4.96 5.94
C PHE H 375 13.86 -5.06 4.97
N HIS H 376 13.54 -5.25 3.69
CA HIS H 376 14.55 -5.55 2.68
C HIS H 376 15.18 -4.32 2.03
N PRO H 377 16.46 -4.37 1.60
CA PRO H 377 17.13 -3.33 0.82
C PRO H 377 16.36 -2.82 -0.40
N TYR H 378 16.81 -1.72 -1.00
CA TYR H 378 16.08 -1.15 -2.11
C TYR H 378 16.49 -1.65 -3.48
N THR H 379 15.51 -2.11 -4.26
CA THR H 379 15.74 -2.48 -5.64
C THR H 379 16.24 -1.26 -6.40
N LYS H 380 17.08 -1.48 -7.41
CA LYS H 380 17.51 -0.44 -8.33
C LYS H 380 16.32 0.19 -9.03
N GLU H 381 15.33 -0.65 -9.36
CA GLU H 381 14.01 -0.25 -9.85
C GLU H 381 13.44 0.84 -8.97
N GLU H 382 13.23 0.49 -7.70
CA GLU H 382 12.73 1.36 -6.65
C GLU H 382 13.52 2.64 -6.49
N LEU H 383 14.86 2.53 -6.57
CA LEU H 383 15.73 3.70 -6.47
C LEU H 383 15.74 4.62 -7.69
N SER H 384 15.18 4.15 -8.80
CA SER H 384 15.28 4.88 -10.07
C SER H 384 14.07 5.68 -10.52
N PHE H 385 14.35 6.98 -10.47
CA PHE H 385 13.58 8.00 -11.14
C PHE H 385 13.96 7.88 -12.62
N PRO H 386 13.07 7.34 -13.45
CA PRO H 386 13.38 6.98 -14.84
C PRO H 386 13.73 8.19 -15.69
N GLY H 387 14.82 8.16 -16.46
CA GLY H 387 15.03 9.15 -17.51
C GLY H 387 15.82 10.37 -17.09
N VAL H 388 15.72 10.88 -15.86
CA VAL H 388 16.40 12.10 -15.44
C VAL H 388 17.83 11.77 -15.04
N GLU H 389 18.86 12.40 -15.63
CA GLU H 389 20.23 12.11 -15.24
C GLU H 389 20.91 13.26 -14.51
N VAL H 390 21.25 13.06 -13.24
CA VAL H 390 22.07 13.96 -12.44
C VAL H 390 23.49 14.03 -13.01
N VAL H 391 23.72 15.01 -13.87
CA VAL H 391 25.03 15.21 -14.49
C VAL H 391 26.02 15.79 -13.47
N GLY H 392 25.57 16.19 -12.29
CA GLY H 392 26.48 16.49 -11.19
C GLY H 392 25.95 17.60 -10.30
N VAL H 393 26.68 17.87 -9.22
CA VAL H 393 26.42 18.94 -8.27
C VAL H 393 27.80 19.55 -7.98
N SER H 394 27.90 20.71 -7.30
CA SER H 394 29.11 21.32 -6.76
C SER H 394 28.67 22.39 -5.77
N ILE H 395 29.39 22.78 -4.71
CA ILE H 395 28.91 23.82 -3.81
C ILE H 395 29.79 25.04 -3.95
N ASN H 396 29.24 26.24 -4.12
CA ASN H 396 30.08 27.44 -4.18
C ASN H 396 29.85 28.30 -2.95
N SER H 397 30.81 28.27 -2.02
CA SER H 397 30.79 29.13 -0.84
C SER H 397 31.57 30.40 -1.19
N LYS H 398 32.65 30.78 -0.50
CA LYS H 398 33.64 31.68 -1.06
C LYS H 398 34.43 31.08 -2.22
N THR H 399 34.62 29.75 -2.17
CA THR H 399 35.32 28.99 -3.21
C THR H 399 34.45 27.78 -3.56
N ALA H 400 34.81 26.94 -4.53
CA ALA H 400 34.12 25.68 -4.76
C ALA H 400 34.45 24.61 -3.72
N ASN H 401 33.47 23.75 -3.44
CA ASN H 401 33.59 22.55 -2.61
C ASN H 401 34.27 22.61 -1.25
N VAL H 402 34.25 23.80 -0.65
CA VAL H 402 34.56 23.96 0.76
C VAL H 402 33.34 24.65 1.36
N ILE H 403 32.93 24.46 2.61
CA ILE H 403 32.10 25.45 3.28
C ILE H 403 32.97 25.88 4.46
N THR H 404 32.83 27.10 4.94
CA THR H 404 33.69 27.54 6.01
C THR H 404 32.89 28.04 7.19
N THR H 405 33.15 27.38 8.32
CA THR H 405 32.36 27.50 9.52
C THR H 405 32.98 28.58 10.39
N LEU H 406 32.26 29.22 11.30
CA LEU H 406 32.82 30.33 12.03
C LEU H 406 32.44 30.17 13.49
N ILE H 407 32.96 31.08 14.31
CA ILE H 407 32.44 31.34 15.63
C ILE H 407 31.61 32.63 15.58
N LYS H 408 30.45 32.69 16.21
CA LYS H 408 29.71 33.93 16.36
C LYS H 408 29.31 34.06 17.83
N GLU H 409 29.87 35.11 18.43
CA GLU H 409 29.47 35.56 19.75
C GLU H 409 28.05 36.09 19.70
N SER H 410 27.28 35.94 20.77
CA SER H 410 25.86 36.27 20.72
C SER H 410 25.32 36.52 22.11
N LEU H 411 24.03 36.83 22.22
CA LEU H 411 23.41 37.24 23.48
C LEU H 411 22.13 36.47 23.78
N LEU H 412 21.70 36.54 25.04
CA LEU H 412 20.50 35.91 25.53
C LEU H 412 20.12 36.77 26.73
N GLU H 413 18.89 37.26 26.74
CA GLU H 413 18.48 38.30 27.67
C GLU H 413 17.95 37.75 29.00
N LEU H 414 18.81 37.71 30.02
CA LEU H 414 18.48 37.07 31.28
C LEU H 414 17.29 37.71 32.01
N SER H 415 17.19 39.04 31.98
CA SER H 415 16.08 39.88 32.44
C SER H 415 14.65 39.36 32.44
N HIS H 416 14.33 38.69 31.33
CA HIS H 416 13.01 38.13 31.15
C HIS H 416 12.82 37.01 32.18
N GLY H 417 13.84 36.15 32.26
CA GLY H 417 13.85 35.00 33.16
C GLY H 417 14.09 35.38 34.60
N ILE H 418 15.17 36.10 34.93
CA ILE H 418 15.40 36.38 36.35
C ILE H 418 15.08 37.83 36.67
N ASN H 419 15.09 38.20 37.95
CA ASN H 419 14.77 39.56 38.34
C ASN H 419 15.96 40.52 38.21
N PHE H 420 15.93 41.35 37.17
CA PHE H 420 16.87 42.45 37.05
C PHE H 420 16.77 43.42 38.24
N GLY H 421 15.53 43.65 38.66
CA GLY H 421 15.22 44.56 39.77
C GLY H 421 15.34 46.02 39.36
N THR H 422 16.55 46.38 38.90
CA THR H 422 16.87 47.70 38.41
C THR H 422 17.07 47.80 36.90
N ASP H 423 18.17 47.22 36.40
CA ASP H 423 18.72 47.54 35.09
C ASP H 423 17.83 47.23 33.90
N GLN H 424 18.26 47.65 32.71
CA GLN H 424 17.56 47.27 31.50
C GLN H 424 17.61 45.77 31.21
N SER H 425 18.82 45.21 31.17
CA SER H 425 19.04 43.96 30.48
C SER H 425 20.28 43.36 31.09
N VAL H 426 20.23 42.07 31.35
CA VAL H 426 21.38 41.35 31.84
C VAL H 426 21.65 40.36 30.73
N LYS H 427 22.82 40.41 30.12
CA LYS H 427 23.00 39.68 28.88
C LYS H 427 24.10 38.70 29.13
N VAL H 428 23.90 37.47 28.66
CA VAL H 428 24.98 36.50 28.56
C VAL H 428 25.49 36.35 27.12
N LYS H 429 26.68 36.90 26.92
CA LYS H 429 27.42 36.78 25.68
C LYS H 429 27.93 35.34 25.58
N TYR H 430 27.38 34.54 24.66
CA TYR H 430 27.93 33.20 24.43
C TYR H 430 28.65 33.12 23.09
N HIS H 431 29.27 32.01 22.72
CA HIS H 431 30.00 31.87 21.46
C HIS H 431 29.51 30.60 20.80
N HIS H 432 29.05 30.66 19.55
CA HIS H 432 28.51 29.47 18.89
C HIS H 432 29.12 29.21 17.51
N LEU H 433 29.07 27.97 17.03
CA LEU H 433 29.58 27.57 15.73
C LEU H 433 28.64 28.11 14.67
N ASP H 434 29.07 28.40 13.44
CA ASP H 434 28.18 28.83 12.37
C ASP H 434 28.75 28.28 11.06
N HIS H 435 28.40 28.84 9.91
CA HIS H 435 28.88 28.34 8.64
C HIS H 435 28.72 29.44 7.61
N GLU H 436 29.53 29.46 6.55
CA GLU H 436 29.27 30.28 5.39
C GLU H 436 27.99 29.84 4.67
N PRO H 437 27.24 30.73 4.02
CA PRO H 437 26.18 30.40 3.06
C PRO H 437 26.74 29.68 1.84
N PHE H 438 25.94 28.97 1.05
CA PHE H 438 26.49 28.23 -0.08
C PHE H 438 25.33 27.85 -0.97
N THR H 439 25.65 27.37 -2.16
CA THR H 439 24.59 26.92 -3.04
C THR H 439 24.87 25.52 -3.56
N TYR H 440 23.82 24.85 -3.99
CA TYR H 440 23.94 23.65 -4.81
C TYR H 440 23.85 24.14 -6.23
N ASN H 441 24.71 23.74 -7.15
CA ASN H 441 24.44 23.91 -8.57
C ASN H 441 24.31 22.44 -8.98
N ILE H 442 23.17 22.00 -9.48
CA ILE H 442 22.92 20.61 -9.82
C ILE H 442 22.49 20.55 -11.29
N VAL H 443 23.23 19.78 -12.10
CA VAL H 443 22.99 19.62 -13.53
C VAL H 443 22.30 18.28 -13.83
N VAL H 444 21.37 18.26 -14.79
CA VAL H 444 20.50 17.15 -15.12
C VAL H 444 20.32 16.95 -16.63
N GLU H 445 20.27 15.73 -17.18
CA GLU H 445 19.81 15.46 -18.53
C GLU H 445 18.44 14.78 -18.45
N ASN H 446 17.38 15.58 -18.62
CA ASN H 446 16.02 15.07 -18.68
C ASN H 446 15.69 14.56 -20.09
N ASN H 447 16.12 13.31 -20.30
CA ASN H 447 16.01 12.61 -21.59
C ASN H 447 14.59 12.58 -22.16
N SER H 448 13.61 12.49 -21.24
CA SER H 448 12.22 12.42 -21.62
C SER H 448 11.73 13.72 -22.22
N GLY H 449 11.02 13.64 -23.36
CA GLY H 449 10.41 14.81 -23.96
C GLY H 449 9.45 15.58 -23.05
N ALA H 450 8.93 14.97 -21.99
CA ALA H 450 8.15 15.68 -21.00
C ALA H 450 9.00 16.23 -19.87
N GLU H 451 8.61 17.44 -19.45
CA GLU H 451 9.00 18.04 -18.18
C GLU H 451 8.84 17.11 -16.99
N LYS H 452 9.88 16.96 -16.17
CA LYS H 452 9.78 16.16 -14.96
C LYS H 452 9.64 16.94 -13.64
N HIS H 453 8.72 16.52 -12.78
CA HIS H 453 8.58 17.12 -11.46
C HIS H 453 9.31 16.22 -10.49
N SER H 454 10.30 16.72 -9.73
CA SER H 454 11.06 15.88 -8.81
C SER H 454 10.90 16.23 -7.33
N THR H 455 11.27 15.32 -6.43
CA THR H 455 11.58 15.65 -5.05
C THR H 455 13.05 15.25 -4.85
N VAL H 456 13.84 16.26 -4.53
CA VAL H 456 15.29 16.22 -4.38
C VAL H 456 15.72 16.16 -2.91
N ARG H 457 16.20 14.98 -2.48
CA ARG H 457 16.55 14.72 -1.09
C ARG H 457 18.07 14.93 -1.04
N ILE H 458 18.69 15.87 -0.34
CA ILE H 458 20.13 16.09 -0.41
C ILE H 458 20.72 15.74 0.94
N PHE H 459 21.89 15.07 1.02
CA PHE H 459 22.46 14.56 2.25
C PHE H 459 23.91 14.98 2.46
N LEU H 460 24.34 14.93 3.71
CA LEU H 460 25.71 15.14 4.15
C LEU H 460 26.10 14.02 5.10
N ALA H 461 27.19 13.34 4.75
CA ALA H 461 27.79 12.33 5.60
C ALA H 461 29.30 12.61 5.70
N PRO H 462 30.13 11.86 6.44
CA PRO H 462 31.59 11.87 6.29
C PRO H 462 32.22 10.82 5.35
N LYS H 463 33.23 11.31 4.63
CA LYS H 463 33.92 10.52 3.62
C LYS H 463 35.06 9.70 4.22
N TYR H 464 35.72 10.28 5.24
CA TYR H 464 36.69 9.58 6.07
C TYR H 464 36.10 8.71 7.17
N ASP H 465 36.80 7.68 7.62
CA ASP H 465 36.49 7.10 8.91
C ASP H 465 37.48 7.69 9.91
N GLU H 466 37.45 7.15 11.13
CA GLU H 466 38.46 7.51 12.13
C GLU H 466 39.65 6.54 12.09
N LEU H 467 39.46 5.61 11.15
CA LEU H 467 40.35 4.54 10.80
C LEU H 467 41.17 5.01 9.58
N ASN H 468 40.54 5.10 8.40
CA ASN H 468 41.11 5.74 7.23
C ASN H 468 39.95 6.05 6.27
N ASN H 469 40.08 6.43 4.99
CA ASN H 469 38.93 6.79 4.14
C ASN H 469 38.07 5.61 3.66
N LYS H 470 36.93 5.23 4.27
CA LYS H 470 36.15 4.08 3.82
C LYS H 470 34.63 4.25 3.67
N LEU H 471 34.19 4.40 2.40
CA LEU H 471 32.82 4.73 2.03
C LEU H 471 31.74 3.64 2.13
N GLU H 472 31.78 2.91 3.25
CA GLU H 472 30.79 1.92 3.61
C GLU H 472 29.48 2.60 4.00
N PRO H 473 28.53 2.59 3.04
CA PRO H 473 27.31 3.36 3.11
C PRO H 473 26.35 2.85 4.16
N ASP H 474 26.34 1.55 4.49
CA ASP H 474 25.52 1.07 5.58
C ASP H 474 25.99 1.61 6.90
N GLU H 475 27.31 1.58 7.16
CA GLU H 475 27.95 2.33 8.24
C GLU H 475 27.65 3.82 8.16
N GLN H 476 27.70 4.42 6.97
CA GLN H 476 27.42 5.83 6.81
C GLN H 476 25.98 6.21 7.05
N ARG H 477 25.00 5.31 6.95
CA ARG H 477 23.60 5.64 7.20
C ARG H 477 23.29 6.16 8.59
N ARG H 478 24.16 5.83 9.55
CA ARG H 478 24.03 6.36 10.88
C ARG H 478 24.44 7.83 10.93
N LEU H 479 25.31 8.26 10.01
CA LEU H 479 25.92 9.58 9.99
C LEU H 479 25.17 10.50 9.03
N PHE H 480 24.70 9.90 7.93
CA PHE H 480 23.92 10.56 6.89
C PHE H 480 22.87 11.53 7.38
N ILE H 481 22.99 12.80 7.02
CA ILE H 481 22.03 13.82 7.42
C ILE H 481 21.42 14.49 6.21
N GLU H 482 20.11 14.62 6.23
CA GLU H 482 19.37 15.25 5.15
C GLU H 482 19.56 16.75 5.29
N LEU H 483 20.20 17.36 4.29
CA LEU H 483 20.44 18.79 4.27
C LEU H 483 19.29 19.56 3.64
N ASP H 484 18.47 18.96 2.79
CA ASP H 484 17.46 19.68 2.04
C ASP H 484 16.54 18.67 1.39
N LYS H 485 15.31 19.09 1.05
CA LYS H 485 14.36 18.25 0.35
C LYS H 485 13.35 19.14 -0.37
N PHE H 486 13.38 19.23 -1.70
CA PHE H 486 12.44 20.09 -2.42
C PHE H 486 11.78 19.51 -3.67
N PHE H 487 10.82 20.24 -4.24
CA PHE H 487 10.17 19.95 -5.50
C PHE H 487 10.68 20.96 -6.51
N TYR H 488 11.10 20.49 -7.68
CA TYR H 488 11.41 21.35 -8.80
C TYR H 488 10.78 20.72 -10.04
N THR H 489 10.67 21.51 -11.11
CA THR H 489 10.16 21.04 -12.38
C THR H 489 11.29 21.27 -13.37
N LEU H 490 11.46 20.24 -14.19
CA LEU H 490 12.62 20.05 -15.04
C LEU H 490 12.18 19.87 -16.48
N THR H 491 12.50 20.85 -17.31
CA THR H 491 12.20 20.77 -18.73
C THR H 491 13.05 19.70 -19.40
N PRO H 492 12.83 19.28 -20.66
CA PRO H 492 13.75 18.38 -21.37
C PRO H 492 15.17 18.93 -21.43
N GLY H 493 16.12 18.01 -21.56
CA GLY H 493 17.52 18.34 -21.78
C GLY H 493 18.28 18.73 -20.52
N LYS H 494 19.35 19.52 -20.75
CA LYS H 494 20.22 20.02 -19.70
C LYS H 494 19.49 20.96 -18.76
N ASN H 495 19.41 20.59 -17.49
CA ASN H 495 18.77 21.43 -16.49
C ASN H 495 19.81 21.70 -15.42
N THR H 496 19.72 22.92 -14.92
CA THR H 496 20.42 23.30 -13.72
C THR H 496 19.40 23.74 -12.67
N ILE H 497 19.63 23.36 -11.43
CA ILE H 497 18.85 23.83 -10.31
C ILE H 497 19.91 24.53 -9.48
N VAL H 498 19.62 25.67 -8.85
CA VAL H 498 20.58 26.34 -7.96
C VAL H 498 19.81 26.55 -6.65
N ARG H 499 20.36 26.22 -5.49
CA ARG H 499 19.57 26.21 -4.27
C ARG H 499 20.44 26.74 -3.15
N ASN H 500 20.00 27.84 -2.54
CA ASN H 500 20.80 28.57 -1.56
C ASN H 500 20.58 28.06 -0.15
N HIS H 501 21.65 28.03 0.66
CA HIS H 501 21.61 27.55 2.03
C HIS H 501 20.35 27.74 2.88
N GLN H 502 19.69 28.91 2.82
CA GLN H 502 18.71 29.38 3.81
C GLN H 502 17.46 28.54 3.92
N ASP H 503 17.11 28.16 2.68
CA ASP H 503 15.87 27.49 2.32
C ASP H 503 15.98 25.97 2.49
N SER H 504 16.92 25.55 3.33
CA SER H 504 16.99 24.20 3.84
C SER H 504 15.69 23.80 4.52
N SER H 505 15.13 22.65 4.16
CA SER H 505 13.89 22.22 4.79
C SER H 505 13.97 21.69 6.23
N VAL H 506 15.05 21.86 6.99
CA VAL H 506 15.21 21.34 8.36
C VAL H 506 15.21 22.39 9.48
N THR H 507 15.43 23.61 8.99
CA THR H 507 15.84 24.75 9.79
C THR H 507 14.79 25.73 10.27
N ILE H 508 15.09 26.34 11.41
CA ILE H 508 14.52 27.65 11.68
C ILE H 508 15.40 28.68 10.96
N SER H 509 14.74 29.67 10.36
CA SER H 509 15.43 30.87 9.97
C SER H 509 15.25 31.87 11.12
N LYS H 510 14.24 32.74 11.08
CA LYS H 510 14.03 33.64 12.19
C LYS H 510 13.18 32.94 13.24
N VAL H 511 13.47 33.20 14.52
CA VAL H 511 12.64 32.75 15.63
C VAL H 511 12.28 34.01 16.41
N ARG H 512 11.24 34.07 17.27
CA ARG H 512 10.91 35.33 17.94
C ARG H 512 11.36 35.44 19.40
N THR H 513 12.25 36.39 19.69
CA THR H 513 12.54 36.79 21.07
C THR H 513 11.34 37.48 21.71
N PHE H 514 11.19 37.36 23.03
CA PHE H 514 10.10 37.94 23.82
C PHE H 514 9.76 39.40 23.50
N ASP H 515 10.81 40.16 23.18
CA ASP H 515 10.69 41.55 22.81
C ASP H 515 9.90 41.79 21.54
N GLN H 516 10.20 41.01 20.49
CA GLN H 516 9.42 41.03 19.24
C GLN H 516 7.95 40.78 19.56
N LEU H 517 7.71 39.78 20.40
CA LEU H 517 6.37 39.42 20.83
C LEU H 517 5.65 40.51 21.62
N GLY H 518 6.39 41.27 22.42
CA GLY H 518 5.87 42.48 23.07
C GLY H 518 5.37 43.50 22.05
N ALA H 519 5.69 43.30 20.74
CA ALA H 519 4.93 43.81 19.58
C ALA H 519 3.77 43.01 18.90
N GLY H 520 3.79 42.15 17.81
CA GLY H 520 2.56 41.48 17.26
C GLY H 520 2.50 40.95 15.78
N GLU H 521 1.56 40.04 15.30
CA GLU H 521 1.47 39.40 13.92
C GLU H 521 0.20 38.60 13.34
N GLY H 522 0.09 38.15 12.08
CA GLY H 522 -1.05 37.34 11.64
C GLY H 522 -1.05 36.99 10.16
N VAL H 523 -2.23 36.50 9.70
CA VAL H 523 -2.54 36.15 8.32
C VAL H 523 -1.93 34.84 7.77
N SER H 524 -2.66 33.77 8.07
CA SER H 524 -2.38 32.42 7.62
C SER H 524 -3.66 31.63 7.90
N GLU H 525 -4.07 30.61 7.15
CA GLU H 525 -5.35 29.91 7.36
C GLU H 525 -5.28 28.96 8.57
N ASP H 526 -5.08 27.65 8.44
CA ASP H 526 -4.64 26.88 9.59
C ASP H 526 -3.31 26.17 9.40
N SER H 527 -2.42 26.70 10.24
CA SER H 527 -1.02 26.38 10.49
C SER H 527 -0.49 27.63 11.20
N THR H 528 0.35 27.56 12.25
CA THR H 528 0.83 28.78 12.90
C THR H 528 1.94 29.28 12.00
N GLU H 529 1.74 30.44 11.36
CA GLU H 529 2.73 31.05 10.47
C GLU H 529 4.09 31.04 11.15
N TYR H 530 4.06 31.60 12.36
CA TYR H 530 5.13 31.43 13.30
C TYR H 530 5.43 30.16 14.07
N CYS H 531 6.42 29.48 13.51
CA CYS H 531 7.18 28.48 14.23
C CYS H 531 8.05 29.05 15.34
N SER H 532 7.67 28.62 16.52
CA SER H 532 8.58 28.66 17.64
C SER H 532 9.49 27.43 17.68
N CYS H 533 9.99 26.88 16.54
CA CYS H 533 10.82 25.67 16.52
C CYS H 533 11.50 25.39 15.17
N GLY H 534 12.64 24.69 15.13
CA GLY H 534 13.31 24.25 13.88
C GLY H 534 14.73 23.78 14.19
N TRP H 535 15.66 23.52 13.27
CA TRP H 535 17.05 23.34 13.65
C TRP H 535 17.72 24.71 13.75
N PRO H 536 18.65 24.97 14.67
CA PRO H 536 19.49 26.16 14.65
C PRO H 536 20.31 26.21 13.36
N GLU H 537 20.10 27.34 12.66
CA GLU H 537 20.78 27.62 11.38
C GLU H 537 22.27 27.42 11.52
N HIS H 538 22.90 28.09 12.47
CA HIS H 538 24.31 27.86 12.74
C HIS H 538 24.85 26.43 12.90
N MET H 539 24.01 25.41 13.13
CA MET H 539 24.42 24.00 13.24
C MET H 539 23.94 23.18 12.04
N LEU H 540 23.61 23.90 10.95
CA LEU H 540 23.18 23.24 9.72
C LEU H 540 24.24 22.37 9.05
N ILE H 541 25.52 22.71 9.15
CA ILE H 541 26.61 21.93 8.59
C ILE H 541 27.64 21.81 9.71
N PRO H 542 28.04 20.62 10.17
CA PRO H 542 29.00 20.38 11.26
C PRO H 542 30.36 21.07 11.15
N ARG H 543 31.09 21.20 12.28
CA ARG H 543 32.36 21.93 12.35
C ARG H 543 33.49 21.54 11.40
N GLY H 544 33.61 20.24 11.09
CA GLY H 544 34.76 19.74 10.34
C GLY H 544 36.02 19.90 11.18
N SER H 545 37.02 20.53 10.58
CA SER H 545 38.31 20.75 11.22
C SER H 545 39.01 21.96 10.64
N HIS H 546 40.07 22.45 11.26
CA HIS H 546 40.79 23.60 10.70
C HIS H 546 41.49 23.31 9.37
N LYS H 547 41.90 22.05 9.17
CA LYS H 547 42.52 21.57 7.94
C LYS H 547 41.61 21.68 6.72
N GLY H 548 40.31 21.56 6.99
CA GLY H 548 39.34 21.25 5.96
C GLY H 548 39.05 19.76 5.97
N MET H 549 38.00 19.29 6.64
CA MET H 549 37.68 17.87 6.65
C MET H 549 36.74 17.60 5.48
N GLU H 550 36.60 16.32 5.08
CA GLU H 550 36.15 15.92 3.76
C GLU H 550 34.97 15.00 4.00
N PHE H 551 33.85 15.33 3.39
CA PHE H 551 32.54 14.85 3.74
C PHE H 551 31.85 14.41 2.46
N GLU H 552 30.56 14.10 2.52
CA GLU H 552 29.87 13.56 1.36
C GLU H 552 28.51 14.25 1.22
N LEU H 553 28.29 14.92 0.10
CA LEU H 553 27.00 15.52 -0.22
C LEU H 553 26.25 14.61 -1.20
N PHE H 554 25.31 13.79 -0.73
CA PHE H 554 24.68 12.78 -1.56
C PHE H 554 23.24 13.18 -1.86
N VAL H 555 22.87 13.31 -3.13
CA VAL H 555 21.57 13.80 -3.57
C VAL H 555 20.78 12.63 -4.16
N MET H 556 19.47 12.66 -4.01
CA MET H 556 18.59 11.76 -4.72
C MET H 556 17.53 12.61 -5.39
N LEU H 557 17.06 12.23 -6.56
CA LEU H 557 15.84 12.75 -7.13
C LEU H 557 14.87 11.60 -7.29
N THR H 558 13.80 11.67 -6.49
CA THR H 558 12.65 10.79 -6.63
C THR H 558 11.47 11.56 -7.25
N ASP H 559 10.30 11.01 -7.61
CA ASP H 559 9.28 11.76 -8.36
C ASP H 559 8.40 12.56 -7.42
N HIS H 560 7.99 13.76 -7.85
CA HIS H 560 7.10 14.56 -7.03
C HIS H 560 5.62 14.23 -7.12
N ASP H 561 5.11 13.81 -8.28
CA ASP H 561 3.73 13.37 -8.38
C ASP H 561 3.54 12.03 -7.67
N GLU H 562 4.60 11.21 -7.66
CA GLU H 562 4.60 10.04 -6.79
C GLU H 562 4.64 10.49 -5.32
N ASP H 563 5.68 11.25 -4.94
CA ASP H 563 5.90 11.65 -3.55
C ASP H 563 4.85 12.58 -2.93
N THR H 564 4.13 13.45 -3.64
CA THR H 564 3.34 14.39 -2.87
C THR H 564 2.09 13.74 -2.30
N VAL H 565 2.19 13.61 -0.99
CA VAL H 565 1.02 13.34 -0.20
C VAL H 565 0.48 14.66 0.31
N ALA H 566 -0.25 15.33 -0.57
CA ALA H 566 -0.94 16.54 -0.19
C ALA H 566 -2.39 16.17 0.07
N GLY H 567 -2.91 16.54 1.23
CA GLY H 567 -4.35 16.60 1.39
C GLY H 567 -4.78 17.90 0.74
N LEU H 568 -5.53 18.68 1.51
CA LEU H 568 -5.62 20.09 1.28
C LEU H 568 -5.38 20.57 2.69
N SER H 569 -4.34 21.35 2.91
CA SER H 569 -4.24 22.00 4.19
C SER H 569 -4.29 23.51 3.99
N GLU H 570 -3.16 24.18 3.70
CA GLU H 570 -3.05 25.61 3.90
C GLU H 570 -2.13 26.31 2.87
N ASN H 571 -1.87 27.61 3.00
CA ASN H 571 -0.84 28.34 2.24
C ASN H 571 0.61 27.95 2.53
N ALA H 572 1.60 28.73 2.03
CA ALA H 572 2.98 28.59 2.48
C ALA H 572 3.15 29.23 3.85
N VAL H 573 3.65 28.47 4.82
CA VAL H 573 3.50 28.83 6.23
C VAL H 573 4.63 28.27 7.10
N CYS H 574 4.37 27.71 8.29
CA CYS H 574 5.35 27.01 9.12
C CYS H 574 5.61 25.62 8.54
N SER H 575 6.18 25.65 7.34
CA SER H 575 6.67 24.46 6.71
C SER H 575 8.17 24.56 6.64
N ASP H 576 8.82 25.63 7.15
CA ASP H 576 10.24 25.92 6.96
C ASP H 576 11.05 24.70 7.35
N ALA H 577 10.91 24.24 8.60
CA ALA H 577 11.46 22.95 8.99
C ALA H 577 10.65 21.70 8.61
N VAL H 578 10.07 21.55 7.40
CA VAL H 578 9.33 20.33 7.03
C VAL H 578 10.03 19.01 7.27
N SER H 579 11.34 18.88 7.04
CA SER H 579 12.07 17.67 7.33
C SER H 579 12.13 17.12 8.76
N TYR H 580 12.78 17.80 9.73
CA TYR H 580 13.01 17.28 11.09
C TYR H 580 11.83 17.34 12.05
N CYS H 581 10.81 18.01 11.53
CA CYS H 581 9.72 18.51 12.32
C CYS H 581 8.46 18.35 11.50
N GLY H 582 8.21 19.19 10.47
CA GLY H 582 6.97 19.10 9.73
C GLY H 582 6.34 20.44 9.37
N ALA H 583 5.01 20.43 9.40
CA ALA H 583 4.17 21.53 8.94
C ALA H 583 2.87 21.42 9.73
N ARG H 584 2.02 22.44 9.83
CA ARG H 584 0.88 22.33 10.76
C ARG H 584 -0.48 22.02 10.15
N ASP H 585 -1.10 21.12 10.92
CA ASP H 585 -2.21 20.26 10.59
C ASP H 585 -2.25 19.64 9.20
N ASP H 586 -1.08 19.15 8.83
CA ASP H 586 -0.84 18.49 7.55
C ASP H 586 0.05 17.29 7.85
N ARG H 587 0.47 16.49 6.85
CA ARG H 587 1.24 15.28 7.06
C ARG H 587 2.72 15.54 6.70
N TYR H 588 3.60 14.54 6.82
CA TYR H 588 4.94 14.68 6.27
C TYR H 588 4.82 14.54 4.75
N PRO H 589 5.01 15.62 3.95
CA PRO H 589 4.66 15.74 2.52
C PRO H 589 5.15 14.72 1.50
N ASP H 590 6.03 13.84 1.96
CA ASP H 590 6.78 12.93 1.16
C ASP H 590 6.36 11.56 1.64
N LYS H 591 5.98 10.77 0.65
CA LYS H 591 5.65 9.36 0.78
C LYS H 591 6.65 8.53 1.55
N LYS H 592 7.93 8.68 1.20
CA LYS H 592 8.91 7.73 1.69
C LYS H 592 9.33 7.98 3.13
N ALA H 593 9.81 6.89 3.75
CA ALA H 593 10.28 6.93 5.11
C ALA H 593 11.38 7.97 5.23
N MET H 594 11.26 8.74 6.31
CA MET H 594 12.24 9.74 6.64
C MET H 594 13.58 9.04 6.86
N GLY H 595 14.51 9.34 5.96
CA GLY H 595 15.79 8.66 5.90
C GLY H 595 16.18 8.32 4.46
N PHE H 596 15.14 7.99 3.68
CA PHE H 596 15.21 7.62 2.26
C PHE H 596 16.11 8.45 1.34
N PRO H 597 17.09 7.79 0.67
CA PRO H 597 17.26 6.33 0.58
C PRO H 597 17.67 5.52 1.82
N PHE H 598 18.32 6.18 2.77
CA PHE H 598 19.24 5.53 3.72
C PHE H 598 18.64 4.96 5.01
N ASP H 599 17.38 4.54 4.90
CA ASP H 599 16.64 3.89 5.97
C ASP H 599 17.00 2.41 6.12
N ARG H 600 17.13 1.74 4.98
CA ARG H 600 17.41 0.31 4.97
C ARG H 600 18.81 -0.21 4.74
N LYS H 601 18.93 -1.53 4.67
CA LYS H 601 20.20 -2.19 4.48
C LYS H 601 20.85 -1.90 3.13
N ILE H 602 22.15 -1.68 3.12
CA ILE H 602 22.89 -1.59 1.89
C ILE H 602 23.90 -2.73 1.95
N GLU H 603 23.81 -3.65 1.00
CA GLU H 603 24.75 -4.77 0.87
C GLU H 603 26.11 -4.41 0.26
N ALA H 604 26.05 -3.28 -0.45
CA ALA H 604 27.10 -2.71 -1.25
C ALA H 604 28.18 -2.01 -0.44
N ARG H 605 29.43 -2.06 -0.90
CA ARG H 605 30.55 -1.61 -0.07
C ARG H 605 30.97 -0.17 -0.33
N THR H 606 30.55 0.48 -1.41
CA THR H 606 30.70 1.91 -1.51
C THR H 606 29.39 2.60 -1.86
N ALA H 607 29.27 3.80 -1.28
CA ALA H 607 28.29 4.79 -1.73
C ALA H 607 28.29 5.04 -3.23
N ALA H 608 29.42 4.77 -3.92
CA ALA H 608 29.45 4.77 -5.37
C ALA H 608 28.67 3.61 -5.99
N GLU H 609 28.68 2.39 -5.44
CA GLU H 609 27.93 1.25 -6.00
C GLU H 609 26.44 1.49 -5.97
N PHE H 610 26.03 2.19 -4.91
CA PHE H 610 24.66 2.57 -4.67
C PHE H 610 24.16 3.67 -5.62
N LEU H 611 25.03 4.25 -6.46
CA LEU H 611 24.64 5.29 -7.39
C LEU H 611 23.67 4.80 -8.47
N THR H 612 22.45 5.34 -8.44
CA THR H 612 21.59 5.38 -9.61
C THR H 612 21.85 6.70 -10.37
N PRO H 613 21.52 6.86 -11.66
CA PRO H 613 21.67 8.13 -12.41
C PRO H 613 20.87 9.34 -11.92
N ASN H 614 20.04 9.08 -10.90
CA ASN H 614 19.35 10.11 -10.15
C ASN H 614 19.85 10.21 -8.70
N MET H 615 21.11 9.85 -8.48
CA MET H 615 21.81 10.04 -7.21
C MET H 615 23.17 10.69 -7.47
N GLY H 616 23.79 11.35 -6.49
CA GLY H 616 25.06 12.01 -6.75
C GLY H 616 25.75 12.44 -5.49
N LEU H 617 26.98 11.97 -5.33
CA LEU H 617 27.86 12.35 -4.24
C LEU H 617 28.69 13.51 -4.74
N THR H 618 28.79 14.60 -3.98
CA THR H 618 29.67 15.70 -4.33
C THR H 618 30.56 15.90 -3.11
N ASP H 619 31.82 15.49 -3.18
CA ASP H 619 32.69 15.46 -2.01
C ASP H 619 33.11 16.87 -1.65
N ILE H 620 32.77 17.23 -0.42
CA ILE H 620 32.97 18.59 0.04
C ILE H 620 33.76 18.63 1.32
N LYS H 621 34.39 19.79 1.45
CA LYS H 621 35.18 20.14 2.62
C LYS H 621 34.37 21.08 3.49
N ILE H 622 34.70 21.03 4.79
CA ILE H 622 34.24 21.99 5.78
C ILE H 622 35.50 22.44 6.52
N LYS H 623 35.69 23.74 6.74
CA LYS H 623 36.84 24.16 7.53
C LYS H 623 36.45 25.13 8.62
N PHE H 624 36.86 24.85 9.85
CA PHE H 624 36.61 25.77 10.94
C PHE H 624 37.51 26.98 10.87
N HIS H 625 36.91 28.16 10.68
CA HIS H 625 37.65 29.39 10.89
C HIS H 625 37.94 29.57 12.37
N GLY H 626 39.20 29.27 12.69
CA GLY H 626 39.78 29.61 13.99
C GLY H 626 39.76 31.10 14.28
N THR I 1 -12.60 -48.47 69.04
CA THR I 1 -13.44 -47.31 69.28
C THR I 1 -12.47 -46.15 69.34
N VAL I 2 -13.02 -44.93 69.31
CA VAL I 2 -12.20 -43.74 69.24
C VAL I 2 -11.38 -43.53 70.51
N ALA I 3 -11.77 -44.08 71.68
CA ALA I 3 -10.85 -44.11 72.82
C ALA I 3 -9.60 -44.92 72.47
N ASP I 4 -9.73 -46.24 72.21
CA ASP I 4 -8.57 -47.09 71.91
C ASP I 4 -7.82 -46.67 70.65
N LYS I 5 -8.52 -45.98 69.73
CA LYS I 5 -7.91 -45.27 68.62
C LYS I 5 -6.78 -44.35 69.12
N GLN I 6 -7.15 -43.42 70.00
CA GLN I 6 -6.18 -42.62 70.74
C GLN I 6 -5.16 -43.48 71.48
N ALA I 7 -5.64 -44.51 72.21
CA ALA I 7 -4.78 -45.36 73.00
C ALA I 7 -3.85 -46.30 72.24
N ARG I 8 -3.85 -46.28 70.90
CA ARG I 8 -2.80 -46.92 70.15
C ARG I 8 -1.75 -45.96 69.60
N LEU I 9 -2.18 -44.87 68.95
CA LEU I 9 -1.22 -43.98 68.29
C LEU I 9 -0.29 -43.30 69.27
N MET I 10 -0.87 -42.60 70.25
CA MET I 10 -0.09 -41.86 71.22
C MET I 10 0.82 -42.76 72.05
N PRO I 11 0.44 -43.96 72.53
CA PRO I 11 1.39 -44.95 73.03
C PRO I 11 2.57 -45.27 72.14
N LEU I 12 2.39 -45.32 70.81
CA LEU I 12 3.54 -45.46 69.90
C LEU I 12 4.41 -44.19 69.90
N PHE I 13 3.76 -43.02 69.99
CA PHE I 13 4.46 -41.75 70.14
C PHE I 13 4.97 -41.46 71.56
N LYS I 14 4.72 -42.36 72.51
CA LYS I 14 5.46 -42.31 73.76
C LYS I 14 6.88 -42.87 73.58
N HIS I 15 7.76 -41.94 73.19
CA HIS I 15 9.17 -42.10 72.81
C HIS I 15 9.32 -42.56 71.36
N LEU I 16 8.78 -41.75 70.46
CA LEU I 16 8.63 -42.08 69.04
C LEU I 16 9.83 -42.58 68.24
N THR I 17 10.81 -41.72 67.91
CA THR I 17 11.87 -41.96 66.91
C THR I 17 12.43 -43.39 66.76
N ALA I 18 12.76 -44.01 67.89
CA ALA I 18 13.34 -45.35 67.93
C ALA I 18 12.57 -46.51 67.32
N LEU I 19 11.27 -46.28 67.03
CA LEU I 19 10.40 -47.15 66.30
C LEU I 19 10.94 -47.28 64.87
N THR I 20 11.65 -46.23 64.36
CA THR I 20 12.20 -46.09 63.02
C THR I 20 13.03 -47.29 62.68
N ARG I 21 13.80 -47.88 63.61
CA ARG I 21 14.58 -49.01 63.17
C ARG I 21 13.98 -50.29 63.71
N GLU I 22 13.57 -51.19 62.78
CA GLU I 22 12.99 -52.46 63.13
C GLU I 22 13.21 -53.49 62.07
N LYS I 23 12.65 -54.69 62.28
CA LYS I 23 12.82 -55.86 61.44
C LYS I 23 11.85 -55.79 60.27
N LEU I 24 12.38 -55.32 59.14
CA LEU I 24 11.65 -55.47 57.89
C LEU I 24 12.61 -56.00 56.83
N PRO I 25 12.96 -57.30 56.81
CA PRO I 25 13.91 -57.90 55.87
C PRO I 25 13.51 -57.82 54.41
N LEU I 26 12.22 -57.57 54.14
CA LEU I 26 11.67 -57.51 52.81
C LEU I 26 10.58 -56.47 52.83
N ASP I 27 10.83 -55.36 52.15
CA ASP I 27 9.91 -54.24 52.03
C ASP I 27 8.62 -54.68 51.34
N GLN I 28 8.78 -55.66 50.44
CA GLN I 28 7.79 -56.28 49.55
C GLN I 28 6.39 -56.44 50.10
N ARG I 29 6.32 -56.66 51.42
CA ARG I 29 5.07 -56.58 52.17
C ARG I 29 4.10 -55.50 51.73
N ASP I 30 4.60 -54.29 51.49
CA ASP I 30 3.78 -53.17 51.10
C ASP I 30 4.14 -52.80 49.67
N GLU I 31 3.75 -53.65 48.72
CA GLU I 31 3.54 -53.30 47.30
C GLU I 31 3.00 -51.89 47.04
N ARG I 32 2.16 -51.54 48.01
CA ARG I 32 2.03 -50.20 48.51
C ARG I 32 3.37 -49.41 48.50
N LEU I 33 4.17 -49.42 49.59
CA LEU I 33 5.54 -48.89 49.77
C LEU I 33 6.80 -49.44 49.05
N LYS I 34 6.74 -50.53 48.27
CA LYS I 34 7.87 -51.18 47.59
C LYS I 34 8.96 -50.35 46.88
N GLY I 35 8.51 -49.21 46.40
CA GLY I 35 9.33 -48.32 45.59
C GLY I 35 10.19 -47.42 46.46
N VAL I 36 9.92 -47.05 47.73
CA VAL I 36 10.79 -46.13 48.48
C VAL I 36 12.17 -46.67 48.90
N GLY I 37 13.24 -45.96 48.55
CA GLY I 37 14.54 -46.32 49.10
C GLY I 37 15.77 -45.63 48.56
N ILE I 38 15.93 -44.31 48.63
CA ILE I 38 17.27 -43.73 48.71
C ILE I 38 17.34 -42.84 49.96
N LEU I 39 16.69 -43.27 51.04
CA LEU I 39 16.83 -42.62 52.34
C LEU I 39 16.81 -43.62 53.50
N PRO I 40 17.95 -44.20 53.91
CA PRO I 40 18.06 -45.05 55.08
C PRO I 40 18.12 -44.24 56.37
N ARG I 41 17.03 -44.22 57.15
CA ARG I 41 16.94 -43.62 58.49
C ARG I 41 17.49 -42.21 58.68
N GLY I 42 18.29 -41.85 59.71
CA GLY I 42 18.78 -40.48 59.87
C GLY I 42 19.88 -40.05 58.90
N THR I 43 19.69 -40.23 57.59
CA THR I 43 20.41 -39.49 56.57
C THR I 43 19.47 -38.32 56.32
N LEU I 44 19.81 -37.10 56.75
CA LEU I 44 18.79 -36.07 56.90
C LEU I 44 18.16 -35.41 55.68
N PHE I 45 16.85 -35.64 55.68
CA PHE I 45 15.88 -35.09 54.74
C PHE I 45 15.85 -33.56 54.69
N SER I 46 16.38 -32.95 53.62
CA SER I 46 15.88 -31.65 53.19
C SER I 46 14.46 -31.97 52.75
N CYS I 47 13.46 -31.30 53.30
CA CYS I 47 12.10 -31.58 52.88
C CYS I 47 11.86 -31.19 51.43
N PHE I 48 12.77 -30.42 50.85
CA PHE I 48 12.52 -29.87 49.53
C PHE I 48 13.36 -30.54 48.45
N HIS I 49 14.28 -31.47 48.78
CA HIS I 49 15.00 -32.19 47.74
C HIS I 49 14.10 -33.15 46.97
N ALA I 50 13.89 -32.83 45.68
CA ALA I 50 12.78 -33.35 44.88
C ALA I 50 12.55 -34.85 44.87
N ARG I 51 13.67 -35.58 44.89
CA ARG I 51 13.68 -37.04 44.90
C ARG I 51 12.90 -37.60 46.08
N HIS I 52 13.05 -37.01 47.27
CA HIS I 52 12.37 -37.54 48.44
C HIS I 52 10.87 -37.30 48.44
N LEU I 53 10.40 -36.20 47.85
CA LEU I 53 8.99 -35.99 47.60
C LEU I 53 8.42 -37.10 46.70
N ALA I 54 9.11 -37.39 45.60
CA ALA I 54 8.74 -38.52 44.75
C ALA I 54 8.65 -39.81 45.55
N GLU I 55 9.72 -40.16 46.27
CA GLU I 55 9.73 -41.31 47.17
C GLU I 55 8.52 -41.32 48.10
N ALA I 56 8.27 -40.17 48.72
CA ALA I 56 7.07 -39.97 49.52
C ALA I 56 5.75 -40.07 48.77
N THR I 57 5.66 -39.79 47.46
CA THR I 57 4.40 -39.87 46.74
C THR I 57 4.00 -41.34 46.56
N GLU I 58 5.01 -42.20 46.41
CA GLU I 58 4.87 -43.65 46.54
C GLU I 58 4.22 -44.02 47.87
N LEU I 59 4.78 -43.47 48.95
CA LEU I 59 4.22 -43.68 50.28
C LEU I 59 2.86 -43.06 50.48
N TYR I 60 2.57 -41.90 49.90
CA TYR I 60 1.23 -41.34 50.03
C TYR I 60 0.25 -42.26 49.31
N VAL I 61 0.53 -42.72 48.09
CA VAL I 61 -0.47 -43.58 47.43
C VAL I 61 -0.67 -44.95 48.06
N ALA I 62 0.44 -45.53 48.54
CA ALA I 62 0.37 -46.68 49.41
C ALA I 62 -0.45 -46.40 50.68
N LEU I 63 -0.03 -45.43 51.51
CA LEU I 63 -0.66 -45.29 52.83
C LEU I 63 -2.15 -44.99 52.79
N TYR I 64 -2.59 -44.24 51.79
CA TYR I 64 -4.03 -44.06 51.59
C TYR I 64 -4.88 -45.29 51.28
N GLY I 65 -4.41 -46.16 50.40
CA GLY I 65 -5.30 -47.13 49.75
C GLY I 65 -5.68 -48.27 50.66
N ALA I 66 -6.46 -47.99 51.71
CA ALA I 66 -6.62 -48.86 52.85
C ALA I 66 -8.00 -49.50 53.00
N LYS I 67 -8.22 -50.23 54.10
CA LYS I 67 -9.53 -50.81 54.32
C LYS I 67 -10.29 -49.92 55.31
N ASP I 68 -9.94 -50.00 56.58
CA ASP I 68 -10.80 -49.45 57.63
C ASP I 68 -9.88 -48.91 58.72
N PHE I 69 -10.49 -48.52 59.85
CA PHE I 69 -9.76 -48.01 60.98
C PHE I 69 -8.68 -48.96 61.51
N ASN I 70 -8.88 -50.28 61.38
CA ASN I 70 -7.88 -51.26 61.75
C ASN I 70 -6.75 -51.38 60.73
N ASP I 71 -7.06 -51.68 59.46
CA ASP I 71 -5.98 -51.85 58.49
C ASP I 71 -5.09 -50.63 58.36
N PHE I 72 -5.69 -49.43 58.55
CA PHE I 72 -4.93 -48.20 58.65
C PHE I 72 -3.80 -48.26 59.69
N ILE I 73 -4.17 -48.75 60.88
CA ILE I 73 -3.24 -48.86 61.99
C ILE I 73 -2.17 -49.88 61.66
N HIS I 74 -2.53 -51.01 61.05
CA HIS I 74 -1.50 -52.00 60.74
C HIS I 74 -0.42 -51.47 59.80
N LEU I 75 -0.87 -50.81 58.71
CA LEU I 75 0.07 -50.17 57.79
C LEU I 75 1.02 -49.24 58.54
N CYS I 76 0.43 -48.48 59.46
CA CYS I 76 1.17 -47.55 60.30
C CYS I 76 2.09 -48.23 61.31
N GLU I 77 1.81 -49.44 61.78
CA GLU I 77 2.78 -50.18 62.57
C GLU I 77 3.99 -50.50 61.69
N GLN I 78 3.64 -51.09 60.53
CA GLN I 78 4.61 -51.72 59.68
C GLN I 78 5.53 -50.79 58.90
N ALA I 79 5.04 -49.93 58.00
CA ALA I 79 5.91 -49.09 57.17
C ALA I 79 6.89 -48.25 57.99
N ARG I 80 6.43 -47.88 59.19
CA ARG I 80 7.25 -47.16 60.16
C ARG I 80 8.57 -47.85 60.49
N GLN I 81 8.64 -49.20 60.48
CA GLN I 81 9.85 -49.91 60.89
C GLN I 81 11.13 -49.59 60.12
N ILE I 82 11.01 -48.97 58.94
CA ILE I 82 12.18 -48.59 58.16
C ILE I 82 12.29 -47.09 57.85
N VAL I 83 11.18 -46.34 57.79
CA VAL I 83 11.21 -45.05 57.12
C VAL I 83 11.71 -43.87 57.96
N ASN I 84 12.03 -42.77 57.26
CA ASN I 84 12.33 -41.52 57.92
C ASN I 84 11.11 -41.01 58.64
N GLU I 85 11.07 -41.32 59.93
CA GLU I 85 9.95 -41.07 60.83
C GLU I 85 9.35 -39.68 60.67
N GLY I 86 10.16 -38.65 60.39
CA GLY I 86 9.62 -37.31 60.14
C GLY I 86 8.57 -37.26 59.03
N MET I 87 8.84 -38.02 57.97
CA MET I 87 7.97 -38.15 56.82
C MET I 87 6.76 -38.99 57.21
N PHE I 88 7.02 -40.08 57.92
CA PHE I 88 5.98 -40.96 58.41
C PHE I 88 4.97 -40.22 59.28
N VAL I 89 5.36 -39.45 60.32
CA VAL I 89 4.44 -38.62 61.07
C VAL I 89 3.73 -37.58 60.21
N TYR I 90 4.43 -37.01 59.21
CA TYR I 90 3.81 -36.06 58.28
C TYR I 90 2.69 -36.73 57.48
N ALA I 91 2.91 -38.00 57.13
CA ALA I 91 1.96 -38.79 56.38
C ALA I 91 0.79 -39.24 57.24
N VAL I 92 1.06 -39.78 58.43
CA VAL I 92 0.01 -40.19 59.33
C VAL I 92 -0.78 -38.98 59.82
N SER I 93 -0.19 -37.79 59.99
CA SER I 93 -0.95 -36.60 60.34
C SER I 93 -1.71 -36.07 59.14
N VAL I 94 -1.29 -36.13 57.87
CA VAL I 94 -2.19 -35.76 56.78
C VAL I 94 -3.34 -36.77 56.68
N ALA I 95 -3.06 -38.04 56.96
CA ALA I 95 -4.11 -39.04 57.06
C ALA I 95 -5.06 -38.88 58.25
N VAL I 96 -4.57 -38.78 59.49
CA VAL I 96 -5.42 -38.87 60.68
C VAL I 96 -5.98 -37.51 61.09
N LEU I 97 -5.83 -36.60 60.13
CA LEU I 97 -6.74 -35.49 59.94
C LEU I 97 -7.90 -35.76 58.99
N HIS I 98 -7.71 -36.49 57.88
CA HIS I 98 -8.65 -36.41 56.76
C HIS I 98 -9.27 -37.68 56.17
N ARG I 99 -9.03 -38.91 56.64
CA ARG I 99 -9.67 -40.07 56.03
C ARG I 99 -10.72 -40.70 56.94
N GLU I 100 -11.95 -40.71 56.41
CA GLU I 100 -13.15 -40.36 57.17
C GLU I 100 -13.62 -41.25 58.33
N ASP I 101 -12.85 -42.25 58.74
CA ASP I 101 -13.14 -43.13 59.86
C ASP I 101 -12.56 -42.77 61.25
N CYS I 102 -12.13 -41.50 61.42
CA CYS I 102 -11.20 -41.13 62.47
C CYS I 102 -11.56 -40.05 63.50
N LYS I 103 -12.73 -39.39 63.45
CA LYS I 103 -13.02 -38.17 64.22
C LYS I 103 -12.75 -38.27 65.72
N GLY I 104 -12.09 -37.28 66.33
CA GLY I 104 -11.67 -37.42 67.72
C GLY I 104 -10.33 -38.09 67.98
N ILE I 105 -9.54 -38.47 66.98
CA ILE I 105 -8.15 -38.80 67.27
C ILE I 105 -7.32 -37.55 67.09
N THR I 106 -6.58 -37.21 68.15
CA THR I 106 -5.83 -35.99 68.09
C THR I 106 -4.44 -36.40 67.69
N VAL I 107 -3.83 -35.52 66.91
CA VAL I 107 -2.46 -35.69 66.45
C VAL I 107 -1.55 -35.44 67.65
N PRO I 108 -0.59 -36.34 67.96
CA PRO I 108 0.40 -36.13 69.01
C PRO I 108 1.14 -34.79 68.84
N PRO I 109 1.13 -33.92 69.86
CA PRO I 109 1.65 -32.56 69.78
C PRO I 109 3.13 -32.44 69.44
N ILE I 110 3.40 -31.85 68.26
CA ILE I 110 4.76 -31.73 67.75
C ILE I 110 5.79 -31.05 68.64
N GLN I 111 5.31 -30.17 69.52
CA GLN I 111 6.19 -29.40 70.39
C GLN I 111 6.73 -30.32 71.46
N GLU I 112 5.84 -31.25 71.81
CA GLU I 112 6.06 -32.22 72.86
C GLU I 112 6.64 -33.54 72.36
N VAL I 113 6.34 -34.01 71.15
CA VAL I 113 7.09 -35.13 70.56
C VAL I 113 8.44 -34.77 69.93
N PHE I 114 8.58 -33.54 69.41
CA PHE I 114 9.87 -33.05 68.95
C PHE I 114 10.15 -31.67 69.53
N PRO I 115 10.57 -31.55 70.80
CA PRO I 115 10.90 -30.27 71.43
C PRO I 115 12.14 -29.57 70.92
N ASP I 116 13.01 -30.36 70.25
CA ASP I 116 14.34 -29.95 69.80
C ASP I 116 14.24 -28.77 68.85
N ARG I 117 13.27 -28.81 67.93
CA ARG I 117 13.07 -27.69 67.04
C ARG I 117 12.45 -26.42 67.62
N PHE I 118 12.13 -26.43 68.92
CA PHE I 118 11.49 -25.32 69.60
C PHE I 118 12.39 -24.61 70.62
N VAL I 119 13.19 -25.37 71.37
CA VAL I 119 13.98 -24.83 72.47
C VAL I 119 15.50 -24.81 72.25
N PRO I 120 16.29 -24.12 73.10
CA PRO I 120 17.74 -24.23 73.13
C PRO I 120 18.34 -25.61 73.44
N ALA I 121 19.20 -26.02 72.53
CA ALA I 121 20.09 -27.18 72.65
C ALA I 121 20.64 -27.41 74.05
N GLU I 122 21.07 -26.29 74.66
CA GLU I 122 21.49 -26.23 76.06
C GLU I 122 20.42 -26.71 77.06
N THR I 123 19.17 -26.23 77.01
CA THR I 123 18.17 -26.68 77.97
C THR I 123 17.64 -28.08 77.67
N ILE I 124 17.92 -28.64 76.49
CA ILE I 124 17.65 -30.05 76.25
C ILE I 124 18.73 -30.83 77.00
N ASN I 125 19.97 -30.44 76.68
CA ASN I 125 21.19 -30.99 77.23
C ASN I 125 21.21 -30.93 78.76
N ARG I 126 20.69 -29.84 79.35
CA ARG I 126 20.65 -29.64 80.79
C ARG I 126 19.66 -30.56 81.50
N ALA I 127 18.40 -30.60 81.03
CA ALA I 127 17.40 -31.48 81.62
C ALA I 127 17.83 -32.94 81.57
N ASN I 128 18.26 -33.33 80.36
CA ASN I 128 18.98 -34.59 80.13
C ASN I 128 20.08 -34.81 81.15
N LYS I 129 21.03 -33.88 81.25
CA LYS I 129 22.15 -34.01 82.15
C LYS I 129 21.71 -34.03 83.60
N GLU I 130 20.62 -33.38 84.01
CA GLU I 130 20.17 -33.42 85.39
C GLU I 130 19.58 -34.78 85.75
N ALA I 131 18.91 -35.48 84.83
CA ALA I 131 18.55 -36.88 85.00
C ALA I 131 19.78 -37.79 85.12
N SER I 132 20.87 -37.50 84.40
CA SER I 132 22.13 -38.17 84.69
C SER I 132 22.80 -37.67 85.97
N ASN I 133 22.49 -36.46 86.44
CA ASN I 133 23.11 -35.95 87.65
C ASN I 133 22.48 -36.42 88.96
N HIS I 134 21.17 -36.67 88.94
CA HIS I 134 20.48 -37.17 90.11
C HIS I 134 19.59 -38.30 89.62
N PRO I 135 19.95 -39.59 89.57
CA PRO I 135 19.05 -40.67 89.16
C PRO I 135 17.91 -40.91 90.15
N ASP I 136 16.90 -40.05 90.05
CA ASP I 136 15.77 -40.07 90.94
C ASP I 136 14.51 -39.76 90.14
N GLN I 137 13.35 -40.00 90.76
CA GLN I 137 12.05 -39.77 90.13
C GLN I 137 11.63 -38.29 90.17
N GLN I 138 12.37 -37.42 90.88
CA GLN I 138 12.14 -35.97 90.84
C GLN I 138 12.18 -35.33 89.46
N SER I 139 11.17 -34.48 89.25
CA SER I 139 11.07 -33.65 88.05
C SER I 139 12.24 -32.67 87.99
N ILE I 140 12.52 -32.17 86.79
CA ILE I 140 13.58 -31.20 86.57
C ILE I 140 12.91 -30.06 85.84
N VAL I 141 13.26 -28.82 86.17
CA VAL I 141 12.74 -27.66 85.49
C VAL I 141 13.96 -26.81 85.17
N VAL I 142 14.10 -26.38 83.92
CA VAL I 142 15.27 -25.63 83.50
C VAL I 142 14.75 -24.33 82.93
N GLU I 143 15.41 -23.22 83.27
CA GLU I 143 15.03 -21.92 82.75
C GLU I 143 15.72 -21.66 81.42
N ALA I 144 14.88 -21.67 80.38
CA ALA I 144 15.32 -21.57 78.99
C ALA I 144 16.06 -20.28 78.68
N GLU I 145 15.75 -19.23 79.43
CA GLU I 145 16.25 -17.87 79.23
C GLU I 145 17.68 -17.67 78.73
N GLU I 146 18.65 -18.41 79.26
CA GLU I 146 20.08 -18.26 78.97
C GLU I 146 20.70 -16.91 79.41
N THR I 147 21.98 -16.67 79.16
CA THR I 147 22.68 -15.45 79.52
C THR I 147 23.81 -15.31 78.51
N GLY I 148 23.88 -14.14 77.88
CA GLY I 148 24.85 -13.86 76.84
C GLY I 148 24.83 -12.39 76.44
N ASN I 149 25.94 -11.91 75.86
CA ASN I 149 26.09 -10.53 75.43
C ASN I 149 25.28 -10.19 74.19
N ILE I 150 24.15 -9.51 74.41
CA ILE I 150 23.26 -9.11 73.33
C ILE I 150 23.85 -7.99 72.47
N LEU I 151 24.64 -8.36 71.45
CA LEU I 151 25.07 -7.40 70.45
C LEU I 151 23.96 -7.05 69.45
N ASP I 152 23.17 -8.08 69.12
CA ASP I 152 22.20 -8.03 68.04
C ASP I 152 20.87 -7.36 68.41
N PRO I 153 20.36 -6.42 67.60
CA PRO I 153 19.01 -5.91 67.74
C PRO I 153 17.93 -6.97 67.57
N GLU I 154 18.07 -7.90 66.62
CA GLU I 154 16.97 -8.77 66.20
C GLU I 154 16.52 -9.77 67.26
N TYR I 155 17.43 -10.20 68.14
CA TYR I 155 17.15 -11.07 69.28
C TYR I 155 15.96 -10.63 70.14
N LYS I 156 15.68 -9.32 70.17
CA LYS I 156 14.45 -8.78 70.76
C LYS I 156 13.24 -9.55 70.23
N LEU I 157 13.05 -9.61 68.90
CA LEU I 157 11.82 -10.15 68.30
C LEU I 157 11.61 -11.66 68.45
N SER I 158 12.58 -12.28 69.13
CA SER I 158 12.56 -13.67 69.49
C SER I 158 11.56 -13.99 70.59
N TYR I 159 10.81 -13.01 71.12
CA TYR I 159 9.57 -13.29 71.84
C TYR I 159 8.51 -13.94 70.95
N PHE I 160 8.43 -13.45 69.71
CA PHE I 160 7.36 -13.73 68.77
C PHE I 160 7.73 -14.90 67.87
N ARG I 161 8.85 -14.75 67.16
CA ARG I 161 9.26 -15.65 66.09
C ARG I 161 9.40 -17.12 66.50
N GLU I 162 10.00 -17.24 67.68
CA GLU I 162 10.50 -18.50 68.20
C GLU I 162 9.53 -19.22 69.11
N ASP I 163 8.30 -18.72 69.16
CA ASP I 163 7.30 -19.15 70.12
C ASP I 163 6.68 -20.50 69.80
N ILE I 164 6.25 -21.19 70.86
CA ILE I 164 5.81 -22.58 70.77
C ILE I 164 4.60 -22.76 69.84
N GLY I 165 3.62 -21.90 70.14
CA GLY I 165 2.33 -21.92 69.49
C GLY I 165 2.41 -21.35 68.08
N ILE I 166 3.26 -20.32 67.94
CA ILE I 166 3.65 -19.81 66.65
C ILE I 166 4.10 -20.97 65.79
N ASN I 167 5.18 -21.65 66.18
CA ASN I 167 5.80 -22.63 65.29
C ASN I 167 5.03 -23.92 65.03
N ALA I 168 4.25 -24.30 66.06
CA ALA I 168 3.28 -25.37 65.96
C ALA I 168 2.19 -25.03 64.96
N HIS I 169 1.56 -23.84 65.05
CA HIS I 169 0.52 -23.40 64.11
C HIS I 169 0.99 -23.59 62.68
N HIS I 170 2.24 -23.20 62.50
CA HIS I 170 2.88 -23.23 61.21
C HIS I 170 2.92 -24.62 60.61
N TRP I 171 3.40 -25.65 61.34
CA TRP I 171 3.30 -27.03 60.86
C TRP I 171 1.84 -27.41 60.62
N HIS I 172 1.01 -27.25 61.67
CA HIS I 172 -0.42 -27.52 61.59
C HIS I 172 -1.22 -26.96 60.44
N TRP I 173 -0.92 -25.74 59.96
CA TRP I 173 -1.60 -25.16 58.82
C TRP I 173 -1.36 -25.99 57.56
N HIS I 174 -0.11 -26.42 57.35
CA HIS I 174 0.24 -27.25 56.20
C HIS I 174 0.13 -28.75 56.45
N ILE I 175 -0.18 -29.15 57.69
CA ILE I 175 -0.67 -30.48 57.86
C ILE I 175 -2.15 -30.53 57.50
N VAL I 176 -2.91 -29.46 57.79
CA VAL I 176 -4.30 -29.40 57.33
C VAL I 176 -4.43 -29.08 55.84
N TYR I 177 -3.51 -28.31 55.25
CA TYR I 177 -3.41 -28.13 53.80
C TYR I 177 -2.06 -28.59 53.20
N PRO I 178 -1.83 -29.88 52.90
CA PRO I 178 -0.62 -30.34 52.22
C PRO I 178 -0.56 -30.00 50.73
N ALA I 179 0.63 -29.57 50.28
CA ALA I 179 0.86 -29.23 48.88
C ALA I 179 0.55 -30.37 47.93
N THR I 180 0.87 -31.57 48.36
CA THR I 180 0.53 -32.80 47.70
C THR I 180 -0.89 -33.33 47.92
N TRP I 181 -1.82 -32.56 48.51
CA TRP I 181 -3.22 -32.95 48.46
C TRP I 181 -3.72 -33.00 47.02
N ASN I 182 -3.61 -34.18 46.42
CA ASN I 182 -4.43 -34.52 45.27
C ASN I 182 -5.91 -34.61 45.69
N PRO I 183 -6.84 -33.87 45.09
CA PRO I 183 -8.28 -34.01 45.35
C PRO I 183 -8.92 -35.32 44.90
N THR I 184 -8.63 -35.80 43.68
CA THR I 184 -9.39 -36.86 43.05
C THR I 184 -9.14 -38.21 43.71
N VAL I 185 -7.86 -38.58 43.80
CA VAL I 185 -7.44 -39.84 44.42
C VAL I 185 -7.75 -39.86 45.92
N MET I 186 -7.91 -38.67 46.52
CA MET I 186 -8.39 -38.54 47.89
C MET I 186 -9.83 -38.06 48.00
N GLY I 187 -10.63 -38.20 46.93
CA GLY I 187 -12.09 -38.12 47.01
C GLY I 187 -12.71 -36.72 47.03
N LYS I 188 -12.07 -35.77 47.73
CA LYS I 188 -12.59 -34.42 47.97
C LYS I 188 -11.48 -33.37 48.04
N GLU I 189 -11.90 -32.11 47.97
CA GLU I 189 -10.98 -30.99 47.83
C GLU I 189 -10.82 -30.13 49.08
N LYS I 190 -9.95 -29.11 48.93
CA LYS I 190 -9.55 -28.30 50.05
C LYS I 190 -9.80 -26.83 49.79
N ASP I 191 -10.88 -26.39 50.41
CA ASP I 191 -11.40 -25.05 50.23
C ASP I 191 -10.44 -23.90 50.44
N ARG I 192 -10.32 -23.28 49.27
CA ARG I 192 -9.59 -22.04 49.05
C ARG I 192 -8.10 -22.02 49.38
N LYS I 193 -7.45 -23.18 49.22
CA LYS I 193 -6.12 -23.37 49.79
C LYS I 193 -5.05 -22.41 49.31
N GLY I 194 -5.09 -21.96 48.04
CA GLY I 194 -4.09 -21.03 47.53
C GLY I 194 -4.24 -19.65 48.14
N GLU I 195 -5.45 -19.10 48.02
CA GLU I 195 -5.74 -17.79 48.59
C GLU I 195 -5.49 -17.77 50.10
N LEU I 196 -6.00 -18.79 50.78
CA LEU I 196 -5.83 -18.87 52.22
C LEU I 196 -4.35 -18.92 52.55
N PHE I 197 -3.58 -19.56 51.65
CA PHE I 197 -2.13 -19.60 51.70
C PHE I 197 -1.43 -18.27 51.47
N PHE I 198 -1.93 -17.36 50.62
CA PHE I 198 -1.46 -15.98 50.63
C PHE I 198 -1.65 -15.41 52.04
N TYR I 199 -2.92 -15.44 52.41
CA TYR I 199 -3.46 -14.67 53.52
C TYR I 199 -2.79 -14.98 54.84
N MET I 200 -2.91 -16.22 55.32
CA MET I 200 -2.31 -16.66 56.58
C MET I 200 -0.86 -16.23 56.69
N HIS I 201 -0.16 -16.24 55.54
CA HIS I 201 1.25 -15.90 55.54
C HIS I 201 1.46 -14.38 55.60
N GLN I 202 0.62 -13.59 54.90
CA GLN I 202 0.60 -12.14 55.07
C GLN I 202 0.25 -11.82 56.50
N GLN I 203 -0.85 -12.32 57.07
CA GLN I 203 -1.21 -12.06 58.46
C GLN I 203 -0.10 -12.38 59.43
N MET I 204 0.60 -13.51 59.30
CA MET I 204 1.83 -13.72 60.08
C MET I 204 2.86 -12.58 59.96
N CYS I 205 3.25 -12.27 58.73
CA CYS I 205 4.24 -11.25 58.49
C CYS I 205 3.78 -9.83 58.73
N ALA I 206 2.47 -9.59 58.86
CA ALA I 206 1.92 -8.29 59.22
C ALA I 206 1.92 -8.09 60.73
N ARG I 207 1.58 -9.17 61.45
CA ARG I 207 1.79 -9.19 62.90
C ARG I 207 3.26 -8.93 63.24
N TYR I 208 4.14 -9.66 62.57
CA TYR I 208 5.57 -9.39 62.58
C TYR I 208 5.89 -7.95 62.18
N ASP I 209 5.47 -7.44 61.03
CA ASP I 209 5.74 -6.05 60.67
C ASP I 209 5.31 -5.00 61.67
N SER I 210 4.28 -5.31 62.44
CA SER I 210 3.97 -4.52 63.60
C SER I 210 5.04 -4.70 64.67
N GLU I 211 5.33 -5.95 65.07
CA GLU I 211 6.36 -6.28 66.05
C GLU I 211 7.67 -5.59 65.68
N ARG I 212 8.03 -5.41 64.40
CA ARG I 212 9.19 -4.58 64.05
C ARG I 212 9.08 -3.10 64.44
N LEU I 213 7.97 -2.45 64.06
CA LEU I 213 7.67 -1.09 64.47
C LEU I 213 7.42 -0.89 65.95
N SER I 214 6.95 -1.90 66.67
CA SER I 214 6.69 -1.76 68.10
C SER I 214 7.99 -1.45 68.85
N ASN I 215 8.98 -2.22 68.41
CA ASN I 215 10.37 -2.14 68.81
C ASN I 215 11.07 -0.86 68.36
N GLY I 216 10.48 -0.11 67.43
CA GLY I 216 11.14 1.04 66.85
C GLY I 216 12.14 0.64 65.78
N LEU I 217 11.78 -0.41 65.05
CA LEU I 217 12.49 -0.77 63.83
C LEU I 217 11.53 -0.57 62.66
N GLN I 218 12.04 -0.77 61.44
CA GLN I 218 11.24 -0.72 60.23
C GLN I 218 10.59 -2.06 59.90
N ARG I 219 9.50 -2.05 59.12
CA ARG I 219 8.93 -3.23 58.47
C ARG I 219 10.00 -4.07 57.75
N MET I 220 9.75 -5.37 57.62
CA MET I 220 10.77 -6.27 57.11
C MET I 220 10.89 -6.19 55.59
N ILE I 221 12.13 -5.99 55.16
CA ILE I 221 12.50 -5.90 53.75
C ILE I 221 12.38 -7.19 52.92
N PRO I 222 11.63 -7.18 51.79
CA PRO I 222 11.45 -8.32 50.87
C PRO I 222 12.63 -8.82 50.04
N PHE I 223 12.67 -10.13 49.74
CA PHE I 223 13.74 -10.72 48.95
C PHE I 223 13.39 -10.50 47.50
N HIS I 224 13.48 -9.24 47.10
CA HIS I 224 13.11 -8.86 45.76
C HIS I 224 14.20 -9.22 44.76
N ASN I 225 15.47 -9.19 45.16
CA ASN I 225 16.55 -9.53 44.24
C ASN I 225 17.16 -10.80 44.81
N PHE I 226 17.79 -11.60 43.96
CA PHE I 226 18.39 -12.87 44.34
C PHE I 226 19.86 -12.74 44.69
N ASP I 227 20.53 -11.74 44.10
CA ASP I 227 21.94 -11.47 44.33
C ASP I 227 22.20 -11.17 45.81
N GLU I 228 21.36 -10.28 46.36
CA GLU I 228 21.51 -9.71 47.69
C GLU I 228 21.59 -10.71 48.85
N PRO I 229 22.67 -10.66 49.65
CA PRO I 229 22.92 -11.55 50.78
C PRO I 229 21.81 -11.81 51.80
N LEU I 230 21.87 -12.99 52.41
CA LEU I 230 20.98 -13.37 53.48
C LEU I 230 21.65 -13.15 54.83
N GLU I 231 20.80 -12.70 55.75
CA GLU I 231 21.16 -12.40 57.13
C GLU I 231 21.66 -13.63 57.87
N GLY I 232 22.40 -13.32 58.93
CA GLY I 232 23.04 -14.32 59.75
C GLY I 232 22.18 -14.67 60.95
N TYR I 233 22.18 -15.95 61.29
CA TYR I 233 21.35 -16.47 62.38
C TYR I 233 21.80 -17.83 62.86
N ALA I 234 21.75 -17.94 64.19
CA ALA I 234 21.94 -19.20 64.91
C ALA I 234 20.71 -19.59 65.73
N PRO I 235 19.91 -20.60 65.32
CA PRO I 235 18.69 -21.02 66.00
C PRO I 235 18.88 -21.51 67.43
N HIS I 236 20.08 -22.05 67.68
CA HIS I 236 20.47 -22.70 68.93
C HIS I 236 19.71 -23.98 69.21
N LEU I 237 19.57 -24.81 68.16
CA LEU I 237 18.72 -26.00 68.20
C LEU I 237 19.53 -27.22 67.76
N THR I 238 19.86 -28.17 68.65
CA THR I 238 20.44 -29.44 68.22
C THR I 238 19.34 -30.47 68.08
N SER I 239 19.37 -31.36 67.09
CA SER I 239 18.26 -32.26 66.85
C SER I 239 18.28 -33.54 67.68
N LEU I 240 17.19 -33.91 68.38
CA LEU I 240 17.13 -35.13 69.18
C LEU I 240 17.27 -36.44 68.40
N VAL I 241 17.23 -36.37 67.06
CA VAL I 241 17.40 -37.53 66.20
C VAL I 241 18.81 -38.11 66.13
N SER I 242 19.83 -37.28 65.97
CA SER I 242 21.23 -37.69 65.85
C SER I 242 22.04 -36.66 66.62
N GLY I 243 23.38 -36.72 66.58
CA GLY I 243 24.21 -35.78 67.35
C GLY I 243 24.04 -34.35 66.90
N LEU I 244 23.81 -34.27 65.59
CA LEU I 244 23.98 -33.05 64.83
C LEU I 244 22.98 -31.93 65.09
N GLN I 245 23.18 -30.87 64.34
CA GLN I 245 22.31 -29.72 64.47
C GLN I 245 22.16 -28.99 63.15
N TYR I 246 21.10 -28.19 63.16
CA TYR I 246 20.83 -27.26 62.08
C TYR I 246 22.02 -26.34 61.99
N ALA I 247 22.86 -26.56 60.97
CA ALA I 247 23.96 -25.66 60.65
C ALA I 247 23.45 -24.24 60.48
N SER I 248 24.13 -23.27 61.08
CA SER I 248 23.54 -21.97 61.25
C SER I 248 24.12 -20.94 60.30
N ARG I 249 23.34 -20.02 59.72
CA ARG I 249 23.81 -19.22 58.60
C ARG I 249 24.59 -17.99 59.04
N PRO I 250 25.79 -17.72 58.53
CA PRO I 250 26.37 -16.39 58.61
C PRO I 250 25.73 -15.49 57.54
N GLU I 251 25.71 -14.19 57.85
CA GLU I 251 25.31 -13.16 56.92
C GLU I 251 26.28 -13.07 55.75
N GLY I 252 25.92 -12.27 54.75
CA GLY I 252 26.81 -12.02 53.64
C GLY I 252 26.91 -13.23 52.73
N TYR I 253 25.83 -14.03 52.75
CA TYR I 253 25.75 -15.23 51.94
C TYR I 253 24.83 -14.98 50.77
N SER I 254 25.43 -15.12 49.59
CA SER I 254 24.69 -15.11 48.34
C SER I 254 23.98 -16.43 48.16
N ILE I 255 22.82 -16.31 47.49
CA ILE I 255 21.99 -17.46 47.13
C ILE I 255 22.79 -18.38 46.21
N HIS I 256 22.44 -19.66 46.11
CA HIS I 256 23.23 -20.57 45.29
C HIS I 256 22.33 -21.60 44.62
N ASP I 257 22.71 -21.95 43.40
CA ASP I 257 22.03 -22.96 42.59
C ASP I 257 22.00 -24.32 43.26
N LEU I 258 21.11 -25.18 42.78
CA LEU I 258 20.89 -26.48 43.38
C LEU I 258 21.16 -27.60 42.37
N SER I 259 21.45 -28.83 42.81
CA SER I 259 21.39 -29.98 41.90
C SER I 259 20.03 -30.20 41.24
N ASP I 260 18.97 -29.59 41.80
CA ASP I 260 17.66 -29.60 41.18
C ASP I 260 17.47 -28.40 40.25
N VAL I 261 17.35 -27.19 40.81
CA VAL I 261 17.00 -26.00 40.04
C VAL I 261 18.11 -24.95 40.06
N ASP I 262 18.31 -24.24 38.96
CA ASP I 262 19.11 -23.02 38.97
C ASP I 262 18.37 -21.83 39.57
N VAL I 263 19.09 -20.90 40.23
CA VAL I 263 18.49 -19.67 40.76
C VAL I 263 17.84 -18.83 39.66
N GLN I 264 18.45 -18.99 38.49
CA GLN I 264 17.88 -18.56 37.23
C GLN I 264 16.56 -19.23 36.81
N ASP I 265 16.27 -20.53 36.96
CA ASP I 265 14.96 -21.06 36.57
C ASP I 265 13.89 -20.53 37.51
N MET I 266 14.32 -20.15 38.72
CA MET I 266 13.53 -19.34 39.64
C MET I 266 13.18 -17.96 39.07
N VAL I 267 14.17 -17.23 38.53
CA VAL I 267 13.94 -15.93 37.92
C VAL I 267 12.99 -16.08 36.73
N ARG I 268 13.22 -17.14 35.95
CA ARG I 268 12.35 -17.53 34.86
C ARG I 268 10.91 -17.66 35.31
N TRP I 269 10.64 -18.58 36.24
CA TRP I 269 9.32 -18.78 36.82
C TRP I 269 8.67 -17.47 37.23
N ARG I 270 9.38 -16.62 37.96
CA ARG I 270 8.80 -15.37 38.40
C ARG I 270 8.39 -14.50 37.22
N GLU I 271 9.19 -14.54 36.15
CA GLU I 271 8.88 -13.73 34.99
C GLU I 271 7.67 -14.27 34.24
N ARG I 272 7.68 -15.58 34.09
CA ARG I 272 6.54 -16.31 33.57
C ARG I 272 5.25 -16.05 34.37
N ILE I 273 5.32 -15.80 35.69
CA ILE I 273 4.14 -15.46 36.47
C ILE I 273 3.72 -14.01 36.25
N LEU I 274 4.68 -13.12 36.43
CA LEU I 274 4.40 -11.68 36.54
C LEU I 274 3.77 -11.17 35.26
N ASP I 275 4.30 -11.68 34.14
CA ASP I 275 3.72 -11.42 32.84
C ASP I 275 2.30 -11.96 32.74
N ALA I 276 1.99 -13.15 33.25
CA ALA I 276 0.64 -13.69 33.26
C ALA I 276 -0.36 -12.89 34.11
N ILE I 277 0.12 -12.17 35.14
CA ILE I 277 -0.70 -11.18 35.81
C ILE I 277 -1.05 -10.05 34.84
N ASN I 278 -0.05 -9.48 34.16
CA ASN I 278 -0.26 -8.40 33.21
C ASN I 278 -1.18 -8.83 32.09
N MET I 279 -0.98 -10.06 31.60
CA MET I 279 -1.83 -10.70 30.62
C MET I 279 -3.15 -11.14 31.22
N HIS I 280 -3.25 -11.31 32.54
CA HIS I 280 -4.46 -11.69 33.26
C HIS I 280 -4.97 -13.11 33.03
N TYR I 281 -4.07 -14.07 32.73
CA TYR I 281 -4.47 -15.47 32.57
C TYR I 281 -3.38 -16.48 32.90
N ILE I 282 -3.79 -17.76 32.98
CA ILE I 282 -2.90 -18.90 33.17
C ILE I 282 -3.14 -20.09 32.23
N VAL I 283 -2.00 -20.69 31.86
CA VAL I 283 -1.99 -21.87 31.03
C VAL I 283 -1.80 -23.07 31.94
N ASP I 284 -2.83 -23.91 31.99
CA ASP I 284 -2.76 -25.16 32.73
C ASP I 284 -1.92 -26.19 31.99
N LYS I 285 -1.64 -27.35 32.59
CA LYS I 285 -0.92 -28.43 31.91
C LYS I 285 -1.46 -29.01 30.61
N ASP I 286 -2.59 -28.48 30.14
CA ASP I 286 -3.16 -28.76 28.83
C ASP I 286 -2.94 -27.63 27.83
N ASN I 287 -2.39 -26.47 28.23
CA ASN I 287 -2.16 -25.26 27.41
C ASN I 287 -3.32 -24.26 27.30
N ASN I 288 -4.47 -24.60 27.88
CA ASN I 288 -5.68 -23.78 27.76
C ASN I 288 -5.73 -22.64 28.76
N LYS I 289 -6.06 -21.46 28.26
CA LYS I 289 -6.00 -20.24 29.07
C LYS I 289 -7.22 -20.12 29.97
N ILE I 290 -7.12 -20.32 31.29
CA ILE I 290 -8.25 -20.00 32.18
C ILE I 290 -8.09 -18.62 32.81
N PRO I 291 -9.12 -17.79 33.10
CA PRO I 291 -8.94 -16.41 33.54
C PRO I 291 -8.37 -16.15 34.93
N LEU I 292 -7.46 -15.18 35.06
CA LEU I 292 -7.06 -14.70 36.38
C LEU I 292 -8.05 -13.71 36.98
N ASP I 293 -9.14 -14.41 37.31
CA ASP I 293 -10.41 -13.91 37.81
C ASP I 293 -10.31 -13.26 39.18
N ILE I 294 -11.45 -12.68 39.56
CA ILE I 294 -11.72 -12.26 40.92
C ILE I 294 -12.13 -13.49 41.70
N GLU I 295 -13.13 -14.31 41.30
CA GLU I 295 -13.43 -15.53 42.07
C GLU I 295 -12.36 -16.60 41.91
N HIS I 296 -12.30 -17.36 40.80
CA HIS I 296 -11.60 -18.63 40.76
C HIS I 296 -10.09 -18.50 40.73
N GLY I 297 -9.66 -17.42 40.06
CA GLY I 297 -8.26 -17.12 39.77
C GLY I 297 -7.28 -17.37 40.90
N THR I 298 -7.71 -17.15 42.15
CA THR I 298 -6.75 -17.22 43.25
C THR I 298 -6.59 -18.63 43.79
N ASP I 299 -7.64 -19.45 43.65
CA ASP I 299 -7.54 -20.84 44.00
C ASP I 299 -6.68 -21.50 42.93
N ILE I 300 -6.94 -21.12 41.67
CA ILE I 300 -6.19 -21.68 40.56
C ILE I 300 -4.80 -21.11 40.34
N LEU I 301 -4.45 -19.95 40.90
CA LEU I 301 -3.07 -19.50 40.95
C LEU I 301 -2.35 -20.15 42.14
N GLY I 302 -3.07 -20.34 43.24
CA GLY I 302 -2.53 -20.94 44.46
C GLY I 302 -2.19 -22.42 44.34
N ASP I 303 -3.03 -23.20 43.69
CA ASP I 303 -2.60 -24.54 43.38
C ASP I 303 -1.42 -24.56 42.42
N ILE I 304 -1.51 -23.89 41.25
CA ILE I 304 -0.42 -23.63 40.30
C ILE I 304 0.95 -23.52 40.95
N ILE I 305 0.98 -22.50 41.80
CA ILE I 305 2.24 -22.03 42.32
C ILE I 305 2.86 -22.99 43.37
N GLU I 306 2.10 -23.51 44.34
CA GLU I 306 2.75 -23.89 45.61
C GLU I 306 4.04 -24.73 45.57
N SER I 307 4.30 -25.72 44.69
CA SER I 307 3.37 -26.10 43.65
C SER I 307 2.48 -27.11 44.27
N SER I 308 1.19 -26.82 44.36
CA SER I 308 0.34 -27.85 44.90
C SER I 308 0.32 -28.92 43.81
N ASP I 309 -0.23 -30.06 44.20
CA ASP I 309 -0.43 -31.20 43.32
C ASP I 309 -1.57 -30.79 42.42
N GLU I 310 -2.61 -30.30 43.12
CA GLU I 310 -3.74 -29.59 42.56
C GLU I 310 -3.39 -28.59 41.45
N SER I 311 -2.17 -28.03 41.51
CA SER I 311 -1.51 -27.25 40.46
C SER I 311 -2.04 -27.07 39.08
N LYS I 312 -2.22 -25.89 38.49
CA LYS I 312 -2.52 -25.95 37.07
C LYS I 312 -1.33 -26.05 36.15
N ASN I 313 -0.21 -25.42 36.50
CA ASN I 313 1.02 -25.77 35.83
C ASN I 313 2.14 -25.68 36.83
N VAL I 314 2.90 -26.77 36.74
CA VAL I 314 4.08 -27.04 37.55
C VAL I 314 5.38 -26.61 36.90
N GLU I 315 5.69 -26.98 35.65
CA GLU I 315 7.01 -26.75 35.04
C GLU I 315 7.22 -25.28 34.64
N TYR I 316 6.05 -24.76 34.31
CA TYR I 316 5.90 -23.41 33.82
C TYR I 316 5.97 -22.46 35.00
N TYR I 317 5.21 -22.61 36.11
CA TYR I 317 5.25 -21.65 37.21
C TYR I 317 6.17 -22.08 38.35
N GLY I 318 6.71 -23.29 38.26
CA GLY I 318 7.58 -23.85 39.28
C GLY I 318 6.81 -24.32 40.49
N SER I 319 7.52 -24.21 41.62
CA SER I 319 6.96 -24.19 42.95
C SER I 319 7.66 -23.05 43.70
N LEU I 320 7.62 -21.82 43.18
CA LEU I 320 8.61 -20.78 43.46
C LEU I 320 8.80 -20.52 44.95
N HIS I 321 7.65 -20.60 45.62
CA HIS I 321 7.56 -20.51 47.07
C HIS I 321 8.43 -21.53 47.81
N ASN I 322 8.15 -22.83 47.57
CA ASN I 322 8.89 -23.95 48.18
C ASN I 322 10.34 -23.92 47.76
N TRP I 323 10.54 -23.74 46.46
CA TRP I 323 11.87 -23.79 45.89
C TRP I 323 12.79 -22.77 46.52
N GLY I 324 12.38 -21.50 46.68
CA GLY I 324 13.13 -20.50 47.41
C GLY I 324 13.55 -20.95 48.81
N HIS I 325 12.67 -21.72 49.44
CA HIS I 325 12.97 -22.32 50.71
C HIS I 325 14.16 -23.26 50.65
N VAL I 326 14.33 -24.14 49.64
CA VAL I 326 15.50 -25.02 49.59
C VAL I 326 16.76 -24.16 49.57
N MET I 327 16.87 -23.36 48.50
CA MET I 327 18.02 -22.46 48.32
C MET I 327 18.29 -21.51 49.49
N MET I 328 17.29 -20.97 50.19
CA MET I 328 17.56 -20.08 51.32
C MET I 328 18.03 -20.77 52.59
N ALA I 329 17.86 -22.10 52.64
CA ALA I 329 18.10 -22.92 53.82
C ALA I 329 19.32 -23.83 53.68
N ASN I 330 19.57 -24.26 52.45
CA ASN I 330 20.84 -24.88 52.12
C ASN I 330 21.89 -23.89 51.63
N ILE I 331 21.76 -22.66 52.11
CA ILE I 331 22.65 -21.52 51.90
C ILE I 331 24.09 -21.74 52.39
N THR I 332 24.27 -22.82 53.14
CA THR I 332 25.58 -23.24 53.60
C THR I 332 26.21 -24.14 52.52
N ASP I 333 25.34 -24.90 51.82
CA ASP I 333 25.72 -26.14 51.18
C ASP I 333 24.64 -26.65 50.22
N PRO I 334 24.42 -26.07 49.04
CA PRO I 334 23.50 -26.62 48.05
C PRO I 334 23.98 -27.91 47.38
N ASP I 335 25.26 -27.91 46.96
CA ASP I 335 25.99 -29.05 46.41
C ASP I 335 25.90 -30.27 47.33
N HIS I 336 25.89 -30.05 48.64
CA HIS I 336 25.59 -31.05 49.66
C HIS I 336 26.60 -32.18 49.91
N ARG I 337 27.76 -31.99 49.29
CA ARG I 337 29.00 -32.70 49.60
C ARG I 337 29.31 -32.87 51.09
N PHE I 338 28.97 -31.85 51.88
CA PHE I 338 29.32 -31.74 53.28
C PHE I 338 28.38 -32.46 54.24
N GLN I 339 27.10 -32.63 53.87
CA GLN I 339 26.08 -33.27 54.69
C GLN I 339 25.64 -32.54 55.96
N GLU I 340 25.83 -31.21 56.00
CA GLU I 340 25.34 -30.37 57.08
C GLU I 340 23.82 -30.30 57.12
N ASN I 341 23.26 -30.47 58.32
CA ASN I 341 21.81 -30.36 58.54
C ASN I 341 21.40 -28.93 58.21
N PRO I 342 20.54 -28.68 57.22
CA PRO I 342 20.22 -27.35 56.71
C PRO I 342 19.64 -26.32 57.69
N GLY I 343 19.60 -25.08 57.24
CA GLY I 343 18.92 -23.99 57.92
C GLY I 343 17.42 -24.25 58.08
N VAL I 344 16.94 -23.78 59.22
CA VAL I 344 15.58 -23.97 59.71
C VAL I 344 14.39 -23.65 58.80
N MET I 345 14.63 -23.11 57.60
CA MET I 345 13.62 -22.81 56.61
C MET I 345 13.15 -24.07 55.88
N SER I 346 13.87 -25.20 56.04
CA SER I 346 13.59 -26.49 55.40
C SER I 346 12.36 -27.28 55.87
N ASP I 347 11.92 -26.85 57.05
CA ASP I 347 10.78 -27.43 57.75
C ASP I 347 9.84 -26.27 58.06
N THR I 348 8.58 -26.61 58.25
CA THR I 348 7.59 -25.61 58.55
C THR I 348 7.54 -25.30 60.04
N SER I 349 7.92 -26.20 60.95
CA SER I 349 7.91 -25.93 62.41
C SER I 349 9.04 -25.00 62.90
N THR I 350 10.21 -25.06 62.27
CA THR I 350 11.34 -24.23 62.64
C THR I 350 11.38 -22.84 62.02
N SER I 351 11.08 -22.85 60.71
CA SER I 351 10.97 -21.67 59.86
C SER I 351 10.86 -20.25 60.40
N LEU I 352 10.13 -19.91 61.47
CA LEU I 352 9.81 -18.51 61.74
C LEU I 352 10.79 -17.74 62.60
N ARG I 353 11.76 -18.46 63.16
CA ARG I 353 12.82 -17.85 63.96
C ARG I 353 13.82 -17.01 63.18
N ASP I 354 14.26 -17.63 62.07
CA ASP I 354 15.24 -17.13 61.13
C ASP I 354 14.69 -15.93 60.37
N PRO I 355 15.33 -14.74 60.56
CA PRO I 355 14.87 -13.45 60.04
C PRO I 355 14.61 -13.37 58.54
N ILE I 356 15.38 -14.13 57.74
CA ILE I 356 15.21 -14.15 56.29
C ILE I 356 13.84 -14.69 55.89
N PHE I 357 13.21 -15.49 56.76
CA PHE I 357 11.88 -16.06 56.51
C PHE I 357 10.88 -15.07 55.93
N TYR I 358 10.86 -13.89 56.56
CA TYR I 358 9.96 -12.83 56.22
C TYR I 358 10.40 -12.13 54.95
N ARG I 359 11.71 -12.11 54.64
CA ARG I 359 12.22 -11.49 53.43
C ARG I 359 11.61 -12.21 52.21
N TRP I 360 11.59 -13.55 52.20
CA TRP I 360 10.89 -14.29 51.16
C TRP I 360 9.37 -14.14 51.22
N HIS I 361 8.78 -13.87 52.39
CA HIS I 361 7.34 -13.89 52.51
C HIS I 361 6.65 -12.59 52.18
N ARG I 362 7.43 -11.51 52.24
CA ARG I 362 6.97 -10.29 51.61
C ARG I 362 7.15 -10.43 50.11
N PHE I 363 8.17 -11.18 49.66
CA PHE I 363 8.44 -11.33 48.24
C PHE I 363 7.25 -12.00 47.58
N ILE I 364 6.87 -13.19 48.04
CA ILE I 364 5.69 -13.86 47.51
C ILE I 364 4.43 -13.01 47.69
N ASP I 365 4.31 -12.33 48.84
CA ASP I 365 3.25 -11.37 49.09
C ASP I 365 3.25 -10.28 48.03
N ASN I 366 4.42 -9.81 47.58
CA ASN I 366 4.56 -8.78 46.55
C ASN I 366 3.98 -9.26 45.24
N ILE I 367 4.13 -10.55 44.92
CA ILE I 367 3.48 -11.11 43.74
C ILE I 367 1.96 -11.06 43.93
N PHE I 368 1.46 -11.57 45.06
CA PHE I 368 0.02 -11.55 45.32
C PHE I 368 -0.59 -10.15 45.31
N GLN I 369 0.20 -9.22 45.85
CA GLN I 369 -0.08 -7.80 45.83
C GLN I 369 -0.13 -7.32 44.40
N GLU I 370 0.69 -7.75 43.43
CA GLU I 370 0.48 -7.34 42.05
C GLU I 370 -0.88 -7.80 41.51
N HIS I 371 -1.28 -9.02 41.88
CA HIS I 371 -2.52 -9.54 41.31
C HIS I 371 -3.75 -8.81 41.84
N LYS I 372 -3.75 -8.59 43.15
CA LYS I 372 -4.69 -7.69 43.80
C LYS I 372 -4.56 -6.26 43.27
N LYS I 373 -3.35 -5.76 43.01
CA LYS I 373 -3.08 -4.43 42.45
C LYS I 373 -3.62 -4.17 41.06
N SER I 374 -3.61 -5.16 40.14
CA SER I 374 -4.26 -4.95 38.86
C SER I 374 -5.79 -4.95 38.99
N PHE I 375 -6.33 -5.59 40.04
CA PHE I 375 -7.73 -5.37 40.38
C PHE I 375 -7.91 -3.94 40.91
N HIS I 376 -9.12 -3.41 40.76
CA HIS I 376 -9.38 -2.01 41.04
C HIS I 376 -9.77 -1.72 42.49
N PRO I 377 -9.43 -0.54 43.06
CA PRO I 377 -9.88 -0.07 44.38
C PRO I 377 -11.39 -0.19 44.64
N TYR I 378 -11.81 -0.02 45.89
CA TYR I 378 -13.22 -0.19 46.22
C TYR I 378 -14.06 1.05 46.11
N THR I 379 -15.16 0.95 45.38
CA THR I 379 -16.14 2.02 45.31
C THR I 379 -16.69 2.28 46.70
N LYS I 380 -17.05 3.53 46.99
CA LYS I 380 -17.74 3.89 48.23
C LYS I 380 -19.04 3.12 48.36
N GLU I 381 -19.72 2.94 47.22
CA GLU I 381 -20.89 2.08 47.06
C GLU I 381 -20.62 0.72 47.68
N GLU I 382 -19.61 0.03 47.13
CA GLU I 382 -19.14 -1.27 47.56
C GLU I 382 -18.77 -1.31 49.04
N LEU I 383 -18.11 -0.25 49.51
CA LEU I 383 -17.72 -0.15 50.92
C LEU I 383 -18.87 0.11 51.91
N SER I 384 -20.04 0.49 51.37
CA SER I 384 -21.14 0.93 52.22
C SER I 384 -22.29 -0.05 52.47
N PHE I 385 -22.27 -0.42 53.74
CA PHE I 385 -23.40 -1.05 54.40
C PHE I 385 -24.41 0.07 54.64
N PRO I 386 -25.50 0.10 53.87
CA PRO I 386 -26.44 1.21 53.85
C PRO I 386 -27.13 1.42 55.19
N GLY I 387 -27.21 2.63 55.72
CA GLY I 387 -28.11 2.93 56.83
C GLY I 387 -27.52 2.75 58.22
N VAL I 388 -26.62 1.81 58.46
CA VAL I 388 -26.07 1.56 59.80
C VAL I 388 -24.94 2.53 60.08
N GLU I 389 -24.98 3.33 61.16
CA GLU I 389 -23.88 4.25 61.45
C GLU I 389 -23.08 3.86 62.68
N VAL I 390 -21.81 3.52 62.50
CA VAL I 390 -20.83 3.30 63.55
C VAL I 390 -20.56 4.61 64.30
N VAL I 391 -21.30 4.83 65.38
CA VAL I 391 -21.15 6.03 66.20
C VAL I 391 -19.85 5.97 67.01
N GLY I 392 -19.17 4.82 67.04
CA GLY I 392 -17.81 4.77 67.58
C GLY I 392 -17.51 3.43 68.23
N VAL I 393 -16.26 3.27 68.65
CA VAL I 393 -15.76 2.11 69.38
C VAL I 393 -14.87 2.70 70.49
N SER I 394 -14.42 1.93 71.49
CA SER I 394 -13.41 2.26 72.49
C SER I 394 -12.97 0.95 73.14
N ILE I 395 -11.76 0.75 73.67
CA ILE I 395 -11.41 -0.52 74.29
C ILE I 395 -11.24 -0.33 75.78
N ASN I 396 -11.85 -1.15 76.64
CA ASN I 396 -11.63 -1.02 78.07
C ASN I 396 -10.84 -2.21 78.60
N SER I 397 -9.55 -2.00 78.87
CA SER I 397 -8.71 -3.00 79.48
C SER I 397 -8.76 -2.79 81.00
N LYS I 398 -7.67 -2.54 81.73
CA LYS I 398 -7.74 -1.90 83.03
C LYS I 398 -8.20 -0.44 82.97
N THR I 399 -7.87 0.24 81.86
CA THR I 399 -8.26 1.62 81.61
C THR I 399 -8.83 1.69 80.19
N ALA I 400 -9.34 2.84 79.71
CA ALA I 400 -9.71 2.99 78.32
C ALA I 400 -8.51 3.13 77.38
N ASN I 401 -8.67 2.63 76.15
CA ASN I 401 -7.75 2.77 75.04
C ASN I 401 -6.25 2.53 75.22
N VAL I 402 -5.94 1.68 76.20
CA VAL I 402 -4.62 1.07 76.31
C VAL I 402 -4.87 -0.43 76.32
N ILE I 403 -4.01 -1.31 75.82
CA ILE I 403 -4.03 -2.70 76.26
C ILE I 403 -2.64 -2.88 76.88
N THR I 404 -2.50 -3.76 77.86
CA THR I 404 -1.22 -3.89 78.50
C THR I 404 -0.72 -5.33 78.45
N THR I 405 0.46 -5.45 77.84
CA THR I 405 1.02 -6.74 77.46
C THR I 405 1.93 -7.20 78.59
N LEU I 406 2.20 -8.48 78.74
CA LEU I 406 2.95 -8.95 79.89
C LEU I 406 3.99 -9.93 79.41
N ILE I 407 4.82 -10.38 80.35
CA ILE I 407 5.61 -11.59 80.18
C ILE I 407 4.95 -12.70 81.00
N LYS I 408 4.84 -13.92 80.46
CA LYS I 408 4.41 -15.07 81.24
C LYS I 408 5.40 -16.20 81.01
N GLU I 409 6.05 -16.56 82.12
CA GLU I 409 6.88 -17.75 82.19
C GLU I 409 5.99 -18.98 82.06
N SER I 410 6.50 -20.06 81.46
CA SER I 410 5.66 -21.20 81.14
C SER I 410 6.50 -22.46 80.96
N LEU I 411 5.87 -23.58 80.67
CA LEU I 411 6.52 -24.88 80.62
C LEU I 411 6.22 -25.64 79.34
N LEU I 412 7.03 -26.66 79.07
CA LEU I 412 6.89 -27.55 77.93
C LEU I 412 7.57 -28.83 78.40
N GLU I 413 6.85 -29.94 78.28
CA GLU I 413 7.26 -31.17 78.94
C GLU I 413 8.16 -32.03 78.06
N LEU I 414 9.48 -31.95 78.27
CA LEU I 414 10.45 -32.59 77.39
C LEU I 414 10.35 -34.12 77.38
N SER I 415 10.06 -34.74 78.52
CA SER I 415 9.74 -36.15 78.73
C SER I 415 9.06 -36.97 77.65
N HIS I 416 8.06 -36.33 77.05
CA HIS I 416 7.30 -36.96 75.99
C HIS I 416 8.22 -37.17 74.79
N GLY I 417 8.95 -36.11 74.45
CA GLY I 417 9.85 -36.10 73.32
C GLY I 417 11.13 -36.85 73.60
N ILE I 418 11.88 -36.56 74.66
CA ILE I 418 13.15 -37.26 74.84
C ILE I 418 13.03 -38.28 75.96
N ASN I 419 14.06 -39.12 76.14
CA ASN I 419 14.02 -40.14 77.17
C ASN I 419 14.41 -39.62 78.55
N PHE I 420 13.39 -39.44 79.41
CA PHE I 420 13.65 -39.15 80.82
C PHE I 420 14.44 -40.26 81.49
N GLY I 421 14.10 -41.50 81.12
CA GLY I 421 14.74 -42.70 81.66
C GLY I 421 14.24 -43.02 83.07
N THR I 422 14.46 -42.04 83.96
CA THR I 422 14.02 -42.11 85.34
C THR I 422 12.86 -41.19 85.70
N ASP I 423 13.10 -39.88 85.73
CA ASP I 423 12.25 -38.92 86.40
C ASP I 423 10.83 -38.78 85.89
N GLN I 424 10.01 -38.01 86.60
CA GLN I 424 8.68 -37.72 86.08
C GLN I 424 8.67 -36.89 84.81
N SER I 425 9.36 -35.74 84.83
CA SER I 425 9.08 -34.68 83.89
C SER I 425 10.35 -33.85 83.81
N VAL I 426 10.72 -33.48 82.62
CA VAL I 426 11.84 -32.59 82.41
C VAL I 426 11.20 -31.39 81.77
N LYS I 427 11.31 -30.22 82.40
CA LYS I 427 10.46 -29.12 81.98
C LYS I 427 11.40 -28.02 81.55
N VAL I 428 11.08 -27.40 80.42
CA VAL I 428 11.70 -26.15 80.03
C VAL I 428 10.79 -24.95 80.28
N LYS I 429 11.18 -24.20 81.32
CA LYS I 429 10.56 -22.94 81.67
C LYS I 429 10.94 -21.91 80.62
N TYR I 430 10.01 -21.46 79.79
CA TYR I 430 10.29 -20.38 78.85
C TYR I 430 9.57 -19.10 79.25
N HIS I 431 9.77 -17.98 78.58
CA HIS I 431 9.11 -16.72 78.91
C HIS I 431 8.48 -16.18 77.63
N HIS I 432 7.19 -15.87 77.65
CA HIS I 432 6.52 -15.40 76.43
C HIS I 432 5.73 -14.11 76.63
N LEU I 433 5.48 -13.36 75.55
CA LEU I 433 4.73 -12.11 75.58
C LEU I 433 3.26 -12.46 75.77
N ASP I 434 2.42 -11.61 76.37
CA ASP I 434 0.99 -11.87 76.50
C ASP I 434 0.29 -10.52 76.42
N HIS I 435 -0.95 -10.40 76.90
CA HIS I 435 -1.68 -9.15 76.81
C HIS I 435 -2.78 -9.19 77.87
N GLU I 436 -3.25 -8.04 78.35
CA GLU I 436 -4.47 -7.95 79.11
C GLU I 436 -5.68 -8.31 78.24
N PRO I 437 -6.77 -8.88 78.80
CA PRO I 437 -8.07 -9.00 78.17
C PRO I 437 -8.68 -7.63 77.90
N PHE I 438 -9.67 -7.49 77.02
CA PHE I 438 -10.22 -6.17 76.74
C PHE I 438 -11.52 -6.38 76.00
N THR I 439 -12.29 -5.31 75.85
CA THR I 439 -13.51 -5.40 75.11
C THR I 439 -13.59 -4.33 74.03
N TYR I 440 -14.42 -4.58 73.02
CA TYR I 440 -14.86 -3.55 72.11
C TYR I 440 -16.17 -3.06 72.68
N ASN I 441 -16.42 -1.77 72.80
CA ASN I 441 -17.77 -1.27 73.00
C ASN I 441 -17.97 -0.52 71.70
N ILE I 442 -18.94 -0.90 70.86
CA ILE I 442 -19.15 -0.30 69.55
C ILE I 442 -20.59 0.20 69.49
N VAL I 443 -20.77 1.49 69.21
CA VAL I 443 -22.07 2.16 69.15
C VAL I 443 -22.49 2.39 67.69
N VAL I 444 -23.78 2.22 67.39
CA VAL I 444 -24.36 2.24 66.04
C VAL I 444 -25.68 3.01 65.98
N GLU I 445 -25.99 3.79 64.93
CA GLU I 445 -27.32 4.28 64.65
C GLU I 445 -27.90 3.53 63.45
N ASN I 446 -28.71 2.50 63.72
CA ASN I 446 -29.42 1.77 62.68
C ASN I 446 -30.69 2.50 62.26
N ASN I 447 -30.47 3.46 61.35
CA ASN I 447 -31.50 4.36 60.83
C ASN I 447 -32.72 3.65 60.25
N SER I 448 -32.46 2.49 59.64
CA SER I 448 -33.50 1.70 59.02
C SER I 448 -34.46 1.11 60.05
N GLY I 449 -35.76 1.24 59.81
CA GLY I 449 -36.77 0.63 60.67
C GLY I 449 -36.62 -0.89 60.83
N ALA I 450 -35.92 -1.58 59.93
CA ALA I 450 -35.61 -2.99 60.11
C ALA I 450 -34.30 -3.21 60.83
N GLU I 451 -34.32 -4.23 61.70
CA GLU I 451 -33.15 -4.88 62.24
C GLU I 451 -32.11 -5.25 61.20
N LYS I 452 -30.84 -4.86 61.41
CA LYS I 452 -29.78 -5.25 60.52
C LYS I 452 -28.87 -6.39 60.99
N HIS I 453 -28.58 -7.34 60.12
CA HIS I 453 -27.63 -8.40 60.44
C HIS I 453 -26.30 -8.01 59.83
N SER I 454 -25.21 -7.92 60.61
CA SER I 454 -23.92 -7.50 60.07
C SER I 454 -22.82 -8.54 60.14
N THR I 455 -21.74 -8.37 59.38
CA THR I 455 -20.47 -9.02 59.64
C THR I 455 -19.47 -7.89 59.90
N VAL I 456 -18.92 -7.92 61.11
CA VAL I 456 -18.02 -6.92 61.68
C VAL I 456 -16.55 -7.37 61.63
N ARG I 457 -15.78 -6.76 60.74
CA ARG I 457 -14.39 -7.14 60.49
C ARG I 457 -13.58 -6.14 61.32
N ILE I 458 -12.80 -6.48 62.35
CA ILE I 458 -12.12 -5.47 63.18
C ILE I 458 -10.62 -5.61 62.95
N PHE I 459 -9.84 -4.52 62.86
CA PHE I 459 -8.44 -4.57 62.49
C PHE I 459 -7.55 -3.78 63.47
N LEU I 460 -6.27 -4.12 63.47
CA LEU I 460 -5.21 -3.45 64.19
C LEU I 460 -4.05 -3.20 63.23
N ALA I 461 -3.66 -1.93 63.14
CA ALA I 461 -2.48 -1.51 62.40
C ALA I 461 -1.65 -0.59 63.29
N PRO I 462 -0.48 -0.06 62.88
CA PRO I 462 0.16 1.08 63.54
C PRO I 462 -0.13 2.49 63.00
N LYS I 463 -0.28 3.41 63.96
CA LYS I 463 -0.63 4.79 63.67
C LYS I 463 0.59 5.63 63.36
N TYR I 464 1.70 5.33 64.04
CA TYR I 464 3.01 5.88 63.73
C TYR I 464 3.74 5.24 62.56
N ASP I 465 4.65 5.96 61.91
CA ASP I 465 5.64 5.31 61.07
C ASP I 465 6.94 5.30 61.88
N GLU I 466 8.02 4.95 61.20
CA GLU I 466 9.35 5.12 61.75
C GLU I 466 9.96 6.45 61.27
N LEU I 467 9.15 7.15 60.46
CA LEU I 467 9.49 8.43 59.91
C LEU I 467 8.82 9.50 60.78
N ASN I 468 7.49 9.55 60.83
CA ASN I 468 6.73 10.34 61.81
C ASN I 468 5.32 9.75 61.86
N ASN I 469 4.27 10.34 62.43
CA ASN I 469 2.92 9.77 62.44
C ASN I 469 2.22 9.87 61.07
N LYS I 470 2.27 8.88 60.18
CA LYS I 470 1.64 9.03 58.86
C LYS I 470 0.68 7.94 58.37
N LEU I 471 -0.62 8.24 58.46
CA LEU I 471 -1.71 7.29 58.21
C LEU I 471 -2.05 6.91 56.76
N GLU I 472 -0.98 6.66 55.99
CA GLU I 472 -1.06 6.16 54.64
C GLU I 472 -1.53 4.72 54.63
N PRO I 473 -2.83 4.53 54.32
CA PRO I 473 -3.53 3.29 54.48
C PRO I 473 -3.09 2.23 53.48
N ASP I 474 -2.64 2.60 52.27
CA ASP I 474 -2.10 1.62 51.36
C ASP I 474 -0.81 1.02 51.89
N GLU I 475 0.10 1.87 52.40
CA GLU I 475 1.23 1.43 53.22
C GLU I 475 0.79 0.63 54.42
N GLN I 476 -0.25 1.05 55.13
CA GLN I 476 -0.74 0.33 56.29
C GLN I 476 -1.36 -1.02 55.97
N ARG I 477 -1.84 -1.29 54.76
CA ARG I 477 -2.43 -2.59 54.42
C ARG I 477 -1.50 -3.78 54.58
N ARG I 478 -0.18 -3.52 54.55
CA ARG I 478 0.79 -4.56 54.81
C ARG I 478 0.84 -4.91 56.30
N LEU I 479 0.47 -3.96 57.17
CA LEU I 479 0.58 -4.06 58.61
C LEU I 479 -0.76 -4.49 59.22
N PHE I 480 -1.84 -3.99 58.62
CA PHE I 480 -3.22 -4.27 59.00
C PHE I 480 -3.50 -5.72 59.34
N ILE I 481 -3.92 -5.97 60.57
CA ILE I 481 -4.25 -7.33 61.02
C ILE I 481 -5.68 -7.40 61.51
N GLU I 482 -6.38 -8.43 61.05
CA GLU I 482 -7.77 -8.65 61.43
C GLU I 482 -7.76 -9.23 62.83
N LEU I 483 -8.34 -8.49 63.78
CA LEU I 483 -8.43 -8.90 65.16
C LEU I 483 -9.68 -9.73 65.42
N ASP I 484 -10.74 -9.63 64.63
CA ASP I 484 -12.01 -10.26 64.93
C ASP I 484 -12.89 -10.16 63.71
N LYS I 485 -13.89 -11.04 63.60
CA LYS I 485 -14.86 -11.00 62.51
C LYS I 485 -16.12 -11.74 62.97
N PHE I 486 -17.23 -11.04 63.21
CA PHE I 486 -18.45 -11.71 63.67
C PHE I 486 -19.76 -11.27 63.01
N PHE I 487 -20.86 -11.97 63.33
CA PHE I 487 -22.21 -11.65 62.94
C PHE I 487 -22.94 -11.16 64.18
N TYR I 488 -23.62 -10.02 64.08
CA TYR I 488 -24.52 -9.56 65.12
C TYR I 488 -25.80 -9.10 64.43
N THR I 489 -26.85 -8.94 65.22
CA THR I 489 -28.12 -8.42 64.73
C THR I 489 -28.38 -7.16 65.54
N LEU I 490 -28.82 -6.16 64.79
CA LEU I 490 -28.89 -4.79 65.23
C LEU I 490 -30.31 -4.25 65.04
N THR I 491 -30.97 -3.99 66.17
CA THR I 491 -32.31 -3.41 66.14
C THR I 491 -32.27 -1.98 65.62
N PRO I 492 -33.36 -1.28 65.30
CA PRO I 492 -33.34 0.15 64.99
C PRO I 492 -32.72 0.98 66.10
N GLY I 493 -32.18 2.14 65.70
CA GLY I 493 -31.68 3.14 66.63
C GLY I 493 -30.28 2.85 67.15
N LYS I 494 -30.02 3.42 68.35
CA LYS I 494 -28.74 3.27 69.05
C LYS I 494 -28.49 1.84 69.46
N ASN I 495 -27.42 1.25 68.94
CA ASN I 495 -27.05 -0.10 69.29
C ASN I 495 -25.64 -0.03 69.86
N THR I 496 -25.44 -0.89 70.84
CA THR I 496 -24.11 -1.18 71.34
C THR I 496 -23.86 -2.67 71.17
N ILE I 497 -22.64 -3.01 70.77
CA ILE I 497 -22.19 -4.39 70.74
C ILE I 497 -21.03 -4.36 71.72
N VAL I 498 -20.81 -5.38 72.54
CA VAL I 498 -19.66 -5.46 73.43
C VAL I 498 -19.01 -6.80 73.14
N ARG I 499 -17.70 -6.88 72.94
CA ARG I 499 -17.10 -8.11 72.44
C ARG I 499 -15.78 -8.30 73.16
N ASN I 500 -15.65 -9.42 73.88
CA ASN I 500 -14.52 -9.67 74.76
C ASN I 500 -13.39 -10.36 74.04
N HIS I 501 -12.15 -10.01 74.37
CA HIS I 501 -10.95 -10.58 73.76
C HIS I 501 -10.93 -12.03 73.28
N GLN I 502 -11.50 -12.98 74.05
CA GLN I 502 -11.26 -14.41 73.93
C GLN I 502 -11.72 -15.03 72.62
N ASP I 503 -12.88 -14.46 72.29
CA ASP I 503 -13.74 -14.89 71.20
C ASP I 503 -13.32 -14.26 69.87
N SER I 504 -12.06 -13.84 69.79
CA SER I 504 -11.40 -13.49 68.55
C SER I 504 -11.47 -14.63 67.55
N SER I 505 -11.91 -14.36 66.32
CA SER I 505 -11.96 -15.41 65.33
C SER I 505 -10.65 -15.91 64.71
N VAL I 506 -9.46 -15.59 65.25
CA VAL I 506 -8.17 -15.99 64.68
C VAL I 506 -7.38 -17.04 65.49
N THR I 507 -7.85 -17.14 66.73
CA THR I 507 -7.12 -17.76 67.83
C THR I 507 -7.42 -19.19 68.20
N ILE I 508 -6.39 -19.85 68.73
CA ILE I 508 -6.66 -20.96 69.63
C ILE I 508 -6.95 -20.37 71.02
N SER I 509 -7.95 -20.97 71.65
CA SER I 509 -8.10 -20.78 73.09
C SER I 509 -7.38 -21.90 73.82
N LYS I 510 -8.00 -23.07 73.97
CA LYS I 510 -7.38 -24.15 74.73
C LYS I 510 -6.55 -25.06 73.84
N VAL I 511 -5.25 -24.93 74.08
CA VAL I 511 -4.24 -25.88 73.62
C VAL I 511 -4.40 -27.23 74.32
N ARG I 512 -3.90 -28.35 73.76
CA ARG I 512 -4.04 -29.65 74.42
C ARG I 512 -2.69 -30.32 74.55
N THR I 513 -2.35 -30.63 75.79
CA THR I 513 -1.13 -31.37 76.06
C THR I 513 -1.40 -32.87 75.90
N PHE I 514 -0.35 -33.61 75.52
CA PHE I 514 -0.35 -35.08 75.41
C PHE I 514 -0.97 -35.79 76.61
N ASP I 515 -0.77 -35.20 77.79
CA ASP I 515 -1.33 -35.70 79.04
C ASP I 515 -2.83 -35.68 79.12
N GLN I 516 -3.45 -34.56 78.73
CA GLN I 516 -4.90 -34.49 78.69
C GLN I 516 -5.43 -35.48 77.65
N LEU I 517 -4.72 -35.66 76.54
CA LEU I 517 -5.05 -36.70 75.56
C LEU I 517 -5.00 -38.14 76.09
N GLY I 518 -4.09 -38.44 77.03
CA GLY I 518 -4.19 -39.66 77.83
C GLY I 518 -5.50 -39.81 78.60
N ALA I 519 -6.25 -38.73 78.84
CA ALA I 519 -7.58 -38.82 79.42
C ALA I 519 -8.67 -38.54 78.40
N GLY I 520 -8.94 -37.29 78.03
CA GLY I 520 -10.13 -36.93 77.30
C GLY I 520 -10.94 -35.85 78.01
N GLU I 521 -11.09 -34.76 77.27
CA GLU I 521 -11.96 -33.63 77.61
C GLU I 521 -12.95 -33.47 76.45
N GLY I 522 -14.08 -32.81 76.71
CA GLY I 522 -15.07 -32.59 75.66
C GLY I 522 -14.97 -31.19 75.06
N VAL I 523 -14.43 -31.04 73.85
CA VAL I 523 -14.43 -29.72 73.18
C VAL I 523 -15.00 -29.85 71.76
N SER I 524 -14.29 -30.62 70.95
CA SER I 524 -14.84 -31.21 69.74
C SER I 524 -14.08 -32.51 69.59
N GLU I 525 -14.66 -33.50 68.94
CA GLU I 525 -13.88 -34.65 68.53
C GLU I 525 -13.31 -34.37 67.15
N ASP I 526 -12.27 -33.56 66.94
CA ASP I 526 -11.70 -33.40 65.60
C ASP I 526 -10.21 -33.72 65.49
N SER I 527 -9.30 -33.01 64.83
CA SER I 527 -7.97 -33.56 64.57
C SER I 527 -6.69 -32.71 64.66
N THR I 528 -5.86 -32.47 63.63
CA THR I 528 -4.54 -31.88 63.70
C THR I 528 -4.63 -30.40 63.98
N GLU I 529 -5.81 -29.77 63.77
CA GLU I 529 -6.10 -28.40 64.20
C GLU I 529 -6.64 -28.25 65.62
N TYR I 530 -7.73 -28.94 66.00
CA TYR I 530 -8.39 -28.97 67.31
C TYR I 530 -7.91 -28.12 68.51
N CYS I 531 -6.61 -28.05 68.75
CA CYS I 531 -6.08 -27.43 69.97
C CYS I 531 -4.61 -27.05 69.77
N SER I 532 -4.32 -26.67 68.53
CA SER I 532 -2.96 -26.64 68.03
C SER I 532 -2.74 -25.68 66.84
N CYS I 533 -3.80 -25.52 66.05
CA CYS I 533 -3.86 -24.53 64.98
C CYS I 533 -4.73 -23.37 65.41
N GLY I 534 -4.99 -22.35 64.56
CA GLY I 534 -5.41 -21.09 65.14
C GLY I 534 -4.21 -20.21 65.46
N TRP I 535 -4.18 -18.89 65.41
CA TRP I 535 -2.99 -18.20 65.91
C TRP I 535 -2.94 -18.31 67.44
N PRO I 536 -1.82 -18.46 68.14
CA PRO I 536 -1.77 -18.39 69.60
C PRO I 536 -2.29 -17.08 70.24
N GLU I 537 -2.84 -17.28 71.64
CA GLU I 537 -3.59 -16.23 72.33
C GLU I 537 -2.65 -15.13 72.79
N HIS I 538 -1.62 -15.46 73.53
CA HIS I 538 -0.62 -14.48 73.91
C HIS I 538 0.01 -13.56 72.85
N MET I 539 -0.09 -13.87 71.54
CA MET I 539 0.42 -13.03 70.46
C MET I 539 -0.73 -12.38 69.65
N LEU I 540 -1.90 -12.35 70.28
CA LEU I 540 -3.07 -11.71 69.67
C LEU I 540 -2.94 -10.22 69.42
N ILE I 541 -2.22 -9.48 70.27
CA ILE I 541 -2.00 -8.05 70.11
C ILE I 541 -0.50 -7.87 70.32
N PRO I 542 0.26 -7.30 69.37
CA PRO I 542 1.72 -7.10 69.44
C PRO I 542 2.26 -6.34 70.66
N ARG I 543 3.56 -6.46 70.94
CA ARG I 543 4.19 -5.89 72.13
C ARG I 543 4.05 -4.37 72.39
N GLY I 544 4.03 -3.57 71.32
CA GLY I 544 4.10 -2.13 71.47
C GLY I 544 5.45 -1.72 72.05
N SER I 545 5.40 -0.94 73.12
CA SER I 545 6.57 -0.44 73.80
C SER I 545 6.28 -0.13 75.24
N HIS I 546 7.30 0.10 76.08
CA HIS I 546 7.05 0.44 77.47
C HIS I 546 6.34 1.78 77.67
N LYS I 547 6.58 2.73 76.75
CA LYS I 547 5.95 4.05 76.75
C LYS I 547 4.43 3.99 76.59
N GLY I 548 3.98 2.95 75.89
CA GLY I 548 2.65 2.92 75.32
C GLY I 548 2.71 3.34 73.86
N MET I 549 2.79 2.41 72.92
CA MET I 549 2.83 2.78 71.50
C MET I 549 1.39 2.84 70.99
N GLU I 550 1.17 3.49 69.84
CA GLU I 550 -0.11 4.04 69.45
C GLU I 550 -0.40 3.44 68.08
N PHE I 551 -1.56 2.81 67.97
CA PHE I 551 -1.89 1.88 66.93
C PHE I 551 -3.26 2.25 66.39
N GLU I 552 -3.86 1.41 65.55
CA GLU I 552 -5.11 1.75 64.90
C GLU I 552 -6.04 0.55 64.95
N LEU I 553 -7.20 0.70 65.59
CA LEU I 553 -8.23 -0.33 65.60
C LEU I 553 -9.32 0.03 64.59
N PHE I 554 -9.31 -0.56 63.39
CA PHE I 554 -10.18 -0.14 62.32
C PHE I 554 -11.27 -1.19 62.09
N VAL I 555 -12.54 -0.83 62.19
CA VAL I 555 -13.66 -1.76 62.13
C VAL I 555 -14.42 -1.52 60.82
N MET I 556 -14.98 -2.58 60.25
CA MET I 556 -15.92 -2.43 59.16
C MET I 556 -17.15 -3.23 59.54
N LEU I 557 -18.33 -2.78 59.13
CA LEU I 557 -19.52 -3.59 59.15
C LEU I 557 -20.01 -3.71 57.72
N THR I 558 -19.92 -4.95 57.22
CA THR I 558 -20.52 -5.35 55.96
C THR I 558 -21.78 -6.19 56.21
N ASP I 559 -22.62 -6.61 55.25
CA ASP I 559 -23.89 -7.27 55.58
C ASP I 559 -23.70 -8.77 55.80
N HIS I 560 -24.44 -9.35 56.74
CA HIS I 560 -24.34 -10.78 56.97
C HIS I 560 -25.17 -11.67 56.05
N ASP I 561 -26.34 -11.23 55.60
CA ASP I 561 -27.09 -11.99 54.62
C ASP I 561 -26.41 -11.95 53.26
N GLU I 562 -25.71 -10.84 52.97
CA GLU I 562 -24.80 -10.81 51.83
C GLU I 562 -23.64 -11.76 52.07
N ASP I 563 -22.84 -11.55 53.12
CA ASP I 563 -21.62 -12.31 53.41
C ASP I 563 -21.79 -13.79 53.70
N THR I 564 -22.88 -14.29 54.31
CA THR I 564 -22.81 -15.68 54.72
C THR I 564 -22.98 -16.51 53.47
N VAL I 565 -22.00 -17.37 53.27
CA VAL I 565 -22.24 -18.49 52.35
C VAL I 565 -23.45 -19.29 52.83
N ALA I 566 -24.33 -19.77 51.96
CA ALA I 566 -25.35 -20.71 52.35
C ALA I 566 -24.88 -22.10 51.94
N GLY I 567 -25.22 -23.11 52.75
CA GLY I 567 -24.83 -24.45 52.46
C GLY I 567 -25.15 -25.25 53.69
N LEU I 568 -24.89 -26.56 53.70
CA LEU I 568 -25.25 -27.39 54.84
C LEU I 568 -24.05 -28.22 55.27
N SER I 569 -23.58 -27.85 56.48
CA SER I 569 -22.36 -28.36 57.13
C SER I 569 -22.55 -28.80 58.60
N GLU I 570 -22.19 -28.12 59.72
CA GLU I 570 -22.14 -28.72 61.06
C GLU I 570 -22.60 -27.83 62.22
N ASN I 571 -22.58 -28.29 63.48
CA ASN I 571 -22.78 -27.44 64.67
C ASN I 571 -21.72 -26.36 64.94
N ALA I 572 -21.72 -25.72 66.11
CA ALA I 572 -20.60 -24.89 66.53
C ALA I 572 -19.45 -25.78 67.02
N VAL I 573 -18.26 -25.61 66.44
CA VAL I 573 -17.23 -26.63 66.52
C VAL I 573 -15.82 -26.03 66.42
N CYS I 574 -14.88 -26.62 65.66
CA CYS I 574 -13.58 -26.04 65.36
C CYS I 574 -13.70 -24.96 64.31
N SER I 575 -14.40 -23.91 64.73
CA SER I 575 -14.51 -22.71 63.95
C SER I 575 -13.79 -21.62 64.71
N ASP I 576 -13.17 -21.86 65.88
CA ASP I 576 -12.62 -20.86 66.78
C ASP I 576 -11.69 -19.96 65.99
N ALA I 577 -10.65 -20.54 65.37
CA ALA I 577 -9.85 -19.79 64.42
C ALA I 577 -10.42 -19.65 63.00
N VAL I 578 -11.71 -19.35 62.75
CA VAL I 578 -12.23 -19.18 61.39
C VAL I 578 -11.47 -18.23 60.48
N SER I 579 -10.95 -17.10 60.97
CA SER I 579 -10.14 -16.21 60.17
C SER I 579 -8.84 -16.69 59.53
N TYR I 580 -7.80 -17.01 60.30
CA TYR I 580 -6.47 -17.34 59.78
C TYR I 580 -6.31 -18.74 59.21
N CYS I 581 -7.37 -19.49 59.42
CA CYS I 581 -7.35 -20.92 59.31
C CYS I 581 -8.69 -21.33 58.72
N GLY I 582 -9.80 -21.32 59.49
CA GLY I 582 -11.07 -21.80 58.96
C GLY I 582 -11.89 -22.63 59.93
N ALA I 583 -12.57 -23.61 59.34
CA ALA I 583 -13.57 -24.44 60.02
C ALA I 583 -13.58 -25.76 59.27
N ARG I 584 -14.10 -26.88 59.80
CA ARG I 584 -13.91 -28.15 59.09
C ARG I 584 -15.09 -28.69 58.30
N ASP I 585 -14.63 -29.17 57.13
CA ASP I 585 -15.39 -29.43 55.92
C ASP I 585 -16.49 -28.46 55.52
N ASP I 586 -16.10 -27.19 55.63
CA ASP I 586 -16.95 -26.06 55.31
C ASP I 586 -16.05 -25.06 54.57
N ARG I 587 -16.56 -23.88 54.17
CA ARG I 587 -15.79 -22.91 53.39
C ARG I 587 -15.34 -21.76 54.31
N TYR I 588 -14.63 -20.75 53.79
CA TYR I 588 -14.40 -19.53 54.54
C TYR I 588 -15.71 -18.74 54.55
N PRO I 589 -16.44 -18.64 55.69
CA PRO I 589 -17.82 -18.17 55.83
C PRO I 589 -18.28 -16.85 55.23
N ASP I 590 -17.29 -16.08 54.79
CA ASP I 590 -17.44 -14.71 54.39
C ASP I 590 -17.06 -14.69 52.92
N LYS I 591 -17.98 -14.09 52.18
CA LYS I 591 -17.85 -13.81 50.76
C LYS I 591 -16.54 -13.14 50.35
N LYS I 592 -16.18 -12.08 51.08
CA LYS I 592 -15.11 -11.23 50.61
C LYS I 592 -13.71 -11.80 50.83
N ALA I 593 -12.80 -11.32 49.99
CA ALA I 593 -11.41 -11.72 50.07
C ALA I 593 -10.88 -11.43 51.45
N MET I 594 -10.16 -12.42 51.97
CA MET I 594 -9.50 -12.30 53.24
C MET I 594 -8.51 -11.16 53.17
N GLY I 595 -8.81 -10.12 53.94
CA GLY I 595 -8.08 -8.86 53.90
C GLY I 595 -9.02 -7.67 53.94
N PHE I 596 -10.19 -7.87 53.29
CA PHE I 596 -11.28 -6.90 53.16
C PHE I 596 -11.69 -6.09 54.40
N PRO I 597 -11.63 -4.75 54.31
CA PRO I 597 -11.40 -3.95 53.10
C PRO I 597 -10.04 -3.98 52.39
N PHE I 598 -8.99 -4.29 53.14
CA PHE I 598 -7.62 -3.85 52.85
C PHE I 598 -6.78 -4.73 51.93
N ASP I 599 -7.48 -5.42 51.01
CA ASP I 599 -6.89 -6.27 50.00
C ASP I 599 -6.35 -5.45 48.82
N ARG I 600 -7.14 -4.46 48.40
CA ARG I 600 -6.79 -3.65 47.25
C ARG I 600 -6.17 -2.28 47.43
N LYS I 601 -5.97 -1.60 46.30
CA LYS I 601 -5.36 -0.28 46.28
C LYS I 601 -6.19 0.79 46.97
N ILE I 602 -5.53 1.66 47.74
CA ILE I 602 -6.18 2.82 48.29
C ILE I 602 -5.44 4.00 47.70
N GLU I 603 -6.16 4.85 46.96
CA GLU I 603 -5.61 6.09 46.40
C GLU I 603 -5.49 7.25 47.41
N ALA I 604 -6.20 7.05 48.52
CA ALA I 604 -6.40 8.03 49.57
C ALA I 604 -5.22 8.13 50.52
N ARG I 605 -4.98 9.30 51.10
CA ARG I 605 -3.77 9.53 51.90
C ARG I 605 -3.96 9.28 53.39
N THR I 606 -5.18 9.33 53.92
CA THR I 606 -5.39 8.90 55.28
C THR I 606 -6.46 7.82 55.35
N ALA I 607 -6.22 6.91 56.29
CA ALA I 607 -7.25 6.00 56.76
C ALA I 607 -8.56 6.68 57.18
N ALA I 608 -8.49 7.99 57.49
CA ALA I 608 -9.69 8.79 57.68
C ALA I 608 -10.45 9.05 56.38
N GLU I 609 -9.80 9.28 55.23
CA GLU I 609 -10.50 9.52 53.97
C GLU I 609 -11.32 8.32 53.52
N PHE I 610 -10.75 7.14 53.84
CA PHE I 610 -11.33 5.86 53.57
C PHE I 610 -12.55 5.54 54.45
N LEU I 611 -12.87 6.38 55.43
CA LEU I 611 -14.01 6.14 56.31
C LEU I 611 -15.34 6.23 55.59
N THR I 612 -16.04 5.09 55.54
CA THR I 612 -17.48 5.08 55.34
C THR I 612 -18.17 5.11 56.72
N PRO I 613 -19.45 5.50 56.88
CA PRO I 613 -20.18 5.47 58.17
C PRO I 613 -20.37 4.12 58.84
N ASN I 614 -19.92 3.07 58.13
CA ASN I 614 -19.80 1.72 58.66
C ASN I 614 -18.35 1.27 58.80
N MET I 615 -17.43 2.23 59.00
CA MET I 615 -16.04 1.97 59.31
C MET I 615 -15.63 2.82 60.50
N GLY I 616 -14.57 2.47 61.25
CA GLY I 616 -14.22 3.26 62.41
C GLY I 616 -12.86 2.89 62.96
N LEU I 617 -12.01 3.92 63.05
CA LEU I 617 -10.68 3.81 63.63
C LEU I 617 -10.83 4.18 65.09
N THR I 618 -10.30 3.39 66.01
CA THR I 618 -10.28 3.75 67.42
C THR I 618 -8.82 3.66 67.84
N ASP I 619 -8.15 4.80 68.02
CA ASP I 619 -6.71 4.82 68.23
C ASP I 619 -6.37 4.33 69.62
N ILE I 620 -5.58 3.27 69.65
CA ILE I 620 -5.29 2.59 70.91
C ILE I 620 -3.80 2.47 71.12
N LYS I 621 -3.53 2.36 72.42
CA LYS I 621 -2.20 2.15 72.93
C LYS I 621 -2.02 0.70 73.32
N ILE I 622 -0.77 0.26 73.26
CA ILE I 622 -0.31 -1.01 73.79
C ILE I 622 0.91 -0.68 74.66
N LYS I 623 1.01 -1.21 75.88
CA LYS I 623 2.22 -0.98 76.65
C LYS I 623 2.77 -2.26 77.22
N PHE I 624 4.07 -2.50 77.00
CA PHE I 624 4.71 -3.66 77.58
C PHE I 624 4.95 -3.48 79.07
N HIS I 625 4.31 -4.32 79.88
CA HIS I 625 4.69 -4.41 81.27
C HIS I 625 6.07 -5.07 81.38
N GLY I 626 7.05 -4.19 81.62
CA GLY I 626 8.39 -4.62 82.01
C GLY I 626 8.40 -5.42 83.31
N THR J 1 51.47 -38.46 98.65
CA THR J 1 52.48 -39.18 97.90
C THR J 1 52.00 -39.11 96.46
N VAL J 2 52.88 -39.48 95.54
CA VAL J 2 52.59 -39.36 94.12
C VAL J 2 51.46 -40.30 93.68
N ALA J 3 51.17 -41.40 94.39
CA ALA J 3 49.94 -42.13 94.13
C ALA J 3 48.72 -41.25 94.41
N ASP J 4 48.51 -40.82 95.66
CA ASP J 4 47.35 -39.99 96.01
C ASP J 4 47.31 -38.64 95.29
N LYS J 5 48.47 -38.28 94.77
CA LYS J 5 48.57 -37.34 93.69
C LYS J 5 47.65 -37.57 92.52
N GLN J 6 47.95 -38.68 91.82
CA GLN J 6 47.07 -39.21 90.79
C GLN J 6 45.65 -39.19 91.33
N ALA J 7 45.53 -39.73 92.54
CA ALA J 7 44.21 -40.02 93.07
C ALA J 7 43.39 -38.83 93.56
N ARG J 8 43.91 -37.61 93.48
CA ARG J 8 43.07 -36.43 93.66
C ARG J 8 42.69 -35.75 92.36
N LEU J 9 43.66 -35.47 91.47
CA LEU J 9 43.38 -34.71 90.27
C LEU J 9 42.42 -35.41 89.33
N MET J 10 42.77 -36.63 88.93
CA MET J 10 41.96 -37.40 87.99
C MET J 10 40.58 -37.70 88.54
N PRO J 11 40.33 -38.05 89.81
CA PRO J 11 39.00 -38.02 90.41
C PRO J 11 38.20 -36.73 90.22
N LEU J 12 38.86 -35.58 90.24
CA LEU J 12 38.17 -34.33 89.92
C LEU J 12 37.82 -34.33 88.44
N PHE J 13 38.72 -34.84 87.60
CA PHE J 13 38.49 -34.92 86.16
C PHE J 13 37.60 -36.09 85.76
N LYS J 14 37.21 -36.94 86.72
CA LYS J 14 36.27 -38.01 86.44
C LYS J 14 34.84 -37.57 86.21
N HIS J 15 34.54 -37.65 84.90
CA HIS J 15 33.34 -37.10 84.26
C HIS J 15 33.46 -35.60 84.53
N LEU J 16 34.67 -35.13 84.15
CA LEU J 16 35.16 -33.78 84.39
C LEU J 16 34.18 -32.62 84.39
N THR J 17 33.56 -32.33 83.25
CA THR J 17 32.95 -31.01 83.04
C THR J 17 32.07 -30.42 84.14
N ALA J 18 31.14 -31.23 84.65
CA ALA J 18 30.18 -30.84 85.68
C ALA J 18 30.71 -30.33 87.02
N LEU J 19 32.02 -30.41 87.30
CA LEU J 19 32.55 -29.80 88.51
C LEU J 19 32.95 -28.33 88.36
N THR J 20 32.81 -27.89 87.10
CA THR J 20 32.91 -26.49 86.70
C THR J 20 31.82 -25.70 87.41
N ARG J 21 30.60 -26.25 87.67
CA ARG J 21 29.74 -25.37 88.42
C ARG J 21 29.64 -25.84 89.84
N GLU J 22 30.05 -24.96 90.79
CA GLU J 22 30.01 -25.26 92.20
C GLU J 22 29.89 -24.02 93.02
N LYS J 23 29.87 -24.27 94.36
CA LYS J 23 29.69 -23.34 95.44
C LYS J 23 31.02 -22.72 95.77
N LEU J 24 31.04 -21.37 95.86
CA LEU J 24 32.18 -20.58 96.26
C LEU J 24 31.52 -19.23 96.34
N PRO J 25 30.95 -18.85 97.47
CA PRO J 25 30.05 -17.70 97.59
C PRO J 25 30.67 -16.37 97.18
N LEU J 26 31.95 -16.22 97.56
CA LEU J 26 32.73 -15.02 97.34
C LEU J 26 34.15 -15.43 96.98
N ASP J 27 34.55 -14.90 95.84
CA ASP J 27 35.87 -15.06 95.23
C ASP J 27 37.04 -14.79 96.18
N GLN J 28 36.78 -13.82 97.08
CA GLN J 28 37.78 -13.23 97.98
C GLN J 28 38.72 -14.19 98.66
N ARG J 29 38.21 -15.40 98.96
CA ARG J 29 39.03 -16.52 99.38
C ARG J 29 40.39 -16.64 98.71
N ASP J 30 40.43 -16.47 97.40
CA ASP J 30 41.67 -16.59 96.63
C ASP J 30 42.03 -15.21 96.09
N GLU J 31 42.44 -14.35 97.04
CA GLU J 31 43.11 -13.08 96.75
C GLU J 31 44.05 -13.16 95.56
N ARG J 32 44.74 -14.30 95.49
CA ARG J 32 45.41 -14.77 94.28
C ARG J 32 44.64 -14.59 92.97
N LEU J 33 43.46 -15.20 92.77
CA LEU J 33 42.73 -15.14 91.51
C LEU J 33 41.75 -13.97 91.31
N LYS J 34 41.89 -12.95 92.17
CA LYS J 34 41.21 -11.66 92.10
C LYS J 34 40.41 -11.19 90.86
N GLY J 35 41.08 -11.20 89.71
CA GLY J 35 40.57 -10.53 88.52
C GLY J 35 40.12 -11.47 87.42
N VAL J 36 40.30 -12.79 87.59
CA VAL J 36 39.82 -13.75 86.62
C VAL J 36 38.52 -14.35 87.14
N GLY J 37 37.51 -14.05 86.34
CA GLY J 37 36.24 -14.75 86.37
C GLY J 37 35.43 -14.20 85.20
N ILE J 38 36.11 -14.07 84.06
CA ILE J 38 35.73 -13.11 83.04
C ILE J 38 35.22 -13.61 81.70
N LEU J 39 34.63 -14.81 81.80
CA LEU J 39 33.95 -15.53 80.74
C LEU J 39 32.95 -16.39 81.53
N PRO J 40 31.63 -16.25 81.43
CA PRO J 40 30.68 -17.07 82.18
C PRO J 40 30.53 -18.54 81.76
N ARG J 41 31.34 -19.45 82.34
CA ARG J 41 31.23 -20.91 82.19
C ARG J 41 31.15 -21.40 80.75
N GLY J 42 30.18 -22.19 80.25
CA GLY J 42 30.14 -22.41 78.81
C GLY J 42 29.70 -21.22 77.95
N THR J 43 30.31 -20.05 78.13
CA THR J 43 30.31 -19.00 77.13
C THR J 43 31.60 -19.30 76.39
N LEU J 44 31.47 -19.93 75.22
CA LEU J 44 32.40 -20.98 74.87
C LEU J 44 33.84 -20.60 74.63
N PHE J 45 34.74 -21.30 75.30
CA PHE J 45 36.18 -21.05 75.24
C PHE J 45 36.80 -21.19 73.85
N SER J 46 37.24 -20.08 73.25
CA SER J 46 37.94 -20.10 71.97
C SER J 46 39.37 -19.68 72.25
N CYS J 47 40.23 -20.67 72.53
CA CYS J 47 41.55 -20.50 73.16
C CYS J 47 42.48 -19.50 72.47
N PHE J 48 42.62 -19.69 71.16
CA PHE J 48 43.46 -18.81 70.37
C PHE J 48 42.99 -17.36 70.32
N HIS J 49 41.75 -17.05 70.72
CA HIS J 49 41.35 -15.66 70.84
C HIS J 49 42.17 -15.02 71.95
N ALA J 50 42.89 -13.93 71.62
CA ALA J 50 43.98 -13.44 72.46
C ALA J 50 43.80 -13.36 73.96
N ARG J 51 42.60 -12.88 74.35
CA ARG J 51 42.30 -12.69 75.76
C ARG J 51 42.34 -13.99 76.54
N HIS J 52 41.94 -15.12 75.94
CA HIS J 52 41.82 -16.37 76.69
C HIS J 52 43.11 -17.09 77.05
N LEU J 53 44.15 -16.85 76.25
CA LEU J 53 45.51 -17.22 76.58
C LEU J 53 46.10 -16.34 77.69
N ALA J 54 45.84 -15.03 77.61
CA ALA J 54 46.18 -14.10 78.68
C ALA J 54 45.50 -14.48 79.99
N GLU J 55 44.18 -14.70 79.95
CA GLU J 55 43.40 -15.22 81.07
C GLU J 55 44.04 -16.50 81.57
N ALA J 56 44.32 -17.42 80.65
CA ALA J 56 45.02 -18.64 81.00
C ALA J 56 46.41 -18.43 81.57
N THR J 57 47.13 -17.35 81.25
CA THR J 57 48.48 -17.15 81.78
C THR J 57 48.45 -16.67 83.22
N GLU J 58 47.35 -16.01 83.63
CA GLU J 58 46.94 -15.92 85.04
C GLU J 58 46.88 -17.30 85.68
N LEU J 59 46.16 -18.21 85.01
CA LEU J 59 46.07 -19.58 85.46
C LEU J 59 47.37 -20.35 85.40
N TYR J 60 48.25 -20.13 84.40
CA TYR J 60 49.51 -20.88 84.37
C TYR J 60 50.32 -20.45 85.57
N VAL J 61 50.59 -19.15 85.74
CA VAL J 61 51.36 -18.69 86.89
C VAL J 61 50.75 -19.08 88.24
N ALA J 62 49.44 -18.98 88.43
CA ALA J 62 48.79 -19.47 89.64
C ALA J 62 49.03 -20.96 89.83
N LEU J 63 48.68 -21.80 88.86
CA LEU J 63 48.69 -23.24 89.06
C LEU J 63 50.07 -23.88 89.20
N TYR J 64 51.11 -23.24 88.66
CA TYR J 64 52.50 -23.57 88.98
C TYR J 64 52.93 -23.39 90.42
N GLY J 65 52.52 -22.24 90.93
CA GLY J 65 52.99 -21.72 92.22
C GLY J 65 52.14 -22.18 93.41
N ALA J 66 52.23 -23.48 93.65
CA ALA J 66 51.57 -24.07 94.80
C ALA J 66 52.61 -24.76 95.67
N LYS J 67 52.39 -24.59 96.98
CA LYS J 67 53.40 -24.80 97.99
C LYS J 67 54.07 -26.18 97.92
N ASP J 68 53.32 -27.22 98.28
CA ASP J 68 53.82 -28.58 98.15
C ASP J 68 52.72 -29.29 97.39
N PHE J 69 52.90 -30.59 97.28
CA PHE J 69 51.94 -31.40 96.59
C PHE J 69 50.51 -31.33 97.12
N ASN J 70 50.40 -31.14 98.42
CA ASN J 70 49.12 -30.97 99.08
C ASN J 70 48.47 -29.63 98.79
N ASP J 71 49.15 -28.51 99.09
CA ASP J 71 48.51 -27.20 98.86
C ASP J 71 48.07 -27.00 97.41
N PHE J 72 48.85 -27.58 96.48
CA PHE J 72 48.44 -27.64 95.07
C PHE J 72 47.03 -28.20 94.87
N ILE J 73 46.79 -29.35 95.52
CA ILE J 73 45.51 -30.03 95.41
C ILE J 73 44.43 -29.18 96.04
N HIS J 74 44.69 -28.55 97.19
CA HIS J 74 43.63 -27.74 97.80
C HIS J 74 43.16 -26.60 96.91
N LEU J 75 44.13 -25.86 96.35
CA LEU J 75 43.81 -24.80 95.40
C LEU J 75 42.91 -25.32 94.28
N CYS J 76 43.30 -26.51 93.78
CA CYS J 76 42.55 -27.19 92.73
C CYS J 76 41.18 -27.69 93.18
N GLU J 77 40.95 -28.02 94.44
CA GLU J 77 39.59 -28.29 94.91
C GLU J 77 38.78 -27.01 94.78
N GLN J 78 39.36 -25.97 95.37
CA GLN J 78 38.65 -24.73 95.62
C GLN J 78 38.37 -23.87 94.41
N ALA J 79 39.36 -23.34 93.68
CA ALA J 79 39.10 -22.42 92.57
C ALA J 79 38.15 -23.00 91.52
N ARG J 80 38.20 -24.33 91.39
CA ARG J 80 37.29 -25.06 90.52
C ARG J 80 35.81 -24.81 90.82
N GLN J 81 35.42 -24.54 92.07
CA GLN J 81 34.00 -24.39 92.40
C GLN J 81 33.23 -23.30 91.67
N ILE J 82 33.93 -22.54 90.79
CA ILE J 82 33.31 -21.70 89.76
C ILE J 82 33.92 -21.65 88.32
N VAL J 83 35.00 -22.33 87.88
CA VAL J 83 35.76 -21.88 86.68
C VAL J 83 35.72 -22.62 85.32
N ASN J 84 36.09 -21.98 84.18
CA ASN J 84 36.03 -22.62 82.86
C ASN J 84 37.02 -23.79 82.65
N GLU J 85 36.44 -24.99 82.61
CA GLU J 85 37.17 -26.25 82.63
C GLU J 85 38.25 -26.45 81.59
N GLY J 86 38.00 -26.16 80.30
CA GLY J 86 38.99 -26.35 79.24
C GLY J 86 40.35 -25.69 79.54
N MET J 87 40.26 -24.49 80.09
CA MET J 87 41.42 -23.70 80.49
C MET J 87 42.04 -24.31 81.73
N PHE J 88 41.19 -24.69 82.68
CA PHE J 88 41.62 -25.35 83.90
C PHE J 88 42.39 -26.62 83.63
N VAL J 89 41.91 -27.58 82.82
CA VAL J 89 42.70 -28.74 82.42
C VAL J 89 43.98 -28.37 81.67
N TYR J 90 43.91 -27.35 80.80
CA TYR J 90 45.08 -26.93 80.05
C TYR J 90 46.20 -26.54 81.01
N ALA J 91 45.95 -25.55 81.86
CA ALA J 91 46.96 -25.06 82.79
C ALA J 91 47.39 -26.01 83.90
N VAL J 92 46.51 -26.89 84.39
CA VAL J 92 46.95 -28.00 85.24
C VAL J 92 47.64 -29.14 84.51
N SER J 93 47.43 -29.43 83.22
CA SER J 93 48.27 -30.37 82.50
C SER J 93 49.65 -29.77 82.28
N VAL J 94 49.74 -28.45 82.03
CA VAL J 94 51.03 -27.77 82.00
C VAL J 94 51.68 -27.89 83.37
N ALA J 95 50.95 -27.60 84.46
CA ALA J 95 51.48 -27.88 85.78
C ALA J 95 51.91 -29.31 86.03
N VAL J 96 51.05 -30.31 85.82
CA VAL J 96 51.29 -31.68 86.26
C VAL J 96 52.07 -32.50 85.23
N LEU J 97 52.59 -31.73 84.28
CA LEU J 97 53.81 -32.06 83.58
C LEU J 97 55.10 -31.53 84.22
N HIS J 98 55.12 -30.31 84.78
CA HIS J 98 56.38 -29.61 85.00
C HIS J 98 56.73 -29.04 86.37
N ARG J 99 55.94 -29.17 87.45
CA ARG J 99 56.35 -28.63 88.74
C ARG J 99 56.71 -29.72 89.75
N GLU J 100 57.97 -29.64 90.19
CA GLU J 100 58.84 -30.80 90.33
C GLU J 100 58.51 -31.88 91.39
N ASP J 101 57.37 -31.77 92.06
CA ASP J 101 56.82 -32.80 92.91
C ASP J 101 56.03 -33.89 92.15
N CYS J 102 55.88 -33.81 90.83
CA CYS J 102 54.90 -34.60 90.09
C CYS J 102 55.14 -36.07 89.67
N LYS J 103 56.39 -36.55 89.57
CA LYS J 103 56.77 -37.66 88.68
C LYS J 103 56.07 -39.00 88.87
N GLY J 104 55.57 -39.59 87.80
CA GLY J 104 54.69 -40.74 87.96
C GLY J 104 53.24 -40.32 88.01
N ILE J 105 52.97 -39.19 87.35
CA ILE J 105 51.61 -38.69 87.30
C ILE J 105 51.22 -38.69 85.82
N THR J 106 50.01 -39.11 85.55
CA THR J 106 49.60 -39.16 84.16
C THR J 106 48.44 -38.21 83.99
N VAL J 107 48.61 -37.47 82.89
CA VAL J 107 47.56 -36.56 82.46
C VAL J 107 46.40 -37.41 81.94
N PRO J 108 45.16 -37.22 82.46
CA PRO J 108 43.96 -37.89 81.93
C PRO J 108 43.83 -37.72 80.42
N PRO J 109 43.73 -38.82 79.66
CA PRO J 109 43.76 -38.82 78.20
C PRO J 109 42.65 -38.01 77.53
N ILE J 110 43.05 -36.95 76.83
CA ILE J 110 42.11 -36.02 76.19
C ILE J 110 41.10 -36.62 75.23
N GLN J 111 41.46 -37.76 74.62
CA GLN J 111 40.63 -38.40 73.62
C GLN J 111 39.45 -39.03 74.33
N GLU J 112 39.79 -39.50 75.54
CA GLU J 112 38.87 -40.22 76.40
C GLU J 112 38.14 -39.32 77.38
N VAL J 113 38.70 -38.22 77.87
CA VAL J 113 37.92 -37.22 78.61
C VAL J 113 37.11 -36.25 77.75
N PHE J 114 37.58 -35.95 76.54
CA PHE J 114 36.80 -35.16 75.59
C PHE J 114 36.79 -35.85 74.22
N PRO J 115 35.98 -36.90 74.02
CA PRO J 115 35.86 -37.61 72.74
C PRO J 115 35.22 -36.83 71.60
N ASP J 116 34.46 -35.78 71.98
CA ASP J 116 33.63 -34.99 71.09
C ASP J 116 34.45 -34.35 69.99
N ARG J 117 35.62 -33.83 70.35
CA ARG J 117 36.51 -33.26 69.35
C ARG J 117 37.24 -34.24 68.41
N PHE J 118 37.01 -35.55 68.60
CA PHE J 118 37.67 -36.59 67.84
C PHE J 118 36.73 -37.36 66.91
N VAL J 119 35.50 -37.64 67.34
CA VAL J 119 34.58 -38.49 66.60
C VAL J 119 33.35 -37.77 66.00
N PRO J 120 32.57 -38.40 65.11
CA PRO J 120 31.28 -37.88 64.66
C PRO J 120 30.20 -37.73 65.74
N ALA J 121 29.61 -36.54 65.76
CA ALA J 121 28.41 -36.22 66.50
C ALA J 121 27.37 -37.33 66.57
N GLU J 122 27.05 -37.92 65.40
CA GLU J 122 26.23 -39.13 65.25
C GLU J 122 26.62 -40.25 66.21
N THR J 123 27.88 -40.70 66.18
CA THR J 123 28.28 -41.82 67.04
C THR J 123 28.33 -41.42 68.51
N ILE J 124 28.36 -40.13 68.85
CA ILE J 124 28.22 -39.69 70.25
C ILE J 124 26.75 -39.86 70.66
N ASN J 125 25.84 -39.14 70.00
CA ASN J 125 24.43 -39.17 70.36
C ASN J 125 23.84 -40.55 70.13
N ARG J 126 24.43 -41.38 69.27
CA ARG J 126 24.08 -42.79 69.13
C ARG J 126 24.36 -43.65 70.34
N ALA J 127 25.63 -43.75 70.75
CA ALA J 127 26.00 -44.54 71.93
C ALA J 127 25.16 -44.13 73.14
N ASN J 128 25.09 -42.79 73.26
CA ASN J 128 24.15 -42.11 74.15
C ASN J 128 22.73 -42.64 74.00
N LYS J 129 22.18 -42.58 72.78
CA LYS J 129 20.81 -43.00 72.53
C LYS J 129 20.64 -44.50 72.77
N GLU J 130 21.65 -45.35 72.60
CA GLU J 130 21.50 -46.77 72.86
C GLU J 130 21.42 -47.07 74.36
N ALA J 131 22.13 -46.32 75.21
CA ALA J 131 21.91 -46.34 76.65
C ALA J 131 20.52 -45.88 77.05
N SER J 132 19.94 -44.89 76.35
CA SER J 132 18.52 -44.62 76.52
C SER J 132 17.62 -45.65 75.86
N ASN J 133 18.10 -46.41 74.88
CA ASN J 133 17.27 -47.41 74.23
C ASN J 133 17.16 -48.74 74.95
N HIS J 134 18.22 -49.13 75.67
CA HIS J 134 18.21 -50.36 76.44
C HIS J 134 18.80 -50.00 77.79
N PRO J 135 18.08 -49.60 78.85
CA PRO J 135 18.67 -49.34 80.16
C PRO J 135 19.20 -50.59 80.85
N ASP J 136 20.39 -50.99 80.43
CA ASP J 136 21.02 -52.21 80.90
C ASP J 136 22.51 -51.94 81.04
N GLN J 137 23.21 -52.86 81.72
CA GLN J 137 24.64 -52.76 81.95
C GLN J 137 25.47 -53.22 80.74
N GLN J 138 24.85 -53.78 79.69
CA GLN J 138 25.53 -54.07 78.43
C GLN J 138 26.24 -52.91 77.76
N SER J 139 27.47 -53.20 77.32
CA SER J 139 28.28 -52.28 76.54
C SER J 139 27.61 -52.00 75.20
N ILE J 140 27.98 -50.89 74.58
CA ILE J 140 27.46 -50.50 73.28
C ILE J 140 28.70 -50.25 72.43
N VAL J 141 28.67 -50.67 71.18
CA VAL J 141 29.76 -50.42 70.26
C VAL J 141 29.11 -49.87 69.01
N VAL J 142 29.60 -48.74 68.50
CA VAL J 142 28.99 -48.09 67.35
C VAL J 142 30.08 -47.98 66.30
N GLU J 143 29.74 -48.27 65.05
CA GLU J 143 30.69 -48.14 63.95
C GLU J 143 30.69 -46.71 63.41
N ALA J 144 31.80 -46.05 63.69
CA ALA J 144 31.99 -44.64 63.36
C ALA J 144 31.88 -44.33 61.88
N GLU J 145 32.21 -45.32 61.05
CA GLU J 145 32.31 -45.20 59.59
C GLU J 145 31.32 -44.29 58.86
N GLU J 146 30.02 -44.32 59.22
CA GLU J 146 28.96 -43.58 58.53
C GLU J 146 28.70 -44.02 57.08
N THR J 147 27.75 -43.40 56.39
CA THR J 147 27.39 -43.70 55.01
C THR J 147 26.95 -42.38 54.42
N GLY J 148 27.81 -41.91 53.51
CA GLY J 148 27.60 -40.65 52.83
C GLY J 148 27.83 -40.73 51.32
N ASN J 149 27.42 -39.63 50.70
CA ASN J 149 27.45 -39.46 49.26
C ASN J 149 28.70 -38.64 48.95
N ILE J 150 29.79 -39.36 48.72
CA ILE J 150 31.12 -38.76 48.75
C ILE J 150 31.41 -37.95 47.48
N LEU J 151 31.05 -36.66 47.46
CA LEU J 151 31.43 -35.80 46.35
C LEU J 151 32.90 -35.38 46.41
N ASP J 152 33.37 -35.13 47.62
CA ASP J 152 34.67 -34.52 47.86
C ASP J 152 35.86 -35.46 47.71
N PRO J 153 36.90 -35.12 46.94
CA PRO J 153 38.19 -35.80 46.96
C PRO J 153 38.85 -35.81 48.34
N GLU J 154 38.79 -34.72 49.12
CA GLU J 154 39.60 -34.56 50.30
C GLU J 154 39.27 -35.51 51.45
N TYR J 155 38.00 -35.93 51.55
CA TYR J 155 37.53 -36.92 52.52
C TYR J 155 38.37 -38.21 52.57
N LYS J 156 39.03 -38.56 51.47
CA LYS J 156 40.05 -39.61 51.44
C LYS J 156 41.05 -39.40 52.59
N LEU J 157 41.70 -38.24 52.65
CA LEU J 157 42.81 -38.00 53.58
C LEU J 157 42.45 -37.94 55.06
N SER J 158 41.15 -38.13 55.31
CA SER J 158 40.57 -38.22 56.62
C SER J 158 40.92 -39.52 57.35
N TYR J 159 41.67 -40.44 56.73
CA TYR J 159 42.39 -41.46 57.47
C TYR J 159 43.43 -40.89 58.44
N PHE J 160 44.14 -39.87 57.94
CA PHE J 160 45.32 -39.31 58.58
C PHE J 160 44.97 -38.14 59.47
N ARG J 161 44.32 -37.13 58.89
CA ARG J 161 44.09 -35.84 59.54
C ARG J 161 43.33 -35.91 60.85
N GLU J 162 42.32 -36.78 60.80
CA GLU J 162 41.28 -36.86 61.81
C GLU J 162 41.53 -37.91 62.88
N ASP J 163 42.75 -38.45 62.87
CA ASP J 163 43.10 -39.61 63.68
C ASP J 163 43.32 -39.27 65.14
N ILE J 164 43.06 -40.28 65.99
CA ILE J 164 43.02 -40.10 67.43
C ILE J 164 44.36 -39.62 68.01
N GLY J 165 45.37 -40.38 67.59
CA GLY J 165 46.74 -40.22 68.06
C GLY J 165 47.40 -38.99 67.43
N ILE J 166 47.05 -38.76 66.16
CA ILE J 166 47.38 -37.52 65.48
C ILE J 166 46.93 -36.37 66.36
N ASN J 167 45.62 -36.23 66.60
CA ASN J 167 45.10 -35.03 67.25
C ASN J 167 45.46 -34.83 68.72
N ALA J 168 45.61 -35.97 69.40
CA ALA J 168 46.15 -36.01 70.75
C ALA J 168 47.58 -35.52 70.80
N HIS J 169 48.48 -36.04 69.93
CA HIS J 169 49.88 -35.60 69.86
C HIS J 169 49.96 -34.08 69.79
N HIS J 170 49.07 -33.56 68.96
CA HIS J 170 49.00 -32.15 68.70
C HIS J 170 48.74 -31.34 69.96
N TRP J 171 47.71 -31.66 70.77
CA TRP J 171 47.54 -31.01 72.06
C TRP J 171 48.77 -31.22 72.94
N HIS J 172 49.14 -32.48 73.15
CA HIS J 172 50.32 -32.86 73.92
C HIS J 172 51.63 -32.16 73.63
N TRP J 173 51.95 -31.84 72.39
CA TRP J 173 53.17 -31.12 72.05
C TRP J 173 53.16 -29.74 72.68
N HIS J 174 52.03 -29.03 72.59
CA HIS J 174 51.89 -27.71 73.19
C HIS J 174 51.40 -27.71 74.63
N ILE J 175 51.07 -28.88 75.17
CA ILE J 175 50.98 -28.96 76.60
C ILE J 175 52.39 -29.13 77.18
N VAL J 176 53.29 -29.85 76.48
CA VAL J 176 54.68 -29.91 76.91
C VAL J 176 55.47 -28.64 76.59
N TYR J 177 55.13 -27.91 75.51
CA TYR J 177 55.66 -26.57 75.23
C TYR J 177 54.59 -25.48 75.15
N PRO J 178 54.09 -24.89 76.24
CA PRO J 178 53.15 -23.76 76.20
C PRO J 178 53.77 -22.43 75.80
N ALA J 179 53.05 -21.69 74.94
CA ALA J 179 53.50 -20.38 74.47
C ALA J 179 53.76 -19.40 75.60
N THR J 180 52.92 -19.49 76.62
CA THR J 180 53.07 -18.76 77.87
C THR J 180 54.04 -19.36 78.88
N TRP J 181 54.87 -20.35 78.54
CA TRP J 181 55.97 -20.72 79.42
C TRP J 181 56.94 -19.55 79.58
N ASN J 182 56.70 -18.75 80.60
CA ASN J 182 57.74 -17.91 81.17
C ASN J 182 58.83 -18.78 81.81
N PRO J 183 60.11 -18.67 81.46
CA PRO J 183 61.19 -19.38 82.13
C PRO J 183 61.50 -18.94 83.57
N THR J 184 61.55 -17.63 83.85
CA THR J 184 62.11 -17.12 85.09
C THR J 184 61.20 -17.40 86.27
N VAL J 185 59.94 -16.99 86.15
CA VAL J 185 58.94 -17.18 87.19
C VAL J 185 58.62 -18.67 87.39
N MET J 186 58.91 -19.49 86.37
CA MET J 186 58.86 -20.94 86.49
C MET J 186 60.22 -21.62 86.57
N GLY J 187 61.27 -20.89 86.95
CA GLY J 187 62.53 -21.47 87.41
C GLY J 187 63.51 -21.95 86.35
N LYS J 188 63.00 -22.55 85.26
CA LYS J 188 63.80 -23.18 84.21
C LYS J 188 63.15 -23.07 82.84
N GLU J 189 63.95 -23.36 81.81
CA GLU J 189 63.58 -23.13 80.43
C GLU J 189 63.23 -24.38 79.63
N LYS J 190 62.87 -24.13 78.36
CA LYS J 190 62.36 -25.17 77.51
C LYS J 190 63.15 -25.27 76.22
N ASP J 191 63.99 -26.30 76.24
CA ASP J 191 64.94 -26.55 75.18
C ASP J 191 64.41 -26.63 73.76
N ARG J 192 64.96 -25.61 73.09
CA ARG J 192 64.81 -25.38 71.67
C ARG J 192 63.42 -25.19 71.11
N LYS J 193 62.52 -24.61 71.93
CA LYS J 193 61.10 -24.64 71.64
C LYS J 193 60.68 -24.00 70.33
N GLY J 194 61.33 -22.93 69.87
CA GLY J 194 60.96 -22.28 68.63
C GLY J 194 61.32 -23.15 67.43
N GLU J 195 62.58 -23.55 67.36
CA GLU J 195 63.05 -24.42 66.27
C GLU J 195 62.26 -25.71 66.23
N LEU J 196 62.10 -26.33 67.40
CA LEU J 196 61.39 -27.60 67.47
C LEU J 196 59.96 -27.39 66.99
N PHE J 197 59.43 -26.18 67.26
CA PHE J 197 58.14 -25.73 66.76
C PHE J 197 58.06 -25.51 65.25
N PHE J 198 59.11 -25.06 64.56
CA PHE J 198 59.15 -25.16 63.11
C PHE J 198 58.96 -26.63 62.71
N TYR J 199 59.91 -27.41 63.22
CA TYR J 199 60.20 -28.74 62.75
C TYR J 199 59.01 -29.67 62.85
N MET J 200 58.53 -29.93 64.07
CA MET J 200 57.40 -30.83 64.32
C MET J 200 56.24 -30.50 63.38
N HIS J 201 56.07 -29.20 63.09
CA HIS J 201 54.97 -28.78 62.25
C HIS J 201 55.24 -29.03 60.77
N GLN J 202 56.49 -28.82 60.31
CA GLN J 202 56.92 -29.24 58.97
C GLN J 202 56.78 -30.74 58.86
N GLN J 203 57.36 -31.55 59.77
CA GLN J 203 57.22 -33.00 59.72
C GLN J 203 55.78 -33.47 59.64
N MET J 204 54.85 -32.90 60.43
CA MET J 204 53.44 -33.16 60.20
C MET J 204 52.96 -32.92 58.77
N CYS J 205 53.20 -31.70 58.29
CA CYS J 205 52.76 -31.32 56.96
C CYS J 205 53.53 -31.95 55.81
N ALA J 206 54.69 -32.56 56.09
CA ALA J 206 55.45 -33.32 55.10
C ALA J 206 54.94 -34.75 54.99
N ARG J 207 54.61 -35.33 56.14
CA ARG J 207 53.86 -36.59 56.15
C ARG J 207 52.54 -36.45 55.38
N TYR J 208 51.80 -35.40 55.70
CA TYR J 208 50.65 -34.99 54.92
C TYR J 208 51.00 -34.76 53.45
N ASP J 209 51.97 -33.93 53.09
CA ASP J 209 52.33 -33.75 51.68
C ASP J 209 52.65 -35.01 50.90
N SER J 210 53.15 -36.02 51.61
CA SER J 210 53.23 -37.34 51.04
C SER J 210 51.83 -37.93 50.84
N GLU J 211 51.03 -37.98 51.92
CA GLU J 211 49.65 -38.47 51.90
C GLU J 211 48.89 -37.80 50.76
N ARG J 212 49.12 -36.54 50.39
CA ARG J 212 48.53 -35.96 49.19
C ARG J 212 48.96 -36.63 47.87
N LEU J 213 50.27 -36.77 47.67
CA LEU J 213 50.81 -37.49 46.52
C LEU J 213 50.54 -38.99 46.49
N SER J 214 50.32 -39.62 47.64
CA SER J 214 50.06 -41.06 47.67
C SER J 214 48.76 -41.37 46.94
N ASN J 215 47.80 -40.49 47.27
CA ASN J 215 46.49 -40.39 46.70
C ASN J 215 46.46 -39.96 45.23
N GLY J 216 47.58 -39.44 44.72
CA GLY J 216 47.60 -38.89 43.37
C GLY J 216 47.01 -37.49 43.34
N LEU J 217 47.25 -36.76 44.42
CA LEU J 217 46.99 -35.33 44.43
C LEU J 217 48.33 -34.61 44.53
N GLN J 218 48.29 -33.27 44.48
CA GLN J 218 49.46 -32.43 44.68
C GLN J 218 49.71 -32.11 46.15
N ARG J 219 50.95 -31.76 46.50
CA ARG J 219 51.31 -31.15 47.79
C ARG J 219 50.40 -29.97 48.13
N MET J 220 50.24 -29.69 49.43
CA MET J 220 49.25 -28.72 49.88
C MET J 220 49.76 -27.30 49.68
N ILE J 221 48.91 -26.51 49.02
CA ILE J 221 49.16 -25.10 48.74
C ILE J 221 49.17 -24.14 49.95
N PRO J 222 50.25 -23.35 50.16
CA PRO J 222 50.38 -22.36 51.24
C PRO J 222 49.51 -21.10 51.23
N PHE J 223 49.17 -20.58 52.42
CA PHE J 223 48.34 -19.38 52.54
C PHE J 223 49.28 -18.20 52.41
N HIS J 224 49.76 -18.03 51.18
CA HIS J 224 50.72 -16.98 50.90
C HIS J 224 50.03 -15.63 50.80
N ASN J 225 48.80 -15.56 50.32
CA ASN J 225 48.10 -14.29 50.20
C ASN J 225 46.94 -14.38 51.17
N PHE J 226 46.47 -13.24 51.66
CA PHE J 226 45.39 -13.17 52.63
C PHE J 226 44.02 -13.00 51.98
N ASP J 227 44.00 -12.41 50.77
CA ASP J 227 42.77 -12.20 50.01
C ASP J 227 42.08 -13.52 49.71
N GLU J 228 42.90 -14.47 49.22
CA GLU J 228 42.45 -15.75 48.69
C GLU J 228 41.60 -16.62 49.64
N PRO J 229 40.38 -17.01 49.22
CA PRO J 229 39.44 -17.79 50.01
C PRO J 229 39.93 -19.07 50.70
N LEU J 230 39.26 -19.39 51.81
CA LEU J 230 39.50 -20.63 52.54
C LEU J 230 38.48 -21.68 52.14
N GLU J 231 39.01 -22.90 52.08
CA GLU J 231 38.26 -24.10 51.72
C GLU J 231 37.14 -24.41 52.72
N GLY J 232 36.20 -25.18 52.21
CA GLY J 232 35.01 -25.54 52.94
C GLY J 232 35.18 -26.88 53.63
N TYR J 233 34.65 -26.97 54.84
CA TYR J 233 34.77 -28.16 55.66
C TYR J 233 33.75 -28.21 56.79
N ALA J 234 33.25 -29.43 56.98
CA ALA J 234 32.40 -29.80 58.10
C ALA J 234 33.03 -30.91 58.95
N PRO J 235 33.55 -30.63 60.17
CA PRO J 235 34.21 -31.60 61.04
C PRO J 235 33.35 -32.76 61.48
N HIS J 236 32.03 -32.49 61.55
CA HIS J 236 31.00 -33.39 62.06
C HIS J 236 31.15 -33.67 63.55
N LEU J 237 31.39 -32.62 64.32
CA LEU J 237 31.73 -32.72 65.75
C LEU J 237 30.80 -31.82 66.56
N THR J 238 29.86 -32.37 67.36
CA THR J 238 29.11 -31.54 68.30
C THR J 238 29.78 -31.61 69.66
N SER J 239 29.85 -30.52 70.43
CA SER J 239 30.60 -30.52 71.67
C SER J 239 29.85 -31.04 72.89
N LEU J 240 30.40 -31.99 73.66
CA LEU J 240 29.76 -32.55 74.83
C LEU J 240 29.51 -31.58 75.98
N VAL J 241 30.09 -30.38 75.91
CA VAL J 241 29.91 -29.37 76.96
C VAL J 241 28.53 -28.71 76.99
N SER J 242 27.73 -28.88 75.93
CA SER J 242 26.44 -28.22 75.80
C SER J 242 25.67 -28.96 74.72
N GLY J 243 24.83 -28.27 73.93
CA GLY J 243 24.23 -28.86 72.74
C GLY J 243 24.93 -28.45 71.46
N LEU J 244 25.60 -27.29 71.47
CA LEU J 244 26.11 -26.65 70.26
C LEU J 244 27.25 -27.36 69.53
N GLN J 245 27.76 -26.76 68.45
CA GLN J 245 28.83 -27.40 67.71
C GLN J 245 29.70 -26.36 67.04
N TYR J 246 30.87 -26.87 66.68
CA TYR J 246 31.83 -26.13 65.87
C TYR J 246 31.13 -25.80 64.56
N ALA J 247 30.73 -24.54 64.42
CA ALA J 247 30.19 -24.03 63.17
C ALA J 247 31.16 -24.30 62.03
N SER J 248 30.67 -24.80 60.90
CA SER J 248 31.57 -25.39 59.93
C SER J 248 31.69 -24.51 58.70
N ARG J 249 32.88 -24.37 58.10
CA ARG J 249 33.13 -23.32 57.13
C ARG J 249 32.64 -23.68 55.73
N PRO J 250 31.83 -22.89 55.02
CA PRO J 250 31.80 -22.97 53.56
C PRO J 250 33.04 -22.34 52.94
N GLU J 251 33.37 -22.88 51.77
CA GLU J 251 34.40 -22.38 50.88
C GLU J 251 34.03 -21.01 50.36
N GLY J 252 35.03 -20.32 49.83
CA GLY J 252 34.79 -19.04 49.20
C GLY J 252 34.63 -17.93 50.23
N TYR J 253 35.36 -18.06 51.34
CA TYR J 253 35.40 -16.96 52.28
C TYR J 253 36.80 -16.42 52.47
N SER J 254 36.85 -15.10 52.27
CA SER J 254 38.03 -14.32 52.57
C SER J 254 38.15 -14.07 54.07
N ILE J 255 39.40 -13.78 54.40
CA ILE J 255 39.83 -13.66 55.78
C ILE J 255 39.38 -12.30 56.30
N HIS J 256 38.98 -12.22 57.57
CA HIS J 256 38.33 -11.02 58.05
C HIS J 256 39.02 -10.52 59.28
N ASP J 257 39.06 -9.19 59.41
CA ASP J 257 39.62 -8.49 60.56
C ASP J 257 38.95 -8.88 61.87
N LEU J 258 39.63 -8.59 62.98
CA LEU J 258 39.16 -8.98 64.30
C LEU J 258 38.96 -7.76 65.18
N SER J 259 38.15 -7.84 66.25
CA SER J 259 38.16 -6.82 67.29
C SER J 259 39.53 -6.63 67.97
N ASP J 260 40.42 -7.62 67.82
CA ASP J 260 41.78 -7.49 68.28
C ASP J 260 42.69 -6.92 67.21
N VAL J 261 42.97 -7.69 66.16
CA VAL J 261 43.96 -7.31 65.14
C VAL J 261 43.33 -7.15 63.75
N ASP J 262 43.75 -6.16 62.98
CA ASP J 262 43.40 -6.10 61.58
C ASP J 262 44.27 -7.04 60.75
N VAL J 263 43.72 -7.57 59.64
CA VAL J 263 44.46 -8.50 58.77
C VAL J 263 45.73 -7.87 58.20
N GLN J 264 45.65 -6.54 58.16
CA GLN J 264 46.74 -5.67 57.79
C GLN J 264 47.87 -5.61 58.82
N ASP J 265 47.64 -5.61 60.13
CA ASP J 265 48.76 -5.55 61.07
C ASP J 265 49.43 -6.91 61.15
N MET J 266 48.64 -7.94 60.81
CA MET J 266 49.15 -9.23 60.40
C MET J 266 50.09 -9.11 59.19
N VAL J 267 49.65 -8.38 58.15
CA VAL J 267 50.47 -8.17 56.96
C VAL J 267 51.73 -7.40 57.32
N ARG J 268 51.61 -6.46 58.24
CA ARG J 268 52.79 -5.78 58.67
C ARG J 268 53.78 -6.67 59.37
N TRP J 269 53.36 -7.40 60.41
CA TRP J 269 54.23 -8.32 61.13
C TRP J 269 55.08 -9.15 60.17
N ARG J 270 54.41 -9.72 59.15
CA ARG J 270 55.08 -10.53 58.15
C ARG J 270 56.15 -9.72 57.41
N GLU J 271 55.88 -8.44 57.14
CA GLU J 271 56.86 -7.65 56.40
C GLU J 271 58.05 -7.32 57.29
N ARG J 272 57.72 -6.98 58.53
CA ARG J 272 58.65 -6.66 59.61
C ARG J 272 59.54 -7.86 59.99
N ILE J 273 59.07 -9.09 59.73
CA ILE J 273 59.86 -10.29 59.96
C ILE J 273 60.80 -10.56 58.79
N LEU J 274 60.21 -10.67 57.59
CA LEU J 274 60.96 -11.22 56.44
C LEU J 274 62.05 -10.27 55.98
N ASP J 275 61.80 -9.02 56.35
CA ASP J 275 62.83 -8.04 56.34
C ASP J 275 64.00 -8.26 57.30
N ALA J 276 63.74 -8.40 58.60
CA ALA J 276 64.72 -8.87 59.57
C ALA J 276 65.47 -10.14 59.17
N ILE J 277 64.94 -10.99 58.31
CA ILE J 277 65.72 -12.08 57.71
C ILE J 277 66.76 -11.50 56.75
N ASN J 278 66.34 -10.64 55.83
CA ASN J 278 67.23 -10.02 54.85
C ASN J 278 68.33 -9.22 55.55
N MET J 279 67.92 -8.49 56.58
CA MET J 279 68.83 -7.75 57.46
C MET J 279 69.60 -8.68 58.38
N HIS J 280 69.13 -9.90 58.63
CA HIS J 280 69.77 -10.91 59.45
C HIS J 280 69.83 -10.62 60.96
N TYR J 281 68.86 -9.86 61.50
CA TYR J 281 68.81 -9.61 62.94
C TYR J 281 67.41 -9.34 63.49
N ILE J 282 67.33 -9.33 64.84
CA ILE J 282 66.11 -9.00 65.58
C ILE J 282 66.29 -8.01 66.72
N VAL J 283 65.26 -7.17 66.85
CA VAL J 283 65.17 -6.19 67.90
C VAL J 283 64.26 -6.74 68.99
N ASP J 284 64.87 -6.99 70.15
CA ASP J 284 64.13 -7.43 71.32
C ASP J 284 63.34 -6.28 71.92
N LYS J 285 62.49 -6.52 72.94
CA LYS J 285 61.77 -5.46 73.64
C LYS J 285 62.55 -4.33 74.33
N ASP J 286 63.88 -4.38 74.22
CA ASP J 286 64.79 -3.32 74.64
C ASP J 286 65.34 -2.52 73.46
N ASN J 287 65.09 -2.91 72.20
CA ASN J 287 65.59 -2.31 70.94
C ASN J 287 66.97 -2.76 70.45
N ASN J 288 67.64 -3.64 71.22
CA ASN J 288 68.99 -4.09 70.90
C ASN J 288 69.02 -5.22 69.90
N LYS J 289 69.89 -5.09 68.90
CA LYS J 289 69.93 -6.03 67.79
C LYS J 289 70.68 -7.29 68.16
N ILE J 290 70.02 -8.45 68.37
CA ILE J 290 70.76 -9.71 68.53
C ILE J 290 70.83 -10.49 67.21
N PRO J 291 71.87 -11.24 66.84
CA PRO J 291 72.01 -11.85 65.51
C PRO J 291 71.06 -12.98 65.12
N LEU J 292 70.60 -12.94 63.88
CA LEU J 292 69.99 -14.12 63.29
C LEU J 292 71.09 -14.99 62.69
N ASP J 293 71.77 -15.57 63.69
CA ASP J 293 72.88 -16.48 63.52
C ASP J 293 72.42 -17.77 62.83
N ILE J 294 73.39 -18.60 62.41
CA ILE J 294 73.07 -19.86 61.75
C ILE J 294 72.32 -20.78 62.70
N GLU J 295 72.96 -21.11 63.84
CA GLU J 295 72.37 -22.06 64.79
C GLU J 295 71.10 -21.48 65.40
N HIS J 296 71.29 -20.42 66.17
CA HIS J 296 70.29 -19.90 67.10
C HIS J 296 69.04 -19.39 66.41
N GLY J 297 69.27 -18.82 65.23
CA GLY J 297 68.28 -18.13 64.42
C GLY J 297 66.91 -18.80 64.35
N THR J 298 66.87 -20.13 64.35
CA THR J 298 65.60 -20.82 64.11
C THR J 298 64.79 -21.00 65.39
N ASP J 299 65.49 -21.09 66.52
CA ASP J 299 64.82 -21.12 67.81
C ASP J 299 64.27 -19.73 68.05
N ILE J 300 65.10 -18.72 67.73
CA ILE J 300 64.70 -17.34 67.93
C ILE J 300 63.76 -16.76 66.87
N LEU J 301 63.62 -17.38 65.69
CA LEU J 301 62.54 -17.03 64.77
C LEU J 301 61.27 -17.76 65.16
N GLY J 302 61.40 -18.99 65.65
CA GLY J 302 60.28 -19.82 66.05
C GLY J 302 59.54 -19.34 67.30
N ASP J 303 60.29 -18.92 68.34
CA ASP J 303 59.68 -18.37 69.55
C ASP J 303 58.87 -17.11 69.27
N ILE J 304 59.51 -16.24 68.49
CA ILE J 304 59.00 -14.98 67.97
C ILE J 304 57.75 -15.03 67.11
N ILE J 305 57.76 -15.90 66.09
CA ILE J 305 56.60 -16.04 65.22
C ILE J 305 55.37 -16.62 65.92
N GLU J 306 55.55 -17.49 66.94
CA GLU J 306 54.46 -18.21 67.59
C GLU J 306 53.35 -17.37 68.20
N SER J 307 53.42 -16.40 69.13
CA SER J 307 54.66 -15.92 69.73
C SER J 307 54.75 -16.62 71.08
N SER J 308 55.92 -16.70 71.72
CA SER J 308 55.93 -17.16 73.10
C SER J 308 56.02 -15.97 74.04
N ASP J 309 55.98 -16.16 75.37
CA ASP J 309 56.56 -15.17 76.29
C ASP J 309 58.05 -14.96 75.98
N GLU J 310 58.74 -16.03 75.61
CA GLU J 310 60.08 -15.94 75.03
C GLU J 310 60.23 -15.15 73.74
N SER J 311 59.12 -14.64 73.15
CA SER J 311 59.19 -13.84 71.95
C SER J 311 59.77 -12.49 72.33
N LYS J 312 61.02 -12.42 71.87
CA LYS J 312 61.90 -11.30 72.10
C LYS J 312 61.26 -9.97 71.74
N ASN J 313 60.49 -9.92 70.66
CA ASN J 313 59.50 -8.88 70.55
C ASN J 313 58.14 -9.42 70.14
N VAL J 314 57.17 -8.86 70.86
CA VAL J 314 55.78 -9.23 70.75
C VAL J 314 54.98 -8.24 69.91
N GLU J 315 55.08 -6.93 70.10
CA GLU J 315 54.26 -5.95 69.36
C GLU J 315 54.68 -5.83 67.88
N TYR J 316 56.01 -5.94 67.81
CA TYR J 316 56.73 -5.78 66.58
C TYR J 316 56.58 -7.02 65.72
N TYR J 317 56.77 -8.26 66.19
CA TYR J 317 56.62 -9.44 65.35
C TYR J 317 55.26 -10.10 65.45
N GLY J 318 54.43 -9.64 66.40
CA GLY J 318 53.09 -10.18 66.60
C GLY J 318 53.15 -11.49 67.36
N SER J 319 52.14 -12.30 67.03
CA SER J 319 52.13 -13.74 67.29
C SER J 319 51.60 -14.39 66.00
N LEU J 320 52.24 -14.15 64.85
CA LEU J 320 51.61 -14.25 63.53
C LEU J 320 50.97 -15.62 63.28
N HIS J 321 51.68 -16.61 63.82
CA HIS J 321 51.23 -17.99 63.84
C HIS J 321 49.87 -18.19 64.50
N ASN J 322 49.77 -17.83 65.79
CA ASN J 322 48.55 -17.95 66.58
C ASN J 322 47.45 -17.07 66.01
N TRP J 323 47.83 -15.83 65.71
CA TRP J 323 46.88 -14.85 65.23
C TRP J 323 46.18 -15.31 63.98
N GLY J 324 46.89 -15.82 62.96
CA GLY J 324 46.28 -16.41 61.78
C GLY J 324 45.24 -17.48 62.10
N HIS J 325 45.52 -18.22 63.18
CA HIS J 325 44.57 -19.19 63.67
C HIS J 325 43.26 -18.55 64.09
N VAL J 326 43.21 -17.42 64.81
CA VAL J 326 41.92 -16.81 65.20
C VAL J 326 41.14 -16.51 63.94
N MET J 327 41.70 -15.64 63.10
CA MET J 327 41.08 -15.24 61.84
C MET J 327 40.70 -16.40 60.92
N MET J 328 41.47 -17.49 60.82
CA MET J 328 41.11 -18.59 59.93
C MET J 328 39.98 -19.48 60.45
N ALA J 329 39.69 -19.34 61.75
CA ALA J 329 38.75 -20.21 62.48
C ALA J 329 37.45 -19.51 62.86
N ASN J 330 37.57 -18.20 63.12
CA ASN J 330 36.38 -17.35 63.21
C ASN J 330 36.00 -16.73 61.88
N ILE J 331 36.32 -17.44 60.81
CA ILE J 331 36.00 -17.14 59.41
C ILE J 331 34.50 -17.07 59.10
N THR J 332 33.70 -17.51 60.08
CA THR J 332 32.26 -17.40 60.02
C THR J 332 31.84 -16.04 60.57
N ASP J 333 32.60 -15.55 61.56
CA ASP J 333 32.13 -14.60 62.54
C ASP J 333 33.26 -14.00 63.38
N PRO J 334 34.09 -13.08 62.87
CA PRO J 334 35.09 -12.39 63.67
C PRO J 334 34.50 -11.37 64.65
N ASP J 335 33.57 -10.51 64.20
CA ASP J 335 32.83 -9.55 65.00
C ASP J 335 32.20 -10.20 66.23
N HIS J 336 31.72 -11.44 66.06
CA HIS J 336 31.27 -12.34 67.10
C HIS J 336 29.93 -12.06 67.77
N ARG J 337 29.21 -11.14 67.14
CA ARG J 337 27.78 -10.90 67.34
C ARG J 337 26.88 -12.12 67.47
N PHE J 338 27.23 -13.19 66.76
CA PHE J 338 26.33 -14.34 66.63
C PHE J 338 26.66 -15.53 67.51
N GLN J 339 27.82 -15.43 68.18
CA GLN J 339 28.20 -16.33 69.27
C GLN J 339 28.44 -17.80 68.90
N GLU J 340 28.61 -18.03 67.59
CA GLU J 340 28.85 -19.35 67.02
C GLU J 340 30.16 -19.96 67.47
N ASN J 341 30.12 -21.26 67.79
CA ASN J 341 31.32 -21.97 68.23
C ASN J 341 32.26 -22.06 67.03
N PRO J 342 33.47 -21.47 67.09
CA PRO J 342 34.38 -21.36 65.93
C PRO J 342 34.83 -22.65 65.24
N GLY J 343 35.45 -22.46 64.08
CA GLY J 343 36.13 -23.52 63.36
C GLY J 343 37.28 -24.13 64.15
N VAL J 344 37.42 -25.43 63.94
CA VAL J 344 38.35 -26.32 64.64
C VAL J 344 39.83 -25.94 64.75
N MET J 345 40.25 -24.85 64.10
CA MET J 345 41.61 -24.33 64.15
C MET J 345 41.88 -23.58 65.46
N SER J 346 40.83 -23.29 66.24
CA SER J 346 40.89 -22.55 67.52
C SER J 346 41.51 -23.27 68.72
N ASP J 347 41.59 -24.58 68.56
CA ASP J 347 42.11 -25.51 69.54
C ASP J 347 43.18 -26.33 68.82
N THR J 348 44.10 -26.87 69.61
CA THR J 348 45.17 -27.67 69.06
C THR J 348 44.73 -29.12 68.87
N SER J 349 43.77 -29.68 69.59
CA SER J 349 43.32 -31.06 69.40
C SER J 349 42.45 -31.30 68.15
N THR J 350 41.66 -30.31 67.75
CA THR J 350 40.81 -30.42 66.58
C THR J 350 41.47 -30.08 65.25
N SER J 351 42.22 -28.97 65.30
CA SER J 351 43.02 -28.44 64.21
C SER J 351 43.38 -29.22 62.96
N LEU J 352 43.70 -30.53 62.96
CA LEU J 352 44.34 -31.13 61.80
C LEU J 352 43.41 -31.73 60.75
N ARG J 353 42.12 -31.78 61.08
CA ARG J 353 41.11 -32.28 60.17
C ARG J 353 40.80 -31.36 58.98
N ASP J 354 40.65 -30.08 59.35
CA ASP J 354 40.32 -28.96 58.48
C ASP J 354 41.48 -28.67 57.52
N PRO J 355 41.25 -28.84 56.21
CA PRO J 355 42.25 -28.75 55.15
C PRO J 355 43.07 -27.46 55.10
N ILE J 356 42.47 -26.33 55.49
CA ILE J 356 43.17 -25.05 55.52
C ILE J 356 44.33 -25.04 56.50
N PHE J 357 44.28 -25.91 57.51
CA PHE J 357 45.34 -26.03 58.52
C PHE J 357 46.75 -26.02 57.94
N TYR J 358 46.90 -26.82 56.89
CA TYR J 358 48.17 -27.00 56.21
C TYR J 358 48.49 -25.80 55.34
N ARG J 359 47.49 -25.07 54.83
CA ARG J 359 47.71 -23.89 54.02
C ARG J 359 48.47 -22.85 54.86
N TRP J 360 48.05 -22.60 56.11
CA TRP J 360 48.81 -21.74 57.00
C TRP J 360 50.15 -22.36 57.43
N HIS J 361 50.30 -23.68 57.45
CA HIS J 361 51.51 -24.28 58.00
C HIS J 361 52.64 -24.43 57.03
N ARG J 362 52.31 -24.43 55.75
CA ARG J 362 53.33 -24.21 54.76
C ARG J 362 53.71 -22.74 54.74
N PHE J 363 52.75 -21.84 55.05
CA PHE J 363 53.01 -20.41 55.03
C PHE J 363 54.08 -20.09 56.06
N ILE J 364 53.84 -20.43 57.33
CA ILE J 364 54.85 -20.23 58.37
C ILE J 364 56.14 -20.97 58.04
N ASP J 365 56.03 -22.19 57.52
CA ASP J 365 57.16 -22.96 57.02
C ASP J 365 57.93 -22.17 55.96
N ASN J 366 57.23 -21.45 55.07
CA ASN J 366 57.84 -20.63 54.03
C ASN J 366 58.69 -19.54 54.62
N ILE J 367 58.26 -18.95 55.75
CA ILE J 367 59.09 -17.98 56.46
C ILE J 367 60.36 -18.68 56.98
N PHE J 368 60.19 -19.81 57.69
CA PHE J 368 61.34 -20.55 58.21
C PHE J 368 62.33 -20.99 57.14
N GLN J 369 61.74 -21.39 56.01
CA GLN J 369 62.45 -21.73 54.79
C GLN J 369 63.20 -20.51 54.29
N GLU J 370 62.71 -19.25 54.35
CA GLU J 370 63.56 -18.12 54.00
C GLU J 370 64.78 -18.01 54.90
N HIS J 371 64.60 -18.26 56.20
CA HIS J 371 65.72 -18.07 57.11
C HIS J 371 66.81 -19.10 56.90
N LYS J 372 66.39 -20.36 56.76
CA LYS J 372 67.25 -21.44 56.30
C LYS J 372 67.80 -21.15 54.90
N LYS J 373 67.02 -20.59 53.97
CA LYS J 373 67.43 -20.22 52.62
C LYS J 373 68.51 -19.17 52.51
N SER J 374 68.55 -18.14 53.38
CA SER J 374 69.67 -17.22 53.37
C SER J 374 70.94 -17.86 53.94
N PHE J 375 70.80 -18.89 54.79
CA PHE J 375 71.94 -19.72 55.11
C PHE J 375 72.35 -20.53 53.88
N HIS J 376 73.64 -20.89 53.82
CA HIS J 376 74.21 -21.50 52.63
C HIS J 376 74.09 -23.03 52.58
N PRO J 377 73.96 -23.64 51.38
CA PRO J 377 74.00 -25.09 51.16
C PRO J 377 75.16 -25.83 51.84
N TYR J 378 75.10 -27.16 51.88
CA TYR J 378 76.14 -27.91 52.58
C TYR J 378 77.32 -28.31 51.73
N THR J 379 78.52 -28.00 52.20
CA THR J 379 79.74 -28.45 51.58
C THR J 379 79.76 -29.98 51.60
N LYS J 380 80.37 -30.59 50.58
CA LYS J 380 80.62 -32.03 50.55
C LYS J 380 81.44 -32.46 51.75
N GLU J 381 82.41 -31.61 52.12
CA GLU J 381 83.20 -31.70 53.34
C GLU J 381 82.28 -31.94 54.54
N GLU J 382 81.40 -30.96 54.77
CA GLU J 382 80.41 -30.97 55.83
C GLU J 382 79.50 -32.19 55.79
N LEU J 383 79.09 -32.61 54.59
CA LEU J 383 78.26 -33.79 54.42
C LEU J 383 78.97 -35.13 54.64
N SER J 384 80.30 -35.11 54.69
CA SER J 384 81.07 -36.34 54.74
C SER J 384 81.65 -36.79 56.07
N PHE J 385 81.03 -37.89 56.47
CA PHE J 385 81.55 -38.77 57.50
C PHE J 385 82.69 -39.53 56.84
N PRO J 386 83.94 -39.20 57.19
CA PRO J 386 85.13 -39.70 56.49
C PRO J 386 85.28 -41.20 56.62
N GLY J 387 85.53 -41.94 55.54
CA GLY J 387 85.99 -43.32 55.65
C GLY J 387 84.90 -44.37 55.64
N VAL J 388 83.70 -44.13 56.21
CA VAL J 388 82.65 -45.13 56.30
C VAL J 388 81.88 -45.18 54.99
N GLU J 389 81.76 -46.34 54.31
CA GLU J 389 81.00 -46.38 53.07
C GLU J 389 79.71 -47.18 53.18
N VAL J 390 78.58 -46.52 53.03
CA VAL J 390 77.25 -47.13 52.91
C VAL J 390 77.15 -47.96 51.63
N VAL J 391 77.45 -49.25 51.74
CA VAL J 391 77.40 -50.17 50.61
C VAL J 391 75.95 -50.47 50.23
N GLY J 392 74.97 -50.05 51.04
CA GLY J 392 73.58 -50.08 50.62
C GLY J 392 72.64 -50.34 51.77
N VAL J 393 71.33 -50.27 51.48
CA VAL J 393 70.25 -50.57 52.40
C VAL J 393 69.25 -51.40 51.58
N SER J 394 68.23 -52.03 52.18
CA SER J 394 67.07 -52.66 51.54
C SER J 394 66.03 -52.88 52.62
N ILE J 395 64.71 -52.92 52.38
CA ILE J 395 63.77 -53.15 53.47
C ILE J 395 63.10 -54.50 53.29
N ASN J 396 63.04 -55.35 54.32
CA ASN J 396 62.34 -56.62 54.18
C ASN J 396 61.07 -56.64 55.01
N SER J 397 59.92 -56.48 54.36
CA SER J 397 58.62 -56.58 55.00
C SER J 397 58.17 -58.04 54.89
N LYS J 398 57.03 -58.38 54.28
CA LYS J 398 56.80 -59.73 53.77
C LYS J 398 57.69 -60.08 52.60
N THR J 399 58.05 -59.07 51.79
CA THR J 399 58.93 -59.22 50.64
C THR J 399 60.00 -58.12 50.73
N ALA J 400 60.98 -58.05 49.82
CA ALA J 400 61.89 -56.92 49.76
C ALA J 400 61.26 -55.66 49.14
N ASN J 401 61.71 -54.50 49.61
CA ASN J 401 61.37 -53.18 49.09
C ASN J 401 59.93 -52.80 48.78
N VAL J 402 59.02 -53.44 49.49
CA VAL J 402 57.63 -52.99 49.57
C VAL J 402 57.35 -52.82 51.06
N ILE J 403 56.51 -51.90 51.54
CA ILE J 403 55.91 -52.07 52.84
C ILE J 403 54.43 -52.14 52.54
N THR J 404 53.63 -52.83 53.35
CA THR J 404 52.23 -52.97 53.03
C THR J 404 51.35 -52.50 54.17
N THR J 405 50.53 -51.51 53.83
CA THR J 405 49.77 -50.75 54.80
C THR J 405 48.40 -51.40 54.94
N LEU J 406 47.69 -51.20 56.03
CA LEU J 406 46.45 -51.93 56.24
C LEU J 406 45.41 -50.95 56.75
N ILE J 407 44.19 -51.46 56.90
CA ILE J 407 43.18 -50.82 57.73
C ILE J 407 43.09 -51.60 59.04
N LYS J 408 42.98 -50.93 60.19
CA LYS J 408 42.69 -51.59 61.44
C LYS J 408 41.55 -50.84 62.12
N GLU J 409 40.45 -51.57 62.27
CA GLU J 409 39.33 -51.14 63.08
C GLU J 409 39.73 -51.10 64.53
N SER J 410 39.17 -50.17 65.32
CA SER J 410 39.64 -49.97 66.67
C SER J 410 38.57 -49.29 67.52
N LEU J 411 38.87 -49.04 68.80
CA LEU J 411 37.90 -48.54 69.76
C LEU J 411 38.41 -47.32 70.52
N LEU J 412 37.48 -46.61 71.15
CA LEU J 412 37.74 -45.45 71.97
C LEU J 412 36.57 -45.42 72.94
N GLU J 413 36.86 -45.36 74.23
CA GLU J 413 35.85 -45.60 75.25
C GLU J 413 35.14 -44.33 75.67
N LEU J 414 33.94 -44.09 75.13
CA LEU J 414 33.23 -42.84 75.32
C LEU J 414 32.83 -42.58 76.78
N SER J 415 32.43 -43.64 77.51
CA SER J 415 32.17 -43.68 78.95
C SER J 415 32.91 -42.77 79.90
N HIS J 416 34.21 -42.67 79.66
CA HIS J 416 35.06 -41.84 80.48
C HIS J 416 34.67 -40.39 80.28
N GLY J 417 34.51 -40.00 79.01
CA GLY J 417 34.15 -38.66 78.62
C GLY J 417 32.70 -38.34 78.85
N ILE J 418 31.74 -39.12 78.34
CA ILE J 418 30.35 -38.73 78.55
C ILE J 418 29.68 -39.63 79.59
N ASN J 419 28.46 -39.29 80.00
CA ASN J 419 27.76 -40.08 81.00
C ASN J 419 27.07 -41.31 80.44
N PHE J 420 27.68 -42.48 80.68
CA PHE J 420 27.02 -43.75 80.38
C PHE J 420 25.72 -43.90 81.16
N GLY J 421 25.74 -43.44 82.41
CA GLY J 421 24.61 -43.52 83.32
C GLY J 421 24.38 -44.93 83.85
N THR J 422 24.18 -45.85 82.91
CA THR J 422 24.01 -47.27 83.19
C THR J 422 25.18 -48.16 82.79
N ASP J 423 25.38 -48.33 81.48
CA ASP J 423 26.17 -49.41 80.92
C ASP J 423 27.64 -49.45 81.30
N GLN J 424 28.33 -50.52 80.92
CA GLN J 424 29.77 -50.55 81.12
C GLN J 424 30.54 -49.52 80.29
N SER J 425 30.31 -49.51 78.98
CA SER J 425 31.26 -48.94 78.05
C SER J 425 30.46 -48.59 76.82
N VAL J 426 30.72 -47.42 76.27
CA VAL J 426 30.10 -47.01 75.02
C VAL J 426 31.30 -46.85 74.12
N LYS J 427 31.35 -47.60 73.03
CA LYS J 427 32.59 -47.69 72.29
C LYS J 427 32.30 -47.17 70.91
N VAL J 428 33.22 -46.35 70.40
CA VAL J 428 33.23 -45.99 68.99
C VAL J 428 34.31 -46.77 68.22
N LYS J 429 33.82 -47.72 67.43
CA LYS J 429 34.64 -48.48 66.51
C LYS J 429 35.04 -47.57 65.36
N TYR J 430 36.32 -47.19 65.26
CA TYR J 430 36.78 -46.43 64.11
C TYR J 430 37.67 -47.28 63.21
N HIS J 431 38.12 -46.78 62.05
CA HIS J 431 38.97 -47.54 61.14
C HIS J 431 40.18 -46.67 60.82
N HIS J 432 41.40 -47.18 61.01
CA HIS J 432 42.59 -46.37 60.76
C HIS J 432 43.61 -47.05 59.86
N LEU J 433 44.49 -46.28 59.22
CA LEU J 433 45.54 -46.77 58.34
C LEU J 433 46.62 -47.40 59.21
N ASP J 434 47.39 -48.39 58.75
CA ASP J 434 48.49 -48.94 59.52
C ASP J 434 49.57 -49.35 58.54
N HIS J 435 50.49 -50.24 58.89
CA HIS J 435 51.57 -50.63 57.99
C HIS J 435 52.11 -51.96 58.49
N GLU J 436 52.70 -52.77 57.61
CA GLU J 436 53.50 -53.91 58.02
C GLU J 436 54.77 -53.46 58.75
N PRO J 437 55.29 -54.24 59.72
CA PRO J 437 56.63 -54.07 60.28
C PRO J 437 57.70 -54.29 59.22
N PHE J 438 58.94 -53.84 59.42
CA PHE J 438 59.96 -54.00 58.38
C PHE J 438 61.30 -53.72 59.02
N THR J 439 62.36 -54.03 58.30
CA THR J 439 63.67 -53.74 58.81
C THR J 439 64.50 -52.97 57.80
N TYR J 440 65.52 -52.28 58.29
CA TYR J 440 66.58 -51.77 57.44
C TYR J 440 67.66 -52.83 57.51
N ASN J 441 68.25 -53.25 56.40
CA ASN J 441 69.51 -53.98 56.45
C ASN J 441 70.42 -52.98 55.77
N ILE J 442 71.46 -52.48 56.44
CA ILE J 442 72.34 -51.45 55.91
C ILE J 442 73.76 -51.97 55.98
N VAL J 443 74.45 -52.01 54.83
CA VAL J 443 75.81 -52.50 54.68
C VAL J 443 76.80 -51.33 54.56
N VAL J 444 77.99 -51.48 55.17
CA VAL J 444 79.01 -50.44 55.32
C VAL J 444 80.43 -50.96 55.08
N GLU J 445 81.34 -50.23 54.43
CA GLU J 445 82.78 -50.52 54.45
C GLU J 445 83.48 -49.47 55.31
N ASN J 446 83.75 -49.82 56.58
CA ASN J 446 84.52 -48.96 57.47
C ASN J 446 86.01 -49.15 57.24
N ASN J 447 86.47 -48.39 56.22
CA ASN J 447 87.86 -48.42 55.75
C ASN J 447 88.90 -48.18 56.84
N SER J 448 88.53 -47.33 57.79
CA SER J 448 89.42 -46.96 58.88
C SER J 448 89.66 -48.14 59.82
N GLY J 449 90.93 -48.37 60.17
CA GLY J 449 91.27 -49.40 61.15
C GLY J 449 90.59 -49.23 62.51
N ALA J 450 90.10 -48.03 62.85
CA ALA J 450 89.30 -47.84 64.06
C ALA J 450 87.82 -48.02 63.80
N GLU J 451 87.18 -48.65 64.79
CA GLU J 451 85.74 -48.64 64.99
C GLU J 451 85.12 -47.26 64.91
N LYS J 452 84.07 -47.10 64.10
CA LYS J 452 83.36 -45.83 64.01
C LYS J 452 82.03 -45.76 64.76
N HIS J 453 81.80 -44.69 65.50
CA HIS J 453 80.51 -44.47 66.15
C HIS J 453 79.71 -43.52 65.27
N SER J 454 78.52 -43.89 64.81
CA SER J 454 77.74 -43.04 63.93
C SER J 454 76.42 -42.53 64.50
N THR J 455 75.83 -41.49 63.90
CA THR J 455 74.42 -41.19 64.05
C THR J 455 73.83 -41.28 62.64
N VAL J 456 72.88 -42.21 62.53
CA VAL J 456 72.20 -42.61 61.28
C VAL J 456 70.80 -41.99 61.16
N ARG J 457 70.67 -41.01 60.27
CA ARG J 457 69.45 -40.23 60.10
C ARG J 457 68.76 -40.91 58.91
N ILE J 458 67.58 -41.53 58.97
CA ILE J 458 67.00 -42.24 57.84
C ILE J 458 65.75 -41.50 57.41
N PHE J 459 65.47 -41.35 56.10
CA PHE J 459 64.37 -40.53 55.60
C PHE J 459 63.50 -41.27 54.60
N LEU J 460 62.27 -40.76 54.44
CA LEU J 460 61.30 -41.20 53.46
C LEU J 460 60.74 -39.96 52.75
N ALA J 461 60.86 -39.97 51.43
CA ALA J 461 60.25 -38.96 50.57
C ALA J 461 59.49 -39.66 49.45
N PRO J 462 58.81 -38.99 48.51
CA PRO J 462 58.37 -39.57 47.24
C PRO J 462 59.28 -39.43 46.02
N LYS J 463 59.35 -40.52 45.26
CA LYS J 463 60.21 -40.63 44.09
C LYS J 463 59.55 -40.08 42.84
N TYR J 464 58.23 -40.27 42.75
CA TYR J 464 57.40 -39.64 41.73
C TYR J 464 57.00 -38.20 42.01
N ASP J 465 56.74 -37.38 41.00
CA ASP J 465 56.01 -36.16 41.29
C ASP J 465 54.55 -36.52 41.07
N GLU J 466 53.73 -35.48 41.09
CA GLU J 466 52.37 -35.63 40.63
C GLU J 466 52.35 -35.15 39.18
N LEU J 467 53.53 -35.17 38.54
CA LEU J 467 53.70 -34.66 37.19
C LEU J 467 54.32 -35.77 36.33
N ASN J 468 55.56 -36.19 36.61
CA ASN J 468 56.14 -37.47 36.16
C ASN J 468 57.25 -37.81 37.17
N ASN J 469 58.18 -38.77 37.04
CA ASN J 469 59.15 -39.13 38.07
C ASN J 469 60.33 -38.15 38.17
N LYS J 470 60.37 -37.15 39.07
CA LYS J 470 61.46 -36.17 39.10
C LYS J 470 62.13 -35.85 40.45
N LEU J 471 63.31 -36.43 40.66
CA LEU J 471 64.06 -36.40 41.92
C LEU J 471 64.77 -35.11 42.34
N GLU J 472 64.06 -34.00 42.15
CA GLU J 472 64.48 -32.68 42.57
C GLU J 472 64.42 -32.57 44.09
N PRO J 473 65.61 -32.70 44.72
CA PRO J 473 65.74 -32.86 46.15
C PRO J 473 65.39 -31.60 46.92
N ASP J 474 65.58 -30.41 46.36
CA ASP J 474 65.16 -29.19 47.03
C ASP J 474 63.65 -29.14 47.13
N GLU J 475 62.93 -29.45 46.04
CA GLU J 475 61.50 -29.74 46.06
C GLU J 475 61.16 -30.86 47.02
N GLN J 476 61.93 -31.95 47.04
CA GLN J 476 61.67 -33.05 47.94
C GLN J 476 61.89 -32.74 49.41
N ARG J 477 62.68 -31.73 49.79
CA ARG J 477 62.89 -31.38 51.19
C ARG J 477 61.64 -31.00 51.96
N ARG J 478 60.61 -30.57 51.24
CA ARG J 478 59.32 -30.30 51.86
C ARG J 478 58.61 -31.59 52.23
N LEU J 479 58.89 -32.68 51.53
CA LEU J 479 58.22 -33.96 51.64
C LEU J 479 59.00 -34.90 52.56
N PHE J 480 60.33 -34.81 52.47
CA PHE J 480 61.29 -35.58 53.26
C PHE J 480 60.93 -35.72 54.71
N ILE J 481 60.74 -36.97 55.16
CA ILE J 481 60.42 -37.25 56.55
C ILE J 481 61.43 -38.17 57.17
N GLU J 482 61.88 -37.80 58.37
CA GLU J 482 62.86 -38.58 59.10
C GLU J 482 62.15 -39.78 59.69
N LEU J 483 62.52 -40.97 59.27
CA LEU J 483 61.94 -42.21 59.75
C LEU J 483 62.65 -42.72 60.99
N ASP J 484 63.90 -42.39 61.24
CA ASP J 484 64.67 -42.97 62.32
C ASP J 484 65.95 -42.15 62.49
N LYS J 485 66.56 -42.24 63.68
CA LYS J 485 67.83 -41.58 63.95
C LYS J 485 68.50 -42.29 65.11
N PHE J 486 69.59 -43.02 64.89
CA PHE J 486 70.27 -43.73 65.98
C PHE J 486 71.79 -43.65 66.03
N PHE J 487 72.39 -44.19 67.09
CA PHE J 487 73.81 -44.35 67.27
C PHE J 487 74.13 -45.83 67.14
N TYR J 488 75.13 -46.17 66.33
CA TYR J 488 75.65 -47.53 66.29
C TYR J 488 77.18 -47.41 66.30
N THR J 489 77.85 -48.53 66.57
CA THR J 489 79.30 -48.59 66.54
C THR J 489 79.62 -49.66 65.50
N LEU J 490 80.62 -49.29 64.70
CA LEU J 490 80.96 -49.96 63.47
C LEU J 490 82.41 -50.38 63.49
N THR J 491 82.65 -51.68 63.54
CA THR J 491 84.01 -52.21 63.50
C THR J 491 84.64 -51.98 62.12
N PRO J 492 85.93 -52.19 61.87
CA PRO J 492 86.50 -52.14 60.52
C PRO J 492 85.81 -53.11 59.56
N GLY J 493 85.87 -52.76 58.27
CA GLY J 493 85.41 -53.62 57.20
C GLY J 493 83.90 -53.59 56.98
N LYS J 494 83.41 -54.70 56.41
CA LYS J 494 81.99 -54.88 56.11
C LYS J 494 81.15 -54.92 57.36
N ASN J 495 80.22 -53.97 57.48
CA ASN J 495 79.32 -53.93 58.62
C ASN J 495 77.92 -53.98 58.06
N THR J 496 77.09 -54.67 58.83
CA THR J 496 75.66 -54.63 58.64
C THR J 496 75.01 -54.13 59.92
N ILE J 497 74.01 -53.28 59.76
CA ILE J 497 73.18 -52.84 60.87
C ILE J 497 71.81 -53.36 60.45
N VAL J 498 70.98 -53.86 61.37
CA VAL J 498 69.62 -54.29 61.05
C VAL J 498 68.73 -53.54 62.04
N ARG J 499 67.64 -52.90 61.63
CA ARG J 499 66.92 -52.02 62.53
C ARG J 499 65.44 -52.20 62.25
N ASN J 500 64.70 -52.62 63.27
CA ASN J 500 63.29 -53.00 63.13
C ASN J 500 62.36 -51.82 63.32
N HIS J 501 61.28 -51.78 62.56
CA HIS J 501 60.29 -50.71 62.61
C HIS J 501 59.98 -50.00 63.93
N GLN J 502 59.87 -50.73 65.05
CA GLN J 502 59.24 -50.28 66.30
C GLN J 502 59.94 -49.12 66.97
N ASP J 503 61.26 -49.31 66.86
CA ASP J 503 62.28 -48.52 67.52
C ASP J 503 62.63 -47.26 66.74
N SER J 504 61.70 -46.84 65.87
CA SER J 504 61.72 -45.53 65.25
C SER J 504 61.79 -44.42 66.29
N SER J 505 62.73 -43.49 66.15
CA SER J 505 62.81 -42.40 67.10
C SER J 505 61.75 -41.30 67.05
N VAL J 506 60.62 -41.44 66.34
CA VAL J 506 59.58 -40.40 66.22
C VAL J 506 58.25 -40.70 66.93
N THR J 507 58.16 -41.99 67.25
CA THR J 507 56.90 -42.65 67.60
C THR J 507 56.55 -42.82 69.07
N ILE J 508 55.25 -42.86 69.32
CA ILE J 508 54.78 -43.57 70.49
C ILE J 508 54.70 -45.06 70.11
N SER J 509 55.15 -45.89 71.05
CA SER J 509 54.82 -47.29 70.98
C SER J 509 53.54 -47.53 71.79
N LYS J 510 53.66 -47.63 73.10
CA LYS J 510 52.50 -47.89 73.92
C LYS J 510 51.81 -46.58 74.25
N VAL J 511 50.55 -46.53 73.80
CA VAL J 511 49.56 -45.56 74.28
C VAL J 511 48.95 -46.03 75.62
N ARG J 512 48.24 -45.20 76.38
CA ARG J 512 47.72 -45.67 77.66
C ARG J 512 46.32 -45.15 77.91
N THR J 513 45.34 -46.05 77.95
CA THR J 513 43.98 -45.70 78.33
C THR J 513 43.89 -45.42 79.82
N PHE J 514 42.89 -44.60 80.19
CA PHE J 514 42.57 -44.32 81.58
C PHE J 514 42.39 -45.57 82.44
N ASP J 515 42.04 -46.70 81.84
CA ASP J 515 41.87 -47.95 82.57
C ASP J 515 43.18 -48.51 83.11
N GLN J 516 44.25 -48.38 82.33
CA GLN J 516 45.61 -48.67 82.76
C GLN J 516 45.92 -47.81 83.98
N LEU J 517 45.65 -46.52 83.83
CA LEU J 517 45.86 -45.53 84.89
C LEU J 517 45.13 -45.79 86.19
N GLY J 518 43.86 -46.20 86.13
CA GLY J 518 43.15 -46.78 87.27
C GLY J 518 43.93 -47.87 88.01
N ALA J 519 44.86 -48.60 87.38
CA ALA J 519 45.77 -49.46 88.12
C ALA J 519 47.15 -48.82 88.28
N GLY J 520 47.96 -48.80 87.22
CA GLY J 520 49.34 -48.31 87.31
C GLY J 520 50.36 -49.35 86.90
N GLU J 521 51.31 -48.87 86.10
CA GLU J 521 52.45 -49.64 85.61
C GLU J 521 53.80 -49.00 85.90
N GLY J 522 54.85 -49.76 85.60
CA GLY J 522 56.22 -49.27 85.64
C GLY J 522 56.79 -49.29 84.23
N VAL J 523 56.69 -48.21 83.46
CA VAL J 523 57.29 -48.18 82.13
C VAL J 523 58.38 -47.12 82.21
N SER J 524 57.90 -45.94 82.54
CA SER J 524 58.45 -45.21 83.64
C SER J 524 57.26 -44.60 84.39
N GLU J 525 57.28 -43.28 84.52
CA GLU J 525 56.67 -42.56 85.62
C GLU J 525 56.92 -41.10 85.24
N ASP J 526 56.44 -40.63 84.08
CA ASP J 526 56.65 -39.26 83.68
C ASP J 526 55.31 -38.57 83.46
N SER J 527 54.99 -37.74 82.46
CA SER J 527 53.71 -37.04 82.50
C SER J 527 52.76 -36.84 81.31
N THR J 528 52.66 -35.70 80.60
CA THR J 528 51.68 -35.43 79.57
C THR J 528 52.14 -35.98 78.25
N GLU J 529 53.45 -36.34 78.21
CA GLU J 529 54.11 -37.16 77.20
C GLU J 529 54.04 -38.71 77.32
N TYR J 530 54.92 -39.45 78.01
CA TYR J 530 54.79 -40.86 78.42
C TYR J 530 54.10 -41.98 77.58
N CYS J 531 52.88 -41.76 77.11
CA CYS J 531 52.10 -42.70 76.31
C CYS J 531 51.06 -41.96 75.47
N SER J 532 51.49 -40.75 75.10
CA SER J 532 50.62 -39.73 74.52
C SER J 532 51.39 -38.70 73.68
N CYS J 533 52.69 -38.44 73.89
CA CYS J 533 53.45 -37.70 72.90
C CYS J 533 54.00 -38.62 71.83
N GLY J 534 54.84 -38.08 70.92
CA GLY J 534 55.39 -38.99 69.92
C GLY J 534 54.51 -39.03 68.69
N TRP J 535 54.92 -39.21 67.43
CA TRP J 535 53.93 -39.40 66.39
C TRP J 535 53.28 -40.77 66.54
N PRO J 536 51.99 -41.01 66.30
CA PRO J 536 51.41 -42.37 66.28
C PRO J 536 52.04 -43.35 65.29
N GLU J 537 51.90 -44.79 65.75
CA GLU J 537 52.62 -45.87 65.08
C GLU J 537 52.00 -46.17 63.73
N HIS J 538 50.71 -46.45 63.70
CA HIS J 538 50.03 -46.64 62.43
C HIS J 538 50.19 -45.60 61.30
N MET J 539 50.67 -44.37 61.57
CA MET J 539 50.92 -43.35 60.55
C MET J 539 52.43 -43.12 60.35
N LEU J 540 53.22 -44.11 60.77
CA LEU J 540 54.66 -44.05 60.58
C LEU J 540 55.13 -44.03 59.13
N ILE J 541 54.43 -44.71 58.23
CA ILE J 541 54.77 -44.75 56.81
C ILE J 541 53.44 -44.46 56.09
N PRO J 542 53.33 -43.42 55.24
CA PRO J 542 52.11 -43.04 54.51
C PRO J 542 51.43 -44.11 53.67
N ARG J 543 50.15 -43.91 53.32
CA ARG J 543 49.34 -44.90 52.60
C ARG J 543 49.85 -45.45 51.26
N GLY J 544 50.53 -44.62 50.47
CA GLY J 544 50.89 -44.98 49.11
C GLY J 544 49.63 -45.13 48.26
N SER J 545 49.53 -46.28 47.61
CA SER J 545 48.42 -46.60 46.74
C SER J 545 48.22 -48.09 46.62
N HIS J 546 47.09 -48.55 46.07
CA HIS J 546 46.88 -49.98 45.91
C HIS J 546 47.86 -50.65 44.94
N LYS J 547 48.31 -49.89 43.93
CA LYS J 547 49.29 -50.33 42.94
C LYS J 547 50.64 -50.70 43.53
N GLY J 548 50.96 -50.02 44.64
CA GLY J 548 52.32 -49.93 45.14
C GLY J 548 52.96 -48.65 44.65
N MET J 549 52.94 -47.57 45.45
CA MET J 549 53.57 -46.32 45.03
C MET J 549 55.04 -46.36 45.48
N GLU J 550 55.88 -45.48 44.90
CA GLU J 550 57.32 -45.65 44.85
C GLU J 550 57.89 -44.38 45.45
N PHE J 551 58.73 -44.57 46.46
CA PHE J 551 59.11 -43.54 47.41
C PHE J 551 60.63 -43.58 47.54
N GLU J 552 61.18 -42.86 48.50
CA GLU J 552 62.63 -42.75 48.62
C GLU J 552 63.02 -42.90 50.09
N LEU J 553 63.84 -43.90 50.39
CA LEU J 553 64.39 -44.09 51.72
C LEU J 553 65.83 -43.59 51.75
N PHE J 554 66.08 -42.37 52.24
CA PHE J 554 67.39 -41.75 52.12
C PHE J 554 68.07 -41.72 53.49
N VAL J 555 69.25 -42.31 53.64
CA VAL J 555 69.94 -42.47 54.91
C VAL J 555 71.17 -41.55 54.91
N MET J 556 71.53 -41.04 56.07
CA MET J 556 72.80 -40.37 56.24
C MET J 556 73.48 -41.00 57.45
N LEU J 557 74.79 -41.11 57.44
CA LEU J 557 75.56 -41.38 58.64
C LEU J 557 76.49 -40.20 58.87
N THR J 558 76.20 -39.50 59.96
CA THR J 558 77.06 -38.46 60.50
C THR J 558 77.79 -38.97 61.76
N ASP J 559 78.74 -38.29 62.42
CA ASP J 559 79.51 -38.92 63.51
C ASP J 559 78.76 -38.78 64.83
N HIS J 560 78.85 -39.81 65.69
CA HIS J 560 78.21 -39.73 66.99
C HIS J 560 78.99 -38.99 68.08
N ASP J 561 80.32 -39.06 68.09
CA ASP J 561 81.10 -38.27 69.04
C ASP J 561 81.04 -36.79 68.68
N GLU J 562 80.91 -36.48 67.38
CA GLU J 562 80.58 -35.12 66.96
C GLU J 562 79.15 -34.79 67.43
N ASP J 563 78.15 -35.60 66.94
CA ASP J 563 76.74 -35.32 67.20
C ASP J 563 76.29 -35.38 68.65
N THR J 564 76.84 -36.22 69.54
CA THR J 564 76.17 -36.33 70.82
C THR J 564 76.53 -35.08 71.60
N VAL J 565 75.48 -34.40 72.05
CA VAL J 565 75.66 -33.44 73.13
C VAL J 565 76.26 -34.17 74.34
N ALA J 566 77.21 -33.56 75.07
CA ALA J 566 77.64 -34.11 76.34
C ALA J 566 76.94 -33.32 77.43
N GLY J 567 76.60 -34.01 78.53
CA GLY J 567 75.94 -33.38 79.62
C GLY J 567 75.49 -34.47 80.54
N LEU J 568 74.83 -34.17 81.66
CA LEU J 568 74.42 -35.20 82.61
C LEU J 568 72.95 -35.04 82.97
N SER J 569 72.21 -36.06 82.50
CA SER J 569 70.74 -36.15 82.55
C SER J 569 70.20 -37.50 83.10
N GLU J 570 69.68 -38.53 82.37
CA GLU J 570 68.93 -39.63 82.98
C GLU J 570 69.17 -41.03 82.37
N ASN J 571 68.53 -42.11 82.84
CA ASN J 571 68.53 -43.42 82.17
C ASN J 571 67.85 -43.49 80.79
N ALA J 572 67.62 -44.69 80.24
CA ALA J 572 66.75 -44.85 79.08
C ALA J 572 65.30 -44.75 79.50
N VAL J 573 64.54 -43.84 78.88
CA VAL J 573 63.28 -43.38 79.45
C VAL J 573 62.29 -42.92 78.38
N CYS J 574 61.58 -41.79 78.54
CA CYS J 574 60.75 -41.16 77.52
C CYS J 574 61.62 -40.43 76.52
N SER J 575 62.41 -41.25 75.81
CA SER J 575 63.18 -40.78 74.70
C SER J 575 62.63 -41.42 73.45
N ASP J 576 61.56 -42.25 73.52
CA ASP J 576 61.07 -43.07 72.41
C ASP J 576 60.85 -42.19 71.20
N ALA J 577 60.00 -41.16 71.33
CA ALA J 577 59.92 -40.14 70.29
C ALA J 577 61.00 -39.04 70.32
N VAL J 578 62.31 -39.31 70.51
CA VAL J 578 63.33 -38.26 70.48
C VAL J 578 63.33 -37.34 69.27
N SER J 579 63.06 -37.81 68.06
CA SER J 579 62.96 -36.95 66.89
C SER J 579 61.91 -35.83 66.84
N TYR J 580 60.61 -36.06 66.82
CA TYR J 580 59.55 -35.07 66.62
C TYR J 580 59.17 -34.23 67.83
N CYS J 581 59.76 -34.66 68.93
CA CYS J 581 59.32 -34.29 70.26
C CYS J 581 60.58 -34.12 71.10
N GLY J 582 61.25 -35.21 71.53
CA GLY J 582 62.39 -35.07 72.41
C GLY J 582 62.46 -36.10 73.54
N ALA J 583 62.95 -35.61 74.67
CA ALA J 583 63.29 -36.42 75.83
C ALA J 583 63.16 -35.51 77.04
N ARG J 584 63.05 -35.96 78.28
CA ARG J 584 62.73 -35.03 79.37
C ARG J 584 63.88 -34.59 80.27
N ASP J 585 63.78 -33.29 80.50
CA ASP J 585 64.81 -32.37 80.96
C ASP J 585 66.23 -32.56 80.45
N ASP J 586 66.26 -32.75 79.14
CA ASP J 586 67.48 -32.94 78.38
C ASP J 586 67.32 -32.13 77.09
N ARG J 587 68.29 -32.14 76.16
CA ARG J 587 68.23 -31.34 74.94
C ARG J 587 67.88 -32.24 73.75
N TYR J 588 67.79 -31.69 72.53
CA TYR J 588 67.70 -32.54 71.34
C TYR J 588 69.08 -33.13 71.10
N PRO J 589 69.30 -34.45 71.32
CA PRO J 589 70.61 -35.13 71.40
C PRO J 589 71.66 -34.98 70.31
N ASP J 590 71.23 -34.36 69.22
CA ASP J 590 71.95 -34.29 67.98
C ASP J 590 72.19 -32.80 67.76
N LYS J 591 73.46 -32.54 67.51
CA LYS J 591 73.98 -31.24 67.14
C LYS J 591 73.23 -30.53 66.02
N LYS J 592 72.98 -31.27 64.93
CA LYS J 592 72.51 -30.63 63.73
C LYS J 592 71.03 -30.26 63.76
N ALA J 593 70.72 -29.26 62.93
CA ALA J 593 69.36 -28.78 62.80
C ALA J 593 68.46 -29.94 62.40
N MET J 594 67.32 -29.98 63.07
CA MET J 594 66.30 -30.96 62.77
C MET J 594 65.85 -30.77 61.34
N GLY J 595 66.16 -31.76 60.52
CA GLY J 595 65.95 -31.69 59.08
C GLY J 595 67.14 -32.26 58.33
N PHE J 596 68.33 -32.03 58.91
CA PHE J 596 69.63 -32.46 58.40
C PHE J 596 69.77 -33.88 57.86
N PRO J 597 70.20 -34.02 56.58
CA PRO J 597 70.72 -32.97 55.71
C PRO J 597 69.81 -31.84 55.20
N PHE J 598 68.51 -32.14 55.14
CA PHE J 598 67.58 -31.47 54.21
C PHE J 598 66.91 -30.18 54.68
N ASP J 599 67.65 -29.45 55.54
CA ASP J 599 67.25 -28.15 56.05
C ASP J 599 67.50 -27.03 55.05
N ARG J 600 68.66 -27.09 54.40
CA ARG J 600 69.07 -26.06 53.48
C ARG J 600 68.91 -26.25 51.97
N LYS J 601 69.39 -25.26 51.21
CA LYS J 601 69.29 -25.27 49.77
C LYS J 601 70.10 -26.39 49.12
N ILE J 602 69.52 -27.03 48.11
CA ILE J 602 70.25 -27.97 47.29
C ILE J 602 70.21 -27.38 45.89
N GLU J 603 71.38 -27.07 45.32
CA GLU J 603 71.49 -26.58 43.94
C GLU J 603 71.43 -27.68 42.87
N ALA J 604 71.55 -28.92 43.35
CA ALA J 604 71.64 -30.13 42.55
C ALA J 604 70.28 -30.64 42.08
N ARG J 605 70.18 -31.34 40.95
CA ARG J 605 68.89 -31.68 40.36
C ARG J 605 68.43 -33.08 40.73
N THR J 606 69.33 -33.96 41.16
CA THR J 606 68.88 -35.21 41.71
C THR J 606 69.44 -35.44 43.10
N ALA J 607 68.57 -36.07 43.91
CA ALA J 607 68.99 -36.72 45.14
C ALA J 607 70.17 -37.67 44.97
N ALA J 608 70.42 -38.17 43.75
CA ALA J 608 71.63 -38.89 43.45
C ALA J 608 72.88 -38.00 43.43
N GLU J 609 72.83 -36.75 42.93
CA GLU J 609 74.00 -35.87 42.91
C GLU J 609 74.48 -35.52 44.32
N PHE J 610 73.48 -35.42 45.20
CA PHE J 610 73.67 -35.13 46.60
C PHE J 610 74.30 -36.30 47.38
N LEU J 611 74.46 -37.47 46.76
CA LEU J 611 75.03 -38.62 47.44
C LEU J 611 76.50 -38.43 47.82
N THR J 612 76.75 -38.42 49.14
CA THR J 612 78.06 -38.72 49.66
C THR J 612 78.14 -40.23 49.95
N PRO J 613 79.32 -40.89 50.07
CA PRO J 613 79.44 -42.32 50.42
C PRO J 613 78.91 -42.77 51.79
N ASN J 614 78.45 -41.77 52.55
CA ASN J 614 77.71 -41.97 53.78
C ASN J 614 76.25 -41.52 53.68
N MET J 615 75.70 -41.57 52.46
CA MET J 615 74.29 -41.35 52.20
C MET J 615 73.75 -42.46 51.31
N GLY J 616 72.44 -42.72 51.27
CA GLY J 616 71.95 -43.82 50.47
C GLY J 616 70.44 -43.79 50.32
N LEU J 617 70.01 -43.77 49.06
CA LEU J 617 68.60 -43.83 48.70
C LEU J 617 68.29 -45.30 48.47
N THR J 618 67.22 -45.83 49.06
CA THR J 618 66.79 -47.18 48.78
C THR J 618 65.34 -47.05 48.34
N ASP J 619 65.05 -47.20 47.05
CA ASP J 619 63.74 -46.91 46.50
C ASP J 619 62.76 -48.00 46.89
N ILE J 620 61.71 -47.57 47.60
CA ILE J 620 60.77 -48.50 48.17
C ILE J 620 59.36 -48.17 47.75
N LYS J 621 58.59 -49.27 47.80
CA LYS J 621 57.18 -49.25 47.53
C LYS J 621 56.40 -49.28 48.83
N ILE J 622 55.19 -48.72 48.77
CA ILE J 622 54.18 -48.83 49.80
C ILE J 622 52.91 -49.28 49.09
N LYS J 623 52.18 -50.27 49.60
CA LYS J 623 50.92 -50.62 48.97
C LYS J 623 49.80 -50.72 49.98
N PHE J 624 48.69 -50.04 49.71
CA PHE J 624 47.54 -50.14 50.59
C PHE J 624 46.81 -51.46 50.40
N HIS J 625 46.79 -52.28 51.44
CA HIS J 625 45.89 -53.42 51.45
C HIS J 625 44.46 -52.93 51.56
N GLY J 626 43.80 -52.99 50.40
CA GLY J 626 42.35 -52.82 50.30
C GLY J 626 41.59 -53.87 51.11
N THR K 1 36.16 -40.14 -16.42
CA THR K 1 35.72 -41.34 -15.76
C THR K 1 36.10 -41.14 -14.31
N VAL K 2 35.58 -42.00 -13.43
CA VAL K 2 35.78 -41.85 -12.01
C VAL K 2 37.23 -42.06 -11.60
N ALA K 3 38.07 -42.77 -12.38
CA ALA K 3 39.50 -42.74 -12.13
C ALA K 3 40.05 -41.31 -12.31
N ASP K 4 39.95 -40.74 -13.52
CA ASP K 4 40.41 -39.37 -13.79
C ASP K 4 39.76 -38.31 -12.91
N LYS K 5 38.55 -38.61 -12.43
CA LYS K 5 37.86 -37.81 -11.42
C LYS K 5 38.77 -37.61 -10.22
N GLN K 6 39.13 -38.75 -9.60
CA GLN K 6 40.16 -38.78 -8.58
C GLN K 6 41.46 -38.13 -9.03
N ALA K 7 41.93 -38.47 -10.25
CA ALA K 7 43.20 -37.96 -10.75
C ALA K 7 43.23 -36.47 -11.12
N ARG K 8 42.13 -35.73 -10.97
CA ARG K 8 42.20 -34.29 -11.04
C ARG K 8 42.17 -33.62 -9.67
N LEU K 9 41.22 -33.97 -8.80
CA LEU K 9 41.06 -33.28 -7.53
C LEU K 9 42.26 -33.42 -6.62
N MET K 10 42.63 -34.67 -6.33
CA MET K 10 43.74 -34.95 -5.42
C MET K 10 45.07 -34.41 -5.95
N PRO K 11 45.45 -34.47 -7.24
CA PRO K 11 46.55 -33.67 -7.79
C PRO K 11 46.50 -32.19 -7.49
N LEU K 12 45.33 -31.54 -7.48
CA LEU K 12 45.23 -30.16 -7.02
C LEU K 12 45.51 -30.03 -5.53
N PHE K 13 45.03 -31.02 -4.75
CA PHE K 13 45.33 -31.10 -3.32
C PHE K 13 46.72 -31.65 -2.99
N LYS K 14 47.51 -32.01 -4.00
CA LYS K 14 48.94 -32.19 -3.78
C LYS K 14 49.67 -30.84 -3.67
N HIS K 15 49.68 -30.36 -2.41
CA HIS K 15 50.17 -29.06 -1.93
C HIS K 15 49.13 -27.95 -2.14
N LEU K 16 47.96 -28.15 -1.54
CA LEU K 16 46.77 -27.34 -1.77
C LEU K 16 46.86 -25.81 -1.63
N THR K 17 46.99 -25.26 -0.41
CA THR K 17 46.79 -23.84 -0.08
C THR K 17 47.20 -22.78 -1.11
N ALA K 18 48.41 -22.93 -1.65
CA ALA K 18 48.99 -21.99 -2.61
C ALA K 18 48.24 -21.74 -3.93
N LEU K 19 47.26 -22.61 -4.23
CA LEU K 19 46.32 -22.48 -5.32
C LEU K 19 45.47 -21.24 -5.06
N THR K 20 45.16 -20.87 -3.79
CA THR K 20 44.56 -19.59 -3.35
C THR K 20 45.14 -18.34 -4.00
N ARG K 21 46.47 -18.19 -4.11
CA ARG K 21 47.02 -17.06 -4.84
C ARG K 21 47.27 -17.46 -6.27
N GLU K 22 46.60 -16.85 -7.24
CA GLU K 22 46.86 -17.12 -8.65
C GLU K 22 46.32 -15.90 -9.40
N LYS K 23 45.72 -16.03 -10.59
CA LYS K 23 45.47 -14.86 -11.43
C LYS K 23 44.06 -14.86 -12.02
N LEU K 24 43.17 -13.98 -11.57
CA LEU K 24 41.94 -13.68 -12.29
C LEU K 24 41.81 -12.15 -12.34
N PRO K 25 41.67 -11.43 -13.49
CA PRO K 25 41.81 -9.98 -13.50
C PRO K 25 40.57 -9.24 -13.01
N LEU K 26 39.41 -9.76 -13.43
CA LEU K 26 38.11 -9.20 -13.14
C LEU K 26 37.14 -10.34 -12.85
N ASP K 27 36.53 -10.21 -11.68
CA ASP K 27 35.52 -11.09 -11.13
C ASP K 27 34.37 -11.43 -12.09
N GLN K 28 34.06 -10.42 -12.91
CA GLN K 28 32.89 -10.37 -13.78
C GLN K 28 32.59 -11.64 -14.57
N ARG K 29 33.67 -12.35 -14.94
CA ARG K 29 33.59 -13.69 -15.48
C ARG K 29 32.51 -14.58 -14.86
N ASP K 30 32.41 -14.57 -13.52
CA ASP K 30 31.45 -15.40 -12.82
C ASP K 30 30.41 -14.48 -12.19
N GLU K 31 29.58 -13.91 -13.07
CA GLU K 31 28.34 -13.23 -12.72
C GLU K 31 27.61 -13.90 -11.55
N ARG K 32 27.65 -15.24 -11.60
CA ARG K 32 27.36 -16.08 -10.45
C ARG K 32 27.92 -15.62 -9.10
N LEU K 33 29.24 -15.51 -8.92
CA LEU K 33 29.85 -15.16 -7.63
C LEU K 33 30.04 -13.67 -7.33
N LYS K 34 29.36 -12.83 -8.11
CA LYS K 34 29.23 -11.38 -7.92
C LYS K 34 29.67 -10.66 -6.63
N GLY K 35 29.05 -11.00 -5.50
CA GLY K 35 29.08 -10.14 -4.33
C GLY K 35 30.00 -10.68 -3.25
N VAL K 36 30.86 -11.64 -3.63
CA VAL K 36 31.80 -12.28 -2.74
C VAL K 36 33.20 -12.32 -3.34
N GLY K 37 34.07 -11.72 -2.54
CA GLY K 37 35.52 -11.77 -2.71
C GLY K 37 36.19 -10.86 -1.70
N ILE K 38 35.54 -10.80 -0.52
CA ILE K 38 35.70 -9.71 0.45
C ILE K 38 36.06 -10.10 1.88
N LEU K 39 36.67 -11.29 1.94
CA LEU K 39 37.46 -11.76 3.06
C LEU K 39 38.68 -12.18 2.26
N PRO K 40 39.72 -11.34 2.13
CA PRO K 40 40.83 -11.55 1.20
C PRO K 40 41.86 -12.54 1.69
N ARG K 41 41.99 -13.70 1.04
CA ARG K 41 42.94 -14.76 1.40
C ARG K 41 43.16 -15.04 2.89
N GLY K 42 44.38 -15.18 3.45
CA GLY K 42 44.56 -15.46 4.87
C GLY K 42 44.30 -14.30 5.82
N THR K 43 43.15 -13.62 5.71
CA THR K 43 42.59 -12.82 6.79
C THR K 43 41.68 -13.83 7.47
N LEU K 44 42.16 -14.38 8.59
CA LEU K 44 41.95 -15.79 8.82
C LEU K 44 40.53 -16.27 9.06
N PHE K 45 38.82 -16.34 8.90
CA PHE K 45 37.51 -16.95 8.88
C PHE K 45 37.04 -17.48 10.21
N SER K 46 36.02 -16.88 10.84
CA SER K 46 35.41 -17.48 12.02
C SER K 46 34.23 -18.24 11.42
N CYS K 47 34.21 -19.57 11.54
CA CYS K 47 33.12 -20.34 10.94
C CYS K 47 31.78 -19.93 11.54
N PHE K 48 31.78 -19.37 12.75
CA PHE K 48 30.53 -18.96 13.35
C PHE K 48 30.18 -17.47 13.29
N HIS K 49 31.06 -16.61 12.77
CA HIS K 49 30.69 -15.21 12.52
C HIS K 49 29.65 -15.06 11.40
N ALA K 50 28.44 -14.58 11.72
CA ALA K 50 27.23 -14.70 10.90
C ALA K 50 27.32 -14.41 9.42
N ARG K 51 28.06 -13.33 9.10
CA ARG K 51 28.19 -12.90 7.71
C ARG K 51 28.86 -13.94 6.83
N HIS K 52 29.81 -14.72 7.36
CA HIS K 52 30.58 -15.65 6.53
C HIS K 52 29.88 -16.91 6.07
N LEU K 53 28.89 -17.33 6.87
CA LEU K 53 27.93 -18.35 6.46
C LEU K 53 26.95 -17.85 5.41
N ALA K 54 26.44 -16.62 5.60
CA ALA K 54 25.65 -15.95 4.59
C ALA K 54 26.40 -15.78 3.27
N GLU K 55 27.64 -15.26 3.33
CA GLU K 55 28.56 -15.18 2.20
C GLU K 55 28.71 -16.56 1.58
N ALA K 56 28.98 -17.56 2.43
CA ALA K 56 29.06 -18.94 1.97
C ALA K 56 27.76 -19.47 1.37
N THR K 57 26.57 -18.98 1.74
CA THR K 57 25.34 -19.49 1.19
C THR K 57 25.06 -18.96 -0.21
N GLU K 58 25.64 -17.78 -0.53
CA GLU K 58 25.90 -17.37 -1.92
C GLU K 58 26.69 -18.45 -2.65
N LEU K 59 27.79 -18.88 -2.04
CA LEU K 59 28.61 -19.94 -2.59
C LEU K 59 27.93 -21.28 -2.62
N TYR K 60 27.09 -21.64 -1.64
CA TYR K 60 26.38 -22.89 -1.71
C TYR K 60 25.41 -22.84 -2.87
N VAL K 61 24.62 -21.76 -3.05
CA VAL K 61 23.69 -21.78 -4.17
C VAL K 61 24.32 -21.72 -5.56
N ALA K 62 25.42 -20.96 -5.67
CA ALA K 62 26.27 -21.03 -6.82
C ALA K 62 26.82 -22.45 -7.04
N LEU K 63 27.57 -23.02 -6.08
CA LEU K 63 28.29 -24.26 -6.34
C LEU K 63 27.39 -25.44 -6.70
N TYR K 64 26.20 -25.50 -6.10
CA TYR K 64 25.22 -26.49 -6.53
C TYR K 64 24.70 -26.44 -7.95
N GLY K 65 24.66 -25.28 -8.59
CA GLY K 65 24.19 -25.16 -9.98
C GLY K 65 25.28 -25.36 -11.06
N ALA K 66 25.37 -26.57 -11.64
CA ALA K 66 26.39 -26.88 -12.65
C ALA K 66 25.98 -27.57 -13.98
N LYS K 67 26.96 -28.16 -14.67
CA LYS K 67 26.77 -28.75 -16.00
C LYS K 67 27.23 -30.20 -16.09
N ASP K 68 28.45 -30.55 -16.52
CA ASP K 68 28.86 -31.95 -16.64
C ASP K 68 30.17 -32.13 -15.87
N PHE K 69 30.76 -33.32 -15.98
CA PHE K 69 32.00 -33.60 -15.26
C PHE K 69 33.18 -32.75 -15.72
N ASN K 70 33.11 -32.23 -16.96
CA ASN K 70 34.13 -31.35 -17.46
C ASN K 70 33.98 -29.95 -16.91
N ASP K 71 32.81 -29.35 -17.11
CA ASP K 71 32.61 -27.95 -16.73
C ASP K 71 32.80 -27.72 -15.22
N PHE K 72 32.44 -28.73 -14.43
CA PHE K 72 32.72 -28.74 -12.99
C PHE K 72 34.21 -28.47 -12.69
N ILE K 73 35.07 -29.22 -13.39
CA ILE K 73 36.51 -29.12 -13.21
C ILE K 73 36.98 -27.75 -13.65
N HIS K 74 36.48 -27.22 -14.77
CA HIS K 74 36.94 -25.91 -15.20
C HIS K 74 36.67 -24.80 -14.17
N LEU K 75 35.43 -24.77 -13.67
CA LEU K 75 35.08 -23.84 -12.60
C LEU K 75 36.06 -23.93 -11.44
N CYS K 76 36.36 -25.19 -11.07
CA CYS K 76 37.30 -25.48 -10.02
C CYS K 76 38.75 -25.11 -10.34
N GLU K 77 39.19 -25.11 -11.61
CA GLU K 77 40.49 -24.55 -11.94
C GLU K 77 40.47 -23.06 -11.64
N GLN K 78 39.44 -22.42 -12.20
CA GLN K 78 39.36 -20.98 -12.28
C GLN K 78 39.07 -20.25 -10.98
N ALA K 79 37.92 -20.44 -10.33
CA ALA K 79 37.59 -19.67 -9.12
C ALA K 79 38.64 -19.76 -8.02
N ARG K 80 39.33 -20.92 -8.01
CA ARG K 80 40.45 -21.14 -7.10
C ARG K 80 41.56 -20.11 -7.22
N GLN K 81 41.76 -19.59 -8.44
CA GLN K 81 42.79 -18.59 -8.70
C GLN K 81 42.82 -17.34 -7.81
N ILE K 82 41.81 -17.11 -6.98
CA ILE K 82 41.77 -15.90 -6.17
C ILE K 82 41.12 -16.06 -4.80
N VAL K 83 40.60 -17.23 -4.37
CA VAL K 83 39.63 -17.26 -3.26
C VAL K 83 40.13 -17.90 -1.97
N ASN K 84 39.44 -17.73 -0.84
CA ASN K 84 39.86 -18.42 0.38
C ASN K 84 39.59 -19.93 0.34
N GLU K 85 40.70 -20.62 0.05
CA GLU K 85 40.78 -22.06 -0.07
C GLU K 85 39.93 -22.77 0.95
N GLY K 86 39.91 -22.31 2.22
CA GLY K 86 39.18 -23.09 3.23
C GLY K 86 37.68 -23.25 2.94
N MET K 87 37.09 -22.16 2.47
CA MET K 87 35.69 -22.09 2.10
C MET K 87 35.48 -22.85 0.80
N PHE K 88 36.39 -22.63 -0.15
CA PHE K 88 36.37 -23.31 -1.43
C PHE K 88 36.42 -24.83 -1.27
N VAL K 89 37.36 -25.43 -0.51
CA VAL K 89 37.33 -26.86 -0.22
C VAL K 89 36.06 -27.29 0.51
N TYR K 90 35.52 -26.46 1.41
CA TYR K 90 34.27 -26.76 2.11
C TYR K 90 33.11 -26.86 1.10
N ALA K 91 33.15 -26.00 0.09
CA ALA K 91 32.14 -25.95 -0.95
C ALA K 91 32.30 -27.10 -1.93
N VAL K 92 33.51 -27.35 -2.42
CA VAL K 92 33.74 -28.48 -3.31
C VAL K 92 33.51 -29.79 -2.60
N SER K 93 33.77 -29.93 -1.30
CA SER K 93 33.45 -31.15 -0.58
C SER K 93 31.96 -31.25 -0.29
N VAL K 94 31.16 -30.20 -0.05
CA VAL K 94 29.70 -30.39 0.01
C VAL K 94 29.17 -30.76 -1.38
N ALA K 95 29.76 -30.22 -2.44
CA ALA K 95 29.44 -30.63 -3.78
C ALA K 95 29.86 -32.05 -4.16
N VAL K 96 31.13 -32.44 -3.98
CA VAL K 96 31.66 -33.69 -4.53
C VAL K 96 31.47 -34.87 -3.58
N LEU K 97 30.62 -34.58 -2.60
CA LEU K 97 29.78 -35.57 -1.96
C LEU K 97 28.40 -35.78 -2.60
N HIS K 98 27.71 -34.72 -3.07
CA HIS K 98 26.27 -34.80 -3.28
C HIS K 98 25.65 -34.41 -4.62
N ARG K 99 26.39 -34.05 -5.67
CA ARG K 99 25.75 -33.83 -6.95
C ARG K 99 26.33 -34.75 -8.01
N GLU K 100 25.43 -35.46 -8.70
CA GLU K 100 25.35 -36.91 -8.58
C GLU K 100 26.18 -37.63 -9.65
N ASP K 101 27.33 -37.06 -9.99
CA ASP K 101 28.21 -37.55 -11.06
C ASP K 101 29.54 -38.05 -10.51
N CYS K 102 29.49 -38.50 -9.25
CA CYS K 102 30.72 -38.67 -8.49
C CYS K 102 30.85 -39.88 -7.57
N LYS K 103 30.10 -41.00 -7.70
CA LYS K 103 30.26 -42.12 -6.77
C LYS K 103 31.66 -42.74 -6.88
N GLY K 104 32.31 -42.98 -5.73
CA GLY K 104 33.67 -43.50 -5.72
C GLY K 104 34.69 -42.37 -5.88
N ILE K 105 34.28 -41.10 -5.73
CA ILE K 105 35.26 -40.04 -5.59
C ILE K 105 35.55 -40.02 -4.10
N THR K 106 36.79 -39.71 -3.70
CA THR K 106 37.09 -39.67 -2.29
C THR K 106 37.54 -38.26 -2.01
N VAL K 107 37.12 -37.76 -0.84
CA VAL K 107 37.53 -36.45 -0.38
C VAL K 107 38.97 -36.56 0.11
N PRO K 108 39.89 -35.69 -0.34
CA PRO K 108 41.27 -35.64 0.17
C PRO K 108 41.32 -35.55 1.69
N PRO K 109 42.01 -36.48 2.37
CA PRO K 109 42.00 -36.60 3.83
C PRO K 109 42.50 -35.39 4.59
N ILE K 110 41.60 -34.77 5.35
CA ILE K 110 41.90 -33.53 6.09
C ILE K 110 43.10 -33.57 7.04
N GLN K 111 43.42 -34.76 7.54
CA GLN K 111 44.47 -34.92 8.53
C GLN K 111 45.80 -34.76 7.80
N GLU K 112 45.75 -35.24 6.55
CA GLU K 112 46.89 -35.28 5.67
C GLU K 112 47.02 -34.06 4.77
N VAL K 113 45.93 -33.39 4.35
CA VAL K 113 46.04 -32.08 3.72
C VAL K 113 46.22 -30.90 4.68
N PHE K 114 45.67 -30.99 5.89
CA PHE K 114 45.91 -29.99 6.91
C PHE K 114 46.31 -30.66 8.23
N PRO K 115 47.57 -31.13 8.38
CA PRO K 115 48.06 -31.76 9.60
C PRO K 115 48.20 -30.85 10.80
N ASP K 116 48.27 -29.54 10.53
CA ASP K 116 48.55 -28.49 11.50
C ASP K 116 47.53 -28.48 12.62
N ARG K 117 46.26 -28.65 12.27
CA ARG K 117 45.23 -28.74 13.29
C ARG K 117 45.15 -30.02 14.12
N PHE K 118 46.05 -30.97 13.85
CA PHE K 118 46.07 -32.27 14.52
C PHE K 118 47.29 -32.48 15.41
N VAL K 119 48.47 -32.01 14.99
CA VAL K 119 49.71 -32.29 15.70
C VAL K 119 50.37 -31.08 16.37
N PRO K 120 51.38 -31.26 17.24
CA PRO K 120 52.23 -30.17 17.75
C PRO K 120 53.02 -29.37 16.72
N ALA K 121 52.82 -28.06 16.82
CA ALA K 121 53.60 -27.04 16.12
C ALA K 121 55.08 -27.33 16.00
N GLU K 122 55.64 -27.81 17.13
CA GLU K 122 57.01 -28.32 17.21
C GLU K 122 57.33 -29.46 16.24
N THR K 123 56.52 -30.52 16.16
CA THR K 123 56.81 -31.63 15.25
C THR K 123 56.50 -31.32 13.78
N ILE K 124 55.75 -30.25 13.52
CA ILE K 124 55.57 -29.79 12.13
C ILE K 124 56.90 -29.17 11.72
N ASN K 125 57.32 -28.26 12.61
CA ASN K 125 58.52 -27.50 12.46
C ASN K 125 59.80 -28.33 12.46
N ARG K 126 59.84 -29.41 13.24
CA ARG K 126 61.00 -30.29 13.32
C ARG K 126 61.19 -31.02 11.99
N ALA K 127 60.13 -31.66 11.49
CA ALA K 127 60.18 -32.33 10.20
C ALA K 127 60.61 -31.38 9.08
N ASN K 128 59.92 -30.24 9.02
CA ASN K 128 60.33 -29.08 8.22
C ASN K 128 61.81 -28.77 8.37
N LYS K 129 62.26 -28.51 9.60
CA LYS K 129 63.64 -28.16 9.86
C LYS K 129 64.59 -29.30 9.51
N GLU K 130 64.21 -30.57 9.60
CA GLU K 130 65.11 -31.66 9.23
C GLU K 130 65.31 -31.75 7.72
N ALA K 131 64.29 -31.43 6.90
CA ALA K 131 64.46 -31.22 5.47
C ALA K 131 65.38 -30.05 5.15
N SER K 132 65.34 -28.96 5.94
CA SER K 132 66.38 -27.95 5.84
C SER K 132 67.71 -28.38 6.43
N ASN K 133 67.73 -29.36 7.35
CA ASN K 133 68.99 -29.80 7.95
C ASN K 133 69.78 -30.80 7.14
N HIS K 134 69.09 -31.63 6.36
CA HIS K 134 69.75 -32.59 5.50
C HIS K 134 69.04 -32.51 4.15
N PRO K 135 69.41 -31.71 3.15
CA PRO K 135 68.76 -31.69 1.84
C PRO K 135 68.99 -32.99 1.05
N ASP K 136 68.21 -34.00 1.40
CA ASP K 136 68.33 -35.31 0.82
C ASP K 136 66.92 -35.89 0.66
N GLN K 137 66.83 -36.99 -0.10
CA GLN K 137 65.57 -37.65 -0.38
C GLN K 137 65.13 -38.58 0.77
N GLN K 138 65.97 -38.79 1.80
CA GLN K 138 65.57 -39.52 3.01
C GLN K 138 64.36 -38.97 3.75
N SER K 139 63.51 -39.91 4.12
CA SER K 139 62.34 -39.65 4.94
C SER K 139 62.76 -39.15 6.32
N ILE K 140 61.86 -38.48 7.01
CA ILE K 140 62.10 -37.97 8.35
C ILE K 140 60.93 -38.50 9.18
N VAL K 141 61.21 -38.93 10.41
CA VAL K 141 60.17 -39.39 11.30
C VAL K 141 60.44 -38.67 12.61
N VAL K 142 59.42 -38.03 13.18
CA VAL K 142 59.61 -37.25 14.40
C VAL K 142 58.64 -37.81 15.42
N GLU K 143 59.10 -37.99 16.66
CA GLU K 143 58.25 -38.48 17.73
C GLU K 143 57.49 -37.33 18.37
N ALA K 144 56.19 -37.35 18.11
CA ALA K 144 55.27 -36.30 18.54
C ALA K 144 55.21 -36.09 20.04
N GLU K 145 55.49 -37.17 20.79
CA GLU K 145 55.36 -37.23 22.24
C GLU K 145 55.71 -36.00 23.08
N GLU K 146 56.81 -35.29 22.76
CA GLU K 146 57.32 -34.15 23.53
C GLU K 146 57.80 -34.50 24.95
N THR K 147 58.26 -33.55 25.77
CA THR K 147 58.66 -33.80 27.16
C THR K 147 58.35 -32.48 27.84
N GLY K 148 57.72 -32.50 29.01
CA GLY K 148 57.30 -31.26 29.63
C GLY K 148 56.81 -31.49 31.05
N ASN K 149 56.63 -30.39 31.78
CA ASN K 149 56.18 -30.45 33.16
C ASN K 149 54.66 -30.61 33.12
N ILE K 150 54.21 -31.79 33.51
CA ILE K 150 52.79 -32.11 33.43
C ILE K 150 52.16 -31.58 34.70
N LEU K 151 51.96 -30.25 34.78
CA LEU K 151 51.26 -29.66 35.91
C LEU K 151 49.82 -30.12 35.82
N ASP K 152 49.25 -29.84 34.66
CA ASP K 152 47.83 -30.07 34.43
C ASP K 152 47.44 -31.55 34.46
N PRO K 153 46.40 -31.96 35.20
CA PRO K 153 45.84 -33.32 35.19
C PRO K 153 45.19 -33.72 33.86
N GLU K 154 44.41 -32.79 33.28
CA GLU K 154 43.61 -33.00 32.08
C GLU K 154 44.39 -33.53 30.88
N TYR K 155 45.68 -33.19 30.78
CA TYR K 155 46.61 -33.68 29.76
C TYR K 155 46.59 -35.21 29.58
N LYS K 156 46.24 -35.95 30.65
CA LYS K 156 45.96 -37.38 30.54
C LYS K 156 44.98 -37.66 29.40
N LEU K 157 43.80 -37.03 29.39
CA LEU K 157 42.73 -37.36 28.46
C LEU K 157 42.97 -36.99 27.00
N SER K 158 44.17 -36.44 26.78
CA SER K 158 44.68 -36.09 25.48
C SER K 158 45.08 -37.31 24.65
N TYR K 159 44.95 -38.54 25.17
CA TYR K 159 44.90 -39.72 24.33
C TYR K 159 43.70 -39.74 23.38
N PHE K 160 42.55 -39.29 23.92
CA PHE K 160 41.24 -39.42 23.31
C PHE K 160 40.90 -38.18 22.50
N ARG K 161 40.90 -37.03 23.18
CA ARG K 161 40.39 -35.77 22.64
C ARG K 161 41.06 -35.31 21.35
N GLU K 162 42.38 -35.50 21.37
CA GLU K 162 43.27 -34.92 20.39
C GLU K 162 43.61 -35.86 19.23
N ASP K 163 42.89 -36.97 19.16
CA ASP K 163 43.20 -38.07 18.27
C ASP K 163 42.82 -37.79 16.82
N ILE K 164 43.56 -38.42 15.91
CA ILE K 164 43.48 -38.13 14.48
C ILE K 164 42.08 -38.41 13.91
N GLY K 165 41.65 -39.63 14.24
CA GLY K 165 40.40 -40.20 13.75
C GLY K 165 39.20 -39.57 14.44
N ILE K 166 39.39 -39.30 15.74
CA ILE K 166 38.45 -38.48 16.50
C ILE K 166 38.19 -37.20 15.72
N ASN K 167 39.21 -36.37 15.52
CA ASN K 167 38.98 -35.03 14.98
C ASN K 167 38.56 -34.94 13.52
N ALA K 168 39.04 -35.92 12.76
CA ALA K 168 38.59 -36.13 11.39
C ALA K 168 37.12 -36.50 11.34
N HIS K 169 36.65 -37.49 12.14
CA HIS K 169 35.24 -37.87 12.19
C HIS K 169 34.35 -36.67 12.37
N HIS K 170 34.83 -35.80 13.27
CA HIS K 170 34.14 -34.61 13.64
C HIS K 170 33.90 -33.68 12.45
N TRP K 171 34.91 -33.34 11.66
CA TRP K 171 34.69 -32.59 10.41
C TRP K 171 33.75 -33.37 9.49
N HIS K 172 34.13 -34.61 9.17
CA HIS K 172 33.32 -35.50 8.34
C HIS K 172 31.85 -35.65 8.64
N TRP K 173 31.43 -35.66 9.90
CA TRP K 173 30.02 -35.73 10.25
C TRP K 173 29.26 -34.52 9.73
N HIS K 174 29.84 -33.33 9.90
CA HIS K 174 29.23 -32.09 9.41
C HIS K 174 29.62 -31.72 7.99
N ILE K 175 30.52 -32.47 7.38
CA ILE K 175 30.62 -32.38 5.94
C ILE K 175 29.51 -33.24 5.31
N VAL K 176 29.16 -34.38 5.93
CA VAL K 176 28.02 -35.16 5.46
C VAL K 176 26.67 -34.54 5.84
N TYR K 177 26.57 -33.84 6.98
CA TYR K 177 25.40 -33.03 7.33
C TYR K 177 25.72 -31.53 7.54
N PRO K 178 25.81 -30.68 6.50
CA PRO K 178 26.00 -29.24 6.66
C PRO K 178 24.76 -28.49 7.14
N ALA K 179 24.97 -27.55 8.09
CA ALA K 179 23.89 -26.73 8.63
C ALA K 179 23.12 -25.96 7.56
N THR K 180 23.85 -25.50 6.57
CA THR K 180 23.33 -24.87 5.38
C THR K 180 22.82 -25.82 4.30
N TRP K 181 22.65 -27.12 4.53
CA TRP K 181 21.92 -27.96 3.60
C TRP K 181 20.47 -27.49 3.49
N ASN K 182 20.22 -26.60 2.54
CA ASN K 182 18.88 -26.41 2.01
C ASN K 182 18.44 -27.69 1.27
N PRO K 183 17.31 -28.32 1.59
CA PRO K 183 16.76 -29.45 0.84
C PRO K 183 16.25 -29.12 -0.57
N THR K 184 15.49 -28.03 -0.75
CA THR K 184 14.72 -27.80 -1.97
C THR K 184 15.63 -27.46 -3.14
N VAL K 185 16.46 -26.44 -2.95
CA VAL K 185 17.40 -25.98 -3.97
C VAL K 185 18.46 -27.04 -4.27
N MET K 186 18.68 -27.97 -3.33
CA MET K 186 19.52 -29.14 -3.55
C MET K 186 18.73 -30.45 -3.72
N GLY K 187 17.44 -30.36 -4.09
CA GLY K 187 16.69 -31.49 -4.63
C GLY K 187 16.15 -32.51 -3.63
N LYS K 188 16.91 -32.82 -2.58
CA LYS K 188 16.59 -33.87 -1.61
C LYS K 188 17.10 -33.53 -0.20
N GLU K 189 16.61 -34.29 0.77
CA GLU K 189 16.82 -34.01 2.17
C GLU K 189 17.79 -34.93 2.90
N LYS K 190 17.98 -34.62 4.19
CA LYS K 190 18.99 -35.29 4.98
C LYS K 190 18.39 -35.90 6.23
N ASP K 191 18.24 -37.22 6.10
CA ASP K 191 17.60 -38.02 7.12
C ASP K 191 18.11 -37.92 8.54
N ARG K 192 17.10 -37.41 9.26
CA ARG K 192 17.13 -37.26 10.71
C ARG K 192 18.21 -36.38 11.32
N LYS K 193 18.63 -35.36 10.57
CA LYS K 193 19.85 -34.63 10.90
C LYS K 193 19.88 -33.98 12.26
N GLY K 194 18.76 -33.46 12.79
CA GLY K 194 18.73 -32.83 14.08
C GLY K 194 18.93 -33.83 15.20
N GLU K 195 18.06 -34.85 15.21
CA GLU K 195 18.17 -35.92 16.21
C GLU K 195 19.54 -36.59 16.19
N LEU K 196 19.98 -36.93 14.97
CA LEU K 196 21.27 -37.59 14.83
C LEU K 196 22.36 -36.68 15.37
N PHE K 197 22.14 -35.36 15.21
CA PHE K 197 22.99 -34.32 15.78
C PHE K 197 22.97 -34.21 17.29
N PHE K 198 21.86 -34.46 17.99
CA PHE K 198 21.89 -34.69 19.43
C PHE K 198 22.86 -35.84 19.72
N TYR K 199 22.46 -36.97 19.12
CA TYR K 199 22.96 -38.27 19.49
C TYR K 199 24.46 -38.42 19.35
N MET K 200 24.98 -38.28 18.12
CA MET K 200 26.41 -38.39 17.85
C MET K 200 27.23 -37.56 18.85
N HIS K 201 26.68 -36.41 19.23
CA HIS K 201 27.39 -35.52 20.14
C HIS K 201 27.31 -36.01 21.59
N GLN K 202 26.15 -36.54 22.03
CA GLN K 202 26.04 -37.23 23.31
C GLN K 202 26.97 -38.41 23.31
N GLN K 203 26.91 -39.33 22.33
CA GLN K 203 27.82 -40.48 22.28
C GLN K 203 29.27 -40.10 22.36
N MET K 204 29.73 -39.05 21.65
CA MET K 204 31.07 -38.52 21.89
C MET K 204 31.37 -38.18 23.35
N CYS K 205 30.51 -37.33 23.92
CA CYS K 205 30.69 -36.87 25.29
C CYS K 205 30.41 -37.91 26.36
N ALA K 206 29.75 -39.03 26.02
CA ALA K 206 29.55 -40.15 26.92
C ALA K 206 30.75 -41.09 26.93
N ARG K 207 31.33 -41.30 25.75
CA ARG K 207 32.63 -41.95 25.68
C ARG K 207 33.68 -41.18 26.48
N TYR K 208 33.73 -39.87 26.26
CA TYR K 208 34.48 -38.96 27.12
C TYR K 208 34.10 -39.09 28.58
N ASP K 209 32.82 -38.94 28.98
CA ASP K 209 32.46 -39.09 30.38
C ASP K 209 32.88 -40.39 31.05
N SER K 210 32.99 -41.45 30.26
CA SER K 210 33.65 -42.65 30.72
C SER K 210 35.14 -42.40 30.91
N GLU K 211 35.83 -41.92 29.86
CA GLU K 211 37.25 -41.59 29.90
C GLU K 211 37.56 -40.70 31.10
N ARG K 212 36.67 -39.80 31.55
CA ARG K 212 36.88 -39.10 32.82
C ARG K 212 36.90 -39.99 34.06
N LEU K 213 35.88 -40.83 34.22
CA LEU K 213 35.83 -41.82 35.29
C LEU K 213 36.88 -42.92 35.21
N SER K 214 37.38 -43.25 34.04
CA SER K 214 38.37 -44.30 33.90
C SER K 214 39.65 -43.92 34.65
N ASN K 215 39.96 -42.64 34.41
CA ASN K 215 41.04 -41.90 35.03
C ASN K 215 40.85 -41.65 36.53
N GLY K 216 39.64 -41.84 37.05
CA GLY K 216 39.34 -41.51 38.43
C GLY K 216 39.08 -40.01 38.58
N LEU K 217 38.45 -39.45 37.55
CA LEU K 217 37.90 -38.11 37.65
C LEU K 217 36.39 -38.22 37.56
N GLN K 218 35.70 -37.08 37.72
CA GLN K 218 34.26 -37.00 37.55
C GLN K 218 33.85 -36.75 36.10
N ARG K 219 32.61 -37.10 35.73
CA ARG K 219 31.96 -36.67 34.48
C ARG K 219 32.08 -35.16 34.26
N MET K 220 32.05 -34.74 32.99
CA MET K 220 32.34 -33.36 32.65
C MET K 220 31.15 -32.46 32.94
N ILE K 221 31.45 -31.39 33.68
CA ILE K 221 30.48 -30.37 34.05
C ILE K 221 29.93 -29.48 32.93
N PRO K 222 28.60 -29.38 32.74
CA PRO K 222 27.94 -28.54 31.73
C PRO K 222 27.98 -27.02 31.86
N PHE K 223 27.96 -26.29 30.72
CA PHE K 223 28.01 -24.84 30.72
C PHE K 223 26.58 -24.37 30.91
N HIS K 224 26.10 -24.58 32.13
CA HIS K 224 24.74 -24.25 32.46
C HIS K 224 24.59 -22.75 32.69
N ASN K 225 25.59 -22.06 33.20
CA ASN K 225 25.49 -20.64 33.44
C ASN K 225 26.51 -20.01 32.49
N PHE K 226 26.27 -18.75 32.11
CA PHE K 226 27.13 -18.03 31.19
C PHE K 226 28.20 -17.21 31.89
N ASP K 227 27.91 -16.79 33.14
CA ASP K 227 28.84 -16.01 33.95
C ASP K 227 30.14 -16.78 34.18
N GLU K 228 29.99 -18.05 34.57
CA GLU K 228 31.07 -18.93 35.01
C GLU K 228 32.23 -19.11 34.03
N PRO K 229 33.47 -18.81 34.44
CA PRO K 229 34.68 -18.90 33.63
C PRO K 229 34.95 -20.17 32.83
N LEU K 230 35.67 -20.00 31.72
CA LEU K 230 36.12 -21.10 30.89
C LEU K 230 37.56 -21.46 31.25
N GLU K 231 37.78 -22.78 31.20
CA GLU K 231 39.06 -23.42 31.48
C GLU K 231 40.15 -22.98 30.52
N GLY K 232 41.37 -23.16 30.99
CA GLY K 232 42.56 -22.77 30.26
C GLY K 232 43.12 -23.92 29.47
N TYR K 233 43.60 -23.60 28.28
CA TYR K 233 44.13 -24.60 27.36
C TYR K 233 45.00 -24.01 26.27
N ALA K 234 46.07 -24.75 26.00
CA ALA K 234 46.96 -24.51 24.88
C ALA K 234 47.03 -25.71 23.92
N PRO K 235 46.42 -25.65 22.73
CA PRO K 235 46.38 -26.75 21.77
C PRO K 235 47.73 -27.22 21.26
N HIS K 236 48.69 -26.29 21.24
CA HIS K 236 50.03 -26.45 20.70
C HIS K 236 50.04 -26.65 19.20
N LEU K 237 49.25 -25.83 18.50
CA LEU K 237 49.00 -25.98 17.06
C LEU K 237 49.29 -24.66 16.35
N THR K 238 50.36 -24.54 15.54
CA THR K 238 50.53 -23.38 14.68
C THR K 238 49.98 -23.69 13.30
N SER K 239 49.32 -22.75 12.61
CA SER K 239 48.66 -23.06 11.36
C SER K 239 49.57 -23.00 10.13
N LEU K 240 49.60 -24.03 9.27
CA LEU K 240 50.44 -24.05 8.08
C LEU K 240 50.10 -23.02 7.01
N VAL K 241 48.95 -22.33 7.14
CA VAL K 241 48.55 -21.31 6.19
C VAL K 241 49.35 -20.01 6.26
N SER K 242 50.13 -19.80 7.31
CA SER K 242 50.87 -18.56 7.53
C SER K 242 51.92 -18.85 8.59
N GLY K 243 52.26 -17.88 9.44
CA GLY K 243 53.12 -18.14 10.61
C GLY K 243 52.32 -18.28 11.89
N LEU K 244 51.13 -17.67 11.95
CA LEU K 244 50.37 -17.50 13.19
C LEU K 244 49.81 -18.78 13.82
N GLN K 245 49.07 -18.64 14.93
CA GLN K 245 48.53 -19.80 15.60
C GLN K 245 47.25 -19.46 16.32
N TYR K 246 46.54 -20.54 16.60
CA TYR K 246 45.35 -20.51 17.43
C TYR K 246 45.79 -19.96 18.78
N ALA K 247 45.44 -18.70 19.02
CA ALA K 247 45.63 -18.08 20.33
C ALA K 247 44.98 -18.92 21.41
N SER K 248 45.68 -19.16 22.52
CA SER K 248 45.25 -20.21 23.41
C SER K 248 44.69 -19.64 24.70
N ARG K 249 43.68 -20.27 25.31
CA ARG K 249 42.88 -19.60 26.33
C ARG K 249 43.49 -19.72 27.72
N PRO K 250 43.77 -18.61 28.39
CA PRO K 250 43.97 -18.60 29.82
C PRO K 250 42.65 -18.84 30.55
N GLU K 251 42.77 -19.53 31.67
CA GLU K 251 41.67 -19.80 32.58
C GLU K 251 41.07 -18.53 33.15
N GLY K 252 39.85 -18.65 33.68
CA GLY K 252 39.24 -17.56 34.42
C GLY K 252 38.69 -16.47 33.51
N TYR K 253 38.23 -16.87 32.31
CA TYR K 253 37.62 -15.91 31.43
C TYR K 253 36.13 -16.14 31.34
N SER K 254 35.42 -15.06 31.67
CA SER K 254 33.99 -15.01 31.41
C SER K 254 33.72 -14.76 29.93
N ILE K 255 32.49 -15.17 29.58
CA ILE K 255 32.03 -15.18 28.22
C ILE K 255 31.72 -13.73 27.80
N HIS K 256 31.91 -13.39 26.54
CA HIS K 256 31.82 -12.01 26.15
C HIS K 256 30.94 -11.85 24.94
N ASP K 257 30.20 -10.74 24.91
CA ASP K 257 29.33 -10.37 23.80
C ASP K 257 30.09 -10.23 22.49
N LEU K 258 29.33 -10.26 21.39
CA LEU K 258 29.93 -10.24 20.05
C LEU K 258 29.42 -9.03 19.27
N SER K 259 30.14 -8.58 18.23
CA SER K 259 29.55 -7.65 17.26
C SER K 259 28.29 -8.18 16.56
N ASP K 260 28.08 -9.50 16.61
CA ASP K 260 26.85 -10.09 16.12
C ASP K 260 25.79 -10.18 17.20
N VAL K 261 25.99 -11.07 18.19
CA VAL K 261 24.97 -11.36 19.20
C VAL K 261 25.43 -11.00 20.61
N ASP K 262 24.53 -10.45 21.40
CA ASP K 262 24.77 -10.26 22.82
C ASP K 262 24.59 -11.56 23.60
N VAL K 263 25.30 -11.71 24.72
CA VAL K 263 25.17 -12.91 25.57
C VAL K 263 23.73 -13.07 26.07
N GLN K 264 23.11 -11.89 26.21
CA GLN K 264 21.69 -11.77 26.46
C GLN K 264 20.83 -12.41 25.37
N ASP K 265 20.91 -12.13 24.05
CA ASP K 265 20.02 -12.77 23.06
C ASP K 265 20.24 -14.26 22.99
N MET K 266 21.46 -14.70 23.33
CA MET K 266 21.75 -16.11 23.64
C MET K 266 20.90 -16.64 24.79
N VAL K 267 20.88 -15.90 25.92
CA VAL K 267 20.09 -16.24 27.09
C VAL K 267 18.60 -16.26 26.75
N ARG K 268 18.18 -15.32 25.92
CA ARG K 268 16.78 -15.30 25.62
C ARG K 268 16.43 -16.47 24.71
N TRP K 269 17.26 -16.82 23.71
CA TRP K 269 17.07 -18.01 22.89
C TRP K 269 16.89 -19.29 23.69
N ARG K 270 17.65 -19.42 24.79
CA ARG K 270 17.51 -20.59 25.62
C ARG K 270 16.13 -20.58 26.27
N GLU K 271 15.63 -19.40 26.63
CA GLU K 271 14.37 -19.36 27.38
C GLU K 271 13.21 -19.55 26.42
N ARG K 272 13.27 -18.86 25.28
CA ARG K 272 12.41 -19.10 24.12
C ARG K 272 12.28 -20.59 23.72
N ILE K 273 13.31 -21.42 23.96
CA ILE K 273 13.24 -22.85 23.65
C ILE K 273 12.62 -23.65 24.81
N LEU K 274 13.17 -23.48 26.01
CA LEU K 274 12.87 -24.42 27.09
C LEU K 274 11.41 -24.30 27.53
N ASP K 275 10.93 -23.07 27.35
CA ASP K 275 9.52 -22.79 27.42
C ASP K 275 8.67 -23.53 26.40
N ALA K 276 9.11 -23.58 25.14
CA ALA K 276 8.45 -24.33 24.09
C ALA K 276 8.48 -25.84 24.31
N ILE K 277 9.46 -26.36 25.05
CA ILE K 277 9.38 -27.72 25.57
C ILE K 277 8.21 -27.86 26.55
N ASN K 278 8.10 -26.98 27.55
CA ASN K 278 7.04 -27.04 28.55
C ASN K 278 5.67 -26.90 27.88
N MET K 279 5.60 -25.98 26.91
CA MET K 279 4.41 -25.79 26.08
C MET K 279 4.26 -26.91 25.06
N HIS K 280 5.32 -27.66 24.73
CA HIS K 280 5.31 -28.78 23.81
C HIS K 280 5.08 -28.45 22.33
N TYR K 281 5.48 -27.26 21.87
CA TYR K 281 5.35 -26.90 20.47
C TYR K 281 6.39 -25.88 19.97
N ILE K 282 6.43 -25.72 18.64
CA ILE K 282 7.27 -24.72 17.96
C ILE K 282 6.55 -23.89 16.88
N VAL K 283 6.98 -22.63 16.86
CA VAL K 283 6.49 -21.68 15.87
C VAL K 283 7.54 -21.57 14.79
N ASP K 284 7.14 -22.00 13.60
CA ASP K 284 8.00 -21.88 12.42
C ASP K 284 8.02 -20.44 11.92
N LYS K 285 8.85 -20.11 10.92
CA LYS K 285 8.87 -18.78 10.32
C LYS K 285 7.60 -18.20 9.70
N ASP K 286 6.50 -18.97 9.76
CA ASP K 286 5.17 -18.53 9.40
C ASP K 286 4.28 -18.25 10.61
N ASN K 287 4.73 -18.55 11.85
CA ASN K 287 3.99 -18.40 13.13
C ASN K 287 3.09 -19.58 13.55
N ASN K 288 2.99 -20.61 12.70
CA ASN K 288 2.09 -21.73 12.94
C ASN K 288 2.71 -22.78 13.85
N LYS K 289 1.92 -23.22 14.83
CA LYS K 289 2.41 -24.12 15.87
C LYS K 289 2.46 -25.56 15.38
N ILE K 290 3.63 -26.15 15.10
CA ILE K 290 3.69 -27.59 14.82
C ILE K 290 4.08 -28.39 16.07
N PRO K 291 3.61 -29.62 16.37
CA PRO K 291 3.84 -30.30 17.65
C PRO K 291 5.26 -30.77 17.97
N LEU K 292 5.65 -30.58 19.22
CA LEU K 292 6.81 -31.30 19.75
C LEU K 292 6.36 -32.66 20.25
N ASP K 293 6.09 -33.43 19.18
CA ASP K 293 5.65 -34.81 19.25
C ASP K 293 6.74 -35.69 19.85
N ILE K 294 6.39 -36.94 20.18
CA ILE K 294 7.34 -37.88 20.76
C ILE K 294 8.46 -38.17 19.76
N GLU K 295 8.09 -38.70 18.59
CA GLU K 295 9.08 -39.10 17.59
C GLU K 295 9.83 -37.88 17.06
N HIS K 296 9.08 -37.04 16.35
CA HIS K 296 9.63 -35.99 15.50
C HIS K 296 10.41 -34.94 16.27
N GLY K 297 9.92 -34.68 17.48
CA GLY K 297 10.41 -33.63 18.37
C GLY K 297 11.91 -33.46 18.44
N THR K 298 12.67 -34.55 18.34
CA THR K 298 14.11 -34.46 18.56
C THR K 298 14.87 -34.07 17.30
N ASP K 299 14.31 -34.43 16.14
CA ASP K 299 14.88 -34.00 14.88
C ASP K 299 14.57 -32.51 14.76
N ILE K 300 13.34 -32.15 15.13
CA ILE K 300 12.92 -30.76 15.04
C ILE K 300 13.42 -29.84 16.17
N LEU K 301 13.88 -30.38 17.30
CA LEU K 301 14.62 -29.59 18.28
C LEU K 301 16.09 -29.47 17.88
N GLY K 302 16.62 -30.54 17.29
CA GLY K 302 18.02 -30.59 16.86
C GLY K 302 18.35 -29.70 15.67
N ASP K 303 17.48 -29.67 14.65
CA ASP K 303 17.68 -28.78 13.50
C ASP K 303 17.68 -27.31 13.89
N ILE K 304 16.68 -26.98 14.71
CA ILE K 304 16.44 -25.69 15.34
C ILE K 304 17.53 -25.14 16.24
N ILE K 305 18.00 -25.94 17.19
CA ILE K 305 19.06 -25.51 18.07
C ILE K 305 20.41 -25.27 17.38
N GLU K 306 20.72 -26.02 16.29
CA GLU K 306 22.02 -25.97 15.62
C GLU K 306 22.49 -24.62 15.10
N SER K 307 21.88 -23.78 14.25
CA SER K 307 20.58 -23.99 13.64
C SER K 307 20.84 -24.53 12.26
N SER K 308 19.91 -25.18 11.57
CA SER K 308 20.13 -25.45 10.16
C SER K 308 19.39 -24.43 9.31
N ASP K 309 19.50 -24.46 7.97
CA ASP K 309 18.46 -23.88 7.12
C ASP K 309 17.11 -24.52 7.39
N GLU K 310 17.11 -25.84 7.67
CA GLU K 310 15.95 -26.53 8.20
C GLU K 310 15.42 -26.04 9.55
N SER K 311 16.07 -25.07 10.21
CA SER K 311 15.60 -24.51 11.46
C SER K 311 14.38 -23.69 11.16
N LYS K 312 13.30 -24.33 11.59
CA LYS K 312 11.94 -23.85 11.41
C LYS K 312 11.77 -22.43 11.89
N ASN K 313 12.42 -22.05 13.01
CA ASN K 313 12.68 -20.64 13.21
C ASN K 313 14.12 -20.40 13.63
N VAL K 314 14.63 -19.37 12.96
CA VAL K 314 15.99 -18.92 13.11
C VAL K 314 16.11 -17.75 14.06
N GLU K 315 15.24 -16.73 14.01
CA GLU K 315 15.41 -15.53 14.83
C GLU K 315 14.99 -15.74 16.28
N TYR K 316 13.88 -16.49 16.34
CA TYR K 316 13.24 -16.95 17.56
C TYR K 316 14.17 -17.92 18.26
N TYR K 317 14.62 -19.04 17.67
CA TYR K 317 15.44 -20.02 18.39
C TYR K 317 16.94 -19.79 18.30
N GLY K 318 17.38 -18.90 17.41
CA GLY K 318 18.79 -18.60 17.24
C GLY K 318 19.47 -19.68 16.41
N SER K 319 20.78 -19.81 16.68
CA SER K 319 21.55 -20.99 16.33
C SER K 319 22.37 -21.37 17.58
N LEU K 320 21.72 -21.59 18.73
CA LEU K 320 22.32 -21.44 20.05
C LEU K 320 23.60 -22.25 20.22
N HIS K 321 23.53 -23.43 19.58
CA HIS K 321 24.67 -24.34 19.48
C HIS K 321 25.91 -23.72 18.85
N ASN K 322 25.77 -23.26 17.59
CA ASN K 322 26.86 -22.64 16.83
C ASN K 322 27.32 -21.36 17.50
N TRP K 323 26.32 -20.55 17.87
CA TRP K 323 26.59 -19.25 18.45
C TRP K 323 27.45 -19.35 19.69
N GLY K 324 27.14 -20.24 20.64
CA GLY K 324 28.00 -20.51 21.80
C GLY K 324 29.44 -20.81 21.43
N HIS K 325 29.59 -21.50 20.29
CA HIS K 325 30.92 -21.76 19.75
C HIS K 325 31.67 -20.48 19.41
N VAL K 326 31.08 -19.45 18.78
CA VAL K 326 31.83 -18.22 18.49
C VAL K 326 32.35 -17.64 19.79
N MET K 327 31.41 -17.28 20.68
CA MET K 327 31.75 -16.71 21.98
C MET K 327 32.70 -17.54 22.83
N MET K 328 32.64 -18.88 22.83
CA MET K 328 33.57 -19.68 23.64
C MET K 328 34.98 -19.77 23.08
N ALA K 329 35.13 -19.40 21.80
CA ALA K 329 36.37 -19.56 21.05
C ALA K 329 37.07 -18.24 20.74
N ASN K 330 36.27 -17.20 20.59
CA ASN K 330 36.81 -15.84 20.59
C ASN K 330 36.81 -15.20 21.99
N ILE K 331 36.94 -16.06 22.99
CA ILE K 331 37.07 -15.74 24.41
C ILE K 331 38.31 -14.90 24.77
N THR K 332 39.19 -14.75 23.79
CA THR K 332 40.35 -13.89 23.90
C THR K 332 39.96 -12.47 23.47
N ASP K 333 39.04 -12.41 22.49
CA ASP K 333 38.91 -11.27 21.60
C ASP K 333 37.62 -11.31 20.78
N PRO K 334 36.43 -11.03 21.34
CA PRO K 334 35.21 -10.93 20.55
C PRO K 334 35.14 -9.69 19.67
N ASP K 335 35.45 -8.50 20.19
CA ASP K 335 35.54 -7.23 19.45
C ASP K 335 36.44 -7.35 18.24
N HIS K 336 37.49 -8.15 18.39
CA HIS K 336 38.36 -8.60 17.32
C HIS K 336 39.36 -7.58 16.78
N ARG K 337 39.49 -6.51 17.57
CA ARG K 337 40.44 -5.43 17.32
C ARG K 337 41.88 -5.90 17.08
N PHE K 338 42.34 -6.88 17.86
CA PHE K 338 43.74 -7.31 17.83
C PHE K 338 44.05 -8.59 17.08
N GLN K 339 43.07 -9.11 16.33
CA GLN K 339 43.27 -10.01 15.18
C GLN K 339 43.85 -11.42 15.33
N GLU K 340 43.89 -11.87 16.59
CA GLU K 340 44.27 -13.24 16.93
C GLU K 340 43.39 -14.33 16.36
N ASN K 341 44.12 -15.36 15.93
CA ASN K 341 43.50 -16.56 15.41
C ASN K 341 42.76 -17.24 16.56
N PRO K 342 41.43 -17.41 16.52
CA PRO K 342 40.63 -17.89 17.64
C PRO K 342 40.94 -19.26 18.23
N GLY K 343 40.35 -19.54 19.38
CA GLY K 343 40.37 -20.85 20.00
C GLY K 343 39.70 -21.92 19.13
N VAL K 344 40.31 -23.10 19.24
CA VAL K 344 39.99 -24.28 18.44
C VAL K 344 38.54 -24.76 18.32
N MET K 345 37.61 -24.13 19.03
CA MET K 345 36.18 -24.42 18.99
C MET K 345 35.53 -23.83 17.71
N SER K 346 36.24 -22.97 17.00
CA SER K 346 35.78 -22.29 15.77
C SER K 346 35.62 -23.13 14.51
N ASP K 347 36.27 -24.28 14.57
CA ASP K 347 36.31 -25.26 13.51
C ASP K 347 35.86 -26.58 14.13
N THR K 348 35.38 -27.46 13.28
CA THR K 348 34.92 -28.75 13.73
C THR K 348 36.07 -29.75 13.83
N SER K 349 37.17 -29.64 13.09
CA SER K 349 38.30 -30.57 13.19
C SER K 349 39.19 -30.40 14.45
N THR K 350 39.31 -29.17 14.94
CA THR K 350 40.12 -28.90 16.13
C THR K 350 39.39 -29.08 17.46
N SER K 351 38.16 -28.56 17.47
CA SER K 351 37.21 -28.62 18.57
C SER K 351 37.36 -29.57 19.75
N LEU K 352 37.79 -30.85 19.64
CA LEU K 352 37.60 -31.78 20.74
C LEU K 352 38.72 -31.87 21.76
N ARG K 353 39.83 -31.19 21.46
CA ARG K 353 40.96 -31.12 22.36
C ARG K 353 40.74 -30.29 23.62
N ASP K 354 40.16 -29.10 23.37
CA ASP K 354 39.86 -28.05 24.33
C ASP K 354 38.74 -28.52 25.27
N PRO K 355 39.04 -28.63 26.57
CA PRO K 355 38.16 -29.18 27.60
C PRO K 355 36.78 -28.56 27.72
N ILE K 356 36.66 -27.25 27.44
CA ILE K 356 35.38 -26.55 27.49
C ILE K 356 34.39 -27.10 26.47
N PHE K 357 34.89 -27.72 25.39
CA PHE K 357 34.05 -28.32 24.35
C PHE K 357 32.87 -29.11 24.88
N TYR K 358 33.18 -29.94 25.87
CA TYR K 358 32.23 -30.83 26.49
C TYR K 358 31.31 -30.08 27.44
N ARG K 359 31.78 -28.97 28.03
CA ARG K 359 30.96 -28.16 28.94
C ARG K 359 29.75 -27.63 28.15
N TRP K 360 29.95 -27.10 26.94
CA TRP K 360 28.83 -26.72 26.08
C TRP K 360 28.02 -27.92 25.57
N HIS K 361 28.62 -29.10 25.45
CA HIS K 361 27.92 -30.22 24.81
C HIS K 361 27.07 -31.03 25.74
N ARG K 362 27.37 -30.95 27.03
CA ARG K 362 26.41 -31.41 28.00
C ARG K 362 25.29 -30.38 28.10
N PHE K 363 25.61 -29.09 27.90
CA PHE K 363 24.61 -28.04 28.02
C PHE K 363 23.51 -28.26 26.98
N ILE K 364 23.89 -28.31 25.70
CA ILE K 364 22.92 -28.61 24.66
C ILE K 364 22.23 -29.95 24.89
N ASP K 365 23.00 -30.95 25.32
CA ASP K 365 22.46 -32.25 25.72
C ASP K 365 21.42 -32.09 26.81
N ASN K 366 21.62 -31.18 27.77
CA ASN K 366 20.69 -30.91 28.86
C ASN K 366 19.37 -30.40 28.32
N ILE K 367 19.39 -29.59 27.25
CA ILE K 367 18.16 -29.17 26.59
C ILE K 367 17.48 -30.40 25.99
N PHE K 368 18.20 -31.20 25.21
CA PHE K 368 17.63 -32.39 24.58
C PHE K 368 17.06 -33.38 25.59
N GLN K 369 17.79 -33.49 26.70
CA GLN K 369 17.39 -34.26 27.87
C GLN K 369 16.11 -33.68 28.44
N GLU K 370 15.84 -32.37 28.48
CA GLU K 370 14.52 -31.91 28.90
C GLU K 370 13.41 -32.40 27.98
N HIS K 371 13.69 -32.40 26.67
CA HIS K 371 12.63 -32.77 25.74
C HIS K 371 12.27 -34.25 25.84
N LYS K 372 13.31 -35.08 25.89
CA LYS K 372 13.16 -36.49 26.25
C LYS K 372 12.58 -36.66 27.65
N LYS K 373 12.95 -35.83 28.64
CA LYS K 373 12.42 -35.86 30.01
C LYS K 373 10.94 -35.57 30.15
N SER K 374 10.35 -34.66 29.36
CA SER K 374 8.90 -34.49 29.40
C SER K 374 8.17 -35.66 28.75
N PHE K 375 8.84 -36.38 27.84
CA PHE K 375 8.32 -37.68 27.42
C PHE K 375 8.43 -38.68 28.57
N HIS K 376 7.55 -39.68 28.57
CA HIS K 376 7.42 -40.59 29.69
C HIS K 376 8.35 -41.80 29.64
N PRO K 377 8.80 -42.35 30.79
CA PRO K 377 9.55 -43.61 30.90
C PRO K 377 8.97 -44.80 30.12
N TYR K 378 9.74 -45.87 29.97
CA TYR K 378 9.26 -47.01 29.20
C TYR K 378 8.51 -48.06 29.97
N THR K 379 7.31 -48.40 29.50
CA THR K 379 6.54 -49.49 30.06
C THR K 379 7.35 -50.77 29.91
N LYS K 380 7.18 -51.70 30.87
CA LYS K 380 7.76 -53.03 30.78
C LYS K 380 7.27 -53.76 29.53
N GLU K 381 5.99 -53.53 29.18
CA GLU K 381 5.36 -53.94 27.94
C GLU K 381 6.25 -53.55 26.76
N GLU K 382 6.45 -52.24 26.63
CA GLU K 382 7.28 -51.62 25.60
C GLU K 382 8.70 -52.16 25.58
N LEU K 383 9.29 -52.38 26.76
CA LEU K 383 10.63 -52.94 26.86
C LEU K 383 10.77 -54.42 26.52
N SER K 384 9.63 -55.12 26.43
CA SER K 384 9.64 -56.57 26.27
C SER K 384 9.39 -57.16 24.89
N PHE K 385 10.50 -57.71 24.43
CA PHE K 385 10.51 -58.64 23.32
C PHE K 385 9.98 -59.95 23.88
N PRO K 386 8.74 -60.32 23.53
CA PRO K 386 8.03 -61.43 24.15
C PRO K 386 8.71 -62.76 23.90
N GLY K 387 8.92 -63.60 24.91
CA GLY K 387 9.27 -65.00 24.70
C GLY K 387 10.77 -65.28 24.65
N VAL K 388 11.62 -64.40 24.15
CA VAL K 388 13.05 -64.66 24.01
C VAL K 388 13.75 -64.39 25.34
N GLU K 389 14.48 -65.35 25.93
CA GLU K 389 15.16 -65.07 27.18
C GLU K 389 16.69 -65.04 27.05
N VAL K 390 17.29 -63.87 27.28
CA VAL K 390 18.73 -63.68 27.40
C VAL K 390 19.28 -64.42 28.61
N VAL K 391 19.72 -65.65 28.39
CA VAL K 391 20.27 -66.49 29.45
C VAL K 391 21.66 -65.98 29.86
N GLY K 392 22.25 -65.05 29.11
CA GLY K 392 23.44 -64.35 29.57
C GLY K 392 24.35 -63.96 28.44
N VAL K 393 25.42 -63.22 28.77
CA VAL K 393 26.48 -62.82 27.85
C VAL K 393 27.78 -63.04 28.65
N SER K 394 28.97 -62.96 28.04
CA SER K 394 30.30 -62.93 28.66
C SER K 394 31.28 -62.45 27.59
N ILE K 395 32.41 -61.78 27.88
CA ILE K 395 33.31 -61.39 26.80
C ILE K 395 34.61 -62.17 26.90
N ASN K 396 35.10 -62.77 25.82
CA ASN K 396 36.38 -63.47 25.89
C ASN K 396 37.44 -62.73 25.08
N SER K 397 38.34 -62.03 25.78
CA SER K 397 39.48 -61.36 25.18
C SER K 397 40.65 -62.34 25.18
N LYS K 398 41.80 -62.07 25.81
CA LYS K 398 42.73 -63.10 26.22
C LYS K 398 42.18 -63.98 27.34
N THR K 399 41.34 -63.39 28.20
CA THR K 399 40.70 -64.09 29.32
C THR K 399 39.22 -63.74 29.28
N ALA K 400 38.36 -64.28 30.15
CA ALA K 400 36.98 -63.83 30.28
C ALA K 400 36.84 -62.49 31.00
N ASN K 401 35.83 -61.71 30.61
CA ASN K 401 35.40 -60.46 31.24
C ASN K 401 36.42 -59.39 31.62
N VAL K 402 37.53 -59.37 30.89
CA VAL K 402 38.44 -58.25 30.88
C VAL K 402 38.57 -57.83 29.43
N ILE K 403 38.77 -56.58 29.04
CA ILE K 403 39.34 -56.28 27.74
C ILE K 403 40.64 -55.57 28.09
N THR K 404 41.66 -55.65 27.26
CA THR K 404 42.92 -55.04 27.61
C THR K 404 43.39 -54.08 26.54
N THR K 405 43.55 -52.83 26.96
CA THR K 405 43.75 -51.71 26.08
C THR K 405 45.25 -51.49 25.93
N LEU K 406 45.73 -50.86 24.88
CA LEU K 406 47.16 -50.78 24.65
C LEU K 406 47.50 -49.36 24.25
N ILE K 407 48.80 -49.12 24.11
CA ILE K 407 49.29 -47.97 23.36
C ILE K 407 49.78 -48.47 21.99
N LYS K 408 49.48 -47.76 20.90
CA LYS K 408 50.07 -48.05 19.60
C LYS K 408 50.60 -46.75 19.02
N GLU K 409 51.93 -46.76 18.86
CA GLU K 409 52.63 -45.73 18.11
C GLU K 409 52.24 -45.81 16.65
N SER K 410 52.20 -44.66 15.96
CA SER K 410 51.67 -44.64 14.61
C SER K 410 52.19 -43.42 13.85
N LEU K 411 51.78 -43.28 12.58
CA LEU K 411 52.32 -42.25 11.70
C LEU K 411 51.22 -41.45 11.02
N LEU K 412 51.61 -40.30 10.46
CA LEU K 412 50.74 -39.40 9.72
C LEU K 412 51.70 -38.67 8.81
N GLU K 413 51.40 -38.68 7.51
CA GLU K 413 52.36 -38.25 6.51
C GLU K 413 52.27 -36.76 6.20
N LEU K 414 53.16 -35.97 6.80
CA LEU K 414 53.08 -34.51 6.71
C LEU K 414 53.25 -33.97 5.30
N SER K 415 54.13 -34.57 4.51
CA SER K 415 54.37 -34.35 3.07
C SER K 415 53.24 -33.91 2.16
N HIS K 416 52.09 -34.56 2.38
CA HIS K 416 50.91 -34.26 1.59
C HIS K 416 50.47 -32.84 1.91
N GLY K 417 50.41 -32.54 3.21
CA GLY K 417 49.99 -31.25 3.72
C GLY K 417 51.04 -30.17 3.54
N ILE K 418 52.27 -30.36 4.03
CA ILE K 418 53.22 -29.26 3.89
C ILE K 418 54.25 -29.56 2.81
N ASN K 419 55.09 -28.58 2.46
CA ASN K 419 56.08 -28.79 1.42
C ASN K 419 57.35 -29.49 1.91
N PHE K 420 57.46 -30.78 1.58
CA PHE K 420 58.71 -31.51 1.80
C PHE K 420 59.88 -30.87 1.05
N GLY K 421 59.59 -30.40 -0.17
CA GLY K 421 60.57 -29.78 -1.04
C GLY K 421 61.51 -30.80 -1.68
N THR K 422 62.20 -31.54 -0.80
CA THR K 422 63.11 -32.61 -1.18
C THR K 422 62.60 -34.02 -0.88
N ASP K 423 62.56 -34.37 0.40
CA ASP K 423 62.48 -35.75 0.85
C ASP K 423 61.26 -36.55 0.43
N GLN K 424 61.26 -37.85 0.71
CA GLN K 424 60.07 -38.65 0.47
C GLN K 424 58.89 -38.26 1.35
N SER K 425 59.09 -38.23 2.67
CA SER K 425 57.99 -38.33 3.60
C SER K 425 58.49 -37.70 4.88
N VAL K 426 57.65 -36.90 5.50
CA VAL K 426 57.96 -36.34 6.80
C VAL K 426 56.88 -36.92 7.68
N LYS K 427 57.27 -37.67 8.70
CA LYS K 427 56.29 -38.47 9.39
C LYS K 427 56.26 -37.98 10.82
N VAL K 428 55.06 -37.83 11.36
CA VAL K 428 54.87 -37.67 12.79
C VAL K 428 54.40 -38.95 13.47
N LYS K 429 55.33 -39.54 14.20
CA LYS K 429 55.07 -40.69 15.04
C LYS K 429 54.26 -40.24 16.24
N TYR K 430 52.99 -40.62 16.33
CA TYR K 430 52.20 -40.33 17.52
C TYR K 430 51.93 -41.58 18.32
N HIS K 431 51.29 -41.51 19.49
CA HIS K 431 51.01 -42.67 20.32
C HIS K 431 49.52 -42.62 20.68
N HIS K 432 48.77 -43.69 20.41
CA HIS K 432 47.33 -43.68 20.67
C HIS K 432 46.85 -44.88 21.49
N LEU K 433 45.71 -44.75 22.17
CA LEU K 433 45.11 -45.81 22.98
C LEU K 433 44.53 -46.85 22.03
N ASP K 434 44.42 -48.12 22.38
CA ASP K 434 43.78 -49.12 21.54
C ASP K 434 43.12 -50.14 22.47
N HIS K 435 42.81 -51.34 22.01
CA HIS K 435 42.14 -52.33 22.85
C HIS K 435 42.39 -53.69 22.25
N GLU K 436 42.34 -54.76 23.04
CA GLU K 436 42.29 -56.11 22.52
C GLU K 436 40.97 -56.36 21.78
N PRO K 437 40.94 -57.22 20.75
CA PRO K 437 39.70 -57.77 20.16
C PRO K 437 38.93 -58.60 21.16
N PHE K 438 37.65 -58.89 20.96
CA PHE K 438 36.90 -59.64 21.96
C PHE K 438 35.61 -60.10 21.30
N THR K 439 34.90 -60.99 21.97
CA THR K 439 33.63 -61.41 21.43
C THR K 439 32.53 -61.29 22.48
N TYR K 440 31.29 -61.23 22.01
CA TYR K 440 30.13 -61.44 22.86
C TYR K 440 29.80 -62.91 22.68
N ASN K 441 29.55 -63.68 23.74
CA ASN K 441 28.90 -64.96 23.60
C ASN K 441 27.59 -64.67 24.32
N ILE K 442 26.44 -64.74 23.66
CA ILE K 442 25.15 -64.40 24.24
C ILE K 442 24.22 -65.61 24.09
N VAL K 443 23.69 -66.10 25.21
CA VAL K 443 22.82 -67.26 25.27
C VAL K 443 21.35 -66.84 25.45
N VAL K 444 20.42 -67.55 24.79
CA VAL K 444 19.00 -67.21 24.70
C VAL K 444 18.09 -68.44 24.85
N GLU K 445 16.94 -68.38 25.53
CA GLU K 445 15.90 -69.38 25.45
C GLU K 445 14.72 -68.82 24.65
N ASN K 446 14.66 -69.15 23.35
CA ASN K 446 13.54 -68.79 22.49
C ASN K 446 12.39 -69.76 22.67
N ASN K 447 11.60 -69.47 23.72
CA ASN K 447 10.46 -70.28 24.15
C ASN K 447 9.43 -70.56 23.06
N SER K 448 9.27 -69.56 22.18
CA SER K 448 8.31 -69.65 21.09
C SER K 448 8.73 -70.68 20.07
N GLY K 449 7.80 -71.55 19.66
CA GLY K 449 8.04 -72.51 18.60
C GLY K 449 8.51 -71.89 17.27
N ALA K 450 8.27 -70.60 17.03
CA ALA K 450 8.80 -69.91 15.87
C ALA K 450 10.16 -69.28 16.16
N GLU K 451 11.02 -69.39 15.14
CA GLU K 451 12.22 -68.58 14.99
C GLU K 451 12.00 -67.09 15.20
N LYS K 452 12.80 -66.45 16.04
CA LYS K 452 12.72 -65.02 16.24
C LYS K 452 13.79 -64.18 15.55
N HIS K 453 13.38 -63.09 14.90
CA HIS K 453 14.34 -62.17 14.30
C HIS K 453 14.52 -61.01 15.27
N SER K 454 15.73 -60.71 15.74
CA SER K 454 15.94 -59.64 16.71
C SER K 454 16.76 -58.46 16.22
N THR K 455 16.71 -57.32 16.91
CA THR K 455 17.72 -56.29 16.83
C THR K 455 18.29 -56.16 18.24
N VAL K 456 19.60 -56.43 18.32
CA VAL K 456 20.40 -56.51 19.54
C VAL K 456 21.24 -55.23 19.76
N ARG K 457 20.83 -54.41 20.73
CA ARG K 457 21.45 -53.12 20.99
C ARG K 457 22.41 -53.40 22.15
N ILE K 458 23.74 -53.28 22.07
CA ILE K 458 24.62 -53.66 23.17
C ILE K 458 25.28 -52.39 23.70
N PHE K 459 25.45 -52.21 25.01
CA PHE K 459 25.94 -50.97 25.60
C PHE K 459 27.10 -51.20 26.57
N LEU K 460 27.85 -50.13 26.81
CA LEU K 460 28.91 -50.04 27.78
C LEU K 460 28.73 -48.76 28.60
N ALA K 461 28.66 -48.94 29.92
CA ALA K 461 28.63 -47.84 30.86
C ALA K 461 29.67 -48.10 31.95
N PRO K 462 29.89 -47.24 32.96
CA PRO K 462 30.59 -47.60 34.20
C PRO K 462 29.77 -48.06 35.39
N LYS K 463 30.32 -49.08 36.07
CA LYS K 463 29.67 -49.72 37.19
C LYS K 463 29.94 -49.00 38.50
N TYR K 464 31.16 -48.46 38.62
CA TYR K 464 31.54 -47.56 39.70
C TYR K 464 31.08 -46.11 39.55
N ASP K 465 30.91 -45.38 40.63
CA ASP K 465 30.86 -43.93 40.52
C ASP K 465 32.26 -43.44 40.89
N GLU K 466 32.34 -42.12 41.02
CA GLU K 466 33.51 -41.51 41.60
C GLU K 466 33.23 -41.28 43.09
N LEU K 467 32.17 -41.91 43.61
CA LEU K 467 31.86 -41.86 45.03
C LEU K 467 32.04 -43.27 45.59
N ASN K 468 31.15 -44.20 45.24
CA ASN K 468 31.34 -45.63 45.52
C ASN K 468 30.67 -46.39 44.38
N ASN K 469 30.46 -47.71 44.37
CA ASN K 469 29.81 -48.43 43.29
C ASN K 469 28.29 -48.21 43.25
N LYS K 470 27.72 -47.29 42.45
CA LYS K 470 26.28 -47.06 42.46
C LYS K 470 25.52 -47.05 41.12
N LEU K 471 24.83 -48.16 40.84
CA LEU K 471 24.18 -48.44 39.56
C LEU K 471 22.87 -47.70 39.21
N GLU K 472 22.87 -46.41 39.52
CA GLU K 472 21.80 -45.49 39.17
C GLU K 472 21.76 -45.25 37.67
N PRO K 473 20.83 -45.94 36.99
CA PRO K 473 20.78 -46.04 35.55
C PRO K 473 20.38 -44.74 34.89
N ASP K 474 19.58 -43.88 35.53
CA ASP K 474 19.28 -42.58 34.97
C ASP K 474 20.51 -41.71 34.92
N GLU K 475 21.30 -41.68 36.00
CA GLU K 475 22.66 -41.15 36.01
C GLU K 475 23.54 -41.81 34.97
N GLN K 476 23.47 -43.14 34.84
CA GLN K 476 24.28 -43.86 33.87
C GLN K 476 23.89 -43.60 32.44
N ARG K 477 22.68 -43.15 32.11
CA ARG K 477 22.30 -42.86 30.72
C ARG K 477 23.13 -41.81 30.02
N ARG K 478 23.77 -40.94 30.81
CA ARG K 478 24.69 -39.98 30.26
C ARG K 478 26.01 -40.63 29.81
N LEU K 479 26.36 -41.77 30.41
CA LEU K 479 27.62 -42.47 30.22
C LEU K 479 27.46 -43.60 29.22
N PHE K 480 26.28 -44.24 29.28
CA PHE K 480 25.89 -45.34 28.41
C PHE K 480 26.25 -45.17 26.95
N ILE K 481 27.07 -46.07 26.42
CA ILE K 481 27.48 -46.01 25.02
C ILE K 481 27.10 -47.29 24.30
N GLU K 482 26.52 -47.13 23.12
CA GLU K 482 26.10 -48.25 22.31
C GLU K 482 27.34 -48.82 21.64
N LEU K 483 27.68 -50.05 21.97
CA LEU K 483 28.83 -50.74 21.42
C LEU K 483 28.50 -51.46 20.13
N ASP K 484 27.25 -51.83 19.86
CA ASP K 484 26.91 -52.66 18.72
C ASP K 484 25.39 -52.64 18.56
N LYS K 485 24.90 -52.95 17.36
CA LYS K 485 23.48 -53.06 17.10
C LYS K 485 23.28 -53.93 15.86
N PHE K 486 22.75 -55.15 15.99
CA PHE K 486 22.57 -56.03 14.84
C PHE K 486 21.24 -56.77 14.75
N PHE K 487 21.01 -57.47 13.63
CA PHE K 487 19.89 -58.35 13.39
C PHE K 487 20.43 -59.78 13.41
N TYR K 488 19.79 -60.67 14.16
CA TYR K 488 20.08 -62.09 14.08
C TYR K 488 18.73 -62.81 14.04
N THR K 489 18.77 -64.08 13.66
CA THR K 489 17.59 -64.93 13.65
C THR K 489 17.92 -66.07 14.59
N LEU K 490 16.89 -66.37 15.38
CA LEU K 490 16.99 -67.22 16.55
C LEU K 490 15.98 -68.36 16.45
N THR K 491 16.48 -69.57 16.30
CA THR K 491 15.64 -70.75 16.26
C THR K 491 15.00 -71.01 17.63
N PRO K 492 14.03 -71.90 17.83
CA PRO K 492 13.54 -72.27 19.17
C PRO K 492 14.66 -72.79 20.07
N GLY K 493 14.45 -72.64 21.37
CA GLY K 493 15.32 -73.19 22.39
C GLY K 493 16.56 -72.36 22.66
N LYS K 494 17.59 -73.07 23.16
CA LYS K 494 18.89 -72.48 23.49
C LYS K 494 19.60 -71.95 22.27
N ASN K 495 19.86 -70.65 22.24
CA ASN K 495 20.57 -70.05 21.14
C ASN K 495 21.80 -69.37 21.74
N THR K 496 22.85 -69.44 20.94
CA THR K 496 24.04 -68.64 21.18
C THR K 496 24.29 -67.77 19.96
N ILE K 497 24.68 -66.53 20.22
CA ILE K 497 25.12 -65.63 19.17
C ILE K 497 26.56 -65.36 19.58
N VAL K 498 27.51 -65.24 18.65
CA VAL K 498 28.89 -64.90 18.98
C VAL K 498 29.22 -63.72 18.08
N ARG K 499 29.79 -62.63 18.57
CA ARG K 499 29.91 -61.42 17.77
C ARG K 499 31.26 -60.80 18.07
N ASN K 500 32.09 -60.66 17.04
CA ASN K 500 33.48 -60.24 17.20
C ASN K 500 33.63 -58.74 17.12
N HIS K 501 34.53 -58.17 17.93
CA HIS K 501 34.77 -56.74 17.98
C HIS K 501 34.63 -55.88 16.72
N GLN K 502 35.10 -56.34 15.56
CA GLN K 502 35.36 -55.53 14.37
C GLN K 502 34.14 -54.87 13.76
N ASP K 503 33.14 -55.76 13.81
CA ASP K 503 31.85 -55.59 13.18
C ASP K 503 30.88 -54.79 14.06
N SER K 504 31.45 -54.01 14.97
CA SER K 504 30.72 -52.96 15.69
C SER K 504 30.06 -51.99 14.73
N SER K 505 28.77 -51.73 14.92
CA SER K 505 28.09 -50.79 14.05
C SER K 505 28.39 -49.29 14.21
N VAL K 506 29.42 -48.86 14.94
CA VAL K 506 29.73 -47.45 15.18
C VAL K 506 31.01 -46.91 14.48
N THR K 507 31.78 -47.91 14.07
CA THR K 507 33.18 -47.76 13.72
C THR K 507 33.56 -47.60 12.25
N ILE K 508 34.67 -46.91 12.03
CA ILE K 508 35.43 -47.16 10.83
C ILE K 508 36.31 -48.38 11.10
N SER K 509 36.40 -49.25 10.08
CA SER K 509 37.47 -50.23 10.07
C SER K 509 38.61 -49.63 9.26
N LYS K 510 38.59 -49.81 7.87
CA LYS K 510 39.70 -49.33 7.05
C LYS K 510 39.36 -47.96 6.49
N VAL K 511 40.39 -47.12 6.53
CA VAL K 511 40.33 -45.73 6.09
C VAL K 511 41.43 -45.58 5.04
N ARG K 512 41.33 -44.61 4.13
CA ARG K 512 42.29 -44.50 3.06
C ARG K 512 43.29 -43.36 3.23
N THR K 513 44.56 -43.71 3.18
CA THR K 513 45.56 -42.66 3.05
C THR K 513 45.47 -42.12 1.63
N PHE K 514 45.79 -40.83 1.50
CA PHE K 514 45.92 -40.12 0.23
C PHE K 514 46.71 -40.92 -0.81
N ASP K 515 47.62 -41.76 -0.33
CA ASP K 515 48.42 -42.62 -1.18
C ASP K 515 47.61 -43.68 -1.91
N GLN K 516 46.82 -44.44 -1.13
CA GLN K 516 45.94 -45.48 -1.64
C GLN K 516 45.01 -44.91 -2.70
N LEU K 517 44.48 -43.72 -2.40
CA LEU K 517 43.66 -42.98 -3.33
C LEU K 517 44.39 -42.61 -4.62
N GLY K 518 45.63 -42.12 -4.52
CA GLY K 518 46.47 -41.85 -5.69
C GLY K 518 46.75 -43.09 -6.54
N ALA K 519 46.59 -44.27 -5.96
CA ALA K 519 46.59 -45.53 -6.71
C ALA K 519 45.19 -46.05 -7.06
N GLY K 520 44.53 -46.90 -6.25
CA GLY K 520 43.25 -47.49 -6.65
C GLY K 520 42.88 -48.82 -5.99
N GLU K 521 41.64 -48.86 -5.51
CA GLU K 521 41.04 -50.01 -4.83
C GLU K 521 39.55 -49.98 -5.11
N GLY K 522 38.84 -51.06 -4.82
CA GLY K 522 37.39 -51.11 -4.96
C GLY K 522 36.83 -51.65 -3.66
N VAL K 523 36.37 -50.78 -2.77
CA VAL K 523 35.90 -51.20 -1.45
C VAL K 523 34.41 -50.86 -1.30
N SER K 524 34.10 -49.67 -1.76
CA SER K 524 33.41 -49.56 -3.04
C SER K 524 33.81 -48.14 -3.45
N GLU K 525 32.89 -47.19 -3.66
CA GLU K 525 33.26 -45.85 -4.06
C GLU K 525 32.04 -45.04 -3.68
N ASP K 526 32.01 -44.48 -2.47
CA ASP K 526 30.97 -43.55 -2.02
C ASP K 526 31.80 -42.37 -1.53
N SER K 527 31.69 -41.68 -0.37
CA SER K 527 32.56 -40.54 -0.08
C SER K 527 33.01 -40.27 1.38
N THR K 528 33.07 -39.01 1.87
CA THR K 528 33.62 -38.61 3.18
C THR K 528 33.10 -39.20 4.49
N GLU K 529 31.95 -39.81 4.35
CA GLU K 529 31.54 -40.77 5.34
C GLU K 529 32.33 -42.05 5.17
N TYR K 530 32.22 -42.77 4.05
CA TYR K 530 32.51 -44.19 3.97
C TYR K 530 33.81 -44.68 4.62
N CYS K 531 34.89 -43.91 4.46
CA CYS K 531 36.08 -44.18 5.26
C CYS K 531 36.28 -43.14 6.36
N SER K 532 36.36 -41.94 5.88
CA SER K 532 36.67 -40.82 6.73
C SER K 532 35.82 -40.61 8.01
N CYS K 533 34.58 -41.12 8.08
CA CYS K 533 33.68 -41.03 9.22
C CYS K 533 33.48 -42.38 9.94
N GLY K 534 32.44 -42.58 10.78
CA GLY K 534 32.49 -43.72 11.70
C GLY K 534 33.27 -43.37 12.95
N TRP K 535 33.03 -43.84 14.18
CA TRP K 535 33.97 -43.55 15.24
C TRP K 535 35.27 -44.33 15.01
N PRO K 536 36.48 -43.85 15.27
CA PRO K 536 37.70 -44.66 15.22
C PRO K 536 37.72 -45.91 16.11
N GLU K 537 38.57 -47.00 15.55
CA GLU K 537 38.56 -48.35 16.11
C GLU K 537 39.27 -48.37 17.45
N HIS K 538 40.51 -47.91 17.50
CA HIS K 538 41.20 -47.80 18.78
C HIS K 538 40.53 -47.10 19.97
N MET K 539 39.45 -46.32 19.78
CA MET K 539 38.70 -45.67 20.87
C MET K 539 37.32 -46.31 21.04
N LEU K 540 37.17 -47.52 20.53
CA LEU K 540 35.93 -48.28 20.67
C LEU K 540 35.55 -48.64 22.10
N ILE K 541 36.52 -48.89 22.98
CA ILE K 541 36.28 -49.22 24.38
C ILE K 541 37.25 -48.32 25.16
N PRO K 542 36.79 -47.46 26.09
CA PRO K 542 37.61 -46.53 26.87
C PRO K 542 38.78 -47.12 27.66
N ARG K 543 39.76 -46.30 28.06
CA ARG K 543 40.99 -46.75 28.73
C ARG K 543 40.88 -47.59 30.01
N GLY K 544 39.87 -47.32 30.82
CA GLY K 544 39.78 -47.93 32.15
C GLY K 544 40.93 -47.45 33.01
N SER K 545 41.65 -48.40 33.59
CA SER K 545 42.77 -48.14 34.47
C SER K 545 43.74 -49.29 34.48
N HIS K 546 44.94 -49.10 35.03
CA HIS K 546 45.90 -50.21 35.09
C HIS K 546 45.46 -51.37 35.98
N LYS K 547 44.69 -51.06 37.03
CA LYS K 547 44.12 -52.04 37.96
C LYS K 547 43.17 -53.03 37.29
N GLY K 548 42.52 -52.54 36.22
CA GLY K 548 41.32 -53.16 35.70
C GLY K 548 40.09 -52.47 36.26
N MET K 549 39.51 -51.50 35.55
CA MET K 549 38.31 -50.83 36.03
C MET K 549 37.10 -51.60 35.54
N GLU K 550 35.92 -51.38 36.15
CA GLU K 550 34.80 -52.30 36.14
C GLU K 550 33.63 -51.50 35.62
N PHE K 551 33.00 -52.03 34.58
CA PHE K 551 32.12 -51.31 33.71
C PHE K 551 30.86 -52.15 33.53
N GLU K 552 29.98 -51.76 32.60
CA GLU K 552 28.71 -52.44 32.45
C GLU K 552 28.43 -52.66 30.96
N LEU K 553 28.30 -53.92 30.56
CA LEU K 553 27.90 -54.27 29.20
C LEU K 553 26.43 -54.62 29.17
N PHE K 554 25.55 -53.71 28.77
CA PHE K 554 24.10 -53.91 28.88
C PHE K 554 23.50 -54.14 27.50
N VAL K 555 22.83 -55.27 27.28
CA VAL K 555 22.31 -55.67 25.98
C VAL K 555 20.79 -55.57 26.01
N MET K 556 20.19 -55.23 24.88
CA MET K 556 18.76 -55.36 24.72
C MET K 556 18.51 -56.15 23.45
N LEU K 557 17.46 -56.95 23.41
CA LEU K 557 16.95 -57.50 22.17
C LEU K 557 15.53 -56.99 22.01
N THR K 558 15.37 -56.16 20.98
CA THR K 558 14.07 -55.72 20.49
C THR K 558 13.73 -56.43 19.17
N ASP K 559 12.55 -56.33 18.54
CA ASP K 559 12.23 -57.18 17.39
C ASP K 559 12.75 -56.56 16.09
N HIS K 560 13.22 -57.40 15.16
CA HIS K 560 13.69 -56.88 13.89
C HIS K 560 12.63 -56.61 12.84
N ASP K 561 11.55 -57.38 12.79
CA ASP K 561 10.45 -57.07 11.88
C ASP K 561 9.70 -55.81 12.34
N GLU K 562 9.67 -55.59 13.66
CA GLU K 562 9.22 -54.31 14.19
C GLU K 562 10.23 -53.23 13.80
N ASP K 563 11.48 -53.38 14.22
CA ASP K 563 12.51 -52.35 14.02
C ASP K 563 12.91 -52.04 12.58
N THR K 564 12.76 -52.95 11.60
CA THR K 564 13.29 -52.69 10.29
C THR K 564 12.58 -51.55 9.62
N VAL K 565 13.38 -50.63 9.01
CA VAL K 565 12.82 -49.63 8.13
C VAL K 565 12.83 -50.29 6.78
N ALA K 566 11.84 -50.00 5.90
CA ALA K 566 11.72 -50.74 4.65
C ALA K 566 12.99 -50.71 3.86
N GLY K 567 13.59 -51.92 3.69
CA GLY K 567 14.79 -52.13 2.94
C GLY K 567 15.96 -52.20 3.88
N LEU K 568 16.67 -53.35 3.88
CA LEU K 568 17.90 -53.50 4.63
C LEU K 568 18.97 -53.23 3.60
N SER K 569 20.05 -52.49 3.98
CA SER K 569 21.02 -52.16 2.98
C SER K 569 22.18 -53.11 3.03
N GLU K 570 22.53 -53.62 1.83
CA GLU K 570 23.60 -54.54 1.50
C GLU K 570 24.96 -53.90 1.48
N ASN K 571 24.99 -52.74 0.79
CA ASN K 571 26.22 -52.04 0.47
C ASN K 571 26.68 -51.30 1.70
N ALA K 572 27.91 -51.59 2.16
CA ALA K 572 28.54 -50.80 3.21
C ALA K 572 28.96 -49.42 2.70
N VAL K 573 28.20 -48.40 3.11
CA VAL K 573 28.39 -47.03 2.67
C VAL K 573 28.28 -46.12 3.90
N CYS K 574 29.38 -45.74 4.57
CA CYS K 574 29.37 -45.40 6.01
C CYS K 574 28.60 -46.33 6.95
N SER K 575 27.95 -47.37 6.41
CA SER K 575 26.99 -48.20 7.12
C SER K 575 27.67 -49.40 7.72
N ASP K 576 28.98 -49.34 7.65
CA ASP K 576 29.82 -49.90 8.71
C ASP K 576 29.53 -49.20 10.03
N ALA K 577 29.65 -47.88 10.03
CA ALA K 577 29.20 -47.07 11.15
C ALA K 577 27.71 -46.70 11.15
N VAL K 578 26.75 -47.61 10.89
CA VAL K 578 25.32 -47.29 10.96
C VAL K 578 24.84 -46.61 12.22
N SER K 579 25.34 -46.95 13.41
CA SER K 579 24.98 -46.27 14.64
C SER K 579 25.25 -44.77 14.81
N TYR K 580 26.51 -44.31 14.87
CA TYR K 580 26.87 -42.92 15.17
C TYR K 580 26.72 -41.92 14.04
N CYS K 581 26.44 -42.51 12.89
CA CYS K 581 26.58 -41.86 11.62
C CYS K 581 25.42 -42.34 10.75
N GLY K 582 25.45 -43.56 10.22
CA GLY K 582 24.40 -44.00 9.31
C GLY K 582 24.88 -44.81 8.11
N ALA K 583 24.18 -44.58 7.01
CA ALA K 583 24.33 -45.34 5.78
C ALA K 583 23.91 -44.41 4.64
N ARG K 584 24.24 -44.64 3.37
CA ARG K 584 23.99 -43.60 2.37
C ARG K 584 22.77 -43.79 1.47
N ASP K 585 22.15 -42.61 1.35
CA ASP K 585 20.77 -42.37 0.92
C ASP K 585 19.69 -43.33 1.37
N ASP K 586 19.79 -43.62 2.67
CA ASP K 586 18.87 -44.49 3.37
C ASP K 586 18.60 -43.83 4.72
N ARG K 587 17.79 -44.44 5.62
CA ARG K 587 17.43 -43.83 6.90
C ARG K 587 18.23 -44.49 8.03
N TYR K 588 18.02 -44.09 9.29
CA TYR K 588 18.58 -44.83 10.40
C TYR K 588 17.74 -46.10 10.57
N PRO K 589 18.27 -47.30 10.24
CA PRO K 589 17.53 -48.58 10.06
C PRO K 589 16.58 -49.10 11.13
N ASP K 590 16.63 -48.44 12.29
CA ASP K 590 16.00 -48.87 13.51
C ASP K 590 15.01 -47.77 13.82
N LYS K 591 13.79 -48.26 14.05
CA LYS K 591 12.65 -47.48 14.51
C LYS K 591 12.93 -46.57 15.70
N LYS K 592 13.56 -47.14 16.73
CA LYS K 592 13.62 -46.45 17.99
C LYS K 592 14.65 -45.34 18.04
N ALA K 593 14.39 -44.39 18.94
CA ALA K 593 15.28 -43.27 19.16
C ALA K 593 16.67 -43.78 19.50
N MET K 594 17.64 -43.14 18.86
CA MET K 594 19.03 -43.44 19.11
C MET K 594 19.33 -43.14 20.57
N GLY K 595 19.63 -44.21 21.30
CA GLY K 595 19.78 -44.15 22.75
C GLY K 595 19.10 -45.34 23.42
N PHE K 596 17.96 -45.74 22.82
CA PHE K 596 17.11 -46.84 23.25
C PHE K 596 17.76 -48.15 23.68
N PRO K 597 17.50 -48.60 24.92
CA PRO K 597 16.50 -48.06 25.87
C PRO K 597 16.67 -46.67 26.49
N PHE K 598 17.92 -46.22 26.56
CA PHE K 598 18.36 -45.24 27.56
C PHE K 598 18.22 -43.75 27.22
N ASP K 599 17.19 -43.48 26.39
CA ASP K 599 16.82 -42.13 25.98
C ASP K 599 16.01 -41.40 27.07
N ARG K 600 15.08 -42.13 27.67
CA ARG K 600 14.19 -41.56 28.66
C ARG K 600 14.45 -41.76 30.14
N LYS K 601 13.53 -41.25 30.96
CA LYS K 601 13.63 -41.32 32.41
C LYS K 601 13.57 -42.75 32.95
N ILE K 602 14.43 -43.04 33.93
CA ILE K 602 14.33 -44.29 34.65
C ILE K 602 14.05 -43.89 36.08
N GLU K 603 12.92 -44.32 36.62
CA GLU K 603 12.55 -44.11 38.03
C GLU K 603 13.19 -45.11 39.00
N ALA K 604 13.78 -46.15 38.42
CA ALA K 604 14.38 -47.27 39.12
C ALA K 604 15.79 -46.98 39.58
N ARG K 605 16.24 -47.59 40.68
CA ARG K 605 17.47 -47.19 41.34
C ARG K 605 18.64 -48.08 40.89
N THR K 606 18.39 -49.28 40.36
CA THR K 606 19.45 -50.02 39.72
C THR K 606 19.12 -50.44 38.30
N ALA K 607 20.18 -50.42 37.49
CA ALA K 607 20.17 -51.10 36.20
C ALA K 607 19.68 -52.55 36.24
N ALA K 608 19.75 -53.20 37.41
CA ALA K 608 19.13 -54.50 37.61
C ALA K 608 17.61 -54.42 37.66
N GLU K 609 16.97 -53.39 38.26
CA GLU K 609 15.52 -53.29 38.31
C GLU K 609 14.91 -53.15 36.92
N PHE K 610 15.67 -52.44 36.08
CA PHE K 610 15.33 -52.20 34.69
C PHE K 610 15.43 -53.45 33.81
N LEU K 611 15.94 -54.56 34.33
CA LEU K 611 16.07 -55.80 33.56
C LEU K 611 14.72 -56.39 33.14
N THR K 612 14.49 -56.40 31.84
CA THR K 612 13.54 -57.34 31.24
C THR K 612 14.28 -58.62 30.84
N PRO K 613 13.65 -59.80 30.64
CA PRO K 613 14.32 -61.03 30.18
C PRO K 613 14.98 -61.01 28.79
N ASN K 614 14.82 -59.87 28.12
CA ASN K 614 15.53 -59.55 26.90
C ASN K 614 16.52 -58.40 27.08
N MET K 615 17.03 -58.22 28.32
CA MET K 615 18.10 -57.29 28.64
C MET K 615 19.16 -58.00 29.45
N GLY K 616 20.41 -57.52 29.51
CA GLY K 616 21.43 -58.24 30.24
C GLY K 616 22.68 -57.41 30.43
N LEU K 617 23.05 -57.25 31.71
CA LEU K 617 24.27 -56.58 32.10
C LEU K 617 25.34 -57.66 32.23
N THR K 618 26.50 -57.48 31.64
CA THR K 618 27.61 -58.40 31.83
C THR K 618 28.77 -57.54 32.31
N ASP K 619 29.10 -57.61 33.61
CA ASP K 619 30.06 -56.70 34.21
C ASP K 619 31.47 -57.05 33.76
N ILE K 620 32.10 -56.06 33.13
CA ILE K 620 33.39 -56.30 32.52
C ILE K 620 34.41 -55.29 33.01
N LYS K 621 35.65 -55.78 32.90
CA LYS K 621 36.84 -55.03 33.22
C LYS K 621 37.48 -54.52 31.94
N ILE K 622 38.20 -53.41 32.08
CA ILE K 622 39.09 -52.88 31.06
C ILE K 622 40.40 -52.62 31.79
N LYS K 623 41.55 -53.01 31.22
CA LYS K 623 42.81 -52.67 31.87
C LYS K 623 43.80 -52.08 30.89
N PHE K 624 44.36 -50.93 31.24
CA PHE K 624 45.37 -50.32 30.39
C PHE K 624 46.70 -51.05 30.50
N HIS K 625 47.14 -51.65 29.40
CA HIS K 625 48.51 -52.12 29.34
C HIS K 625 49.46 -50.91 29.31
N GLY K 626 50.06 -50.69 30.48
CA GLY K 626 51.18 -49.78 30.62
C GLY K 626 52.38 -50.18 29.77
N THR L 1 94.75 -13.07 13.39
CA THR L 1 94.80 -11.62 13.26
C THR L 1 93.34 -11.20 13.26
N VAL L 2 93.10 -9.90 13.41
CA VAL L 2 91.76 -9.37 13.54
C VAL L 2 90.94 -9.56 12.27
N ALA L 3 91.55 -9.71 11.07
CA ALA L 3 90.79 -10.15 9.91
C ALA L 3 90.23 -11.55 10.14
N ASP L 4 91.07 -12.58 10.30
CA ASP L 4 90.59 -13.96 10.51
C ASP L 4 89.76 -14.14 11.78
N LYS L 5 89.96 -13.25 12.77
CA LYS L 5 89.07 -13.10 13.91
C LYS L 5 87.63 -12.93 13.44
N GLN L 6 87.40 -11.89 12.65
CA GLN L 6 86.13 -11.72 11.94
C GLN L 6 85.76 -12.93 11.11
N ALA L 7 86.70 -13.44 10.32
CA ALA L 7 86.48 -14.57 9.43
C ALA L 7 86.24 -15.94 10.09
N ARG L 8 86.26 -16.02 11.43
CA ARG L 8 85.76 -17.21 12.10
C ARG L 8 84.36 -17.04 12.68
N LEU L 9 84.12 -15.97 13.44
CA LEU L 9 82.83 -15.81 14.12
C LEU L 9 81.66 -15.69 13.18
N MET L 10 81.73 -14.71 12.28
CA MET L 10 80.65 -14.47 11.34
C MET L 10 80.39 -15.65 10.41
N PRO L 11 81.37 -16.39 9.86
CA PRO L 11 81.14 -17.69 9.24
C PRO L 11 80.35 -18.69 10.08
N LEU L 12 80.55 -18.74 11.40
CA LEU L 12 79.70 -19.56 12.27
C LEU L 12 78.27 -19.02 12.33
N PHE L 13 78.15 -17.68 12.35
CA PHE L 13 76.85 -17.01 12.28
C PHE L 13 76.25 -16.95 10.88
N LYS L 14 76.94 -17.47 9.86
CA LYS L 14 76.27 -17.75 8.60
C LYS L 14 75.41 -19.01 8.68
N HIS L 15 74.17 -18.77 9.12
CA HIS L 15 73.09 -19.72 9.44
C HIS L 15 73.26 -20.31 10.85
N LEU L 16 73.26 -19.41 11.83
CA LEU L 16 73.60 -19.72 13.22
C LEU L 16 72.91 -20.87 13.95
N THR L 17 71.62 -20.74 14.31
CA THR L 17 70.89 -21.61 15.25
C THR L 17 71.23 -23.11 15.28
N ALA L 18 71.29 -23.71 14.09
CA ALA L 18 71.56 -25.15 13.92
C ALA L 18 72.87 -25.71 14.48
N LEU L 19 73.87 -24.90 14.80
CA LEU L 19 75.01 -25.53 15.43
C LEU L 19 74.68 -25.85 16.88
N THR L 20 73.60 -25.25 17.40
CA THR L 20 73.06 -25.50 18.73
C THR L 20 72.88 -26.98 19.00
N ARG L 21 72.67 -27.83 18.02
CA ARG L 21 72.68 -29.24 18.35
C ARG L 21 73.88 -29.90 17.74
N GLU L 22 74.75 -30.49 18.61
CA GLU L 22 75.93 -31.18 18.17
C GLU L 22 76.34 -32.24 19.15
N LYS L 23 77.29 -33.01 18.60
CA LYS L 23 78.04 -34.04 19.29
C LYS L 23 79.07 -33.29 20.12
N LEU L 24 78.56 -32.56 21.13
CA LEU L 24 79.40 -31.89 22.11
C LEU L 24 79.96 -33.08 22.87
N PRO L 25 81.27 -33.39 22.80
CA PRO L 25 81.86 -34.65 23.26
C PRO L 25 81.33 -35.10 24.62
N LEU L 26 81.30 -34.08 25.48
CA LEU L 26 80.44 -33.95 26.65
C LEU L 26 80.67 -32.54 27.18
N ASP L 27 79.82 -32.13 28.13
CA ASP L 27 79.99 -30.96 28.99
C ASP L 27 81.36 -30.87 29.67
N GLN L 28 81.86 -32.06 30.00
CA GLN L 28 83.05 -32.27 30.84
C GLN L 28 84.25 -31.38 30.54
N ARG L 29 84.39 -31.04 29.25
CA ARG L 29 85.32 -30.01 28.80
C ARG L 29 85.46 -28.81 29.73
N ASP L 30 84.34 -28.26 30.10
CA ASP L 30 84.41 -27.10 30.90
C ASP L 30 83.91 -27.68 32.21
N GLU L 31 84.89 -28.13 32.99
CA GLU L 31 84.71 -28.30 34.44
C GLU L 31 84.20 -26.99 35.04
N ARG L 32 84.66 -25.90 34.39
CA ARG L 32 83.95 -24.63 34.25
C ARG L 32 82.44 -24.86 34.12
N LEU L 33 81.92 -25.43 33.01
CA LEU L 33 80.51 -25.81 32.71
C LEU L 33 79.68 -26.87 33.46
N LYS L 34 80.29 -27.66 34.34
CA LYS L 34 79.65 -28.65 35.22
C LYS L 34 78.12 -28.73 35.42
N GLY L 35 77.52 -27.67 35.94
CA GLY L 35 76.20 -27.76 36.53
C GLY L 35 75.13 -27.15 35.66
N VAL L 36 75.46 -26.96 34.37
CA VAL L 36 74.56 -26.44 33.36
C VAL L 36 74.63 -27.25 32.07
N GLY L 37 73.41 -27.66 31.76
CA GLY L 37 72.98 -28.00 30.42
C GLY L 37 71.48 -28.22 30.54
N ILE L 38 70.83 -27.43 31.39
CA ILE L 38 69.52 -27.77 31.92
C ILE L 38 68.33 -27.05 31.28
N LEU L 39 68.60 -26.34 30.19
CA LEU L 39 67.56 -25.89 29.30
C LEU L 39 67.93 -26.64 28.02
N PRO L 40 67.38 -27.83 27.76
CA PRO L 40 67.69 -28.60 26.56
C PRO L 40 67.16 -27.82 25.37
N ARG L 41 68.07 -27.15 24.64
CA ARG L 41 67.78 -26.50 23.36
C ARG L 41 66.52 -25.62 23.25
N GLY L 42 65.65 -25.70 22.24
CA GLY L 42 64.47 -24.84 22.17
C GLY L 42 63.33 -25.16 23.13
N THR L 43 63.61 -25.31 24.43
CA THR L 43 62.62 -25.20 25.48
C THR L 43 62.74 -23.72 25.85
N LEU L 44 61.81 -22.92 25.34
CA LEU L 44 62.20 -21.62 24.84
C LEU L 44 62.72 -20.59 25.83
N PHE L 45 63.87 -20.05 25.44
CA PHE L 45 64.58 -19.08 26.27
C PHE L 45 63.70 -17.89 26.62
N SER L 46 63.09 -18.04 27.80
CA SER L 46 62.40 -16.98 28.50
C SER L 46 63.49 -16.22 29.23
N CYS L 47 64.00 -15.17 28.57
CA CYS L 47 65.20 -14.49 29.07
C CYS L 47 65.13 -13.97 30.50
N PHE L 48 64.07 -13.23 30.89
CA PHE L 48 63.99 -12.75 32.26
C PHE L 48 63.72 -13.75 33.38
N HIS L 49 63.48 -15.05 33.17
CA HIS L 49 63.17 -15.93 34.28
C HIS L 49 64.38 -16.20 35.18
N ALA L 50 64.29 -15.95 36.51
CA ALA L 50 65.49 -15.82 37.34
C ALA L 50 66.63 -16.84 37.18
N ARG L 51 66.22 -18.11 37.06
CA ARG L 51 67.19 -19.18 36.95
C ARG L 51 68.08 -19.05 35.72
N HIS L 52 67.55 -18.54 34.60
CA HIS L 52 68.31 -18.53 33.34
C HIS L 52 69.42 -17.50 33.21
N LEU L 53 69.27 -16.41 33.97
CA LEU L 53 70.35 -15.45 34.19
C LEU L 53 71.43 -16.00 35.12
N ALA L 54 71.01 -16.67 36.20
CA ALA L 54 71.93 -17.41 37.06
C ALA L 54 72.70 -18.48 36.29
N GLU L 55 72.00 -19.32 35.52
CA GLU L 55 72.59 -20.29 34.60
C GLU L 55 73.55 -19.58 33.68
N ALA L 56 73.10 -18.48 33.07
CA ALA L 56 73.97 -17.66 32.24
C ALA L 56 75.15 -17.06 32.97
N THR L 57 75.09 -16.81 34.29
CA THR L 57 76.22 -16.22 34.99
C THR L 57 77.33 -17.24 35.26
N GLU L 58 76.96 -18.53 35.33
CA GLU L 58 77.90 -19.65 35.10
C GLU L 58 78.61 -19.46 33.77
N LEU L 59 77.82 -19.24 32.71
CA LEU L 59 78.38 -18.99 31.39
C LEU L 59 79.15 -17.70 31.28
N TYR L 60 78.76 -16.62 31.96
CA TYR L 60 79.55 -15.42 31.91
C TYR L 60 80.88 -15.68 32.59
N VAL L 61 80.93 -16.30 33.76
CA VAL L 61 82.25 -16.50 34.38
C VAL L 61 83.17 -17.48 33.65
N ALA L 62 82.57 -18.53 33.09
CA ALA L 62 83.27 -19.38 32.15
C ALA L 62 83.75 -18.58 30.93
N LEU L 63 82.86 -17.94 30.16
CA LEU L 63 83.27 -17.38 28.88
C LEU L 63 84.35 -16.29 28.98
N TYR L 64 84.31 -15.50 30.06
CA TYR L 64 85.39 -14.57 30.31
C TYR L 64 86.79 -15.13 30.55
N GLY L 65 86.87 -16.30 31.21
CA GLY L 65 88.15 -16.92 31.47
C GLY L 65 88.70 -17.71 30.28
N ALA L 66 89.05 -17.03 29.20
CA ALA L 66 89.66 -17.65 28.03
C ALA L 66 91.13 -17.26 27.90
N LYS L 67 91.79 -18.03 27.04
CA LYS L 67 93.23 -18.06 27.04
C LYS L 67 93.76 -16.96 26.14
N ASP L 68 93.96 -17.21 24.86
CA ASP L 68 94.31 -16.12 23.97
C ASP L 68 93.02 -15.88 23.21
N PHE L 69 93.22 -15.03 22.20
CA PHE L 69 92.25 -14.83 21.18
C PHE L 69 91.69 -16.03 20.41
N ASN L 70 92.47 -16.63 19.52
CA ASN L 70 92.19 -17.97 19.05
C ASN L 70 91.35 -18.78 20.02
N ASP L 71 91.78 -18.96 21.26
CA ASP L 71 91.00 -19.78 22.21
C ASP L 71 89.57 -19.28 22.39
N PHE L 72 89.41 -17.95 22.31
CA PHE L 72 88.08 -17.34 22.27
C PHE L 72 87.16 -17.95 21.20
N ILE L 73 87.71 -18.05 19.98
CA ILE L 73 86.99 -18.58 18.85
C ILE L 73 86.68 -20.04 19.06
N HIS L 74 87.63 -20.82 19.60
CA HIS L 74 87.34 -22.23 19.81
C HIS L 74 86.16 -22.48 20.75
N LEU L 75 86.18 -21.78 21.90
CA LEU L 75 85.07 -21.85 22.83
C LEU L 75 83.74 -21.56 22.13
N CYS L 76 83.78 -20.51 21.29
CA CYS L 76 82.64 -20.11 20.50
C CYS L 76 82.24 -21.11 19.42
N GLU L 77 83.15 -21.90 18.85
CA GLU L 77 82.75 -22.99 17.98
C GLU L 77 81.95 -24.01 18.80
N GLN L 78 82.58 -24.39 19.92
CA GLN L 78 82.15 -25.53 20.70
C GLN L 78 80.88 -25.33 21.51
N ALA L 79 80.81 -24.42 22.49
CA ALA L 79 79.63 -24.29 23.35
C ALA L 79 78.34 -24.07 22.57
N ARG L 80 78.49 -23.44 21.41
CA ARG L 80 77.35 -23.21 20.52
C ARG L 80 76.73 -24.53 20.12
N GLN L 81 77.56 -25.58 19.99
CA GLN L 81 77.14 -26.96 19.67
C GLN L 81 76.10 -27.67 20.53
N ILE L 82 75.53 -27.00 21.51
CA ILE L 82 74.70 -27.64 22.53
C ILE L 82 73.57 -26.77 23.10
N VAL L 83 73.92 -25.61 23.67
CA VAL L 83 73.05 -24.92 24.62
C VAL L 83 72.14 -23.92 23.92
N ASN L 84 71.26 -23.23 24.66
CA ASN L 84 70.37 -22.26 24.03
C ASN L 84 71.19 -21.11 23.46
N GLU L 85 71.34 -21.21 22.13
CA GLU L 85 72.04 -20.25 21.31
C GLU L 85 71.80 -18.79 21.69
N GLY L 86 70.56 -18.44 22.06
CA GLY L 86 70.26 -17.06 22.43
C GLY L 86 71.12 -16.50 23.57
N MET L 87 71.34 -17.38 24.55
CA MET L 87 72.16 -17.09 25.72
C MET L 87 73.62 -17.08 25.31
N PHE L 88 74.01 -18.07 24.51
CA PHE L 88 75.36 -18.16 23.97
C PHE L 88 75.76 -16.92 23.19
N VAL L 89 74.99 -16.43 22.21
CA VAL L 89 75.27 -15.15 21.55
C VAL L 89 75.28 -13.97 22.52
N TYR L 90 74.41 -13.97 23.54
CA TYR L 90 74.40 -12.92 24.56
C TYR L 90 75.71 -12.90 25.34
N ALA L 91 76.25 -14.10 25.58
CA ALA L 91 77.50 -14.28 26.30
C ALA L 91 78.70 -13.93 25.44
N VAL L 92 78.75 -14.42 24.20
CA VAL L 92 79.84 -14.09 23.30
C VAL L 92 79.81 -12.63 22.93
N SER L 93 78.65 -11.96 22.85
CA SER L 93 78.60 -10.52 22.60
C SER L 93 78.96 -9.75 23.86
N VAL L 94 78.66 -10.15 25.12
CA VAL L 94 79.22 -9.42 26.26
C VAL L 94 80.73 -9.62 26.32
N ALA L 95 81.22 -10.80 25.93
CA ALA L 95 82.64 -11.03 25.77
C ALA L 95 83.32 -10.27 24.65
N VAL L 96 82.84 -10.36 23.40
CA VAL L 96 83.57 -9.87 22.24
C VAL L 96 83.26 -8.39 21.94
N LEU L 97 82.64 -7.80 22.96
CA LEU L 97 82.78 -6.39 23.27
C LEU L 97 83.91 -6.04 24.23
N HIS L 98 84.18 -6.84 25.27
CA HIS L 98 84.93 -6.34 26.43
C HIS L 98 86.16 -7.08 26.94
N ARG L 99 86.64 -8.20 26.37
CA ARG L 99 87.83 -8.83 26.90
C ARG L 99 89.04 -8.69 25.98
N GLU L 100 90.08 -8.06 26.55
CA GLU L 100 90.86 -7.03 25.86
C GLU L 100 91.73 -7.41 24.64
N ASP L 101 91.65 -8.63 24.14
CA ASP L 101 92.37 -9.11 22.95
C ASP L 101 91.66 -9.02 21.59
N CYS L 102 90.59 -8.21 21.43
CA CYS L 102 89.65 -8.43 20.34
C CYS L 102 89.23 -7.24 19.46
N LYS L 103 89.76 -6.02 19.55
CA LYS L 103 89.18 -4.83 18.93
C LYS L 103 89.14 -4.76 17.41
N GLY L 104 88.14 -4.06 16.88
CA GLY L 104 87.80 -4.16 15.47
C GLY L 104 87.15 -5.49 15.16
N ILE L 105 86.71 -6.26 16.17
CA ILE L 105 85.83 -7.39 15.90
C ILE L 105 84.44 -6.76 15.90
N THR L 106 83.53 -7.28 15.07
CA THR L 106 82.19 -6.72 15.06
C THR L 106 81.27 -7.84 15.44
N VAL L 107 80.26 -7.49 16.23
CA VAL L 107 79.23 -8.44 16.63
C VAL L 107 78.32 -8.65 15.43
N PRO L 108 78.03 -9.89 15.02
CA PRO L 108 77.07 -10.20 13.96
C PRO L 108 75.71 -9.52 14.21
N PRO L 109 75.21 -8.71 13.25
CA PRO L 109 74.01 -7.89 13.43
C PRO L 109 72.74 -8.65 13.74
N ILE L 110 72.20 -8.41 14.94
CA ILE L 110 71.01 -9.13 15.42
C ILE L 110 69.77 -9.07 14.54
N GLN L 111 69.65 -8.00 13.75
CA GLN L 111 68.47 -7.79 12.92
C GLN L 111 68.53 -8.77 11.77
N GLU L 112 69.79 -9.01 11.38
CA GLU L 112 70.12 -9.85 10.24
C GLU L 112 70.39 -11.30 10.62
N VAL L 113 70.93 -11.61 11.81
CA VAL L 113 70.94 -13.00 12.29
C VAL L 113 69.63 -13.51 12.89
N PHE L 114 68.83 -12.62 13.50
CA PHE L 114 67.51 -12.98 13.96
C PHE L 114 66.49 -11.95 13.48
N PRO L 115 66.05 -11.98 12.21
CA PRO L 115 65.05 -11.06 11.66
C PRO L 115 63.64 -11.23 12.21
N ASP L 116 63.37 -12.41 12.77
CA ASP L 116 62.06 -12.85 13.21
C ASP L 116 61.49 -11.91 14.25
N ARG L 117 62.33 -11.47 15.19
CA ARG L 117 61.88 -10.51 16.18
C ARG L 117 61.67 -9.06 15.72
N PHE L 118 61.91 -8.80 14.43
CA PHE L 118 61.81 -7.47 13.86
C PHE L 118 60.66 -7.30 12.87
N VAL L 119 60.40 -8.32 12.04
CA VAL L 119 59.43 -8.23 10.95
C VAL L 119 58.17 -9.08 11.13
N PRO L 120 57.11 -8.88 10.30
CA PRO L 120 55.97 -9.80 10.23
C PRO L 120 56.24 -11.23 9.80
N ALA L 121 55.77 -12.13 10.65
CA ALA L 121 55.69 -13.57 10.41
C ALA L 121 55.34 -13.96 8.98
N GLU L 122 54.34 -13.23 8.44
CA GLU L 122 53.95 -13.30 7.04
C GLU L 122 55.08 -13.02 6.04
N THR L 123 55.84 -11.93 6.16
CA THR L 123 56.91 -11.65 5.21
C THR L 123 58.13 -12.53 5.41
N ILE L 124 58.24 -13.25 6.54
CA ILE L 124 59.26 -14.28 6.68
C ILE L 124 58.79 -15.47 5.84
N ASN L 125 57.55 -15.87 6.14
CA ASN L 125 56.84 -16.96 5.52
C ASN L 125 56.76 -16.80 4.01
N ARG L 126 56.57 -15.57 3.52
CA ARG L 126 56.47 -15.27 2.09
C ARG L 126 57.79 -15.41 1.35
N ALA L 127 58.87 -14.77 1.84
CA ALA L 127 60.18 -14.88 1.22
C ALA L 127 60.65 -16.33 1.15
N ASN L 128 60.52 -17.01 2.31
CA ASN L 128 60.63 -18.46 2.42
C ASN L 128 59.83 -19.17 1.34
N LYS L 129 58.52 -18.93 1.29
CA LYS L 129 57.65 -19.59 0.35
C LYS L 129 58.00 -19.25 -1.09
N GLU L 130 58.54 -18.06 -1.40
CA GLU L 130 58.91 -17.73 -2.76
C GLU L 130 60.15 -18.49 -3.23
N ALA L 131 61.11 -18.77 -2.33
CA ALA L 131 62.20 -19.71 -2.60
C ALA L 131 61.69 -21.13 -2.82
N SER L 132 60.64 -21.57 -2.11
CA SER L 132 59.97 -22.81 -2.49
C SER L 132 59.11 -22.66 -3.75
N ASN L 133 58.68 -21.46 -4.12
CA ASN L 133 57.86 -21.28 -5.31
C ASN L 133 58.61 -21.21 -6.63
N HIS L 134 59.84 -20.69 -6.59
CA HIS L 134 60.68 -20.61 -7.77
C HIS L 134 62.06 -21.09 -7.33
N PRO L 135 62.47 -22.35 -7.40
CA PRO L 135 63.84 -22.77 -7.04
C PRO L 135 64.90 -22.25 -8.02
N ASP L 136 65.26 -20.99 -7.82
CA ASP L 136 66.18 -20.29 -8.68
C ASP L 136 67.07 -19.40 -7.82
N GLN L 137 68.15 -18.89 -8.40
CA GLN L 137 69.10 -18.03 -7.72
C GLN L 137 68.62 -16.57 -7.65
N GLN L 138 67.50 -16.21 -8.31
CA GLN L 138 66.89 -14.88 -8.15
C GLN L 138 66.53 -14.49 -6.72
N SER L 139 66.87 -13.24 -6.42
CA SER L 139 66.52 -12.60 -5.16
C SER L 139 65.00 -12.46 -5.05
N ILE L 140 64.50 -12.30 -3.83
CA ILE L 140 63.09 -12.11 -3.57
C ILE L 140 63.01 -10.86 -2.73
N VAL L 141 62.02 -10.01 -2.98
CA VAL L 141 61.82 -8.81 -2.19
C VAL L 141 60.34 -8.83 -1.85
N VAL L 142 60.01 -8.65 -0.58
CA VAL L 142 58.62 -8.72 -0.15
C VAL L 142 58.32 -7.40 0.54
N GLU L 143 57.15 -6.82 0.27
CA GLU L 143 56.74 -5.58 0.90
C GLU L 143 56.05 -5.88 2.23
N ALA L 144 56.77 -5.50 3.29
CA ALA L 144 56.37 -5.76 4.66
C ALA L 144 55.04 -5.15 5.05
N GLU L 145 54.70 -4.05 4.39
CA GLU L 145 53.53 -3.21 4.68
C GLU L 145 52.24 -3.90 5.15
N GLU L 146 51.84 -5.02 4.54
CA GLU L 146 50.57 -5.70 4.79
C GLU L 146 49.31 -4.91 4.44
N THR L 147 48.10 -5.45 4.68
CA THR L 147 46.83 -4.81 4.38
C THR L 147 45.85 -5.42 5.36
N GLY L 148 45.11 -4.56 6.07
CA GLY L 148 44.22 -5.00 7.14
C GLY L 148 43.38 -3.84 7.68
N ASN L 149 42.38 -4.16 8.51
CA ASN L 149 41.41 -3.17 8.99
C ASN L 149 41.99 -2.32 10.12
N ILE L 150 42.40 -1.09 9.86
CA ILE L 150 42.91 -0.24 10.93
C ILE L 150 41.82 0.28 11.88
N LEU L 151 41.40 -0.57 12.83
CA LEU L 151 40.48 -0.20 13.92
C LEU L 151 41.17 0.59 15.01
N ASP L 152 42.44 0.24 15.22
CA ASP L 152 43.24 0.66 16.35
C ASP L 152 43.98 1.98 16.12
N PRO L 153 43.90 2.96 17.01
CA PRO L 153 44.72 4.17 16.96
C PRO L 153 46.21 3.88 17.09
N GLU L 154 46.65 2.96 17.95
CA GLU L 154 48.04 2.82 18.34
C GLU L 154 48.96 2.34 17.22
N TYR L 155 48.42 1.53 16.28
CA TYR L 155 49.13 1.07 15.09
C TYR L 155 49.85 2.17 14.30
N LYS L 156 49.36 3.41 14.39
CA LYS L 156 50.06 4.58 13.88
C LYS L 156 51.50 4.60 14.38
N LEU L 157 51.72 4.55 15.70
CA LEU L 157 53.04 4.74 16.30
C LEU L 157 54.06 3.63 16.05
N SER L 158 53.59 2.63 15.29
CA SER L 158 54.38 1.52 14.82
C SER L 158 55.38 1.91 13.73
N TYR L 159 55.43 3.18 13.30
CA TYR L 159 56.61 3.70 12.61
C TYR L 159 57.87 3.69 13.47
N PHE L 160 57.67 4.04 14.75
CA PHE L 160 58.74 4.33 15.70
C PHE L 160 59.10 3.09 16.49
N ARG L 161 58.10 2.53 17.18
CA ARG L 161 58.29 1.47 18.17
C ARG L 161 58.98 0.22 17.64
N GLU L 162 58.54 -0.13 16.43
CA GLU L 162 58.82 -1.41 15.81
C GLU L 162 60.01 -1.39 14.86
N ASP L 163 60.76 -0.27 14.90
CA ASP L 163 61.80 0.02 13.93
C ASP L 163 63.08 -0.79 14.18
N ILE L 164 63.80 -1.02 13.08
CA ILE L 164 64.95 -1.92 13.07
C ILE L 164 66.06 -1.48 14.03
N GLY L 165 66.39 -0.19 13.82
CA GLY L 165 67.48 0.48 14.51
C GLY L 165 67.12 0.77 15.95
N ILE L 166 65.84 1.14 16.14
CA ILE L 166 65.25 1.24 17.47
C ILE L 166 65.54 -0.05 18.21
N ASN L 167 65.02 -1.19 17.75
CA ASN L 167 65.08 -2.41 18.53
C ASN L 167 66.46 -3.06 18.71
N ALA L 168 67.28 -2.85 17.69
CA ALA L 168 68.70 -3.20 17.73
C ALA L 168 69.43 -2.38 18.80
N HIS L 169 69.27 -1.04 18.82
CA HIS L 169 69.91 -0.17 19.82
C HIS L 169 69.64 -0.71 21.21
N HIS L 170 68.39 -1.10 21.38
CA HIS L 170 67.90 -1.59 22.64
C HIS L 170 68.66 -2.81 23.13
N TRP L 171 68.83 -3.87 22.31
CA TRP L 171 69.70 -4.98 22.69
C TRP L 171 71.13 -4.49 22.94
N HIS L 172 71.71 -3.82 21.94
CA HIS L 172 73.04 -3.24 22.03
C HIS L 172 73.41 -2.42 23.26
N TRP L 173 72.48 -1.63 23.82
CA TRP L 173 72.75 -0.86 25.02
C TRP L 173 73.04 -1.78 26.20
N HIS L 174 72.24 -2.85 26.34
CA HIS L 174 72.44 -3.83 27.41
C HIS L 174 73.36 -4.97 27.05
N ILE L 175 73.82 -5.03 25.80
CA ILE L 175 74.97 -5.85 25.54
C ILE L 175 76.24 -5.08 25.93
N VAL L 176 76.26 -3.75 25.75
CA VAL L 176 77.37 -2.96 26.26
C VAL L 176 77.33 -2.74 27.77
N TYR L 177 76.14 -2.67 28.39
CA TYR L 177 75.99 -2.70 29.85
C TYR L 177 75.16 -3.87 30.37
N PRO L 178 75.69 -5.09 30.57
CA PRO L 178 74.95 -6.21 31.17
C PRO L 178 74.74 -6.09 32.67
N ALA L 179 73.52 -6.44 33.12
CA ALA L 179 73.16 -6.39 34.53
C ALA L 179 74.07 -7.24 35.41
N THR L 180 74.48 -8.37 34.86
CA THR L 180 75.46 -9.25 35.45
C THR L 180 76.92 -8.86 35.22
N TRP L 181 77.26 -7.67 34.73
CA TRP L 181 78.63 -7.21 34.79
C TRP L 181 79.10 -7.08 36.24
N ASN L 182 79.68 -8.16 36.75
CA ASN L 182 80.57 -8.06 37.89
C ASN L 182 81.83 -7.28 37.51
N PRO L 183 82.22 -6.20 38.20
CA PRO L 183 83.48 -5.49 37.97
C PRO L 183 84.75 -6.25 38.34
N THR L 184 84.79 -6.90 39.50
CA THR L 184 86.03 -7.40 40.08
C THR L 184 86.57 -8.59 39.31
N VAL L 185 85.72 -9.61 39.14
CA VAL L 185 86.07 -10.83 38.43
C VAL L 185 86.30 -10.56 36.94
N MET L 186 85.76 -9.44 36.44
CA MET L 186 86.06 -8.96 35.10
C MET L 186 86.98 -7.73 35.07
N GLY L 187 87.74 -7.48 36.14
CA GLY L 187 88.89 -6.60 36.12
C GLY L 187 88.62 -5.10 36.23
N LYS L 188 87.55 -4.61 35.58
CA LYS L 188 87.22 -3.20 35.47
C LYS L 188 85.71 -2.94 35.44
N GLU L 189 85.35 -1.68 35.62
CA GLU L 189 83.97 -1.28 35.81
C GLU L 189 83.33 -0.57 34.63
N LYS L 190 82.05 -0.23 34.82
CA LYS L 190 81.23 0.31 33.76
C LYS L 190 80.62 1.63 34.14
N ASP L 191 81.26 2.66 33.58
CA ASP L 191 80.94 4.03 33.88
C ASP L 191 79.49 4.47 33.73
N ARG L 192 79.07 4.81 34.95
CA ARG L 192 77.77 5.40 35.24
C ARG L 192 76.53 4.62 34.86
N LYS L 193 76.63 3.28 34.91
CA LYS L 193 75.63 2.42 34.29
C LYS L 193 74.22 2.58 34.82
N GLY L 194 74.01 2.87 36.11
CA GLY L 194 72.68 3.03 36.67
C GLY L 194 72.02 4.30 36.16
N GLU L 195 72.71 5.43 36.37
CA GLU L 195 72.21 6.72 35.89
C GLU L 195 71.96 6.71 34.39
N LEU L 196 72.94 6.20 33.65
CA LEU L 196 72.83 6.17 32.21
C LEU L 196 71.62 5.32 31.83
N PHE L 197 71.36 4.30 32.65
CA PHE L 197 70.18 3.44 32.55
C PHE L 197 68.85 4.13 32.86
N PHE L 198 68.77 5.09 33.79
CA PHE L 198 67.62 5.97 33.87
C PHE L 198 67.42 6.66 32.52
N TYR L 199 68.49 7.38 32.18
CA TYR L 199 68.47 8.40 31.16
C TYR L 199 68.07 7.87 29.79
N MET L 200 68.86 6.95 29.23
CA MET L 200 68.60 6.36 27.92
C MET L 200 67.15 5.91 27.80
N HIS L 201 66.60 5.41 28.91
CA HIS L 201 65.24 4.92 28.91
C HIS L 201 64.21 6.05 28.96
N GLN L 202 64.48 7.11 29.74
CA GLN L 202 63.68 8.33 29.69
C GLN L 202 63.75 8.92 28.30
N GLN L 203 64.94 9.16 27.72
CA GLN L 203 65.07 9.68 26.37
C GLN L 203 64.31 8.89 25.34
N MET L 204 64.36 7.54 25.37
CA MET L 204 63.45 6.74 24.54
C MET L 204 61.97 7.10 24.70
N CYS L 205 61.49 7.03 25.94
CA CYS L 205 60.10 7.29 26.23
C CYS L 205 59.68 8.75 26.12
N ALA L 206 60.62 9.69 26.05
CA ALA L 206 60.34 11.10 25.79
C ALA L 206 60.21 11.39 24.31
N ARG L 207 61.08 10.74 23.52
CA ARG L 207 60.89 10.72 22.07
C ARG L 207 59.53 10.14 21.70
N TYR L 208 59.22 8.99 22.29
CA TYR L 208 57.88 8.42 22.25
C TYR L 208 56.81 9.39 22.75
N ASP L 209 56.91 9.94 23.96
CA ASP L 209 55.91 10.91 24.41
C ASP L 209 55.65 12.10 23.50
N SER L 210 56.67 12.48 22.75
CA SER L 210 56.46 13.42 21.65
C SER L 210 55.64 12.75 20.55
N GLU L 211 56.11 11.58 20.04
CA GLU L 211 55.43 10.81 19.01
C GLU L 211 53.95 10.62 19.40
N ARG L 212 53.58 10.47 20.67
CA ARG L 212 52.16 10.47 21.05
C ARG L 212 51.42 11.77 20.78
N LEU L 213 51.98 12.90 21.24
CA LEU L 213 51.46 14.22 20.94
C LEU L 213 51.52 14.66 19.49
N SER L 214 52.46 14.14 18.70
CA SER L 214 52.58 14.52 17.30
C SER L 214 51.33 14.11 16.54
N ASN L 215 50.94 12.87 16.89
CA ASN L 215 49.74 12.20 16.45
C ASN L 215 48.44 12.82 16.98
N GLY L 216 48.53 13.70 17.99
CA GLY L 216 47.35 14.23 18.63
C GLY L 216 46.77 13.24 19.63
N LEU L 217 47.66 12.52 20.29
CA LEU L 217 47.30 11.74 21.45
C LEU L 217 48.00 12.35 22.66
N GLN L 218 47.71 11.80 23.85
CA GLN L 218 48.37 12.19 25.08
C GLN L 218 49.66 11.41 25.33
N ARG L 219 50.57 11.97 26.14
CA ARG L 219 51.72 11.27 26.71
C ARG L 219 51.33 9.93 27.34
N MET L 220 52.26 8.98 27.38
CA MET L 220 51.93 7.63 27.78
C MET L 220 51.81 7.50 29.30
N ILE L 221 50.68 6.93 29.70
CA ILE L 221 50.35 6.68 31.10
C ILE L 221 51.19 5.63 31.84
N PRO L 222 51.81 5.97 32.99
CA PRO L 222 52.61 5.06 33.82
C PRO L 222 51.94 3.91 34.57
N PHE L 223 52.65 2.78 34.77
CA PHE L 223 52.11 1.63 35.48
C PHE L 223 52.31 1.89 36.96
N HIS L 224 51.52 2.85 37.45
CA HIS L 224 51.64 3.26 38.82
C HIS L 224 50.96 2.28 39.75
N ASN L 225 49.89 1.61 39.33
CA ASN L 225 49.21 0.65 40.18
C ASN L 225 49.40 -0.68 39.48
N PHE L 226 49.36 -1.77 40.26
CA PHE L 226 49.56 -3.11 39.76
C PHE L 226 48.26 -3.81 39.39
N ASP L 227 47.15 -3.40 40.03
CA ASP L 227 45.83 -3.96 39.78
C ASP L 227 45.42 -3.74 38.31
N GLU L 228 45.61 -2.49 37.86
CA GLU L 228 45.14 -2.00 36.58
C GLU L 228 45.62 -2.76 35.34
N PRO L 229 44.69 -3.26 34.51
CA PRO L 229 44.96 -4.05 33.31
C PRO L 229 45.99 -3.56 32.31
N LEU L 230 46.60 -4.53 31.62
CA LEU L 230 47.53 -4.25 30.54
C LEU L 230 46.83 -4.33 29.20
N GLU L 231 47.26 -3.41 28.33
CA GLU L 231 46.77 -3.25 26.98
C GLU L 231 47.04 -4.49 26.12
N GLY L 232 46.23 -4.56 25.07
CA GLY L 232 46.26 -5.69 24.15
C GLY L 232 47.14 -5.39 22.95
N TYR L 233 47.86 -6.41 22.53
CA TYR L 233 48.81 -6.29 21.42
C TYR L 233 49.19 -7.63 20.82
N ALA L 234 49.28 -7.58 19.49
CA ALA L 234 49.82 -8.67 18.69
C ALA L 234 51.04 -8.23 17.86
N PRO L 235 52.27 -8.65 18.22
CA PRO L 235 53.50 -8.25 17.56
C PRO L 235 53.60 -8.64 16.09
N HIS L 236 52.90 -9.75 15.75
CA HIS L 236 52.92 -10.39 14.44
C HIS L 236 54.27 -11.00 14.10
N LEU L 237 54.88 -11.69 15.08
CA LEU L 237 56.24 -12.20 14.98
C LEU L 237 56.26 -13.69 15.29
N THR L 238 56.50 -14.58 14.32
CA THR L 238 56.74 -15.99 14.64
C THR L 238 58.24 -16.24 14.72
N SER L 239 58.73 -17.06 15.65
CA SER L 239 60.17 -17.20 15.86
C SER L 239 60.85 -18.20 14.93
N LEU L 240 61.95 -17.84 14.26
CA LEU L 240 62.68 -18.76 13.39
C LEU L 240 63.36 -19.94 14.11
N VAL L 241 63.45 -19.93 15.44
CA VAL L 241 64.09 -21.02 16.21
C VAL L 241 63.27 -22.30 16.35
N SER L 242 61.96 -22.13 16.34
CA SER L 242 61.05 -23.26 16.34
C SER L 242 59.96 -22.81 15.39
N GLY L 243 58.73 -23.30 15.53
CA GLY L 243 57.63 -22.85 14.68
C GLY L 243 56.68 -21.88 15.39
N LEU L 244 56.74 -21.96 16.72
CA LEU L 244 55.83 -21.23 17.58
C LEU L 244 56.03 -19.72 17.49
N GLN L 245 55.31 -18.98 18.34
CA GLN L 245 55.43 -17.55 18.29
C GLN L 245 55.17 -16.99 19.66
N TYR L 246 55.59 -15.74 19.76
CA TYR L 246 55.31 -14.91 20.91
C TYR L 246 53.80 -14.83 21.04
N ALA L 247 53.26 -15.55 22.01
CA ALA L 247 51.85 -15.46 22.36
C ALA L 247 51.47 -14.02 22.66
N SER L 248 50.35 -13.54 22.11
CA SER L 248 50.15 -12.11 22.08
C SER L 248 49.05 -11.70 23.05
N ARG L 249 49.13 -10.55 23.73
CA ARG L 249 48.30 -10.30 24.91
C ARG L 249 46.96 -9.67 24.53
N PRO L 250 45.77 -10.16 24.86
CA PRO L 250 44.59 -9.31 24.90
C PRO L 250 44.65 -8.31 26.04
N GLU L 251 43.86 -7.25 25.90
CA GLU L 251 43.72 -6.24 26.93
C GLU L 251 42.88 -6.76 28.09
N GLY L 252 42.80 -5.99 29.17
CA GLY L 252 41.97 -6.38 30.30
C GLY L 252 42.61 -7.49 31.11
N TYR L 253 43.95 -7.49 31.09
CA TYR L 253 44.73 -8.48 31.81
C TYR L 253 45.32 -7.87 33.06
N SER L 254 44.91 -8.32 34.25
CA SER L 254 45.65 -7.98 35.46
C SER L 254 46.92 -8.81 35.60
N ILE L 255 47.81 -8.20 36.38
CA ILE L 255 49.17 -8.68 36.60
C ILE L 255 49.12 -9.91 37.50
N HIS L 256 50.03 -10.86 37.34
CA HIS L 256 49.89 -12.10 38.07
C HIS L 256 51.20 -12.50 38.70
N ASP L 257 51.09 -13.09 39.88
CA ASP L 257 52.23 -13.61 40.63
C ASP L 257 53.01 -14.67 39.85
N LEU L 258 54.24 -14.91 40.31
CA LEU L 258 55.14 -15.82 39.60
C LEU L 258 55.57 -16.95 40.53
N SER L 259 56.01 -18.12 40.01
CA SER L 259 56.66 -19.13 40.86
C SER L 259 57.88 -18.61 41.64
N ASP L 260 58.43 -17.50 41.13
CA ASP L 260 59.53 -16.79 41.75
C ASP L 260 59.06 -15.77 42.79
N VAL L 261 58.57 -14.60 42.36
CA VAL L 261 58.30 -13.54 43.31
C VAL L 261 56.81 -13.29 43.47
N ASP L 262 56.24 -13.14 44.68
CA ASP L 262 54.86 -12.66 44.78
C ASP L 262 54.71 -11.20 44.31
N VAL L 263 53.57 -10.77 43.75
CA VAL L 263 53.38 -9.35 43.45
C VAL L 263 53.56 -8.47 44.69
N GLN L 264 53.37 -9.05 45.88
CA GLN L 264 53.47 -8.35 47.13
C GLN L 264 54.93 -8.18 47.56
N ASP L 265 55.92 -9.00 47.17
CA ASP L 265 57.33 -8.69 47.48
C ASP L 265 57.78 -7.58 46.55
N MET L 266 57.19 -7.45 45.36
CA MET L 266 57.31 -6.26 44.52
C MET L 266 56.81 -5.02 45.24
N VAL L 267 55.64 -5.15 45.90
CA VAL L 267 55.08 -4.07 46.72
C VAL L 267 55.99 -3.76 47.91
N ARG L 268 56.57 -4.82 48.49
CA ARG L 268 57.55 -4.66 49.55
C ARG L 268 58.75 -3.86 49.09
N TRP L 269 59.30 -4.28 47.95
CA TRP L 269 60.46 -3.62 47.36
C TRP L 269 60.20 -2.16 47.08
N ARG L 270 59.05 -1.76 46.56
CA ARG L 270 58.70 -0.35 46.48
C ARG L 270 58.83 0.37 47.83
N GLU L 271 58.17 -0.04 48.92
CA GLU L 271 58.15 0.77 50.14
C GLU L 271 59.50 0.76 50.83
N ARG L 272 60.16 -0.40 50.74
CA ARG L 272 61.58 -0.57 51.02
C ARG L 272 62.52 0.39 50.27
N ILE L 273 62.28 0.68 48.98
CA ILE L 273 63.10 1.65 48.24
C ILE L 273 62.73 3.06 48.68
N LEU L 274 61.46 3.44 48.45
CA LEU L 274 61.11 4.85 48.47
C LEU L 274 61.10 5.45 49.87
N ASP L 275 60.99 4.59 50.89
CA ASP L 275 61.22 4.95 52.28
C ASP L 275 62.67 5.37 52.48
N ALA L 276 63.61 4.56 52.00
CA ALA L 276 65.03 4.87 52.07
C ALA L 276 65.41 6.17 51.35
N ILE L 277 64.59 6.59 50.38
CA ILE L 277 64.70 7.92 49.81
C ILE L 277 64.37 8.97 50.88
N ASN L 278 63.23 8.83 51.57
CA ASN L 278 62.81 9.75 52.60
C ASN L 278 63.85 9.83 53.71
N MET L 279 64.34 8.66 54.13
CA MET L 279 65.50 8.55 55.01
C MET L 279 66.81 9.03 54.38
N HIS L 280 66.87 9.12 53.05
CA HIS L 280 67.96 9.68 52.22
C HIS L 280 69.22 8.86 52.01
N TYR L 281 69.09 7.53 52.10
CA TYR L 281 70.23 6.61 52.06
C TYR L 281 69.91 5.20 51.55
N ILE L 282 70.96 4.39 51.40
CA ILE L 282 70.84 2.97 51.10
C ILE L 282 71.68 2.03 51.95
N VAL L 283 71.04 0.89 52.24
CA VAL L 283 71.69 -0.18 52.98
C VAL L 283 72.20 -1.19 51.97
N ASP L 284 73.52 -1.31 51.89
CA ASP L 284 74.16 -2.31 51.05
C ASP L 284 74.05 -3.69 51.69
N LYS L 285 74.46 -4.76 51.00
CA LYS L 285 74.48 -6.10 51.56
C LYS L 285 75.28 -6.39 52.84
N ASP L 286 75.93 -5.36 53.38
CA ASP L 286 76.58 -5.38 54.67
C ASP L 286 75.77 -4.65 55.76
N ASN L 287 74.67 -3.96 55.42
CA ASN L 287 73.80 -3.16 56.32
C ASN L 287 74.21 -1.70 56.55
N ASN L 288 75.35 -1.28 55.98
CA ASN L 288 75.89 0.06 56.20
C ASN L 288 75.26 1.11 55.30
N LYS L 289 74.88 2.23 55.89
CA LYS L 289 74.14 3.26 55.18
C LYS L 289 75.07 4.12 54.34
N ILE L 290 75.07 4.01 53.00
CA ILE L 290 75.81 4.97 52.17
C ILE L 290 74.90 6.08 51.63
N PRO L 291 75.27 7.36 51.45
CA PRO L 291 74.34 8.43 51.10
C PRO L 291 73.70 8.44 49.72
N LEU L 292 72.42 8.77 49.68
CA LEU L 292 71.79 9.15 48.42
C LEU L 292 72.04 10.64 48.19
N ASP L 293 73.32 10.81 47.86
CA ASP L 293 73.93 12.08 47.53
C ASP L 293 73.34 12.67 46.26
N ILE L 294 73.64 13.93 45.97
CA ILE L 294 73.13 14.59 44.78
C ILE L 294 73.66 13.90 43.54
N GLU L 295 75.00 13.87 43.38
CA GLU L 295 75.61 13.31 42.19
C GLU L 295 75.34 11.81 42.09
N HIS L 296 75.92 11.08 43.05
CA HIS L 296 76.05 9.63 42.98
C HIS L 296 74.73 8.90 42.97
N GLY L 297 73.78 9.49 43.71
CA GLY L 297 72.46 8.93 43.98
C GLY L 297 71.77 8.26 42.79
N THR L 298 71.98 8.78 41.58
CA THR L 298 71.20 8.29 40.45
C THR L 298 71.85 7.07 39.80
N ASP L 299 73.18 6.97 39.90
CA ASP L 299 73.88 5.80 39.45
C ASP L 299 73.56 4.69 40.44
N ILE L 300 73.58 5.05 41.74
CA ILE L 300 73.30 4.08 42.78
C ILE L 300 71.83 3.74 43.00
N LEU L 301 70.88 4.55 42.51
CA LEU L 301 69.47 4.14 42.45
C LEU L 301 69.23 3.31 41.20
N GLY L 302 69.92 3.64 40.11
CA GLY L 302 69.78 2.95 38.83
C GLY L 302 70.33 1.53 38.82
N ASP L 303 71.51 1.32 39.41
CA ASP L 303 72.10 -0.02 39.51
C ASP L 303 71.23 -0.98 40.32
N ILE L 304 70.79 -0.44 41.47
CA ILE L 304 69.88 -1.04 42.43
C ILE L 304 68.50 -1.43 41.93
N ILE L 305 67.80 -0.51 41.26
CA ILE L 305 66.48 -0.81 40.73
C ILE L 305 66.49 -1.85 39.59
N GLU L 306 67.57 -1.93 38.79
CA GLU L 306 67.64 -2.78 37.61
C GLU L 306 67.42 -4.27 37.81
N SER L 307 68.05 -5.14 38.62
CA SER L 307 69.14 -4.77 39.53
C SER L 307 70.41 -5.15 38.80
N SER L 308 71.58 -4.64 39.16
CA SER L 308 72.80 -5.20 38.61
C SER L 308 73.44 -6.15 39.62
N ASP L 309 74.55 -6.83 39.31
CA ASP L 309 75.46 -7.33 40.33
C ASP L 309 75.97 -6.18 41.20
N GLU L 310 76.20 -5.03 40.58
CA GLU L 310 76.45 -3.78 41.30
C GLU L 310 75.32 -3.29 42.21
N SER L 311 74.16 -3.96 42.24
CA SER L 311 73.07 -3.58 43.13
C SER L 311 73.48 -3.92 44.54
N LYS L 312 73.75 -2.80 45.18
CA LYS L 312 74.24 -2.76 46.55
C LYS L 312 73.38 -3.57 47.49
N ASN L 313 72.06 -3.55 47.32
CA ASN L 313 71.26 -4.64 47.84
C ASN L 313 70.27 -5.16 46.80
N VAL L 314 70.27 -6.49 46.81
CA VAL L 314 69.48 -7.28 45.89
C VAL L 314 68.19 -7.80 46.52
N GLU L 315 68.18 -8.38 47.73
CA GLU L 315 66.97 -8.96 48.32
C GLU L 315 65.96 -7.89 48.76
N TYR L 316 66.64 -6.85 49.24
CA TYR L 316 65.98 -5.71 49.82
C TYR L 316 65.40 -4.82 48.75
N TYR L 317 66.09 -4.44 47.66
CA TYR L 317 65.51 -3.58 46.64
C TYR L 317 64.98 -4.36 45.45
N GLY L 318 65.22 -5.67 45.40
CA GLY L 318 64.77 -6.53 44.31
C GLY L 318 65.63 -6.37 43.09
N SER L 319 64.95 -6.59 41.95
CA SER L 319 65.40 -6.14 40.63
C SER L 319 64.16 -5.53 39.96
N LEU L 320 63.51 -4.53 40.57
CA LEU L 320 62.10 -4.22 40.35
C LEU L 320 61.78 -3.98 38.88
N HIS L 321 62.76 -3.35 38.23
CA HIS L 321 62.77 -3.12 36.79
C HIS L 321 62.60 -4.39 35.96
N ASN L 322 63.56 -5.32 36.11
CA ASN L 322 63.57 -6.60 35.39
C ASN L 322 62.36 -7.43 35.76
N TRP L 323 62.12 -7.50 37.08
CA TRP L 323 61.05 -8.33 37.59
C TRP L 323 59.71 -7.96 37.00
N GLY L 324 59.35 -6.66 36.96
CA GLY L 324 58.13 -6.21 36.29
C GLY L 324 58.01 -6.69 34.85
N HIS L 325 59.17 -6.78 34.19
CA HIS L 325 59.23 -7.35 32.86
C HIS L 325 58.77 -8.79 32.82
N VAL L 326 59.15 -9.69 33.75
CA VAL L 326 58.68 -11.09 33.70
C VAL L 326 57.15 -11.08 33.75
N MET L 327 56.62 -10.57 34.86
CA MET L 327 55.18 -10.49 35.07
C MET L 327 54.41 -9.77 33.98
N MET L 328 54.91 -8.70 33.35
CA MET L 328 54.17 -8.03 32.29
C MET L 328 54.14 -8.76 30.95
N ALA L 329 55.03 -9.75 30.82
CA ALA L 329 55.27 -10.47 29.56
C ALA L 329 54.77 -11.91 29.59
N ASN L 330 54.83 -12.51 30.79
CA ASN L 330 54.13 -13.76 31.02
C ASN L 330 52.72 -13.57 31.56
N ILE L 331 52.13 -12.44 31.17
CA ILE L 331 50.75 -12.03 31.45
C ILE L 331 49.68 -12.97 30.89
N THR L 332 50.13 -13.90 30.05
CA THR L 332 49.27 -14.96 29.53
C THR L 332 49.29 -16.14 30.51
N ASP L 333 50.43 -16.32 31.18
CA ASP L 333 50.82 -17.61 31.72
C ASP L 333 52.02 -17.51 32.66
N PRO L 334 51.90 -17.00 33.90
CA PRO L 334 53.00 -17.01 34.87
C PRO L 334 53.32 -18.40 35.41
N ASP L 335 52.28 -19.18 35.75
CA ASP L 335 52.36 -20.58 36.21
C ASP L 335 53.13 -21.48 35.25
N HIS L 336 52.97 -21.20 33.96
CA HIS L 336 53.71 -21.78 32.85
C HIS L 336 53.47 -23.23 32.46
N ARG L 337 52.36 -23.76 32.99
CA ARG L 337 51.75 -25.01 32.56
C ARG L 337 51.61 -25.23 31.05
N PHE L 338 51.32 -24.18 30.28
CA PHE L 338 50.95 -24.23 28.86
C PHE L 338 52.12 -24.26 27.88
N GLN L 339 53.16 -23.55 28.33
CA GLN L 339 54.46 -23.40 27.67
C GLN L 339 54.50 -22.36 26.53
N GLU L 340 53.50 -21.46 26.52
CA GLU L 340 53.41 -20.40 25.52
C GLU L 340 54.63 -19.49 25.53
N ASN L 341 55.17 -19.21 24.34
CA ASN L 341 56.30 -18.31 24.18
C ASN L 341 55.84 -16.92 24.63
N PRO L 342 56.43 -16.32 25.66
CA PRO L 342 55.96 -15.07 26.28
C PRO L 342 55.85 -13.83 25.40
N GLY L 343 55.18 -12.81 25.96
CA GLY L 343 55.13 -11.48 25.36
C GLY L 343 56.50 -10.84 25.24
N VAL L 344 56.62 -10.08 24.15
CA VAL L 344 57.84 -9.44 23.68
C VAL L 344 58.67 -8.59 24.65
N MET L 345 58.19 -8.37 25.88
CA MET L 345 58.87 -7.63 26.93
C MET L 345 59.98 -8.47 27.58
N SER L 346 60.01 -9.79 27.31
CA SER L 346 60.98 -10.75 27.85
C SER L 346 62.42 -10.67 27.37
N ASP L 347 62.54 -9.99 26.23
CA ASP L 347 63.79 -9.77 25.53
C ASP L 347 63.92 -8.25 25.34
N THR L 348 65.15 -7.81 25.17
CA THR L 348 65.40 -6.41 24.98
C THR L 348 65.24 -6.01 23.51
N SER L 349 65.41 -6.88 22.51
CA SER L 349 65.24 -6.53 21.09
C SER L 349 63.78 -6.37 20.63
N THR L 350 62.86 -7.13 21.23
CA THR L 350 61.44 -7.04 20.88
C THR L 350 60.65 -5.97 21.61
N SER L 351 60.91 -5.91 22.91
CA SER L 351 60.36 -4.95 23.85
C SER L 351 59.65 -3.67 23.43
N LEU L 352 60.04 -2.90 22.41
CA LEU L 352 59.52 -1.55 22.26
C LEU L 352 58.25 -1.39 21.44
N ARG L 353 57.84 -2.49 20.79
CA ARG L 353 56.63 -2.51 20.02
C ARG L 353 55.33 -2.45 20.82
N ASP L 354 55.34 -3.29 21.86
CA ASP L 354 54.26 -3.50 22.81
C ASP L 354 54.05 -2.27 23.67
N PRO L 355 52.86 -1.63 23.56
CA PRO L 355 52.52 -0.36 24.19
C PRO L 355 52.71 -0.27 25.69
N ILE L 356 52.52 -1.38 26.41
CA ILE L 356 52.70 -1.42 27.86
C ILE L 356 54.14 -1.14 28.27
N PHE L 357 55.09 -1.37 27.36
CA PHE L 357 56.52 -1.11 27.60
C PHE L 357 56.80 0.22 28.29
N TYR L 358 56.15 1.25 27.74
CA TYR L 358 56.30 2.61 28.20
C TYR L 358 55.56 2.84 29.50
N ARG L 359 54.48 2.09 29.77
CA ARG L 359 53.73 2.22 31.01
C ARG L 359 54.65 1.87 32.19
N TRP L 360 55.42 0.76 32.10
CA TRP L 360 56.43 0.46 33.10
C TRP L 360 57.61 1.46 33.10
N HIS L 361 57.92 2.10 31.97
CA HIS L 361 59.13 2.90 31.89
C HIS L 361 58.96 4.32 32.34
N ARG L 362 57.73 4.80 32.34
CA ARG L 362 57.42 5.99 33.08
C ARG L 362 57.37 5.67 34.55
N PHE L 363 56.97 4.45 34.91
CA PHE L 363 56.85 4.05 36.31
C PHE L 363 58.22 4.12 36.96
N ILE L 364 59.20 3.38 36.42
CA ILE L 364 60.56 3.45 36.93
C ILE L 364 61.13 4.88 36.86
N ASP L 365 60.83 5.59 35.76
CA ASP L 365 61.15 7.00 35.62
C ASP L 365 60.56 7.81 36.77
N ASN L 366 59.33 7.50 37.20
CA ASN L 366 58.66 8.19 38.30
C ASN L 366 59.43 8.02 39.59
N ILE L 367 60.04 6.84 39.81
CA ILE L 367 60.91 6.65 40.97
C ILE L 367 62.13 7.57 40.83
N PHE L 368 62.82 7.52 39.69
CA PHE L 368 63.99 8.36 39.47
C PHE L 368 63.71 9.85 39.60
N GLN L 369 62.53 10.22 39.10
CA GLN L 369 61.96 11.55 39.23
C GLN L 369 61.76 11.86 40.71
N GLU L 370 61.34 10.96 41.61
CA GLU L 370 61.31 11.30 43.02
C GLU L 370 62.69 11.64 43.57
N HIS L 371 63.71 10.89 43.12
CA HIS L 371 65.03 11.11 43.68
C HIS L 371 65.62 12.44 43.26
N LYS L 372 65.48 12.73 41.96
CA LYS L 372 65.75 14.06 41.42
C LYS L 372 64.84 15.12 42.05
N LYS L 373 63.56 14.83 42.31
CA LYS L 373 62.61 15.73 42.96
C LYS L 373 62.93 16.13 44.38
N SER L 374 63.50 15.25 45.23
CA SER L 374 63.94 15.68 46.54
C SER L 374 65.19 16.55 46.46
N PHE L 375 65.99 16.40 45.39
CA PHE L 375 67.02 17.41 45.10
C PHE L 375 66.35 18.71 44.67
N HIS L 376 67.05 19.82 44.92
CA HIS L 376 66.48 21.14 44.75
C HIS L 376 66.62 21.72 43.33
N PRO L 377 65.67 22.55 42.85
CA PRO L 377 65.76 23.29 41.59
C PRO L 377 67.06 24.05 41.36
N TYR L 378 67.29 24.54 40.14
CA TYR L 378 68.53 25.22 39.84
C TYR L 378 68.55 26.71 40.07
N THR L 379 69.53 27.18 40.84
CA THR L 379 69.75 28.60 41.01
C THR L 379 70.02 29.23 39.66
N LYS L 380 69.62 30.48 39.48
CA LYS L 380 69.96 31.28 38.29
C LYS L 380 71.47 31.39 38.15
N GLU L 381 72.16 31.52 39.29
CA GLU L 381 73.60 31.46 39.42
C GLU L 381 74.13 30.23 38.69
N GLU L 382 73.70 29.06 39.15
CA GLU L 382 74.03 27.76 38.61
C GLU L 382 73.71 27.63 37.12
N LEU L 383 72.57 28.18 36.70
CA LEU L 383 72.18 28.16 35.30
C LEU L 383 72.95 29.10 34.38
N SER L 384 73.72 30.03 34.96
CA SER L 384 74.37 31.06 34.20
C SER L 384 75.85 30.94 33.90
N PHE L 385 76.03 30.71 32.60
CA PHE L 385 77.31 30.88 31.95
C PHE L 385 77.51 32.38 31.82
N PRO L 386 78.41 32.96 32.62
CA PRO L 386 78.56 34.40 32.76
C PRO L 386 79.00 35.07 31.46
N GLY L 387 78.36 36.15 31.02
CA GLY L 387 78.92 37.00 29.97
C GLY L 387 78.51 36.63 28.56
N VAL L 388 78.29 35.36 28.21
CA VAL L 388 77.96 34.96 26.84
C VAL L 388 76.46 35.16 26.59
N GLU L 389 76.03 35.93 25.59
CA GLU L 389 74.60 36.09 25.34
C GLU L 389 74.13 35.42 24.06
N VAL L 390 73.29 34.40 24.17
CA VAL L 390 72.57 33.76 23.08
C VAL L 390 71.60 34.74 22.42
N VAL L 391 72.07 35.43 21.38
CA VAL L 391 71.27 36.41 20.65
C VAL L 391 70.21 35.69 19.79
N GLY L 392 70.29 34.36 19.66
CA GLY L 392 69.19 33.61 19.08
C GLY L 392 69.68 32.39 18.32
N VAL L 393 68.72 31.58 17.85
CA VAL L 393 68.95 30.40 17.01
C VAL L 393 67.87 30.49 15.92
N SER L 394 67.91 29.68 14.86
CA SER L 394 66.86 29.46 13.85
C SER L 394 67.24 28.19 13.09
N ILE L 395 66.32 27.38 12.52
CA ILE L 395 66.76 26.19 11.79
C ILE L 395 66.47 26.37 10.32
N ASN L 396 67.43 26.11 9.42
CA ASN L 396 67.14 26.21 7.99
C ASN L 396 67.15 24.83 7.35
N SER L 397 65.96 24.30 7.05
CA SER L 397 65.81 23.05 6.34
C SER L 397 65.71 23.38 4.85
N LYS L 398 64.65 23.03 4.11
CA LYS L 398 64.33 23.71 2.86
C LYS L 398 63.90 25.15 3.05
N THR L 399 63.26 25.44 4.19
CA THR L 399 62.81 26.78 4.56
C THR L 399 63.27 27.05 5.99
N ALA L 400 63.05 28.23 6.58
CA ALA L 400 63.29 28.46 7.99
C ALA L 400 62.25 27.83 8.91
N ASN L 401 62.68 27.41 10.09
CA ASN L 401 61.85 26.91 11.19
C ASN L 401 60.76 25.88 10.94
N VAL L 402 60.95 25.09 9.89
CA VAL L 402 60.20 23.86 9.69
C VAL L 402 61.24 22.76 9.57
N ILE L 403 61.04 21.51 9.98
CA ILE L 403 61.82 20.41 9.42
C ILE L 403 60.78 19.55 8.75
N THR L 404 61.13 18.81 7.71
CA THR L 404 60.13 18.04 7.01
C THR L 404 60.52 16.58 6.94
N THR L 405 59.65 15.75 7.50
CA THR L 405 59.91 14.35 7.76
C THR L 405 59.40 13.56 6.58
N LEU L 406 59.88 12.35 6.32
CA LEU L 406 59.50 11.64 5.12
C LEU L 406 59.20 10.21 5.50
N ILE L 407 58.74 9.46 4.50
CA ILE L 407 58.77 8.00 4.54
C ILE L 407 59.94 7.51 3.66
N LYS L 408 60.72 6.54 4.11
CA LYS L 408 61.70 5.90 3.26
C LYS L 408 61.53 4.39 3.37
N GLU L 409 61.18 3.82 2.21
CA GLU L 409 61.16 2.38 2.03
C GLU L 409 62.59 1.85 2.10
N SER L 410 62.78 0.63 2.60
CA SER L 410 64.11 0.13 2.85
C SER L 410 64.13 -1.39 2.90
N LEU L 411 65.31 -1.98 3.13
CA LEU L 411 65.49 -3.43 3.05
C LEU L 411 66.19 -3.99 4.28
N LEU L 412 66.09 -5.30 4.46
CA LEU L 412 66.73 -6.05 5.54
C LEU L 412 66.88 -7.44 4.94
N GLU L 413 68.09 -7.97 4.99
CA GLU L 413 68.43 -9.16 4.24
C GLU L 413 68.19 -10.44 5.02
N LEU L 414 67.05 -11.10 4.78
CA LEU L 414 66.63 -12.25 5.56
C LEU L 414 67.57 -13.44 5.47
N SER L 415 68.12 -13.70 4.29
CA SER L 415 69.19 -14.67 3.98
C SER L 415 70.22 -15.05 5.02
N HIS L 416 70.70 -14.00 5.70
CA HIS L 416 71.71 -14.19 6.72
C HIS L 416 71.09 -14.97 7.87
N GLY L 417 69.90 -14.54 8.28
CA GLY L 417 69.15 -15.13 9.37
C GLY L 417 68.51 -16.44 9.00
N ILE L 418 67.71 -16.53 7.94
CA ILE L 418 67.05 -17.81 7.67
C ILE L 418 67.70 -18.49 6.48
N ASN L 419 67.33 -19.75 6.20
CA ASN L 419 67.92 -20.49 5.10
C ASN L 419 67.28 -20.16 3.75
N PHE L 420 67.99 -19.37 2.94
CA PHE L 420 67.60 -19.16 1.55
C PHE L 420 67.57 -20.47 0.77
N GLY L 421 68.54 -21.34 1.06
CA GLY L 421 68.68 -22.63 0.41
C GLY L 421 69.24 -22.51 -1.01
N THR L 422 68.50 -21.75 -1.83
CA THR L 422 68.87 -21.44 -3.20
C THR L 422 69.32 -20.01 -3.44
N ASP L 423 68.37 -19.06 -3.38
CA ASP L 423 68.52 -17.73 -3.96
C ASP L 423 69.63 -16.88 -3.39
N GLN L 424 69.87 -15.71 -4.00
CA GLN L 424 70.81 -14.77 -3.44
C GLN L 424 70.37 -14.18 -2.10
N SER L 425 69.16 -13.63 -2.05
CA SER L 425 68.81 -12.68 -1.02
C SER L 425 67.31 -12.71 -0.93
N VAL L 426 66.80 -12.71 0.29
CA VAL L 426 65.38 -12.62 0.51
C VAL L 426 65.25 -11.31 1.27
N LYS L 427 64.50 -10.36 0.74
CA LYS L 427 64.58 -9.03 1.26
C LYS L 427 63.19 -8.68 1.75
N VAL L 428 63.13 -8.08 2.94
CA VAL L 428 61.93 -7.42 3.39
C VAL L 428 62.00 -5.90 3.26
N LYS L 429 61.24 -5.43 2.27
CA LYS L 429 61.03 -4.00 2.03
C LYS L 429 60.15 -3.46 3.15
N TYR L 430 60.69 -2.63 4.05
CA TYR L 430 59.87 -1.98 5.06
C TYR L 430 59.75 -0.49 4.77
N HIS L 431 58.96 0.28 5.53
CA HIS L 431 58.79 1.71 5.31
C HIS L 431 59.03 2.40 6.64
N HIS L 432 59.93 3.39 6.70
CA HIS L 432 60.24 4.05 7.96
C HIS L 432 60.16 5.57 7.89
N LEU L 433 59.97 6.24 9.02
CA LEU L 433 59.89 7.69 9.12
C LEU L 433 61.29 8.25 8.94
N ASP L 434 61.50 9.46 8.43
CA ASP L 434 62.82 10.06 8.34
C ASP L 434 62.65 11.56 8.53
N HIS L 435 63.60 12.40 8.10
CA HIS L 435 63.50 13.84 8.30
C HIS L 435 64.41 14.50 7.30
N GLU L 436 64.14 15.74 6.92
CA GLU L 436 65.10 16.57 6.20
C GLU L 436 66.31 16.88 7.08
N PRO L 437 67.52 17.06 6.50
CA PRO L 437 68.68 17.65 7.17
C PRO L 437 68.42 19.10 7.56
N PHE L 438 69.18 19.70 8.47
CA PHE L 438 68.89 21.06 8.88
C PHE L 438 70.10 21.57 9.64
N THR L 439 70.12 22.87 9.89
CA THR L 439 71.21 23.41 10.67
C THR L 439 70.70 24.25 11.82
N TYR L 440 71.53 24.43 12.83
CA TYR L 440 71.32 25.46 13.84
C TYR L 440 72.14 26.64 13.34
N ASN L 441 71.62 27.86 13.33
CA ASN L 441 72.45 29.03 13.22
C ASN L 441 72.21 29.66 14.58
N ILE L 442 73.24 29.83 15.41
CA ILE L 442 73.10 30.34 16.76
C ILE L 442 74.03 31.55 16.92
N VAL L 443 73.45 32.69 17.29
CA VAL L 443 74.15 33.96 17.45
C VAL L 443 74.39 34.26 18.93
N VAL L 444 75.56 34.84 19.25
CA VAL L 444 76.05 35.06 20.61
C VAL L 444 76.72 36.44 20.78
N GLU L 445 76.55 37.17 21.91
CA GLU L 445 77.38 38.31 22.26
C GLU L 445 78.30 37.91 23.41
N ASN L 446 79.55 37.54 23.09
CA ASN L 446 80.56 37.24 24.09
C ASN L 446 81.21 38.53 24.59
N ASN L 447 80.50 39.12 25.58
CA ASN L 447 80.86 40.40 26.19
C ASN L 447 82.27 40.45 26.76
N SER L 448 82.73 39.30 27.26
CA SER L 448 84.04 39.18 27.86
C SER L 448 85.14 39.31 26.82
N GLY L 449 86.15 40.13 27.11
CA GLY L 449 87.32 40.27 26.24
C GLY L 449 88.05 38.95 25.95
N ALA L 450 87.86 37.92 26.78
CA ALA L 450 88.40 36.60 26.49
C ALA L 450 87.42 35.73 25.71
N GLU L 451 88.00 34.98 24.76
CA GLU L 451 87.39 33.82 24.13
C GLU L 451 86.74 32.86 25.12
N LYS L 452 85.49 32.49 24.88
CA LYS L 452 84.83 31.50 25.72
C LYS L 452 84.71 30.09 25.13
N HIS L 453 85.02 29.06 25.93
CA HIS L 453 84.84 27.68 25.49
C HIS L 453 83.53 27.20 26.08
N SER L 454 82.56 26.74 25.29
CA SER L 454 81.26 26.31 25.81
C SER L 454 80.94 24.83 25.62
N THR L 455 79.96 24.31 26.36
CA THR L 455 79.27 23.09 26.02
C THR L 455 77.80 23.48 25.82
N VAL L 456 77.34 23.25 24.59
CA VAL L 456 76.03 23.60 24.06
C VAL L 456 75.07 22.41 24.04
N ARG L 457 74.10 22.40 24.96
CA ARG L 457 73.16 21.30 25.12
C ARG L 457 71.92 21.73 24.35
N ILE L 458 71.45 21.11 23.28
CA ILE L 458 70.31 21.61 22.50
C ILE L 458 69.16 20.64 22.68
N PHE L 459 67.90 21.09 22.82
CA PHE L 459 66.76 20.24 23.14
C PHE L 459 65.58 20.47 22.20
N LEU L 460 64.71 19.47 22.14
CA LEU L 460 63.45 19.49 21.44
C LEU L 460 62.35 18.97 22.37
N ALA L 461 61.33 19.79 22.55
CA ALA L 461 60.13 19.41 23.28
C ALA L 461 58.90 19.78 22.44
N PRO L 462 57.65 19.52 22.85
CA PRO L 462 56.46 20.16 22.27
C PRO L 462 55.92 21.43 22.92
N LYS L 463 55.51 22.35 22.04
CA LYS L 463 55.03 23.66 22.45
C LYS L 463 53.55 23.65 22.79
N TYR L 464 52.79 22.82 22.05
CA TYR L 464 51.39 22.52 22.36
C TYR L 464 51.18 21.49 23.45
N ASP L 465 50.04 21.50 24.15
CA ASP L 465 49.63 20.31 24.86
C ASP L 465 48.64 19.59 23.92
N GLU L 466 48.01 18.54 24.42
CA GLU L 466 46.95 17.85 23.67
C GLU L 466 45.59 18.50 23.92
N LEU L 467 45.71 19.54 24.77
CA LEU L 467 44.62 20.36 25.29
C LEU L 467 44.60 21.70 24.53
N ASN L 468 45.62 22.54 24.74
CA ASN L 468 45.82 23.82 24.05
C ASN L 468 47.32 24.17 24.27
N ASN L 469 47.86 25.31 23.85
CA ASN L 469 49.29 25.61 23.93
C ASN L 469 49.80 25.99 25.33
N LYS L 470 50.40 25.12 26.16
CA LYS L 470 50.85 25.49 27.50
C LYS L 470 52.27 25.10 27.93
N LEU L 471 53.17 26.08 27.90
CA LEU L 471 54.62 25.90 28.12
C LEU L 471 55.13 25.65 29.54
N GLU L 472 54.41 24.78 30.24
CA GLU L 472 54.77 24.30 31.57
C GLU L 472 55.97 23.38 31.48
N PRO L 473 57.16 23.94 31.81
CA PRO L 473 58.44 23.31 31.58
C PRO L 473 58.68 22.12 32.48
N ASP L 474 58.12 22.06 33.69
CA ASP L 474 58.24 20.89 34.53
C ASP L 474 57.50 19.71 33.90
N GLU L 475 56.27 19.93 33.43
CA GLU L 475 55.56 19.01 32.55
C GLU L 475 56.36 18.68 31.30
N GLN L 476 56.97 19.69 30.66
CA GLN L 476 57.75 19.45 29.47
C GLN L 476 59.03 18.67 29.69
N ARG L 477 59.60 18.62 30.90
CA ARG L 477 60.82 17.84 31.15
C ARG L 477 60.72 16.36 30.87
N ARG L 478 59.49 15.83 30.89
CA ARG L 478 59.26 14.45 30.52
C ARG L 478 59.40 14.26 29.00
N LEU L 479 59.16 15.31 28.23
CA LEU L 479 59.10 15.28 26.78
C LEU L 479 60.42 15.73 26.17
N PHE L 480 61.05 16.70 26.85
CA PHE L 480 62.35 17.27 26.49
C PHE L 480 63.38 16.26 26.05
N ILE L 481 63.85 16.39 24.81
CA ILE L 481 64.87 15.50 24.27
C ILE L 481 66.09 16.28 23.82
N GLU L 482 67.25 15.78 24.22
CA GLU L 482 68.52 16.41 23.88
C GLU L 482 68.82 16.04 22.43
N LEU L 483 68.86 17.05 21.57
CA LEU L 483 69.15 16.88 20.15
C LEU L 483 70.63 16.92 19.87
N ASP L 484 71.47 17.55 20.69
CA ASP L 484 72.88 17.75 20.39
C ASP L 484 73.57 18.23 21.64
N LYS L 485 74.89 18.05 21.71
CA LYS L 485 75.70 18.54 22.82
C LYS L 485 77.13 18.68 22.36
N PHE L 486 77.67 19.89 22.20
CA PHE L 486 79.04 20.07 21.73
C PHE L 486 79.88 21.11 22.47
N PHE L 487 81.18 21.17 22.13
CA PHE L 487 82.13 22.18 22.59
C PHE L 487 82.43 23.09 21.41
N TYR L 488 82.33 24.43 21.61
CA TYR L 488 82.79 25.39 20.63
C TYR L 488 83.60 26.43 21.40
N THR L 489 84.37 27.23 20.65
CA THR L 489 85.13 28.32 21.22
C THR L 489 84.62 29.57 20.52
N LEU L 490 84.45 30.59 21.36
CA LEU L 490 83.72 31.80 21.05
C LEU L 490 84.60 33.01 21.31
N THR L 491 84.97 33.69 20.24
CA THR L 491 85.76 34.91 20.35
C THR L 491 84.93 36.03 20.98
N PRO L 492 85.44 37.20 21.39
CA PRO L 492 84.63 38.33 21.82
C PRO L 492 83.62 38.77 20.76
N GLY L 493 82.54 39.38 21.23
CA GLY L 493 81.54 40.00 20.38
C GLY L 493 80.54 39.01 19.79
N LYS L 494 79.97 39.44 18.64
CA LYS L 494 79.00 38.66 17.89
C LYS L 494 79.58 37.37 17.35
N ASN L 495 79.03 36.24 17.79
CA ASN L 495 79.48 34.95 17.32
C ASN L 495 78.27 34.27 16.72
N THR L 496 78.56 33.53 15.67
CA THR L 496 77.62 32.59 15.10
C THR L 496 78.26 31.20 15.13
N ILE L 497 77.43 30.22 15.47
CA ILE L 497 77.84 28.82 15.39
C ILE L 497 76.84 28.27 14.38
N VAL L 498 77.28 27.31 13.45
CA VAL L 498 76.36 26.69 12.52
C VAL L 498 76.57 25.19 12.69
N ARG L 499 75.55 24.37 12.84
CA ARG L 499 75.74 22.99 13.23
C ARG L 499 74.75 22.14 12.46
N ASN L 500 75.26 21.21 11.65
CA ASN L 500 74.45 20.44 10.72
C ASN L 500 73.92 19.17 11.35
N HIS L 501 72.69 18.80 11.00
CA HIS L 501 72.02 17.61 11.53
C HIS L 501 72.83 16.36 11.89
N GLN L 502 73.82 15.97 11.07
CA GLN L 502 74.43 14.63 11.08
C GLN L 502 75.18 14.28 12.36
N ASP L 503 75.83 15.37 12.76
CA ASP L 503 76.80 15.41 13.84
C ASP L 503 76.12 15.59 15.21
N SER L 504 74.84 15.23 15.27
CA SER L 504 74.13 15.04 16.52
C SER L 504 74.84 14.06 17.42
N SER L 505 75.07 14.43 18.69
CA SER L 505 75.72 13.51 19.60
C SER L 505 74.93 12.32 20.13
N VAL L 506 73.76 11.95 19.59
CA VAL L 506 72.92 10.85 20.09
C VAL L 506 72.85 9.60 19.17
N THR L 507 73.27 9.89 17.94
CA THR L 507 72.98 9.07 16.77
C THR L 507 74.03 8.07 16.31
N ILE L 508 73.55 7.01 15.69
CA ILE L 508 74.38 6.32 14.72
C ILE L 508 74.27 7.08 13.39
N SER L 509 75.40 7.20 12.72
CA SER L 509 75.37 7.56 11.31
C SER L 509 75.42 6.25 10.53
N LYS L 510 76.65 5.65 10.44
CA LYS L 510 76.80 4.52 9.54
C LYS L 510 76.61 3.18 10.23
N VAL L 511 75.41 2.63 10.05
CA VAL L 511 75.14 1.21 10.28
C VAL L 511 76.03 0.30 9.42
N ARG L 512 76.30 -0.94 9.83
CA ARG L 512 77.12 -1.86 9.04
C ARG L 512 76.37 -3.17 8.92
N THR L 513 76.03 -3.55 7.68
CA THR L 513 75.46 -4.87 7.39
C THR L 513 76.55 -5.94 7.41
N PHE L 514 76.14 -7.18 7.66
CA PHE L 514 77.00 -8.37 7.57
C PHE L 514 77.88 -8.41 6.31
N ASP L 515 77.39 -7.85 5.21
CA ASP L 515 78.10 -7.87 3.94
C ASP L 515 79.28 -6.92 3.92
N GLN L 516 79.19 -5.82 4.67
CA GLN L 516 80.32 -4.93 4.92
C GLN L 516 81.39 -5.74 5.65
N LEU L 517 80.95 -6.41 6.73
CA LEU L 517 81.82 -7.20 7.58
C LEU L 517 82.53 -8.35 6.90
N GLY L 518 81.86 -9.05 5.96
CA GLY L 518 82.54 -9.91 5.00
C GLY L 518 83.75 -9.26 4.31
N ALA L 519 83.75 -7.95 4.04
CA ALA L 519 84.94 -7.27 3.55
C ALA L 519 85.73 -6.61 4.67
N GLY L 520 85.25 -5.50 5.25
CA GLY L 520 85.98 -4.78 6.27
C GLY L 520 86.38 -3.40 5.78
N GLU L 521 86.18 -2.43 6.66
CA GLU L 521 86.41 -1.03 6.32
C GLU L 521 87.41 -0.44 7.32
N GLY L 522 87.33 0.84 7.69
CA GLY L 522 88.26 1.43 8.65
C GLY L 522 87.68 2.67 9.29
N VAL L 523 86.50 2.54 9.89
CA VAL L 523 85.84 3.66 10.56
C VAL L 523 86.28 3.69 12.03
N SER L 524 86.47 2.49 12.57
CA SER L 524 87.77 2.02 13.02
C SER L 524 87.46 0.56 13.32
N GLU L 525 87.65 0.07 14.55
CA GLU L 525 87.36 -1.32 14.86
C GLU L 525 87.20 -1.31 16.37
N ASP L 526 85.98 -1.13 16.87
CA ASP L 526 85.66 -1.24 18.28
C ASP L 526 84.49 -2.24 18.26
N SER L 527 83.28 -2.27 18.86
CA SER L 527 82.54 -3.54 18.79
C SER L 527 81.02 -3.67 18.68
N THR L 528 80.11 -4.03 19.59
CA THR L 528 78.66 -3.86 19.33
C THR L 528 78.08 -2.45 19.29
N GLU L 529 78.76 -1.44 19.80
CA GLU L 529 78.40 -0.07 19.47
C GLU L 529 78.68 0.32 18.03
N TYR L 530 79.93 0.57 17.64
CA TYR L 530 80.44 0.82 16.29
C TYR L 530 79.55 1.25 15.11
N CYS L 531 78.44 0.55 14.87
CA CYS L 531 77.57 0.78 13.73
C CYS L 531 76.19 0.18 14.00
N SER L 532 75.81 0.21 15.28
CA SER L 532 74.70 -0.59 15.79
C SER L 532 74.09 -0.02 17.07
N CYS L 533 74.87 0.70 17.90
CA CYS L 533 74.33 1.46 19.03
C CYS L 533 74.17 2.93 18.64
N GLY L 534 73.84 3.84 19.57
CA GLY L 534 73.46 5.18 19.11
C GLY L 534 71.97 5.24 18.83
N TRP L 535 71.20 6.31 18.98
CA TRP L 535 69.82 6.26 18.50
C TRP L 535 69.82 6.27 16.97
N PRO L 536 68.96 5.57 16.23
CA PRO L 536 68.84 5.73 14.77
C PRO L 536 68.52 7.14 14.26
N GLU L 537 69.19 7.49 13.14
CA GLU L 537 69.23 8.80 12.55
C GLU L 537 67.88 9.23 12.07
N HIS L 538 67.06 8.33 11.09
CA HIS L 538 65.66 8.61 10.76
C HIS L 538 64.65 8.93 11.87
N MET L 539 64.93 8.62 13.15
CA MET L 539 64.05 8.94 14.28
C MET L 539 64.66 10.05 15.16
N LEU L 540 65.59 10.80 14.58
CA LEU L 540 66.21 11.92 15.28
C LEU L 540 65.27 13.06 15.64
N ILE L 541 64.25 13.33 14.83
CA ILE L 541 63.27 14.37 15.08
C ILE L 541 61.91 13.70 14.85
N PRO L 542 60.99 13.66 15.82
CA PRO L 542 59.67 13.02 15.71
C PRO L 542 58.78 13.44 14.54
N ARG L 543 57.76 12.63 14.20
CA ARG L 543 56.89 12.85 13.04
C ARG L 543 56.15 14.19 12.91
N GLY L 544 55.73 14.77 14.03
CA GLY L 544 54.86 15.94 14.00
C GLY L 544 53.51 15.56 13.41
N SER L 545 53.11 16.33 12.41
CA SER L 545 51.83 16.14 11.73
C SER L 545 51.88 16.67 10.32
N HIS L 546 50.89 16.35 9.48
CA HIS L 546 50.88 16.88 8.12
C HIS L 546 50.71 18.40 8.04
N LYS L 547 50.00 18.98 9.02
CA LYS L 547 49.78 20.41 9.15
C LYS L 547 51.07 21.21 9.34
N GLY L 548 52.03 20.55 9.98
CA GLY L 548 53.17 21.22 10.59
C GLY L 548 52.90 21.42 12.07
N MET L 549 53.37 20.52 12.95
CA MET L 549 53.16 20.70 14.38
C MET L 549 54.33 21.51 14.94
N GLU L 550 54.17 22.08 16.14
CA GLU L 550 54.93 23.22 16.62
C GLU L 550 55.52 22.77 17.94
N PHE L 551 56.83 22.90 18.03
CA PHE L 551 57.65 22.23 19.01
C PHE L 551 58.59 23.27 19.62
N GLU L 552 59.57 22.84 20.41
CA GLU L 552 60.43 23.77 21.12
C GLU L 552 61.87 23.30 21.01
N LEU L 553 62.72 24.13 20.42
CA LEU L 553 64.16 23.87 20.36
C LEU L 553 64.87 24.69 21.44
N PHE L 554 65.21 24.10 22.57
CA PHE L 554 65.73 24.85 23.71
C PHE L 554 67.22 24.58 23.89
N VAL L 555 68.07 25.60 23.85
CA VAL L 555 69.52 25.45 23.89
C VAL L 555 70.02 25.96 25.23
N MET L 556 71.09 25.37 25.73
CA MET L 556 71.81 25.92 26.86
C MET L 556 73.28 25.99 26.46
N LEU L 557 74.00 26.99 26.93
CA LEU L 557 75.45 27.00 26.89
C LEU L 557 75.94 27.05 28.32
N THR L 558 76.57 25.95 28.72
CA THR L 558 77.31 25.85 29.97
C THR L 558 78.82 25.87 29.69
N ASP L 559 79.77 25.92 30.64
CA ASP L 559 81.19 26.12 30.30
C ASP L 559 81.86 24.81 29.97
N HIS L 560 82.79 24.82 29.00
CA HIS L 560 83.51 23.60 28.66
C HIS L 560 84.70 23.25 29.53
N ASP L 561 85.44 24.24 30.06
CA ASP L 561 86.51 23.95 31.00
C ASP L 561 85.93 23.50 32.35
N GLU L 562 84.74 23.99 32.69
CA GLU L 562 83.99 23.42 33.81
C GLU L 562 83.56 22.00 33.44
N ASP L 563 82.76 21.85 32.36
CA ASP L 563 82.17 20.57 31.98
C ASP L 563 83.14 19.46 31.58
N THR L 564 84.29 19.72 30.97
CA THR L 564 85.02 18.57 30.44
C THR L 564 85.65 17.88 31.63
N VAL L 565 85.33 16.59 31.73
CA VAL L 565 86.17 15.73 32.57
C VAL L 565 87.61 15.79 32.05
N ALA L 566 88.62 15.82 32.93
CA ALA L 566 89.99 15.66 32.49
C ALA L 566 90.40 14.22 32.77
N GLY L 567 91.23 13.65 31.89
CA GLY L 567 91.67 12.29 32.06
C GLY L 567 92.36 11.92 30.79
N LEU L 568 92.88 10.70 30.66
CA LEU L 568 93.61 10.30 29.46
C LEU L 568 93.08 8.97 28.93
N SER L 569 92.45 9.12 27.75
CA SER L 569 91.73 8.07 27.03
C SER L 569 92.10 7.93 25.53
N GLU L 570 91.40 8.39 24.46
CA GLU L 570 91.67 7.97 23.08
C GLU L 570 91.53 9.06 22.00
N ASN L 571 91.74 8.78 20.70
CA ASN L 571 91.41 9.69 19.59
C ASN L 571 89.92 9.99 19.39
N ALA L 572 89.53 10.63 18.27
CA ALA L 572 88.13 10.72 17.87
C ALA L 572 87.68 9.38 17.29
N VAL L 573 86.61 8.81 17.83
CA VAL L 573 86.32 7.39 17.64
C VAL L 573 84.82 7.08 17.75
N CYS L 574 84.39 6.01 18.44
CA CYS L 574 82.99 5.72 18.75
C CYS L 574 82.52 6.61 19.88
N SER L 575 82.49 7.90 19.56
CA SER L 575 81.92 8.88 20.44
C SER L 575 80.70 9.43 19.75
N ASP L 576 80.31 8.98 18.55
CA ASP L 576 79.26 9.57 17.71
C ASP L 576 78.00 9.72 18.54
N ALA L 577 77.48 8.62 19.08
CA ALA L 577 76.42 8.71 20.06
C ALA L 577 76.84 9.02 21.52
N VAL L 578 77.74 9.97 21.82
CA VAL L 578 78.11 10.28 23.21
C VAL L 578 76.96 10.57 24.16
N SER L 579 75.88 11.25 23.76
CA SER L 579 74.72 11.46 24.60
C SER L 579 73.94 10.28 25.15
N TYR L 580 73.26 9.46 24.35
CA TYR L 580 72.36 8.39 24.81
C TYR L 580 73.02 7.10 25.26
N CYS L 581 74.32 7.10 25.03
CA CYS L 581 75.12 5.90 25.03
C CYS L 581 76.46 6.26 25.63
N GLY L 582 77.35 6.96 24.90
CA GLY L 582 78.68 7.24 25.43
C GLY L 582 79.81 7.09 24.42
N ALA L 583 80.93 6.62 24.95
CA ALA L 583 82.21 6.54 24.25
C ALA L 583 82.99 5.41 24.90
N ARG L 584 84.03 4.82 24.30
CA ARG L 584 84.59 3.61 24.89
C ARG L 584 85.89 3.76 25.68
N ASP L 585 85.80 3.03 26.79
CA ASP L 585 86.59 3.13 28.00
C ASP L 585 86.97 4.52 28.51
N ASP L 586 85.93 5.35 28.48
CA ASP L 586 86.00 6.73 28.92
C ASP L 586 84.71 6.99 29.70
N ARG L 587 84.47 8.22 30.22
CA ARG L 587 83.30 8.52 31.03
C ARG L 587 82.28 9.29 30.20
N TYR L 588 81.13 9.68 30.78
CA TYR L 588 80.24 10.62 30.10
C TYR L 588 80.88 12.01 30.19
N PRO L 589 81.41 12.58 29.09
CA PRO L 589 82.30 13.75 29.03
C PRO L 589 81.93 15.06 29.74
N ASP L 590 80.69 15.11 30.21
CA ASP L 590 80.05 16.29 30.72
C ASP L 590 79.75 15.97 32.17
N LYS L 591 80.19 16.92 32.99
CA LYS L 591 79.94 16.96 34.41
C LYS L 591 78.49 16.74 34.84
N LYS L 592 77.59 17.47 34.18
CA LYS L 592 76.23 17.53 34.69
C LYS L 592 75.40 16.30 34.38
N ALA L 593 74.39 16.12 35.22
CA ALA L 593 73.46 15.01 35.07
C ALA L 593 72.83 15.06 33.69
N MET L 594 72.79 13.88 33.09
CA MET L 594 72.15 13.72 31.80
C MET L 594 70.68 14.10 31.93
N GLY L 595 70.34 15.18 31.25
CA GLY L 595 69.03 15.80 31.37
C GLY L 595 69.14 17.32 31.46
N PHE L 596 70.23 17.76 32.12
CA PHE L 596 70.59 19.16 32.35
C PHE L 596 70.44 20.15 31.20
N PRO L 597 69.65 21.23 31.38
CA PRO L 597 69.03 21.65 32.65
C PRO L 597 67.94 20.81 33.31
N PHE L 598 67.23 20.03 32.50
CA PHE L 598 65.86 19.59 32.79
C PHE L 598 65.67 18.32 33.61
N ASP L 599 66.66 18.08 34.48
CA ASP L 599 66.65 16.96 35.42
C ASP L 599 65.77 17.24 36.64
N ARG L 600 65.88 18.46 37.16
CA ARG L 600 65.15 18.84 38.35
C ARG L 600 63.87 19.64 38.27
N LYS L 601 63.33 20.00 39.44
CA LYS L 601 62.09 20.74 39.54
C LYS L 601 62.17 22.15 38.95
N ILE L 602 61.12 22.54 38.23
CA ILE L 602 61.01 23.91 37.79
C ILE L 602 59.73 24.42 38.45
N GLU L 603 59.90 25.47 39.25
CA GLU L 603 58.82 26.18 39.93
C GLU L 603 58.06 27.16 39.03
N ALA L 604 58.68 27.45 37.89
CA ALA L 604 58.24 28.45 36.93
C ALA L 604 57.19 27.92 35.95
N ARG L 605 56.27 28.81 35.52
CA ARG L 605 55.12 28.44 34.70
C ARG L 605 55.45 28.39 33.21
N THR L 606 56.45 29.12 32.72
CA THR L 606 56.86 28.98 31.35
C THR L 606 58.34 28.72 31.19
N ALA L 607 58.63 27.92 30.17
CA ALA L 607 59.97 27.81 29.62
C ALA L 607 60.64 29.14 29.30
N ALA L 608 59.85 30.20 29.09
CA ALA L 608 60.38 31.56 29.00
C ALA L 608 60.88 32.09 30.33
N GLU L 609 60.24 31.83 31.49
CA GLU L 609 60.71 32.32 32.79
C GLU L 609 62.07 31.74 33.16
N PHE L 610 62.24 30.48 32.73
CA PHE L 610 63.47 29.73 32.92
C PHE L 610 64.63 30.22 32.07
N LEU L 611 64.40 31.17 31.15
CA LEU L 611 65.46 31.69 30.30
C LEU L 611 66.54 32.45 31.07
N THR L 612 67.75 31.90 31.06
CA THR L 612 68.95 32.69 31.29
C THR L 612 69.47 33.20 29.94
N PRO L 613 70.32 34.26 29.84
CA PRO L 613 70.91 34.75 28.58
C PRO L 613 71.82 33.79 27.81
N ASN L 614 72.05 32.62 28.42
CA ASN L 614 72.70 31.49 27.80
C ASN L 614 71.75 30.31 27.57
N MET L 615 70.46 30.60 27.42
CA MET L 615 69.44 29.64 27.05
C MET L 615 68.60 30.19 25.91
N GLY L 616 67.91 29.39 25.11
CA GLY L 616 67.15 29.93 24.00
C GLY L 616 66.22 28.90 23.39
N LEU L 617 64.94 29.28 23.35
CA LEU L 617 63.89 28.49 22.73
C LEU L 617 63.78 29.00 21.29
N THR L 618 63.77 28.12 20.30
CA THR L 618 63.53 28.52 18.93
C THR L 618 62.37 27.65 18.46
N ASP L 619 61.17 28.23 18.35
CA ASP L 619 59.96 27.46 18.09
C ASP L 619 59.94 26.99 16.65
N ILE L 620 59.88 25.67 16.51
CA ILE L 620 60.00 25.05 15.22
C ILE L 620 58.83 24.13 14.94
N LYS L 621 58.64 23.99 13.62
CA LYS L 621 57.64 23.12 13.05
C LYS L 621 58.32 21.85 12.56
N ILE L 622 57.52 20.78 12.54
CA ILE L 622 57.84 19.51 11.91
C ILE L 622 56.64 19.18 11.03
N LYS L 623 56.83 18.78 9.77
CA LYS L 623 55.69 18.36 8.98
C LYS L 623 55.94 17.04 8.29
N PHE L 624 55.00 16.10 8.46
CA PHE L 624 55.12 14.83 7.77
C PHE L 624 54.79 14.96 6.30
N HIS L 625 55.78 14.69 5.44
CA HIS L 625 55.48 14.52 4.04
C HIS L 625 54.72 13.21 3.84
N GLY L 626 53.41 13.40 3.63
CA GLY L 626 52.54 12.33 3.17
C GLY L 626 52.96 11.77 1.81
#